data_8EZ4
#
_entry.id   8EZ4
#
_cell.length_a   173.940
_cell.length_b   176.600
_cell.length_c   230.901
_cell.angle_alpha   90.00
_cell.angle_beta   90.00
_cell.angle_gamma   90.00
#
_symmetry.space_group_name_H-M   'P 21 21 21'
#
loop_
_entity.id
_entity.type
_entity.pdbx_description
1 polymer 'M17 leucyl aminopeptidase'
2 non-polymer "N-[(1R)-2-(hydroxyamino)-2-oxo-1-(3',4',5'-trifluoro[1,1'-biphenyl]-4-yl)ethyl]-N~2~-phenylglycinamide"
3 non-polymer 'SULFATE ION'
4 non-polymer 'PENTAETHYLENE GLYCOL'
5 non-polymer 'CARBONATE ION'
6 non-polymer 'ZINC ION'
7 non-polymer 'SODIUM ION'
8 non-polymer 'NONAETHYLENE GLYCOL'
9 water water
#
_entity_poly.entity_id   1
_entity_poly.type   'polypeptide(L)'
_entity_poly.pdbx_seq_one_letter_code
;ASEVPQVVSLDPTSIPIEYNTPIHDIKVQVYDIKGGCNVEEGLTIFLVNNPGKENGPVKISSKVNDKQVSEFLKDENMEK
FNVKLGTSKHFYMFNDNKNSVAVGYVGCGSVADLSEADMKRVVLSLVTMLHDNKLSKLTVVFEINVDKNLFRFFLETLFY
EYMTDERFKSTDKNVNMEYIKHLGVYINNADTYKEEVEKARVYYFGTYYASQLIAAPSNYCNPVSLSNAAVELAQKLNLE
YKILGVKELEELKMGAYLSVGKGSMYPNKFIHLTYKSKGDVKKKIALVGKGITFDSGGYNLKAAPGSMIDLMKFDMSGCA
AVLGCAYCVGTLKPENVEIHFLSAVCENMVSKNSYRPGDIITASNGKTIEVGNTDAEGRLTLADALVYAEKLGVDYIVDI
ATLTGAMLYSLGTSYAGVFGNNEELINKILQSSKTSNEPVWWLPIINEYRATLNSKYADINQISSSVKASSIVASLFLKE
FVQNTAWAHIDIAGVSWNFKARKPKGFGVRLLTEFVLNDALHHHHHH
;
_entity_poly.pdbx_strand_id   A,B,C,D,E,F,G,H,I,J,K,L
#
# COMPACT_ATOMS: atom_id res chain seq x y z
N ALA A 1 -27.54 -69.69 9.17
CA ALA A 1 -26.41 -68.83 9.49
C ALA A 1 -26.45 -67.53 8.65
N SER A 2 -26.24 -66.39 9.29
CA SER A 2 -26.25 -65.10 8.62
C SER A 2 -24.85 -64.52 8.57
N GLU A 3 -24.64 -63.65 7.59
CA GLU A 3 -23.35 -63.00 7.44
C GLU A 3 -23.22 -61.86 8.46
N VAL A 4 -22.08 -61.82 9.13
CA VAL A 4 -21.77 -60.76 10.10
C VAL A 4 -21.33 -59.50 9.35
N PRO A 5 -22.02 -58.36 9.53
CA PRO A 5 -21.56 -57.13 8.88
C PRO A 5 -20.25 -56.64 9.47
N GLN A 6 -19.45 -56.01 8.63
CA GLN A 6 -18.14 -55.49 9.04
C GLN A 6 -18.08 -54.01 8.71
N VAL A 7 -17.36 -53.26 9.54
CA VAL A 7 -17.03 -51.88 9.17
C VAL A 7 -15.76 -51.85 8.32
N VAL A 8 -14.73 -52.55 8.76
CA VAL A 8 -13.50 -52.74 8.00
C VAL A 8 -13.28 -54.24 7.86
N SER A 9 -12.45 -54.61 6.88
CA SER A 9 -12.25 -56.03 6.57
C SER A 9 -11.54 -56.78 7.70
N LEU A 10 -10.90 -56.07 8.62
CA LEU A 10 -10.25 -56.69 9.76
C LEU A 10 -11.23 -57.02 10.88
N ASP A 11 -12.50 -56.63 10.77
CA ASP A 11 -13.48 -56.96 11.80
C ASP A 11 -13.76 -58.46 11.77
N PRO A 12 -13.76 -59.13 12.91
CA PRO A 12 -14.00 -60.58 12.92
C PRO A 12 -15.43 -60.93 12.55
N THR A 13 -15.60 -62.11 11.93
CA THR A 13 -16.92 -62.55 11.50
C THR A 13 -17.38 -63.82 12.22
N SER A 14 -16.68 -64.25 13.26
CA SER A 14 -17.18 -65.34 14.08
C SER A 14 -16.52 -65.29 15.45
N ILE A 15 -17.13 -65.98 16.40
CA ILE A 15 -16.55 -66.21 17.71
C ILE A 15 -15.65 -67.43 17.61
N PRO A 16 -14.35 -67.32 17.90
CA PRO A 16 -13.54 -68.54 18.00
C PRO A 16 -14.01 -69.34 19.20
N ILE A 17 -14.23 -70.65 19.01
CA ILE A 17 -14.74 -71.56 20.03
C ILE A 17 -13.87 -72.80 20.04
N GLU A 18 -13.41 -73.19 21.22
CA GLU A 18 -12.67 -74.43 21.39
C GLU A 18 -13.63 -75.48 21.92
N TYR A 19 -13.87 -76.52 21.13
CA TYR A 19 -14.73 -77.61 21.60
C TYR A 19 -13.88 -78.73 22.20
N ASN A 20 -12.80 -79.12 21.51
CA ASN A 20 -11.92 -80.20 21.95
C ASN A 20 -10.81 -79.62 22.81
N THR A 21 -11.08 -79.46 24.13
CA THR A 21 -10.13 -78.85 25.04
C THR A 21 -9.16 -79.88 25.61
N PRO A 22 -8.01 -79.43 26.14
CA PRO A 22 -7.08 -80.39 26.77
C PRO A 22 -7.70 -81.16 27.92
N ILE A 23 -8.70 -80.59 28.61
CA ILE A 23 -9.39 -81.34 29.66
C ILE A 23 -10.02 -82.60 29.10
N HIS A 24 -10.53 -82.54 27.87
CA HIS A 24 -11.17 -83.71 27.28
C HIS A 24 -10.18 -84.84 26.97
N ASP A 25 -8.90 -84.55 26.88
CA ASP A 25 -7.92 -85.62 26.65
C ASP A 25 -7.47 -86.29 27.94
N ILE A 26 -7.88 -85.79 29.10
CA ILE A 26 -7.42 -86.37 30.36
C ILE A 26 -8.17 -87.66 30.61
N LYS A 27 -7.45 -88.75 30.79
CA LYS A 27 -8.04 -90.02 31.18
C LYS A 27 -8.20 -90.07 32.70
N VAL A 28 -9.41 -90.28 33.19
CA VAL A 28 -9.68 -90.26 34.62
C VAL A 28 -9.84 -91.71 35.08
N GLN A 29 -9.21 -92.04 36.19
CA GLN A 29 -9.32 -93.36 36.80
C GLN A 29 -9.64 -93.16 38.27
N VAL A 30 -10.68 -93.84 38.77
CA VAL A 30 -11.08 -93.75 40.18
C VAL A 30 -10.80 -95.09 40.85
N TYR A 31 -10.13 -95.05 41.99
CA TYR A 31 -9.79 -96.24 42.74
C TYR A 31 -10.33 -96.16 44.17
N ASP A 32 -10.65 -97.31 44.75
CA ASP A 32 -11.06 -97.33 46.14
C ASP A 32 -9.85 -97.22 47.06
N ILE A 33 -9.97 -96.39 48.10
CA ILE A 33 -8.86 -96.18 49.02
C ILE A 33 -8.53 -97.44 49.79
N LYS A 34 -9.49 -98.37 49.93
CA LYS A 34 -9.25 -99.58 50.69
C LYS A 34 -8.15 -100.43 50.08
N GLY A 35 -7.94 -100.32 48.76
CA GLY A 35 -6.89 -101.12 48.15
C GLY A 35 -5.49 -100.54 48.29
N GLY A 36 -5.36 -99.36 48.89
CA GLY A 36 -4.11 -98.66 49.04
C GLY A 36 -3.73 -97.86 47.80
N CYS A 37 -2.86 -96.87 47.99
CA CYS A 37 -2.46 -95.96 46.92
C CYS A 37 -1.10 -96.35 46.35
N ASN A 38 -1.03 -96.45 45.03
CA ASN A 38 0.22 -96.63 44.30
C ASN A 38 0.76 -95.24 43.99
N VAL A 39 2.03 -95.02 44.30
CA VAL A 39 2.63 -93.68 44.23
C VAL A 39 3.76 -93.71 43.21
N GLU A 40 3.41 -93.52 41.94
CA GLU A 40 4.39 -93.51 40.86
C GLU A 40 4.55 -92.13 40.20
N GLU A 41 4.45 -92.06 38.87
CA GLU A 41 4.79 -90.83 38.14
C GLU A 41 3.84 -89.67 38.45
N GLY A 42 4.30 -88.47 38.12
CA GLY A 42 3.48 -87.30 38.24
C GLY A 42 3.50 -86.76 39.66
N LEU A 43 2.37 -86.22 40.09
CA LEU A 43 2.23 -85.61 41.41
C LEU A 43 1.07 -86.28 42.12
N THR A 44 1.29 -86.72 43.36
CA THR A 44 0.23 -87.33 44.17
C THR A 44 -0.08 -86.41 45.34
N ILE A 45 -1.33 -85.95 45.44
CA ILE A 45 -1.74 -84.94 46.42
C ILE A 45 -2.80 -85.56 47.34
N PHE A 46 -2.57 -85.45 48.64
CA PHE A 46 -3.52 -85.88 49.67
C PHE A 46 -4.36 -84.68 50.13
N LEU A 47 -5.68 -84.85 50.13
CA LEU A 47 -6.60 -83.84 50.67
C LEU A 47 -6.85 -84.19 52.14
N VAL A 48 -6.38 -83.33 53.06
CA VAL A 48 -6.34 -83.69 54.49
C VAL A 48 -6.95 -82.57 55.32
N ASN A 49 -7.76 -82.95 56.30
CA ASN A 49 -8.29 -81.99 57.26
C ASN A 49 -7.96 -82.45 58.67
N ASN A 50 -8.39 -81.68 59.68
CA ASN A 50 -8.25 -82.08 61.07
C ASN A 50 -9.43 -81.52 61.82
N PRO A 51 -10.54 -82.27 61.89
CA PRO A 51 -11.77 -81.71 62.44
C PRO A 51 -11.61 -81.26 63.90
N GLY A 52 -12.17 -80.10 64.20
CA GLY A 52 -12.16 -79.51 65.53
C GLY A 52 -10.83 -78.98 66.01
N LYS A 53 -9.74 -79.21 65.27
CA LYS A 53 -8.42 -78.71 65.69
C LYS A 53 -8.01 -77.68 64.64
N GLU A 54 -8.21 -76.41 64.98
CA GLU A 54 -7.85 -75.33 64.08
C GLU A 54 -6.36 -75.35 63.84
N ASN A 55 -5.99 -75.23 62.57
CA ASN A 55 -4.61 -75.38 62.12
C ASN A 55 -3.93 -76.61 62.74
N GLY A 56 -4.67 -77.71 62.84
CA GLY A 56 -4.12 -78.90 63.44
C GLY A 56 -3.12 -79.60 62.53
N PRO A 57 -2.44 -80.63 63.04
CA PRO A 57 -1.39 -81.28 62.26
C PRO A 57 -1.94 -82.15 61.13
N VAL A 58 -1.09 -82.35 60.14
CA VAL A 58 -1.35 -83.28 59.04
C VAL A 58 -1.10 -84.71 59.51
N LYS A 59 -2.03 -85.60 59.21
CA LYS A 59 -1.85 -87.03 59.39
C LYS A 59 -2.43 -87.74 58.18
N ILE A 60 -1.64 -88.63 57.58
CA ILE A 60 -2.09 -89.39 56.41
C ILE A 60 -2.62 -90.72 56.89
N SER A 61 -3.89 -90.99 56.61
CA SER A 61 -4.54 -92.21 57.09
C SER A 61 -4.53 -93.32 56.07
N SER A 62 -4.49 -92.99 54.78
CA SER A 62 -4.67 -93.99 53.74
C SER A 62 -3.47 -94.92 53.72
N LYS A 63 -3.73 -96.18 53.36
CA LYS A 63 -2.64 -97.09 53.08
C LYS A 63 -1.95 -96.69 51.78
N VAL A 64 -0.62 -96.68 51.81
CA VAL A 64 0.22 -96.41 50.65
C VAL A 64 1.04 -97.65 50.37
N ASN A 65 1.02 -98.10 49.11
CA ASN A 65 1.63 -99.37 48.71
C ASN A 65 3.10 -99.20 48.32
N ASP A 66 3.85 -98.51 49.17
CA ASP A 66 5.28 -98.30 48.99
C ASP A 66 5.88 -98.09 50.38
N LYS A 67 6.91 -98.85 50.72
CA LYS A 67 7.49 -98.73 52.06
C LYS A 67 8.23 -97.41 52.20
N GLN A 68 8.94 -96.97 51.16
CA GLN A 68 9.65 -95.70 51.25
C GLN A 68 8.67 -94.54 51.39
N VAL A 69 7.61 -94.52 50.59
CA VAL A 69 6.66 -93.42 50.70
C VAL A 69 5.91 -93.50 52.02
N SER A 70 5.58 -94.72 52.48
CA SER A 70 4.92 -94.87 53.78
C SER A 70 5.78 -94.31 54.90
N GLU A 71 7.09 -94.55 54.83
CA GLU A 71 8.01 -94.02 55.84
C GLU A 71 8.04 -92.49 55.81
N PHE A 72 8.12 -91.90 54.60
CA PHE A 72 8.09 -90.44 54.49
C PHE A 72 6.82 -89.84 55.09
N LEU A 73 5.67 -90.49 54.89
CA LEU A 73 4.38 -89.97 55.30
C LEU A 73 3.98 -90.38 56.73
N LYS A 74 4.88 -90.95 57.52
CA LYS A 74 4.53 -91.30 58.88
C LYS A 74 4.20 -90.05 59.70
N ASP A 75 3.38 -90.23 60.74
CA ASP A 75 2.87 -89.11 61.54
C ASP A 75 3.97 -88.20 62.08
N GLU A 76 5.11 -88.77 62.48
CA GLU A 76 6.17 -87.96 63.03
C GLU A 76 6.68 -86.93 62.03
N ASN A 77 6.77 -87.30 60.75
CA ASN A 77 7.21 -86.34 59.74
C ASN A 77 6.08 -85.41 59.34
N MET A 78 4.84 -85.88 59.34
CA MET A 78 3.74 -85.07 58.83
C MET A 78 3.24 -84.06 59.85
N GLU A 79 3.50 -84.28 61.14
CA GLU A 79 2.97 -83.42 62.20
C GLU A 79 3.61 -82.05 62.22
N LYS A 80 4.74 -81.87 61.56
CA LYS A 80 5.31 -80.53 61.44
C LYS A 80 4.51 -79.64 60.49
N PHE A 81 3.56 -80.19 59.72
CA PHE A 81 2.74 -79.44 58.78
C PHE A 81 1.30 -79.36 59.29
N ASN A 82 0.57 -78.34 58.85
CA ASN A 82 -0.80 -78.17 59.35
C ASN A 82 -1.80 -78.13 58.19
N VAL A 83 -3.08 -78.23 58.56
CA VAL A 83 -4.17 -78.44 57.61
C VAL A 83 -4.88 -77.15 57.25
N LYS A 84 -4.29 -75.99 57.57
CA LYS A 84 -4.91 -74.70 57.31
C LYS A 84 -5.43 -74.63 55.87
N LEU A 85 -6.69 -74.24 55.73
CA LEU A 85 -7.39 -74.31 54.45
C LEU A 85 -6.62 -73.63 53.33
N GLY A 86 -6.33 -74.37 52.28
CA GLY A 86 -5.64 -73.82 51.13
C GLY A 86 -4.13 -73.91 51.21
N THR A 87 -3.57 -74.21 52.38
CA THR A 87 -2.12 -74.38 52.47
C THR A 87 -1.72 -75.70 51.80
N SER A 88 -0.48 -75.74 51.28
CA SER A 88 -0.01 -76.92 50.56
C SER A 88 1.49 -77.08 50.73
N LYS A 89 1.97 -78.32 50.55
CA LYS A 89 3.40 -78.60 50.54
C LYS A 89 3.71 -79.65 49.47
N HIS A 90 4.92 -79.57 48.90
CA HIS A 90 5.44 -80.54 47.94
C HIS A 90 6.50 -81.41 48.61
N PHE A 91 6.53 -82.70 48.28
CA PHE A 91 7.49 -83.67 48.83
C PHE A 91 8.20 -84.37 47.68
N TYR A 92 9.48 -84.67 47.87
CA TYR A 92 10.30 -85.42 46.91
C TYR A 92 11.00 -86.57 47.61
N MET A 93 11.00 -87.75 46.96
CA MET A 93 11.52 -88.98 47.55
C MET A 93 11.66 -90.04 46.47
N PHE A 94 12.39 -91.12 46.78
CA PHE A 94 12.51 -92.28 45.91
C PHE A 94 11.60 -93.39 46.42
N ASN A 95 10.88 -94.04 45.50
CA ASN A 95 9.96 -95.09 45.92
C ASN A 95 10.70 -96.43 46.01
N ASP A 96 9.94 -97.51 46.22
CA ASP A 96 10.52 -98.85 46.39
C ASP A 96 11.24 -99.33 45.15
N ASN A 97 10.88 -98.81 43.97
CA ASN A 97 11.54 -99.21 42.74
C ASN A 97 12.67 -98.26 42.34
N LYS A 98 13.13 -97.45 43.29
CA LYS A 98 14.23 -96.51 43.07
C LYS A 98 13.88 -95.46 42.02
N ASN A 99 12.60 -95.15 41.86
CA ASN A 99 12.19 -94.03 41.03
C ASN A 99 11.80 -92.86 41.92
N SER A 100 12.19 -91.67 41.51
CA SER A 100 11.80 -90.48 42.25
C SER A 100 10.32 -90.20 42.03
N VAL A 101 9.61 -89.87 43.11
CA VAL A 101 8.21 -89.48 43.02
C VAL A 101 7.98 -88.17 43.75
N ALA A 102 6.95 -87.45 43.32
CA ALA A 102 6.55 -86.20 43.92
C ALA A 102 5.21 -86.42 44.59
N VAL A 103 5.11 -85.94 45.84
CA VAL A 103 3.95 -86.15 46.69
C VAL A 103 3.65 -84.81 47.37
N GLY A 104 2.42 -84.65 47.83
CA GLY A 104 2.13 -83.45 48.58
C GLY A 104 0.78 -83.53 49.24
N TYR A 105 0.33 -82.38 49.74
CA TYR A 105 -0.99 -82.31 50.35
C TYR A 105 -1.54 -80.91 50.17
N VAL A 106 -2.87 -80.81 50.26
CA VAL A 106 -3.58 -79.53 50.35
C VAL A 106 -4.40 -79.57 51.63
N GLY A 107 -4.26 -78.53 52.46
CA GLY A 107 -5.01 -78.46 53.70
C GLY A 107 -6.47 -78.13 53.46
N CYS A 108 -7.35 -78.87 54.14
CA CYS A 108 -8.79 -78.66 54.00
C CYS A 108 -9.43 -78.16 55.31
N GLY A 109 -8.63 -77.64 56.23
CA GLY A 109 -9.17 -76.97 57.41
C GLY A 109 -9.62 -77.94 58.50
N SER A 110 -10.56 -77.46 59.32
CA SER A 110 -11.04 -78.20 60.48
C SER A 110 -12.55 -78.36 60.52
N VAL A 111 -13.27 -77.98 59.46
CA VAL A 111 -14.72 -78.12 59.38
C VAL A 111 -15.02 -79.30 58.47
N ALA A 112 -15.40 -80.44 59.05
CA ALA A 112 -15.71 -81.68 58.35
C ALA A 112 -16.47 -81.52 57.04
N ASP A 113 -17.44 -80.61 56.95
CA ASP A 113 -18.23 -80.44 55.72
C ASP A 113 -17.86 -79.12 55.06
N LEU A 114 -17.24 -79.22 53.90
CA LEU A 114 -16.75 -78.06 53.17
C LEU A 114 -17.88 -77.41 52.37
N SER A 115 -17.94 -76.08 52.41
CA SER A 115 -18.86 -75.35 51.53
C SER A 115 -18.30 -75.30 50.12
N GLU A 116 -19.12 -74.89 49.14
CA GLU A 116 -18.61 -74.73 47.78
C GLU A 116 -17.46 -73.74 47.76
N ALA A 117 -17.55 -72.67 48.56
CA ALA A 117 -16.45 -71.71 48.61
C ALA A 117 -15.17 -72.33 49.16
N ASP A 118 -15.28 -73.14 50.23
CA ASP A 118 -14.10 -73.80 50.78
C ASP A 118 -13.49 -74.74 49.75
N MET A 119 -14.33 -75.52 49.09
CA MET A 119 -13.85 -76.50 48.11
C MET A 119 -13.18 -75.80 46.94
N LYS A 120 -13.70 -74.63 46.55
CA LYS A 120 -13.07 -73.86 45.47
C LYS A 120 -11.68 -73.41 45.89
N ARG A 121 -11.52 -72.99 47.14
CA ARG A 121 -10.19 -72.62 47.60
C ARG A 121 -9.24 -73.82 47.58
N VAL A 122 -9.73 -75.00 47.95
CA VAL A 122 -8.92 -76.21 47.86
C VAL A 122 -8.48 -76.43 46.42
N VAL A 123 -9.43 -76.29 45.48
CA VAL A 123 -9.12 -76.53 44.08
C VAL A 123 -8.09 -75.53 43.58
N LEU A 124 -8.23 -74.26 43.97
CA LEU A 124 -7.30 -73.23 43.52
C LEU A 124 -5.87 -73.55 43.96
N SER A 125 -5.69 -74.04 45.20
CA SER A 125 -4.36 -74.43 45.66
C SER A 125 -3.80 -75.59 44.83
N LEU A 126 -4.66 -76.57 44.54
CA LEU A 126 -4.26 -77.68 43.67
C LEU A 126 -3.85 -77.19 42.29
N VAL A 127 -4.60 -76.24 41.72
CA VAL A 127 -4.26 -75.74 40.40
C VAL A 127 -2.90 -75.02 40.42
N THR A 128 -2.55 -74.33 41.50
CA THR A 128 -1.23 -73.69 41.57
C THR A 128 -0.11 -74.73 41.52
N MET A 129 -0.36 -75.92 42.07
CA MET A 129 0.60 -77.02 42.01
C MET A 129 0.68 -77.59 40.60
N LEU A 130 -0.41 -77.51 39.83
CA LEU A 130 -0.38 -77.97 38.44
C LEU A 130 0.33 -76.98 37.53
N HIS A 131 0.20 -75.68 37.78
CA HIS A 131 0.84 -74.71 36.94
C HIS A 131 2.34 -74.63 37.20
N ASP A 132 3.09 -74.35 36.13
CA ASP A 132 4.53 -74.15 36.24
C ASP A 132 5.22 -75.43 36.68
N ASN A 133 4.62 -76.57 36.35
CA ASN A 133 5.21 -77.87 36.62
C ASN A 133 4.76 -78.82 35.52
N LYS A 134 5.71 -79.26 34.69
CA LYS A 134 5.38 -80.16 33.58
C LYS A 134 5.12 -81.56 34.09
N LEU A 135 3.86 -81.87 34.35
CA LEU A 135 3.42 -83.14 34.89
C LEU A 135 2.63 -83.95 33.87
N SER A 136 2.84 -85.26 33.82
CA SER A 136 2.01 -86.08 32.96
C SER A 136 0.77 -86.60 33.67
N LYS A 137 0.80 -86.66 35.00
CA LYS A 137 -0.29 -87.22 35.78
C LYS A 137 -0.45 -86.46 37.08
N LEU A 138 -1.70 -86.29 37.51
CA LEU A 138 -2.05 -85.87 38.86
C LEU A 138 -2.84 -87.00 39.48
N THR A 139 -2.57 -87.30 40.74
CA THR A 139 -3.35 -88.26 41.53
C THR A 139 -3.86 -87.53 42.77
N VAL A 140 -5.16 -87.64 43.05
CA VAL A 140 -5.76 -86.97 44.21
C VAL A 140 -6.31 -88.03 45.15
N VAL A 141 -5.90 -87.97 46.43
CA VAL A 141 -6.36 -88.89 47.47
C VAL A 141 -7.29 -88.13 48.42
N PHE A 142 -8.55 -88.55 48.48
CA PHE A 142 -9.55 -87.89 49.33
C PHE A 142 -9.47 -88.48 50.73
N GLU A 143 -8.90 -87.73 51.67
CA GLU A 143 -9.00 -88.08 53.09
C GLU A 143 -10.00 -87.17 53.81
N ILE A 144 -10.98 -86.66 53.06
CA ILE A 144 -12.06 -85.85 53.57
C ILE A 144 -13.34 -86.49 53.06
N ASN A 145 -14.45 -86.11 53.67
CA ASN A 145 -15.78 -86.63 53.36
C ASN A 145 -16.46 -85.69 52.40
N VAL A 146 -16.88 -86.20 51.24
CA VAL A 146 -17.60 -85.39 50.27
C VAL A 146 -18.78 -86.20 49.79
N ASP A 147 -19.92 -85.55 49.62
CA ASP A 147 -21.00 -86.32 49.03
C ASP A 147 -20.82 -86.33 47.51
N LYS A 148 -21.70 -87.05 46.82
CA LYS A 148 -21.52 -87.26 45.39
C LYS A 148 -21.55 -85.93 44.64
N ASN A 149 -22.47 -85.03 45.02
CA ASN A 149 -22.56 -83.74 44.34
C ASN A 149 -21.30 -82.92 44.58
N LEU A 150 -20.74 -82.96 45.80
CA LEU A 150 -19.55 -82.19 46.09
C LEU A 150 -18.31 -82.80 45.42
N PHE A 151 -18.28 -84.12 45.29
CA PHE A 151 -17.22 -84.75 44.52
C PHE A 151 -17.27 -84.30 43.06
N ARG A 152 -18.48 -84.26 42.47
CA ARG A 152 -18.60 -83.78 41.11
C ARG A 152 -18.17 -82.31 40.98
N PHE A 153 -18.58 -81.49 41.92
CA PHE A 153 -18.20 -80.08 41.93
C PHE A 153 -16.68 -79.92 42.00
N PHE A 154 -16.02 -80.75 42.80
CA PHE A 154 -14.57 -80.73 42.85
C PHE A 154 -13.99 -80.93 41.46
N LEU A 155 -14.47 -81.95 40.75
CA LEU A 155 -13.94 -82.25 39.43
C LEU A 155 -14.26 -81.14 38.44
N GLU A 156 -15.51 -80.67 38.42
CA GLU A 156 -15.93 -79.58 37.53
C GLU A 156 -15.07 -78.35 37.74
N THR A 157 -14.85 -77.98 39.00
CA THR A 157 -14.11 -76.77 39.34
C THR A 157 -12.63 -76.94 39.00
N LEU A 158 -12.08 -78.11 39.30
CA LEU A 158 -10.70 -78.40 38.89
C LEU A 158 -10.53 -78.25 37.39
N PHE A 159 -11.39 -78.91 36.60
CA PHE A 159 -11.30 -78.81 35.13
C PHE A 159 -11.42 -77.37 34.66
N TYR A 160 -12.39 -76.63 35.20
CA TYR A 160 -12.65 -75.26 34.77
C TYR A 160 -11.49 -74.34 35.11
N GLU A 161 -10.96 -74.41 36.34
CA GLU A 161 -9.91 -73.47 36.76
C GLU A 161 -8.58 -73.79 36.11
N TYR A 162 -8.36 -75.07 35.80
CA TYR A 162 -7.12 -75.50 35.15
C TYR A 162 -7.05 -75.04 33.71
N MET A 163 -8.18 -75.04 33.02
CA MET A 163 -8.26 -74.69 31.60
C MET A 163 -7.89 -73.21 31.43
N THR A 164 -7.01 -72.90 30.50
CA THR A 164 -6.61 -71.51 30.24
C THR A 164 -7.07 -71.11 28.84
N ASP A 165 -7.82 -70.02 28.75
CA ASP A 165 -8.40 -69.57 27.49
C ASP A 165 -7.38 -68.71 26.74
N GLU A 166 -6.79 -69.24 25.66
CA GLU A 166 -5.79 -68.51 24.90
C GLU A 166 -6.28 -68.12 23.49
N ARG A 167 -7.60 -68.10 23.26
CA ARG A 167 -8.10 -67.83 21.91
C ARG A 167 -7.66 -66.45 21.40
N PHE A 168 -7.45 -65.49 22.30
CA PHE A 168 -7.15 -64.15 21.84
C PHE A 168 -5.69 -63.77 22.02
N LYS A 169 -4.86 -64.73 22.44
CA LYS A 169 -3.41 -64.53 22.47
C LYS A 169 -2.87 -64.77 21.07
N SER A 170 -1.91 -63.94 20.67
CA SER A 170 -1.21 -64.15 19.41
C SER A 170 0.29 -64.25 19.68
N THR A 171 0.91 -63.15 20.10
CA THR A 171 2.33 -63.13 20.38
C THR A 171 2.65 -63.48 21.84
N ASP A 172 1.64 -63.64 22.71
CA ASP A 172 1.85 -63.81 24.15
C ASP A 172 1.25 -65.12 24.67
N LYS A 173 1.27 -66.16 23.85
CA LYS A 173 0.89 -67.49 24.33
C LYS A 173 1.95 -68.01 25.31
N ASN A 174 1.47 -68.71 26.34
CA ASN A 174 2.30 -69.26 27.40
C ASN A 174 3.08 -70.43 26.84
N VAL A 175 4.39 -70.24 26.62
CA VAL A 175 5.18 -71.26 25.96
C VAL A 175 5.43 -72.48 26.84
N ASN A 176 5.13 -72.40 28.14
CA ASN A 176 5.35 -73.52 29.06
C ASN A 176 4.09 -74.27 29.46
N MET A 177 2.92 -73.84 29.00
CA MET A 177 1.67 -74.42 29.47
C MET A 177 1.47 -75.82 28.88
N GLU A 178 1.46 -76.81 29.76
CA GLU A 178 1.32 -78.23 29.42
C GLU A 178 0.27 -78.81 30.35
N TYR A 179 -0.59 -79.66 29.82
CA TYR A 179 -1.65 -80.26 30.62
C TYR A 179 -1.32 -81.71 30.94
N ILE A 180 -1.72 -82.16 32.14
CA ILE A 180 -1.66 -83.59 32.46
C ILE A 180 -2.50 -84.36 31.45
N LYS A 181 -2.12 -85.62 31.23
CA LYS A 181 -2.87 -86.55 30.39
C LYS A 181 -3.66 -87.56 31.21
N HIS A 182 -3.41 -87.64 32.52
CA HIS A 182 -4.04 -88.65 33.37
C HIS A 182 -4.37 -88.03 34.71
N LEU A 183 -5.56 -88.38 35.21
CA LEU A 183 -5.97 -87.98 36.54
C LEU A 183 -6.40 -89.22 37.31
N GLY A 184 -5.77 -89.47 38.45
CA GLY A 184 -6.15 -90.57 39.32
C GLY A 184 -6.84 -90.03 40.56
N VAL A 185 -7.87 -90.74 41.02
CA VAL A 185 -8.60 -90.33 42.21
C VAL A 185 -8.74 -91.54 43.13
N TYR A 186 -8.34 -91.38 44.38
CA TYR A 186 -8.54 -92.38 45.42
C TYR A 186 -9.59 -91.87 46.39
N ILE A 187 -10.64 -92.65 46.60
CA ILE A 187 -11.73 -92.22 47.47
C ILE A 187 -12.41 -93.47 48.06
N ASN A 188 -12.94 -93.34 49.27
CA ASN A 188 -13.70 -94.43 49.84
C ASN A 188 -15.00 -94.62 49.05
N ASN A 189 -15.43 -95.87 48.89
CA ASN A 189 -16.66 -96.21 48.15
C ASN A 189 -16.62 -95.67 46.72
N ALA A 190 -15.48 -95.92 46.05
CA ALA A 190 -15.20 -95.33 44.75
C ALA A 190 -16.26 -95.69 43.72
N ASP A 191 -16.82 -96.90 43.80
CA ASP A 191 -17.80 -97.31 42.81
C ASP A 191 -19.01 -96.39 42.80
N THR A 192 -19.38 -95.84 43.96
CA THR A 192 -20.51 -94.93 44.02
C THR A 192 -20.19 -93.54 43.47
N TYR A 193 -18.90 -93.18 43.35
CA TYR A 193 -18.52 -91.87 42.82
C TYR A 193 -18.22 -91.88 41.32
N LYS A 194 -18.02 -93.07 40.73
CA LYS A 194 -17.56 -93.17 39.34
C LYS A 194 -18.55 -92.57 38.35
N GLU A 195 -19.85 -92.64 38.61
CA GLU A 195 -20.81 -92.06 37.68
C GLU A 195 -20.72 -90.53 37.63
N GLU A 196 -20.11 -89.90 38.64
CA GLU A 196 -19.97 -88.45 38.63
C GLU A 196 -18.90 -87.95 37.66
N VAL A 197 -17.97 -88.81 37.23
CA VAL A 197 -16.83 -88.34 36.45
C VAL A 197 -17.28 -87.79 35.11
N GLU A 198 -18.05 -88.56 34.33
CA GLU A 198 -18.37 -88.04 33.01
C GLU A 198 -19.43 -86.95 33.09
N LYS A 199 -20.29 -86.97 34.12
CA LYS A 199 -21.16 -85.83 34.35
C LYS A 199 -20.36 -84.56 34.63
N ALA A 200 -19.31 -84.66 35.46
CA ALA A 200 -18.46 -83.50 35.73
C ALA A 200 -17.82 -82.97 34.46
N ARG A 201 -17.35 -83.87 33.59
CA ARG A 201 -16.73 -83.42 32.34
C ARG A 201 -17.73 -82.69 31.45
N VAL A 202 -18.99 -83.15 31.42
CA VAL A 202 -20.02 -82.45 30.65
C VAL A 202 -20.30 -81.09 31.28
N TYR A 203 -20.49 -81.05 32.61
CA TYR A 203 -20.80 -79.78 33.28
C TYR A 203 -19.66 -78.79 33.13
N TYR A 204 -18.42 -79.26 33.25
CA TYR A 204 -17.26 -78.41 33.01
C TYR A 204 -17.35 -77.76 31.64
N PHE A 205 -17.62 -78.54 30.57
CA PHE A 205 -17.57 -77.90 29.26
C PHE A 205 -18.76 -76.96 29.04
N GLY A 206 -19.95 -77.31 29.51
CA GLY A 206 -21.04 -76.36 29.41
C GLY A 206 -20.70 -75.05 30.09
N THR A 207 -20.04 -75.13 31.24
CA THR A 207 -19.64 -73.91 31.95
C THR A 207 -18.52 -73.20 31.21
N TYR A 208 -17.53 -73.94 30.73
CA TYR A 208 -16.42 -73.35 30.00
C TYR A 208 -16.86 -72.80 28.64
N TYR A 209 -17.81 -73.48 27.99
CA TYR A 209 -18.40 -72.94 26.77
C TYR A 209 -19.08 -71.60 27.04
N ALA A 210 -19.88 -71.52 28.11
CA ALA A 210 -20.49 -70.24 28.46
C ALA A 210 -19.41 -69.17 28.68
N SER A 211 -18.36 -69.53 29.41
CA SER A 211 -17.26 -68.59 29.65
C SER A 211 -16.62 -68.13 28.34
N GLN A 212 -16.47 -69.04 27.37
CA GLN A 212 -15.87 -68.64 26.10
C GLN A 212 -16.71 -67.57 25.40
N LEU A 213 -18.03 -67.73 25.42
CA LEU A 213 -18.90 -66.73 24.81
C LEU A 213 -18.85 -65.41 25.57
N ILE A 214 -18.85 -65.49 26.90
CA ILE A 214 -18.86 -64.27 27.71
C ILE A 214 -17.57 -63.50 27.51
N ALA A 215 -16.42 -64.19 27.61
CA ALA A 215 -15.13 -63.54 27.50
C ALA A 215 -14.89 -62.99 26.10
N ALA A 216 -15.50 -63.60 25.08
CA ALA A 216 -15.34 -63.08 23.73
C ALA A 216 -15.82 -61.64 23.69
N PRO A 217 -14.97 -60.69 23.28
CA PRO A 217 -15.38 -59.28 23.26
C PRO A 217 -16.47 -59.02 22.24
N SER A 218 -17.10 -57.85 22.39
CA SER A 218 -18.29 -57.53 21.61
C SER A 218 -18.04 -57.33 20.13
N ASN A 219 -16.80 -57.07 19.70
CA ASN A 219 -16.57 -57.08 18.26
C ASN A 219 -16.55 -58.51 17.70
N TYR A 220 -16.12 -59.48 18.50
CA TYR A 220 -16.21 -60.89 18.07
C TYR A 220 -17.61 -61.44 18.31
N CYS A 221 -18.15 -61.21 19.50
CA CYS A 221 -19.42 -61.78 19.93
C CYS A 221 -20.46 -60.66 19.83
N ASN A 222 -21.19 -60.63 18.73
CA ASN A 222 -22.24 -59.66 18.43
C ASN A 222 -23.51 -60.46 18.16
N PRO A 223 -24.67 -59.81 17.94
CA PRO A 223 -25.91 -60.60 17.80
C PRO A 223 -25.89 -61.61 16.66
N VAL A 224 -25.21 -61.29 15.55
CA VAL A 224 -25.18 -62.22 14.43
C VAL A 224 -24.22 -63.38 14.73
N SER A 225 -23.01 -63.08 15.20
CA SER A 225 -22.04 -64.15 15.46
C SER A 225 -22.45 -65.02 16.65
N LEU A 226 -23.13 -64.46 17.66
CA LEU A 226 -23.59 -65.27 18.78
C LEU A 226 -24.73 -66.20 18.36
N SER A 227 -25.66 -65.73 17.53
CA SER A 227 -26.69 -66.63 17.06
C SER A 227 -26.13 -67.64 16.08
N ASN A 228 -25.13 -67.28 15.28
CA ASN A 228 -24.46 -68.26 14.44
C ASN A 228 -23.83 -69.36 15.30
N ALA A 229 -23.19 -68.97 16.41
CA ALA A 229 -22.58 -69.98 17.28
C ALA A 229 -23.64 -70.90 17.86
N ALA A 230 -24.83 -70.35 18.18
CA ALA A 230 -25.90 -71.18 18.70
C ALA A 230 -26.36 -72.19 17.65
N VAL A 231 -26.40 -71.77 16.38
CA VAL A 231 -26.78 -72.68 15.30
C VAL A 231 -25.80 -73.82 15.20
N GLU A 232 -24.52 -73.51 15.20
CA GLU A 232 -23.51 -74.55 15.11
C GLU A 232 -23.58 -75.51 16.29
N LEU A 233 -23.81 -74.99 17.49
CA LEU A 233 -24.00 -75.84 18.67
C LEU A 233 -25.19 -76.77 18.48
N ALA A 234 -26.31 -76.22 18.01
CA ALA A 234 -27.49 -77.06 17.77
C ALA A 234 -27.21 -78.13 16.73
N GLN A 235 -26.48 -77.77 15.67
CA GLN A 235 -26.14 -78.75 14.65
C GLN A 235 -25.29 -79.85 15.22
N LYS A 236 -24.35 -79.50 16.11
CA LYS A 236 -23.47 -80.50 16.71
C LYS A 236 -24.22 -81.44 17.66
N LEU A 237 -25.27 -80.94 18.31
CA LEU A 237 -26.02 -81.71 19.29
C LEU A 237 -27.32 -82.29 18.74
N ASN A 238 -27.64 -82.05 17.48
CA ASN A 238 -28.91 -82.49 16.87
C ASN A 238 -30.12 -81.88 17.56
N LEU A 239 -29.99 -80.63 18.01
CA LEU A 239 -31.12 -79.88 18.52
C LEU A 239 -31.84 -79.19 17.38
N GLU A 240 -33.14 -79.00 17.53
CA GLU A 240 -33.86 -78.14 16.60
C GLU A 240 -33.50 -76.70 16.88
N TYR A 241 -33.48 -75.88 15.82
CA TYR A 241 -33.15 -74.48 16.03
C TYR A 241 -33.94 -73.62 15.06
N LYS A 242 -34.17 -72.39 15.46
CA LYS A 242 -34.81 -71.37 14.67
C LYS A 242 -34.18 -70.07 15.13
N ILE A 243 -33.68 -69.27 14.21
CA ILE A 243 -33.19 -67.92 14.52
C ILE A 243 -34.16 -66.96 13.86
N LEU A 244 -34.84 -66.15 14.66
CA LEU A 244 -35.78 -65.19 14.09
C LEU A 244 -35.05 -63.90 13.79
N GLY A 245 -35.18 -63.42 12.54
CA GLY A 245 -34.60 -62.15 12.14
C GLY A 245 -35.62 -61.02 12.23
N VAL A 246 -35.18 -59.82 11.83
CA VAL A 246 -35.96 -58.61 12.07
C VAL A 246 -37.35 -58.71 11.43
N LYS A 247 -37.44 -59.23 10.21
CA LYS A 247 -38.73 -59.27 9.54
C LYS A 247 -39.72 -60.12 10.31
N GLU A 248 -39.29 -61.27 10.82
CA GLU A 248 -40.16 -62.13 11.61
CA GLU A 248 -40.17 -62.11 11.61
C GLU A 248 -40.49 -61.48 12.96
N LEU A 249 -39.50 -60.80 13.56
CA LEU A 249 -39.72 -60.10 14.82
C LEU A 249 -40.73 -58.96 14.66
N GLU A 250 -40.69 -58.27 13.52
CA GLU A 250 -41.67 -57.23 13.23
C GLU A 250 -43.07 -57.83 13.10
N GLU A 251 -43.18 -58.99 12.45
CA GLU A 251 -44.47 -59.66 12.30
C GLU A 251 -45.02 -60.09 13.66
N LEU A 252 -44.14 -60.51 14.56
CA LEU A 252 -44.54 -60.85 15.91
C LEU A 252 -44.72 -59.62 16.79
N LYS A 253 -44.45 -58.43 16.25
CA LYS A 253 -44.72 -57.18 16.96
C LYS A 253 -43.91 -57.05 18.24
N MET A 254 -42.64 -57.47 18.19
CA MET A 254 -41.73 -57.45 19.34
C MET A 254 -41.12 -56.05 19.48
N GLY A 255 -41.98 -55.08 19.81
CA GLY A 255 -41.52 -53.69 19.78
C GLY A 255 -40.58 -53.31 20.90
N ALA A 256 -40.66 -53.97 22.05
CA ALA A 256 -39.73 -53.63 23.13
C ALA A 256 -38.33 -54.11 22.79
N TYR A 257 -38.22 -55.38 22.39
CA TYR A 257 -36.95 -55.96 21.98
C TYR A 257 -36.36 -55.27 20.76
N LEU A 258 -37.19 -54.98 19.74
CA LEU A 258 -36.66 -54.34 18.54
C LEU A 258 -36.16 -52.92 18.81
N SER A 259 -36.83 -52.18 19.71
CA SER A 259 -36.41 -50.81 19.98
C SER A 259 -35.01 -50.77 20.57
N VAL A 260 -34.69 -51.71 21.46
CA VAL A 260 -33.38 -51.75 22.09
C VAL A 260 -32.29 -51.88 21.03
N GLY A 261 -32.52 -52.69 20.00
CA GLY A 261 -31.53 -52.93 18.98
C GLY A 261 -31.49 -51.92 17.86
N LYS A 262 -32.38 -50.91 17.88
CA LYS A 262 -32.48 -49.98 16.75
C LYS A 262 -31.14 -49.32 16.47
N GLY A 263 -30.40 -48.96 17.52
CA GLY A 263 -29.17 -48.22 17.30
C GLY A 263 -27.95 -49.04 16.89
N SER A 264 -28.06 -50.35 16.71
CA SER A 264 -26.91 -51.20 16.46
C SER A 264 -26.74 -51.48 14.97
N MET A 265 -25.47 -51.64 14.54
CA MET A 265 -25.21 -52.11 13.18
C MET A 265 -25.51 -53.60 13.01
N TYR A 266 -25.72 -54.33 14.10
CA TYR A 266 -26.02 -55.77 14.01
C TYR A 266 -27.52 -55.95 14.12
N PRO A 267 -28.15 -56.58 13.13
CA PRO A 267 -29.59 -56.84 13.23
C PRO A 267 -29.88 -57.75 14.41
N ASN A 268 -31.02 -57.50 15.06
CA ASN A 268 -31.48 -58.37 16.13
C ASN A 268 -31.59 -59.80 15.64
N LYS A 269 -31.25 -60.76 16.51
CA LYS A 269 -31.42 -62.18 16.23
C LYS A 269 -32.01 -62.84 17.47
N PHE A 270 -33.13 -63.51 17.32
CA PHE A 270 -33.78 -64.20 18.42
C PHE A 270 -33.49 -65.70 18.32
N ILE A 271 -32.81 -66.25 19.33
CA ILE A 271 -32.41 -67.65 19.37
C ILE A 271 -33.53 -68.48 19.98
N HIS A 272 -33.89 -69.57 19.30
CA HIS A 272 -34.83 -70.56 19.83
C HIS A 272 -34.25 -71.94 19.50
N LEU A 273 -33.65 -72.61 20.49
CA LEU A 273 -33.24 -74.00 20.32
C LEU A 273 -34.24 -74.90 21.05
N THR A 274 -34.42 -76.13 20.55
CA THR A 274 -35.36 -77.03 21.21
C THR A 274 -34.75 -78.43 21.35
N TYR A 275 -34.76 -78.94 22.57
CA TYR A 275 -34.48 -80.34 22.86
C TYR A 275 -35.79 -81.05 23.15
N LYS A 276 -36.04 -82.18 22.49
CA LYS A 276 -37.22 -82.97 22.81
C LYS A 276 -36.81 -84.40 23.08
N SER A 277 -37.28 -84.96 24.20
CA SER A 277 -36.97 -86.34 24.54
C SER A 277 -37.64 -87.26 23.54
N LYS A 278 -37.05 -88.46 23.36
CA LYS A 278 -37.60 -89.42 22.42
C LYS A 278 -38.93 -90.02 22.89
N GLY A 279 -39.12 -90.14 24.20
CA GLY A 279 -40.32 -90.74 24.75
C GLY A 279 -41.43 -89.73 24.94
N ASP A 280 -42.42 -90.11 25.75
CA ASP A 280 -43.54 -89.22 26.01
C ASP A 280 -43.06 -88.01 26.81
N VAL A 281 -43.44 -86.82 26.37
CA VAL A 281 -43.01 -85.61 27.06
C VAL A 281 -43.94 -85.40 28.26
N LYS A 282 -43.36 -85.41 29.46
CA LYS A 282 -44.12 -85.21 30.69
C LYS A 282 -43.99 -83.79 31.25
N LYS A 283 -42.99 -83.02 30.82
CA LYS A 283 -42.80 -81.65 31.30
C LYS A 283 -42.21 -80.80 30.18
N LYS A 284 -42.71 -79.57 30.01
CA LYS A 284 -42.16 -78.63 29.03
C LYS A 284 -41.65 -77.39 29.75
N ILE A 285 -40.44 -76.98 29.40
CA ILE A 285 -39.74 -75.92 30.12
C ILE A 285 -39.19 -74.92 29.10
N ALA A 286 -39.31 -73.63 29.39
CA ALA A 286 -38.64 -72.58 28.62
C ALA A 286 -37.54 -71.93 29.47
N LEU A 287 -36.32 -71.93 28.95
CA LEU A 287 -35.18 -71.25 29.59
C LEU A 287 -34.84 -70.02 28.76
N VAL A 288 -34.87 -68.85 29.40
CA VAL A 288 -34.73 -67.56 28.72
C VAL A 288 -33.50 -66.85 29.27
N GLY A 289 -32.55 -66.53 28.39
CA GLY A 289 -31.33 -65.83 28.80
C GLY A 289 -31.26 -64.43 28.21
N LYS A 290 -30.91 -63.46 29.04
CA LYS A 290 -30.67 -62.11 28.55
C LYS A 290 -29.44 -62.08 27.66
N GLY A 291 -29.58 -61.53 26.46
CA GLY A 291 -28.50 -61.60 25.48
C GLY A 291 -28.10 -60.25 24.89
N ILE A 292 -27.61 -59.33 25.71
CA ILE A 292 -27.11 -58.03 25.23
C ILE A 292 -25.60 -58.18 25.03
N THR A 293 -25.14 -58.18 23.77
CA THR A 293 -23.75 -58.52 23.49
C THR A 293 -22.79 -57.38 23.82
N PHE A 294 -23.27 -56.14 23.83
CA PHE A 294 -22.60 -55.00 24.45
C PHE A 294 -23.68 -54.04 24.93
N ASP A 295 -23.52 -53.56 26.16
CA ASP A 295 -24.47 -52.59 26.72
C ASP A 295 -23.72 -51.28 26.96
N SER A 296 -23.81 -50.34 26.01
CA SER A 296 -23.26 -49.01 26.23
C SER A 296 -24.13 -48.17 27.17
N GLY A 297 -25.35 -48.60 27.41
CA GLY A 297 -26.37 -47.80 28.04
C GLY A 297 -27.31 -47.09 27.08
N GLY A 298 -26.91 -46.95 25.80
CA GLY A 298 -27.72 -46.13 24.90
C GLY A 298 -27.54 -44.65 25.21
N TYR A 299 -28.58 -43.85 24.90
CA TYR A 299 -28.49 -42.41 25.15
C TYR A 299 -28.31 -42.12 26.64
N ASN A 300 -28.82 -43.01 27.51
CA ASN A 300 -28.42 -43.02 28.93
C ASN A 300 -27.07 -43.73 29.06
N LEU A 301 -26.06 -43.10 28.45
CA LEU A 301 -24.74 -43.72 28.32
C LEU A 301 -24.14 -44.04 29.67
N LYS A 302 -23.40 -45.15 29.76
CA LYS A 302 -22.69 -45.52 30.98
C LYS A 302 -21.44 -44.63 31.11
N ALA A 303 -21.64 -43.42 31.59
CA ALA A 303 -20.55 -42.48 31.78
C ALA A 303 -20.29 -42.16 33.24
N ALA A 304 -21.10 -42.65 34.15
CA ALA A 304 -20.88 -42.33 35.54
C ALA A 304 -19.70 -43.12 36.07
N PRO A 305 -18.94 -42.55 37.02
CA PRO A 305 -17.84 -43.32 37.64
C PRO A 305 -18.37 -44.63 38.22
N GLY A 306 -17.67 -45.72 37.91
CA GLY A 306 -18.08 -47.02 38.41
C GLY A 306 -19.11 -47.75 37.60
N SER A 307 -19.50 -47.23 36.42
CA SER A 307 -20.49 -47.94 35.63
C SER A 307 -19.88 -49.03 34.74
N MET A 308 -18.54 -49.09 34.64
CA MET A 308 -17.79 -50.22 34.04
C MET A 308 -18.24 -50.56 32.63
N ILE A 309 -18.34 -49.53 31.80
CA ILE A 309 -18.71 -49.77 30.42
C ILE A 309 -17.73 -50.75 29.78
N ASP A 310 -16.48 -50.80 30.27
CA ASP A 310 -15.50 -51.68 29.64
C ASP A 310 -15.76 -53.16 29.89
N LEU A 311 -16.60 -53.53 30.84
CA LEU A 311 -16.88 -54.94 31.08
C LEU A 311 -18.19 -55.42 30.41
N MET A 312 -18.88 -54.55 29.67
CA MET A 312 -20.27 -54.83 29.30
C MET A 312 -20.42 -55.84 28.17
N LYS A 313 -19.30 -56.39 27.64
CA LYS A 313 -19.40 -57.63 26.87
C LYS A 313 -20.06 -58.74 27.67
N PHE A 314 -20.07 -58.66 29.01
CA PHE A 314 -20.64 -59.73 29.82
C PHE A 314 -22.17 -59.64 29.95
N ASP A 315 -22.82 -58.69 29.29
CA ASP A 315 -24.26 -58.53 29.44
C ASP A 315 -25.06 -59.59 28.68
N MET A 316 -24.40 -60.56 28.03
CA MET A 316 -25.04 -61.75 27.46
C MET A 316 -24.73 -63.02 28.27
N SER A 317 -24.30 -62.84 29.53
CA SER A 317 -23.98 -64.00 30.37
C SER A 317 -25.19 -64.88 30.58
N GLY A 318 -26.40 -64.31 30.60
CA GLY A 318 -27.59 -65.13 30.74
C GLY A 318 -27.82 -66.01 29.52
N CYS A 319 -27.71 -65.41 28.32
CA CYS A 319 -27.76 -66.21 27.10
C CYS A 319 -26.69 -67.30 27.12
N ALA A 320 -25.48 -66.97 27.56
CA ALA A 320 -24.40 -67.96 27.60
C ALA A 320 -24.74 -69.12 28.53
N ALA A 321 -25.35 -68.83 29.69
CA ALA A 321 -25.72 -69.91 30.59
C ALA A 321 -26.78 -70.80 29.95
N VAL A 322 -27.74 -70.19 29.26
CA VAL A 322 -28.76 -70.99 28.61
C VAL A 322 -28.15 -71.86 27.51
N LEU A 323 -27.20 -71.32 26.75
CA LEU A 323 -26.58 -72.12 25.70
C LEU A 323 -25.68 -73.20 26.28
N GLY A 324 -24.99 -72.90 27.38
CA GLY A 324 -24.21 -73.94 28.06
C GLY A 324 -25.09 -75.05 28.60
N CYS A 325 -26.26 -74.68 29.11
CA CYS A 325 -27.22 -75.68 29.53
C CYS A 325 -27.68 -76.52 28.33
N ALA A 326 -27.90 -75.89 27.18
CA ALA A 326 -28.24 -76.67 25.98
C ALA A 326 -27.14 -77.68 25.64
N TYR A 327 -25.88 -77.29 25.80
CA TYR A 327 -24.82 -78.29 25.61
C TYR A 327 -24.99 -79.47 26.55
N CYS A 328 -25.19 -79.20 27.84
CA CYS A 328 -25.30 -80.27 28.83
C CYS A 328 -26.53 -81.15 28.57
N VAL A 329 -27.67 -80.51 28.31
CA VAL A 329 -28.90 -81.27 28.09
C VAL A 329 -28.81 -82.06 26.79
N GLY A 330 -28.30 -81.45 25.71
CA GLY A 330 -28.16 -82.19 24.47
C GLY A 330 -27.16 -83.32 24.57
N THR A 331 -26.23 -83.24 25.52
CA THR A 331 -25.23 -84.31 25.67
C THR A 331 -25.77 -85.44 26.54
N LEU A 332 -26.42 -85.09 27.66
CA LEU A 332 -26.88 -86.07 28.62
C LEU A 332 -28.21 -86.73 28.26
N LYS A 333 -29.00 -86.12 27.38
CA LYS A 333 -30.27 -86.66 26.90
C LYS A 333 -31.24 -87.07 28.02
N PRO A 334 -31.73 -86.12 28.82
CA PRO A 334 -32.78 -86.51 29.77
C PRO A 334 -34.04 -86.96 29.04
N GLU A 335 -34.80 -87.84 29.67
CA GLU A 335 -36.05 -88.34 29.11
C GLU A 335 -37.24 -87.56 29.65
N ASN A 336 -38.36 -87.67 28.94
CA ASN A 336 -39.67 -87.16 29.38
C ASN A 336 -39.75 -85.65 29.46
N VAL A 337 -38.84 -84.92 28.82
CA VAL A 337 -38.86 -83.46 28.91
C VAL A 337 -38.68 -82.85 27.53
N GLU A 338 -39.24 -81.66 27.37
CA GLU A 338 -39.02 -80.81 26.21
C GLU A 338 -38.54 -79.44 26.72
N ILE A 339 -37.39 -78.99 26.24
CA ILE A 339 -36.75 -77.77 26.73
C ILE A 339 -36.58 -76.82 25.55
N HIS A 340 -37.03 -75.58 25.73
CA HIS A 340 -36.77 -74.51 24.78
C HIS A 340 -35.72 -73.59 25.38
N PHE A 341 -34.67 -73.31 24.60
CA PHE A 341 -33.57 -72.42 25.01
C PHE A 341 -33.71 -71.12 24.21
N LEU A 342 -34.03 -70.02 24.89
CA LEU A 342 -34.43 -68.79 24.22
C LEU A 342 -33.51 -67.64 24.57
N SER A 343 -33.20 -66.79 23.59
CA SER A 343 -32.53 -65.54 23.93
C SER A 343 -32.84 -64.48 22.88
N ALA A 344 -33.35 -63.33 23.30
CA ALA A 344 -33.57 -62.19 22.39
C ALA A 344 -32.28 -61.37 22.34
N VAL A 345 -31.41 -61.67 21.35
CA VAL A 345 -30.07 -61.12 21.29
C VAL A 345 -30.04 -59.79 20.54
N CYS A 346 -29.35 -58.80 21.09
CA CYS A 346 -29.20 -57.51 20.43
C CYS A 346 -28.08 -56.77 21.15
N GLU A 347 -27.76 -55.57 20.66
CA GLU A 347 -26.67 -54.76 21.17
C GLU A 347 -27.23 -53.35 21.41
N ASN A 348 -26.90 -52.73 22.56
CA ASN A 348 -27.51 -51.45 23.01
C ASN A 348 -26.51 -50.30 22.76
N MET A 349 -26.74 -49.51 21.72
CA MET A 349 -25.74 -48.61 21.15
C MET A 349 -26.27 -47.18 21.00
N VAL A 350 -25.37 -46.26 20.70
CA VAL A 350 -25.70 -44.85 20.50
C VAL A 350 -25.54 -44.53 19.03
N SER A 351 -26.58 -43.94 18.46
CA SER A 351 -26.71 -43.78 17.02
C SER A 351 -27.78 -42.75 16.75
N LYS A 352 -27.79 -42.22 15.52
CA LYS A 352 -28.98 -41.50 15.05
C LYS A 352 -30.21 -42.40 15.05
N ASN A 353 -30.02 -43.71 14.98
CA ASN A 353 -31.12 -44.66 14.88
C ASN A 353 -31.58 -45.22 16.22
N SER A 354 -30.94 -44.88 17.34
CA SER A 354 -31.30 -45.47 18.63
C SER A 354 -32.65 -44.99 19.14
N TYR A 355 -33.25 -45.84 19.97
CA TYR A 355 -34.40 -45.39 20.73
C TYR A 355 -33.94 -44.39 21.78
N ARG A 356 -34.89 -43.54 22.20
CA ARG A 356 -34.61 -42.41 23.07
C ARG A 356 -35.24 -42.61 24.43
N PRO A 357 -34.64 -42.05 25.49
CA PRO A 357 -35.35 -41.90 26.76
C PRO A 357 -36.65 -41.15 26.49
N GLY A 358 -37.74 -41.65 27.04
CA GLY A 358 -39.06 -41.06 26.81
C GLY A 358 -39.88 -41.72 25.70
N ASP A 359 -39.25 -42.48 24.80
CA ASP A 359 -40.04 -43.12 23.76
C ASP A 359 -41.08 -44.05 24.39
N ILE A 360 -42.24 -44.17 23.76
CA ILE A 360 -43.25 -45.13 24.14
C ILE A 360 -43.29 -46.20 23.08
N ILE A 361 -43.07 -47.45 23.48
CA ILE A 361 -42.93 -48.59 22.58
C ILE A 361 -43.97 -49.63 22.98
N THR A 362 -44.28 -50.51 22.05
CA THR A 362 -45.37 -51.47 22.24
C THR A 362 -44.81 -52.88 22.19
N ALA A 363 -45.00 -53.62 23.28
CA ALA A 363 -44.55 -55.00 23.35
C ALA A 363 -45.50 -55.90 22.56
N SER A 364 -45.06 -57.15 22.37
CA SER A 364 -45.79 -58.10 21.55
C SER A 364 -47.09 -58.56 22.19
N ASN A 365 -47.32 -58.29 23.48
CA ASN A 365 -48.63 -58.57 24.08
C ASN A 365 -49.53 -57.33 24.09
N GLY A 366 -49.15 -56.28 23.37
CA GLY A 366 -49.95 -55.08 23.25
C GLY A 366 -49.74 -54.01 24.30
N LYS A 367 -48.96 -54.28 25.35
CA LYS A 367 -48.73 -53.30 26.40
C LYS A 367 -47.80 -52.20 25.92
N THR A 368 -48.22 -50.94 26.10
CA THR A 368 -47.35 -49.83 25.77
C THR A 368 -46.47 -49.53 26.97
N ILE A 369 -45.21 -49.20 26.70
CA ILE A 369 -44.21 -49.00 27.73
C ILE A 369 -43.56 -47.63 27.52
N GLU A 370 -43.54 -46.80 28.55
CA GLU A 370 -42.77 -45.56 28.53
C GLU A 370 -41.34 -45.84 29.00
N VAL A 371 -40.37 -45.58 28.12
CA VAL A 371 -38.96 -45.82 28.42
C VAL A 371 -38.45 -44.67 29.28
N GLY A 372 -38.03 -44.98 30.51
CA GLY A 372 -37.49 -43.95 31.37
C GLY A 372 -35.99 -43.86 31.35
N ASN A 373 -35.33 -44.91 30.87
CA ASN A 373 -33.86 -44.97 30.90
C ASN A 373 -33.44 -46.03 29.90
N THR A 374 -32.69 -45.64 28.86
CA THR A 374 -32.32 -46.62 27.83
C THR A 374 -31.35 -47.68 28.32
N ASP A 375 -30.75 -47.48 29.51
CA ASP A 375 -29.84 -48.45 30.11
C ASP A 375 -30.56 -49.51 30.92
N ALA A 376 -31.88 -49.41 31.07
CA ALA A 376 -32.70 -50.52 31.58
C ALA A 376 -33.21 -51.37 30.42
N GLU A 377 -32.28 -51.76 29.55
CA GLU A 377 -32.69 -52.36 28.29
C GLU A 377 -32.98 -53.85 28.44
N GLY A 378 -32.38 -54.52 29.43
CA GLY A 378 -32.56 -55.96 29.54
C GLY A 378 -34.00 -56.36 29.77
N ARG A 379 -34.71 -55.62 30.65
CA ARG A 379 -36.10 -55.97 30.97
C ARG A 379 -37.01 -55.77 29.76
N LEU A 380 -36.65 -54.86 28.85
CA LEU A 380 -37.42 -54.67 27.62
C LEU A 380 -37.27 -55.88 26.70
N THR A 381 -36.03 -56.35 26.51
CA THR A 381 -35.83 -57.51 25.65
C THR A 381 -36.45 -58.74 26.28
N LEU A 382 -36.34 -58.87 27.61
CA LEU A 382 -36.91 -60.04 28.27
C LEU A 382 -38.43 -60.02 28.20
N ALA A 383 -39.04 -58.84 28.26
CA ALA A 383 -40.50 -58.78 28.19
C ALA A 383 -41.00 -59.48 26.93
N ASP A 384 -40.42 -59.17 25.76
CA ASP A 384 -40.86 -59.82 24.53
C ASP A 384 -40.48 -61.29 24.49
N ALA A 385 -39.32 -61.66 25.06
CA ALA A 385 -38.95 -63.06 25.10
C ALA A 385 -39.90 -63.88 25.98
N LEU A 386 -40.38 -63.27 27.07
CA LEU A 386 -41.32 -63.98 27.98
C LEU A 386 -42.67 -64.16 27.32
N VAL A 387 -43.13 -63.16 26.57
CA VAL A 387 -44.38 -63.32 25.81
C VAL A 387 -44.24 -64.46 24.82
N TYR A 388 -43.13 -64.50 24.10
CA TYR A 388 -42.84 -65.60 23.17
C TYR A 388 -42.80 -66.93 23.90
N ALA A 389 -42.13 -66.98 25.05
CA ALA A 389 -42.03 -68.23 25.79
C ALA A 389 -43.40 -68.70 26.24
N GLU A 390 -44.23 -67.80 26.74
CA GLU A 390 -45.52 -68.25 27.21
C GLU A 390 -46.40 -68.76 26.07
N LYS A 391 -46.26 -68.20 24.86
CA LYS A 391 -47.01 -68.74 23.72
C LYS A 391 -46.60 -70.18 23.37
N LEU A 392 -45.43 -70.65 23.83
CA LEU A 392 -45.05 -72.03 23.57
C LEU A 392 -45.87 -73.04 24.35
N GLY A 393 -46.60 -72.60 25.38
CA GLY A 393 -47.39 -73.53 26.18
C GLY A 393 -46.57 -74.42 27.09
N VAL A 394 -45.71 -73.85 27.93
CA VAL A 394 -44.83 -74.63 28.78
C VAL A 394 -45.38 -74.70 30.20
N ASP A 395 -44.84 -75.62 30.98
CA ASP A 395 -45.15 -75.73 32.40
C ASP A 395 -44.37 -74.72 33.24
N TYR A 396 -43.10 -74.48 32.89
CA TYR A 396 -42.24 -73.56 33.63
C TYR A 396 -41.50 -72.65 32.65
N ILE A 397 -41.39 -71.38 33.01
CA ILE A 397 -40.50 -70.44 32.35
C ILE A 397 -39.49 -69.97 33.39
N VAL A 398 -38.20 -70.10 33.08
CA VAL A 398 -37.13 -69.61 33.95
C VAL A 398 -36.24 -68.68 33.13
N ASP A 399 -36.11 -67.43 33.55
CA ASP A 399 -35.18 -66.56 32.86
C ASP A 399 -33.95 -66.34 33.72
N ILE A 400 -32.84 -66.04 33.08
CA ILE A 400 -31.58 -65.81 33.78
C ILE A 400 -30.89 -64.63 33.10
N ALA A 401 -30.46 -63.64 33.89
CA ALA A 401 -30.09 -62.36 33.29
C ALA A 401 -29.16 -61.58 34.20
N THR A 402 -28.18 -60.89 33.60
CA THR A 402 -27.40 -59.87 34.29
C THR A 402 -28.19 -58.56 34.32
N LEU A 403 -29.22 -58.52 35.17
CA LEU A 403 -30.22 -57.49 35.01
C LEU A 403 -29.91 -56.20 35.77
N THR A 404 -29.59 -56.29 37.06
CA THR A 404 -29.48 -55.09 37.88
C THR A 404 -28.19 -55.07 38.69
N GLY A 405 -27.47 -53.96 38.61
CA GLY A 405 -26.27 -53.75 39.41
C GLY A 405 -26.55 -53.72 40.90
N ALA A 406 -27.79 -53.46 41.30
CA ALA A 406 -28.17 -53.51 42.70
C ALA A 406 -27.90 -54.87 43.31
N MET A 407 -27.77 -55.91 42.49
CA MET A 407 -27.49 -57.25 43.01
C MET A 407 -26.19 -57.24 43.82
N LEU A 408 -25.24 -56.39 43.44
CA LEU A 408 -24.00 -56.29 44.19
C LEU A 408 -24.16 -55.70 45.58
N TYR A 409 -25.22 -54.92 45.80
CA TYR A 409 -25.48 -54.29 47.09
C TYR A 409 -26.39 -55.14 47.96
N SER A 410 -27.06 -56.12 47.37
CA SER A 410 -27.95 -57.00 48.10
C SER A 410 -27.28 -58.33 48.42
N LEU A 411 -26.86 -59.09 47.40
CA LEU A 411 -26.27 -60.39 47.65
C LEU A 411 -24.78 -60.44 47.32
N GLY A 412 -24.27 -59.51 46.54
CA GLY A 412 -22.85 -59.47 46.27
C GLY A 412 -22.44 -60.39 45.11
N THR A 413 -21.20 -60.84 45.17
CA THR A 413 -20.57 -61.56 44.06
C THR A 413 -20.65 -63.07 44.18
N SER A 414 -21.23 -63.61 45.25
CA SER A 414 -21.24 -65.07 45.45
C SER A 414 -22.60 -65.73 45.22
N TYR A 415 -23.69 -65.09 45.61
CA TYR A 415 -25.04 -65.64 45.51
C TYR A 415 -25.84 -64.89 44.47
N ALA A 416 -26.51 -65.62 43.57
CA ALA A 416 -27.49 -65.01 42.69
C ALA A 416 -28.82 -64.85 43.43
N GLY A 417 -29.68 -63.99 42.91
CA GLY A 417 -31.03 -63.83 43.45
C GLY A 417 -32.06 -64.48 42.56
N VAL A 418 -33.05 -65.16 43.17
CA VAL A 418 -34.16 -65.70 42.39
C VAL A 418 -35.48 -65.06 42.88
N PHE A 419 -36.30 -64.65 41.90
CA PHE A 419 -37.61 -64.06 42.12
C PHE A 419 -38.62 -64.88 41.34
N GLY A 420 -39.89 -64.87 41.76
CA GLY A 420 -40.83 -65.63 40.94
C GLY A 420 -42.26 -65.46 41.38
N ASN A 421 -43.16 -66.03 40.58
CA ASN A 421 -44.60 -65.91 40.84
C ASN A 421 -45.18 -67.21 41.38
N ASN A 422 -44.32 -68.19 41.71
CA ASN A 422 -44.77 -69.55 42.02
C ASN A 422 -43.78 -70.20 42.98
N GLU A 423 -44.22 -70.46 44.22
CA GLU A 423 -43.31 -70.98 45.25
C GLU A 423 -42.78 -72.36 44.89
N GLU A 424 -43.62 -73.23 44.31
CA GLU A 424 -43.15 -74.56 43.94
C GLU A 424 -41.99 -74.48 42.97
N LEU A 425 -42.08 -73.59 41.97
CA LEU A 425 -40.97 -73.44 41.01
C LEU A 425 -39.74 -72.82 41.68
N ILE A 426 -39.94 -71.79 42.52
CA ILE A 426 -38.83 -71.20 43.26
C ILE A 426 -38.12 -72.25 44.09
N ASN A 427 -38.89 -73.12 44.77
CA ASN A 427 -38.27 -74.17 45.58
C ASN A 427 -37.48 -75.16 44.73
N LYS A 428 -37.95 -75.45 43.51
CA LYS A 428 -37.21 -76.32 42.61
C LYS A 428 -35.88 -75.69 42.21
N ILE A 429 -35.89 -74.37 41.99
CA ILE A 429 -34.64 -73.68 41.67
C ILE A 429 -33.69 -73.72 42.86
N LEU A 430 -34.20 -73.51 44.08
CA LEU A 430 -33.35 -73.57 45.26
C LEU A 430 -32.76 -74.96 45.46
N GLN A 431 -33.56 -75.99 45.18
CA GLN A 431 -33.05 -77.36 45.26
C GLN A 431 -31.95 -77.61 44.23
N SER A 432 -32.12 -77.09 43.01
CA SER A 432 -31.08 -77.18 42.00
C SER A 432 -29.83 -76.42 42.39
N SER A 433 -30.00 -75.30 43.11
CA SER A 433 -28.84 -74.57 43.61
C SER A 433 -28.03 -75.43 44.57
N LYS A 434 -28.72 -76.19 45.43
CA LYS A 434 -28.04 -77.07 46.37
C LYS A 434 -27.28 -78.19 45.65
N THR A 435 -27.89 -78.82 44.63
CA THR A 435 -27.21 -79.95 44.01
C THR A 435 -26.19 -79.52 42.95
N SER A 436 -26.32 -78.31 42.41
CA SER A 436 -25.28 -77.82 41.49
C SER A 436 -24.13 -77.13 42.20
N ASN A 437 -24.34 -76.76 43.47
CA ASN A 437 -23.41 -75.97 44.28
C ASN A 437 -23.13 -74.60 43.69
N GLU A 438 -24.10 -74.06 42.93
CA GLU A 438 -24.14 -72.67 42.50
C GLU A 438 -25.15 -71.95 43.36
N PRO A 439 -24.72 -71.11 44.30
CA PRO A 439 -25.67 -70.60 45.32
C PRO A 439 -26.62 -69.55 44.80
N VAL A 440 -27.87 -69.68 45.23
CA VAL A 440 -28.96 -68.76 44.89
C VAL A 440 -29.74 -68.47 46.17
N TRP A 441 -30.29 -67.27 46.28
CA TRP A 441 -31.11 -66.87 47.43
C TRP A 441 -32.43 -66.30 46.96
N TRP A 442 -33.51 -66.73 47.59
CA TRP A 442 -34.84 -66.26 47.23
C TRP A 442 -35.06 -64.82 47.70
N LEU A 443 -35.44 -63.95 46.76
CA LEU A 443 -35.74 -62.56 47.08
C LEU A 443 -37.19 -62.26 46.72
N PRO A 444 -37.82 -61.32 47.40
CA PRO A 444 -39.26 -61.13 47.24
C PRO A 444 -39.64 -60.21 46.08
N ILE A 445 -40.80 -60.47 45.49
CA ILE A 445 -41.43 -59.52 44.59
C ILE A 445 -42.47 -58.75 45.42
N ILE A 446 -42.16 -57.51 45.74
CA ILE A 446 -42.93 -56.71 46.69
C ILE A 446 -43.98 -55.91 45.92
N ASN A 447 -45.24 -56.35 46.02
CA ASN A 447 -46.29 -55.76 45.17
C ASN A 447 -46.56 -54.30 45.50
N GLU A 448 -46.22 -53.84 46.71
CA GLU A 448 -46.43 -52.44 47.04
C GLU A 448 -45.69 -51.50 46.09
N TYR A 449 -44.60 -51.95 45.47
CA TYR A 449 -43.85 -51.06 44.58
C TYR A 449 -44.47 -50.96 43.20
N ARG A 450 -45.45 -51.79 42.87
CA ARG A 450 -45.98 -51.85 41.51
C ARG A 450 -46.57 -50.51 41.07
N ALA A 451 -47.21 -49.79 42.00
CA ALA A 451 -47.81 -48.51 41.63
C ALA A 451 -46.76 -47.53 41.14
N THR A 452 -45.48 -47.70 41.51
CA THR A 452 -44.48 -46.78 41.00
C THR A 452 -44.14 -47.04 39.54
N LEU A 453 -44.67 -48.11 38.93
CA LEU A 453 -44.54 -48.33 37.49
C LEU A 453 -45.73 -47.81 36.69
N ASN A 454 -46.69 -47.13 37.34
CA ASN A 454 -47.81 -46.54 36.61
C ASN A 454 -47.34 -45.34 35.79
N SER A 455 -47.66 -45.35 34.51
CA SER A 455 -47.25 -44.29 33.60
C SER A 455 -48.43 -43.36 33.37
N LYS A 456 -48.15 -42.06 33.25
CA LYS A 456 -49.21 -41.09 32.95
C LYS A 456 -49.79 -41.32 31.56
N TYR A 457 -48.97 -41.77 30.61
CA TYR A 457 -49.37 -41.89 29.21
C TYR A 457 -49.41 -43.31 28.67
N ALA A 458 -48.41 -44.15 28.98
CA ALA A 458 -48.35 -45.53 28.51
C ALA A 458 -49.06 -46.46 29.49
N ASP A 459 -49.21 -47.73 29.10
CA ASP A 459 -49.77 -48.70 30.04
C ASP A 459 -48.88 -48.86 31.26
N ILE A 460 -47.56 -48.77 31.08
CA ILE A 460 -46.63 -49.03 32.18
C ILE A 460 -45.33 -48.27 31.94
N ASN A 461 -44.67 -47.89 33.04
CA ASN A 461 -43.30 -47.39 33.00
C ASN A 461 -42.31 -48.54 32.95
N GLN A 462 -41.22 -48.33 32.23
CA GLN A 462 -40.10 -49.26 32.24
C GLN A 462 -39.39 -49.27 33.60
N ILE A 463 -39.24 -48.11 34.25
CA ILE A 463 -38.50 -47.98 35.50
C ILE A 463 -39.36 -47.30 36.53
N SER A 464 -38.95 -47.42 37.78
CA SER A 464 -39.70 -46.87 38.90
C SER A 464 -39.49 -45.36 39.04
N SER A 465 -40.54 -44.68 39.49
CA SER A 465 -40.45 -43.25 39.77
C SER A 465 -39.74 -42.95 41.09
N SER A 466 -39.81 -43.84 42.08
CA SER A 466 -39.28 -43.53 43.42
C SER A 466 -38.38 -44.61 44.02
N VAL A 467 -38.62 -45.89 43.70
CA VAL A 467 -38.03 -47.02 44.43
C VAL A 467 -36.64 -47.34 43.88
N LYS A 468 -35.65 -47.39 44.77
CA LYS A 468 -34.28 -47.71 44.39
C LYS A 468 -33.97 -49.21 44.41
N ALA A 469 -34.91 -50.03 44.89
CA ALA A 469 -34.76 -51.49 44.92
C ALA A 469 -34.99 -52.03 43.50
N SER A 470 -34.01 -51.81 42.63
CA SER A 470 -34.25 -52.01 41.19
C SER A 470 -34.41 -53.49 40.83
N SER A 471 -33.72 -54.39 41.53
CA SER A 471 -33.88 -55.81 41.21
C SER A 471 -35.32 -56.25 41.45
N ILE A 472 -35.94 -55.71 42.50
CA ILE A 472 -37.34 -56.02 42.76
C ILE A 472 -38.25 -55.32 41.75
N VAL A 473 -37.98 -54.05 41.45
CA VAL A 473 -38.81 -53.33 40.48
C VAL A 473 -38.73 -54.02 39.11
N ALA A 474 -37.52 -54.41 38.70
CA ALA A 474 -37.37 -55.11 37.43
C ALA A 474 -38.20 -56.39 37.39
N SER A 475 -38.24 -57.13 38.49
CA SER A 475 -39.04 -58.35 38.57
C SER A 475 -40.54 -58.07 38.47
N LEU A 476 -41.00 -56.99 39.11
CA LEU A 476 -42.41 -56.59 38.96
C LEU A 476 -42.74 -56.27 37.51
N PHE A 477 -41.83 -55.58 36.82
CA PHE A 477 -42.03 -55.28 35.41
C PHE A 477 -42.13 -56.56 34.58
N LEU A 478 -41.16 -57.46 34.75
CA LEU A 478 -41.17 -58.72 33.99
C LEU A 478 -42.43 -59.53 34.28
N LYS A 479 -42.89 -59.52 35.53
CA LYS A 479 -44.08 -60.28 35.90
C LYS A 479 -45.30 -59.89 35.07
N GLU A 480 -45.35 -58.65 34.60
CA GLU A 480 -46.45 -58.17 33.78
C GLU A 480 -46.51 -58.84 32.42
N PHE A 481 -45.48 -59.59 32.06
CA PHE A 481 -45.43 -60.23 30.75
C PHE A 481 -45.57 -61.74 30.82
N VAL A 482 -45.95 -62.28 31.98
CA VAL A 482 -46.27 -63.70 32.16
C VAL A 482 -47.67 -63.75 32.79
N GLN A 483 -48.64 -64.29 32.05
CA GLN A 483 -50.02 -64.17 32.52
C GLN A 483 -50.47 -65.34 33.38
N ASN A 484 -50.16 -66.58 33.00
CA ASN A 484 -50.75 -67.70 33.73
C ASN A 484 -49.81 -68.91 33.67
N THR A 485 -48.50 -68.67 33.79
CA THR A 485 -47.53 -69.76 33.78
C THR A 485 -46.57 -69.56 34.95
N ALA A 486 -46.20 -70.66 35.62
CA ALA A 486 -45.22 -70.57 36.68
C ALA A 486 -43.89 -70.05 36.13
N TRP A 487 -43.33 -69.04 36.78
CA TRP A 487 -42.18 -68.33 36.24
C TRP A 487 -41.22 -67.95 37.35
N ALA A 488 -39.93 -68.07 37.06
CA ALA A 488 -38.90 -67.62 37.99
C ALA A 488 -37.84 -66.87 37.20
N HIS A 489 -37.17 -65.95 37.90
CA HIS A 489 -36.25 -64.98 37.33
C HIS A 489 -34.99 -64.97 38.18
N ILE A 490 -33.84 -65.27 37.57
CA ILE A 490 -32.57 -65.37 38.29
C ILE A 490 -31.67 -64.21 37.84
N ASP A 491 -31.41 -63.28 38.76
CA ASP A 491 -30.62 -62.10 38.45
C ASP A 491 -29.18 -62.42 38.80
N ILE A 492 -28.33 -62.56 37.77
CA ILE A 492 -26.94 -62.97 37.94
C ILE A 492 -25.98 -61.80 37.71
N ALA A 493 -26.47 -60.56 37.78
CA ALA A 493 -25.59 -59.42 37.54
C ALA A 493 -24.40 -59.39 38.51
N GLY A 494 -24.58 -59.86 39.75
CA GLY A 494 -23.47 -59.80 40.69
C GLY A 494 -22.52 -60.97 40.63
N VAL A 495 -22.98 -62.12 40.13
CA VAL A 495 -22.22 -63.36 40.23
C VAL A 495 -21.59 -63.76 38.91
N SER A 496 -21.83 -63.01 37.84
CA SER A 496 -21.42 -63.51 36.53
C SER A 496 -19.91 -63.41 36.32
N TRP A 497 -19.28 -62.36 36.82
CA TRP A 497 -17.89 -62.05 36.54
C TRP A 497 -17.00 -62.27 37.77
N ASN A 498 -15.89 -62.98 37.60
CA ASN A 498 -14.92 -63.16 38.67
C ASN A 498 -13.93 -62.00 38.61
N PHE A 499 -14.13 -61.00 39.47
CA PHE A 499 -13.31 -59.79 39.42
C PHE A 499 -11.88 -60.05 39.85
N LYS A 500 -11.65 -60.92 40.83
CA LYS A 500 -10.30 -61.20 41.28
C LYS A 500 -9.49 -61.83 40.16
N ALA A 501 -10.07 -62.82 39.47
CA ALA A 501 -9.34 -63.53 38.42
C ALA A 501 -9.52 -62.92 37.02
N ARG A 502 -10.38 -61.90 36.87
CA ARG A 502 -10.61 -61.19 35.59
C ARG A 502 -11.13 -62.13 34.50
N LYS A 503 -12.13 -62.93 34.83
CA LYS A 503 -12.64 -63.89 33.86
C LYS A 503 -14.09 -64.22 34.23
N PRO A 504 -14.86 -64.80 33.30
CA PRO A 504 -16.23 -65.19 33.64
C PRO A 504 -16.25 -66.39 34.57
N LYS A 505 -17.41 -66.59 35.20
CA LYS A 505 -17.67 -67.80 35.96
C LYS A 505 -18.46 -68.85 35.18
N GLY A 506 -19.11 -68.47 34.09
CA GLY A 506 -20.09 -69.38 33.49
C GLY A 506 -21.22 -69.72 34.44
N PHE A 507 -21.61 -68.78 35.29
CA PHE A 507 -22.62 -69.06 36.32
C PHE A 507 -23.96 -69.39 35.70
N GLY A 508 -24.58 -70.45 36.22
CA GLY A 508 -25.93 -70.79 35.87
C GLY A 508 -26.05 -72.03 35.00
N VAL A 509 -24.98 -72.41 34.29
CA VAL A 509 -25.08 -73.58 33.43
C VAL A 509 -25.49 -74.82 34.23
N ARG A 510 -24.79 -75.06 35.34
CA ARG A 510 -25.02 -76.28 36.12
C ARG A 510 -26.31 -76.18 36.94
N LEU A 511 -26.61 -75.00 37.46
CA LEU A 511 -27.89 -74.76 38.11
C LEU A 511 -29.05 -75.13 37.21
N LEU A 512 -29.05 -74.60 35.99
CA LEU A 512 -30.15 -74.83 35.07
C LEU A 512 -30.22 -76.29 34.62
N THR A 513 -29.05 -76.92 34.39
CA THR A 513 -29.04 -78.32 33.97
C THR A 513 -29.54 -79.22 35.09
N GLU A 514 -29.10 -78.99 36.33
CA GLU A 514 -29.63 -79.75 37.45
C GLU A 514 -31.15 -79.57 37.55
N PHE A 515 -31.64 -78.36 37.30
CA PHE A 515 -33.08 -78.11 37.31
C PHE A 515 -33.79 -78.97 36.27
N VAL A 516 -33.27 -78.99 35.04
CA VAL A 516 -33.87 -79.81 33.99
C VAL A 516 -33.78 -81.28 34.36
N LEU A 517 -32.62 -81.73 34.85
CA LEU A 517 -32.39 -83.15 35.12
C LEU A 517 -33.21 -83.63 36.31
N ASN A 518 -33.34 -82.81 37.35
CA ASN A 518 -34.02 -83.26 38.57
C ASN A 518 -35.52 -83.28 38.38
N ASP A 519 -36.00 -82.76 37.25
CA ASP A 519 -37.40 -82.75 36.90
C ASP A 519 -37.70 -83.92 35.95
N ALA B 1 -47.62 -34.80 4.22
CA ALA B 1 -46.71 -33.97 3.45
C ALA B 1 -45.39 -34.67 3.11
N SER B 2 -44.63 -35.14 4.11
CA SER B 2 -43.41 -35.89 3.84
C SER B 2 -43.45 -37.24 4.55
N GLU B 3 -42.76 -38.23 3.97
CA GLU B 3 -42.77 -39.57 4.55
C GLU B 3 -41.85 -39.59 5.76
N VAL B 4 -42.34 -40.14 6.87
CA VAL B 4 -41.54 -40.26 8.09
C VAL B 4 -40.59 -41.44 7.96
N PRO B 5 -39.29 -41.25 8.07
CA PRO B 5 -38.37 -42.40 8.01
C PRO B 5 -38.52 -43.29 9.22
N GLN B 6 -38.31 -44.59 9.00
CA GLN B 6 -38.44 -45.61 10.04
C GLN B 6 -37.17 -46.43 10.12
N VAL B 7 -36.82 -46.87 11.33
CA VAL B 7 -35.74 -47.85 11.46
C VAL B 7 -36.29 -49.27 11.37
N VAL B 8 -37.37 -49.55 12.09
CA VAL B 8 -38.08 -50.81 12.00
C VAL B 8 -39.51 -50.48 11.63
N SER B 9 -40.22 -51.49 11.13
CA SER B 9 -41.59 -51.26 10.66
C SER B 9 -42.54 -50.91 11.79
N LEU B 10 -42.15 -51.17 13.04
CA LEU B 10 -42.97 -50.82 14.18
C LEU B 10 -42.84 -49.36 14.60
N ASP B 11 -41.91 -48.60 14.02
CA ASP B 11 -41.79 -47.19 14.38
C ASP B 11 -42.99 -46.41 13.87
N PRO B 12 -43.60 -45.55 14.69
CA PRO B 12 -44.78 -44.80 14.24
C PRO B 12 -44.43 -43.77 13.17
N THR B 13 -45.39 -43.47 12.29
CA THR B 13 -45.18 -42.51 11.21
C THR B 13 -46.10 -41.30 11.31
N SER B 14 -46.80 -41.12 12.41
CA SER B 14 -47.54 -39.88 12.62
C SER B 14 -47.79 -39.73 14.10
N ILE B 15 -48.06 -38.48 14.51
CA ILE B 15 -48.46 -38.20 15.88
C ILE B 15 -49.97 -38.43 15.99
N PRO B 16 -50.46 -39.28 16.91
CA PRO B 16 -51.92 -39.34 17.11
C PRO B 16 -52.41 -38.02 17.70
N ILE B 17 -53.48 -37.48 17.13
CA ILE B 17 -54.02 -36.21 17.62
C ILE B 17 -55.53 -36.35 17.72
N GLU B 18 -56.06 -35.97 18.86
CA GLU B 18 -57.51 -35.92 19.06
C GLU B 18 -57.97 -34.47 18.87
N TYR B 19 -58.82 -34.25 17.87
CA TYR B 19 -59.40 -32.93 17.62
C TYR B 19 -60.76 -32.75 18.29
N ASN B 20 -61.67 -33.71 18.13
CA ASN B 20 -62.92 -33.67 18.90
C ASN B 20 -62.73 -34.37 20.23
N THR B 21 -62.58 -33.62 21.26
CA THR B 21 -62.38 -34.18 22.58
C THR B 21 -63.72 -34.30 23.29
N PRO B 22 -63.80 -35.13 24.33
CA PRO B 22 -65.05 -35.17 25.11
C PRO B 22 -65.46 -33.81 25.67
N ILE B 23 -64.50 -32.91 25.92
CA ILE B 23 -64.85 -31.57 26.37
C ILE B 23 -65.73 -30.88 25.34
N HIS B 24 -65.47 -31.12 24.06
CA HIS B 24 -66.24 -30.48 23.01
C HIS B 24 -67.69 -30.93 22.98
N ASP B 25 -68.01 -32.09 23.57
CA ASP B 25 -69.37 -32.60 23.60
C ASP B 25 -70.15 -32.07 24.79
N ILE B 26 -69.53 -31.27 25.65
CA ILE B 26 -70.23 -30.73 26.81
C ILE B 26 -71.04 -29.52 26.34
N LYS B 27 -72.35 -29.57 26.54
CA LYS B 27 -73.19 -28.44 26.23
C LYS B 27 -73.20 -27.53 27.45
N VAL B 28 -72.78 -26.27 27.25
CA VAL B 28 -72.64 -25.31 28.34
C VAL B 28 -73.78 -24.31 28.23
N GLN B 29 -74.41 -24.01 29.36
CA GLN B 29 -75.47 -23.02 29.47
C GLN B 29 -75.14 -22.12 30.65
N VAL B 30 -75.26 -20.81 30.45
CA VAL B 30 -75.01 -19.81 31.49
C VAL B 30 -76.34 -19.13 31.81
N TYR B 31 -76.70 -19.10 33.09
CA TYR B 31 -77.95 -18.54 33.55
C TYR B 31 -77.67 -17.40 34.50
N ASP B 32 -78.57 -16.42 34.55
CA ASP B 32 -78.37 -15.37 35.52
C ASP B 32 -78.81 -15.87 36.89
N ILE B 33 -77.97 -15.61 37.89
CA ILE B 33 -78.19 -16.10 39.25
C ILE B 33 -79.39 -15.42 39.89
N LYS B 34 -79.79 -14.23 39.38
CA LYS B 34 -80.91 -13.51 39.98
C LYS B 34 -82.20 -14.31 39.87
N GLY B 35 -82.32 -15.14 38.84
CA GLY B 35 -83.51 -15.95 38.68
C GLY B 35 -83.59 -17.16 39.58
N GLY B 36 -82.59 -17.39 40.43
CA GLY B 36 -82.57 -18.55 41.28
C GLY B 36 -82.01 -19.78 40.57
N CYS B 37 -81.56 -20.75 41.36
CA CYS B 37 -80.91 -21.95 40.83
C CYS B 37 -81.88 -23.12 40.86
N ASN B 38 -82.01 -23.82 39.74
CA ASN B 38 -82.74 -25.08 39.70
C ASN B 38 -81.77 -26.23 39.97
N VAL B 39 -82.15 -27.11 40.90
CA VAL B 39 -81.31 -28.23 41.33
C VAL B 39 -82.05 -29.55 41.07
N GLU B 40 -81.95 -30.05 39.84
CA GLU B 40 -82.73 -31.20 39.39
C GLU B 40 -81.93 -32.49 39.26
N GLU B 41 -80.76 -32.46 38.62
CA GLU B 41 -80.01 -33.67 38.33
C GLU B 41 -78.52 -33.42 38.50
N GLY B 42 -77.76 -34.52 38.60
CA GLY B 42 -76.31 -34.41 38.53
C GLY B 42 -75.72 -33.87 39.82
N LEU B 43 -74.65 -33.10 39.67
CA LEU B 43 -73.92 -32.49 40.78
C LEU B 43 -74.01 -30.96 40.68
N THR B 44 -74.37 -30.30 41.77
CA THR B 44 -74.46 -28.84 41.82
C THR B 44 -73.47 -28.35 42.86
N ILE B 45 -72.53 -27.50 42.44
CA ILE B 45 -71.43 -27.05 43.29
C ILE B 45 -71.48 -25.53 43.42
N PHE B 46 -71.46 -25.05 44.67
CA PHE B 46 -71.41 -23.62 44.96
C PHE B 46 -69.96 -23.21 45.20
N LEU B 47 -69.52 -22.17 44.50
CA LEU B 47 -68.22 -21.55 44.71
C LEU B 47 -68.42 -20.45 45.73
N VAL B 48 -67.90 -20.75 46.93
CA VAL B 48 -68.19 -19.90 48.10
C VAL B 48 -66.94 -19.50 48.89
N ASN B 49 -66.93 -18.27 49.36
CA ASN B 49 -65.87 -17.64 50.18
C ASN B 49 -66.53 -17.00 51.37
N ASN B 50 -65.69 -16.36 52.16
CA ASN B 50 -66.12 -15.58 53.29
C ASN B 50 -65.11 -14.44 53.44
N PRO B 51 -65.36 -13.32 52.79
CA PRO B 51 -64.34 -12.26 52.73
C PRO B 51 -64.00 -11.74 54.12
N GLY B 52 -62.69 -11.62 54.39
CA GLY B 52 -62.18 -11.14 55.65
C GLY B 52 -62.28 -12.09 56.83
N LYS B 53 -62.91 -13.24 56.70
CA LYS B 53 -63.06 -14.18 57.80
C LYS B 53 -62.18 -15.37 57.50
N GLU B 54 -61.00 -15.39 58.14
CA GLU B 54 -59.93 -16.39 58.02
C GLU B 54 -60.39 -17.71 57.44
N ASN B 55 -61.10 -18.49 58.26
CA ASN B 55 -61.59 -19.82 57.94
C ASN B 55 -63.06 -19.87 58.24
N GLY B 56 -63.78 -18.81 57.87
CA GLY B 56 -65.15 -18.64 58.29
C GLY B 56 -66.10 -19.63 57.68
N PRO B 57 -67.36 -19.58 58.13
CA PRO B 57 -68.34 -20.59 57.75
C PRO B 57 -68.80 -20.45 56.31
N VAL B 58 -69.32 -21.56 55.79
CA VAL B 58 -69.98 -21.54 54.50
C VAL B 58 -71.34 -20.88 54.69
N LYS B 59 -71.63 -19.88 53.87
CA LYS B 59 -72.95 -19.25 53.85
C LYS B 59 -73.36 -19.04 52.40
N ILE B 60 -74.51 -19.59 52.04
CA ILE B 60 -75.00 -19.64 50.67
C ILE B 60 -75.87 -18.41 50.42
N SER B 61 -75.53 -17.63 49.41
CA SER B 61 -76.27 -16.40 49.12
C SER B 61 -77.36 -16.56 48.07
N SER B 62 -77.18 -17.46 47.09
CA SER B 62 -78.11 -17.53 45.96
C SER B 62 -79.46 -18.08 46.38
N LYS B 63 -80.50 -17.63 45.67
CA LYS B 63 -81.81 -18.25 45.78
C LYS B 63 -81.79 -19.62 45.11
N VAL B 64 -82.42 -20.59 45.75
CA VAL B 64 -82.53 -21.93 45.18
C VAL B 64 -84.00 -22.23 44.98
N ASN B 65 -84.37 -22.59 43.75
CA ASN B 65 -85.79 -22.76 43.41
C ASN B 65 -86.28 -24.16 43.76
N ASP B 66 -85.96 -24.57 44.99
CA ASP B 66 -86.40 -25.84 45.53
C ASP B 66 -86.48 -25.72 47.05
N LYS B 67 -87.63 -26.10 47.62
CA LYS B 67 -87.82 -25.93 49.07
C LYS B 67 -86.94 -26.90 49.86
N GLN B 68 -86.78 -28.12 49.36
CA GLN B 68 -85.98 -29.13 50.05
C GLN B 68 -84.49 -28.75 50.09
N VAL B 69 -83.94 -28.35 48.95
CA VAL B 69 -82.52 -28.01 48.94
C VAL B 69 -82.28 -26.74 49.75
N SER B 70 -83.22 -25.79 49.68
CA SER B 70 -83.09 -24.57 50.49
C SER B 70 -83.03 -24.90 51.97
N GLU B 71 -83.84 -25.86 52.42
CA GLU B 71 -83.79 -26.25 53.83
C GLU B 71 -82.44 -26.86 54.18
N PHE B 72 -81.92 -27.75 53.32
CA PHE B 72 -80.60 -28.34 53.57
C PHE B 72 -79.52 -27.28 53.62
N LEU B 73 -79.59 -26.27 52.74
CA LEU B 73 -78.55 -25.26 52.63
C LEU B 73 -78.72 -24.10 53.62
N LYS B 74 -79.62 -24.24 54.60
CA LYS B 74 -79.78 -23.19 55.60
C LYS B 74 -78.48 -22.98 56.37
N ASP B 75 -78.31 -21.76 56.89
CA ASP B 75 -77.08 -21.35 57.57
C ASP B 75 -76.72 -22.30 58.72
N GLU B 76 -77.73 -22.77 59.46
CA GLU B 76 -77.46 -23.63 60.61
C GLU B 76 -76.77 -24.91 60.18
N ASN B 77 -77.17 -25.49 59.05
CA ASN B 77 -76.60 -26.76 58.62
C ASN B 77 -75.25 -26.59 57.92
N MET B 78 -74.92 -25.38 57.49
CA MET B 78 -73.69 -25.12 56.76
C MET B 78 -72.57 -24.61 57.65
N GLU B 79 -72.88 -24.16 58.86
CA GLU B 79 -71.90 -23.53 59.74
C GLU B 79 -70.81 -24.48 60.22
N LYS B 80 -71.04 -25.80 60.13
CA LYS B 80 -69.98 -26.76 60.44
C LYS B 80 -68.90 -26.80 59.37
N PHE B 81 -69.13 -26.19 58.20
CA PHE B 81 -68.18 -26.22 57.10
C PHE B 81 -67.55 -24.84 56.92
N ASN B 82 -66.32 -24.84 56.42
CA ASN B 82 -65.60 -23.58 56.25
C ASN B 82 -65.12 -23.44 54.82
N VAL B 83 -64.68 -22.23 54.48
CA VAL B 83 -64.43 -21.83 53.10
C VAL B 83 -62.96 -21.98 52.72
N LYS B 84 -62.19 -22.72 53.51
CA LYS B 84 -60.77 -22.86 53.26
C LYS B 84 -60.51 -23.23 51.80
N LEU B 85 -59.59 -22.51 51.17
CA LEU B 85 -59.33 -22.65 49.74
C LEU B 85 -59.05 -24.10 49.37
N GLY B 86 -59.85 -24.62 48.43
CA GLY B 86 -59.68 -25.98 47.95
C GLY B 86 -60.47 -27.03 48.70
N THR B 87 -60.98 -26.73 49.88
CA THR B 87 -61.81 -27.70 50.59
C THR B 87 -63.13 -27.86 49.86
N SER B 88 -63.72 -29.06 49.98
CA SER B 88 -64.97 -29.36 49.31
C SER B 88 -65.76 -30.35 50.16
N LYS B 89 -67.09 -30.33 49.95
CA LYS B 89 -68.01 -31.25 50.57
C LYS B 89 -69.07 -31.68 49.57
N HIS B 90 -69.63 -32.88 49.78
CA HIS B 90 -70.73 -33.42 48.99
C HIS B 90 -71.93 -33.61 49.88
N PHE B 91 -73.13 -33.30 49.34
CA PHE B 91 -74.39 -33.47 50.05
C PHE B 91 -75.33 -34.28 49.16
N TYR B 92 -76.12 -35.16 49.78
CA TYR B 92 -77.14 -35.94 49.11
C TYR B 92 -78.52 -35.60 49.68
N MET B 93 -79.53 -35.46 48.82
CA MET B 93 -80.88 -35.12 49.29
C MET B 93 -81.91 -35.37 48.20
N PHE B 94 -83.18 -35.33 48.60
CA PHE B 94 -84.30 -35.40 47.68
C PHE B 94 -84.89 -34.02 47.47
N ASN B 95 -85.17 -33.69 46.21
CA ASN B 95 -85.72 -32.36 45.91
C ASN B 95 -87.25 -32.37 46.00
N ASP B 96 -87.88 -31.27 45.55
CA ASP B 96 -89.33 -31.18 45.61
C ASP B 96 -89.99 -32.17 44.66
N ASN B 97 -89.29 -32.64 43.62
CA ASN B 97 -89.84 -33.63 42.72
C ASN B 97 -89.53 -35.04 43.19
N LYS B 98 -89.05 -35.19 44.42
CA LYS B 98 -88.74 -36.48 45.02
C LYS B 98 -87.67 -37.23 44.22
N ASN B 99 -86.81 -36.50 43.52
CA ASN B 99 -85.64 -37.09 42.87
C ASN B 99 -84.41 -36.79 43.70
N SER B 100 -83.51 -37.77 43.76
CA SER B 100 -82.26 -37.59 44.48
C SER B 100 -81.34 -36.67 43.68
N VAL B 101 -80.75 -35.68 44.38
CA VAL B 101 -79.80 -34.78 43.76
C VAL B 101 -78.55 -34.74 44.63
N ALA B 102 -77.43 -34.37 44.00
CA ALA B 102 -76.18 -34.18 44.71
C ALA B 102 -75.81 -32.70 44.63
N VAL B 103 -75.36 -32.16 45.77
CA VAL B 103 -75.02 -30.76 45.95
C VAL B 103 -73.74 -30.70 46.77
N GLY B 104 -72.97 -29.64 46.59
CA GLY B 104 -71.76 -29.48 47.39
C GLY B 104 -71.20 -28.08 47.24
N TYR B 105 -69.98 -27.88 47.72
CA TYR B 105 -69.33 -26.58 47.62
C TYR B 105 -67.82 -26.77 47.50
N VAL B 106 -67.16 -25.76 46.96
CA VAL B 106 -65.71 -25.67 46.98
C VAL B 106 -65.35 -24.33 47.60
N GLY B 107 -64.49 -24.36 48.60
CA GLY B 107 -64.10 -23.15 49.30
C GLY B 107 -63.13 -22.31 48.48
N CYS B 108 -63.40 -21.01 48.42
CA CYS B 108 -62.54 -20.08 47.69
C CYS B 108 -61.83 -19.10 48.63
N GLY B 109 -61.72 -19.47 49.92
CA GLY B 109 -60.94 -18.71 50.88
C GLY B 109 -61.66 -17.47 51.41
N SER B 110 -60.85 -16.53 51.90
CA SER B 110 -61.37 -15.34 52.55
C SER B 110 -60.84 -14.05 51.94
N VAL B 111 -60.08 -14.14 50.86
CA VAL B 111 -59.48 -13.01 50.18
C VAL B 111 -60.25 -12.83 48.88
N ALA B 112 -61.16 -11.86 48.87
CA ALA B 112 -62.09 -11.56 47.78
C ALA B 112 -61.56 -11.76 46.35
N ASP B 113 -60.30 -11.43 46.07
CA ASP B 113 -59.75 -11.48 44.71
C ASP B 113 -58.76 -12.65 44.58
N LEU B 114 -59.13 -13.65 43.78
CA LEU B 114 -58.31 -14.85 43.58
C LEU B 114 -57.24 -14.65 42.51
N SER B 115 -56.03 -15.13 42.81
CA SER B 115 -54.99 -15.17 41.79
C SER B 115 -55.22 -16.35 40.84
N GLU B 116 -54.44 -16.39 39.75
CA GLU B 116 -54.52 -17.54 38.85
C GLU B 116 -54.19 -18.83 39.59
N ALA B 117 -53.19 -18.78 40.49
CA ALA B 117 -52.84 -19.97 41.27
C ALA B 117 -53.98 -20.38 42.19
N ASP B 118 -54.66 -19.41 42.80
CA ASP B 118 -55.82 -19.71 43.65
C ASP B 118 -56.94 -20.36 42.85
N MET B 119 -57.23 -19.82 41.67
CA MET B 119 -58.33 -20.35 40.88
C MET B 119 -58.01 -21.76 40.42
N LYS B 120 -56.73 -22.05 40.16
CA LYS B 120 -56.31 -23.40 39.79
C LYS B 120 -56.61 -24.39 40.90
N ARG B 121 -56.33 -24.01 42.15
CA ARG B 121 -56.64 -24.91 43.27
C ARG B 121 -58.14 -25.17 43.35
N VAL B 122 -58.97 -24.14 43.14
CA VAL B 122 -60.41 -24.32 43.15
C VAL B 122 -60.83 -25.31 42.07
N VAL B 123 -60.31 -25.11 40.85
CA VAL B 123 -60.68 -25.97 39.74
C VAL B 123 -60.22 -27.41 40.00
N LEU B 124 -59.02 -27.57 40.56
CA LEU B 124 -58.50 -28.92 40.83
C LEU B 124 -59.39 -29.67 41.81
N SER B 125 -59.89 -28.99 42.86
CA SER B 125 -60.83 -29.64 43.76
C SER B 125 -62.14 -29.99 43.05
N LEU B 126 -62.62 -29.09 42.18
CA LEU B 126 -63.80 -29.41 41.39
C LEU B 126 -63.58 -30.68 40.57
N VAL B 127 -62.41 -30.81 39.93
CA VAL B 127 -62.15 -31.95 39.07
C VAL B 127 -62.12 -33.25 39.87
N THR B 128 -61.61 -33.22 41.11
CA THR B 128 -61.64 -34.44 41.94
C THR B 128 -63.07 -34.91 42.18
N MET B 129 -64.03 -33.99 42.29
CA MET B 129 -65.43 -34.38 42.43
C MET B 129 -65.98 -34.98 41.13
N LEU B 130 -65.46 -34.58 39.96
CA LEU B 130 -65.92 -35.17 38.70
C LEU B 130 -65.34 -36.56 38.48
N HIS B 131 -64.13 -36.82 38.95
CA HIS B 131 -63.52 -38.13 38.79
C HIS B 131 -64.15 -39.13 39.75
N ASP B 132 -64.25 -40.38 39.31
CA ASP B 132 -64.79 -41.47 40.15
C ASP B 132 -66.23 -41.19 40.55
N ASN B 133 -66.94 -40.40 39.74
CA ASN B 133 -68.36 -40.19 39.93
C ASN B 133 -68.99 -40.07 38.55
N LYS B 134 -69.83 -41.04 38.20
CA LYS B 134 -70.48 -41.10 36.89
C LYS B 134 -71.67 -40.15 36.90
N LEU B 135 -71.40 -38.89 36.56
CA LEU B 135 -72.41 -37.83 36.53
C LEU B 135 -72.71 -37.42 35.10
N SER B 136 -73.97 -37.09 34.81
CA SER B 136 -74.38 -36.66 33.46
C SER B 136 -74.22 -35.14 33.34
N LYS B 137 -74.32 -34.43 34.46
CA LYS B 137 -74.29 -32.96 34.39
C LYS B 137 -73.62 -32.32 35.61
N LEU B 138 -72.89 -31.24 35.38
CA LEU B 138 -72.33 -30.48 36.52
C LEU B 138 -72.90 -29.06 36.47
N THR B 139 -73.30 -28.54 37.61
CA THR B 139 -73.74 -27.17 37.71
C THR B 139 -72.84 -26.42 38.70
N VAL B 140 -72.34 -25.28 38.28
CA VAL B 140 -71.45 -24.45 39.10
C VAL B 140 -72.15 -23.13 39.34
N VAL B 141 -72.30 -22.76 40.61
CA VAL B 141 -72.97 -21.53 41.03
C VAL B 141 -71.90 -20.61 41.60
N PHE B 142 -71.66 -19.48 40.93
CA PHE B 142 -70.62 -18.55 41.36
C PHE B 142 -71.16 -17.64 42.45
N GLU B 143 -70.80 -17.91 43.71
CA GLU B 143 -71.03 -16.99 44.82
C GLU B 143 -69.76 -16.25 45.19
N ILE B 144 -68.87 -16.08 44.21
CA ILE B 144 -67.65 -15.29 44.34
C ILE B 144 -67.65 -14.38 43.13
N ASN B 145 -66.89 -13.30 43.21
CA ASN B 145 -66.87 -12.31 42.16
C ASN B 145 -65.64 -12.52 41.29
N VAL B 146 -65.84 -12.67 39.99
CA VAL B 146 -64.74 -12.88 39.06
C VAL B 146 -64.93 -11.95 37.86
N ASP B 147 -63.84 -11.41 37.34
CA ASP B 147 -63.99 -10.62 36.13
C ASP B 147 -64.06 -11.55 34.91
N LYS B 148 -64.27 -10.97 33.73
CA LYS B 148 -64.50 -11.79 32.54
C LYS B 148 -63.29 -12.68 32.24
N ASN B 149 -62.08 -12.13 32.34
CA ASN B 149 -60.89 -12.92 32.05
C ASN B 149 -60.76 -14.06 33.05
N LEU B 150 -61.10 -13.81 34.32
CA LEU B 150 -60.97 -14.87 35.32
C LEU B 150 -62.07 -15.92 35.16
N PHE B 151 -63.28 -15.52 34.75
CA PHE B 151 -64.30 -16.52 34.44
C PHE B 151 -63.87 -17.41 33.28
N ARG B 152 -63.33 -16.81 32.22
CA ARG B 152 -62.84 -17.59 31.10
C ARG B 152 -61.70 -18.51 31.56
N PHE B 153 -60.80 -18.00 32.40
CA PHE B 153 -59.71 -18.81 32.93
C PHE B 153 -60.24 -20.00 33.72
N PHE B 154 -61.29 -19.80 34.50
CA PHE B 154 -61.92 -20.91 35.21
C PHE B 154 -62.36 -22.00 34.26
N LEU B 155 -63.08 -21.63 33.19
CA LEU B 155 -63.56 -22.62 32.24
C LEU B 155 -62.42 -23.31 31.51
N GLU B 156 -61.45 -22.51 31.01
CA GLU B 156 -60.28 -23.06 30.31
C GLU B 156 -59.56 -24.06 31.18
N THR B 157 -59.34 -23.71 32.45
CA THR B 157 -58.60 -24.58 33.35
C THR B 157 -59.41 -25.82 33.68
N LEU B 158 -60.72 -25.64 33.93
CA LEU B 158 -61.61 -26.77 34.14
C LEU B 158 -61.54 -27.74 32.95
N PHE B 159 -61.70 -27.21 31.74
CA PHE B 159 -61.65 -28.05 30.54
C PHE B 159 -60.33 -28.79 30.45
N TYR B 160 -59.21 -28.06 30.60
CA TYR B 160 -57.89 -28.65 30.42
C TYR B 160 -57.59 -29.72 31.47
N GLU B 161 -57.92 -29.44 32.73
CA GLU B 161 -57.60 -30.38 33.80
C GLU B 161 -58.53 -31.60 33.75
N TYR B 162 -59.76 -31.41 33.27
CA TYR B 162 -60.72 -32.50 33.17
C TYR B 162 -60.32 -33.49 32.08
N MET B 163 -59.79 -32.99 30.98
CA MET B 163 -59.48 -33.85 29.85
C MET B 163 -58.31 -34.78 30.17
N THR B 164 -58.46 -36.06 29.87
CA THR B 164 -57.42 -37.06 30.13
C THR B 164 -56.91 -37.61 28.80
N ASP B 165 -55.59 -37.56 28.61
CA ASP B 165 -54.94 -37.96 27.37
C ASP B 165 -54.66 -39.46 27.40
N GLU B 166 -55.43 -40.22 26.64
CA GLU B 166 -55.30 -41.67 26.63
C GLU B 166 -54.76 -42.18 25.29
N ARG B 167 -54.14 -41.30 24.51
CA ARG B 167 -53.72 -41.69 23.17
C ARG B 167 -52.73 -42.84 23.20
N PHE B 168 -51.93 -42.96 24.26
CA PHE B 168 -50.87 -43.97 24.27
C PHE B 168 -51.18 -45.15 25.18
N LYS B 169 -52.39 -45.19 25.74
CA LYS B 169 -52.86 -46.36 26.48
C LYS B 169 -53.43 -47.38 25.51
N SER B 170 -53.18 -48.66 25.79
CA SER B 170 -53.81 -49.73 25.05
C SER B 170 -54.51 -50.68 26.01
N THR B 171 -53.74 -51.39 26.86
CA THR B 171 -54.32 -52.34 27.81
C THR B 171 -54.70 -51.71 29.15
N ASP B 172 -54.35 -50.44 29.40
CA ASP B 172 -54.57 -49.80 30.70
C ASP B 172 -55.47 -48.56 30.59
N LYS B 173 -56.43 -48.56 29.66
CA LYS B 173 -57.40 -47.47 29.63
C LYS B 173 -58.30 -47.51 30.86
N ASN B 174 -58.55 -46.32 31.43
CA ASN B 174 -59.47 -46.20 32.55
C ASN B 174 -60.86 -46.70 32.12
N VAL B 175 -61.24 -47.89 32.60
CA VAL B 175 -62.54 -48.47 32.25
C VAL B 175 -63.70 -47.65 32.81
N ASN B 176 -63.48 -46.84 33.86
CA ASN B 176 -64.55 -46.11 34.54
C ASN B 176 -64.62 -44.63 34.16
N MET B 177 -63.92 -44.19 33.12
CA MET B 177 -63.86 -42.76 32.82
C MET B 177 -65.09 -42.33 32.02
N GLU B 178 -65.95 -41.52 32.65
CA GLU B 178 -67.14 -40.95 32.04
C GLU B 178 -67.09 -39.43 32.15
N TYR B 179 -67.43 -38.74 31.07
CA TYR B 179 -67.48 -37.29 31.05
C TYR B 179 -68.91 -36.79 31.20
N ILE B 180 -69.09 -35.66 31.88
CA ILE B 180 -70.38 -35.01 31.89
C ILE B 180 -70.76 -34.63 30.46
N LYS B 181 -72.06 -34.55 30.20
CA LYS B 181 -72.57 -34.10 28.91
C LYS B 181 -73.13 -32.68 28.95
N HIS B 182 -73.28 -32.11 30.14
CA HIS B 182 -73.86 -30.77 30.29
C HIS B 182 -73.11 -30.04 31.39
N LEU B 183 -72.87 -28.75 31.17
CA LEU B 183 -72.31 -27.89 32.19
C LEU B 183 -73.25 -26.71 32.36
N GLY B 184 -73.78 -26.52 33.56
CA GLY B 184 -74.59 -25.36 33.90
C GLY B 184 -73.78 -24.42 34.77
N VAL B 185 -73.92 -23.11 34.51
CA VAL B 185 -73.21 -22.07 35.24
C VAL B 185 -74.22 -20.99 35.63
N TYR B 186 -74.28 -20.66 36.92
CA TYR B 186 -75.10 -19.58 37.43
C TYR B 186 -74.15 -18.48 37.89
N ILE B 187 -74.34 -17.27 37.36
CA ILE B 187 -73.44 -16.16 37.65
C ILE B 187 -74.21 -14.86 37.51
N ASN B 188 -73.78 -13.85 38.26
CA ASN B 188 -74.35 -12.51 38.15
C ASN B 188 -74.02 -11.87 36.80
N ASN B 189 -74.97 -11.13 36.26
CA ASN B 189 -74.79 -10.43 34.98
C ASN B 189 -74.35 -11.42 33.90
N ALA B 190 -75.09 -12.53 33.81
CA ALA B 190 -74.71 -13.66 32.98
C ALA B 190 -74.51 -13.26 31.53
N ASP B 191 -75.28 -12.27 31.05
CA ASP B 191 -75.19 -11.88 29.65
C ASP B 191 -73.78 -11.42 29.28
N THR B 192 -73.08 -10.76 30.20
CA THR B 192 -71.73 -10.32 29.90
C THR B 192 -70.71 -11.46 29.92
N TYR B 193 -71.04 -12.60 30.57
CA TYR B 193 -70.08 -13.71 30.65
C TYR B 193 -70.29 -14.76 29.56
N LYS B 194 -71.42 -14.73 28.87
CA LYS B 194 -71.73 -15.77 27.89
C LYS B 194 -70.71 -15.79 26.76
N GLU B 195 -70.17 -14.63 26.38
CA GLU B 195 -69.22 -14.59 25.29
C GLU B 195 -67.90 -15.28 25.63
N GLU B 196 -67.61 -15.46 26.92
CA GLU B 196 -66.37 -16.11 27.33
C GLU B 196 -66.41 -17.62 27.14
N VAL B 197 -67.60 -18.20 27.00
CA VAL B 197 -67.69 -19.66 26.97
C VAL B 197 -66.99 -20.21 25.74
N GLU B 198 -67.35 -19.71 24.55
CA GLU B 198 -66.73 -20.30 23.38
C GLU B 198 -65.30 -19.84 23.20
N LYS B 199 -64.95 -18.64 23.69
CA LYS B 199 -63.54 -18.27 23.72
C LYS B 199 -62.75 -19.23 24.62
N ALA B 200 -63.30 -19.56 25.80
CA ALA B 200 -62.63 -20.52 26.69
C ALA B 200 -62.48 -21.88 26.01
N ARG B 201 -63.48 -22.30 25.24
CA ARG B 201 -63.40 -23.59 24.57
C ARG B 201 -62.30 -23.60 23.51
N VAL B 202 -62.15 -22.48 22.80
CA VAL B 202 -61.08 -22.36 21.80
C VAL B 202 -59.72 -22.36 22.49
N TYR B 203 -59.58 -21.54 23.54
CA TYR B 203 -58.31 -21.49 24.27
C TYR B 203 -57.98 -22.83 24.90
N TYR B 204 -59.00 -23.53 25.44
CA TYR B 204 -58.77 -24.87 25.97
C TYR B 204 -58.16 -25.77 24.91
N PHE B 205 -58.74 -25.79 23.69
CA PHE B 205 -58.20 -26.74 22.73
C PHE B 205 -56.83 -26.32 22.23
N GLY B 206 -56.58 -25.02 22.06
CA GLY B 206 -55.24 -24.61 21.67
C GLY B 206 -54.21 -25.08 22.68
N THR B 207 -54.54 -24.96 23.98
CA THR B 207 -53.64 -25.40 25.04
C THR B 207 -53.52 -26.92 25.06
N TYR B 208 -54.66 -27.61 24.90
CA TYR B 208 -54.63 -29.06 24.89
C TYR B 208 -53.96 -29.61 23.63
N TYR B 209 -54.13 -28.93 22.50
CA TYR B 209 -53.40 -29.30 21.29
C TYR B 209 -51.89 -29.20 21.50
N ALA B 210 -51.44 -28.09 22.09
CA ALA B 210 -50.01 -27.95 22.41
C ALA B 210 -49.54 -29.07 23.32
N SER B 211 -50.34 -29.37 24.35
CA SER B 211 -50.03 -30.45 25.28
C SER B 211 -49.93 -31.79 24.56
N GLN B 212 -50.83 -32.04 23.60
CA GLN B 212 -50.77 -33.31 22.88
C GLN B 212 -49.48 -33.46 22.12
N LEU B 213 -49.02 -32.39 21.46
CA LEU B 213 -47.76 -32.47 20.73
C LEU B 213 -46.59 -32.65 21.69
N ILE B 214 -46.62 -31.93 22.82
CA ILE B 214 -45.51 -32.00 23.77
C ILE B 214 -45.43 -33.39 24.39
N ALA B 215 -46.57 -33.89 24.89
CA ALA B 215 -46.57 -35.17 25.58
C ALA B 215 -46.25 -36.34 24.63
N ALA B 216 -46.56 -36.20 23.35
CA ALA B 216 -46.22 -37.22 22.36
C ALA B 216 -44.70 -37.46 22.37
N PRO B 217 -44.24 -38.68 22.60
CA PRO B 217 -42.79 -38.92 22.71
C PRO B 217 -42.07 -38.72 21.39
N SER B 218 -40.73 -38.65 21.50
CA SER B 218 -39.91 -38.28 20.36
C SER B 218 -39.88 -39.32 19.25
N ASN B 219 -40.24 -40.59 19.51
CA ASN B 219 -40.39 -41.50 18.38
C ASN B 219 -41.68 -41.22 17.61
N TYR B 220 -42.73 -40.74 18.28
CA TYR B 220 -43.93 -40.35 17.56
C TYR B 220 -43.80 -38.95 16.96
N CYS B 221 -43.31 -38.00 17.76
CA CYS B 221 -43.22 -36.59 17.38
C CYS B 221 -41.77 -36.28 17.03
N ASN B 222 -41.46 -36.35 15.76
CA ASN B 222 -40.13 -36.09 15.24
C ASN B 222 -40.27 -34.94 14.25
N PRO B 223 -39.17 -34.41 13.69
CA PRO B 223 -39.30 -33.21 12.83
C PRO B 223 -40.23 -33.41 11.64
N VAL B 224 -40.30 -34.62 11.08
CA VAL B 224 -41.16 -34.87 9.93
C VAL B 224 -42.60 -34.99 10.37
N SER B 225 -42.87 -35.77 11.43
CA SER B 225 -44.25 -35.94 11.85
C SER B 225 -44.82 -34.65 12.44
N LEU B 226 -43.97 -33.84 13.10
CA LEU B 226 -44.46 -32.59 13.67
C LEU B 226 -44.78 -31.58 12.57
N SER B 227 -43.92 -31.47 11.55
CA SER B 227 -44.26 -30.57 10.45
C SER B 227 -45.46 -31.08 9.66
N ASN B 228 -45.62 -32.41 9.53
CA ASN B 228 -46.84 -32.95 8.92
C ASN B 228 -48.08 -32.57 9.74
N ALA B 229 -47.99 -32.66 11.07
CA ALA B 229 -49.13 -32.26 11.89
C ALA B 229 -49.44 -30.78 11.69
N ALA B 230 -48.40 -29.95 11.53
CA ALA B 230 -48.64 -28.52 11.30
C ALA B 230 -49.35 -28.27 9.97
N VAL B 231 -49.00 -29.03 8.92
CA VAL B 231 -49.69 -28.88 7.64
C VAL B 231 -51.16 -29.23 7.79
N GLU B 232 -51.44 -30.35 8.46
CA GLU B 232 -52.81 -30.79 8.65
C GLU B 232 -53.62 -29.74 9.42
N LEU B 233 -53.02 -29.14 10.45
CA LEU B 233 -53.69 -28.07 11.17
C LEU B 233 -53.97 -26.89 10.25
N ALA B 234 -52.97 -26.47 9.46
CA ALA B 234 -53.15 -25.35 8.54
C ALA B 234 -54.26 -25.62 7.53
N GLN B 235 -54.34 -26.86 7.03
CA GLN B 235 -55.37 -27.22 6.07
C GLN B 235 -56.75 -27.12 6.69
N LYS B 236 -56.92 -27.59 7.93
CA LYS B 236 -58.22 -27.52 8.57
C LYS B 236 -58.63 -26.08 8.87
N LEU B 237 -57.67 -25.20 9.08
CA LEU B 237 -57.96 -23.83 9.46
C LEU B 237 -57.94 -22.88 8.28
N ASN B 238 -57.62 -23.38 7.07
CA ASN B 238 -57.47 -22.56 5.88
C ASN B 238 -56.35 -21.52 6.02
N LEU B 239 -55.29 -21.87 6.75
CA LEU B 239 -54.11 -21.01 6.78
C LEU B 239 -53.22 -21.34 5.60
N GLU B 240 -52.50 -20.32 5.12
CA GLU B 240 -51.42 -20.58 4.17
C GLU B 240 -50.29 -21.31 4.90
N TYR B 241 -49.61 -22.22 4.20
CA TYR B 241 -48.55 -22.99 4.84
C TYR B 241 -47.45 -23.33 3.84
N LYS B 242 -46.24 -23.48 4.37
CA LYS B 242 -45.09 -23.89 3.61
C LYS B 242 -44.17 -24.59 4.59
N ILE B 243 -43.67 -25.78 4.22
CA ILE B 243 -42.64 -26.50 4.98
C ILE B 243 -41.37 -26.45 4.17
N LEU B 244 -40.32 -25.85 4.73
CA LEU B 244 -39.05 -25.77 4.03
C LEU B 244 -38.24 -27.01 4.38
N GLY B 245 -37.76 -27.70 3.33
CA GLY B 245 -36.90 -28.85 3.49
C GLY B 245 -35.43 -28.50 3.34
N VAL B 246 -34.60 -29.54 3.45
CA VAL B 246 -33.16 -29.34 3.57
C VAL B 246 -32.59 -28.59 2.37
N LYS B 247 -33.01 -28.95 1.15
CA LYS B 247 -32.44 -28.28 -0.01
C LYS B 247 -32.75 -26.79 -0.02
N GLU B 248 -33.98 -26.41 0.37
CA GLU B 248 -34.31 -25.00 0.47
C GLU B 248 -33.61 -24.35 1.64
N LEU B 249 -33.46 -25.07 2.76
CA LEU B 249 -32.71 -24.53 3.89
C LEU B 249 -31.25 -24.31 3.52
N GLU B 250 -30.68 -25.20 2.69
CA GLU B 250 -29.30 -25.01 2.23
C GLU B 250 -29.18 -23.77 1.34
N GLU B 251 -30.17 -23.56 0.45
CA GLU B 251 -30.15 -22.38 -0.41
C GLU B 251 -30.33 -21.09 0.38
N LEU B 252 -31.06 -21.15 1.49
CA LEU B 252 -31.15 -19.99 2.37
C LEU B 252 -29.95 -19.86 3.30
N LYS B 253 -28.99 -20.80 3.24
CA LYS B 253 -27.74 -20.72 4.01
C LYS B 253 -27.99 -20.78 5.52
N MET B 254 -28.96 -21.59 5.92
CA MET B 254 -29.39 -21.74 7.31
C MET B 254 -28.43 -22.71 8.02
N GLY B 255 -27.17 -22.29 8.11
CA GLY B 255 -26.10 -23.18 8.56
C GLY B 255 -26.07 -23.46 10.05
N ALA B 256 -26.60 -22.56 10.87
CA ALA B 256 -26.65 -22.85 12.30
C ALA B 256 -27.71 -23.91 12.59
N TYR B 257 -28.91 -23.71 12.06
CA TYR B 257 -30.00 -24.66 12.21
C TYR B 257 -29.66 -26.02 11.59
N LEU B 258 -29.10 -26.02 10.38
CA LEU B 258 -28.81 -27.29 9.74
C LEU B 258 -27.74 -28.06 10.51
N SER B 259 -26.79 -27.37 11.14
CA SER B 259 -25.75 -28.08 11.89
C SER B 259 -26.34 -28.88 13.05
N VAL B 260 -27.32 -28.30 13.75
CA VAL B 260 -27.94 -28.96 14.89
C VAL B 260 -28.57 -30.27 14.46
N GLY B 261 -29.20 -30.28 13.28
CA GLY B 261 -29.88 -31.45 12.78
C GLY B 261 -29.03 -32.47 12.06
N LYS B 262 -27.72 -32.20 11.88
CA LYS B 262 -26.88 -33.10 11.10
C LYS B 262 -26.88 -34.51 11.66
N GLY B 263 -26.90 -34.66 12.99
CA GLY B 263 -26.82 -35.98 13.60
C GLY B 263 -28.12 -36.78 13.64
N SER B 264 -29.22 -36.27 13.10
CA SER B 264 -30.51 -36.93 13.22
C SER B 264 -30.83 -37.77 11.98
N MET B 265 -31.58 -38.87 12.18
CA MET B 265 -32.11 -39.61 11.04
C MET B 265 -33.30 -38.89 10.41
N TYR B 266 -33.86 -37.85 11.06
CA TYR B 266 -35.00 -37.11 10.52
C TYR B 266 -34.52 -35.82 9.89
N PRO B 267 -34.82 -35.58 8.61
CA PRO B 267 -34.43 -34.32 7.98
C PRO B 267 -35.07 -33.12 8.67
N ASN B 268 -34.30 -32.04 8.78
CA ASN B 268 -34.84 -30.78 9.31
C ASN B 268 -36.06 -30.34 8.49
N LYS B 269 -37.06 -29.78 9.18
CA LYS B 269 -38.24 -29.20 8.54
C LYS B 269 -38.58 -27.86 9.19
N PHE B 270 -38.69 -26.81 8.38
CA PHE B 270 -39.00 -25.46 8.87
C PHE B 270 -40.47 -25.16 8.60
N ILE B 271 -41.24 -24.95 9.66
CA ILE B 271 -42.68 -24.69 9.56
C ILE B 271 -42.90 -23.20 9.36
N HIS B 272 -43.70 -22.85 8.35
CA HIS B 272 -44.13 -21.46 8.15
C HIS B 272 -45.63 -21.48 7.83
N LEU B 273 -46.45 -21.16 8.83
CA LEU B 273 -47.88 -20.96 8.61
C LEU B 273 -48.16 -19.46 8.63
N THR B 274 -49.21 -19.05 7.92
CA THR B 274 -49.57 -17.62 7.89
C THR B 274 -51.08 -17.45 8.03
N TYR B 275 -51.48 -16.59 8.97
CA TYR B 275 -52.85 -16.09 9.03
C TYR B 275 -52.87 -14.67 8.50
N LYS B 276 -53.79 -14.36 7.59
CA LYS B 276 -53.92 -12.97 7.15
C LYS B 276 -55.39 -12.54 7.22
N SER B 277 -55.65 -11.38 7.82
CA SER B 277 -57.00 -10.82 7.92
C SER B 277 -57.48 -10.41 6.54
N LYS B 278 -58.81 -10.37 6.39
CA LYS B 278 -59.41 -9.98 5.12
C LYS B 278 -59.21 -8.50 4.81
N GLY B 279 -59.27 -7.65 5.82
CA GLY B 279 -59.26 -6.22 5.59
C GLY B 279 -57.86 -5.64 5.48
N ASP B 280 -57.74 -4.36 5.80
CA ASP B 280 -56.45 -3.70 5.76
C ASP B 280 -55.59 -4.34 6.84
N VAL B 281 -54.36 -4.71 6.48
CA VAL B 281 -53.43 -5.27 7.45
C VAL B 281 -52.68 -4.11 8.10
N LYS B 282 -52.89 -3.95 9.40
CA LYS B 282 -52.26 -2.87 10.13
C LYS B 282 -51.02 -3.33 10.90
N LYS B 283 -50.91 -4.61 11.20
CA LYS B 283 -49.76 -5.03 11.99
C LYS B 283 -49.34 -6.42 11.51
N LYS B 284 -48.05 -6.62 11.34
CA LYS B 284 -47.50 -7.88 10.89
C LYS B 284 -46.65 -8.45 12.01
N ILE B 285 -46.87 -9.71 12.38
CA ILE B 285 -46.22 -10.30 13.54
C ILE B 285 -45.63 -11.67 13.17
N ALA B 286 -44.42 -11.93 13.63
CA ALA B 286 -43.83 -13.25 13.52
C ALA B 286 -43.74 -13.87 14.91
N LEU B 287 -44.32 -15.05 15.07
CA LEU B 287 -44.23 -15.85 16.28
C LEU B 287 -43.31 -17.03 15.98
N VAL B 288 -42.24 -17.18 16.75
CA VAL B 288 -41.18 -18.16 16.49
C VAL B 288 -41.11 -19.11 17.69
N GLY B 289 -41.28 -20.40 17.45
CA GLY B 289 -41.23 -21.39 18.52
C GLY B 289 -40.01 -22.28 18.38
N LYS B 290 -39.30 -22.50 19.49
CA LYS B 290 -38.21 -23.47 19.48
C LYS B 290 -38.77 -24.87 19.29
N GLY B 291 -38.24 -25.61 18.32
CA GLY B 291 -38.79 -26.90 17.98
C GLY B 291 -37.77 -28.04 17.94
N ILE B 292 -37.15 -28.36 19.07
CA ILE B 292 -36.23 -29.49 19.18
C ILE B 292 -37.07 -30.67 19.68
N THR B 293 -37.31 -31.66 18.79
CA THR B 293 -38.26 -32.73 19.12
C THR B 293 -37.66 -33.73 20.10
N PHE B 294 -36.33 -33.84 20.12
CA PHE B 294 -35.61 -34.49 21.20
C PHE B 294 -34.25 -33.83 21.32
N ASP B 295 -33.87 -33.51 22.55
CA ASP B 295 -32.57 -32.91 22.85
C ASP B 295 -31.76 -33.91 23.67
N SER B 296 -30.91 -34.67 22.99
CA SER B 296 -29.97 -35.52 23.73
C SER B 296 -28.84 -34.71 24.34
N GLY B 297 -28.66 -33.46 23.91
CA GLY B 297 -27.44 -32.72 24.18
C GLY B 297 -26.40 -32.80 23.09
N GLY B 298 -26.48 -33.79 22.19
CA GLY B 298 -25.42 -34.01 21.21
C GLY B 298 -24.18 -34.59 21.89
N TYR B 299 -23.01 -34.32 21.30
CA TYR B 299 -21.75 -34.84 21.85
C TYR B 299 -21.52 -34.31 23.26
N ASN B 300 -22.05 -33.11 23.57
CA ASN B 300 -22.18 -32.66 24.95
C ASN B 300 -23.43 -33.31 25.57
N LEU B 301 -23.36 -34.64 25.67
CA LEU B 301 -24.52 -35.47 26.01
C LEU B 301 -25.05 -35.13 27.38
N LYS B 302 -26.38 -35.21 27.54
CA LYS B 302 -27.02 -34.96 28.85
C LYS B 302 -26.79 -36.16 29.76
N ALA B 303 -25.58 -36.21 30.33
CA ALA B 303 -25.21 -37.31 31.21
C ALA B 303 -24.98 -36.87 32.65
N ALA B 304 -25.05 -35.58 32.94
CA ALA B 304 -24.82 -35.14 34.30
C ALA B 304 -26.04 -35.46 35.17
N PRO B 305 -25.82 -35.72 36.46
CA PRO B 305 -26.93 -35.85 37.40
C PRO B 305 -27.84 -34.64 37.32
N GLY B 306 -29.13 -34.89 37.29
CA GLY B 306 -30.08 -33.80 37.23
C GLY B 306 -30.32 -33.32 35.83
N SER B 307 -29.76 -33.97 34.84
CA SER B 307 -30.02 -33.48 33.50
C SER B 307 -31.29 -34.03 32.85
N MET B 308 -32.17 -34.74 33.48
CA MET B 308 -33.51 -35.04 32.89
C MET B 308 -33.52 -35.30 31.36
N ILE B 309 -32.60 -36.09 30.83
CA ILE B 309 -32.65 -36.45 29.41
C ILE B 309 -33.95 -37.13 29.07
N ASP B 310 -34.54 -37.85 30.02
CA ASP B 310 -35.75 -38.60 29.74
C ASP B 310 -36.97 -37.71 29.51
N LEU B 311 -36.89 -36.43 29.84
CA LEU B 311 -38.02 -35.53 29.62
C LEU B 311 -37.86 -34.70 28.36
N MET B 312 -36.78 -34.88 27.61
CA MET B 312 -36.43 -33.89 26.59
C MET B 312 -37.30 -33.98 25.33
N LYS B 313 -38.29 -34.87 25.30
CA LYS B 313 -39.37 -34.71 24.33
C LYS B 313 -40.05 -33.35 24.49
N PHE B 314 -39.96 -32.69 25.65
CA PHE B 314 -40.65 -31.42 25.77
C PHE B 314 -39.88 -30.23 25.18
N ASP B 315 -38.75 -30.46 24.51
CA ASP B 315 -37.98 -29.34 23.99
C ASP B 315 -38.56 -28.70 22.73
N MET B 316 -39.73 -29.15 22.28
CA MET B 316 -40.46 -28.47 21.21
C MET B 316 -41.69 -27.76 21.75
N SER B 317 -41.71 -27.48 23.06
CA SER B 317 -42.84 -26.81 23.69
C SER B 317 -43.08 -25.43 23.11
N GLY B 318 -42.02 -24.73 22.68
CA GLY B 318 -42.23 -23.42 22.08
C GLY B 318 -42.94 -23.53 20.74
N CYS B 319 -42.47 -24.46 19.90
CA CYS B 319 -43.17 -24.77 18.66
C CYS B 319 -44.62 -25.17 18.94
N ALA B 320 -44.85 -26.00 19.96
CA ALA B 320 -46.22 -26.39 20.27
C ALA B 320 -47.08 -25.19 20.65
N ALA B 321 -46.52 -24.25 21.44
CA ALA B 321 -47.28 -23.06 21.83
C ALA B 321 -47.66 -22.24 20.60
N VAL B 322 -46.74 -22.12 19.65
CA VAL B 322 -46.97 -21.34 18.44
C VAL B 322 -48.05 -21.99 17.59
N LEU B 323 -48.02 -23.33 17.47
CA LEU B 323 -49.07 -24.02 16.72
C LEU B 323 -50.40 -23.96 17.45
N GLY B 324 -50.39 -24.05 18.78
CA GLY B 324 -51.63 -23.88 19.52
C GLY B 324 -52.22 -22.49 19.33
N CYS B 325 -51.35 -21.47 19.26
CA CYS B 325 -51.79 -20.12 18.96
C CYS B 325 -52.36 -20.02 17.55
N ALA B 326 -51.72 -20.71 16.58
CA ALA B 326 -52.26 -20.73 15.22
C ALA B 326 -53.67 -21.30 15.21
N TYR B 327 -53.92 -22.34 16.01
CA TYR B 327 -55.29 -22.84 16.11
C TYR B 327 -56.23 -21.75 16.62
N CYS B 328 -55.85 -21.08 17.72
CA CYS B 328 -56.75 -20.08 18.31
C CYS B 328 -56.97 -18.91 17.36
N VAL B 329 -55.89 -18.42 16.74
CA VAL B 329 -55.97 -17.28 15.83
C VAL B 329 -56.75 -17.64 14.58
N GLY B 330 -56.46 -18.81 13.99
CA GLY B 330 -57.18 -19.26 12.82
C GLY B 330 -58.64 -19.51 13.08
N THR B 331 -59.01 -19.80 14.32
CA THR B 331 -60.40 -20.02 14.70
C THR B 331 -61.12 -18.70 15.00
N LEU B 332 -60.48 -17.83 15.76
CA LEU B 332 -61.15 -16.60 16.16
C LEU B 332 -61.08 -15.52 15.08
N LYS B 333 -60.15 -15.63 14.11
CA LYS B 333 -60.02 -14.76 12.94
C LYS B 333 -60.00 -13.27 13.28
N PRO B 334 -58.99 -12.77 13.99
CA PRO B 334 -58.92 -11.32 14.25
C PRO B 334 -58.77 -10.50 12.98
N GLU B 335 -59.18 -9.24 13.06
CA GLU B 335 -59.00 -8.34 11.92
C GLU B 335 -57.69 -7.58 12.05
N ASN B 336 -57.27 -7.00 10.93
CA ASN B 336 -56.18 -6.03 10.83
C ASN B 336 -54.79 -6.61 11.08
N VAL B 337 -54.60 -7.93 11.03
CA VAL B 337 -53.29 -8.51 11.32
C VAL B 337 -52.89 -9.54 10.28
N GLU B 338 -51.59 -9.71 10.12
CA GLU B 338 -51.03 -10.84 9.40
C GLU B 338 -50.04 -11.48 10.36
N ILE B 339 -50.21 -12.76 10.65
CA ILE B 339 -49.41 -13.47 11.65
C ILE B 339 -48.70 -14.62 10.94
N HIS B 340 -47.39 -14.70 11.14
CA HIS B 340 -46.57 -15.81 10.65
C HIS B 340 -46.19 -16.69 11.83
N PHE B 341 -46.46 -17.99 11.72
CA PHE B 341 -46.15 -18.97 12.74
C PHE B 341 -44.98 -19.80 12.21
N LEU B 342 -43.81 -19.69 12.88
CA LEU B 342 -42.52 -20.20 12.41
C LEU B 342 -41.94 -21.20 13.39
N SER B 343 -41.35 -22.28 12.89
CA SER B 343 -40.53 -23.10 13.77
C SER B 343 -39.48 -23.85 12.96
N ALA B 344 -38.22 -23.69 13.37
CA ALA B 344 -37.11 -24.44 12.79
C ALA B 344 -37.00 -25.75 13.55
N VAL B 345 -37.68 -26.79 13.03
CA VAL B 345 -37.84 -28.05 13.74
C VAL B 345 -36.69 -28.99 13.38
N CYS B 346 -36.12 -29.63 14.39
CA CYS B 346 -35.07 -30.63 14.18
C CYS B 346 -34.89 -31.42 15.47
N GLU B 347 -33.95 -32.37 15.46
CA GLU B 347 -33.65 -33.27 16.57
C GLU B 347 -32.14 -33.26 16.82
N ASN B 348 -31.71 -33.18 18.11
CA ASN B 348 -30.28 -33.04 18.50
C ASN B 348 -29.76 -34.39 19.00
N MET B 349 -28.95 -35.08 18.17
CA MET B 349 -28.61 -36.49 18.34
C MET B 349 -27.10 -36.69 18.30
N VAL B 350 -26.68 -37.91 18.68
CA VAL B 350 -25.28 -38.33 18.68
C VAL B 350 -25.09 -39.34 17.55
N SER B 351 -24.11 -39.09 16.68
CA SER B 351 -23.98 -39.82 15.43
C SER B 351 -22.59 -39.53 14.87
N LYS B 352 -22.15 -40.38 13.94
CA LYS B 352 -20.97 -40.01 13.15
C LYS B 352 -21.19 -38.70 12.39
N ASN B 353 -22.45 -38.36 12.16
CA ASN B 353 -22.81 -37.19 11.35
C ASN B 353 -23.08 -35.93 12.15
N SER B 354 -23.01 -35.99 13.48
CA SER B 354 -23.39 -34.83 14.28
C SER B 354 -22.37 -33.70 14.16
N TYR B 355 -22.84 -32.49 14.41
CA TYR B 355 -21.88 -31.41 14.60
C TYR B 355 -21.14 -31.61 15.92
N ARG B 356 -19.96 -31.02 16.00
CA ARG B 356 -19.07 -31.24 17.13
C ARG B 356 -18.88 -29.98 17.95
N PRO B 357 -18.61 -30.12 19.25
CA PRO B 357 -18.12 -29.00 20.05
C PRO B 357 -16.86 -28.46 19.38
N GLY B 358 -16.80 -27.13 19.23
CA GLY B 358 -15.70 -26.50 18.56
C GLY B 358 -15.95 -26.18 17.08
N ASP B 359 -16.95 -26.80 16.45
CA ASP B 359 -17.22 -26.51 15.05
C ASP B 359 -17.52 -25.02 14.88
N ILE B 360 -17.12 -24.45 13.75
CA ILE B 360 -17.49 -23.07 13.43
C ILE B 360 -18.46 -23.14 12.26
N ILE B 361 -19.66 -22.61 12.46
CA ILE B 361 -20.74 -22.74 11.51
C ILE B 361 -21.18 -21.32 11.13
N THR B 362 -21.82 -21.20 9.98
CA THR B 362 -22.16 -19.89 9.44
C THR B 362 -23.68 -19.76 9.36
N ALA B 363 -24.22 -18.76 10.06
CA ALA B 363 -25.65 -18.49 10.07
C ALA B 363 -26.11 -17.82 8.78
N SER B 364 -27.42 -17.80 8.58
CA SER B 364 -27.95 -17.27 7.31
C SER B 364 -27.74 -15.77 7.13
N ASN B 365 -27.36 -15.03 8.17
CA ASN B 365 -27.01 -13.63 7.98
C ASN B 365 -25.52 -13.44 7.77
N GLY B 366 -24.79 -14.54 7.54
CA GLY B 366 -23.37 -14.48 7.31
C GLY B 366 -22.51 -14.53 8.56
N LYS B 367 -23.09 -14.43 9.75
CA LYS B 367 -22.28 -14.44 10.97
C LYS B 367 -21.72 -15.84 11.26
N THR B 368 -20.42 -15.93 11.52
CA THR B 368 -19.81 -17.20 11.90
C THR B 368 -19.87 -17.38 13.41
N ILE B 369 -20.14 -18.61 13.83
CA ILE B 369 -20.43 -18.96 15.22
C ILE B 369 -19.50 -20.07 15.64
N GLU B 370 -18.82 -19.90 16.75
CA GLU B 370 -18.02 -20.99 17.33
C GLU B 370 -18.88 -21.77 18.31
N VAL B 371 -19.07 -23.06 18.04
CA VAL B 371 -19.91 -23.89 18.90
C VAL B 371 -19.11 -24.24 20.16
N GLY B 372 -19.58 -23.80 21.31
CA GLY B 372 -18.88 -24.17 22.54
C GLY B 372 -19.46 -25.37 23.25
N ASN B 373 -20.72 -25.69 22.99
CA ASN B 373 -21.42 -26.78 23.67
C ASN B 373 -22.60 -27.18 22.79
N THR B 374 -22.64 -28.45 22.34
CA THR B 374 -23.68 -28.86 21.40
C THR B 374 -25.06 -28.91 22.04
N ASP B 375 -25.12 -28.83 23.37
CA ASP B 375 -26.36 -28.82 24.14
C ASP B 375 -26.92 -27.42 24.27
N ALA B 376 -26.23 -26.41 23.73
CA ALA B 376 -26.81 -25.08 23.58
C ALA B 376 -27.40 -24.91 22.17
N GLU B 377 -28.17 -25.92 21.75
CA GLU B 377 -28.55 -25.99 20.35
C GLU B 377 -29.74 -25.09 20.03
N GLY B 378 -30.58 -24.78 21.01
CA GLY B 378 -31.78 -24.01 20.73
C GLY B 378 -31.50 -22.62 20.19
N ARG B 379 -30.53 -21.93 20.77
CA ARG B 379 -30.20 -20.59 20.30
C ARG B 379 -29.66 -20.62 18.87
N LEU B 380 -29.04 -21.72 18.45
CA LEU B 380 -28.57 -21.87 17.07
C LEU B 380 -29.73 -22.00 16.10
N THR B 381 -30.71 -22.85 16.40
CA THR B 381 -31.84 -22.97 15.51
C THR B 381 -32.64 -21.66 15.49
N LEU B 382 -32.80 -21.02 16.65
CA LEU B 382 -33.52 -19.77 16.71
C LEU B 382 -32.80 -18.64 15.97
N ALA B 383 -31.47 -18.62 16.00
CA ALA B 383 -30.74 -17.59 15.25
C ALA B 383 -31.17 -17.57 13.79
N ASP B 384 -31.23 -18.74 13.16
CA ASP B 384 -31.65 -18.80 11.76
C ASP B 384 -33.15 -18.52 11.61
N ALA B 385 -33.98 -18.93 12.58
CA ALA B 385 -35.40 -18.62 12.47
C ALA B 385 -35.65 -17.12 12.60
N LEU B 386 -34.86 -16.43 13.45
CA LEU B 386 -35.00 -15.00 13.63
C LEU B 386 -34.57 -14.23 12.37
N VAL B 387 -33.49 -14.68 11.72
CA VAL B 387 -33.08 -14.06 10.45
C VAL B 387 -34.18 -14.22 9.41
N TYR B 388 -34.77 -15.41 9.32
CA TYR B 388 -35.89 -15.65 8.45
C TYR B 388 -37.09 -14.75 8.80
N ALA B 389 -37.42 -14.63 10.09
CA ALA B 389 -38.56 -13.81 10.49
C ALA B 389 -38.33 -12.35 10.14
N GLU B 390 -37.14 -11.83 10.40
CA GLU B 390 -36.91 -10.42 10.10
C GLU B 390 -36.97 -10.14 8.60
N LYS B 391 -36.59 -11.12 7.76
CA LYS B 391 -36.70 -10.96 6.32
C LYS B 391 -38.16 -10.85 5.85
N LEU B 392 -39.11 -11.29 6.67
CA LEU B 392 -40.53 -11.12 6.30
C LEU B 392 -41.00 -9.69 6.42
N GLY B 393 -40.25 -8.81 7.07
CA GLY B 393 -40.65 -7.41 7.19
C GLY B 393 -41.81 -7.21 8.14
N VAL B 394 -41.67 -7.68 9.37
CA VAL B 394 -42.73 -7.63 10.34
C VAL B 394 -42.52 -6.45 11.28
N ASP B 395 -43.57 -6.11 12.04
CA ASP B 395 -43.49 -5.07 13.06
C ASP B 395 -42.92 -5.61 14.37
N TYR B 396 -43.31 -6.83 14.75
CA TYR B 396 -42.87 -7.47 15.98
C TYR B 396 -42.43 -8.90 15.69
N ILE B 397 -41.33 -9.32 16.34
CA ILE B 397 -40.94 -10.73 16.39
C ILE B 397 -40.98 -11.18 17.85
N VAL B 398 -41.73 -12.24 18.14
CA VAL B 398 -41.76 -12.82 19.48
C VAL B 398 -41.34 -14.29 19.37
N ASP B 399 -40.30 -14.66 20.11
CA ASP B 399 -39.92 -16.06 20.16
C ASP B 399 -40.28 -16.63 21.53
N ILE B 400 -40.54 -17.93 21.56
CA ILE B 400 -40.90 -18.62 22.79
C ILE B 400 -40.20 -19.98 22.75
N ALA B 401 -39.52 -20.34 23.84
CA ALA B 401 -38.53 -21.43 23.79
C ALA B 401 -38.24 -21.97 25.19
N THR B 402 -38.12 -23.29 25.28
CA THR B 402 -37.58 -23.96 26.48
C THR B 402 -36.06 -23.86 26.44
N LEU B 403 -35.55 -22.66 26.70
CA LEU B 403 -34.18 -22.41 26.28
C LEU B 403 -33.14 -22.75 27.35
N THR B 404 -33.33 -22.27 28.58
CA THR B 404 -32.27 -22.40 29.59
C THR B 404 -32.79 -22.97 30.90
N GLY B 405 -32.12 -24.01 31.39
CA GLY B 405 -32.45 -24.55 32.70
C GLY B 405 -32.27 -23.58 33.84
N ALA B 406 -31.44 -22.56 33.67
CA ALA B 406 -31.27 -21.53 34.69
C ALA B 406 -32.60 -20.86 35.05
N MET B 407 -33.61 -20.95 34.16
CA MET B 407 -34.92 -20.37 34.44
C MET B 407 -35.52 -20.94 35.74
N LEU B 408 -35.23 -22.21 36.04
CA LEU B 408 -35.75 -22.82 37.27
C LEU B 408 -35.15 -22.19 38.52
N TYR B 409 -33.96 -21.63 38.41
CA TYR B 409 -33.27 -20.99 39.52
C TYR B 409 -33.58 -19.50 39.61
N SER B 410 -34.17 -18.90 38.57
CA SER B 410 -34.49 -17.49 38.58
C SER B 410 -35.95 -17.24 38.91
N LEU B 411 -36.86 -17.81 38.12
CA LEU B 411 -38.29 -17.61 38.34
C LEU B 411 -39.00 -18.88 38.77
N GLY B 412 -38.42 -20.05 38.54
CA GLY B 412 -39.05 -21.28 39.02
C GLY B 412 -40.05 -21.86 38.03
N THR B 413 -41.06 -22.55 38.53
CA THR B 413 -41.98 -23.27 37.65
C THR B 413 -43.26 -22.52 37.35
N SER B 414 -43.49 -21.36 37.98
CA SER B 414 -44.77 -20.66 37.81
C SER B 414 -44.72 -19.50 36.83
N TYR B 415 -43.62 -18.75 36.77
CA TYR B 415 -43.52 -17.57 35.94
C TYR B 415 -42.52 -17.79 34.81
N ALA B 416 -42.89 -17.45 33.58
CA ALA B 416 -41.95 -17.42 32.50
C ALA B 416 -41.16 -16.11 32.52
N GLY B 417 -40.01 -16.10 31.86
CA GLY B 417 -39.23 -14.87 31.74
C GLY B 417 -39.38 -14.29 30.34
N VAL B 418 -39.48 -12.97 30.25
CA VAL B 418 -39.45 -12.28 28.96
C VAL B 418 -38.26 -11.34 28.92
N PHE B 419 -37.56 -11.36 27.79
CA PHE B 419 -36.45 -10.49 27.49
C PHE B 419 -36.76 -9.79 26.16
N GLY B 420 -36.18 -8.61 25.93
CA GLY B 420 -36.44 -8.02 24.62
C GLY B 420 -35.64 -6.76 24.39
N ASN B 421 -35.74 -6.24 23.16
CA ASN B 421 -35.03 -5.03 22.77
C ASN B 421 -35.94 -3.81 22.65
N ASN B 422 -37.19 -3.89 23.13
CA ASN B 422 -38.18 -2.85 22.85
C ASN B 422 -39.18 -2.81 24.00
N GLU B 423 -39.19 -1.68 24.71
CA GLU B 423 -40.02 -1.55 25.90
C GLU B 423 -41.52 -1.63 25.60
N GLU B 424 -41.96 -1.03 24.49
CA GLU B 424 -43.38 -1.09 24.15
C GLU B 424 -43.82 -2.53 23.92
N LEU B 425 -43.01 -3.31 23.21
CA LEU B 425 -43.36 -4.71 22.96
C LEU B 425 -43.35 -5.53 24.25
N ILE B 426 -42.33 -5.33 25.10
CA ILE B 426 -42.31 -6.02 26.38
C ILE B 426 -43.58 -5.72 27.16
N ASN B 427 -44.00 -4.45 27.19
CA ASN B 427 -45.21 -4.10 27.94
C ASN B 427 -46.45 -4.77 27.34
N LYS B 428 -46.51 -4.90 26.01
CA LYS B 428 -47.63 -5.62 25.38
C LYS B 428 -47.65 -7.08 25.80
N ILE B 429 -46.46 -7.72 25.90
CA ILE B 429 -46.41 -9.10 26.38
C ILE B 429 -46.88 -9.16 27.83
N LEU B 430 -46.44 -8.21 28.67
CA LEU B 430 -46.87 -8.21 30.07
C LEU B 430 -48.38 -8.02 30.19
N GLN B 431 -48.95 -7.16 29.35
CA GLN B 431 -50.40 -7.00 29.38
C GLN B 431 -51.10 -8.28 28.94
N SER B 432 -50.55 -8.96 27.94
CA SER B 432 -51.15 -10.25 27.53
C SER B 432 -51.01 -11.29 28.63
N SER B 433 -49.93 -11.23 29.40
CA SER B 433 -49.76 -12.15 30.52
C SER B 433 -50.87 -11.94 31.55
N LYS B 434 -51.26 -10.67 31.76
CA LYS B 434 -52.33 -10.36 32.72
C LYS B 434 -53.68 -10.88 32.23
N THR B 435 -54.02 -10.64 30.95
CA THR B 435 -55.35 -11.03 30.49
C THR B 435 -55.43 -12.51 30.11
N SER B 436 -54.29 -13.16 29.80
CA SER B 436 -54.31 -14.61 29.60
C SER B 436 -54.19 -15.37 30.92
N ASN B 437 -53.78 -14.69 31.99
CA ASN B 437 -53.49 -15.31 33.28
C ASN B 437 -52.40 -16.38 33.18
N GLU B 438 -51.48 -16.23 32.22
CA GLU B 438 -50.24 -17.00 32.18
C GLU B 438 -49.10 -16.09 32.64
N PRO B 439 -48.54 -16.28 33.83
CA PRO B 439 -47.66 -15.27 34.41
C PRO B 439 -46.28 -15.19 33.76
N VAL B 440 -45.84 -13.96 33.53
CA VAL B 440 -44.55 -13.66 32.94
C VAL B 440 -43.89 -12.54 33.74
N TRP B 441 -42.55 -12.56 33.80
CA TRP B 441 -41.79 -11.53 34.49
C TRP B 441 -40.69 -11.02 33.56
N TRP B 442 -40.54 -9.70 33.54
CA TRP B 442 -39.55 -9.05 32.67
C TRP B 442 -38.17 -9.19 33.29
N LEU B 443 -37.22 -9.74 32.52
CA LEU B 443 -35.85 -9.89 32.97
C LEU B 443 -34.91 -9.10 32.04
N PRO B 444 -33.77 -8.63 32.53
CA PRO B 444 -32.95 -7.72 31.74
C PRO B 444 -32.00 -8.45 30.79
N ILE B 445 -31.72 -7.78 29.67
CA ILE B 445 -30.63 -8.17 28.78
C ILE B 445 -29.44 -7.30 29.19
N ILE B 446 -28.48 -7.88 29.89
CA ILE B 446 -27.41 -7.11 30.54
C ILE B 446 -26.24 -7.05 29.57
N ASN B 447 -26.01 -5.88 28.98
CA ASN B 447 -25.05 -5.77 27.90
C ASN B 447 -23.61 -5.98 28.33
N GLU B 448 -23.30 -5.80 29.61
CA GLU B 448 -21.93 -6.04 30.07
C GLU B 448 -21.48 -7.46 29.77
N TYR B 449 -22.40 -8.42 29.69
CA TYR B 449 -21.97 -9.80 29.45
C TYR B 449 -21.67 -10.10 27.99
N ARG B 450 -22.01 -9.18 27.07
CA ARG B 450 -21.82 -9.46 25.64
C ARG B 450 -20.35 -9.75 25.29
N ALA B 451 -19.41 -9.08 25.96
CA ALA B 451 -18.00 -9.34 25.65
C ALA B 451 -17.61 -10.78 25.93
N THR B 452 -18.32 -11.49 26.80
CA THR B 452 -17.97 -12.89 27.05
C THR B 452 -18.37 -13.82 25.90
N LEU B 453 -19.10 -13.30 24.90
CA LEU B 453 -19.38 -14.04 23.67
C LEU B 453 -18.36 -13.77 22.57
N ASN B 454 -17.33 -12.95 22.83
CA ASN B 454 -16.30 -12.68 21.83
C ASN B 454 -15.48 -13.92 21.58
N SER B 455 -15.35 -14.30 20.31
CA SER B 455 -14.63 -15.49 19.90
C SER B 455 -13.29 -15.09 19.31
N LYS B 456 -12.26 -15.89 19.59
CA LYS B 456 -10.95 -15.63 18.99
C LYS B 456 -10.97 -15.85 17.47
N TYR B 457 -11.75 -16.79 16.99
CA TYR B 457 -11.68 -17.22 15.60
C TYR B 457 -12.95 -16.91 14.80
N ALA B 458 -14.14 -17.14 15.37
CA ALA B 458 -15.39 -16.85 14.68
C ALA B 458 -15.85 -15.44 15.01
N ASP B 459 -16.94 -15.03 14.36
CA ASP B 459 -17.55 -13.73 14.66
C ASP B 459 -18.06 -13.67 16.09
N ILE B 460 -18.57 -14.79 16.61
CA ILE B 460 -19.20 -14.81 17.93
C ILE B 460 -19.13 -16.23 18.50
N ASN B 461 -19.06 -16.32 19.82
CA ASN B 461 -19.21 -17.58 20.51
C ASN B 461 -20.68 -17.89 20.75
N GLN B 462 -21.01 -19.16 20.68
CA GLN B 462 -22.34 -19.62 21.02
C GLN B 462 -22.64 -19.43 22.52
N ILE B 463 -21.67 -19.72 23.40
CA ILE B 463 -21.89 -19.70 24.84
C ILE B 463 -20.86 -18.80 25.50
N SER B 464 -21.13 -18.45 26.75
CA SER B 464 -20.24 -17.53 27.43
C SER B 464 -19.00 -18.24 27.95
N SER B 465 -17.91 -17.50 27.96
CA SER B 465 -16.66 -17.97 28.53
C SER B 465 -16.69 -17.95 30.05
N SER B 466 -17.45 -17.06 30.68
CA SER B 466 -17.39 -16.85 32.12
C SER B 466 -18.74 -16.69 32.83
N VAL B 467 -19.78 -16.20 32.16
CA VAL B 467 -21.01 -15.79 32.83
C VAL B 467 -21.95 -16.99 33.01
N LYS B 468 -22.41 -17.18 34.24
CA LYS B 468 -23.35 -18.27 34.56
C LYS B 468 -24.83 -17.89 34.39
N ALA B 469 -25.15 -16.62 34.17
CA ALA B 469 -26.55 -16.20 33.96
C ALA B 469 -26.95 -16.55 32.53
N SER B 470 -27.20 -17.84 32.29
CA SER B 470 -27.28 -18.31 30.91
C SER B 470 -28.56 -17.84 30.18
N SER B 471 -29.64 -17.57 30.92
CA SER B 471 -30.84 -17.06 30.25
C SER B 471 -30.57 -15.69 29.65
N ILE B 472 -29.75 -14.89 30.32
CA ILE B 472 -29.38 -13.57 29.80
C ILE B 472 -28.40 -13.72 28.66
N VAL B 473 -27.38 -14.59 28.82
CA VAL B 473 -26.39 -14.77 27.76
C VAL B 473 -27.08 -15.27 26.48
N ALA B 474 -28.00 -16.22 26.61
CA ALA B 474 -28.71 -16.72 25.44
C ALA B 474 -29.48 -15.60 24.76
N SER B 475 -30.09 -14.70 25.56
CA SER B 475 -30.84 -13.60 24.97
C SER B 475 -29.92 -12.65 24.21
N LEU B 476 -28.73 -12.38 24.76
CA LEU B 476 -27.73 -11.56 24.08
C LEU B 476 -27.29 -12.18 22.76
N PHE B 477 -27.10 -13.50 22.74
CA PHE B 477 -26.76 -14.17 21.50
C PHE B 477 -27.89 -14.01 20.47
N LEU B 478 -29.13 -14.27 20.88
CA LEU B 478 -30.28 -14.17 19.96
C LEU B 478 -30.40 -12.77 19.39
N LYS B 479 -30.13 -11.78 20.24
CA LYS B 479 -30.17 -10.36 19.92
C LYS B 479 -29.31 -10.01 18.71
N GLU B 480 -28.22 -10.75 18.51
CA GLU B 480 -27.34 -10.56 17.35
C GLU B 480 -27.99 -10.94 16.02
N PHE B 481 -29.14 -11.59 16.03
CA PHE B 481 -29.76 -12.04 14.80
C PHE B 481 -31.05 -11.26 14.50
N VAL B 482 -31.27 -10.17 15.21
CA VAL B 482 -32.34 -9.22 14.93
C VAL B 482 -31.69 -7.84 14.80
N GLN B 483 -31.74 -7.27 13.60
CA GLN B 483 -30.97 -6.05 13.38
C GLN B 483 -31.77 -4.78 13.66
N ASN B 484 -33.04 -4.72 13.27
CA ASN B 484 -33.74 -3.44 13.34
C ASN B 484 -35.24 -3.65 13.49
N THR B 485 -35.65 -4.63 14.30
CA THR B 485 -37.06 -4.95 14.48
C THR B 485 -37.35 -5.15 15.96
N ALA B 486 -38.52 -4.68 16.39
CA ALA B 486 -38.95 -4.92 17.76
C ALA B 486 -39.06 -6.42 18.03
N TRP B 487 -38.40 -6.88 19.09
CA TRP B 487 -38.27 -8.31 19.34
C TRP B 487 -38.31 -8.60 20.84
N ALA B 488 -39.00 -9.69 21.19
CA ALA B 488 -39.06 -10.18 22.56
C ALA B 488 -38.89 -11.69 22.54
N HIS B 489 -38.37 -12.22 23.64
CA HIS B 489 -37.97 -13.62 23.76
C HIS B 489 -38.52 -14.12 25.08
N ILE B 490 -39.34 -15.16 25.03
CA ILE B 490 -40.01 -15.70 26.21
C ILE B 490 -39.40 -17.06 26.53
N ASP B 491 -38.68 -17.17 27.64
CA ASP B 491 -38.02 -18.42 28.02
C ASP B 491 -38.96 -19.21 28.92
N ILE B 492 -39.48 -20.33 28.41
CA ILE B 492 -40.48 -21.12 29.12
C ILE B 492 -39.88 -22.44 29.63
N ALA B 493 -38.56 -22.53 29.74
CA ALA B 493 -37.95 -23.79 30.18
C ALA B 493 -38.44 -24.22 31.56
N GLY B 494 -38.73 -23.27 32.43
CA GLY B 494 -39.16 -23.66 33.77
C GLY B 494 -40.63 -23.95 33.91
N VAL B 495 -41.47 -23.40 33.02
CA VAL B 495 -42.94 -23.45 33.19
C VAL B 495 -43.61 -24.43 32.23
N SER B 496 -42.87 -25.08 31.34
CA SER B 496 -43.57 -25.85 30.31
C SER B 496 -44.14 -27.15 30.87
N TRP B 497 -43.45 -27.77 31.79
CA TRP B 497 -43.79 -29.09 32.29
C TRP B 497 -44.29 -29.00 33.73
N ASN B 498 -45.42 -29.64 33.99
CA ASN B 498 -46.02 -29.74 35.33
C ASN B 498 -45.43 -30.96 36.00
N PHE B 499 -44.42 -30.76 36.85
CA PHE B 499 -43.72 -31.90 37.45
C PHE B 499 -44.61 -32.69 38.40
N LYS B 500 -45.49 -32.01 39.12
CA LYS B 500 -46.36 -32.69 40.07
C LYS B 500 -47.34 -33.61 39.37
N ALA B 501 -48.00 -33.12 38.32
CA ALA B 501 -48.99 -33.91 37.61
C ALA B 501 -48.40 -34.74 36.49
N ARG B 502 -47.11 -34.57 36.20
CA ARG B 502 -46.38 -35.35 35.18
C ARG B 502 -46.99 -35.18 33.77
N LYS B 503 -47.24 -33.92 33.39
CA LYS B 503 -47.88 -33.65 32.11
C LYS B 503 -47.49 -32.24 31.68
N PRO B 504 -47.66 -31.90 30.40
CA PRO B 504 -47.35 -30.54 29.95
C PRO B 504 -48.38 -29.56 30.48
N LYS B 505 -48.02 -28.28 30.41
CA LYS B 505 -49.00 -27.22 30.69
C LYS B 505 -49.59 -26.62 29.42
N GLY B 506 -48.97 -26.84 28.27
CA GLY B 506 -49.32 -26.08 27.09
C GLY B 506 -49.09 -24.59 27.27
N PHE B 507 -48.07 -24.21 28.04
CA PHE B 507 -47.86 -22.81 28.41
C PHE B 507 -47.58 -21.96 27.19
N GLY B 508 -48.23 -20.80 27.10
CA GLY B 508 -47.92 -19.81 26.08
C GLY B 508 -48.97 -19.68 24.99
N VAL B 509 -49.82 -20.69 24.78
CA VAL B 509 -50.86 -20.58 23.76
C VAL B 509 -51.75 -19.38 24.02
N ARG B 510 -52.25 -19.27 25.26
CA ARG B 510 -53.19 -18.21 25.59
C ARG B 510 -52.49 -16.86 25.66
N LEU B 511 -51.26 -16.83 26.19
CA LEU B 511 -50.45 -15.62 26.20
C LEU B 511 -50.25 -15.07 24.80
N LEU B 512 -49.81 -15.92 23.87
CA LEU B 512 -49.55 -15.45 22.50
C LEU B 512 -50.84 -15.07 21.81
N THR B 513 -51.92 -15.81 22.07
CA THR B 513 -53.19 -15.45 21.43
C THR B 513 -53.72 -14.13 21.94
N GLU B 514 -53.68 -13.90 23.26
CA GLU B 514 -54.10 -12.59 23.80
C GLU B 514 -53.26 -11.46 23.20
N PHE B 515 -51.96 -11.71 23.01
CA PHE B 515 -51.06 -10.72 22.40
C PHE B 515 -51.54 -10.34 21.01
N VAL B 516 -51.86 -11.34 20.19
CA VAL B 516 -52.35 -11.08 18.83
C VAL B 516 -53.68 -10.35 18.87
N LEU B 517 -54.58 -10.81 19.73
CA LEU B 517 -55.94 -10.26 19.74
C LEU B 517 -55.93 -8.81 20.23
N ASN B 518 -55.11 -8.50 21.23
CA ASN B 518 -55.14 -7.16 21.79
C ASN B 518 -54.53 -6.18 20.80
N ASP B 519 -53.51 -6.63 20.05
CA ASP B 519 -52.90 -5.78 19.03
C ASP B 519 -53.81 -5.60 17.83
N ALA B 520 -54.75 -6.54 17.61
CA ALA B 520 -55.69 -6.44 16.50
C ALA B 520 -56.89 -5.55 16.81
N LEU B 521 -57.19 -5.30 18.08
CA LEU B 521 -58.34 -4.47 18.44
C LEU B 521 -57.92 -3.02 18.65
N ALA C 1 -7.41 -34.16 -3.47
CA ALA C 1 -6.82 -35.48 -3.60
C ALA C 1 -7.84 -36.60 -3.34
N SER C 2 -8.66 -36.44 -2.30
CA SER C 2 -9.83 -37.29 -2.11
C SER C 2 -11.01 -36.37 -1.83
N GLU C 3 -12.20 -36.83 -2.19
CA GLU C 3 -13.39 -36.01 -1.98
C GLU C 3 -13.75 -36.01 -0.50
N VAL C 4 -13.99 -34.85 0.06
CA VAL C 4 -14.42 -34.72 1.46
C VAL C 4 -15.91 -34.99 1.53
N PRO C 5 -16.36 -35.98 2.30
CA PRO C 5 -17.80 -36.20 2.44
C PRO C 5 -18.45 -35.08 3.25
N GLN C 6 -19.71 -34.80 2.91
CA GLN C 6 -20.50 -33.77 3.57
C GLN C 6 -21.81 -34.38 4.05
N VAL C 7 -22.33 -33.86 5.15
CA VAL C 7 -23.70 -34.17 5.56
C VAL C 7 -24.70 -33.23 4.89
N VAL C 8 -24.41 -31.94 4.91
CA VAL C 8 -25.23 -30.96 4.19
C VAL C 8 -24.29 -30.21 3.25
N SER C 9 -24.88 -29.54 2.26
CA SER C 9 -24.06 -28.85 1.27
C SER C 9 -23.27 -27.70 1.89
N LEU C 10 -23.66 -27.23 3.08
CA LEU C 10 -22.92 -26.15 3.73
C LEU C 10 -21.67 -26.64 4.49
N ASP C 11 -21.46 -27.94 4.59
CA ASP C 11 -20.25 -28.47 5.24
C ASP C 11 -19.03 -28.14 4.39
N PRO C 12 -17.96 -27.61 4.99
CA PRO C 12 -16.78 -27.24 4.21
C PRO C 12 -16.05 -28.46 3.71
N THR C 13 -15.38 -28.30 2.56
CA THR C 13 -14.67 -29.40 1.93
C THR C 13 -13.18 -29.17 1.84
N SER C 14 -12.67 -28.14 2.51
CA SER C 14 -11.23 -27.94 2.59
C SER C 14 -10.94 -27.08 3.80
N ILE C 15 -9.69 -27.15 4.25
CA ILE C 15 -9.19 -26.26 5.28
C ILE C 15 -8.72 -24.98 4.61
N PRO C 16 -9.23 -23.81 4.95
CA PRO C 16 -8.63 -22.58 4.43
C PRO C 16 -7.21 -22.42 4.99
N ILE C 17 -6.27 -22.15 4.10
CA ILE C 17 -4.89 -21.99 4.50
C ILE C 17 -4.33 -20.74 3.84
N GLU C 18 -3.74 -19.85 4.65
CA GLU C 18 -3.02 -18.69 4.17
C GLU C 18 -1.54 -19.02 4.11
N TYR C 19 -0.97 -18.96 2.90
CA TYR C 19 0.47 -19.14 2.68
C TYR C 19 1.20 -17.81 2.61
N ASN C 20 0.70 -16.89 1.79
CA ASN C 20 1.31 -15.58 1.62
CA ASN C 20 1.30 -15.57 1.61
C ASN C 20 0.69 -14.65 2.65
N THR C 21 1.32 -14.61 3.85
CA THR C 21 0.82 -13.84 4.98
C THR C 21 1.38 -12.43 4.97
N PRO C 22 0.76 -11.51 5.71
CA PRO C 22 1.32 -10.16 5.78
C PRO C 22 2.73 -10.12 6.30
N ILE C 23 3.14 -11.08 7.14
CA ILE C 23 4.51 -11.12 7.64
C ILE C 23 5.50 -11.29 6.48
N HIS C 24 5.10 -12.05 5.46
CA HIS C 24 5.99 -12.27 4.32
C HIS C 24 6.23 -11.00 3.50
N ASP C 25 5.37 -9.99 3.65
CA ASP C 25 5.52 -8.73 2.95
C ASP C 25 6.39 -7.74 3.72
N ILE C 26 6.83 -8.08 4.93
CA ILE C 26 7.66 -7.15 5.69
C ILE C 26 9.08 -7.22 5.16
N LYS C 27 9.62 -6.08 4.73
CA LYS C 27 11.02 -5.99 4.33
C LYS C 27 11.86 -5.75 5.57
N VAL C 28 12.79 -6.66 5.83
CA VAL C 28 13.59 -6.63 7.06
C VAL C 28 15.03 -6.26 6.70
N GLN C 29 15.60 -5.32 7.44
CA GLN C 29 17.00 -4.98 7.29
C GLN C 29 17.69 -4.87 8.64
N VAL C 30 18.91 -5.39 8.69
CA VAL C 30 19.72 -5.40 9.90
C VAL C 30 20.91 -4.46 9.68
N TYR C 31 21.14 -3.58 10.62
CA TYR C 31 22.24 -2.63 10.56
C TYR C 31 23.09 -2.82 11.79
N ASP C 32 24.39 -2.54 11.66
CA ASP C 32 25.25 -2.59 12.84
C ASP C 32 25.03 -1.35 13.67
N ILE C 33 24.88 -1.56 14.98
CA ILE C 33 24.58 -0.47 15.90
C ILE C 33 25.73 0.53 16.03
N LYS C 34 26.97 0.12 15.74
CA LYS C 34 28.10 1.04 15.88
C LYS C 34 27.99 2.21 14.91
N GLY C 35 27.21 2.07 13.83
CA GLY C 35 27.03 3.17 12.91
C GLY C 35 25.98 4.18 13.35
N GLY C 36 25.32 3.94 14.47
CA GLY C 36 24.27 4.83 14.94
C GLY C 36 22.92 4.53 14.30
N CYS C 37 21.87 5.00 14.97
CA CYS C 37 20.50 4.73 14.59
C CYS C 37 19.90 5.95 13.90
N ASN C 38 19.36 5.75 12.71
CA ASN C 38 18.59 6.78 12.03
C ASN C 38 17.12 6.65 12.42
N VAL C 39 16.51 7.76 12.80
CA VAL C 39 15.15 7.77 13.32
C VAL C 39 14.34 8.66 12.39
N GLU C 40 13.79 8.08 11.33
CA GLU C 40 13.13 8.84 10.27
C GLU C 40 11.62 8.70 10.27
N GLU C 41 11.08 7.50 10.45
CA GLU C 41 9.65 7.25 10.27
C GLU C 41 9.18 6.15 11.19
N GLY C 42 7.87 6.09 11.40
CA GLY C 42 7.30 4.94 12.09
C GLY C 42 7.59 4.98 13.58
N LEU C 43 7.80 3.80 14.15
CA LEU C 43 8.09 3.63 15.57
C LEU C 43 9.47 2.99 15.74
N THR C 44 10.30 3.57 16.62
CA THR C 44 11.62 3.04 16.96
C THR C 44 11.62 2.66 18.43
N ILE C 45 11.91 1.38 18.71
CA ILE C 45 11.83 0.84 20.06
C ILE C 45 13.21 0.37 20.48
N PHE C 46 13.66 0.83 21.65
CA PHE C 46 14.92 0.41 22.22
C PHE C 46 14.65 -0.72 23.22
N LEU C 47 15.37 -1.83 23.07
CA LEU C 47 15.30 -2.91 24.04
C LEU C 47 16.37 -2.66 25.09
N VAL C 48 15.94 -2.37 26.32
CA VAL C 48 16.86 -1.83 27.32
C VAL C 48 16.72 -2.63 28.61
N ASN C 49 17.86 -2.93 29.24
CA ASN C 49 17.88 -3.54 30.55
C ASN C 49 18.73 -2.67 31.48
N ASN C 50 18.90 -3.12 32.72
CA ASN C 50 19.81 -2.46 33.65
C ASN C 50 20.42 -3.56 34.52
N PRO C 51 21.56 -4.11 34.11
CA PRO C 51 22.09 -5.31 34.76
C PRO C 51 22.38 -5.06 36.24
N GLY C 52 21.86 -5.97 37.07
CA GLY C 52 22.03 -5.92 38.51
C GLY C 52 21.21 -4.89 39.26
N LYS C 53 20.48 -4.00 38.59
CA LYS C 53 19.69 -2.98 39.28
C LYS C 53 18.20 -3.24 39.02
N GLU C 54 17.53 -3.87 40.00
CA GLU C 54 16.12 -4.21 39.87
C GLU C 54 15.27 -2.96 39.70
N ASN C 55 14.31 -3.01 38.77
CA ASN C 55 13.57 -1.84 38.32
C ASN C 55 14.42 -0.59 38.22
N GLY C 56 15.65 -0.73 37.73
CA GLY C 56 16.55 0.40 37.59
C GLY C 56 16.15 1.31 36.45
N PRO C 57 16.84 2.44 36.33
CA PRO C 57 16.43 3.44 35.32
C PRO C 57 16.75 3.03 33.89
N VAL C 58 16.01 3.62 32.97
CA VAL C 58 16.29 3.53 31.55
C VAL C 58 17.43 4.46 31.19
N LYS C 59 18.43 3.93 30.51
CA LYS C 59 19.52 4.72 29.92
C LYS C 59 19.82 4.14 28.55
N ILE C 60 19.81 5.01 27.55
CA ILE C 60 20.00 4.60 26.16
C ILE C 60 21.48 4.66 25.81
N SER C 61 22.02 3.53 25.32
CA SER C 61 23.44 3.39 25.05
C SER C 61 23.79 3.76 23.62
N SER C 62 22.85 3.57 22.70
CA SER C 62 23.14 3.69 21.30
C SER C 62 23.41 5.12 20.90
N LYS C 63 24.27 5.29 19.91
CA LYS C 63 24.34 6.57 19.25
C LYS C 63 23.10 6.72 18.39
N VAL C 64 22.48 7.89 18.45
CA VAL C 64 21.30 8.22 17.64
C VAL C 64 21.70 9.35 16.71
N ASN C 65 21.49 9.16 15.41
CA ASN C 65 21.96 10.11 14.41
C ASN C 65 20.96 11.23 14.18
N ASP C 66 20.42 11.78 15.27
CA ASP C 66 19.47 12.86 15.20
C ASP C 66 19.62 13.68 16.46
N LYS C 67 19.82 14.99 16.31
CA LYS C 67 20.06 15.80 17.49
C LYS C 67 18.79 15.94 18.32
N GLN C 68 17.63 16.10 17.67
CA GLN C 68 16.38 16.27 18.42
C GLN C 68 16.03 15.00 19.19
N VAL C 69 16.12 13.83 18.54
CA VAL C 69 15.84 12.58 19.23
C VAL C 69 16.90 12.31 20.30
N SER C 70 18.17 12.64 20.00
CA SER C 70 19.21 12.44 21.01
C SER C 70 18.92 13.24 22.26
N GLU C 71 18.41 14.47 22.09
CA GLU C 71 18.07 15.33 23.22
C GLU C 71 16.93 14.73 24.04
N PHE C 72 15.90 14.21 23.36
CA PHE C 72 14.81 13.57 24.09
C PHE C 72 15.29 12.40 24.92
N LEU C 73 16.24 11.63 24.40
CA LEU C 73 16.68 10.38 25.03
C LEU C 73 17.76 10.58 26.10
N LYS C 74 18.01 11.81 26.57
CA LYS C 74 19.00 12.04 27.63
C LYS C 74 18.63 11.26 28.89
N ASP C 75 19.65 10.87 29.66
CA ASP C 75 19.38 10.16 30.90
C ASP C 75 18.43 10.96 31.78
N GLU C 76 18.58 12.28 31.79
CA GLU C 76 17.75 13.12 32.64
C GLU C 76 16.28 13.03 32.26
N ASN C 77 15.96 12.97 30.97
CA ASN C 77 14.56 12.84 30.58
CA ASN C 77 14.57 12.81 30.55
C ASN C 77 14.05 11.39 30.73
N MET C 78 14.95 10.41 30.79
CA MET C 78 14.57 9.00 30.86
C MET C 78 14.47 8.48 32.28
N GLU C 79 14.91 9.25 33.29
CA GLU C 79 15.03 8.74 34.67
C GLU C 79 13.69 8.44 35.36
N LYS C 80 12.57 9.01 34.91
CA LYS C 80 11.32 8.57 35.53
C LYS C 80 10.88 7.18 35.07
N PHE C 81 11.55 6.60 34.08
CA PHE C 81 11.15 5.29 33.56
C PHE C 81 12.13 4.20 34.01
N ASN C 82 11.61 2.99 34.19
CA ASN C 82 12.42 1.87 34.67
C ASN C 82 12.33 0.69 33.71
N VAL C 83 13.21 -0.29 33.92
CA VAL C 83 13.44 -1.38 32.99
C VAL C 83 12.63 -2.64 33.33
N LYS C 84 11.63 -2.53 34.21
CA LYS C 84 10.86 -3.71 34.62
C LYS C 84 10.42 -4.51 33.39
N LEU C 85 10.71 -5.82 33.42
CA LEU C 85 10.47 -6.69 32.27
C LEU C 85 9.04 -6.56 31.77
N GLY C 86 8.89 -6.20 30.48
CA GLY C 86 7.59 -6.06 29.90
C GLY C 86 6.98 -4.66 29.95
N THR C 87 7.52 -3.74 30.75
CA THR C 87 6.99 -2.38 30.72
C THR C 87 7.46 -1.70 29.44
N SER C 88 6.65 -0.75 28.98
CA SER C 88 6.99 -0.01 27.77
C SER C 88 6.45 1.41 27.91
N LYS C 89 7.04 2.33 27.17
CA LYS C 89 6.57 3.71 27.06
C LYS C 89 6.67 4.14 25.60
N HIS C 90 5.81 5.09 25.20
CA HIS C 90 5.84 5.71 23.88
C HIS C 90 6.23 7.18 24.01
N PHE C 91 7.01 7.68 23.04
CA PHE C 91 7.45 9.08 22.98
C PHE C 91 7.10 9.64 21.61
N TYR C 92 6.72 10.91 21.57
CA TYR C 92 6.44 11.61 20.33
C TYR C 92 7.33 12.86 20.20
N MET C 93 7.89 13.07 19.02
CA MET C 93 8.80 14.20 18.80
C MET C 93 9.04 14.43 17.32
N PHE C 94 9.61 15.59 17.02
CA PHE C 94 10.02 15.95 15.67
C PHE C 94 11.52 15.76 15.51
N ASN C 95 11.94 15.15 14.40
CA ASN C 95 13.36 14.90 14.20
C ASN C 95 14.02 16.12 13.52
N ASP C 96 15.29 15.97 13.15
CA ASP C 96 16.05 17.07 12.55
C ASP C 96 15.46 17.51 11.21
N ASN C 97 14.74 16.64 10.51
CA ASN C 97 14.12 16.99 9.24
C ASN C 97 12.70 17.49 9.45
N LYS C 98 12.34 17.81 10.69
CA LYS C 98 11.02 18.35 11.04
C LYS C 98 9.89 17.37 10.70
N ASN C 99 10.18 16.07 10.73
CA ASN C 99 9.12 15.07 10.61
C ASN C 99 8.85 14.46 11.98
N SER C 100 7.58 14.22 12.27
CA SER C 100 7.21 13.61 13.55
C SER C 100 7.60 12.14 13.52
N VAL C 101 8.21 11.68 14.62
CA VAL C 101 8.54 10.27 14.79
C VAL C 101 8.07 9.80 16.15
N ALA C 102 7.87 8.50 16.25
CA ALA C 102 7.53 7.86 17.51
C ALA C 102 8.71 6.98 17.93
N VAL C 103 9.06 7.08 19.20
CA VAL C 103 10.19 6.40 19.82
C VAL C 103 9.72 5.84 21.14
N GLY C 104 10.33 4.73 21.56
CA GLY C 104 9.99 4.20 22.86
C GLY C 104 10.96 3.12 23.28
N TYR C 105 10.58 2.40 24.32
CA TYR C 105 11.43 1.33 24.80
C TYR C 105 10.54 0.22 25.37
N VAL C 106 11.11 -0.96 25.46
CA VAL C 106 10.55 -2.08 26.20
C VAL C 106 11.58 -2.51 27.23
N GLY C 107 11.17 -2.59 28.50
CA GLY C 107 12.09 -2.97 29.55
C GLY C 107 12.41 -4.45 29.48
N CYS C 108 13.69 -4.78 29.61
CA CYS C 108 14.17 -6.16 29.57
C CYS C 108 14.71 -6.62 30.92
N GLY C 109 14.34 -5.92 32.01
CA GLY C 109 14.66 -6.38 33.35
C GLY C 109 16.10 -6.08 33.75
N SER C 110 16.56 -6.84 34.74
CA SER C 110 17.87 -6.60 35.34
C SER C 110 18.76 -7.83 35.34
N VAL C 111 18.34 -8.92 34.71
CA VAL C 111 19.11 -10.16 34.66
C VAL C 111 19.62 -10.30 33.23
N ALA C 112 20.90 -10.02 33.03
CA ALA C 112 21.61 -10.00 31.76
C ALA C 112 21.19 -11.03 30.71
N ASP C 113 20.86 -12.26 31.12
CA ASP C 113 20.53 -13.33 30.19
C ASP C 113 19.03 -13.64 30.27
N LEU C 114 18.31 -13.37 29.17
CA LEU C 114 16.87 -13.60 29.13
C LEU C 114 16.55 -15.05 28.76
N SER C 115 15.63 -15.64 29.49
CA SER C 115 15.09 -16.95 29.13
C SER C 115 14.10 -16.83 27.98
N GLU C 116 13.69 -17.98 27.44
CA GLU C 116 12.65 -17.96 26.42
C GLU C 116 11.38 -17.32 26.97
N ALA C 117 11.07 -17.59 28.25
CA ALA C 117 9.88 -17.01 28.83
C ALA C 117 10.01 -15.49 28.90
N ASP C 118 11.18 -14.99 29.35
CA ASP C 118 11.40 -13.54 29.41
C ASP C 118 11.35 -12.90 28.03
N MET C 119 11.98 -13.54 27.05
CA MET C 119 12.03 -12.94 25.72
C MET C 119 10.62 -12.86 25.13
N LYS C 120 9.79 -13.88 25.38
CA LYS C 120 8.41 -13.82 24.90
C LYS C 120 7.64 -12.68 25.59
N ARG C 121 7.90 -12.44 26.88
CA ARG C 121 7.24 -11.32 27.55
C ARG C 121 7.63 -10.01 26.88
N VAL C 122 8.91 -9.86 26.52
CA VAL C 122 9.36 -8.67 25.81
C VAL C 122 8.63 -8.55 24.47
N VAL C 123 8.53 -9.65 23.72
CA VAL C 123 7.88 -9.60 22.42
C VAL C 123 6.41 -9.23 22.56
N LEU C 124 5.72 -9.78 23.55
CA LEU C 124 4.30 -9.46 23.71
C LEU C 124 4.11 -7.97 24.00
N SER C 125 4.99 -7.35 24.80
CA SER C 125 4.85 -5.91 25.04
C SER C 125 5.06 -5.13 23.76
N LEU C 126 6.04 -5.53 22.96
CA LEU C 126 6.27 -4.89 21.66
C LEU C 126 5.03 -5.01 20.77
N VAL C 127 4.41 -6.19 20.75
CA VAL C 127 3.25 -6.38 19.90
C VAL C 127 2.08 -5.52 20.34
N THR C 128 1.93 -5.26 21.66
CA THR C 128 0.89 -4.32 22.09
C THR C 128 1.12 -2.92 21.50
N MET C 129 2.39 -2.55 21.29
CA MET C 129 2.70 -1.27 20.68
C MET C 129 2.35 -1.25 19.20
N LEU C 130 2.41 -2.41 18.54
CA LEU C 130 2.02 -2.48 17.13
C LEU C 130 0.51 -2.51 16.94
N HIS C 131 -0.22 -3.10 17.87
CA HIS C 131 -1.66 -3.21 17.76
C HIS C 131 -2.34 -1.89 18.08
N ASP C 132 -3.42 -1.60 17.36
CA ASP C 132 -4.21 -0.39 17.55
C ASP C 132 -3.38 0.87 17.26
N ASN C 133 -2.44 0.76 16.33
CA ASN C 133 -1.63 1.89 15.88
C ASN C 133 -1.22 1.61 14.45
N LYS C 134 -1.64 2.46 13.53
CA LYS C 134 -1.39 2.31 12.11
C LYS C 134 0.00 2.82 11.75
N LEU C 135 0.99 1.91 11.84
CA LEU C 135 2.39 2.20 11.56
C LEU C 135 2.82 1.54 10.27
N SER C 136 3.67 2.23 9.50
CA SER C 136 4.26 1.63 8.31
C SER C 136 5.59 0.94 8.58
N LYS C 137 6.28 1.29 9.66
CA LYS C 137 7.62 0.76 9.92
C LYS C 137 7.85 0.58 11.42
N LEU C 138 8.51 -0.52 11.80
CA LEU C 138 9.05 -0.69 13.13
C LEU C 138 10.58 -0.81 13.05
N THR C 139 11.28 -0.14 13.94
CA THR C 139 12.72 -0.30 14.10
C THR C 139 13.00 -0.73 15.53
N VAL C 140 13.80 -1.77 15.70
CA VAL C 140 14.12 -2.33 17.01
C VAL C 140 15.62 -2.18 17.25
N VAL C 141 15.99 -1.57 18.37
CA VAL C 141 17.40 -1.35 18.73
C VAL C 141 17.73 -2.24 19.91
N PHE C 142 18.64 -3.21 19.68
CA PHE C 142 19.04 -4.18 20.71
C PHE C 142 20.14 -3.53 21.55
N GLU C 143 19.78 -3.04 22.74
CA GLU C 143 20.76 -2.64 23.73
C GLU C 143 20.91 -3.68 24.81
N ILE C 144 20.66 -4.94 24.45
CA ILE C 144 20.81 -6.10 25.30
C ILE C 144 21.63 -7.10 24.50
N ASN C 145 22.20 -8.08 25.19
CA ASN C 145 23.04 -9.09 24.56
C ASN C 145 22.19 -10.33 24.34
N VAL C 146 22.10 -10.77 23.09
CA VAL C 146 21.40 -12.01 22.74
C VAL C 146 22.29 -12.80 21.81
N ASP C 147 22.27 -14.13 21.96
CA ASP C 147 23.02 -14.92 21.00
C ASP C 147 22.16 -15.13 19.75
N LYS C 148 22.75 -15.82 18.78
CA LYS C 148 22.13 -15.97 17.47
C LYS C 148 20.78 -16.69 17.55
N ASN C 149 20.71 -17.76 18.35
CA ASN C 149 19.45 -18.50 18.50
C ASN C 149 18.39 -17.66 19.19
N LEU C 150 18.78 -16.85 20.18
CA LEU C 150 17.77 -16.04 20.87
C LEU C 150 17.29 -14.89 19.99
N PHE C 151 18.18 -14.34 19.16
CA PHE C 151 17.76 -13.34 18.19
C PHE C 151 16.78 -13.93 17.19
N ARG C 152 17.06 -15.13 16.69
CA ARG C 152 16.10 -15.77 15.79
C ARG C 152 14.78 -16.01 16.50
N PHE C 153 14.85 -16.45 17.75
CA PHE C 153 13.63 -16.68 18.52
C PHE C 153 12.82 -15.39 18.66
N PHE C 154 13.51 -14.26 18.87
CA PHE C 154 12.84 -12.97 18.95
C PHE C 154 12.01 -12.71 17.71
N LEU C 155 12.63 -12.88 16.53
CA LEU C 155 11.92 -12.59 15.28
C LEU C 155 10.77 -13.58 15.05
N GLU C 156 11.04 -14.88 15.22
CA GLU C 156 9.98 -15.88 15.07
C GLU C 156 8.80 -15.57 15.97
N THR C 157 9.10 -15.22 17.22
CA THR C 157 8.05 -14.96 18.19
C THR C 157 7.31 -13.68 17.82
N LEU C 158 8.05 -12.65 17.43
CA LEU C 158 7.43 -11.41 16.95
C LEU C 158 6.52 -11.69 15.76
N PHE C 159 7.04 -12.40 14.76
CA PHE C 159 6.22 -12.70 13.59
C PHE C 159 4.96 -13.46 13.97
N TYR C 160 5.11 -14.50 14.80
CA TYR C 160 3.98 -15.36 15.16
C TYR C 160 2.94 -14.62 15.99
N GLU C 161 3.36 -13.85 16.98
CA GLU C 161 2.39 -13.16 17.83
C GLU C 161 1.72 -12.00 17.10
N TYR C 162 2.44 -11.36 16.18
CA TYR C 162 1.89 -10.25 15.41
C TYR C 162 0.81 -10.71 14.44
N MET C 163 0.99 -11.88 13.85
CA MET C 163 0.05 -12.42 12.88
C MET C 163 -1.29 -12.72 13.53
N THR C 164 -2.39 -12.25 12.93
CA THR C 164 -3.73 -12.50 13.46
C THR C 164 -4.50 -13.35 12.48
N ASP C 165 -5.02 -14.48 12.95
CA ASP C 165 -5.70 -15.46 12.11
C ASP C 165 -7.18 -15.08 11.97
N GLU C 166 -7.56 -14.58 10.78
CA GLU C 166 -8.93 -14.14 10.54
C GLU C 166 -9.68 -15.02 9.55
N ARG C 167 -9.20 -16.26 9.32
CA ARG C 167 -9.79 -17.12 8.30
C ARG C 167 -11.26 -17.40 8.56
N PHE C 168 -11.68 -17.39 9.81
CA PHE C 168 -13.05 -17.72 10.17
C PHE C 168 -13.85 -16.51 10.60
N LYS C 169 -13.30 -15.31 10.45
CA LYS C 169 -14.06 -14.08 10.64
C LYS C 169 -14.83 -13.78 9.36
N SER C 170 -16.07 -13.35 9.51
CA SER C 170 -16.86 -12.96 8.35
C SER C 170 -17.39 -11.54 8.54
N THR C 171 -18.31 -11.36 9.48
CA THR C 171 -18.87 -10.03 9.76
C THR C 171 -18.09 -9.26 10.82
N ASP C 172 -17.02 -9.85 11.38
CA ASP C 172 -16.33 -9.23 12.52
C ASP C 172 -14.82 -9.20 12.29
N LYS C 173 -14.40 -9.08 11.03
CA LYS C 173 -12.99 -8.81 10.75
C LYS C 173 -12.61 -7.47 11.37
N ASN C 174 -11.35 -7.34 11.80
CA ASN C 174 -10.86 -6.11 12.41
C ASN C 174 -10.58 -5.10 11.30
N VAL C 175 -11.42 -4.07 11.21
CA VAL C 175 -11.31 -3.10 10.12
C VAL C 175 -10.09 -2.21 10.26
N ASN C 176 -9.48 -2.15 11.45
CA ASN C 176 -8.37 -1.24 11.69
C ASN C 176 -7.01 -1.92 11.65
N MET C 177 -6.97 -3.23 11.46
CA MET C 177 -5.70 -3.91 11.55
C MET C 177 -4.92 -3.65 10.27
N GLU C 178 -3.75 -3.03 10.41
CA GLU C 178 -2.82 -2.83 9.30
C GLU C 178 -1.45 -3.30 9.77
N TYR C 179 -0.75 -4.03 8.92
CA TYR C 179 0.59 -4.54 9.21
C TYR C 179 1.68 -3.58 8.74
N ILE C 180 2.76 -3.46 9.54
CA ILE C 180 3.95 -2.74 9.08
C ILE C 180 4.46 -3.39 7.80
N LYS C 181 5.11 -2.58 6.95
CA LYS C 181 5.73 -3.08 5.73
C LYS C 181 7.25 -3.17 5.82
N HIS C 182 7.84 -2.63 6.88
CA HIS C 182 9.29 -2.58 7.02
C HIS C 182 9.63 -2.83 8.47
N LEU C 183 10.68 -3.63 8.69
CA LEU C 183 11.24 -3.88 10.00
C LEU C 183 12.73 -3.57 9.92
N GLY C 184 13.18 -2.66 10.77
CA GLY C 184 14.60 -2.35 10.90
C GLY C 184 15.12 -2.88 12.22
N VAL C 185 16.33 -3.43 12.21
CA VAL C 185 16.94 -3.99 13.41
C VAL C 185 18.36 -3.43 13.51
N TYR C 186 18.68 -2.83 14.65
CA TYR C 186 20.04 -2.42 14.95
C TYR C 186 20.59 -3.34 16.03
N ILE C 187 21.75 -3.94 15.77
CA ILE C 187 22.35 -4.91 16.69
C ILE C 187 23.87 -4.88 16.51
N ASN C 188 24.59 -5.19 17.59
CA ASN C 188 26.04 -5.34 17.52
C ASN C 188 26.41 -6.54 16.66
N ASN C 189 27.48 -6.40 15.87
CA ASN C 189 27.96 -7.47 15.00
C ASN C 189 26.85 -7.96 14.08
N ALA C 190 26.23 -6.99 13.40
CA ALA C 190 25.02 -7.25 12.63
C ALA C 190 25.22 -8.32 11.57
N ASP C 191 26.41 -8.39 10.97
CA ASP C 191 26.63 -9.36 9.90
C ASP C 191 26.41 -10.80 10.38
N THR C 192 26.73 -11.08 11.65
CA THR C 192 26.56 -12.45 12.13
C THR C 192 25.10 -12.82 12.34
N TYR C 193 24.21 -11.84 12.48
CA TYR C 193 22.79 -12.14 12.72
C TYR C 193 21.96 -12.16 11.45
N LYS C 194 22.49 -11.63 10.34
CA LYS C 194 21.68 -11.44 9.14
C LYS C 194 21.12 -12.76 8.62
N GLU C 195 21.89 -13.86 8.74
CA GLU C 195 21.39 -15.15 8.26
C GLU C 195 20.24 -15.67 9.12
N GLU C 196 20.05 -15.16 10.34
CA GLU C 196 18.93 -15.63 11.15
C GLU C 196 17.60 -15.09 10.67
N VAL C 197 17.59 -14.03 9.87
CA VAL C 197 16.33 -13.38 9.52
C VAL C 197 15.48 -14.31 8.67
N GLU C 198 16.03 -14.79 7.56
CA GLU C 198 15.17 -15.59 6.72
C GLU C 198 14.96 -16.97 7.33
N LYS C 199 15.88 -17.44 8.18
CA LYS C 199 15.59 -18.63 8.96
C LYS C 199 14.40 -18.39 9.89
N ALA C 200 14.36 -17.23 10.57
CA ALA C 200 13.23 -16.92 11.44
C ALA C 200 11.93 -16.89 10.66
N ARG C 201 11.95 -16.34 9.44
CA ARG C 201 10.77 -16.26 8.62
C ARG C 201 10.27 -17.65 8.23
N VAL C 202 11.20 -18.57 7.96
CA VAL C 202 10.80 -19.94 7.63
C VAL C 202 10.21 -20.62 8.85
N TYR C 203 10.89 -20.51 9.99
CA TYR C 203 10.43 -21.09 11.25
C TYR C 203 9.10 -20.47 11.66
N TYR C 204 8.95 -19.16 11.47
CA TYR C 204 7.66 -18.54 11.73
C TYR C 204 6.55 -19.23 10.93
N PHE C 205 6.76 -19.42 9.62
CA PHE C 205 5.64 -19.95 8.86
C PHE C 205 5.37 -21.43 9.15
N GLY C 206 6.40 -22.23 9.40
CA GLY C 206 6.15 -23.61 9.82
C GLY C 206 5.30 -23.65 11.07
N THR C 207 5.59 -22.76 12.02
CA THR C 207 4.83 -22.70 13.26
C THR C 207 3.41 -22.14 13.03
N TYR C 208 3.30 -21.09 12.21
CA TYR C 208 1.98 -20.52 11.93
C TYR C 208 1.13 -21.46 11.09
N TYR C 209 1.76 -22.18 10.18
CA TYR C 209 1.04 -23.19 9.41
C TYR C 209 0.47 -24.27 10.32
N ALA C 210 1.29 -24.79 11.25
CA ALA C 210 0.79 -25.73 12.25
C ALA C 210 -0.35 -25.11 13.05
N SER C 211 -0.19 -23.85 13.46
CA SER C 211 -1.26 -23.20 14.19
C SER C 211 -2.55 -23.15 13.38
N GLN C 212 -2.43 -22.88 12.07
CA GLN C 212 -3.60 -22.80 11.20
C GLN C 212 -4.33 -24.13 11.15
N LEU C 213 -3.59 -25.23 11.05
CA LEU C 213 -4.24 -26.53 11.02
C LEU C 213 -4.91 -26.87 12.34
N ILE C 214 -4.23 -26.57 13.46
CA ILE C 214 -4.77 -26.87 14.79
C ILE C 214 -6.03 -26.06 15.05
N ALA C 215 -5.95 -24.74 14.85
CA ALA C 215 -7.10 -23.88 15.13
C ALA C 215 -8.28 -24.16 14.20
N ALA C 216 -8.04 -24.68 13.00
CA ALA C 216 -9.13 -25.05 12.09
C ALA C 216 -10.06 -26.05 12.80
N PRO C 217 -11.35 -25.77 12.93
CA PRO C 217 -12.24 -26.70 13.65
C PRO C 217 -12.42 -28.02 12.92
N SER C 218 -12.95 -29.00 13.68
CA SER C 218 -13.02 -30.36 13.15
C SER C 218 -14.01 -30.52 11.98
N ASN C 219 -14.96 -29.59 11.80
CA ASN C 219 -15.73 -29.67 10.56
C ASN C 219 -14.90 -29.23 9.35
N TYR C 220 -13.96 -28.29 9.53
CA TYR C 220 -13.06 -27.93 8.44
C TYR C 220 -11.90 -28.91 8.31
N CYS C 221 -11.29 -29.24 9.43
CA CYS C 221 -10.08 -30.05 9.48
C CYS C 221 -10.48 -31.45 9.94
N ASN C 222 -10.67 -32.36 8.98
CA ASN C 222 -11.05 -33.74 9.17
C ASN C 222 -10.03 -34.62 8.48
N PRO C 223 -10.11 -35.95 8.62
CA PRO C 223 -9.04 -36.78 8.06
C PRO C 223 -8.81 -36.60 6.57
N VAL C 224 -9.87 -36.32 5.80
CA VAL C 224 -9.72 -36.17 4.36
C VAL C 224 -9.10 -34.81 4.02
N SER C 225 -9.65 -33.72 4.59
CA SER C 225 -9.15 -32.39 4.26
C SER C 225 -7.74 -32.15 4.81
N LEU C 226 -7.42 -32.78 5.94
CA LEU C 226 -6.07 -32.63 6.48
C LEU C 226 -5.05 -33.34 5.61
N SER C 227 -5.39 -34.54 5.14
CA SER C 227 -4.45 -35.21 4.25
C SER C 227 -4.41 -34.53 2.90
N ASN C 228 -5.54 -33.98 2.43
CA ASN C 228 -5.53 -33.19 1.21
C ASN C 228 -4.60 -31.99 1.38
N ALA C 229 -4.63 -31.35 2.55
CA ALA C 229 -3.73 -30.21 2.79
C ALA C 229 -2.27 -30.67 2.74
N ALA C 230 -1.97 -31.84 3.30
CA ALA C 230 -0.59 -32.35 3.29
C ALA C 230 -0.10 -32.63 1.86
N VAL C 231 -0.97 -33.16 1.00
CA VAL C 231 -0.59 -33.35 -0.40
C VAL C 231 -0.25 -32.01 -1.05
N GLU C 232 -1.11 -31.02 -0.83
CA GLU C 232 -0.89 -29.70 -1.42
C GLU C 232 0.44 -29.12 -0.96
N LEU C 233 0.76 -29.29 0.33
CA LEU C 233 2.05 -28.83 0.86
C LEU C 233 3.21 -29.54 0.17
N ALA C 234 3.11 -30.87 0.06
CA ALA C 234 4.16 -31.64 -0.59
C ALA C 234 4.37 -31.19 -2.03
N GLN C 235 3.27 -30.92 -2.74
CA GLN C 235 3.39 -30.47 -4.12
C GLN C 235 4.09 -29.13 -4.21
N LYS C 236 3.78 -28.22 -3.29
CA LYS C 236 4.44 -26.92 -3.31
C LYS C 236 5.91 -27.02 -2.97
N LEU C 237 6.29 -28.03 -2.17
CA LEU C 237 7.67 -28.19 -1.73
C LEU C 237 8.44 -29.20 -2.55
N ASN C 238 7.81 -29.86 -3.50
CA ASN C 238 8.47 -30.89 -4.28
C ASN C 238 8.93 -32.05 -3.39
N LEU C 239 8.14 -32.36 -2.38
CA LEU C 239 8.35 -33.56 -1.58
C LEU C 239 7.65 -34.73 -2.23
N GLU C 240 8.21 -35.92 -2.08
CA GLU C 240 7.45 -37.11 -2.43
C GLU C 240 6.36 -37.30 -1.39
N TYR C 241 5.21 -37.80 -1.83
CA TYR C 241 4.07 -37.98 -0.94
C TYR C 241 3.27 -39.21 -1.35
N LYS C 242 2.64 -39.81 -0.34
CA LYS C 242 1.75 -40.95 -0.49
C LYS C 242 0.69 -40.84 0.60
N ILE C 243 -0.58 -40.94 0.23
CA ILE C 243 -1.67 -41.02 1.20
C ILE C 243 -2.24 -42.43 1.14
N LEU C 244 -2.18 -43.16 2.24
CA LEU C 244 -2.72 -44.50 2.29
C LEU C 244 -4.18 -44.44 2.72
N GLY C 245 -5.07 -45.04 1.94
CA GLY C 245 -6.47 -45.12 2.28
C GLY C 245 -6.82 -46.46 2.91
N VAL C 246 -8.12 -46.59 3.25
CA VAL C 246 -8.57 -47.72 4.06
C VAL C 246 -8.21 -49.06 3.42
N LYS C 247 -8.38 -49.20 2.09
CA LYS C 247 -8.09 -50.49 1.48
C LYS C 247 -6.62 -50.86 1.64
N GLU C 248 -5.71 -49.89 1.47
CA GLU C 248 -4.30 -50.19 1.69
C GLU C 248 -3.99 -50.41 3.18
N LEU C 249 -4.65 -49.65 4.07
CA LEU C 249 -4.44 -49.87 5.50
C LEU C 249 -4.93 -51.24 5.95
N GLU C 250 -6.00 -51.76 5.34
CA GLU C 250 -6.47 -53.12 5.63
C GLU C 250 -5.43 -54.15 5.22
N GLU C 251 -4.83 -53.96 4.04
CA GLU C 251 -3.81 -54.89 3.55
C GLU C 251 -2.58 -54.90 4.46
N LEU C 252 -2.24 -53.75 5.02
CA LEU C 252 -1.14 -53.65 5.97
C LEU C 252 -1.54 -54.09 7.37
N LYS C 253 -2.80 -54.47 7.55
CA LYS C 253 -3.31 -55.03 8.81
C LYS C 253 -3.19 -54.05 9.99
N MET C 254 -3.43 -52.76 9.72
CA MET C 254 -3.35 -51.79 10.82
C MET C 254 -4.67 -51.73 11.58
N GLY C 255 -4.95 -52.82 12.31
CA GLY C 255 -6.23 -52.98 13.01
C GLY C 255 -6.39 -52.07 14.21
N ALA C 256 -5.29 -51.61 14.80
CA ALA C 256 -5.44 -50.68 15.93
C ALA C 256 -5.88 -49.30 15.44
N TYR C 257 -5.16 -48.76 14.46
CA TYR C 257 -5.52 -47.48 13.87
C TYR C 257 -6.90 -47.52 13.20
N LEU C 258 -7.20 -48.58 12.46
CA LEU C 258 -8.49 -48.62 11.79
C LEU C 258 -9.65 -48.71 12.78
N SER C 259 -9.46 -49.43 13.89
CA SER C 259 -10.55 -49.52 14.86
C SER C 259 -10.90 -48.15 15.42
N VAL C 260 -9.91 -47.29 15.71
CA VAL C 260 -10.23 -45.97 16.26
C VAL C 260 -11.14 -45.19 15.32
N GLY C 261 -10.90 -45.30 14.01
CA GLY C 261 -11.66 -44.53 13.03
C GLY C 261 -12.98 -45.12 12.60
N LYS C 262 -13.35 -46.31 13.09
CA LYS C 262 -14.54 -47.01 12.60
C LYS C 262 -15.80 -46.16 12.74
N GLY C 263 -15.92 -45.43 13.83
CA GLY C 263 -17.12 -44.66 14.08
C GLY C 263 -17.23 -43.34 13.35
N SER C 264 -16.28 -42.97 12.50
CA SER C 264 -16.26 -41.65 11.86
C SER C 264 -16.88 -41.70 10.47
N MET C 265 -17.52 -40.60 10.06
CA MET C 265 -17.96 -40.48 8.66
C MET C 265 -16.82 -40.22 7.71
N TYR C 266 -15.65 -39.89 8.21
CA TYR C 266 -14.47 -39.62 7.40
C TYR C 266 -13.57 -40.85 7.35
N PRO C 267 -13.20 -41.34 6.18
CA PRO C 267 -12.28 -42.48 6.09
C PRO C 267 -10.90 -42.12 6.65
N ASN C 268 -10.28 -43.10 7.29
CA ASN C 268 -8.89 -42.94 7.72
C ASN C 268 -8.01 -42.61 6.53
N LYS C 269 -7.04 -41.72 6.75
CA LYS C 269 -6.03 -41.33 5.77
C LYS C 269 -4.67 -41.29 6.47
N PHE C 270 -3.71 -42.05 5.97
CA PHE C 270 -2.37 -42.11 6.57
C PHE C 270 -1.43 -41.27 5.72
N ILE C 271 -0.86 -40.21 6.28
CA ILE C 271 0.00 -39.29 5.54
C ILE C 271 1.44 -39.81 5.57
N HIS C 272 2.08 -39.90 4.41
CA HIS C 272 3.51 -40.24 4.34
C HIS C 272 4.18 -39.28 3.36
N LEU C 273 4.85 -38.26 3.88
CA LEU C 273 5.67 -37.39 3.06
C LEU C 273 7.15 -37.73 3.25
N THR C 274 7.95 -37.49 2.22
CA THR C 274 9.38 -37.80 2.32
C THR C 274 10.25 -36.69 1.74
N TYR C 275 11.23 -36.23 2.51
CA TYR C 275 12.30 -35.37 2.01
C TYR C 275 13.57 -36.21 1.89
N LYS C 276 14.25 -36.12 0.76
CA LYS C 276 15.54 -36.77 0.61
C LYS C 276 16.56 -35.79 0.07
N SER C 277 17.71 -35.71 0.72
CA SER C 277 18.78 -34.84 0.25
C SER C 277 19.34 -35.39 -1.07
N LYS C 278 19.84 -34.49 -1.89
CA LYS C 278 20.65 -34.91 -3.02
C LYS C 278 22.01 -35.34 -2.47
N GLY C 279 22.57 -36.40 -3.03
CA GLY C 279 23.84 -36.90 -2.54
C GLY C 279 23.67 -38.04 -1.54
N ASP C 280 24.75 -38.29 -0.80
CA ASP C 280 24.76 -39.40 0.14
C ASP C 280 23.84 -39.14 1.33
N VAL C 281 22.97 -40.11 1.61
CA VAL C 281 22.09 -40.06 2.78
C VAL C 281 22.82 -40.70 3.94
N LYS C 282 23.12 -39.92 4.99
CA LYS C 282 23.82 -40.47 6.14
C LYS C 282 22.91 -40.83 7.31
N LYS C 283 21.72 -40.24 7.38
CA LYS C 283 20.81 -40.53 8.46
C LYS C 283 19.40 -40.55 7.90
N LYS C 284 18.64 -41.55 8.31
CA LYS C 284 17.23 -41.68 7.97
C LYS C 284 16.42 -41.53 9.25
N ILE C 285 15.41 -40.66 9.21
CA ILE C 285 14.62 -40.29 10.38
C ILE C 285 13.13 -40.39 10.04
N ALA C 286 12.35 -40.94 10.96
CA ALA C 286 10.89 -40.93 10.85
C ALA C 286 10.31 -40.04 11.94
N LEU C 287 9.53 -39.04 11.54
CA LEU C 287 8.80 -38.20 12.46
C LEU C 287 7.32 -38.58 12.37
N VAL C 288 6.73 -38.96 13.51
CA VAL C 288 5.37 -39.49 13.57
C VAL C 288 4.56 -38.53 14.42
N GLY C 289 3.47 -38.00 13.87
CA GLY C 289 2.61 -37.07 14.60
C GLY C 289 1.24 -37.67 14.87
N LYS C 290 0.76 -37.51 16.10
CA LYS C 290 -0.60 -37.95 16.40
C LYS C 290 -1.61 -37.06 15.67
N GLY C 291 -2.52 -37.67 14.92
CA GLY C 291 -3.46 -36.94 14.08
C GLY C 291 -4.93 -37.28 14.28
N ILE C 292 -5.46 -37.00 15.47
CA ILE C 292 -6.87 -37.21 15.75
C ILE C 292 -7.54 -35.86 15.50
N THR C 293 -8.35 -35.78 14.43
CA THR C 293 -8.87 -34.46 14.02
C THR C 293 -9.98 -33.98 14.94
N PHE C 294 -10.68 -34.91 15.60
CA PHE C 294 -11.54 -34.60 16.74
C PHE C 294 -11.55 -35.81 17.65
N ASP C 295 -11.39 -35.58 18.96
CA ASP C 295 -11.42 -36.63 19.96
C ASP C 295 -12.64 -36.42 20.85
N SER C 296 -13.75 -37.11 20.52
CA SER C 296 -14.92 -37.10 21.40
C SER C 296 -14.73 -38.01 22.62
N GLY C 297 -13.73 -38.90 22.58
CA GLY C 297 -13.59 -40.00 23.53
C GLY C 297 -14.17 -41.32 23.07
N GLY C 298 -15.08 -41.31 22.08
CA GLY C 298 -15.78 -42.53 21.70
C GLY C 298 -16.81 -42.89 22.76
N TYR C 299 -17.11 -44.19 22.88
CA TYR C 299 -18.11 -44.62 23.85
C TYR C 299 -17.69 -44.26 25.28
N ASN C 300 -16.38 -44.20 25.56
CA ASN C 300 -15.88 -43.52 26.76
C ASN C 300 -15.90 -42.00 26.54
N LEU C 301 -17.12 -41.48 26.36
CA LEU C 301 -17.30 -40.10 25.94
C LEU C 301 -16.70 -39.14 26.95
N LYS C 302 -16.14 -38.03 26.46
CA LYS C 302 -15.61 -36.97 27.32
C LYS C 302 -16.78 -36.20 27.92
N ALA C 303 -17.36 -36.77 28.98
CA ALA C 303 -18.49 -36.16 29.65
C ALA C 303 -18.16 -35.71 31.08
N ALA C 304 -17.01 -36.07 31.60
CA ALA C 304 -16.69 -35.69 32.97
C ALA C 304 -16.38 -34.20 33.07
N PRO C 305 -16.71 -33.56 34.18
CA PRO C 305 -16.31 -32.17 34.39
C PRO C 305 -14.82 -31.99 34.15
N GLY C 306 -14.47 -30.98 33.34
CA GLY C 306 -13.06 -30.72 33.07
C GLY C 306 -12.43 -31.49 31.94
N SER C 307 -13.19 -32.23 31.13
CA SER C 307 -12.57 -33.00 30.06
C SER C 307 -12.39 -32.21 28.76
N MET C 308 -12.92 -30.96 28.66
CA MET C 308 -12.61 -30.04 27.55
C MET C 308 -12.89 -30.62 26.16
N ILE C 309 -14.06 -31.28 26.01
CA ILE C 309 -14.39 -31.81 24.69
C ILE C 309 -14.41 -30.71 23.64
N ASP C 310 -14.69 -29.47 24.05
CA ASP C 310 -14.80 -28.35 23.10
C ASP C 310 -13.46 -27.94 22.52
N LEU C 311 -12.36 -28.45 23.05
CA LEU C 311 -11.02 -28.03 22.57
C LEU C 311 -10.38 -29.15 21.76
N MET C 312 -11.08 -30.28 21.56
CA MET C 312 -10.45 -31.48 21.01
C MET C 312 -10.20 -31.44 19.52
N LYS C 313 -10.52 -30.34 18.84
CA LYS C 313 -9.90 -30.12 17.53
C LYS C 313 -8.39 -30.09 17.61
N PHE C 314 -7.82 -29.84 18.80
CA PHE C 314 -6.36 -29.73 18.91
C PHE C 314 -5.67 -31.08 19.03
N ASP C 315 -6.41 -32.19 18.93
CA ASP C 315 -5.78 -33.50 19.10
C ASP C 315 -5.00 -33.98 17.88
N MET C 316 -4.89 -33.15 16.82
CA MET C 316 -3.96 -33.40 15.73
C MET C 316 -2.77 -32.44 15.76
N SER C 317 -2.50 -31.84 16.92
CA SER C 317 -1.36 -30.94 17.05
C SER C 317 -0.05 -31.65 16.72
N GLY C 318 0.04 -32.95 17.03
CA GLY C 318 1.26 -33.66 16.70
C GLY C 318 1.49 -33.77 15.20
N CYS C 319 0.45 -34.18 14.47
CA CYS C 319 0.50 -34.16 13.01
C CYS C 319 0.81 -32.75 12.50
N ALA C 320 0.18 -31.72 13.10
CA ALA C 320 0.44 -30.35 12.64
C ALA C 320 1.92 -29.99 12.79
N ALA C 321 2.54 -30.35 13.91
CA ALA C 321 3.97 -30.07 14.10
C ALA C 321 4.81 -30.77 13.05
N VAL C 322 4.46 -32.02 12.73
CA VAL C 322 5.23 -32.78 11.75
C VAL C 322 5.10 -32.15 10.35
N LEU C 323 3.90 -31.68 10.00
CA LEU C 323 3.74 -31.02 8.70
C LEU C 323 4.41 -29.65 8.67
N GLY C 324 4.35 -28.91 9.79
CA GLY C 324 5.12 -27.68 9.85
C GLY C 324 6.62 -27.94 9.74
N CYS C 325 7.09 -29.03 10.33
CA CYS C 325 8.49 -29.40 10.14
C CYS C 325 8.78 -29.70 8.67
N ALA C 326 7.85 -30.40 8.00
CA ALA C 326 8.05 -30.67 6.59
C ALA C 326 8.17 -29.39 5.79
N TYR C 327 7.38 -28.36 6.12
CA TYR C 327 7.55 -27.08 5.45
C TYR C 327 8.97 -26.55 5.64
N CYS C 328 9.45 -26.53 6.89
CA CYS C 328 10.77 -25.94 7.17
C CYS C 328 11.89 -26.75 6.51
N VAL C 329 11.84 -28.08 6.64
CA VAL C 329 12.88 -28.93 6.06
C VAL C 329 12.84 -28.86 4.54
N GLY C 330 11.63 -28.91 3.96
CA GLY C 330 11.49 -28.79 2.52
C GLY C 330 11.91 -27.45 1.96
N THR C 331 11.87 -26.40 2.79
CA THR C 331 12.30 -25.08 2.38
C THR C 331 13.80 -24.90 2.54
N LEU C 332 14.36 -25.35 3.68
CA LEU C 332 15.78 -25.17 4.00
C LEU C 332 16.68 -26.23 3.37
N LYS C 333 16.12 -27.37 2.97
CA LYS C 333 16.83 -28.39 2.21
C LYS C 333 18.17 -28.82 2.83
N PRO C 334 18.15 -29.41 4.02
CA PRO C 334 19.40 -29.93 4.59
C PRO C 334 20.00 -31.06 3.75
N GLU C 335 21.31 -31.22 3.90
CA GLU C 335 22.05 -32.26 3.19
C GLU C 335 22.14 -33.51 4.08
N ASN C 336 22.41 -34.65 3.42
CA ASN C 336 22.78 -35.90 4.08
C ASN C 336 21.66 -36.59 4.86
N VAL C 337 20.39 -36.21 4.63
CA VAL C 337 19.30 -36.80 5.41
C VAL C 337 18.18 -37.26 4.50
N GLU C 338 17.43 -38.25 4.99
CA GLU C 338 16.15 -38.65 4.41
C GLU C 338 15.15 -38.63 5.56
N ILE C 339 14.06 -37.86 5.41
CA ILE C 339 13.11 -37.63 6.50
C ILE C 339 11.75 -38.08 6.01
N HIS C 340 11.09 -38.94 6.79
CA HIS C 340 9.73 -39.38 6.55
C HIS C 340 8.81 -38.68 7.54
N PHE C 341 7.76 -38.03 7.02
CA PHE C 341 6.79 -37.30 7.83
C PHE C 341 5.50 -38.12 7.80
N LEU C 342 5.10 -38.67 8.94
CA LEU C 342 4.05 -39.68 9.03
C LEU C 342 2.92 -39.24 9.97
N SER C 343 1.68 -39.53 9.60
CA SER C 343 0.60 -39.35 10.56
C SER C 343 -0.54 -40.28 10.21
N ALA C 344 -0.97 -41.08 11.18
CA ALA C 344 -2.15 -41.93 11.04
C ALA C 344 -3.35 -41.07 11.46
N VAL C 345 -4.00 -40.41 10.44
CA VAL C 345 -5.06 -39.43 10.72
C VAL C 345 -6.43 -40.10 10.73
N CYS C 346 -7.25 -39.76 11.73
CA CYS C 346 -8.60 -40.28 11.88
C CYS C 346 -9.34 -39.41 12.89
N GLU C 347 -10.61 -39.75 13.12
CA GLU C 347 -11.49 -39.03 14.03
C GLU C 347 -12.17 -40.04 14.98
N ASN C 348 -12.22 -39.72 16.28
CA ASN C 348 -12.71 -40.64 17.33
C ASN C 348 -14.15 -40.27 17.70
N MET C 349 -15.14 -41.04 17.20
CA MET C 349 -16.52 -40.59 17.21
C MET C 349 -17.42 -41.67 17.83
N VAL C 350 -18.68 -41.29 18.08
CA VAL C 350 -19.68 -42.20 18.65
C VAL C 350 -20.71 -42.54 17.59
N SER C 351 -20.93 -43.83 17.38
CA SER C 351 -21.71 -44.26 16.24
C SER C 351 -22.10 -45.72 16.47
N LYS C 352 -23.10 -46.18 15.71
CA LYS C 352 -23.32 -47.62 15.68
C LYS C 352 -22.07 -48.36 15.20
N ASN C 353 -21.20 -47.68 14.46
CA ASN C 353 -20.06 -48.34 13.86
C ASN C 353 -18.79 -48.25 14.71
N SER C 354 -18.82 -47.57 15.86
CA SER C 354 -17.60 -47.34 16.63
C SER C 354 -17.05 -48.64 17.24
N TYR C 355 -15.74 -48.64 17.51
CA TYR C 355 -15.18 -49.68 18.37
C TYR C 355 -15.65 -49.44 19.81
N ARG C 356 -15.62 -50.56 20.51
CA ARG C 356 -16.20 -50.54 21.85
C ARG C 356 -15.18 -50.79 22.97
N PRO C 357 -15.40 -50.25 24.19
CA PRO C 357 -14.59 -50.65 25.35
C PRO C 357 -14.65 -52.16 25.46
N GLY C 358 -13.52 -52.81 25.64
CA GLY C 358 -13.49 -54.25 25.75
C GLY C 358 -13.14 -54.97 24.46
N ASP C 359 -13.26 -54.32 23.30
CA ASP C 359 -12.91 -54.98 22.05
C ASP C 359 -11.46 -55.42 22.05
N ILE C 360 -11.18 -56.56 21.42
CA ILE C 360 -9.81 -57.00 21.21
C ILE C 360 -9.49 -56.82 19.74
N ILE C 361 -8.44 -56.04 19.46
CA ILE C 361 -8.08 -55.67 18.09
C ILE C 361 -6.64 -56.08 17.86
N THR C 362 -6.27 -56.24 16.59
CA THR C 362 -4.95 -56.76 16.24
C THR C 362 -4.12 -55.71 15.52
N ALA C 363 -2.97 -55.37 16.09
CA ALA C 363 -2.08 -54.39 15.49
C ALA C 363 -1.35 -55.03 14.30
N SER C 364 -0.74 -54.16 13.49
CA SER C 364 -0.07 -54.60 12.27
C SER C 364 1.19 -55.42 12.56
N ASN C 365 1.68 -55.46 13.81
CA ASN C 365 2.76 -56.38 14.11
C ASN C 365 2.26 -57.69 14.70
N GLY C 366 0.94 -57.93 14.67
CA GLY C 366 0.34 -59.16 15.15
C GLY C 366 -0.05 -59.15 16.61
N LYS C 367 0.32 -58.14 17.36
CA LYS C 367 -0.03 -58.09 18.77
C LYS C 367 -1.52 -57.80 18.94
N THR C 368 -2.20 -58.62 19.74
CA THR C 368 -3.60 -58.36 20.07
C THR C 368 -3.67 -57.43 21.28
N ILE C 369 -4.62 -56.49 21.24
CA ILE C 369 -4.72 -55.44 22.24
C ILE C 369 -6.15 -55.43 22.81
N GLU C 370 -6.26 -55.48 24.12
CA GLU C 370 -7.55 -55.34 24.77
C GLU C 370 -7.82 -53.86 25.03
N VAL C 371 -8.88 -53.31 24.42
CA VAL C 371 -9.24 -51.90 24.62
C VAL C 371 -9.90 -51.74 25.98
N GLY C 372 -9.29 -50.98 26.87
CA GLY C 372 -9.88 -50.70 28.15
C GLY C 372 -10.64 -49.38 28.20
N ASN C 373 -10.34 -48.48 27.25
CA ASN C 373 -10.96 -47.17 27.25
C ASN C 373 -10.83 -46.58 25.85
N THR C 374 -11.97 -46.31 25.19
CA THR C 374 -11.89 -45.84 23.81
C THR C 374 -11.29 -44.44 23.69
N ASP C 375 -11.16 -43.73 24.82
CA ASP C 375 -10.56 -42.40 24.86
C ASP C 375 -9.03 -42.46 25.01
N ALA C 376 -8.44 -43.66 25.12
CA ALA C 376 -6.98 -43.82 24.99
C ALA C 376 -6.64 -44.20 23.55
N GLU C 377 -7.23 -43.44 22.62
CA GLU C 377 -7.19 -43.83 21.20
C GLU C 377 -5.88 -43.42 20.54
N GLY C 378 -5.21 -42.37 21.05
CA GLY C 378 -4.01 -41.90 20.39
C GLY C 378 -2.93 -42.97 20.33
N ARG C 379 -2.73 -43.69 21.45
CA ARG C 379 -1.69 -44.70 21.50
C ARG C 379 -2.00 -45.88 20.57
N LEU C 380 -3.29 -46.14 20.29
CA LEU C 380 -3.63 -47.18 19.32
C LEU C 380 -3.21 -46.76 17.92
N THR C 381 -3.51 -45.51 17.52
CA THR C 381 -3.12 -45.09 16.17
C THR C 381 -1.59 -45.00 16.03
N LEU C 382 -0.91 -44.56 17.09
CA LEU C 382 0.55 -44.46 17.05
C LEU C 382 1.21 -45.82 17.01
N ALA C 383 0.64 -46.83 17.66
CA ALA C 383 1.18 -48.18 17.61
C ALA C 383 1.35 -48.64 16.16
N ASP C 384 0.29 -48.50 15.33
CA ASP C 384 0.42 -48.89 13.94
C ASP C 384 1.34 -47.95 13.18
N ALA C 385 1.33 -46.65 13.51
CA ALA C 385 2.25 -45.74 12.82
C ALA C 385 3.69 -46.07 13.15
N LEU C 386 3.98 -46.50 14.39
CA LEU C 386 5.36 -46.87 14.75
C LEU C 386 5.79 -48.16 14.05
N VAL C 387 4.88 -49.12 13.92
CA VAL C 387 5.22 -50.32 13.16
C VAL C 387 5.55 -49.96 11.72
N TYR C 388 4.74 -49.09 11.11
CA TYR C 388 5.02 -48.61 9.76
C TYR C 388 6.38 -47.91 9.70
N ALA C 389 6.66 -47.05 10.67
CA ALA C 389 7.91 -46.30 10.64
C ALA C 389 9.10 -47.23 10.73
N GLU C 390 9.06 -48.22 11.63
CA GLU C 390 10.22 -49.08 11.80
C GLU C 390 10.47 -49.91 10.56
N LYS C 391 9.42 -50.28 9.83
CA LYS C 391 9.57 -51.01 8.58
C LYS C 391 10.29 -50.18 7.51
N LEU C 392 10.35 -48.85 7.66
CA LEU C 392 11.12 -48.03 6.72
C LEU C 392 12.62 -48.17 6.90
N GLY C 393 13.08 -48.75 7.99
CA GLY C 393 14.51 -48.93 8.20
C GLY C 393 15.23 -47.63 8.49
N VAL C 394 14.76 -46.89 9.47
CA VAL C 394 15.31 -45.59 9.78
C VAL C 394 16.29 -45.73 10.95
N ASP C 395 17.09 -44.69 11.16
CA ASP C 395 17.99 -44.65 12.30
C ASP C 395 17.28 -44.15 13.55
N TYR C 396 16.34 -43.22 13.41
CA TYR C 396 15.62 -42.67 14.55
C TYR C 396 14.14 -42.58 14.21
N ILE C 397 13.29 -42.91 15.19
CA ILE C 397 11.86 -42.63 15.15
C ILE C 397 11.56 -41.69 16.30
N VAL C 398 10.98 -40.54 15.99
CA VAL C 398 10.54 -39.58 17.00
C VAL C 398 9.08 -39.35 16.75
N ASP C 399 8.25 -39.61 17.76
CA ASP C 399 6.83 -39.31 17.67
C ASP C 399 6.49 -38.14 18.57
N ILE C 400 5.45 -37.40 18.20
CA ILE C 400 5.05 -36.21 18.93
C ILE C 400 3.52 -36.19 18.96
N ALA C 401 2.93 -35.99 20.14
CA ALA C 401 1.52 -36.33 20.32
C ALA C 401 0.94 -35.61 21.54
N THR C 402 -0.31 -35.14 21.40
CA THR C 402 -1.10 -34.64 22.54
C THR C 402 -1.70 -35.84 23.27
N LEU C 403 -0.84 -36.56 23.99
CA LEU C 403 -1.22 -37.92 24.36
C LEU C 403 -1.98 -37.98 25.68
N THR C 404 -1.46 -37.38 26.75
CA THR C 404 -2.03 -37.64 28.07
C THR C 404 -2.25 -36.32 28.80
N GLY C 405 -3.47 -36.14 29.32
CA GLY C 405 -3.76 -35.01 30.17
C GLY C 405 -2.93 -34.98 31.43
N ALA C 406 -2.37 -36.13 31.84
CA ALA C 406 -1.46 -36.14 32.99
C ALA C 406 -0.26 -35.20 32.83
N MET C 407 0.13 -34.84 31.59
CA MET C 407 1.21 -33.86 31.42
C MET C 407 0.91 -32.53 32.11
N LEU C 408 -0.36 -32.15 32.21
CA LEU C 408 -0.65 -30.90 32.91
C LEU C 408 -0.30 -30.99 34.40
N TYR C 409 -0.28 -32.18 34.97
CA TYR C 409 0.01 -32.34 36.38
C TYR C 409 1.48 -32.63 36.66
N SER C 410 2.25 -32.96 35.62
CA SER C 410 3.67 -33.24 35.77
C SER C 410 4.54 -32.04 35.39
N LEU C 411 4.40 -31.54 34.16
CA LEU C 411 5.19 -30.42 33.70
C LEU C 411 4.38 -29.16 33.46
N GLY C 412 3.07 -29.26 33.25
CA GLY C 412 2.23 -28.08 33.09
C GLY C 412 2.18 -27.60 31.65
N THR C 413 2.00 -26.29 31.46
CA THR C 413 1.78 -25.73 30.14
C THR C 413 3.05 -25.24 29.45
N SER C 414 4.20 -25.21 30.13
CA SER C 414 5.40 -24.64 29.55
C SER C 414 6.34 -25.67 28.93
N TYR C 415 6.53 -26.84 29.55
CA TYR C 415 7.54 -27.81 29.17
C TYR C 415 6.86 -29.06 28.64
N ALA C 416 7.30 -29.54 27.47
CA ALA C 416 6.88 -30.83 26.99
C ALA C 416 7.71 -31.93 27.65
N GLY C 417 7.20 -33.15 27.65
CA GLY C 417 7.91 -34.29 28.21
C GLY C 417 8.45 -35.14 27.08
N VAL C 418 9.69 -35.65 27.23
CA VAL C 418 10.25 -36.59 26.30
C VAL C 418 10.56 -37.90 27.04
N PHE C 419 10.18 -39.02 26.43
CA PHE C 419 10.43 -40.37 26.88
C PHE C 419 11.15 -41.12 25.77
N GLY C 420 11.93 -42.14 26.10
CA GLY C 420 12.54 -42.84 24.98
C GLY C 420 13.28 -44.08 25.40
N ASN C 421 13.75 -44.82 24.40
CA ASN C 421 14.50 -46.06 24.62
C ASN C 421 15.99 -45.91 24.35
N ASN C 422 16.49 -44.68 24.15
CA ASN C 422 17.87 -44.48 23.66
C ASN C 422 18.41 -43.15 24.18
N GLU C 423 19.44 -43.22 25.01
CA GLU C 423 19.96 -42.01 25.68
C GLU C 423 20.54 -41.02 24.68
N GLU C 424 21.24 -41.50 23.66
CA GLU C 424 21.82 -40.60 22.68
C GLU C 424 20.73 -39.79 21.96
N LEU C 425 19.64 -40.47 21.58
CA LEU C 425 18.54 -39.80 20.90
C LEU C 425 17.84 -38.81 21.84
N ILE C 426 17.60 -39.21 23.09
CA ILE C 426 17.01 -38.29 24.05
C ILE C 426 17.88 -37.05 24.19
N ASN C 427 19.20 -37.23 24.27
CA ASN C 427 20.08 -36.07 24.40
C ASN C 427 20.05 -35.20 23.15
N LYS C 428 19.91 -35.79 21.97
CA LYS C 428 19.77 -34.96 20.78
C LYS C 428 18.49 -34.13 20.83
N ILE C 429 17.38 -34.73 21.33
CA ILE C 429 16.14 -33.96 21.44
C ILE C 429 16.30 -32.82 22.43
N LEU C 430 16.97 -33.09 23.55
CA LEU C 430 17.18 -32.06 24.56
C LEU C 430 18.04 -30.92 23.99
N GLN C 431 19.05 -31.26 23.19
CA GLN C 431 19.87 -30.25 22.54
C GLN C 431 19.06 -29.44 21.55
N SER C 432 18.20 -30.10 20.77
CA SER C 432 17.27 -29.38 19.88
C SER C 432 16.30 -28.50 20.67
N SER C 433 15.89 -28.94 21.87
CA SER C 433 15.06 -28.09 22.71
C SER C 433 15.80 -26.80 23.07
N LYS C 434 17.09 -26.92 23.37
CA LYS C 434 17.89 -25.77 23.75
C LYS C 434 18.02 -24.78 22.59
N THR C 435 18.32 -25.27 21.38
CA THR C 435 18.55 -24.35 20.27
C THR C 435 17.25 -23.86 19.61
N SER C 436 16.13 -24.58 19.73
CA SER C 436 14.84 -24.07 19.24
C SER C 436 14.14 -23.17 20.24
N ASN C 437 14.56 -23.23 21.49
CA ASN C 437 13.94 -22.54 22.63
C ASN C 437 12.51 -23.00 22.83
N GLU C 438 12.23 -24.27 22.46
CA GLU C 438 10.98 -24.92 22.85
C GLU C 438 11.26 -25.92 23.97
N PRO C 439 10.86 -25.64 25.21
CA PRO C 439 11.37 -26.42 26.34
C PRO C 439 10.77 -27.82 26.45
N VAL C 440 11.64 -28.80 26.72
CA VAL C 440 11.24 -30.19 26.98
C VAL C 440 12.01 -30.72 28.17
N TRP C 441 11.40 -31.65 28.92
CA TRP C 441 12.04 -32.26 30.08
C TRP C 441 11.97 -33.79 29.94
N TRP C 442 13.09 -34.45 30.23
CA TRP C 442 13.19 -35.90 30.10
C TRP C 442 12.48 -36.57 31.28
N LEU C 443 11.53 -37.45 30.99
CA LEU C 443 10.77 -38.23 31.95
C LEU C 443 11.02 -39.74 31.75
N PRO C 444 10.94 -40.54 32.81
CA PRO C 444 11.36 -41.93 32.71
C PRO C 444 10.27 -42.86 32.16
N ILE C 445 10.73 -43.93 31.52
CA ILE C 445 9.88 -45.06 31.22
C ILE C 445 10.13 -46.09 32.31
N ILE C 446 9.18 -46.22 33.23
CA ILE C 446 9.39 -47.01 34.44
C ILE C 446 8.89 -48.42 34.17
N ASN C 447 9.81 -49.36 34.02
CA ASN C 447 9.47 -50.71 33.60
C ASN C 447 8.67 -51.48 34.63
N GLU C 448 8.79 -51.11 35.90
CA GLU C 448 7.98 -51.74 36.94
C GLU C 448 6.49 -51.63 36.65
N TYR C 449 6.05 -50.61 35.90
CA TYR C 449 4.62 -50.51 35.59
C TYR C 449 4.20 -51.40 34.43
N ARG C 450 5.16 -51.98 33.68
CA ARG C 450 4.79 -52.75 32.48
C ARG C 450 3.83 -53.90 32.79
N ALA C 451 3.99 -54.57 33.93
CA ALA C 451 3.11 -55.69 34.25
C ALA C 451 1.64 -55.28 34.39
N THR C 452 1.36 -54.00 34.69
CA THR C 452 -0.04 -53.59 34.77
C THR C 452 -0.71 -53.49 33.41
N LEU C 453 0.03 -53.67 32.33
CA LEU C 453 -0.55 -53.80 31.00
C LEU C 453 -0.80 -55.25 30.61
N ASN C 454 -0.54 -56.21 31.52
CA ASN C 454 -0.78 -57.61 31.20
C ASN C 454 -2.28 -57.86 31.09
N SER C 455 -2.69 -58.50 30.00
CA SER C 455 -4.11 -58.79 29.76
C SER C 455 -4.40 -60.26 29.98
N LYS C 456 -5.60 -60.56 30.51
CA LYS C 456 -5.99 -61.95 30.73
C LYS C 456 -6.23 -62.67 29.41
N TYR C 457 -6.71 -61.97 28.39
CA TYR C 457 -7.12 -62.59 27.14
C TYR C 457 -6.26 -62.20 25.95
N ALA C 458 -5.93 -60.91 25.80
CA ALA C 458 -5.13 -60.40 24.69
C ALA C 458 -3.66 -60.42 25.07
N ASP C 459 -2.83 -60.12 24.07
CA ASP C 459 -1.40 -60.02 24.33
C ASP C 459 -1.08 -58.89 25.29
N ILE C 460 -1.83 -57.78 25.21
CA ILE C 460 -1.51 -56.61 26.03
C ILE C 460 -2.78 -55.80 26.23
N ASN C 461 -2.84 -55.12 27.37
CA ASN C 461 -3.86 -54.11 27.65
C ASN C 461 -3.43 -52.78 27.07
N GLN C 462 -4.40 -52.04 26.56
CA GLN C 462 -4.21 -50.67 26.11
C GLN C 462 -3.91 -49.75 27.30
N ILE C 463 -4.60 -49.94 28.43
CA ILE C 463 -4.44 -49.07 29.58
C ILE C 463 -4.13 -49.91 30.81
N SER C 464 -3.62 -49.23 31.83
CA SER C 464 -3.19 -49.89 33.05
C SER C 464 -4.36 -50.21 33.97
N SER C 465 -4.22 -51.32 34.69
CA SER C 465 -5.22 -51.71 35.68
C SER C 465 -5.11 -50.89 36.99
N SER C 466 -3.95 -50.33 37.29
CA SER C 466 -3.77 -49.70 38.62
C SER C 466 -2.94 -48.41 38.60
N VAL C 467 -2.10 -48.22 37.59
CA VAL C 467 -1.18 -47.06 37.62
C VAL C 467 -1.83 -45.80 37.04
N LYS C 468 -1.82 -44.72 37.81
CA LYS C 468 -2.39 -43.44 37.35
C LYS C 468 -1.31 -42.60 36.63
N ALA C 469 -0.07 -43.10 36.54
CA ALA C 469 0.94 -42.27 35.82
C ALA C 469 0.79 -42.52 34.32
N SER C 470 -0.25 -41.92 33.74
CA SER C 470 -0.69 -42.35 32.41
C SER C 470 0.31 -41.99 31.33
N SER C 471 1.07 -40.89 31.50
CA SER C 471 2.08 -40.55 30.50
C SER C 471 3.17 -41.60 30.43
N ILE C 472 3.53 -42.17 31.58
CA ILE C 472 4.54 -43.23 31.57
C ILE C 472 3.94 -44.53 31.03
N VAL C 473 2.73 -44.88 31.46
CA VAL C 473 2.11 -46.12 30.95
C VAL C 473 1.94 -46.04 29.44
N ALA C 474 1.47 -44.91 28.93
CA ALA C 474 1.31 -44.77 27.49
C ALA C 474 2.64 -45.00 26.77
N SER C 475 3.74 -44.50 27.35
CA SER C 475 5.07 -44.71 26.77
C SER C 475 5.47 -46.19 26.79
N LEU C 476 5.16 -46.90 27.88
CA LEU C 476 5.42 -48.35 27.93
C LEU C 476 4.66 -49.08 26.83
N PHE C 477 3.41 -48.68 26.60
CA PHE C 477 2.62 -49.26 25.53
C PHE C 477 3.24 -49.01 24.17
N LEU C 478 3.62 -47.75 23.88
CA LEU C 478 4.21 -47.43 22.58
C LEU C 478 5.51 -48.19 22.37
N LYS C 479 6.30 -48.35 23.43
CA LYS C 479 7.57 -49.07 23.33
C LYS C 479 7.37 -50.50 22.82
N GLU C 480 6.21 -51.11 23.06
CA GLU C 480 5.92 -52.46 22.55
C GLU C 480 5.79 -52.52 21.04
N PHE C 481 5.75 -51.36 20.36
CA PHE C 481 5.62 -51.34 18.91
C PHE C 481 6.90 -50.85 18.24
N VAL C 482 7.99 -50.77 18.99
CA VAL C 482 9.32 -50.49 18.44
C VAL C 482 10.24 -51.61 18.91
N GLN C 483 10.75 -52.40 17.96
CA GLN C 483 11.51 -53.60 18.33
C GLN C 483 13.01 -53.35 18.47
N ASN C 484 13.61 -52.60 17.55
CA ASN C 484 15.07 -52.52 17.52
C ASN C 484 15.58 -51.23 16.89
N THR C 485 14.90 -50.11 17.15
CA THR C 485 15.25 -48.83 16.58
C THR C 485 15.24 -47.79 17.69
N ALA C 486 16.21 -46.89 17.65
CA ALA C 486 16.23 -45.78 18.60
C ALA C 486 14.94 -44.97 18.47
N TRP C 487 14.26 -44.74 19.58
CA TRP C 487 12.93 -44.14 19.51
C TRP C 487 12.73 -43.16 20.66
N ALA C 488 12.10 -42.02 20.37
CA ALA C 488 11.73 -41.06 21.42
C ALA C 488 10.30 -40.58 21.17
N HIS C 489 9.62 -40.18 22.25
CA HIS C 489 8.20 -39.86 22.28
C HIS C 489 8.05 -38.56 23.03
N ILE C 490 7.47 -37.54 22.39
CA ILE C 490 7.33 -36.21 22.98
C ILE C 490 5.85 -35.99 23.22
N ASP C 491 5.44 -35.92 24.49
CA ASP C 491 4.05 -35.72 24.86
C ASP C 491 3.81 -34.23 25.03
N ILE C 492 3.05 -33.63 24.11
CA ILE C 492 2.81 -32.18 24.06
C ILE C 492 1.38 -31.85 24.49
N ALA C 493 0.69 -32.78 25.18
CA ALA C 493 -0.70 -32.53 25.58
C ALA C 493 -0.82 -31.26 26.42
N GLY C 494 0.18 -30.95 27.22
CA GLY C 494 0.10 -29.77 28.07
C GLY C 494 0.56 -28.48 27.44
N VAL C 495 1.43 -28.54 26.44
CA VAL C 495 2.06 -27.33 25.91
C VAL C 495 1.47 -26.89 24.59
N SER C 496 0.53 -27.65 24.04
CA SER C 496 0.11 -27.37 22.67
C SER C 496 -0.79 -26.14 22.56
N TRP C 497 -1.66 -25.92 23.53
CA TRP C 497 -2.68 -24.87 23.45
C TRP C 497 -2.35 -23.75 24.43
N ASN C 498 -2.39 -22.52 23.95
CA ASN C 498 -2.15 -21.35 24.80
C ASN C 498 -3.51 -20.93 25.37
N PHE C 499 -3.76 -21.35 26.62
CA PHE C 499 -5.08 -21.13 27.23
C PHE C 499 -5.33 -19.64 27.47
N LYS C 500 -4.29 -18.89 27.82
CA LYS C 500 -4.46 -17.46 28.08
C LYS C 500 -4.85 -16.72 26.81
N ALA C 501 -4.16 -16.99 25.71
CA ALA C 501 -4.42 -16.30 24.45
C ALA C 501 -5.50 -16.99 23.61
N ARG C 502 -5.97 -18.17 24.03
CA ARG C 502 -7.03 -18.93 23.35
C ARG C 502 -6.65 -19.28 21.90
N LYS C 503 -5.43 -19.79 21.72
CA LYS C 503 -4.95 -20.11 20.38
C LYS C 503 -3.86 -21.17 20.49
N PRO C 504 -3.50 -21.83 19.38
CA PRO C 504 -2.41 -22.82 19.41
C PRO C 504 -1.05 -22.16 19.59
N LYS C 505 -0.10 -22.98 19.99
CA LYS C 505 1.30 -22.54 19.98
C LYS C 505 2.04 -23.01 18.75
N GLY C 506 1.51 -23.99 18.02
CA GLY C 506 2.31 -24.63 16.98
C GLY C 506 3.54 -25.29 17.56
N PHE C 507 3.45 -25.79 18.80
CA PHE C 507 4.61 -26.33 19.50
C PHE C 507 5.17 -27.54 18.78
N GLY C 508 6.51 -27.56 18.65
CA GLY C 508 7.21 -28.71 18.13
C GLY C 508 7.79 -28.52 16.74
N VAL C 509 7.29 -27.57 15.97
CA VAL C 509 7.80 -27.36 14.62
C VAL C 509 9.29 -27.03 14.65
N ARG C 510 9.66 -26.09 15.51
CA ARG C 510 11.04 -25.62 15.56
C ARG C 510 11.93 -26.64 16.26
N LEU C 511 11.41 -27.29 17.31
CA LEU C 511 12.10 -28.39 17.97
C LEU C 511 12.50 -29.47 16.96
N LEU C 512 11.53 -29.96 16.18
CA LEU C 512 11.81 -31.05 15.25
C LEU C 512 12.72 -30.60 14.11
N THR C 513 12.54 -29.36 13.63
CA THR C 513 13.41 -28.91 12.54
C THR C 513 14.85 -28.78 13.02
N GLU C 514 15.06 -28.19 14.20
CA GLU C 514 16.40 -28.11 14.78
C GLU C 514 16.96 -29.51 14.97
N PHE C 515 16.10 -30.48 15.33
CA PHE C 515 16.55 -31.85 15.46
C PHE C 515 17.09 -32.36 14.13
N VAL C 516 16.34 -32.13 13.04
CA VAL C 516 16.77 -32.59 11.71
C VAL C 516 18.01 -31.84 11.23
N LEU C 517 18.04 -30.52 11.42
CA LEU C 517 19.15 -29.74 10.91
C LEU C 517 20.43 -30.06 11.67
N ASN C 518 20.34 -30.24 12.99
CA ASN C 518 21.55 -30.49 13.77
C ASN C 518 22.11 -31.87 13.47
N ASP C 519 21.26 -32.78 13.02
CA ASP C 519 21.70 -34.11 12.63
C ASP C 519 22.26 -34.12 11.21
N ALA C 520 21.73 -33.26 10.33
CA ALA C 520 22.22 -33.14 8.96
C ALA C 520 23.61 -32.54 8.88
N LEU C 521 24.05 -31.87 9.94
CA LEU C 521 25.34 -31.20 10.00
C LEU C 521 26.25 -32.02 10.91
N HIS C 522 27.40 -32.45 10.36
CA HIS C 522 28.37 -33.17 11.18
C HIS C 522 28.82 -32.30 12.35
N HIS C 523 29.11 -32.95 13.49
CA HIS C 523 29.39 -32.22 14.73
C HIS C 523 30.62 -31.31 14.61
N HIS C 524 31.57 -31.65 13.72
CA HIS C 524 32.67 -30.72 13.43
C HIS C 524 32.20 -29.47 12.71
N HIS C 525 30.99 -29.50 12.16
CA HIS C 525 30.40 -28.44 11.33
C HIS C 525 31.25 -28.23 10.08
N ALA D 1 9.67 -35.29 77.00
CA ALA D 1 8.48 -36.09 77.28
C ALA D 1 7.35 -35.23 77.85
N SER D 2 6.34 -34.99 77.01
CA SER D 2 5.12 -34.30 77.40
C SER D 2 3.98 -35.31 77.52
N GLU D 3 2.98 -34.94 78.31
CA GLU D 3 1.83 -35.80 78.53
C GLU D 3 0.92 -35.75 77.30
N VAL D 4 0.47 -36.92 76.87
CA VAL D 4 -0.45 -37.04 75.73
C VAL D 4 -1.87 -36.79 76.20
N PRO D 5 -2.58 -35.79 75.66
CA PRO D 5 -3.97 -35.60 76.07
C PRO D 5 -4.87 -36.74 75.58
N GLN D 6 -5.89 -37.03 76.38
CA GLN D 6 -6.85 -38.09 76.08
C GLN D 6 -8.24 -37.52 76.09
N VAL D 7 -9.13 -38.06 75.26
CA VAL D 7 -10.55 -37.75 75.37
C VAL D 7 -11.23 -38.70 76.35
N VAL D 8 -10.96 -39.99 76.21
CA VAL D 8 -11.42 -41.00 77.15
C VAL D 8 -10.19 -41.74 77.66
N SER D 9 -10.36 -42.41 78.79
CA SER D 9 -9.22 -43.09 79.41
C SER D 9 -8.69 -44.22 78.56
N LEU D 10 -9.46 -44.69 77.57
CA LEU D 10 -9.03 -45.74 76.67
C LEU D 10 -8.16 -45.22 75.53
N ASP D 11 -8.01 -43.92 75.37
CA ASP D 11 -7.14 -43.40 74.31
C ASP D 11 -5.68 -43.74 74.62
N PRO D 12 -4.92 -44.24 73.65
CA PRO D 12 -3.52 -44.60 73.92
C PRO D 12 -2.68 -43.36 74.16
N THR D 13 -1.64 -43.52 74.98
CA THR D 13 -0.75 -42.42 75.34
C THR D 13 0.69 -42.64 74.88
N SER D 14 0.97 -43.66 74.05
CA SER D 14 2.29 -43.78 73.43
C SER D 14 2.17 -44.63 72.17
N ILE D 15 3.17 -44.51 71.30
CA ILE D 15 3.30 -45.39 70.13
C ILE D 15 4.04 -46.65 70.59
N PRO D 16 3.47 -47.84 70.44
CA PRO D 16 4.27 -49.06 70.69
C PRO D 16 5.37 -49.18 69.63
N ILE D 17 6.58 -49.48 70.09
CA ILE D 17 7.75 -49.57 69.22
C ILE D 17 8.49 -50.84 69.56
N GLU D 18 8.80 -51.65 68.54
CA GLU D 18 9.66 -52.82 68.71
C GLU D 18 11.05 -52.46 68.20
N TYR D 19 12.02 -52.53 69.10
CA TYR D 19 13.41 -52.33 68.74
C TYR D 19 14.10 -53.66 68.46
N ASN D 20 13.92 -54.63 69.35
CA ASN D 20 14.52 -55.96 69.22
C ASN D 20 13.58 -56.83 68.41
N THR D 21 13.91 -57.05 67.15
CA THR D 21 13.06 -57.82 66.27
C THR D 21 13.70 -59.17 65.98
N PRO D 22 12.94 -60.16 65.51
CA PRO D 22 13.55 -61.46 65.18
C PRO D 22 14.66 -61.34 64.12
N ILE D 23 14.61 -60.34 63.24
CA ILE D 23 15.67 -60.17 62.25
C ILE D 23 17.03 -59.99 62.93
N HIS D 24 17.04 -59.32 64.08
CA HIS D 24 18.31 -59.07 64.75
C HIS D 24 18.93 -60.34 65.30
N ASP D 25 18.17 -61.43 65.42
CA ASP D 25 18.69 -62.71 65.89
C ASP D 25 19.21 -63.61 64.77
N ILE D 26 19.09 -63.21 63.50
CA ILE D 26 19.54 -64.06 62.41
C ILE D 26 21.05 -63.94 62.26
N LYS D 27 21.74 -65.06 62.37
CA LYS D 27 23.17 -65.09 62.11
C LYS D 27 23.37 -65.28 60.61
N VAL D 28 24.10 -64.36 59.97
CA VAL D 28 24.29 -64.35 58.52
C VAL D 28 25.71 -64.79 58.19
N GLN D 29 25.84 -65.70 57.23
CA GLN D 29 27.13 -66.18 56.76
C GLN D 29 27.15 -66.09 55.24
N VAL D 30 28.25 -65.58 54.67
CA VAL D 30 28.39 -65.44 53.23
C VAL D 30 29.55 -66.33 52.79
N TYR D 31 29.31 -67.17 51.80
CA TYR D 31 30.29 -68.12 51.30
C TYR D 31 30.51 -67.90 49.82
N ASP D 32 31.72 -68.20 49.35
CA ASP D 32 31.98 -68.05 47.92
C ASP D 32 31.34 -69.21 47.16
N ILE D 33 30.66 -68.86 46.06
CA ILE D 33 29.98 -69.86 45.26
C ILE D 33 30.95 -70.80 44.53
N LYS D 34 32.20 -70.38 44.27
CA LYS D 34 33.11 -71.25 43.53
C LYS D 34 33.48 -72.53 44.27
N GLY D 35 33.16 -72.64 45.55
CA GLY D 35 33.53 -73.81 46.31
C GLY D 35 32.46 -74.85 46.48
N GLY D 36 31.29 -74.66 45.87
CA GLY D 36 30.21 -75.60 46.07
C GLY D 36 29.39 -75.28 47.31
N CYS D 37 28.18 -75.84 47.34
CA CYS D 37 27.17 -75.52 48.35
C CYS D 37 26.96 -76.64 49.35
N ASN D 38 26.95 -76.30 50.63
CA ASN D 38 26.55 -77.22 51.69
C ASN D 38 25.05 -77.10 51.91
N VAL D 39 24.32 -78.19 51.69
CA VAL D 39 22.87 -78.16 51.70
C VAL D 39 22.29 -79.12 52.73
N GLU D 40 23.08 -79.60 53.67
CA GLU D 40 22.57 -80.63 54.57
C GLU D 40 21.60 -80.10 55.62
N GLU D 41 21.47 -78.78 55.77
CA GLU D 41 20.62 -78.24 56.83
C GLU D 41 19.68 -77.16 56.28
N GLY D 42 18.40 -77.25 56.67
CA GLY D 42 17.42 -76.20 56.44
C GLY D 42 16.85 -76.11 55.02
N LEU D 43 16.50 -74.89 54.65
CA LEU D 43 15.87 -74.60 53.37
C LEU D 43 16.91 -73.93 52.49
N THR D 44 17.12 -74.50 51.30
CA THR D 44 18.08 -73.98 50.35
C THR D 44 17.33 -73.55 49.10
N ILE D 45 17.49 -72.28 48.71
CA ILE D 45 16.82 -71.75 47.53
C ILE D 45 17.84 -71.24 46.55
N PHE D 46 17.74 -71.70 45.30
CA PHE D 46 18.61 -71.25 44.21
C PHE D 46 17.94 -70.11 43.44
N LEU D 47 18.69 -69.02 43.22
CA LEU D 47 18.24 -67.92 42.36
C LEU D 47 18.76 -68.19 40.95
N VAL D 48 17.86 -68.39 40.00
CA VAL D 48 18.22 -68.95 38.71
C VAL D 48 17.61 -68.11 37.59
N ASN D 49 18.39 -67.87 36.54
CA ASN D 49 17.80 -67.24 35.37
C ASN D 49 18.07 -68.12 34.14
N ASN D 50 17.60 -67.66 32.99
CA ASN D 50 17.89 -68.31 31.71
C ASN D 50 17.94 -67.27 30.61
N PRO D 51 19.09 -66.62 30.43
CA PRO D 51 19.18 -65.65 29.32
C PRO D 51 19.10 -66.40 28.01
N GLY D 52 18.56 -65.75 26.99
CA GLY D 52 18.50 -66.51 25.74
C GLY D 52 17.40 -67.56 25.65
N LYS D 53 16.60 -67.77 26.69
CA LYS D 53 15.40 -68.61 26.59
C LYS D 53 14.34 -67.94 27.46
N GLU D 54 13.43 -67.19 26.82
CA GLU D 54 12.41 -66.48 27.58
C GLU D 54 11.51 -67.48 28.30
N ASN D 55 11.28 -67.23 29.59
CA ASN D 55 10.65 -68.20 30.47
C ASN D 55 11.14 -69.63 30.22
N GLY D 56 12.45 -69.79 29.98
CA GLY D 56 13.05 -71.07 29.73
C GLY D 56 13.19 -71.92 30.99
N PRO D 57 13.71 -73.13 30.82
CA PRO D 57 13.77 -74.08 31.93
C PRO D 57 14.80 -73.67 32.98
N VAL D 58 14.54 -74.16 34.20
CA VAL D 58 15.48 -74.03 35.32
C VAL D 58 16.62 -75.03 35.12
N LYS D 59 17.85 -74.56 35.30
CA LYS D 59 19.00 -75.45 35.32
C LYS D 59 19.93 -74.99 36.45
N ILE D 60 20.27 -75.89 37.35
CA ILE D 60 21.12 -75.60 38.51
C ILE D 60 22.54 -76.06 38.24
N SER D 61 23.53 -75.17 38.39
CA SER D 61 24.91 -75.51 38.10
C SER D 61 25.74 -75.94 39.32
N SER D 62 25.40 -75.45 40.51
CA SER D 62 26.29 -75.64 41.67
C SER D 62 26.42 -77.11 42.04
N LYS D 63 27.63 -77.51 42.42
CA LYS D 63 27.82 -78.79 43.11
C LYS D 63 27.33 -78.67 44.55
N VAL D 64 26.60 -79.70 45.02
CA VAL D 64 26.07 -79.74 46.40
C VAL D 64 26.59 -80.99 47.10
N ASN D 65 26.77 -80.89 48.42
CA ASN D 65 27.39 -81.97 49.21
C ASN D 65 26.36 -82.98 49.75
N ASP D 66 25.35 -83.32 48.99
CA ASP D 66 24.35 -84.28 49.45
C ASP D 66 23.84 -85.04 48.24
N LYS D 67 23.90 -86.37 48.32
CA LYS D 67 23.55 -87.19 47.17
C LYS D 67 22.06 -87.12 46.86
N GLN D 68 21.20 -87.07 47.90
CA GLN D 68 19.76 -86.95 47.64
C GLN D 68 19.43 -85.63 46.98
N VAL D 69 19.98 -84.52 47.48
CA VAL D 69 19.69 -83.21 46.89
C VAL D 69 20.26 -83.11 45.47
N SER D 70 21.46 -83.67 45.23
CA SER D 70 22.02 -83.63 43.88
C SER D 70 21.11 -84.29 42.87
N GLU D 71 20.48 -85.40 43.24
CA GLU D 71 19.53 -86.05 42.35
C GLU D 71 18.31 -85.17 42.10
N PHE D 72 17.79 -84.54 43.15
CA PHE D 72 16.66 -83.63 42.97
C PHE D 72 17.03 -82.53 41.97
N LEU D 73 18.28 -82.06 42.03
CA LEU D 73 18.75 -80.93 41.24
C LEU D 73 19.24 -81.33 39.85
N LYS D 74 19.06 -82.60 39.44
CA LYS D 74 19.45 -83.02 38.10
C LYS D 74 18.66 -82.25 37.05
N ASP D 75 19.28 -82.08 35.87
CA ASP D 75 18.66 -81.30 34.80
C ASP D 75 17.29 -81.84 34.40
N GLU D 76 17.13 -83.17 34.37
CA GLU D 76 15.87 -83.79 33.96
C GLU D 76 14.73 -83.40 34.90
N ASN D 77 15.03 -83.17 36.18
CA ASN D 77 13.98 -82.76 37.11
CA ASN D 77 13.98 -82.76 37.11
C ASN D 77 13.73 -81.26 37.03
N MET D 78 14.78 -80.45 37.02
CA MET D 78 14.51 -79.03 37.12
C MET D 78 13.98 -78.42 35.83
N GLU D 79 14.15 -79.09 34.70
CA GLU D 79 13.63 -78.57 33.45
C GLU D 79 12.10 -78.61 33.42
N LYS D 80 11.48 -79.30 34.39
CA LYS D 80 10.02 -79.25 34.53
C LYS D 80 9.55 -77.88 35.03
N PHE D 81 10.46 -77.06 35.55
CA PHE D 81 10.19 -75.75 36.10
C PHE D 81 10.78 -74.67 35.20
N ASN D 82 10.23 -73.46 35.28
CA ASN D 82 10.71 -72.38 34.42
C ASN D 82 11.10 -71.16 35.26
N VAL D 83 11.83 -70.24 34.62
CA VAL D 83 12.51 -69.15 35.32
C VAL D 83 11.73 -67.83 35.28
N LYS D 84 10.45 -67.85 34.88
CA LYS D 84 9.68 -66.61 34.79
C LYS D 84 9.81 -65.86 36.11
N LEU D 85 10.12 -64.56 36.03
CA LEU D 85 10.49 -63.79 37.22
C LEU D 85 9.47 -63.93 38.35
N GLY D 86 9.95 -64.36 39.52
CA GLY D 86 9.11 -64.53 40.69
C GLY D 86 8.49 -65.90 40.85
N THR D 87 8.51 -66.74 39.81
CA THR D 87 7.97 -68.09 39.93
C THR D 87 8.86 -68.92 40.84
N SER D 88 8.26 -69.77 41.66
CA SER D 88 9.06 -70.58 42.58
C SER D 88 8.40 -71.93 42.82
N LYS D 89 9.24 -72.90 43.15
CA LYS D 89 8.82 -74.21 43.65
C LYS D 89 9.79 -74.60 44.75
N HIS D 90 9.30 -75.27 45.78
CA HIS D 90 10.22 -75.88 46.74
C HIS D 90 9.61 -77.18 47.24
N PHE D 91 10.49 -78.15 47.51
CA PHE D 91 10.12 -79.50 47.90
C PHE D 91 10.83 -79.89 49.19
N TYR D 92 10.13 -80.65 50.02
CA TYR D 92 10.73 -81.22 51.22
C TYR D 92 11.20 -82.63 50.87
N MET D 93 12.33 -83.03 51.45
CA MET D 93 12.95 -84.31 51.16
C MET D 93 13.91 -84.61 52.31
N PHE D 94 14.36 -85.85 52.36
CA PHE D 94 15.32 -86.28 53.37
C PHE D 94 16.71 -86.32 52.77
N ASN D 95 17.69 -85.84 53.53
CA ASN D 95 19.05 -85.77 53.03
C ASN D 95 19.74 -87.11 53.26
N ASP D 96 21.05 -87.16 53.03
CA ASP D 96 21.80 -88.41 53.16
C ASP D 96 21.75 -88.96 54.58
N ASN D 97 21.57 -88.10 55.58
CA ASN D 97 21.47 -88.51 56.97
C ASN D 97 20.04 -88.70 57.45
N LYS D 98 19.07 -88.75 56.53
CA LYS D 98 17.66 -88.94 56.86
C LYS D 98 17.11 -87.80 57.72
N ASN D 99 17.66 -86.60 57.55
CA ASN D 99 17.11 -85.39 58.15
C ASN D 99 16.31 -84.62 57.11
N SER D 100 15.21 -84.01 57.56
CA SER D 100 14.34 -83.26 56.65
C SER D 100 15.00 -81.94 56.24
N VAL D 101 15.08 -81.71 54.93
CA VAL D 101 15.57 -80.48 54.31
C VAL D 101 14.54 -80.08 53.27
N ALA D 102 14.58 -78.81 52.84
CA ALA D 102 13.75 -78.34 51.73
C ALA D 102 14.62 -77.64 50.69
N VAL D 103 14.35 -77.89 49.40
CA VAL D 103 15.15 -77.33 48.30
C VAL D 103 14.22 -76.79 47.22
N GLY D 104 14.62 -75.66 46.64
CA GLY D 104 13.79 -75.05 45.62
C GLY D 104 14.52 -73.91 44.93
N TYR D 105 13.75 -73.07 44.22
CA TYR D 105 14.35 -71.99 43.45
C TYR D 105 13.37 -70.83 43.34
N VAL D 106 13.91 -69.66 43.01
CA VAL D 106 13.11 -68.52 42.55
C VAL D 106 13.59 -68.15 41.16
N GLY D 107 12.65 -68.07 40.21
CA GLY D 107 13.01 -67.70 38.86
C GLY D 107 13.36 -66.21 38.78
N CYS D 108 14.45 -65.89 38.09
CA CYS D 108 14.92 -64.51 37.94
C CYS D 108 14.84 -64.01 36.49
N GLY D 109 14.03 -64.65 35.66
CA GLY D 109 13.79 -64.15 34.33
C GLY D 109 14.91 -64.50 33.36
N SER D 110 14.99 -63.69 32.30
CA SER D 110 15.92 -63.96 31.23
C SER D 110 16.84 -62.79 30.96
N VAL D 111 16.79 -61.75 31.78
CA VAL D 111 17.63 -60.57 31.62
C VAL D 111 18.68 -60.56 32.74
N ALA D 112 19.91 -60.89 32.40
CA ALA D 112 21.05 -60.94 33.33
C ALA D 112 21.07 -59.84 34.39
N ASP D 113 20.66 -58.61 34.05
CA ASP D 113 20.77 -57.49 34.98
C ASP D 113 19.42 -57.19 35.59
N LEU D 114 19.30 -57.43 36.89
CA LEU D 114 18.06 -57.20 37.62
C LEU D 114 17.98 -55.75 38.10
N SER D 115 16.82 -55.14 37.92
CA SER D 115 16.54 -53.86 38.54
C SER D 115 16.14 -54.05 40.00
N GLU D 116 16.07 -52.94 40.75
CA GLU D 116 15.56 -53.01 42.11
C GLU D 116 14.14 -53.57 42.12
N ALA D 117 13.32 -53.21 41.13
CA ALA D 117 11.96 -53.73 41.08
C ALA D 117 11.94 -55.24 40.85
N ASP D 118 12.79 -55.74 39.95
CA ASP D 118 12.90 -57.18 39.77
C ASP D 118 13.36 -57.88 41.05
N MET D 119 14.34 -57.31 41.74
CA MET D 119 14.84 -57.92 42.97
C MET D 119 13.77 -57.94 44.05
N LYS D 120 12.91 -56.92 44.11
CA LYS D 120 11.78 -56.97 45.06
C LYS D 120 10.86 -58.15 44.75
N ARG D 121 10.60 -58.40 43.47
CA ARG D 121 9.74 -59.54 43.10
C ARG D 121 10.35 -60.85 43.52
N VAL D 122 11.67 -61.00 43.32
CA VAL D 122 12.36 -62.20 43.76
C VAL D 122 12.26 -62.35 45.28
N VAL D 123 12.51 -61.25 46.00
CA VAL D 123 12.44 -61.33 47.46
C VAL D 123 11.03 -61.69 47.92
N LEU D 124 9.99 -61.11 47.30
CA LEU D 124 8.62 -61.41 47.76
C LEU D 124 8.32 -62.89 47.59
N SER D 125 8.79 -63.49 46.50
CA SER D 125 8.62 -64.93 46.31
C SER D 125 9.34 -65.72 47.40
N LEU D 126 10.54 -65.29 47.77
CA LEU D 126 11.27 -65.92 48.87
C LEU D 126 10.52 -65.78 50.20
N VAL D 127 10.00 -64.59 50.50
CA VAL D 127 9.30 -64.35 51.75
C VAL D 127 8.02 -65.16 51.82
N THR D 128 7.35 -65.37 50.68
CA THR D 128 6.17 -66.23 50.70
C THR D 128 6.53 -67.63 51.18
N MET D 129 7.70 -68.12 50.77
CA MET D 129 8.14 -69.43 51.21
C MET D 129 8.50 -69.40 52.69
N LEU D 130 9.11 -68.30 53.13
CA LEU D 130 9.53 -68.20 54.52
C LEU D 130 8.33 -68.08 55.46
N HIS D 131 7.24 -67.45 55.01
CA HIS D 131 6.10 -67.31 55.89
C HIS D 131 5.35 -68.62 56.05
N ASP D 132 5.78 -69.67 55.38
CA ASP D 132 5.23 -71.01 55.57
C ASP D 132 6.31 -71.98 56.04
N ASN D 133 7.42 -71.48 56.57
CA ASN D 133 8.59 -72.29 56.83
C ASN D 133 8.87 -72.39 58.32
N LYS D 134 9.32 -73.57 58.76
CA LYS D 134 9.76 -73.75 60.14
C LYS D 134 11.20 -74.25 60.28
N LEU D 135 11.91 -74.51 59.18
CA LEU D 135 13.30 -74.90 59.28
C LEU D 135 14.09 -73.69 59.78
N SER D 136 15.12 -73.94 60.60
CA SER D 136 15.84 -72.87 61.28
C SER D 136 16.84 -72.14 60.41
N LYS D 137 17.16 -72.66 59.23
CA LYS D 137 18.14 -72.04 58.36
C LYS D 137 17.56 -71.89 56.96
N LEU D 138 17.86 -70.75 56.35
CA LEU D 138 17.64 -70.53 54.93
C LEU D 138 19.00 -70.31 54.29
N THR D 139 19.24 -70.97 53.16
CA THR D 139 20.44 -70.73 52.35
C THR D 139 19.99 -70.25 50.98
N VAL D 140 20.57 -69.15 50.51
CA VAL D 140 20.25 -68.58 49.21
C VAL D 140 21.50 -68.66 48.33
N VAL D 141 21.38 -69.32 47.19
CA VAL D 141 22.50 -69.52 46.28
C VAL D 141 22.30 -68.63 45.07
N PHE D 142 23.20 -67.65 44.92
CA PHE D 142 23.08 -66.69 43.82
C PHE D 142 23.73 -67.30 42.58
N GLU D 143 22.93 -67.89 41.69
CA GLU D 143 23.43 -68.26 40.38
C GLU D 143 23.06 -67.20 39.35
N ILE D 144 23.02 -65.95 39.81
CA ILE D 144 22.78 -64.75 39.04
C ILE D 144 23.88 -63.77 39.46
N ASN D 145 24.08 -62.74 38.67
CA ASN D 145 25.12 -61.75 38.94
C ASN D 145 24.47 -60.48 39.48
N VAL D 146 24.87 -60.07 40.69
CA VAL D 146 24.36 -58.89 41.36
C VAL D 146 25.53 -58.06 41.89
N ASP D 147 25.42 -56.73 41.82
CA ASP D 147 26.50 -55.90 42.35
C ASP D 147 26.36 -55.72 43.87
N LYS D 148 27.34 -55.05 44.48
CA LYS D 148 27.40 -54.95 45.94
C LYS D 148 26.21 -54.19 46.50
N ASN D 149 25.81 -53.07 45.88
CA ASN D 149 24.66 -52.33 46.39
C ASN D 149 23.38 -53.13 46.23
N LEU D 150 23.26 -53.87 45.13
CA LEU D 150 22.02 -54.61 44.92
C LEU D 150 21.95 -55.84 45.81
N PHE D 151 23.10 -56.45 46.13
CA PHE D 151 23.11 -57.51 47.12
C PHE D 151 22.69 -56.97 48.49
N ARG D 152 23.20 -55.81 48.87
CA ARG D 152 22.73 -55.21 50.13
C ARG D 152 21.23 -54.92 50.05
N PHE D 153 20.76 -54.40 48.91
CA PHE D 153 19.32 -54.17 48.75
C PHE D 153 18.53 -55.47 48.92
N PHE D 154 19.05 -56.58 48.39
CA PHE D 154 18.41 -57.88 48.58
C PHE D 154 18.23 -58.18 50.06
N LEU D 155 19.29 -58.01 50.85
CA LEU D 155 19.20 -58.33 52.29
C LEU D 155 18.20 -57.44 53.00
N GLU D 156 18.28 -56.12 52.77
CA GLU D 156 17.38 -55.16 53.40
C GLU D 156 15.92 -55.47 53.09
N THR D 157 15.65 -55.73 51.82
CA THR D 157 14.28 -56.00 51.37
C THR D 157 13.79 -57.33 51.94
N LEU D 158 14.67 -58.33 51.94
CA LEU D 158 14.35 -59.62 52.56
C LEU D 158 13.99 -59.44 54.03
N PHE D 159 14.85 -58.74 54.78
CA PHE D 159 14.58 -58.50 56.20
C PHE D 159 13.27 -57.73 56.39
N TYR D 160 13.11 -56.64 55.64
CA TYR D 160 11.94 -55.77 55.84
C TYR D 160 10.66 -56.51 55.50
N GLU D 161 10.63 -57.23 54.37
CA GLU D 161 9.41 -57.91 53.96
C GLU D 161 9.12 -59.13 54.84
N TYR D 162 10.17 -59.76 55.37
CA TYR D 162 10.00 -60.93 56.23
C TYR D 162 9.35 -60.57 57.54
N MET D 163 9.76 -59.43 58.11
CA MET D 163 9.27 -58.94 59.39
C MET D 163 7.78 -58.59 59.28
N THR D 164 6.98 -59.06 60.24
CA THR D 164 5.54 -58.76 60.29
C THR D 164 5.24 -57.94 61.53
N ASP D 165 4.55 -56.83 61.33
CA ASP D 165 4.24 -55.88 62.40
C ASP D 165 2.96 -56.34 63.11
N GLU D 166 3.11 -56.84 64.33
CA GLU D 166 1.98 -57.37 65.08
C GLU D 166 1.60 -56.51 66.28
N ARG D 167 2.03 -55.23 66.28
CA ARG D 167 1.83 -54.39 67.47
C ARG D 167 0.34 -54.20 67.82
N PHE D 168 -0.54 -54.22 66.83
CA PHE D 168 -1.94 -53.89 67.09
C PHE D 168 -2.84 -55.12 67.03
N LYS D 169 -2.25 -56.32 66.93
CA LYS D 169 -2.98 -57.58 67.04
C LYS D 169 -3.09 -57.98 68.50
N SER D 170 -4.18 -58.67 68.85
CA SER D 170 -4.29 -59.15 70.22
C SER D 170 -4.00 -60.64 70.36
N THR D 171 -3.51 -61.30 69.30
CA THR D 171 -3.06 -62.68 69.43
C THR D 171 -1.67 -62.89 68.82
N ASP D 172 -1.24 -64.15 68.72
CA ASP D 172 0.04 -64.52 68.10
C ASP D 172 0.19 -66.04 68.02
N ASN D 174 2.08 -66.52 64.99
CA ASN D 174 1.62 -67.30 63.84
C ASN D 174 1.97 -68.78 64.02
N VAL D 175 0.97 -69.64 63.80
CA VAL D 175 1.15 -71.08 63.92
C VAL D 175 1.78 -71.70 62.68
N ASN D 176 2.09 -70.89 61.66
CA ASN D 176 2.44 -71.44 60.36
C ASN D 176 3.91 -71.27 60.01
N MET D 177 4.67 -70.50 60.79
CA MET D 177 6.09 -70.31 60.52
C MET D 177 6.83 -70.08 61.83
N GLU D 178 8.15 -70.12 61.73
CA GLU D 178 9.07 -69.72 62.78
C GLU D 178 10.18 -68.91 62.13
N TYR D 179 10.58 -67.81 62.74
CA TYR D 179 11.67 -67.05 62.15
C TYR D 179 12.94 -67.89 62.14
N ILE D 180 13.63 -67.88 61.00
CA ILE D 180 14.91 -68.56 60.90
C ILE D 180 15.92 -67.96 61.89
N LYS D 181 16.86 -68.79 62.32
CA LYS D 181 17.96 -68.36 63.16
C LYS D 181 19.26 -68.20 62.38
N HIS D 182 19.31 -68.67 61.14
CA HIS D 182 20.52 -68.63 60.33
C HIS D 182 20.15 -68.34 58.89
N LEU D 183 20.93 -67.46 58.27
CA LEU D 183 20.84 -67.16 56.85
C LEU D 183 22.21 -67.41 56.24
N GLY D 184 22.27 -68.31 55.26
CA GLY D 184 23.49 -68.55 54.50
C GLY D 184 23.35 -67.99 53.09
N VAL D 185 24.43 -67.42 52.56
CA VAL D 185 24.42 -66.88 51.21
C VAL D 185 25.65 -67.41 50.47
N TYR D 186 25.43 -67.98 49.28
CA TYR D 186 26.50 -68.36 48.36
C TYR D 186 26.47 -67.40 47.18
N ILE D 187 27.59 -66.72 46.93
CA ILE D 187 27.68 -65.69 45.91
C ILE D 187 29.13 -65.60 45.48
N ASN D 188 29.35 -65.26 44.20
CA ASN D 188 30.71 -65.04 43.74
C ASN D 188 31.30 -63.81 44.42
N ASN D 189 32.61 -63.85 44.68
CA ASN D 189 33.31 -62.76 45.37
C ASN D 189 32.74 -62.50 46.75
N ALA D 190 32.52 -63.59 47.50
CA ALA D 190 31.82 -63.46 48.77
C ALA D 190 32.54 -62.53 49.74
N ASP D 191 33.88 -62.48 49.67
CA ASP D 191 34.63 -61.66 50.61
C ASP D 191 34.30 -60.18 50.47
N THR D 192 34.05 -59.71 49.25
CA THR D 192 33.71 -58.29 49.07
C THR D 192 32.27 -57.96 49.46
N TYR D 193 31.39 -58.97 49.52
CA TYR D 193 30.00 -58.70 49.86
C TYR D 193 29.78 -58.74 51.36
N LYS D 194 30.76 -59.25 52.11
CA LYS D 194 30.59 -59.48 53.54
C LYS D 194 30.33 -58.17 54.30
N GLU D 195 30.95 -57.07 53.88
CA GLU D 195 30.75 -55.81 54.59
C GLU D 195 29.35 -55.24 54.38
N GLU D 196 28.60 -55.72 53.40
CA GLU D 196 27.25 -55.22 53.23
C GLU D 196 26.28 -55.79 54.25
N VAL D 197 26.63 -56.87 54.94
CA VAL D 197 25.63 -57.56 55.77
C VAL D 197 25.17 -56.67 56.93
N GLU D 198 26.11 -56.17 57.73
CA GLU D 198 25.67 -55.40 58.91
C GLU D 198 25.18 -54.01 58.54
N LYS D 199 25.63 -53.46 57.40
CA LYS D 199 25.00 -52.25 56.89
C LYS D 199 23.54 -52.52 56.50
N ALA D 200 23.28 -53.66 55.83
CA ALA D 200 21.89 -54.00 55.50
C ALA D 200 21.04 -54.14 56.75
N ARG D 201 21.60 -54.74 57.81
CA ARG D 201 20.83 -54.92 59.03
C ARG D 201 20.48 -53.58 59.65
N VAL D 202 21.40 -52.61 59.59
CA VAL D 202 21.13 -51.27 60.08
C VAL D 202 20.08 -50.58 59.21
N TYR D 203 20.25 -50.66 57.88
CA TYR D 203 19.30 -50.04 56.97
C TYR D 203 17.93 -50.66 57.11
N TYR D 204 17.89 -51.98 57.31
CA TYR D 204 16.61 -52.63 57.54
C TYR D 204 15.90 -52.01 58.73
N PHE D 205 16.60 -51.86 59.86
CA PHE D 205 15.84 -51.40 61.01
C PHE D 205 15.43 -49.94 60.87
N GLY D 206 16.28 -49.12 60.24
CA GLY D 206 15.87 -47.74 59.99
C GLY D 206 14.57 -47.68 59.20
N THR D 207 14.45 -48.51 58.17
CA THR D 207 13.25 -48.54 57.34
C THR D 207 12.08 -49.14 58.12
N TYR D 208 12.33 -50.21 58.89
CA TYR D 208 11.25 -50.83 59.65
C TYR D 208 10.77 -49.91 60.75
N TYR D 209 11.69 -49.18 61.39
CA TYR D 209 11.31 -48.18 62.39
C TYR D 209 10.44 -47.10 61.77
N ALA D 210 10.86 -46.55 60.62
CA ALA D 210 10.01 -45.59 59.93
C ALA D 210 8.64 -46.20 59.64
N SER D 211 8.64 -47.45 59.19
CA SER D 211 7.39 -48.14 58.89
C SER D 211 6.49 -48.22 60.13
N GLN D 212 7.08 -48.50 61.30
CA GLN D 212 6.28 -48.60 62.52
C GLN D 212 5.61 -47.28 62.88
N LEU D 213 6.33 -46.17 62.70
CA LEU D 213 5.72 -44.88 62.99
C LEU D 213 4.61 -44.56 61.98
N ILE D 214 4.83 -44.86 60.70
CA ILE D 214 3.83 -44.54 59.67
C ILE D 214 2.57 -45.36 59.87
N ALA D 215 2.74 -46.68 60.04
CA ALA D 215 1.61 -47.58 60.19
C ALA D 215 0.86 -47.35 61.49
N ALA D 216 1.53 -46.84 62.53
CA ALA D 216 0.83 -46.54 63.77
C ALA D 216 -0.31 -45.55 63.49
N PRO D 217 -1.55 -45.88 63.85
CA PRO D 217 -2.68 -44.98 63.53
C PRO D 217 -2.58 -43.66 64.29
N SER D 218 -3.38 -42.69 63.82
CA SER D 218 -3.29 -41.33 64.34
C SER D 218 -3.76 -41.18 65.78
N ASN D 219 -4.55 -42.12 66.31
CA ASN D 219 -4.85 -42.08 67.73
C ASN D 219 -3.65 -42.53 68.55
N TYR D 220 -2.83 -43.43 68.02
CA TYR D 220 -1.58 -43.80 68.70
C TYR D 220 -0.49 -42.78 68.40
N CYS D 221 -0.33 -42.40 67.13
CA CYS D 221 0.76 -41.53 66.67
C CYS D 221 0.19 -40.14 66.41
N ASN D 222 0.32 -39.25 67.40
CA ASN D 222 -0.17 -37.87 67.35
C ASN D 222 1.04 -36.97 67.60
N PRO D 223 0.92 -35.64 67.50
CA PRO D 223 2.13 -34.81 67.61
C PRO D 223 2.89 -35.00 68.92
N VAL D 224 2.20 -35.28 70.03
CA VAL D 224 2.90 -35.45 71.30
C VAL D 224 3.59 -36.81 71.37
N SER D 225 2.88 -37.89 71.02
CA SER D 225 3.48 -39.21 71.15
C SER D 225 4.59 -39.43 70.12
N LEU D 226 4.50 -38.80 68.96
CA LEU D 226 5.58 -38.93 67.98
C LEU D 226 6.82 -38.18 68.43
N SER D 227 6.66 -36.98 68.99
CA SER D 227 7.85 -36.29 69.48
C SER D 227 8.41 -37.00 70.72
N ASN D 228 7.56 -37.60 71.55
CA ASN D 228 8.06 -38.42 72.65
C ASN D 228 8.88 -39.60 72.13
N ALA D 229 8.40 -40.24 71.05
CA ALA D 229 9.16 -41.34 70.46
C ALA D 229 10.50 -40.85 69.93
N ALA D 230 10.54 -39.64 69.34
CA ALA D 230 11.80 -39.12 68.82
C ALA D 230 12.79 -38.87 69.95
N VAL D 231 12.30 -38.39 71.10
CA VAL D 231 13.16 -38.19 72.26
C VAL D 231 13.74 -39.51 72.73
N GLU D 232 12.90 -40.54 72.82
CA GLU D 232 13.36 -41.85 73.24
C GLU D 232 14.42 -42.40 72.29
N LEU D 233 14.21 -42.23 70.98
CA LEU D 233 15.22 -42.67 70.02
C LEU D 233 16.54 -41.92 70.21
N ALA D 234 16.46 -40.59 70.38
CA ALA D 234 17.67 -39.80 70.56
C ALA D 234 18.44 -40.24 71.80
N GLN D 235 17.72 -40.55 72.89
CA GLN D 235 18.37 -41.01 74.11
C GLN D 235 19.06 -42.35 73.91
N LYS D 236 18.42 -43.28 73.19
CA LYS D 236 19.07 -44.57 72.95
C LYS D 236 20.29 -44.42 72.06
N LEU D 237 20.29 -43.43 71.16
CA LEU D 237 21.40 -43.27 70.23
C LEU D 237 22.42 -42.25 70.72
N ASN D 238 22.18 -41.62 71.87
CA ASN D 238 23.06 -40.57 72.38
C ASN D 238 23.14 -39.38 71.41
N LEU D 239 22.01 -39.08 70.77
CA LEU D 239 21.88 -37.87 69.98
C LEU D 239 21.43 -36.72 70.89
N GLU D 240 21.87 -35.50 70.56
CA GLU D 240 21.30 -34.33 71.21
C GLU D 240 19.87 -34.12 70.71
N TYR D 241 19.00 -33.62 71.59
CA TYR D 241 17.60 -33.49 71.20
C TYR D 241 16.97 -32.29 71.88
N LYS D 242 15.96 -31.75 71.20
CA LYS D 242 15.22 -30.58 71.62
C LYS D 242 13.83 -30.71 71.01
N ILE D 243 12.77 -30.61 71.81
CA ILE D 243 11.39 -30.53 71.31
C ILE D 243 10.84 -29.14 71.65
N LEU D 244 10.50 -28.36 70.63
CA LEU D 244 9.93 -27.04 70.84
C LEU D 244 8.42 -27.14 70.95
N GLY D 245 7.87 -26.53 72.01
CA GLY D 245 6.43 -26.48 72.23
C GLY D 245 5.85 -25.15 71.77
N VAL D 246 4.54 -25.00 72.00
CA VAL D 246 3.79 -23.90 71.41
C VAL D 246 4.35 -22.55 71.85
N LYS D 247 4.69 -22.40 73.13
CA LYS D 247 5.19 -21.11 73.61
C LYS D 247 6.50 -20.72 72.93
N GLU D 248 7.42 -21.68 72.76
CA GLU D 248 8.63 -21.37 72.00
C GLU D 248 8.33 -21.09 70.53
N LEU D 249 7.40 -21.86 69.94
CA LEU D 249 7.06 -21.64 68.53
C LEU D 249 6.41 -20.27 68.34
N GLU D 250 5.60 -19.82 69.29
CA GLU D 250 5.05 -18.46 69.21
C GLU D 250 6.16 -17.43 69.29
N GLU D 251 7.14 -17.64 70.18
CA GLU D 251 8.27 -16.71 70.26
C GLU D 251 9.06 -16.67 68.97
N LEU D 252 9.16 -17.80 68.28
CA LEU D 252 9.84 -17.84 66.99
C LEU D 252 8.96 -17.37 65.83
N LYS D 253 7.71 -17.00 66.11
CA LYS D 253 6.81 -16.41 65.11
C LYS D 253 6.49 -17.38 63.98
N MET D 254 6.37 -18.68 64.27
CA MET D 254 6.08 -19.67 63.22
C MET D 254 4.57 -19.73 62.99
N GLY D 255 4.04 -18.65 62.40
CA GLY D 255 2.59 -18.53 62.24
C GLY D 255 2.01 -19.46 61.18
N ALA D 256 2.82 -19.88 60.20
CA ALA D 256 2.29 -20.81 59.21
C ALA D 256 2.09 -22.20 59.80
N TYR D 257 3.13 -22.71 60.46
CA TYR D 257 3.05 -24.01 61.12
C TYR D 257 2.01 -24.03 62.22
N LEU D 258 1.96 -22.99 63.06
CA LEU D 258 1.01 -22.97 64.16
C LEU D 258 -0.43 -22.87 63.66
N SER D 259 -0.67 -22.18 62.55
CA SER D 259 -2.02 -22.07 62.01
C SER D 259 -2.59 -23.44 61.66
N VAL D 260 -1.77 -24.29 61.05
CA VAL D 260 -2.23 -25.62 60.65
C VAL D 260 -2.68 -26.42 61.85
N GLY D 261 -1.96 -26.32 62.97
CA GLY D 261 -2.27 -27.09 64.15
C GLY D 261 -3.35 -26.53 65.05
N LYS D 262 -3.89 -25.35 64.72
CA LYS D 262 -4.87 -24.69 65.59
C LYS D 262 -6.06 -25.57 65.86
N GLY D 263 -6.51 -26.34 64.87
CA GLY D 263 -7.71 -27.14 65.07
C GLY D 263 -7.53 -28.45 65.82
N SER D 264 -6.32 -28.77 66.26
CA SER D 264 -6.05 -30.06 66.87
C SER D 264 -6.15 -29.98 68.39
N MET D 265 -6.56 -31.09 69.01
CA MET D 265 -6.48 -31.24 70.46
C MET D 265 -5.06 -31.53 70.93
N TYR D 266 -4.14 -31.84 70.00
CA TYR D 266 -2.76 -32.15 70.34
C TYR D 266 -1.90 -30.93 70.08
N PRO D 267 -1.17 -30.45 71.07
CA PRO D 267 -0.30 -29.28 70.84
C PRO D 267 0.76 -29.60 69.79
N ASN D 268 1.08 -28.60 68.98
CA ASN D 268 2.19 -28.73 68.04
C ASN D 268 3.49 -29.05 68.78
N LYS D 269 4.33 -29.90 68.18
CA LYS D 269 5.65 -30.21 68.73
C LYS D 269 6.66 -30.22 67.59
N PHE D 270 7.73 -29.43 67.72
CA PHE D 270 8.74 -29.33 66.67
C PHE D 270 9.96 -30.14 67.10
N ILE D 271 10.29 -31.18 66.31
CA ILE D 271 11.37 -32.13 66.65
C ILE D 271 12.67 -31.62 66.07
N HIS D 272 13.72 -31.56 66.89
CA HIS D 272 15.07 -31.18 66.44
C HIS D 272 16.07 -32.11 67.13
N LEU D 273 16.56 -33.12 66.41
CA LEU D 273 17.66 -33.96 66.88
C LEU D 273 18.94 -33.57 66.15
N THR D 274 20.08 -33.81 66.81
CA THR D 274 21.36 -33.46 66.18
C THR D 274 22.37 -34.58 66.40
N TYR D 275 22.99 -35.03 65.30
CA TYR D 275 24.16 -35.91 65.35
C TYR D 275 25.37 -35.04 65.05
N LYS D 276 26.39 -35.11 65.90
CA LYS D 276 27.62 -34.37 65.62
C LYS D 276 28.78 -35.33 65.69
N SER D 277 29.62 -35.31 64.65
CA SER D 277 30.76 -36.22 64.55
C SER D 277 31.79 -35.88 65.61
N LYS D 278 32.57 -36.90 66.02
CA LYS D 278 33.62 -36.67 67.02
C LYS D 278 34.73 -35.79 66.47
N GLY D 279 35.03 -35.87 65.18
CA GLY D 279 36.11 -35.11 64.61
C GLY D 279 35.66 -33.72 64.18
N ASP D 280 36.48 -33.09 63.35
CA ASP D 280 36.14 -31.76 62.87
C ASP D 280 34.92 -31.83 61.99
N VAL D 281 34.01 -30.88 62.18
CA VAL D 281 32.81 -30.83 61.34
C VAL D 281 33.18 -30.11 60.05
N LYS D 282 33.13 -30.84 58.95
CA LYS D 282 33.40 -30.24 57.64
C LYS D 282 32.13 -29.98 56.84
N LYS D 283 31.01 -30.59 57.22
CA LYS D 283 29.76 -30.41 56.49
C LYS D 283 28.59 -30.42 57.47
N LYS D 284 27.67 -29.48 57.30
CA LYS D 284 26.47 -29.40 58.11
C LYS D 284 25.24 -29.58 57.22
N ILE D 285 24.35 -30.46 57.62
CA ILE D 285 23.18 -30.82 56.82
C ILE D 285 21.95 -30.75 57.71
N ALA D 286 20.86 -30.18 57.18
CA ALA D 286 19.56 -30.24 57.82
C ALA D 286 18.64 -31.10 56.97
N LEU D 287 18.08 -32.13 57.59
CA LEU D 287 17.06 -32.99 56.98
C LEU D 287 15.71 -32.65 57.59
N VAL D 288 14.74 -32.28 56.74
CA VAL D 288 13.44 -31.74 57.16
C VAL D 288 12.35 -32.68 56.67
N GLY D 289 11.57 -33.25 57.59
CA GLY D 289 10.55 -34.19 57.19
C GLY D 289 9.17 -33.66 57.49
N LYS D 290 8.23 -33.77 56.55
CA LYS D 290 6.85 -33.36 56.83
C LYS D 290 6.22 -34.29 57.84
N GLY D 291 5.67 -33.72 58.91
CA GLY D 291 5.14 -34.54 59.98
C GLY D 291 3.69 -34.21 60.33
N ILE D 292 2.77 -34.46 59.42
CA ILE D 292 1.34 -34.30 59.69
C ILE D 292 0.82 -35.65 60.16
N THR D 293 0.50 -35.77 61.46
CA THR D 293 0.17 -37.10 61.99
C THR D 293 -1.21 -37.56 61.56
N PHE D 294 -2.12 -36.64 61.23
CA PHE D 294 -3.33 -36.98 60.50
C PHE D 294 -3.70 -35.77 59.65
N ASP D 295 -4.03 -36.01 58.36
CA ASP D 295 -4.47 -34.94 57.48
C ASP D 295 -5.93 -35.17 57.10
N SER D 296 -6.86 -34.53 57.82
CA SER D 296 -8.28 -34.55 57.42
C SER D 296 -8.57 -33.63 56.24
N GLY D 297 -7.64 -32.75 55.91
CA GLY D 297 -7.87 -31.65 54.98
C GLY D 297 -8.26 -30.35 55.64
N GLY D 298 -8.73 -30.40 56.91
CA GLY D 298 -9.28 -29.20 57.55
C GLY D 298 -10.62 -28.84 56.92
N TYR D 299 -10.94 -27.55 56.96
CA TYR D 299 -12.23 -27.12 56.43
C TYR D 299 -12.38 -27.45 54.95
N ASN D 300 -11.26 -27.51 54.22
CA ASN D 300 -11.21 -28.15 52.89
C ASN D 300 -11.13 -29.68 53.04
N LEU D 301 -12.19 -30.23 53.62
CA LEU D 301 -12.18 -31.63 54.06
C LEU D 301 -11.95 -32.60 52.89
N LYS D 302 -11.22 -33.68 53.16
CA LYS D 302 -11.02 -34.72 52.16
C LYS D 302 -12.31 -35.52 52.02
N ALA D 303 -13.26 -34.97 51.24
CA ALA D 303 -14.53 -35.64 51.00
C ALA D 303 -14.72 -36.04 49.53
N ALA D 304 -13.82 -35.64 48.66
CA ALA D 304 -13.99 -35.95 47.25
C ALA D 304 -13.70 -37.43 47.00
N PRO D 305 -14.34 -38.02 46.00
CA PRO D 305 -13.99 -39.41 45.61
C PRO D 305 -12.50 -39.54 45.37
N GLY D 306 -11.91 -40.58 45.95
CA GLY D 306 -10.51 -40.82 45.74
C GLY D 306 -9.57 -40.01 46.63
N SER D 307 -10.09 -39.27 47.60
CA SER D 307 -9.20 -38.46 48.42
C SER D 307 -8.57 -39.25 49.57
N MET D 308 -9.00 -40.51 49.81
CA MET D 308 -8.28 -41.46 50.69
C MET D 308 -8.06 -40.94 52.10
N ILE D 309 -9.09 -40.33 52.68
CA ILE D 309 -8.93 -39.79 54.02
C ILE D 309 -8.57 -40.89 55.02
N ASP D 310 -8.98 -42.13 54.77
CA ASP D 310 -8.71 -43.22 55.70
C ASP D 310 -7.24 -43.63 55.74
N LEU D 311 -6.43 -43.19 54.79
CA LEU D 311 -5.02 -43.55 54.82
C LEU D 311 -4.12 -42.45 55.39
N MET D 312 -4.69 -41.31 55.81
CA MET D 312 -3.92 -40.10 56.03
C MET D 312 -3.10 -40.12 57.32
N LYS D 313 -3.14 -41.21 58.09
CA LYS D 313 -2.07 -41.39 59.07
C LYS D 313 -0.69 -41.37 58.41
N PHE D 314 -0.58 -41.64 57.09
CA PHE D 314 0.76 -41.66 56.49
C PHE D 314 1.28 -40.27 56.13
N ASP D 315 0.55 -39.22 56.44
CA ASP D 315 1.07 -37.90 56.05
C ASP D 315 2.27 -37.44 56.93
N MET D 316 2.76 -38.30 57.82
CA MET D 316 4.02 -38.04 58.53
C MET D 316 5.14 -38.97 58.05
N SER D 317 5.01 -39.52 56.83
CA SER D 317 6.04 -40.40 56.28
C SER D 317 7.38 -39.71 56.11
N GLY D 318 7.36 -38.39 55.81
CA GLY D 318 8.62 -37.66 55.69
C GLY D 318 9.35 -37.54 57.02
N CYS D 319 8.62 -37.17 58.08
CA CYS D 319 9.18 -37.20 59.42
C CYS D 319 9.69 -38.59 59.77
N ALA D 320 8.93 -39.63 59.42
CA ALA D 320 9.36 -41.00 59.72
C ALA D 320 10.69 -41.33 59.03
N ALA D 321 10.81 -40.93 57.76
CA ALA D 321 12.06 -41.16 57.02
C ALA D 321 13.24 -40.42 57.67
N VAL D 322 13.00 -39.20 58.16
CA VAL D 322 14.08 -38.46 58.82
C VAL D 322 14.48 -39.15 60.12
N LEU D 323 13.51 -39.66 60.89
CA LEU D 323 13.84 -40.35 62.13
C LEU D 323 14.50 -41.71 61.88
N GLY D 324 14.06 -42.44 60.85
CA GLY D 324 14.77 -43.66 60.49
C GLY D 324 16.19 -43.37 60.04
N CYS D 325 16.37 -42.28 59.30
CA CYS D 325 17.72 -41.87 58.95
C CYS D 325 18.53 -41.54 60.20
N ALA D 326 17.90 -40.90 61.20
CA ALA D 326 18.59 -40.62 62.46
C ALA D 326 19.06 -41.91 63.13
N TYR D 327 18.24 -42.96 63.10
CA TYR D 327 18.69 -44.24 63.64
C TYR D 327 19.93 -44.75 62.90
N CYS D 328 19.91 -44.74 61.56
CA CYS D 328 21.04 -45.25 60.79
C CYS D 328 22.29 -44.41 61.03
N VAL D 329 22.16 -43.08 61.03
CA VAL D 329 23.29 -42.19 61.21
C VAL D 329 23.85 -42.31 62.63
N GLY D 330 22.96 -42.36 63.64
CA GLY D 330 23.41 -42.50 65.01
C GLY D 330 24.10 -43.82 65.26
N THR D 331 23.77 -44.84 64.46
CA THR D 331 24.34 -46.18 64.55
C THR D 331 25.63 -46.32 63.77
N LEU D 332 25.69 -45.80 62.55
CA LEU D 332 26.89 -45.98 61.75
C LEU D 332 27.95 -44.95 62.08
N LYS D 333 27.56 -43.84 62.70
CA LYS D 333 28.45 -42.78 63.16
C LYS D 333 29.38 -42.26 62.06
N PRO D 334 28.85 -41.61 61.02
CA PRO D 334 29.71 -41.01 60.00
C PRO D 334 30.63 -39.95 60.59
N GLU D 335 31.76 -39.74 59.91
CA GLU D 335 32.78 -38.80 60.37
C GLU D 335 32.61 -37.42 59.72
N ASN D 336 33.07 -36.39 60.41
CA ASN D 336 33.25 -35.04 59.87
C ASN D 336 31.95 -34.34 59.51
N VAL D 337 30.81 -34.77 60.04
CA VAL D 337 29.53 -34.16 59.66
C VAL D 337 28.73 -33.83 60.90
N GLU D 338 27.87 -32.83 60.77
CA GLU D 338 26.85 -32.52 61.76
C GLU D 338 25.50 -32.54 61.04
N ILE D 339 24.57 -33.33 61.56
CA ILE D 339 23.26 -33.54 60.92
C ILE D 339 22.16 -33.10 61.89
N HIS D 340 21.27 -32.23 61.40
CA HIS D 340 20.06 -31.84 62.11
C HIS D 340 18.87 -32.54 61.47
N PHE D 341 18.09 -33.23 62.30
CA PHE D 341 16.91 -33.99 61.88
C PHE D 341 15.71 -33.20 62.41
N LEU D 342 14.93 -32.61 61.50
CA LEU D 342 13.91 -31.65 61.89
C LEU D 342 12.54 -32.08 61.40
N SER D 343 11.51 -31.85 62.21
CA SER D 343 10.14 -32.02 61.72
C SER D 343 9.20 -31.12 62.51
N ALA D 344 8.41 -30.31 61.80
CA ALA D 344 7.38 -29.49 62.42
C ALA D 344 6.13 -30.36 62.53
N VAL D 345 5.91 -31.00 63.70
CA VAL D 345 4.85 -32.00 63.79
C VAL D 345 3.52 -31.38 64.25
N CYS D 346 2.42 -31.76 63.60
CA CYS D 346 1.10 -31.29 64.00
C CYS D 346 0.05 -32.18 63.34
N GLU D 347 -1.22 -31.86 63.59
CA GLU D 347 -2.39 -32.58 63.07
C GLU D 347 -3.36 -31.57 62.46
N ASN D 348 -3.92 -31.89 61.27
CA ASN D 348 -4.78 -30.96 60.49
C ASN D 348 -6.23 -31.38 60.66
N MET D 349 -7.00 -30.65 61.48
CA MET D 349 -8.30 -31.12 61.94
C MET D 349 -9.38 -30.08 61.69
N VAL D 350 -10.64 -30.47 61.91
CA VAL D 350 -11.80 -29.60 61.76
C VAL D 350 -12.38 -29.29 63.14
N SER D 351 -12.53 -28.00 63.44
CA SER D 351 -12.82 -27.59 64.79
C SER D 351 -13.32 -26.15 64.72
N LYS D 352 -13.99 -25.70 65.79
CA LYS D 352 -14.22 -24.27 65.92
C LYS D 352 -12.91 -23.50 65.93
N ASN D 353 -11.80 -24.16 66.31
CA ASN D 353 -10.51 -23.47 66.45
C ASN D 353 -9.63 -23.54 65.21
N SER D 354 -10.04 -24.23 64.13
CA SER D 354 -9.14 -24.42 62.99
C SER D 354 -8.91 -23.13 62.20
N TYR D 355 -7.80 -23.09 61.46
CA TYR D 355 -7.65 -22.04 60.47
C TYR D 355 -8.62 -22.27 59.30
N ARG D 356 -8.94 -21.18 58.58
CA ARG D 356 -9.96 -21.16 57.55
C ARG D 356 -9.35 -20.95 56.18
N PRO D 357 -9.99 -21.48 55.13
CA PRO D 357 -9.67 -21.06 53.77
C PRO D 357 -9.81 -19.55 53.71
N GLY D 358 -8.83 -18.88 53.13
CA GLY D 358 -8.83 -17.44 53.03
C GLY D 358 -8.05 -16.70 54.11
N ASP D 359 -7.77 -17.33 55.25
CA ASP D 359 -7.02 -16.65 56.30
C ASP D 359 -5.68 -16.20 55.76
N ILE D 360 -5.18 -15.06 56.26
CA ILE D 360 -3.83 -14.60 55.93
C ILE D 360 -2.98 -14.77 57.17
N ILE D 361 -1.90 -15.54 57.04
CA ILE D 361 -1.07 -15.91 58.17
C ILE D 361 0.35 -15.44 57.88
N THR D 362 1.14 -15.29 58.94
CA THR D 362 2.49 -14.75 58.83
C THR D 362 3.50 -15.80 59.24
N ALA D 363 4.39 -16.14 58.30
CA ALA D 363 5.48 -17.07 58.53
C ALA D 363 6.58 -16.41 59.36
N SER D 364 7.50 -17.26 59.86
CA SER D 364 8.55 -16.77 60.75
C SER D 364 9.59 -15.91 60.06
N ASN D 365 9.62 -15.83 58.73
CA ASN D 365 10.51 -14.89 58.05
C ASN D 365 9.79 -13.60 57.68
N GLY D 366 8.59 -13.38 58.22
CA GLY D 366 7.82 -12.17 57.98
C GLY D 366 6.91 -12.21 56.76
N LYS D 367 6.99 -13.24 55.91
CA LYS D 367 6.16 -13.27 54.72
C LYS D 367 4.71 -13.60 55.08
N THR D 368 3.77 -12.79 54.60
CA THR D 368 2.36 -13.10 54.78
C THR D 368 1.89 -14.02 53.66
N ILE D 369 1.05 -14.98 54.01
CA ILE D 369 0.60 -16.03 53.08
C ILE D 369 -0.93 -16.03 53.08
N GLU D 370 -1.54 -15.96 51.91
CA GLU D 370 -2.99 -16.12 51.82
C GLU D 370 -3.32 -17.60 51.63
N VAL D 371 -4.09 -18.17 52.56
CA VAL D 371 -4.43 -19.58 52.49
C VAL D 371 -5.52 -19.77 51.44
N GLY D 372 -5.24 -20.54 50.39
CA GLY D 372 -6.28 -20.84 49.41
C GLY D 372 -6.97 -22.16 49.66
N ASN D 373 -6.34 -23.05 50.43
CA ASN D 373 -6.89 -24.39 50.65
C ASN D 373 -6.26 -24.97 51.91
N THR D 374 -7.07 -25.28 52.92
CA THR D 374 -6.49 -25.75 54.16
C THR D 374 -5.86 -27.13 54.04
N ASP D 375 -6.11 -27.84 52.94
CA ASP D 375 -5.54 -29.16 52.68
C ASP D 375 -4.18 -29.08 52.00
N ALA D 376 -3.72 -27.87 51.66
CA ALA D 376 -2.31 -27.66 51.27
C ALA D 376 -1.49 -27.25 52.49
N GLU D 377 -1.66 -28.01 53.57
CA GLU D 377 -1.11 -27.64 54.87
C GLU D 377 0.37 -28.00 54.99
N GLY D 378 0.83 -29.00 54.23
CA GLY D 378 2.20 -29.45 54.40
C GLY D 378 3.21 -28.38 54.05
N ARG D 379 2.99 -27.66 52.96
CA ARG D 379 3.94 -26.62 52.57
C ARG D 379 3.96 -25.48 53.58
N LEU D 380 2.85 -25.27 54.30
CA LEU D 380 2.86 -24.27 55.35
C LEU D 380 3.74 -24.69 56.52
N THR D 381 3.61 -25.94 56.96
CA THR D 381 4.48 -26.39 58.05
C THR D 381 5.94 -26.40 57.61
N LEU D 382 6.20 -26.79 56.35
CA LEU D 382 7.58 -26.83 55.85
C LEU D 382 8.19 -25.44 55.71
N ALA D 383 7.38 -24.44 55.34
CA ALA D 383 7.88 -23.09 55.22
C ALA D 383 8.58 -22.65 56.50
N ASP D 384 7.92 -22.85 57.65
CA ASP D 384 8.53 -22.45 58.90
C ASP D 384 9.69 -23.37 59.27
N ALA D 385 9.59 -24.66 58.92
CA ALA D 385 10.69 -25.59 59.21
C ALA D 385 11.93 -25.21 58.41
N LEU D 386 11.75 -24.76 57.16
CA LEU D 386 12.85 -24.34 56.30
C LEU D 386 13.49 -23.04 56.79
N VAL D 387 12.68 -22.09 57.27
CA VAL D 387 13.25 -20.88 57.88
C VAL D 387 14.11 -21.28 59.10
N TYR D 388 13.58 -22.17 59.93
CA TYR D 388 14.35 -22.66 61.08
C TYR D 388 15.63 -23.35 60.64
N ALA D 389 15.54 -24.20 59.61
CA ALA D 389 16.71 -24.92 59.13
C ALA D 389 17.78 -23.97 58.59
N GLU D 390 17.38 -22.97 57.80
CA GLU D 390 18.39 -22.08 57.24
C GLU D 390 19.08 -21.24 58.30
N LYS D 391 18.37 -20.88 59.38
CA LYS D 391 19.02 -20.18 60.48
C LYS D 391 20.09 -21.00 61.16
N LEU D 392 20.10 -22.33 60.98
CA LEU D 392 21.16 -23.17 61.57
C LEU D 392 22.51 -23.00 60.90
N GLY D 393 22.55 -22.40 59.72
CA GLY D 393 23.80 -22.16 59.01
C GLY D 393 24.42 -23.43 58.45
N VAL D 394 23.65 -24.18 57.69
CA VAL D 394 24.06 -25.46 57.19
C VAL D 394 24.50 -25.31 55.74
N ASP D 395 25.18 -26.33 55.23
CA ASP D 395 25.60 -26.36 53.83
C ASP D 395 24.48 -26.85 52.92
N TYR D 396 23.69 -27.81 53.40
CA TYR D 396 22.62 -28.39 52.59
C TYR D 396 21.37 -28.52 53.46
N ILE D 397 20.22 -28.19 52.86
CA ILE D 397 18.91 -28.48 53.42
C ILE D 397 18.21 -29.42 52.45
N VAL D 398 17.79 -30.58 52.94
CA VAL D 398 17.01 -31.51 52.12
C VAL D 398 15.72 -31.78 52.87
N ASP D 399 14.59 -31.51 52.22
CA ASP D 399 13.30 -31.83 52.84
C ASP D 399 12.69 -33.02 52.11
N ILE D 400 11.86 -33.78 52.84
CA ILE D 400 11.22 -34.97 52.28
C ILE D 400 9.78 -35.00 52.79
N ALA D 401 8.82 -35.20 51.89
CA ALA D 401 7.43 -34.91 52.24
C ALA D 401 6.45 -35.63 51.32
N THR D 402 5.37 -36.13 51.90
CA THR D 402 4.19 -36.59 51.16
C THR D 402 3.34 -35.38 50.76
N LEU D 403 3.87 -34.60 49.81
CA LEU D 403 3.34 -33.26 49.62
C LEU D 403 2.18 -33.19 48.62
N THR D 404 2.30 -33.76 47.43
CA THR D 404 1.29 -33.49 46.40
C THR D 404 0.78 -34.78 45.77
N GLY D 405 -0.53 -34.93 45.73
CA GLY D 405 -1.13 -36.07 45.04
C GLY D 405 -0.82 -36.10 43.56
N ALA D 406 -0.47 -34.95 42.97
CA ALA D 406 -0.10 -34.94 41.56
C ALA D 406 1.08 -35.88 41.23
N MET D 407 1.93 -36.17 42.21
CA MET D 407 3.01 -37.15 42.01
C MET D 407 2.49 -38.47 41.49
N LEU D 408 1.29 -38.87 41.89
CA LEU D 408 0.77 -40.13 41.37
C LEU D 408 0.52 -40.07 39.88
N TYR D 409 0.29 -38.89 39.34
CA TYR D 409 0.03 -38.77 37.92
C TYR D 409 1.26 -38.44 37.10
N SER D 410 2.36 -38.04 37.74
CA SER D 410 3.58 -37.72 37.02
C SER D 410 4.57 -38.87 37.07
N LEU D 411 4.97 -39.31 38.27
CA LEU D 411 5.91 -40.41 38.37
C LEU D 411 5.29 -41.71 38.90
N GLY D 412 4.15 -41.62 39.58
CA GLY D 412 3.47 -42.83 40.03
C GLY D 412 3.93 -43.32 41.39
N THR D 413 3.81 -44.62 41.63
CA THR D 413 4.05 -45.20 42.94
C THR D 413 5.46 -45.74 43.12
N SER D 414 6.29 -45.70 42.07
CA SER D 414 7.62 -46.29 42.20
C SER D 414 8.74 -45.27 42.38
N TYR D 415 8.72 -44.13 41.69
CA TYR D 415 9.80 -43.15 41.74
C TYR D 415 9.32 -41.90 42.46
N ALA D 416 10.10 -41.41 43.42
CA ALA D 416 9.83 -40.10 44.01
C ALA D 416 10.40 -39.00 43.11
N GLY D 417 9.92 -37.76 43.30
CA GLY D 417 10.40 -36.62 42.54
C GLY D 417 11.34 -35.77 43.38
N VAL D 418 12.42 -35.27 42.77
CA VAL D 418 13.31 -34.36 43.49
C VAL D 418 13.33 -33.02 42.76
N PHE D 419 13.20 -31.95 43.53
CA PHE D 419 13.25 -30.56 43.06
C PHE D 419 14.31 -29.83 43.87
N GLY D 420 14.88 -28.76 43.31
CA GLY D 420 15.85 -28.04 44.12
C GLY D 420 16.34 -26.78 43.43
N ASN D 421 17.13 -26.01 44.18
CA ASN D 421 17.71 -24.75 43.70
C ASN D 421 19.20 -24.88 43.39
N ASN D 422 19.75 -26.10 43.37
CA ASN D 422 21.21 -26.27 43.28
C ASN D 422 21.50 -27.58 42.59
N GLU D 423 22.09 -27.51 41.38
CA GLU D 423 22.28 -28.69 40.55
C GLU D 423 23.22 -29.70 41.19
N GLU D 424 24.27 -29.23 41.86
CA GLU D 424 25.19 -30.14 42.51
C GLU D 424 24.51 -30.97 43.60
N LEU D 425 23.68 -30.32 44.42
CA LEU D 425 22.96 -31.04 45.46
C LEU D 425 21.96 -32.02 44.84
N ILE D 426 21.27 -31.61 43.77
CA ILE D 426 20.38 -32.54 43.08
C ILE D 426 21.14 -33.76 42.60
N ASN D 427 22.32 -33.54 41.99
CA ASN D 427 23.10 -34.68 41.50
C ASN D 427 23.56 -35.59 42.64
N LYS D 428 23.86 -35.01 43.81
CA LYS D 428 24.20 -35.83 44.98
C LYS D 428 23.01 -36.68 45.41
N ILE D 429 21.80 -36.11 45.39
CA ILE D 429 20.61 -36.88 45.74
C ILE D 429 20.39 -38.01 44.71
N LEU D 430 20.58 -37.71 43.42
CA LEU D 430 20.39 -38.75 42.40
C LEU D 430 21.39 -39.90 42.58
N GLN D 431 22.63 -39.57 42.93
CA GLN D 431 23.62 -40.62 43.22
C GLN D 431 23.23 -41.43 44.46
N SER D 432 22.73 -40.76 45.52
CA SER D 432 22.25 -41.51 46.69
C SER D 432 21.07 -42.40 46.33
N SER D 433 20.24 -41.94 45.39
CA SER D 433 19.17 -42.79 44.89
C SER D 433 19.73 -44.03 44.21
N LYS D 434 20.81 -43.86 43.45
CA LYS D 434 21.41 -44.99 42.75
C LYS D 434 21.99 -46.02 43.73
N THR D 435 22.72 -45.57 44.75
CA THR D 435 23.35 -46.52 45.65
C THR D 435 22.42 -47.03 46.75
N SER D 436 21.35 -46.30 47.07
CA SER D 436 20.36 -46.84 47.99
C SER D 436 19.33 -47.72 47.30
N ASN D 437 19.24 -47.66 45.97
CA ASN D 437 18.19 -48.35 45.18
C ASN D 437 16.77 -47.90 45.57
N GLU D 438 16.63 -46.67 46.06
CA GLU D 438 15.33 -46.02 46.20
C GLU D 438 15.19 -45.01 45.07
N PRO D 439 14.36 -45.27 44.06
CA PRO D 439 14.41 -44.46 42.84
C PRO D 439 13.79 -43.08 42.99
N VAL D 440 14.49 -42.10 42.42
CA VAL D 440 14.10 -40.70 42.40
C VAL D 440 14.34 -40.17 40.99
N TRP D 441 13.55 -39.20 40.59
CA TRP D 441 13.72 -38.55 39.29
C TRP D 441 13.66 -37.04 39.46
N TRP D 442 14.58 -36.36 38.79
CA TRP D 442 14.68 -34.91 38.87
C TRP D 442 13.56 -34.24 38.07
N LEU D 443 12.79 -33.39 38.71
CA LEU D 443 11.73 -32.62 38.05
C LEU D 443 12.04 -31.14 38.18
N PRO D 444 11.58 -30.31 37.23
CA PRO D 444 12.01 -28.91 37.19
C PRO D 444 11.18 -27.99 38.07
N ILE D 445 11.85 -26.95 38.55
CA ILE D 445 11.16 -25.81 39.16
C ILE D 445 11.04 -24.77 38.04
N ILE D 446 9.85 -24.64 37.49
CA ILE D 446 9.63 -23.83 36.29
C ILE D 446 9.24 -22.42 36.75
N ASN D 447 10.16 -21.46 36.56
CA ASN D 447 9.95 -20.13 37.13
C ASN D 447 8.79 -19.38 36.50
N GLU D 448 8.42 -19.72 35.27
CA GLU D 448 7.28 -19.09 34.63
C GLU D 448 6.00 -19.28 35.43
N TYR D 449 5.93 -20.30 36.30
CA TYR D 449 4.71 -20.49 37.09
C TYR D 449 4.68 -19.65 38.36
N ARG D 450 5.78 -18.98 38.73
CA ARG D 450 5.84 -18.25 39.99
C ARG D 450 4.80 -17.14 40.07
N ALA D 451 4.50 -16.48 38.96
CA ALA D 451 3.55 -15.38 39.01
C ALA D 451 2.16 -15.82 39.48
N THR D 452 1.81 -17.10 39.36
CA THR D 452 0.49 -17.54 39.84
C THR D 452 0.41 -17.60 41.36
N LEU D 453 1.53 -17.45 42.07
CA LEU D 453 1.50 -17.34 43.51
C LEU D 453 1.43 -15.88 43.95
N ASN D 454 1.34 -14.94 43.01
CA ASN D 454 1.21 -13.54 43.39
C ASN D 454 -0.18 -13.33 43.98
N SER D 455 -0.23 -12.84 45.21
CA SER D 455 -1.47 -12.65 45.94
C SER D 455 -1.91 -11.20 45.82
N LYS D 456 -3.23 -10.99 45.75
CA LYS D 456 -3.75 -9.62 45.71
C LYS D 456 -3.53 -8.91 47.04
N TYR D 457 -3.60 -9.62 48.15
CA TYR D 457 -3.57 -9.01 49.47
C TYR D 457 -2.33 -9.38 50.29
N ALA D 458 -1.90 -10.64 50.27
CA ALA D 458 -0.76 -11.10 51.04
C ALA D 458 0.50 -11.02 50.19
N ASP D 459 1.66 -11.28 50.84
CA ASP D 459 2.92 -11.32 50.10
C ASP D 459 2.89 -12.44 49.06
N ILE D 460 2.27 -13.57 49.40
CA ILE D 460 2.27 -14.71 48.50
C ILE D 460 1.02 -15.55 48.75
N ASN D 461 0.55 -16.21 47.69
CA ASN D 461 -0.49 -17.23 47.80
C ASN D 461 0.14 -18.56 48.20
N GLN D 462 -0.62 -19.32 48.99
CA GLN D 462 -0.27 -20.70 49.33
C GLN D 462 -0.37 -21.61 48.11
N ILE D 463 -1.42 -21.45 47.30
CA ILE D 463 -1.62 -22.33 46.15
C ILE D 463 -1.87 -21.49 44.90
N SER D 464 -1.72 -22.14 43.75
CA SER D 464 -2.08 -21.53 42.49
C SER D 464 -3.58 -21.66 42.30
N SER D 465 -4.20 -20.64 41.70
CA SER D 465 -5.60 -20.83 41.30
C SER D 465 -5.73 -21.54 39.96
N SER D 466 -4.70 -21.43 39.09
CA SER D 466 -4.80 -21.84 37.69
C SER D 466 -3.82 -22.93 37.26
N VAL D 467 -2.62 -23.01 37.83
CA VAL D 467 -1.63 -23.96 37.33
C VAL D 467 -1.90 -25.32 37.96
N LYS D 468 -2.07 -26.35 37.12
CA LYS D 468 -2.36 -27.69 37.62
C LYS D 468 -1.11 -28.50 37.94
N ALA D 469 0.09 -28.00 37.58
CA ALA D 469 1.33 -28.71 37.90
C ALA D 469 1.67 -28.43 39.37
N SER D 470 0.92 -29.09 40.26
CA SER D 470 0.92 -28.74 41.67
C SER D 470 2.24 -29.08 42.35
N SER D 471 2.93 -30.15 41.92
CA SER D 471 4.21 -30.47 42.54
C SER D 471 5.25 -29.38 42.26
N ILE D 472 5.21 -28.79 41.07
CA ILE D 472 6.14 -27.71 40.74
C ILE D 472 5.76 -26.44 41.49
N VAL D 473 4.46 -26.13 41.55
CA VAL D 473 4.02 -24.93 42.26
C VAL D 473 4.37 -25.01 43.74
N ALA D 474 4.14 -26.18 44.36
CA ALA D 474 4.50 -26.35 45.74
C ALA D 474 6.01 -26.14 45.94
N SER D 475 6.82 -26.57 44.96
CA SER D 475 8.25 -26.33 45.05
C SER D 475 8.58 -24.84 44.93
N LEU D 476 7.88 -24.12 44.07
CA LEU D 476 8.09 -22.68 43.97
C LEU D 476 7.76 -21.99 45.29
N PHE D 477 6.69 -22.43 45.95
CA PHE D 477 6.34 -21.88 47.25
C PHE D 477 7.42 -22.15 48.28
N LEU D 478 7.85 -23.40 48.40
CA LEU D 478 8.89 -23.74 49.37
C LEU D 478 10.17 -22.95 49.11
N LYS D 479 10.52 -22.75 47.83
CA LYS D 479 11.76 -22.06 47.49
C LYS D 479 11.80 -20.65 48.07
N GLU D 480 10.64 -20.01 48.28
CA GLU D 480 10.57 -18.68 48.88
C GLU D 480 10.99 -18.64 50.34
N PHE D 481 11.17 -19.78 50.99
CA PHE D 481 11.58 -19.82 52.39
C PHE D 481 13.00 -20.31 52.55
N VAL D 482 13.75 -20.37 51.45
CA VAL D 482 15.18 -20.66 51.46
C VAL D 482 15.86 -19.51 50.71
N GLN D 483 16.68 -18.74 51.43
CA GLN D 483 17.22 -17.53 50.82
C GLN D 483 18.56 -17.73 50.15
N ASN D 484 19.48 -18.48 50.77
CA ASN D 484 20.83 -18.47 50.22
C ASN D 484 21.57 -19.75 50.58
N THR D 485 20.86 -20.88 50.56
CA THR D 485 21.42 -22.18 50.91
C THR D 485 21.00 -23.20 49.87
N ALA D 486 21.92 -24.09 49.49
CA ALA D 486 21.59 -25.19 48.60
C ALA D 486 20.51 -26.06 49.24
N TRP D 487 19.43 -26.29 48.49
CA TRP D 487 18.24 -26.93 49.04
C TRP D 487 17.64 -27.88 48.02
N ALA D 488 17.15 -29.02 48.50
CA ALA D 488 16.46 -29.96 47.65
C ALA D 488 15.22 -30.44 48.37
N HIS D 489 14.21 -30.83 47.59
CA HIS D 489 12.90 -31.15 48.11
C HIS D 489 12.49 -32.45 47.43
N ILE D 490 12.21 -33.46 48.23
CA ILE D 490 11.87 -34.79 47.72
C ILE D 490 10.40 -35.04 48.04
N ASP D 491 9.56 -35.10 46.99
CA ASP D 491 8.12 -35.30 47.14
C ASP D 491 7.87 -36.80 47.04
N ILE D 492 7.49 -37.42 48.16
CA ILE D 492 7.29 -38.86 48.24
C ILE D 492 5.80 -39.19 48.38
N ALA D 493 4.91 -38.27 47.99
CA ALA D 493 3.48 -38.53 48.13
C ALA D 493 3.06 -39.81 47.40
N GLY D 494 3.68 -40.11 46.26
CA GLY D 494 3.29 -41.27 45.48
C GLY D 494 3.91 -42.59 45.86
N VAL D 495 5.07 -42.56 46.49
CA VAL D 495 5.85 -43.77 46.70
C VAL D 495 5.82 -44.22 48.14
N SER D 496 5.15 -43.47 49.01
CA SER D 496 5.40 -43.72 50.40
C SER D 496 4.60 -44.92 50.92
N TRP D 497 3.41 -45.19 50.37
CA TRP D 497 2.52 -46.25 50.84
C TRP D 497 2.44 -47.38 49.80
N ASN D 498 2.59 -48.64 50.24
CA ASN D 498 2.47 -49.80 49.35
C ASN D 498 1.00 -50.23 49.31
N PHE D 499 0.28 -49.83 48.26
CA PHE D 499 -1.17 -50.07 48.21
C PHE D 499 -1.49 -51.55 48.08
N LYS D 500 -0.69 -52.29 47.31
CA LYS D 500 -0.94 -53.71 47.11
C LYS D 500 -0.82 -54.48 48.42
N ALA D 501 0.25 -54.23 49.18
CA ALA D 501 0.51 -54.95 50.41
C ALA D 501 -0.12 -54.30 51.64
N ARG D 502 -0.74 -53.12 51.48
CA ARG D 502 -1.44 -52.39 52.54
C ARG D 502 -0.51 -52.07 53.71
N LYS D 503 0.67 -51.54 53.40
CA LYS D 503 1.65 -51.26 54.45
C LYS D 503 2.58 -50.16 53.95
N PRO D 504 3.30 -49.49 54.85
CA PRO D 504 4.24 -48.46 54.40
C PRO D 504 5.43 -49.12 53.73
N LYS D 505 6.15 -48.30 52.98
CA LYS D 505 7.44 -48.69 52.44
C LYS D 505 8.62 -48.21 53.29
N GLY D 506 8.41 -47.25 54.19
CA GLY D 506 9.56 -46.60 54.82
C GLY D 506 10.45 -45.92 53.81
N PHE D 507 9.88 -45.39 52.73
CA PHE D 507 10.68 -44.84 51.65
C PHE D 507 11.49 -43.63 52.14
N GLY D 508 12.77 -43.60 51.79
CA GLY D 508 13.62 -42.46 52.03
C GLY D 508 14.67 -42.63 53.10
N VAL D 509 14.50 -43.59 54.02
CA VAL D 509 15.50 -43.77 55.07
C VAL D 509 16.85 -44.06 54.43
N ARG D 510 16.88 -44.99 53.48
CA ARG D 510 18.13 -45.42 52.91
C ARG D 510 18.72 -44.37 51.97
N LEU D 511 17.85 -43.72 51.20
CA LEU D 511 18.26 -42.60 50.36
C LEU D 511 18.99 -41.52 51.17
N LEU D 512 18.38 -41.07 52.27
CA LEU D 512 18.96 -39.98 53.04
C LEU D 512 20.25 -40.43 53.73
N THR D 513 20.30 -41.66 54.23
CA THR D 513 21.51 -42.13 54.89
C THR D 513 22.67 -42.25 53.90
N GLU D 514 22.41 -42.80 52.71
CA GLU D 514 23.45 -42.84 51.70
C GLU D 514 23.94 -41.44 51.34
N PHE D 515 23.02 -40.48 51.28
CA PHE D 515 23.41 -39.09 51.03
C PHE D 515 24.36 -38.59 52.10
N VAL D 516 24.01 -38.81 53.37
CA VAL D 516 24.83 -38.38 54.50
C VAL D 516 26.15 -39.14 54.54
N LEU D 517 26.11 -40.46 54.31
CA LEU D 517 27.31 -41.29 54.42
C LEU D 517 28.29 -41.05 53.29
N ASN D 518 27.81 -40.94 52.06
CA ASN D 518 28.73 -40.88 50.93
C ASN D 518 28.75 -39.50 50.27
N ALA D 520 27.24 -36.38 50.04
CA ALA D 520 27.46 -35.14 50.78
C ALA D 520 28.93 -34.77 50.92
N LEU D 521 29.73 -35.70 51.46
CA LEU D 521 31.13 -35.44 51.78
C LEU D 521 32.01 -36.54 51.18
N HIS D 522 32.84 -36.17 50.20
CA HIS D 522 33.80 -37.10 49.63
C HIS D 522 34.95 -37.35 50.62
N HIS D 523 35.48 -38.58 50.59
CA HIS D 523 36.35 -39.05 51.67
C HIS D 523 37.72 -39.55 51.25
N HIS D 524 38.00 -39.72 49.96
CA HIS D 524 39.26 -40.33 49.48
C HIS D 524 39.48 -41.71 50.08
N ALA E 1 -16.14 -2.22 73.09
CA ALA E 1 -15.04 -3.12 72.75
C ALA E 1 -14.99 -4.36 73.66
N SER E 2 -14.98 -5.52 73.03
CA SER E 2 -14.75 -6.80 73.69
C SER E 2 -13.42 -7.38 73.25
N GLU E 3 -12.86 -8.26 74.09
CA GLU E 3 -11.57 -8.87 73.75
C GLU E 3 -11.80 -9.97 72.73
N VAL E 4 -10.99 -9.98 71.69
CA VAL E 4 -11.06 -11.00 70.64
C VAL E 4 -10.38 -12.26 71.17
N PRO E 5 -11.05 -13.41 71.27
CA PRO E 5 -10.36 -14.63 71.69
C PRO E 5 -9.34 -15.08 70.65
N GLN E 6 -8.28 -15.72 71.14
CA GLN E 6 -7.20 -16.23 70.30
C GLN E 6 -7.00 -17.71 70.57
N VAL E 7 -6.58 -18.43 69.54
CA VAL E 7 -6.12 -19.80 69.75
C VAL E 7 -4.65 -19.81 70.12
N VAL E 8 -3.85 -19.06 69.35
CA VAL E 8 -2.43 -18.87 69.65
C VAL E 8 -2.17 -17.36 69.70
N SER E 9 -1.04 -17.00 70.29
CA SER E 9 -0.73 -15.60 70.52
C SER E 9 -0.50 -14.83 69.21
N LEU E 10 -0.27 -15.53 68.10
CA LEU E 10 -0.11 -14.89 66.80
C LEU E 10 -1.46 -14.59 66.11
N ASP E 11 -2.59 -15.02 66.66
CA ASP E 11 -3.87 -14.68 66.02
C ASP E 11 -4.16 -13.20 66.16
N PRO E 12 -4.56 -12.51 65.09
CA PRO E 12 -4.82 -11.07 65.17
C PRO E 12 -6.02 -10.78 66.05
N THR E 13 -5.99 -9.62 66.70
CA THR E 13 -7.07 -9.19 67.59
C THR E 13 -7.78 -7.93 67.11
N SER E 14 -7.51 -7.46 65.89
CA SER E 14 -8.27 -6.36 65.32
C SER E 14 -8.15 -6.39 63.80
N ILE E 15 -9.09 -5.73 63.15
CA ILE E 15 -9.03 -5.51 61.70
C ILE E 15 -8.21 -4.25 61.46
N PRO E 16 -7.12 -4.31 60.69
CA PRO E 16 -6.46 -3.06 60.30
C PRO E 16 -7.38 -2.28 59.37
N ILE E 17 -7.54 -0.99 59.64
CA ILE E 17 -8.40 -0.09 58.87
C ILE E 17 -7.56 1.12 58.49
N GLU E 18 -7.53 1.46 57.21
CA GLU E 18 -6.95 2.71 56.75
C GLU E 18 -8.07 3.73 56.56
N TYR E 19 -8.02 4.82 57.32
CA TYR E 19 -8.97 5.93 57.19
C TYR E 19 -8.45 7.05 56.29
N ASN E 20 -7.21 7.48 56.49
CA ASN E 20 -6.61 8.54 55.67
C ASN E 20 -5.88 7.90 54.50
N THR E 21 -6.47 7.96 53.31
CA THR E 21 -5.91 7.30 52.14
C THR E 21 -5.26 8.32 51.22
N PRO E 22 -4.38 7.89 50.32
CA PRO E 22 -3.79 8.85 49.37
C PRO E 22 -4.83 9.55 48.51
N ILE E 23 -5.99 8.92 48.28
CA ILE E 23 -7.04 9.58 47.52
C ILE E 23 -7.45 10.88 48.20
N HIS E 24 -7.45 10.89 49.53
CA HIS E 24 -7.87 12.09 50.24
C HIS E 24 -6.93 13.26 50.06
N ASP E 25 -5.69 13.03 49.63
CA ASP E 25 -4.74 14.11 49.39
C ASP E 25 -4.79 14.65 47.97
N ILE E 26 -5.61 14.08 47.08
CA ILE E 26 -5.66 14.57 45.70
C ILE E 26 -6.51 15.84 45.67
N LYS E 27 -5.92 16.92 45.15
CA LYS E 27 -6.64 18.17 44.90
C LYS E 27 -7.35 18.10 43.55
N VAL E 28 -8.65 18.31 43.53
CA VAL E 28 -9.44 18.19 42.30
C VAL E 28 -9.90 19.57 41.86
N GLN E 29 -9.69 19.89 40.58
CA GLN E 29 -10.16 21.15 40.00
C GLN E 29 -10.96 20.82 38.73
N VAL E 30 -12.13 21.43 38.57
CA VAL E 30 -12.96 21.22 37.39
C VAL E 30 -13.01 22.53 36.61
N TYR E 31 -12.69 22.47 35.32
CA TYR E 31 -12.66 23.62 34.44
C TYR E 31 -13.61 23.39 33.26
N ASP E 32 -14.15 24.47 32.73
CA ASP E 32 -14.98 24.38 31.53
C ASP E 32 -14.10 24.27 30.29
N ILE E 33 -14.51 23.42 29.34
CA ILE E 33 -13.69 23.23 28.15
C ILE E 33 -13.65 24.51 27.31
N LYS E 34 -14.65 25.35 27.43
CA LYS E 34 -14.68 26.60 26.70
C LYS E 34 -13.55 27.50 27.21
N GLY E 35 -12.78 28.04 26.29
CA GLY E 35 -11.57 28.75 26.64
C GLY E 35 -10.31 27.93 26.41
N GLY E 36 -10.44 26.67 26.01
CA GLY E 36 -9.31 25.80 25.70
C GLY E 36 -8.73 25.09 26.92
N CYS E 37 -7.99 24.02 26.63
CA CYS E 37 -7.40 23.13 27.62
C CYS E 37 -5.90 23.46 27.72
N ASN E 38 -5.41 23.66 28.93
CA ASN E 38 -3.99 23.85 29.18
C ASN E 38 -3.31 22.51 29.45
N VAL E 39 -2.19 22.27 28.79
CA VAL E 39 -1.45 21.01 28.90
C VAL E 39 -0.04 21.35 29.37
N GLU E 40 0.15 21.45 30.68
CA GLU E 40 1.40 21.92 31.27
C GLU E 40 2.23 20.84 31.94
N GLU E 41 1.62 19.90 32.67
CA GLU E 41 2.37 18.89 33.41
C GLU E 41 1.64 17.54 33.39
N GLY E 42 2.37 16.48 33.73
CA GLY E 42 1.68 15.24 34.03
C GLY E 42 1.10 14.54 32.81
N LEU E 43 -0.05 13.88 33.01
CA LEU E 43 -0.76 13.13 31.99
C LEU E 43 -2.11 13.77 31.74
N THR E 44 -2.44 13.99 30.47
CA THR E 44 -3.74 14.52 30.02
C THR E 44 -4.37 13.48 29.12
N ILE E 45 -5.58 13.04 29.45
CA ILE E 45 -6.29 11.97 28.71
C ILE E 45 -7.62 12.53 28.20
N PHE E 46 -7.88 12.38 26.91
CA PHE E 46 -9.16 12.76 26.31
C PHE E 46 -10.06 11.54 26.26
N LEU E 47 -11.30 11.70 26.74
CA LEU E 47 -12.30 10.64 26.61
C LEU E 47 -13.08 10.90 25.34
N VAL E 48 -12.96 10.00 24.36
CA VAL E 48 -13.39 10.26 23.00
C VAL E 48 -14.24 9.08 22.52
N ASN E 49 -15.34 9.38 21.84
CA ASN E 49 -16.10 8.33 21.17
C ASN E 49 -16.19 8.63 19.68
N ASN E 50 -16.87 7.76 18.94
CA ASN E 50 -17.15 8.01 17.53
C ASN E 50 -18.51 7.39 17.20
N PRO E 51 -19.59 8.14 17.37
CA PRO E 51 -20.92 7.55 17.21
C PRO E 51 -21.13 7.05 15.78
N GLY E 52 -21.85 5.95 15.67
CA GLY E 52 -22.07 5.34 14.35
C GLY E 52 -20.92 4.56 13.72
N LYS E 53 -19.72 5.16 13.65
CA LYS E 53 -18.58 4.44 13.08
C LYS E 53 -17.99 3.57 14.18
N GLU E 54 -18.38 2.30 14.20
CA GLU E 54 -17.88 1.38 15.21
C GLU E 54 -16.38 1.18 15.03
N ASN E 55 -15.66 1.22 16.16
CA ASN E 55 -14.21 1.22 16.14
C ASN E 55 -13.64 2.27 15.18
N GLY E 56 -14.32 3.42 15.11
CA GLY E 56 -13.90 4.50 14.24
C GLY E 56 -12.70 5.23 14.81
N PRO E 57 -12.17 6.16 14.03
CA PRO E 57 -10.94 6.84 14.43
C PRO E 57 -11.17 7.84 15.56
N VAL E 58 -10.09 8.09 16.28
CA VAL E 58 -10.05 9.14 17.30
C VAL E 58 -9.98 10.49 16.62
N LYS E 59 -10.83 11.42 17.04
CA LYS E 59 -10.79 12.80 16.61
C LYS E 59 -11.02 13.67 17.83
N ILE E 60 -10.10 14.60 18.07
CA ILE E 60 -10.13 15.47 19.25
C ILE E 60 -10.84 16.77 18.90
N SER E 61 -11.86 17.12 19.69
CA SER E 61 -12.60 18.35 19.39
C SER E 61 -12.10 19.56 20.16
N SER E 62 -11.55 19.37 21.37
CA SER E 62 -11.24 20.53 22.21
C SER E 62 -10.03 21.30 21.68
N LYS E 63 -10.10 22.61 21.81
CA LYS E 63 -8.91 23.43 21.61
C LYS E 63 -7.94 23.19 22.76
N VAL E 64 -6.65 23.07 22.45
CA VAL E 64 -5.61 22.90 23.45
C VAL E 64 -4.67 24.10 23.34
N ASN E 65 -4.39 24.75 24.47
CA ASN E 65 -3.64 26.00 24.46
C ASN E 65 -2.13 25.73 24.48
N ASP E 66 -1.68 24.80 23.65
CA ASP E 66 -0.26 24.46 23.53
C ASP E 66 -0.04 24.07 22.08
N LYS E 67 0.90 24.75 21.43
CA LYS E 67 1.07 24.50 20.00
C LYS E 67 1.68 23.14 19.73
N GLN E 68 2.62 22.67 20.57
CA GLN E 68 3.23 21.35 20.34
C GLN E 68 2.20 20.25 20.54
N VAL E 69 1.42 20.31 21.62
CA VAL E 69 0.43 19.28 21.86
C VAL E 69 -0.70 19.36 20.82
N SER E 70 -1.07 20.57 20.39
CA SER E 70 -2.08 20.70 19.33
C SER E 70 -1.63 19.97 18.07
N GLU E 71 -0.34 20.04 17.74
CA GLU E 71 0.14 19.32 16.54
C GLU E 71 0.00 17.81 16.71
N PHE E 72 0.37 17.30 17.90
CA PHE E 72 0.18 15.89 18.21
C PHE E 72 -1.28 15.48 18.04
N LEU E 73 -2.21 16.34 18.47
CA LEU E 73 -3.62 16.02 18.50
C LEU E 73 -4.32 16.30 17.18
N LYS E 74 -3.58 16.63 16.13
CA LYS E 74 -4.19 16.90 14.84
C LYS E 74 -4.88 15.66 14.30
N ASP E 75 -5.92 15.87 13.49
CA ASP E 75 -6.73 14.75 13.00
C ASP E 75 -5.89 13.69 12.29
N GLU E 76 -4.89 14.12 11.51
CA GLU E 76 -4.07 13.16 10.75
C GLU E 76 -3.28 12.23 11.65
N ASN E 77 -2.86 12.71 12.81
CA ASN E 77 -2.17 11.80 13.74
CA ASN E 77 -2.17 11.80 13.74
C ASN E 77 -3.17 10.96 14.53
N MET E 78 -4.28 11.54 14.97
CA MET E 78 -5.14 10.78 15.88
C MET E 78 -5.93 9.70 15.15
N GLU E 79 -6.13 9.82 13.85
CA GLU E 79 -6.88 8.80 13.12
C GLU E 79 -6.14 7.47 13.02
N LYS E 80 -4.85 7.43 13.36
CA LYS E 80 -4.15 6.14 13.49
C LYS E 80 -4.64 5.34 14.69
N PHE E 81 -5.42 5.95 15.58
CA PHE E 81 -5.96 5.32 16.77
C PHE E 81 -7.47 5.18 16.60
N ASN E 82 -8.07 4.22 17.31
CA ASN E 82 -9.50 3.99 17.22
C ASN E 82 -10.16 4.01 18.60
N VAL E 83 -11.48 4.16 18.62
CA VAL E 83 -12.23 4.45 19.85
C VAL E 83 -12.83 3.20 20.49
N LYS E 84 -12.42 2.00 20.05
CA LYS E 84 -12.96 0.78 20.65
C LYS E 84 -12.89 0.88 22.15
N LEU E 85 -14.02 0.61 22.81
CA LEU E 85 -14.19 0.89 24.24
C LEU E 85 -13.08 0.28 25.07
N GLY E 86 -12.42 1.12 25.87
CA GLY E 86 -11.32 0.70 26.72
C GLY E 86 -9.95 0.78 26.08
N THR E 87 -9.88 0.94 24.75
CA THR E 87 -8.58 1.06 24.10
C THR E 87 -7.95 2.40 24.45
N SER E 88 -6.63 2.41 24.62
CA SER E 88 -5.97 3.65 25.00
C SER E 88 -4.56 3.70 24.44
N LYS E 89 -4.07 4.92 24.24
CA LYS E 89 -2.68 5.21 23.94
C LYS E 89 -2.30 6.49 24.68
N HIS E 90 -1.03 6.59 25.10
CA HIS E 90 -0.53 7.85 25.63
C HIS E 90 0.95 7.93 25.26
N PHE E 91 1.42 9.15 24.98
CA PHE E 91 2.76 9.43 24.51
C PHE E 91 3.38 10.52 25.38
N TYR E 92 4.70 10.44 25.59
CA TYR E 92 5.43 11.51 26.26
C TYR E 92 6.04 12.41 25.20
N MET E 93 6.06 13.71 25.49
CA MET E 93 6.49 14.72 24.51
C MET E 93 6.81 16.00 25.26
N PHE E 94 7.47 16.92 24.58
CA PHE E 94 7.77 18.22 25.15
C PHE E 94 6.71 19.21 24.68
N ASN E 95 6.18 19.99 25.61
CA ASN E 95 5.16 20.98 25.31
C ASN E 95 5.87 22.28 24.91
N ASP E 96 5.12 23.39 24.78
CA ASP E 96 5.72 24.65 24.33
C ASP E 96 6.80 25.15 25.29
N ASN E 97 6.74 24.76 26.56
CA ASN E 97 7.74 25.20 27.53
C ASN E 97 8.88 24.22 27.66
N LYS E 98 8.95 23.24 26.75
CA LYS E 98 9.96 22.18 26.82
C LYS E 98 9.82 21.40 28.11
N ASN E 99 8.60 21.29 28.62
CA ASN E 99 8.35 20.44 29.77
C ASN E 99 7.81 19.12 29.27
N SER E 100 8.29 18.03 29.88
CA SER E 100 7.81 16.71 29.47
C SER E 100 6.38 16.53 29.99
N VAL E 101 5.46 16.25 29.09
CA VAL E 101 4.06 15.98 29.42
C VAL E 101 3.68 14.72 28.66
N ALA E 102 2.69 14.02 29.18
CA ALA E 102 2.16 12.84 28.53
C ALA E 102 0.72 13.12 28.13
N VAL E 103 0.36 12.73 26.90
CA VAL E 103 -0.94 13.03 26.33
C VAL E 103 -1.48 11.77 25.69
N GLY E 104 -2.77 11.54 25.83
CA GLY E 104 -3.35 10.34 25.25
C GLY E 104 -4.86 10.37 25.29
N TYR E 105 -5.45 9.18 25.11
CA TYR E 105 -6.90 9.08 25.06
C TYR E 105 -7.33 7.71 25.58
N VAL E 106 -8.61 7.63 25.95
CA VAL E 106 -9.29 6.37 26.20
C VAL E 106 -10.51 6.32 25.29
N GLY E 107 -10.64 5.22 24.55
CA GLY E 107 -11.77 5.06 23.65
C GLY E 107 -13.04 4.79 24.42
N CYS E 108 -14.12 5.46 24.04
CA CYS E 108 -15.43 5.29 24.67
C CYS E 108 -16.45 4.69 23.72
N GLY E 109 -16.00 4.05 22.64
CA GLY E 109 -16.91 3.29 21.82
C GLY E 109 -17.72 4.17 20.87
N SER E 110 -18.89 3.66 20.49
CA SER E 110 -19.70 4.34 19.49
C SER E 110 -21.13 4.64 19.95
N VAL E 111 -21.45 4.46 21.23
CA VAL E 111 -22.78 4.80 21.73
C VAL E 111 -22.64 6.08 22.55
N ALA E 112 -23.55 7.03 22.33
CA ALA E 112 -23.41 8.36 22.93
C ALA E 112 -23.51 8.34 24.45
N ASP E 113 -24.36 7.50 25.00
CA ASP E 113 -24.60 7.47 26.45
C ASP E 113 -23.99 6.21 27.04
N LEU E 114 -22.98 6.39 27.89
CA LEU E 114 -22.31 5.25 28.46
C LEU E 114 -23.09 4.70 29.63
N SER E 115 -23.19 3.38 29.71
CA SER E 115 -23.73 2.73 30.88
C SER E 115 -22.70 2.76 31.99
N GLU E 116 -23.12 2.40 33.21
CA GLU E 116 -22.15 2.26 34.31
C GLU E 116 -21.07 1.24 33.98
N ALA E 117 -21.44 0.15 33.30
CA ALA E 117 -20.44 -0.84 32.93
C ALA E 117 -19.42 -0.28 31.94
N ASP E 118 -19.88 0.47 30.94
CA ASP E 118 -18.96 1.10 30.00
C ASP E 118 -18.03 2.08 30.71
N MET E 119 -18.58 2.88 31.62
CA MET E 119 -17.73 3.84 32.32
C MET E 119 -16.71 3.13 33.21
N LYS E 120 -17.06 1.98 33.82
CA LYS E 120 -16.06 1.24 34.58
C LYS E 120 -14.92 0.80 33.68
N ARG E 121 -15.25 0.34 32.47
CA ARG E 121 -14.21 -0.08 31.55
C ARG E 121 -13.30 1.09 31.18
N VAL E 122 -13.90 2.26 30.96
CA VAL E 122 -13.12 3.47 30.68
C VAL E 122 -12.19 3.79 31.85
N VAL E 123 -12.73 3.75 33.07
CA VAL E 123 -11.93 4.06 34.26
C VAL E 123 -10.80 3.05 34.43
N LEU E 124 -11.08 1.76 34.16
CA LEU E 124 -10.03 0.76 34.33
C LEU E 124 -8.84 1.01 33.41
N SER E 125 -9.11 1.43 32.17
CA SER E 125 -8.02 1.74 31.27
C SER E 125 -7.25 2.96 31.76
N LEU E 126 -7.95 3.95 32.31
CA LEU E 126 -7.32 5.12 32.92
C LEU E 126 -6.43 4.73 34.10
N VAL E 127 -6.92 3.86 34.99
CA VAL E 127 -6.14 3.48 36.16
C VAL E 127 -4.91 2.69 35.77
N THR E 128 -4.99 1.90 34.69
CA THR E 128 -3.82 1.16 34.21
C THR E 128 -2.69 2.11 33.84
N MET E 129 -3.00 3.24 33.22
CA MET E 129 -1.97 4.23 32.95
C MET E 129 -1.48 4.90 34.23
N LEU E 130 -2.36 5.08 35.21
CA LEU E 130 -1.90 5.72 36.44
C LEU E 130 -0.99 4.79 37.23
N HIS E 131 -1.23 3.50 37.16
CA HIS E 131 -0.42 2.54 37.88
C HIS E 131 0.92 2.30 37.21
N ASP E 132 1.05 2.64 35.92
CA ASP E 132 2.31 2.44 35.21
C ASP E 132 3.08 3.72 34.92
N ASN E 133 2.71 4.85 35.49
CA ASN E 133 3.43 6.09 35.24
C ASN E 133 3.61 6.84 36.56
N LYS E 134 4.85 7.27 36.84
CA LYS E 134 5.11 8.18 37.96
C LYS E 134 4.61 9.57 37.56
N LEU E 135 3.50 10.01 38.14
CA LEU E 135 2.86 11.25 37.76
C LEU E 135 2.49 12.08 38.97
N SER E 136 2.63 13.40 38.84
CA SER E 136 2.14 14.29 39.87
C SER E 136 0.70 14.74 39.62
N LYS E 137 0.25 14.71 38.37
CA LYS E 137 -1.07 15.22 38.02
C LYS E 137 -1.68 14.39 36.90
N LEU E 138 -2.99 14.19 36.98
CA LEU E 138 -3.79 13.66 35.89
C LEU E 138 -4.81 14.71 35.50
N THR E 139 -5.00 14.91 34.20
CA THR E 139 -6.06 15.76 33.67
C THR E 139 -6.91 14.94 32.72
N VAL E 140 -8.24 14.96 32.90
CA VAL E 140 -9.16 14.20 32.07
C VAL E 140 -10.05 15.19 31.33
N VAL E 141 -10.11 15.06 30.01
CA VAL E 141 -10.91 15.95 29.17
C VAL E 141 -12.11 15.16 28.65
N PHE E 142 -13.30 15.57 29.05
CA PHE E 142 -14.54 14.89 28.65
C PHE E 142 -15.00 15.40 27.30
N GLU E 143 -14.84 14.60 26.25
CA GLU E 143 -15.49 14.86 24.96
C GLU E 143 -16.64 13.89 24.71
N ILE E 144 -17.25 13.41 25.78
CA ILE E 144 -18.40 12.52 25.81
C ILE E 144 -19.39 13.17 26.76
N ASN E 145 -20.63 12.74 26.70
CA ASN E 145 -21.69 13.33 27.53
C ASN E 145 -21.96 12.48 28.76
N VAL E 146 -21.89 13.10 29.93
CA VAL E 146 -22.21 12.41 31.17
C VAL E 146 -23.12 13.33 31.96
N ASP E 147 -24.14 12.74 32.60
CA ASP E 147 -24.93 13.56 33.49
C ASP E 147 -24.23 13.67 34.84
N LYS E 148 -24.81 14.44 35.77
CA LYS E 148 -24.16 14.70 37.04
C LYS E 148 -23.90 13.41 37.82
N ASN E 149 -24.89 12.50 37.84
CA ASN E 149 -24.71 11.24 38.55
C ASN E 149 -23.62 10.39 37.90
N LEU E 150 -23.55 10.34 36.57
CA LEU E 150 -22.51 9.53 35.95
C LEU E 150 -21.14 10.17 36.10
N PHE E 151 -21.08 11.51 36.13
CA PHE E 151 -19.80 12.15 36.43
C PHE E 151 -19.31 11.79 37.81
N ARG E 152 -20.20 11.82 38.81
CA ARG E 152 -19.81 11.43 40.17
C ARG E 152 -19.36 9.98 40.21
N PHE E 153 -20.09 9.11 39.52
CA PHE E 153 -19.73 7.70 39.43
C PHE E 153 -18.35 7.53 38.81
N PHE E 154 -18.05 8.31 37.77
CA PHE E 154 -16.72 8.30 37.19
C PHE E 154 -15.64 8.57 38.25
N LEU E 155 -15.84 9.61 39.06
CA LEU E 155 -14.87 9.98 40.08
C LEU E 155 -14.77 8.93 41.17
N GLU E 156 -15.92 8.47 41.69
CA GLU E 156 -15.94 7.42 42.71
C GLU E 156 -15.19 6.18 42.22
N THR E 157 -15.48 5.77 40.98
CA THR E 157 -14.86 4.56 40.44
C THR E 157 -13.37 4.77 40.21
N LEU E 158 -12.99 5.95 39.70
CA LEU E 158 -11.57 6.27 39.56
C LEU E 158 -10.84 6.16 40.91
N PHE E 159 -11.37 6.83 41.94
CA PHE E 159 -10.76 6.79 43.27
C PHE E 159 -10.66 5.36 43.79
N TYR E 160 -11.75 4.60 43.68
CA TYR E 160 -11.81 3.26 44.26
C TYR E 160 -10.85 2.31 43.57
N GLU E 161 -10.84 2.30 42.24
CA GLU E 161 -9.98 1.38 41.50
C GLU E 161 -8.51 1.77 41.60
N TYR E 162 -8.23 3.07 41.76
CA TYR E 162 -6.86 3.57 41.88
C TYR E 162 -6.25 3.18 43.22
N MET E 163 -7.04 3.24 44.28
CA MET E 163 -6.58 2.87 45.62
C MET E 163 -6.21 1.39 45.69
N THR E 164 -5.04 1.12 46.27
CA THR E 164 -4.53 -0.24 46.39
C THR E 164 -4.43 -0.60 47.86
N ASP E 165 -5.04 -1.71 48.23
CA ASP E 165 -5.13 -2.16 49.61
C ASP E 165 -3.89 -2.98 49.95
N GLU E 166 -3.00 -2.41 50.76
CA GLU E 166 -1.74 -3.03 51.13
C GLU E 166 -1.64 -3.36 52.62
N ARG E 167 -2.78 -3.45 53.31
CA ARG E 167 -2.75 -3.72 54.75
C ARG E 167 -2.13 -5.07 55.08
N PHE E 168 -2.19 -6.04 54.18
CA PHE E 168 -1.70 -7.38 54.50
C PHE E 168 -0.40 -7.73 53.80
N LYS E 169 0.24 -6.76 53.15
CA LYS E 169 1.58 -6.87 52.59
C LYS E 169 2.60 -6.55 53.68
N SER E 170 3.77 -7.18 53.58
CA SER E 170 4.89 -6.94 54.51
C SER E 170 6.09 -6.28 53.84
N GLU E 178 3.92 6.05 44.35
CA GLU E 178 3.44 7.39 44.62
C GLU E 178 2.20 7.75 43.76
N TYR E 179 1.20 8.28 44.45
CA TYR E 179 -0.07 8.70 43.88
C TYR E 179 0.01 10.13 43.35
N ILE E 180 -0.79 10.42 42.31
CA ILE E 180 -0.93 11.80 41.87
C ILE E 180 -1.40 12.64 43.04
N LYS E 181 -1.03 13.92 43.00
CA LYS E 181 -1.43 14.92 43.97
C LYS E 181 -2.49 15.86 43.44
N HIS E 182 -2.75 15.83 42.14
CA HIS E 182 -3.67 16.74 41.47
C HIS E 182 -4.45 15.99 40.42
N LEU E 183 -5.76 16.29 40.36
CA LEU E 183 -6.67 15.81 39.32
C LEU E 183 -7.35 17.03 38.71
N GLY E 184 -7.19 17.20 37.40
CA GLY E 184 -7.89 18.23 36.65
C GLY E 184 -8.95 17.59 35.77
N VAL E 185 -10.10 18.27 35.63
CA VAL E 185 -11.18 17.79 34.78
C VAL E 185 -11.65 18.94 33.90
N TYR E 186 -11.64 18.74 32.58
CA TYR E 186 -12.25 19.69 31.66
C TYR E 186 -13.54 19.07 31.13
N ILE E 187 -14.65 19.79 31.27
CA ILE E 187 -15.95 19.30 30.87
C ILE E 187 -16.82 20.51 30.51
N ASN E 188 -17.68 20.34 29.50
CA ASN E 188 -18.61 21.42 29.17
C ASN E 188 -19.61 21.62 30.30
N ASN E 189 -19.94 22.89 30.57
CA ASN E 189 -20.88 23.25 31.63
C ASN E 189 -20.34 22.82 33.01
N ALA E 190 -19.06 23.14 33.24
CA ALA E 190 -18.31 22.63 34.38
C ALA E 190 -18.93 23.01 35.73
N ASP E 191 -19.52 24.19 35.83
CA ASP E 191 -20.03 24.66 37.13
C ASP E 191 -21.07 23.70 37.71
N THR E 192 -21.87 23.05 36.86
CA THR E 192 -22.89 22.15 37.38
C THR E 192 -22.29 20.86 37.94
N TYR E 193 -21.06 20.52 37.58
CA TYR E 193 -20.46 19.28 38.07
C TYR E 193 -19.65 19.45 39.35
N LYS E 194 -19.36 20.69 39.76
CA LYS E 194 -18.40 20.91 40.84
C LYS E 194 -18.85 20.33 42.17
N GLU E 195 -20.17 20.39 42.46
CA GLU E 195 -20.66 19.87 43.74
C GLU E 195 -20.57 18.35 43.85
N GLU E 196 -20.38 17.63 42.73
CA GLU E 196 -20.24 16.19 42.78
C GLU E 196 -18.88 15.76 43.31
N VAL E 197 -17.88 16.63 43.31
CA VAL E 197 -16.52 16.17 43.61
C VAL E 197 -16.42 15.70 45.05
N GLU E 198 -16.82 16.54 46.02
CA GLU E 198 -16.62 16.09 47.40
C GLU E 198 -17.66 15.04 47.80
N LYS E 199 -18.80 14.99 47.11
CA LYS E 199 -19.70 13.86 47.30
C LYS E 199 -19.05 12.57 46.83
N ALA E 200 -18.39 12.62 45.67
CA ALA E 200 -17.70 11.44 45.15
C ALA E 200 -16.64 10.95 46.13
N ARG E 201 -15.90 11.87 46.76
CA ARG E 201 -14.85 11.47 47.69
C ARG E 201 -15.45 10.78 48.93
N VAL E 202 -16.61 11.26 49.41
CA VAL E 202 -17.26 10.59 50.53
C VAL E 202 -17.74 9.19 50.13
N TYR E 203 -18.40 9.08 48.96
CA TYR E 203 -18.89 7.79 48.48
C TYR E 203 -17.74 6.81 48.21
N TYR E 204 -16.63 7.31 47.67
CA TYR E 204 -15.44 6.48 47.51
C TYR E 204 -15.03 5.86 48.85
N PHE E 205 -14.92 6.65 49.91
CA PHE E 205 -14.38 6.05 51.14
C PHE E 205 -15.37 5.08 51.78
N GLY E 206 -16.65 5.39 51.72
CA GLY E 206 -17.62 4.44 52.24
C GLY E 206 -17.53 3.12 51.50
N THR E 207 -17.34 3.17 50.18
CA THR E 207 -17.20 1.96 49.39
C THR E 207 -15.88 1.28 49.69
N TYR E 208 -14.81 2.06 49.81
CA TYR E 208 -13.50 1.47 50.10
C TYR E 208 -13.45 0.94 51.53
N TYR E 209 -14.10 1.61 52.47
CA TYR E 209 -14.20 1.10 53.84
C TYR E 209 -14.89 -0.27 53.86
N ALA E 210 -16.03 -0.38 53.17
CA ALA E 210 -16.69 -1.69 53.05
C ALA E 210 -15.76 -2.71 52.43
N SER E 211 -15.04 -2.31 51.39
CA SER E 211 -14.08 -3.20 50.73
C SER E 211 -13.03 -3.69 51.72
N GLN E 212 -12.54 -2.80 52.60
CA GLN E 212 -11.54 -3.21 53.58
C GLN E 212 -12.08 -4.27 54.53
N LEU E 213 -13.32 -4.10 55.00
CA LEU E 213 -13.90 -5.09 55.90
C LEU E 213 -14.10 -6.43 55.18
N ILE E 214 -14.57 -6.38 53.95
CA ILE E 214 -14.84 -7.61 53.20
C ILE E 214 -13.54 -8.35 52.91
N ALA E 215 -12.54 -7.63 52.40
CA ALA E 215 -11.28 -8.28 51.99
C ALA E 215 -10.51 -8.80 53.18
N ALA E 216 -10.68 -8.18 54.35
CA ALA E 216 -10.02 -8.65 55.56
C ALA E 216 -10.41 -10.10 55.81
N PRO E 217 -9.44 -11.01 55.93
CA PRO E 217 -9.76 -12.44 56.12
C PRO E 217 -10.44 -12.71 57.45
N SER E 218 -11.05 -13.90 57.52
CA SER E 218 -11.88 -14.27 58.66
C SER E 218 -11.09 -14.48 59.94
N ASN E 219 -9.77 -14.69 59.86
CA ASN E 219 -9.03 -14.68 61.11
C ASN E 219 -8.89 -13.25 61.65
N TYR E 220 -8.82 -12.24 60.76
CA TYR E 220 -8.78 -10.85 61.21
C TYR E 220 -10.16 -10.32 61.52
N CYS E 221 -11.10 -10.58 60.61
CA CYS E 221 -12.46 -10.04 60.67
C CYS E 221 -13.38 -11.16 61.15
N ASN E 222 -13.65 -11.17 62.44
CA ASN E 222 -14.51 -12.18 63.04
C ASN E 222 -15.63 -11.41 63.76
N PRO E 223 -16.62 -12.07 64.36
CA PRO E 223 -17.72 -11.31 64.96
C PRO E 223 -17.28 -10.31 66.01
N VAL E 224 -16.23 -10.61 66.79
CA VAL E 224 -15.80 -9.68 67.82
C VAL E 224 -15.07 -8.50 67.21
N SER E 225 -14.12 -8.76 66.29
CA SER E 225 -13.36 -7.66 65.72
C SER E 225 -14.18 -6.79 64.77
N LEU E 226 -15.18 -7.37 64.09
CA LEU E 226 -16.03 -6.57 63.20
C LEU E 226 -16.95 -5.64 64.00
N SER E 227 -17.53 -6.14 65.08
CA SER E 227 -18.35 -5.26 65.90
C SER E 227 -17.49 -4.22 66.62
N ASN E 228 -16.26 -4.58 67.01
CA ASN E 228 -15.33 -3.57 67.54
C ASN E 228 -15.04 -2.48 66.51
N ALA E 229 -14.82 -2.85 65.25
CA ALA E 229 -14.59 -1.85 64.22
C ALA E 229 -15.82 -0.95 64.03
N ALA E 230 -17.02 -1.53 64.14
CA ALA E 230 -18.24 -0.72 64.02
C ALA E 230 -18.35 0.29 65.15
N VAL E 231 -17.93 -0.08 66.37
CA VAL E 231 -17.95 0.88 67.49
C VAL E 231 -17.01 2.03 67.20
N GLU E 232 -15.80 1.71 66.74
CA GLU E 232 -14.81 2.74 66.43
C GLU E 232 -15.33 3.70 65.37
N LEU E 233 -15.99 3.18 64.33
CA LEU E 233 -16.59 4.04 63.30
C LEU E 233 -17.64 4.96 63.91
N ALA E 234 -18.52 4.41 64.76
CA ALA E 234 -19.58 5.21 65.36
C ALA E 234 -18.99 6.32 66.22
N GLN E 235 -17.94 6.00 66.99
CA GLN E 235 -17.29 7.02 67.80
C GLN E 235 -16.68 8.12 66.94
N LYS E 236 -16.09 7.75 65.80
CA LYS E 236 -15.50 8.76 64.93
C LYS E 236 -16.58 9.63 64.27
N LEU E 237 -17.77 9.09 64.07
CA LEU E 237 -18.83 9.83 63.39
C LEU E 237 -19.84 10.45 64.35
N ASN E 238 -19.67 10.25 65.66
CA ASN E 238 -20.61 10.72 66.68
C ASN E 238 -22.00 10.10 66.50
N LEU E 239 -22.04 8.84 66.07
CA LEU E 239 -23.26 8.05 66.04
C LEU E 239 -23.50 7.33 67.38
N GLU E 240 -24.77 7.15 67.72
CA GLU E 240 -25.08 6.29 68.85
C GLU E 240 -24.77 4.85 68.46
N TYR E 241 -24.37 4.04 69.45
CA TYR E 241 -24.02 2.66 69.15
C TYR E 241 -24.35 1.77 70.34
N LYS E 242 -24.65 0.52 70.02
CA LYS E 242 -24.95 -0.54 70.96
C LYS E 242 -24.50 -1.86 70.34
N ILE E 243 -23.71 -2.64 71.07
CA ILE E 243 -23.36 -4.00 70.65
C ILE E 243 -24.05 -4.97 71.59
N LEU E 244 -24.95 -5.80 71.08
CA LEU E 244 -25.64 -6.78 71.92
C LEU E 244 -24.81 -8.06 71.95
N GLY E 245 -24.52 -8.55 73.17
CA GLY E 245 -23.81 -9.79 73.35
C GLY E 245 -24.75 -10.96 73.64
N VAL E 246 -24.14 -12.12 73.87
CA VAL E 246 -24.92 -13.37 73.92
C VAL E 246 -25.98 -13.32 75.01
N LYS E 247 -25.65 -12.79 76.18
CA LYS E 247 -26.62 -12.77 77.28
C LYS E 247 -27.85 -11.94 76.89
N GLU E 248 -27.65 -10.77 76.29
CA GLU E 248 -28.81 -9.99 75.86
C GLU E 248 -29.55 -10.69 74.72
N LEU E 249 -28.80 -11.32 73.81
CA LEU E 249 -29.43 -12.00 72.67
C LEU E 249 -30.29 -13.16 73.15
N GLU E 250 -29.84 -13.85 74.20
CA GLU E 250 -30.64 -14.92 74.80
C GLU E 250 -31.90 -14.35 75.45
N GLU E 251 -31.78 -13.21 76.14
CA GLU E 251 -32.93 -12.58 76.77
C GLU E 251 -33.95 -12.13 75.75
N LEU E 252 -33.49 -11.71 74.56
CA LEU E 252 -34.37 -11.38 73.44
C LEU E 252 -34.84 -12.63 72.69
N LYS E 253 -34.38 -13.82 73.08
CA LYS E 253 -34.84 -15.09 72.51
C LYS E 253 -34.51 -15.22 71.01
N MET E 254 -33.36 -14.71 70.59
CA MET E 254 -32.98 -14.79 69.19
C MET E 254 -32.35 -16.14 68.90
N GLY E 255 -33.19 -17.18 68.92
CA GLY E 255 -32.75 -18.56 68.81
C GLY E 255 -32.30 -18.97 67.42
N ALA E 256 -32.79 -18.30 66.37
CA ALA E 256 -32.31 -18.63 65.03
C ALA E 256 -30.89 -18.10 64.82
N TYR E 257 -30.67 -16.84 65.14
CA TYR E 257 -29.35 -16.23 65.05
C TYR E 257 -28.35 -16.93 65.97
N LEU E 258 -28.74 -17.18 67.23
CA LEU E 258 -27.78 -17.81 68.14
C LEU E 258 -27.45 -19.23 67.70
N SER E 259 -28.39 -19.94 67.08
CA SER E 259 -28.11 -21.31 66.65
C SER E 259 -27.01 -21.32 65.61
N VAL E 260 -27.02 -20.37 64.67
CA VAL E 260 -26.01 -20.33 63.62
C VAL E 260 -24.61 -20.19 64.23
N GLY E 261 -24.48 -19.40 65.27
CA GLY E 261 -23.19 -19.14 65.86
C GLY E 261 -22.74 -20.13 66.90
N LYS E 262 -23.55 -21.16 67.22
CA LYS E 262 -23.23 -22.08 68.30
C LYS E 262 -21.86 -22.73 68.10
N GLY E 263 -21.52 -23.09 66.87
CA GLY E 263 -20.27 -23.78 66.62
C GLY E 263 -19.02 -22.93 66.51
N SER E 264 -19.09 -21.61 66.68
CA SER E 264 -17.93 -20.76 66.51
C SER E 264 -17.25 -20.50 67.85
N MET E 265 -15.94 -20.30 67.81
CA MET E 265 -15.19 -19.82 68.98
C MET E 265 -15.40 -18.34 69.26
N TYR E 266 -16.02 -17.58 68.35
CA TYR E 266 -16.29 -16.15 68.58
C TYR E 266 -17.73 -15.98 69.00
N PRO E 267 -18.00 -15.34 70.14
CA PRO E 267 -19.39 -15.07 70.54
C PRO E 267 -20.09 -14.20 69.52
N ASN E 268 -21.40 -14.46 69.32
CA ASN E 268 -22.24 -13.61 68.48
C ASN E 268 -22.24 -12.16 68.96
N LYS E 269 -22.22 -11.22 68.03
CA LYS E 269 -22.30 -9.80 68.36
C LYS E 269 -23.30 -9.13 67.42
N PHE E 270 -24.30 -8.47 67.99
CA PHE E 270 -25.31 -7.78 67.21
C PHE E 270 -25.00 -6.28 67.21
N ILE E 271 -24.71 -5.73 66.03
CA ILE E 271 -24.36 -4.32 65.87
C ILE E 271 -25.63 -3.52 65.67
N HIS E 272 -25.76 -2.41 66.42
CA HIS E 272 -26.85 -1.46 66.26
C HIS E 272 -26.26 -0.05 66.35
N LEU E 273 -26.08 0.61 65.21
CA LEU E 273 -25.70 2.01 65.20
C LEU E 273 -26.91 2.86 64.84
N THR E 274 -26.92 4.10 65.32
CA THR E 274 -28.04 4.99 65.01
C THR E 274 -27.56 6.38 64.62
N TYR E 275 -28.03 6.86 63.48
CA TYR E 275 -27.90 8.25 63.07
C TYR E 275 -29.25 8.91 63.30
N LYS E 276 -29.27 10.05 63.99
CA LYS E 276 -30.55 10.72 63.96
C LYS E 276 -30.35 12.21 63.71
N SER E 277 -31.16 12.74 62.83
CA SER E 277 -31.06 14.12 62.37
C SER E 277 -31.24 15.10 63.52
N LYS E 278 -30.67 16.29 63.34
CA LYS E 278 -30.78 17.32 64.36
C LYS E 278 -32.21 17.83 64.48
N GLY E 279 -32.93 17.94 63.37
CA GLY E 279 -34.28 18.47 63.39
C GLY E 279 -35.28 17.39 63.67
N ASP E 280 -36.54 17.69 63.36
CA ASP E 280 -37.60 16.72 63.59
C ASP E 280 -37.43 15.53 62.67
N VAL E 281 -37.60 14.34 63.23
CA VAL E 281 -37.48 13.11 62.46
C VAL E 281 -38.81 12.86 61.74
N LYS E 282 -38.77 12.89 60.41
CA LYS E 282 -39.96 12.62 59.62
C LYS E 282 -40.00 11.20 59.04
N LYS E 283 -38.86 10.51 58.96
CA LYS E 283 -38.81 9.15 58.43
C LYS E 283 -37.80 8.34 59.23
N LYS E 284 -38.17 7.10 59.57
CA LYS E 284 -37.31 6.18 60.30
C LYS E 284 -37.05 4.96 59.44
N ILE E 285 -35.77 4.59 59.32
CA ILE E 285 -35.31 3.53 58.41
C ILE E 285 -34.40 2.59 59.18
N ALA E 286 -34.59 1.28 58.99
CA ALA E 286 -33.65 0.25 59.45
C ALA E 286 -32.98 -0.39 58.25
N LEU E 287 -31.64 -0.39 58.26
CA LEU E 287 -30.82 -1.04 57.25
C LEU E 287 -30.18 -2.24 57.92
N VAL E 288 -30.44 -3.43 57.37
CA VAL E 288 -30.02 -4.69 57.96
C VAL E 288 -29.05 -5.35 56.99
N GLY E 289 -27.85 -5.65 57.46
CA GLY E 289 -26.83 -6.26 56.62
C GLY E 289 -26.51 -7.66 57.14
N LYS E 290 -26.44 -8.62 56.22
CA LYS E 290 -26.02 -9.97 56.61
C LYS E 290 -24.55 -9.93 56.99
N GLY E 291 -24.21 -10.46 58.17
CA GLY E 291 -22.85 -10.39 58.68
C GLY E 291 -22.27 -11.73 59.11
N ILE E 292 -22.10 -12.64 58.17
CA ILE E 292 -21.45 -13.91 58.46
C ILE E 292 -19.97 -13.72 58.13
N THR E 293 -19.11 -13.71 59.14
CA THR E 293 -17.71 -13.37 58.90
C THR E 293 -16.95 -14.51 58.24
N PHE E 294 -17.40 -15.75 58.41
CA PHE E 294 -16.98 -16.87 57.60
C PHE E 294 -18.11 -17.87 57.50
N ASP E 295 -18.37 -18.33 56.29
CA ASP E 295 -19.42 -19.33 56.06
C ASP E 295 -18.76 -20.62 55.54
N SER E 296 -18.49 -21.55 56.45
CA SER E 296 -18.02 -22.88 56.06
C SER E 296 -19.16 -23.73 55.53
N GLY E 297 -20.40 -23.31 55.75
CA GLY E 297 -21.55 -24.14 55.50
C GLY E 297 -22.04 -24.88 56.72
N GLY E 298 -21.22 -25.01 57.77
CA GLY E 298 -21.59 -25.85 58.89
C GLY E 298 -21.52 -27.32 58.53
N TYR E 299 -22.33 -28.13 59.23
CA TYR E 299 -22.33 -29.56 58.94
C TYR E 299 -22.71 -29.86 57.50
N ASN E 300 -23.51 -28.99 56.87
CA ASN E 300 -23.66 -28.97 55.41
C ASN E 300 -22.46 -28.26 54.79
N LEU E 301 -21.29 -28.86 54.96
CA LEU E 301 -20.02 -28.23 54.63
C LEU E 301 -19.92 -27.87 53.16
N LYS E 302 -19.28 -26.73 52.85
CA LYS E 302 -19.05 -26.31 51.46
C LYS E 302 -17.94 -27.16 50.88
N ALA E 303 -18.31 -28.38 50.49
CA ALA E 303 -17.38 -29.35 49.92
C ALA E 303 -17.66 -29.68 48.46
N ALA E 304 -18.76 -29.22 47.89
CA ALA E 304 -19.04 -29.57 46.50
C ALA E 304 -18.15 -28.78 45.54
N PRO E 305 -17.81 -29.35 44.39
CA PRO E 305 -17.07 -28.57 43.38
C PRO E 305 -17.79 -27.27 43.08
N GLY E 306 -17.04 -26.17 43.10
CA GLY E 306 -17.60 -24.86 42.84
C GLY E 306 -18.25 -24.15 44.00
N SER E 307 -18.16 -24.69 45.22
CA SER E 307 -18.82 -24.00 46.32
C SER E 307 -17.96 -22.89 46.94
N MET E 308 -16.71 -22.73 46.50
CA MET E 308 -15.89 -21.55 46.81
C MET E 308 -15.74 -21.27 48.29
N ILE E 309 -15.45 -22.32 49.05
CA ILE E 309 -15.30 -22.11 50.48
C ILE E 309 -14.17 -21.11 50.76
N ASP E 310 -13.16 -21.02 49.87
CA ASP E 310 -12.03 -20.12 50.10
C ASP E 310 -12.41 -18.64 49.98
N LEU E 311 -13.56 -18.32 49.43
CA LEU E 311 -13.97 -16.92 49.28
C LEU E 311 -14.95 -16.48 50.37
N MET E 312 -15.33 -17.36 51.29
CA MET E 312 -16.51 -17.12 52.12
C MET E 312 -16.23 -16.11 53.22
N LYS E 313 -15.03 -15.53 53.26
CA LYS E 313 -14.90 -14.31 54.06
C LYS E 313 -15.85 -13.21 53.58
N PHE E 314 -16.34 -13.26 52.32
CA PHE E 314 -17.18 -12.18 51.84
C PHE E 314 -18.65 -12.27 52.27
N ASP E 315 -19.02 -13.25 53.09
CA ASP E 315 -20.40 -13.44 53.47
C ASP E 315 -20.88 -12.41 54.50
N MET E 316 -20.04 -11.44 54.83
CA MET E 316 -20.42 -10.25 55.59
C MET E 316 -20.42 -8.99 54.72
N SER E 317 -20.47 -9.15 53.40
CA SER E 317 -20.54 -8.01 52.49
C SER E 317 -21.78 -7.14 52.74
N GLY E 318 -22.89 -7.73 53.18
CA GLY E 318 -24.07 -6.92 53.45
C GLY E 318 -23.87 -6.01 54.66
N CYS E 319 -23.35 -6.60 55.75
CA CYS E 319 -22.96 -5.80 56.88
C CYS E 319 -21.98 -4.71 56.46
N ALA E 320 -21.00 -5.06 55.62
CA ALA E 320 -20.00 -4.06 55.24
C ALA E 320 -20.64 -2.89 54.52
N ALA E 321 -21.59 -3.17 53.62
CA ALA E 321 -22.27 -2.11 52.90
C ALA E 321 -23.06 -1.22 53.84
N VAL E 322 -23.72 -1.84 54.84
CA VAL E 322 -24.50 -1.08 55.81
C VAL E 322 -23.60 -0.17 56.62
N LEU E 323 -22.41 -0.64 56.99
CA LEU E 323 -21.46 0.20 57.74
C LEU E 323 -20.82 1.28 56.86
N GLY E 324 -20.50 0.96 55.60
CA GLY E 324 -20.03 1.98 54.70
C GLY E 324 -21.09 3.04 54.46
N CYS E 325 -22.35 2.62 54.42
CA CYS E 325 -23.45 3.57 54.37
C CYS E 325 -23.49 4.43 55.62
N ALA E 326 -23.26 3.84 56.80
CA ALA E 326 -23.21 4.63 58.03
C ALA E 326 -22.14 5.70 57.94
N TYR E 327 -21.00 5.39 57.33
CA TYR E 327 -19.95 6.41 57.13
C TYR E 327 -20.48 7.55 56.26
N CYS E 328 -21.09 7.24 55.12
CA CYS E 328 -21.57 8.29 54.23
C CYS E 328 -22.66 9.12 54.90
N VAL E 329 -23.59 8.47 55.58
CA VAL E 329 -24.69 9.18 56.24
C VAL E 329 -24.17 10.03 57.39
N GLY E 330 -23.30 9.47 58.23
CA GLY E 330 -22.75 10.26 59.32
C GLY E 330 -21.91 11.42 58.84
N THR E 331 -21.36 11.31 57.64
CA THR E 331 -20.53 12.38 57.09
C THR E 331 -21.38 13.46 56.41
N LEU E 332 -22.36 13.05 55.59
CA LEU E 332 -23.18 14.00 54.84
C LEU E 332 -24.34 14.55 55.66
N LYS E 333 -24.73 13.87 56.74
CA LYS E 333 -25.73 14.33 57.70
C LYS E 333 -27.06 14.76 57.08
N PRO E 334 -27.83 13.82 56.52
CA PRO E 334 -29.18 14.17 56.01
C PRO E 334 -30.11 14.65 57.12
N GLU E 335 -31.07 15.51 56.73
CA GLU E 335 -31.98 16.06 57.71
C GLU E 335 -33.28 15.24 57.78
N ASN E 336 -33.95 15.34 58.92
CA ASN E 336 -35.29 14.82 59.14
C ASN E 336 -35.40 13.30 59.09
N VAL E 337 -34.30 12.57 59.28
CA VAL E 337 -34.35 11.10 59.23
C VAL E 337 -33.66 10.54 60.46
N GLU E 338 -34.10 9.35 60.85
CA GLU E 338 -33.40 8.54 61.84
C GLU E 338 -33.15 7.19 61.20
N ILE E 339 -31.88 6.76 61.17
CA ILE E 339 -31.49 5.53 60.49
C ILE E 339 -30.82 4.60 61.48
N HIS E 340 -31.26 3.35 61.50
CA HIS E 340 -30.67 2.29 62.31
C HIS E 340 -29.86 1.37 61.40
N PHE E 341 -28.60 1.15 61.75
CA PHE E 341 -27.67 0.29 61.00
C PHE E 341 -27.49 -0.97 61.83
N LEU E 342 -27.99 -2.10 61.32
CA LEU E 342 -28.10 -3.34 62.07
C LEU E 342 -27.39 -4.48 61.37
N SER E 343 -26.73 -5.33 62.15
CA SER E 343 -26.22 -6.60 61.61
C SER E 343 -26.09 -7.63 62.72
N ALA E 344 -26.69 -8.80 62.52
CA ALA E 344 -26.51 -9.93 63.43
C ALA E 344 -25.26 -10.68 62.97
N VAL E 345 -24.12 -10.35 63.60
CA VAL E 345 -22.82 -10.85 63.15
C VAL E 345 -22.52 -12.18 63.85
N CYS E 346 -22.06 -13.15 63.09
CA CYS E 346 -21.66 -14.43 63.65
C CYS E 346 -20.83 -15.16 62.60
N GLU E 347 -20.38 -16.36 62.97
CA GLU E 347 -19.54 -17.21 62.15
C GLU E 347 -20.14 -18.61 62.13
N ASN E 348 -20.23 -19.22 60.92
CA ASN E 348 -20.92 -20.50 60.71
C ASN E 348 -19.86 -21.60 60.58
N MET E 349 -19.68 -22.41 61.63
CA MET E 349 -18.53 -23.30 61.71
C MET E 349 -18.92 -24.74 62.05
N VAL E 350 -17.94 -25.65 61.99
CA VAL E 350 -18.14 -27.07 62.30
C VAL E 350 -17.43 -27.41 63.59
N SER E 351 -18.17 -28.01 64.52
CA SER E 351 -17.71 -28.18 65.89
C SER E 351 -18.60 -29.20 66.57
N LYS E 352 -18.13 -29.73 67.70
CA LYS E 352 -19.08 -30.48 68.52
C LYS E 352 -20.27 -29.62 68.94
N ASN E 353 -20.10 -28.30 68.97
CA ASN E 353 -21.12 -27.40 69.47
C ASN E 353 -22.07 -26.84 68.40
N SER E 354 -21.88 -27.17 67.11
CA SER E 354 -22.70 -26.54 66.07
C SER E 354 -24.14 -27.04 66.08
N TYR E 355 -25.01 -26.23 65.48
CA TYR E 355 -26.35 -26.71 65.17
C TYR E 355 -26.28 -27.70 64.01
N ARG E 356 -27.29 -28.57 63.94
CA ARG E 356 -27.31 -29.69 63.02
C ARG E 356 -28.43 -29.52 62.00
N PRO E 357 -28.25 -30.07 60.80
CA PRO E 357 -29.38 -30.24 59.88
C PRO E 357 -30.47 -31.01 60.61
N GLY E 358 -31.71 -30.54 60.50
CA GLY E 358 -32.81 -31.17 61.19
C GLY E 358 -33.17 -30.54 62.53
N ASP E 359 -32.28 -29.76 63.14
CA ASP E 359 -32.64 -29.10 64.40
C ASP E 359 -33.89 -28.24 64.22
N ILE E 360 -34.70 -28.15 65.27
CA ILE E 360 -35.81 -27.20 65.28
C ILE E 360 -35.48 -26.11 66.29
N ILE E 361 -35.44 -24.88 65.81
CA ILE E 361 -35.00 -23.74 66.60
C ILE E 361 -36.13 -22.72 66.62
N THR E 362 -36.13 -21.84 67.62
CA THR E 362 -37.24 -20.90 67.83
C THR E 362 -36.72 -19.48 67.67
N ALA E 363 -37.29 -18.75 66.71
CA ALA E 363 -36.93 -17.36 66.45
C ALA E 363 -37.53 -16.44 67.52
N SER E 364 -37.08 -15.18 67.51
CA SER E 364 -37.48 -14.23 68.55
C SER E 364 -38.94 -13.82 68.48
N ASN E 365 -39.64 -14.11 67.39
CA ASN E 365 -41.08 -13.89 67.35
C ASN E 365 -41.88 -15.14 67.68
N GLY E 366 -41.24 -16.18 68.22
CA GLY E 366 -41.94 -17.39 68.61
C GLY E 366 -42.09 -18.45 67.53
N LYS E 367 -41.71 -18.18 66.27
CA LYS E 367 -41.88 -19.16 65.20
C LYS E 367 -40.83 -20.24 65.31
N THR E 368 -41.26 -21.50 65.26
CA THR E 368 -40.30 -22.59 65.23
C THR E 368 -39.92 -22.88 63.79
N ILE E 369 -38.63 -23.16 63.59
CA ILE E 369 -38.03 -23.31 62.28
C ILE E 369 -37.31 -24.66 62.21
N GLU E 370 -37.64 -25.46 61.20
CA GLU E 370 -36.93 -26.71 60.95
C GLU E 370 -35.78 -26.44 60.00
N VAL E 371 -34.56 -26.67 60.46
CA VAL E 371 -33.34 -26.43 59.67
C VAL E 371 -33.19 -27.55 58.67
N GLY E 372 -33.20 -27.22 57.38
CA GLY E 372 -33.03 -28.23 56.35
C GLY E 372 -31.60 -28.30 55.86
N ASN E 373 -30.83 -27.24 56.09
CA ASN E 373 -29.47 -27.16 55.58
C ASN E 373 -28.73 -26.07 56.36
N THR E 374 -27.65 -26.45 57.04
CA THR E 374 -26.96 -25.46 57.88
C THR E 374 -26.25 -24.39 57.05
N ASP E 375 -26.11 -24.59 55.74
CA ASP E 375 -25.50 -23.60 54.87
C ASP E 375 -26.51 -22.56 54.36
N ALA E 376 -27.79 -22.70 54.71
CA ALA E 376 -28.76 -21.63 54.51
C ALA E 376 -28.89 -20.79 55.77
N GLU E 377 -27.72 -20.37 56.29
CA GLU E 377 -27.67 -19.76 57.62
C GLU E 377 -28.05 -18.29 57.58
N GLY E 378 -27.87 -17.63 56.43
CA GLY E 378 -28.09 -16.19 56.38
C GLY E 378 -29.54 -15.80 56.69
N ARG E 379 -30.49 -16.56 56.15
CA ARG E 379 -31.89 -16.24 56.40
C ARG E 379 -32.28 -16.44 57.87
N LEU E 380 -31.60 -17.34 58.58
CA LEU E 380 -31.87 -17.51 60.01
C LEU E 380 -31.39 -16.30 60.79
N THR E 381 -30.19 -15.80 60.48
CA THR E 381 -29.73 -14.62 61.21
C THR E 381 -30.56 -13.42 60.85
N LEU E 382 -30.92 -13.30 59.56
CA LEU E 382 -31.72 -12.17 59.12
C LEU E 382 -33.12 -12.22 59.72
N ALA E 383 -33.66 -13.43 59.94
CA ALA E 383 -34.98 -13.53 60.54
C ALA E 383 -35.03 -12.83 61.91
N ASP E 384 -34.05 -13.11 62.77
CA ASP E 384 -34.04 -12.44 64.08
C ASP E 384 -33.70 -10.96 63.93
N ALA E 385 -32.86 -10.61 62.94
CA ALA E 385 -32.56 -9.19 62.75
C ALA E 385 -33.81 -8.42 62.29
N LEU E 386 -34.65 -9.04 61.46
CA LEU E 386 -35.85 -8.36 60.98
C LEU E 386 -36.88 -8.19 62.10
N VAL E 387 -37.02 -9.19 62.97
CA VAL E 387 -37.90 -9.04 64.13
C VAL E 387 -37.43 -7.88 65.00
N TYR E 388 -36.11 -7.81 65.23
CA TYR E 388 -35.51 -6.70 65.97
C TYR E 388 -35.78 -5.36 65.29
N ALA E 389 -35.60 -5.32 63.97
CA ALA E 389 -35.82 -4.07 63.23
C ALA E 389 -37.27 -3.62 63.33
N GLU E 390 -38.23 -4.54 63.18
CA GLU E 390 -39.64 -4.13 63.19
C GLU E 390 -40.06 -3.62 64.57
N LYS E 391 -39.47 -4.16 65.65
CA LYS E 391 -39.77 -3.65 66.99
C LYS E 391 -39.31 -2.22 67.18
N LEU E 392 -38.41 -1.73 66.33
CA LEU E 392 -37.97 -0.34 66.44
C LEU E 392 -39.04 0.65 65.99
N GLY E 393 -40.07 0.19 65.28
CA GLY E 393 -41.11 1.11 64.84
C GLY E 393 -40.64 2.03 63.72
N VAL E 394 -40.12 1.45 62.66
CA VAL E 394 -39.57 2.21 61.55
C VAL E 394 -40.58 2.27 60.41
N ASP E 395 -40.33 3.17 59.46
CA ASP E 395 -41.17 3.25 58.25
C ASP E 395 -40.74 2.26 57.17
N TYR E 396 -39.42 2.04 57.02
CA TYR E 396 -38.87 1.15 56.00
C TYR E 396 -37.83 0.26 56.65
N ILE E 397 -37.86 -1.01 56.27
CA ILE E 397 -36.78 -1.96 56.55
C ILE E 397 -36.21 -2.41 55.21
N VAL E 398 -34.90 -2.21 55.01
CA VAL E 398 -34.20 -2.70 53.83
C VAL E 398 -33.07 -3.60 54.33
N ASP E 399 -33.06 -4.86 53.89
CA ASP E 399 -31.94 -5.72 54.20
C ASP E 399 -31.12 -5.95 52.94
N ILE E 400 -29.82 -6.20 53.13
CA ILE E 400 -28.90 -6.42 52.04
C ILE E 400 -27.98 -7.57 52.44
N ALA E 401 -27.82 -8.56 51.55
CA ALA E 401 -27.28 -9.84 51.99
C ALA E 401 -26.75 -10.64 50.81
N THR E 402 -25.60 -11.28 51.02
CA THR E 402 -25.07 -12.29 50.08
C THR E 402 -25.79 -13.62 50.33
N LEU E 403 -27.05 -13.68 49.91
CA LEU E 403 -27.92 -14.74 50.42
C LEU E 403 -27.90 -16.03 49.60
N THR E 404 -28.11 -15.95 48.27
CA THR E 404 -28.34 -17.18 47.49
C THR E 404 -27.43 -17.22 46.28
N GLY E 405 -26.75 -18.35 46.11
CA GLY E 405 -25.95 -18.57 44.93
C GLY E 405 -26.75 -18.58 43.66
N ALA E 406 -28.05 -18.85 43.76
CA ALA E 406 -28.90 -18.83 42.56
C ALA E 406 -28.88 -17.47 41.86
N MET E 407 -28.57 -16.36 42.56
CA MET E 407 -28.41 -15.09 41.86
C MET E 407 -27.40 -15.15 40.72
N LEU E 408 -26.36 -15.97 40.83
CA LEU E 408 -25.43 -16.04 39.71
C LEU E 408 -26.08 -16.61 38.46
N TYR E 409 -27.13 -17.40 38.61
CA TYR E 409 -27.82 -17.99 37.47
C TYR E 409 -29.00 -17.15 37.02
N SER E 410 -29.45 -16.18 37.83
CA SER E 410 -30.58 -15.36 37.41
C SER E 410 -30.12 -14.04 36.82
N LEU E 411 -29.42 -13.21 37.62
CA LEU E 411 -28.95 -11.93 37.13
C LEU E 411 -27.46 -11.89 36.90
N GLY E 412 -26.70 -12.80 37.52
CA GLY E 412 -25.29 -12.87 37.27
C GLY E 412 -24.46 -11.99 38.19
N THR E 413 -23.32 -11.53 37.69
CA THR E 413 -22.35 -10.80 38.52
C THR E 413 -22.48 -9.28 38.44
N SER E 414 -23.41 -8.74 37.64
CA SER E 414 -23.52 -7.30 37.43
C SER E 414 -24.71 -6.64 38.11
N TYR E 415 -25.88 -7.28 38.15
CA TYR E 415 -27.09 -6.68 38.73
C TYR E 415 -27.47 -7.43 40.00
N ALA E 416 -27.74 -6.69 41.07
CA ALA E 416 -28.32 -7.33 42.23
C ALA E 416 -29.82 -7.48 42.03
N GLY E 417 -30.43 -8.35 42.83
CA GLY E 417 -31.88 -8.53 42.82
C GLY E 417 -32.52 -7.87 44.03
N VAL E 418 -33.69 -7.27 43.82
CA VAL E 418 -34.45 -6.70 44.93
C VAL E 418 -35.82 -7.38 44.97
N PHE E 419 -36.23 -7.76 46.18
CA PHE E 419 -37.51 -8.36 46.48
C PHE E 419 -38.16 -7.53 47.56
N GLY E 420 -39.50 -7.54 47.63
CA GLY E 420 -40.09 -6.78 48.72
C GLY E 420 -41.59 -6.98 48.81
N ASN E 421 -42.16 -6.42 49.87
CA ASN E 421 -43.59 -6.52 50.14
C ASN E 421 -44.33 -5.23 49.85
N ASN E 422 -43.68 -4.23 49.24
CA ASN E 422 -44.28 -2.90 49.12
C ASN E 422 -43.73 -2.27 47.85
N GLU E 423 -44.62 -2.05 46.87
CA GLU E 423 -44.16 -1.57 45.57
C GLU E 423 -43.55 -0.18 45.65
N GLU E 424 -44.12 0.71 46.47
CA GLU E 424 -43.55 2.05 46.58
C GLU E 424 -42.11 2.00 47.05
N LEU E 425 -41.82 1.17 48.06
CA LEU E 425 -40.46 1.04 48.55
C LEU E 425 -39.55 0.41 47.52
N ILE E 426 -40.01 -0.62 46.80
CA ILE E 426 -39.21 -1.21 45.73
C ILE E 426 -38.86 -0.14 44.69
N ASN E 427 -39.83 0.70 44.30
CA ASN E 427 -39.53 1.74 43.32
C ASN E 427 -38.53 2.76 43.85
N LYS E 428 -38.58 3.07 45.15
CA LYS E 428 -37.55 3.95 45.71
C LYS E 428 -36.16 3.32 45.61
N ILE E 429 -36.06 2.00 45.84
CA ILE E 429 -34.77 1.33 45.69
C ILE E 429 -34.30 1.37 44.25
N LEU E 430 -35.22 1.14 43.31
CA LEU E 430 -34.84 1.18 41.89
C LEU E 430 -34.36 2.58 41.50
N GLN E 431 -34.99 3.61 42.04
CA GLN E 431 -34.54 4.98 41.77
C GLN E 431 -33.15 5.22 42.38
N SER E 432 -32.90 4.69 43.58
CA SER E 432 -31.56 4.79 44.16
C SER E 432 -30.54 4.06 43.31
N SER E 433 -30.94 2.94 42.70
CA SER E 433 -30.07 2.23 41.78
C SER E 433 -29.71 3.08 40.57
N LYS E 434 -30.70 3.84 40.03
CA LYS E 434 -30.45 4.71 38.89
C LYS E 434 -29.46 5.82 39.23
N THR E 435 -29.64 6.47 40.38
CA THR E 435 -28.77 7.62 40.70
C THR E 435 -27.44 7.22 41.33
N SER E 436 -27.33 6.04 41.97
CA SER E 436 -26.04 5.57 42.45
C SER E 436 -25.23 4.87 41.36
N ASN E 437 -25.89 4.47 40.28
CA ASN E 437 -25.28 3.64 39.24
C ASN E 437 -24.78 2.29 39.78
N GLU E 438 -25.42 1.77 40.84
CA GLU E 438 -25.26 0.39 41.26
C GLU E 438 -26.51 -0.38 40.83
N PRO E 439 -26.44 -1.20 39.77
CA PRO E 439 -27.67 -1.71 39.14
C PRO E 439 -28.33 -2.81 39.95
N VAL E 440 -29.65 -2.72 40.02
CA VAL E 440 -30.48 -3.71 40.70
C VAL E 440 -31.68 -3.97 39.79
N TRP E 441 -32.24 -5.17 39.89
CA TRP E 441 -33.43 -5.53 39.11
C TRP E 441 -34.47 -6.11 40.05
N TRP E 442 -35.72 -5.71 39.86
CA TRP E 442 -36.83 -6.17 40.69
C TRP E 442 -37.22 -7.58 40.29
N LEU E 443 -37.21 -8.51 41.26
CA LEU E 443 -37.60 -9.90 41.09
C LEU E 443 -38.79 -10.20 41.99
N PRO E 444 -39.65 -11.14 41.59
CA PRO E 444 -40.92 -11.33 42.30
C PRO E 444 -40.84 -12.26 43.50
N ILE E 445 -41.72 -12.00 44.47
CA ILE E 445 -41.98 -12.93 45.55
C ILE E 445 -43.24 -13.69 45.14
N ILE E 446 -43.08 -14.93 44.70
CA ILE E 446 -44.14 -15.70 44.06
C ILE E 446 -44.83 -16.52 45.14
N ASN E 447 -46.06 -16.11 45.48
CA ASN E 447 -46.74 -16.66 46.65
C ASN E 447 -47.06 -18.13 46.50
N GLU E 448 -47.20 -18.63 45.26
CA GLU E 448 -47.45 -20.05 45.02
C GLU E 448 -46.35 -20.95 45.60
N TYR E 449 -45.14 -20.44 45.78
CA TYR E 449 -44.11 -21.30 46.33
C TYR E 449 -44.17 -21.41 47.84
N ARG E 450 -45.00 -20.57 48.50
CA ARG E 450 -45.00 -20.52 49.96
C ARG E 450 -45.33 -21.88 50.58
N ALA E 451 -46.15 -22.68 49.92
CA ALA E 451 -46.54 -23.96 50.51
C ALA E 451 -45.35 -24.89 50.71
N THR E 452 -44.29 -24.74 49.92
CA THR E 452 -43.16 -25.63 50.05
C THR E 452 -42.34 -25.37 51.32
N LEU E 453 -42.60 -24.27 52.03
CA LEU E 453 -41.98 -24.04 53.32
C LEU E 453 -42.81 -24.56 54.48
N ASN E 454 -43.94 -25.22 54.20
CA ASN E 454 -44.74 -25.81 55.27
C ASN E 454 -44.00 -27.01 55.85
N SER E 455 -43.79 -27.01 57.15
CA SER E 455 -43.03 -28.06 57.80
C SER E 455 -43.96 -29.07 58.44
N LYS E 456 -43.52 -30.33 58.45
CA LYS E 456 -44.33 -31.37 59.08
C LYS E 456 -44.40 -31.17 60.59
N TYR E 457 -43.33 -30.65 61.21
CA TYR E 457 -43.21 -30.58 62.66
C TYR E 457 -43.14 -29.17 63.22
N ALA E 458 -42.37 -28.29 62.60
CA ALA E 458 -42.20 -26.91 63.05
C ALA E 458 -43.25 -26.02 62.38
N ASP E 459 -43.26 -24.75 62.79
CA ASP E 459 -44.14 -23.78 62.14
C ASP E 459 -43.75 -23.60 60.68
N ILE E 460 -42.46 -23.64 60.37
CA ILE E 460 -42.01 -23.36 59.02
C ILE E 460 -40.68 -24.06 58.76
N ASN E 461 -40.46 -24.43 57.51
CA ASN E 461 -39.17 -24.91 57.04
C ASN E 461 -38.26 -23.74 56.73
N GLN E 462 -36.97 -23.93 57.02
CA GLN E 462 -35.95 -22.99 56.58
C GLN E 462 -35.80 -22.99 55.05
N ILE E 463 -35.84 -24.17 54.43
CA ILE E 463 -35.62 -24.28 52.99
C ILE E 463 -36.73 -25.11 52.36
N SER E 464 -36.84 -24.98 51.05
CA SER E 464 -37.81 -25.73 50.28
C SER E 464 -37.24 -27.09 49.91
N SER E 465 -38.11 -28.10 49.85
CA SER E 465 -37.67 -29.40 49.33
C SER E 465 -37.75 -29.48 47.80
N SER E 466 -38.68 -28.74 47.16
CA SER E 466 -38.97 -28.96 45.75
C SER E 466 -38.64 -27.78 44.85
N VAL E 467 -38.74 -26.54 45.34
CA VAL E 467 -38.60 -25.37 44.46
C VAL E 467 -37.12 -25.04 44.35
N LYS E 468 -36.63 -24.93 43.12
CA LYS E 468 -35.24 -24.58 42.86
C LYS E 468 -34.99 -23.06 42.78
N ALA E 469 -36.05 -22.25 42.75
CA ALA E 469 -35.93 -20.78 42.72
C ALA E 469 -35.62 -20.30 44.13
N SER E 470 -34.36 -20.50 44.52
CA SER E 470 -33.93 -20.34 45.91
C SER E 470 -33.95 -18.90 46.37
N SER E 471 -33.70 -17.96 45.45
CA SER E 471 -33.73 -16.55 45.84
C SER E 471 -35.14 -16.13 46.21
N ILE E 472 -36.14 -16.64 45.49
CA ILE E 472 -37.53 -16.34 45.79
C ILE E 472 -37.97 -17.04 47.08
N VAL E 473 -37.59 -18.32 47.26
CA VAL E 473 -37.97 -19.03 48.48
C VAL E 473 -37.38 -18.33 49.71
N ALA E 474 -36.10 -17.93 49.62
CA ALA E 474 -35.48 -17.20 50.72
C ALA E 474 -36.24 -15.93 51.04
N SER E 475 -36.71 -15.22 50.01
CA SER E 475 -37.51 -14.02 50.25
C SER E 475 -38.84 -14.37 50.91
N LEU E 476 -39.47 -15.46 50.50
CA LEU E 476 -40.70 -15.88 51.15
C LEU E 476 -40.46 -16.17 52.63
N PHE E 477 -39.35 -16.83 52.94
CA PHE E 477 -39.02 -17.09 54.33
C PHE E 477 -38.81 -15.80 55.11
N LEU E 478 -38.03 -14.86 54.56
CA LEU E 478 -37.78 -13.61 55.26
C LEU E 478 -39.08 -12.84 55.52
N LYS E 479 -39.99 -12.86 54.53
CA LYS E 479 -41.26 -12.11 54.64
C LYS E 479 -42.06 -12.56 55.86
N GLU E 480 -41.90 -13.81 56.28
CA GLU E 480 -42.62 -14.31 57.44
C GLU E 480 -42.19 -13.63 58.74
N PHE E 481 -41.11 -12.84 58.72
CA PHE E 481 -40.61 -12.19 59.93
C PHE E 481 -40.80 -10.68 59.89
N VAL E 482 -41.59 -10.18 58.95
CA VAL E 482 -41.97 -8.77 58.88
C VAL E 482 -43.50 -8.75 58.83
N GLN E 483 -44.13 -8.19 59.86
CA GLN E 483 -45.57 -8.33 59.97
C GLN E 483 -46.35 -7.20 59.33
N ASN E 484 -45.94 -5.95 59.50
CA ASN E 484 -46.77 -4.83 59.07
C ASN E 484 -45.92 -3.61 58.75
N THR E 485 -44.79 -3.82 58.09
CA THR E 485 -43.88 -2.73 57.76
C THR E 485 -43.40 -2.89 56.33
N ALA E 486 -43.27 -1.77 55.62
CA ALA E 486 -42.73 -1.79 54.28
C ALA E 486 -41.29 -2.30 54.31
N TRP E 487 -41.00 -3.32 53.50
CA TRP E 487 -39.72 -4.01 53.59
C TRP E 487 -39.23 -4.45 52.21
N ALA E 488 -37.92 -4.31 52.00
CA ALA E 488 -37.25 -4.76 50.78
C ALA E 488 -36.00 -5.52 51.16
N HIS E 489 -35.59 -6.42 50.28
CA HIS E 489 -34.50 -7.37 50.49
C HIS E 489 -33.66 -7.34 49.22
N ILE E 490 -32.38 -7.00 49.33
CA ILE E 490 -31.47 -6.88 48.19
C ILE E 490 -30.45 -8.01 48.29
N ASP E 491 -30.53 -8.95 47.36
CA ASP E 491 -29.64 -10.12 47.35
C ASP E 491 -28.41 -9.79 46.50
N ILE E 492 -27.27 -9.64 47.15
CA ILE E 492 -26.05 -9.21 46.47
C ILE E 492 -25.05 -10.38 46.34
N ALA E 493 -25.52 -11.62 46.52
CA ALA E 493 -24.59 -12.75 46.45
C ALA E 493 -23.83 -12.78 45.13
N GLY E 494 -24.46 -12.35 44.03
CA GLY E 494 -23.77 -12.43 42.75
C GLY E 494 -22.88 -11.24 42.45
N VAL E 495 -23.13 -10.10 43.08
CA VAL E 495 -22.48 -8.86 42.69
C VAL E 495 -21.43 -8.40 43.68
N SER E 496 -21.22 -9.10 44.81
CA SER E 496 -20.36 -8.56 45.87
C SER E 496 -18.88 -8.65 45.54
N TRP E 497 -18.45 -9.73 44.90
CA TRP E 497 -17.03 -10.01 44.70
C TRP E 497 -16.68 -9.83 43.23
N ASN E 498 -15.61 -9.08 42.96
CA ASN E 498 -15.11 -8.90 41.60
C ASN E 498 -14.14 -10.04 41.31
N PHE E 499 -14.63 -11.08 40.62
CA PHE E 499 -13.81 -12.28 40.40
C PHE E 499 -12.63 -12.00 39.50
N LYS E 500 -12.81 -11.16 38.48
CA LYS E 500 -11.71 -10.86 37.57
C LYS E 500 -10.59 -10.15 38.31
N ALA E 501 -10.92 -9.15 39.12
CA ALA E 501 -9.90 -8.35 39.80
C ALA E 501 -9.49 -8.92 41.16
N ARG E 502 -10.15 -9.97 41.63
CA ARG E 502 -9.83 -10.68 42.88
C ARG E 502 -9.93 -9.74 44.08
N LYS E 503 -11.01 -8.97 44.15
CA LYS E 503 -11.19 -7.98 45.19
C LYS E 503 -12.69 -7.71 45.36
N PRO E 504 -13.11 -7.09 46.46
CA PRO E 504 -14.53 -6.76 46.63
C PRO E 504 -14.95 -5.60 45.74
N LYS E 505 -16.27 -5.46 45.58
CA LYS E 505 -16.81 -4.25 44.96
C LYS E 505 -17.26 -3.21 45.97
N GLY E 506 -17.48 -3.61 47.22
CA GLY E 506 -18.15 -2.71 48.13
C GLY E 506 -19.56 -2.38 47.67
N PHE E 507 -20.21 -3.34 47.01
CA PHE E 507 -21.52 -3.09 46.41
C PHE E 507 -22.56 -2.75 47.46
N GLY E 508 -23.34 -1.72 47.18
CA GLY E 508 -24.49 -1.38 47.99
C GLY E 508 -24.31 -0.14 48.83
N VAL E 509 -23.06 0.27 49.10
CA VAL E 509 -22.85 1.46 49.94
C VAL E 509 -23.53 2.67 49.32
N ARG E 510 -23.25 2.93 48.05
CA ARG E 510 -23.76 4.13 47.40
C ARG E 510 -25.25 4.02 47.13
N LEU E 511 -25.71 2.82 46.76
CA LEU E 511 -27.14 2.56 46.59
C LEU E 511 -27.92 2.93 47.85
N LEU E 512 -27.47 2.42 49.00
CA LEU E 512 -28.20 2.67 50.25
C LEU E 512 -28.13 4.13 50.66
N THR E 513 -26.98 4.78 50.45
CA THR E 513 -26.86 6.18 50.81
C THR E 513 -27.78 7.05 49.96
N GLU E 514 -27.83 6.81 48.64
CA GLU E 514 -28.75 7.55 47.79
C GLU E 514 -30.21 7.35 48.22
N PHE E 515 -30.56 6.12 48.62
CA PHE E 515 -31.89 5.83 49.11
C PHE E 515 -32.22 6.69 50.32
N VAL E 516 -31.30 6.75 51.29
CA VAL E 516 -31.50 7.54 52.50
C VAL E 516 -31.55 9.02 52.16
N LEU E 517 -30.64 9.49 51.32
CA LEU E 517 -30.51 10.93 51.05
C LEU E 517 -31.68 11.48 50.24
N ASN E 518 -32.14 10.74 49.24
CA ASN E 518 -33.01 11.28 48.21
C ASN E 518 -34.43 10.71 48.23
N ASP E 519 -34.55 9.39 48.33
CA ASP E 519 -35.77 8.68 47.97
C ASP E 519 -36.62 8.32 49.17
N ALA E 520 -36.00 8.02 50.32
CA ALA E 520 -36.76 7.70 51.51
C ALA E 520 -37.65 8.86 51.92
N LEU E 521 -37.09 10.06 51.94
CA LEU E 521 -37.81 11.26 52.34
C LEU E 521 -37.34 12.45 51.51
N ALA F 1 -31.35 -39.75 86.25
CA ALA F 1 -31.36 -38.63 85.31
C ALA F 1 -30.06 -37.82 85.38
N SER F 2 -29.62 -37.29 84.24
CA SER F 2 -28.44 -36.45 84.14
C SER F 2 -28.81 -35.11 83.52
N GLU F 3 -27.99 -34.10 83.80
CA GLU F 3 -28.20 -32.76 83.23
C GLU F 3 -27.75 -32.73 81.78
N VAL F 4 -28.58 -32.17 80.91
CA VAL F 4 -28.29 -32.01 79.48
C VAL F 4 -27.40 -30.80 79.26
N PRO F 5 -26.21 -30.94 78.68
CA PRO F 5 -25.37 -29.77 78.42
C PRO F 5 -26.01 -28.87 77.36
N GLN F 6 -25.78 -27.56 77.50
CA GLN F 6 -26.29 -26.55 76.59
C GLN F 6 -25.14 -25.69 76.07
N VAL F 7 -25.25 -25.25 74.82
CA VAL F 7 -24.33 -24.25 74.31
C VAL F 7 -24.82 -22.85 74.64
N VAL F 8 -26.11 -22.60 74.35
CA VAL F 8 -26.77 -21.36 74.71
C VAL F 8 -27.99 -21.73 75.55
N SER F 9 -28.51 -20.74 76.29
CA SER F 9 -29.60 -20.98 77.22
C SER F 9 -30.89 -21.38 76.53
N LEU F 10 -31.02 -21.11 75.24
CA LEU F 10 -32.19 -21.49 74.47
C LEU F 10 -32.15 -22.95 74.02
N ASP F 11 -31.04 -23.66 74.24
CA ASP F 11 -30.97 -25.07 73.83
C ASP F 11 -31.91 -25.90 74.70
N PRO F 12 -32.72 -26.77 74.11
CA PRO F 12 -33.66 -27.57 74.93
C PRO F 12 -32.94 -28.58 75.81
N THR F 13 -33.56 -28.90 76.96
CA THR F 13 -32.97 -29.83 77.91
C THR F 13 -33.82 -31.07 78.12
N SER F 14 -34.86 -31.28 77.32
CA SER F 14 -35.60 -32.53 77.37
C SER F 14 -36.34 -32.73 76.04
N ILE F 15 -36.71 -33.98 75.80
CA ILE F 15 -37.58 -34.32 74.68
C ILE F 15 -39.02 -34.13 75.14
N PRO F 16 -39.83 -33.29 74.50
CA PRO F 16 -41.26 -33.24 74.84
C PRO F 16 -41.93 -34.55 74.42
N ILE F 17 -42.72 -35.13 75.31
CA ILE F 17 -43.39 -36.40 75.04
C ILE F 17 -44.85 -36.28 75.43
N GLU F 18 -45.75 -36.69 74.52
CA GLU F 18 -47.17 -36.80 74.86
C GLU F 18 -47.50 -38.24 75.20
N TYR F 19 -47.98 -38.47 76.42
CA TYR F 19 -48.43 -39.80 76.80
C TYR F 19 -49.94 -39.97 76.62
N ASN F 20 -50.72 -39.01 77.11
CA ASN F 20 -52.17 -39.05 76.96
C ASN F 20 -52.54 -38.38 75.65
N THR F 21 -52.83 -39.18 74.63
CA THR F 21 -53.16 -38.66 73.31
C THR F 21 -54.67 -38.71 73.10
N PRO F 22 -55.20 -37.93 72.15
CA PRO F 22 -56.65 -37.99 71.89
C PRO F 22 -57.12 -39.38 71.49
N ILE F 23 -56.24 -40.22 70.90
CA ILE F 23 -56.62 -41.59 70.60
C ILE F 23 -57.07 -42.31 71.88
N HIS F 24 -56.44 -41.99 73.02
CA HIS F 24 -56.77 -42.68 74.26
C HIS F 24 -58.17 -42.34 74.77
N ASP F 25 -58.79 -41.26 74.27
CA ASP F 25 -60.15 -40.91 74.66
C ASP F 25 -61.21 -41.54 73.76
N ILE F 26 -60.83 -42.26 72.71
CA ILE F 26 -61.82 -42.82 71.80
C ILE F 26 -62.45 -44.08 72.40
N LYS F 27 -63.77 -44.08 72.53
CA LYS F 27 -64.53 -45.24 72.98
C LYS F 27 -64.81 -46.12 71.76
N VAL F 28 -64.36 -47.37 71.81
CA VAL F 28 -64.48 -48.30 70.68
C VAL F 28 -65.49 -49.39 71.03
N GLN F 29 -66.42 -49.65 70.11
CA GLN F 29 -67.38 -50.72 70.27
C GLN F 29 -67.42 -51.56 69.00
N VAL F 30 -67.44 -52.88 69.15
CA VAL F 30 -67.51 -53.78 68.01
C VAL F 30 -68.85 -54.52 68.05
N TYR F 31 -69.57 -54.50 66.91
CA TYR F 31 -70.89 -55.09 66.79
C TYR F 31 -70.89 -56.11 65.66
N ASP F 32 -71.76 -57.12 65.78
CA ASP F 32 -71.90 -58.09 64.69
C ASP F 32 -72.75 -57.47 63.58
N ILE F 33 -72.28 -57.66 62.34
CA ILE F 33 -72.92 -57.06 61.18
C ILE F 33 -74.27 -57.72 60.87
N LYS F 34 -74.53 -58.93 61.36
CA LYS F 34 -75.79 -59.62 61.03
C LYS F 34 -77.01 -58.86 61.51
N GLY F 35 -76.91 -58.17 62.64
CA GLY F 35 -78.05 -57.44 63.12
C GLY F 35 -78.36 -56.15 62.38
N GLY F 36 -77.54 -55.80 61.38
CA GLY F 36 -77.71 -54.55 60.68
C GLY F 36 -77.01 -53.40 61.38
N CYS F 37 -76.77 -52.33 60.64
CA CYS F 37 -76.01 -51.20 61.13
C CYS F 37 -76.96 -50.04 61.45
N ASN F 38 -76.80 -49.47 62.64
CA ASN F 38 -77.50 -48.23 62.96
C ASN F 38 -76.65 -47.04 62.54
N VAL F 39 -77.25 -46.16 61.73
CA VAL F 39 -76.52 -45.01 61.21
C VAL F 39 -77.22 -43.76 61.72
N GLU F 40 -77.02 -43.46 63.01
CA GLU F 40 -77.74 -42.39 63.65
C GLU F 40 -76.94 -41.11 63.72
N GLU F 41 -75.66 -41.19 64.08
CA GLU F 41 -74.82 -40.01 64.22
C GLU F 41 -73.47 -40.25 63.54
N GLY F 42 -72.81 -39.14 63.21
CA GLY F 42 -71.44 -39.16 62.76
C GLY F 42 -71.27 -39.63 61.33
N LEU F 43 -70.11 -40.22 61.07
CA LEU F 43 -69.74 -40.67 59.74
C LEU F 43 -69.68 -42.19 59.74
N THR F 44 -70.33 -42.80 58.76
CA THR F 44 -70.36 -44.25 58.57
C THR F 44 -69.70 -44.57 57.23
N ILE F 45 -68.68 -45.42 57.28
CA ILE F 45 -67.88 -45.79 56.10
C ILE F 45 -67.97 -47.29 55.91
N PHE F 46 -68.32 -47.71 54.69
CA PHE F 46 -68.36 -49.11 54.32
C PHE F 46 -67.05 -49.48 53.62
N LEU F 47 -66.41 -50.56 54.06
CA LEU F 47 -65.23 -51.09 53.37
C LEU F 47 -65.71 -52.12 52.37
N VAL F 48 -65.55 -51.82 51.07
CA VAL F 48 -66.23 -52.56 50.02
C VAL F 48 -65.23 -52.99 48.95
N ASN F 49 -65.34 -54.23 48.51
CA ASN F 49 -64.55 -54.69 47.39
C ASN F 49 -65.50 -55.19 46.29
N ASN F 50 -64.92 -55.67 45.20
CA ASN F 50 -65.68 -56.30 44.12
C ASN F 50 -64.79 -57.40 43.58
N PRO F 51 -64.88 -58.61 44.16
CA PRO F 51 -63.96 -59.68 43.74
C PRO F 51 -64.13 -60.04 42.29
N GLY F 52 -65.29 -59.74 41.71
CA GLY F 52 -65.54 -59.96 40.31
C GLY F 52 -64.78 -58.95 39.47
N LYS F 53 -65.48 -57.95 38.96
CA LYS F 53 -64.87 -56.94 38.11
C LYS F 53 -63.80 -56.10 38.82
N GLU F 54 -62.59 -56.09 38.26
CA GLU F 54 -61.55 -55.18 38.75
C GLU F 54 -62.00 -53.74 38.52
N ASN F 55 -61.79 -52.89 39.52
CA ASN F 55 -62.35 -51.53 39.57
C ASN F 55 -63.84 -51.52 39.21
N GLY F 56 -64.56 -52.56 39.65
CA GLY F 56 -65.98 -52.67 39.43
C GLY F 56 -66.77 -51.75 40.34
N PRO F 57 -68.09 -51.76 40.17
CA PRO F 57 -68.93 -50.83 40.93
C PRO F 57 -69.04 -51.21 42.40
N VAL F 58 -69.37 -50.19 43.20
CA VAL F 58 -69.66 -50.36 44.62
C VAL F 58 -71.06 -50.93 44.78
N LYS F 59 -71.17 -52.00 45.58
CA LYS F 59 -72.46 -52.57 45.95
C LYS F 59 -72.44 -52.86 47.45
N ILE F 60 -73.40 -52.30 48.19
CA ILE F 60 -73.45 -52.39 49.64
C ILE F 60 -74.34 -53.56 50.04
N SER F 61 -73.80 -54.48 50.84
CA SER F 61 -74.55 -55.68 51.23
C SER F 61 -75.27 -55.55 52.57
N SER F 62 -74.78 -54.72 53.49
CA SER F 62 -75.34 -54.68 54.83
C SER F 62 -76.74 -54.08 54.85
N LYS F 63 -77.58 -54.59 55.76
CA LYS F 63 -78.83 -53.92 56.10
C LYS F 63 -78.54 -52.70 56.95
N VAL F 64 -79.20 -51.59 56.64
CA VAL F 64 -79.08 -50.35 57.37
C VAL F 64 -80.43 -49.98 57.95
N ASN F 65 -80.47 -49.67 59.24
CA ASN F 65 -81.76 -49.41 59.94
C ASN F 65 -82.18 -47.93 59.86
N ASP F 66 -82.02 -47.30 58.69
CA ASP F 66 -82.46 -45.89 58.48
C ASP F 66 -82.89 -45.83 57.01
N LYS F 67 -84.13 -45.43 56.75
CA LYS F 67 -84.67 -45.49 55.37
C LYS F 67 -83.99 -44.48 54.44
N GLN F 68 -83.73 -43.28 54.93
CA GLN F 68 -83.05 -42.26 54.10
C GLN F 68 -81.69 -42.81 53.62
N VAL F 69 -80.89 -43.35 54.54
CA VAL F 69 -79.53 -43.87 54.20
C VAL F 69 -79.66 -45.15 53.38
N SER F 70 -80.62 -46.01 53.71
CA SER F 70 -80.84 -47.22 52.88
C SER F 70 -81.06 -46.83 51.42
N GLU F 71 -81.76 -45.73 51.19
CA GLU F 71 -82.01 -45.25 49.82
C GLU F 71 -80.70 -44.75 49.20
N PHE F 72 -79.93 -43.98 49.97
CA PHE F 72 -78.64 -43.56 49.45
C PHE F 72 -77.82 -44.76 49.02
N LEU F 73 -77.91 -45.86 49.78
CA LEU F 73 -77.09 -47.04 49.58
C LEU F 73 -77.67 -48.03 48.58
N LYS F 74 -78.74 -47.66 47.88
CA LYS F 74 -79.30 -48.54 46.85
C LYS F 74 -78.29 -48.77 45.73
N ASP F 75 -78.39 -49.95 45.12
CA ASP F 75 -77.42 -50.37 44.09
C ASP F 75 -77.32 -49.37 42.94
N GLU F 76 -78.45 -48.78 42.52
CA GLU F 76 -78.41 -47.86 41.39
C GLU F 76 -77.62 -46.60 41.70
N ASN F 77 -77.60 -46.16 42.97
CA ASN F 77 -76.78 -45.01 43.31
CA ASN F 77 -76.79 -45.00 43.31
C ASN F 77 -75.32 -45.38 43.50
N MET F 78 -75.04 -46.52 44.16
CA MET F 78 -73.65 -46.84 44.45
C MET F 78 -72.86 -47.30 43.23
N GLU F 79 -73.54 -47.76 42.17
CA GLU F 79 -72.82 -48.22 40.98
C GLU F 79 -72.14 -47.07 40.25
N LYS F 80 -72.49 -45.82 40.56
CA LYS F 80 -71.78 -44.68 40.00
C LYS F 80 -70.37 -44.56 40.55
N PHE F 81 -70.06 -45.31 41.61
CA PHE F 81 -68.77 -45.33 42.28
C PHE F 81 -68.09 -46.69 42.08
N ASN F 82 -66.76 -46.69 42.16
CA ASN F 82 -66.01 -47.91 41.90
C ASN F 82 -65.07 -48.22 43.08
N VAL F 83 -64.60 -49.46 43.12
CA VAL F 83 -63.92 -50.01 44.30
C VAL F 83 -62.41 -49.96 44.19
N LYS F 84 -61.87 -49.23 43.21
CA LYS F 84 -60.42 -49.18 43.06
C LYS F 84 -59.78 -48.84 44.40
N LEU F 85 -58.74 -49.60 44.75
CA LEU F 85 -58.17 -49.55 46.10
C LEU F 85 -57.85 -48.11 46.52
N GLY F 86 -58.44 -47.70 47.63
CA GLY F 86 -58.18 -46.38 48.17
C GLY F 86 -59.12 -45.29 47.70
N THR F 87 -59.89 -45.52 46.65
CA THR F 87 -60.85 -44.52 46.21
C THR F 87 -61.98 -44.42 47.22
N SER F 88 -62.48 -43.20 47.44
CA SER F 88 -63.53 -43.02 48.42
C SER F 88 -64.42 -41.85 48.04
N LYS F 89 -65.68 -41.93 48.47
CA LYS F 89 -66.64 -40.84 48.41
C LYS F 89 -67.46 -40.87 49.68
N HIS F 90 -67.87 -39.69 50.15
CA HIS F 90 -68.81 -39.61 51.26
C HIS F 90 -69.67 -38.37 51.12
N PHE F 91 -70.92 -38.50 51.54
CA PHE F 91 -71.91 -37.44 51.41
C PHE F 91 -72.57 -37.18 52.76
N TYR F 92 -72.85 -35.91 53.01
CA TYR F 92 -73.65 -35.53 54.17
C TYR F 92 -75.11 -35.50 53.73
N MET F 93 -75.98 -35.93 54.64
CA MET F 93 -77.41 -36.07 54.36
C MET F 93 -78.13 -36.11 55.69
N PHE F 94 -79.46 -36.00 55.63
CA PHE F 94 -80.30 -36.04 56.83
C PHE F 94 -80.86 -37.45 56.99
N ASN F 95 -80.85 -37.96 58.22
CA ASN F 95 -81.34 -39.31 58.49
C ASN F 95 -82.86 -39.27 58.73
N ASP F 96 -83.41 -40.38 59.21
CA ASP F 96 -84.89 -40.51 59.43
C ASP F 96 -85.38 -39.50 60.47
N ASN F 97 -84.55 -39.10 61.41
CA ASN F 97 -84.92 -38.12 62.43
C ASN F 97 -84.43 -36.71 62.10
N LYS F 98 -84.09 -36.45 60.85
CA LYS F 98 -83.67 -35.13 60.37
C LYS F 98 -82.40 -34.62 61.05
N ASN F 99 -81.51 -35.53 61.45
CA ASN F 99 -80.19 -35.17 61.95
C ASN F 99 -79.14 -35.39 60.87
N SER F 100 -78.13 -34.52 60.83
CA SER F 100 -77.09 -34.65 59.82
C SER F 100 -76.20 -35.86 60.11
N VAL F 101 -76.03 -36.70 59.09
CA VAL F 101 -75.08 -37.81 59.11
C VAL F 101 -74.31 -37.81 57.80
N ALA F 102 -73.13 -38.43 57.83
CA ALA F 102 -72.34 -38.59 56.62
C ALA F 102 -72.14 -40.08 56.37
N VAL F 103 -72.26 -40.47 55.10
CA VAL F 103 -72.18 -41.88 54.71
C VAL F 103 -71.28 -41.96 53.48
N GLY F 104 -70.46 -43.00 53.44
CA GLY F 104 -69.54 -43.15 52.33
C GLY F 104 -68.89 -44.52 52.33
N TYR F 105 -67.84 -44.64 51.52
CA TYR F 105 -67.18 -45.92 51.38
C TYR F 105 -65.71 -45.71 51.09
N VAL F 106 -64.92 -46.76 51.31
CA VAL F 106 -63.56 -46.83 50.80
C VAL F 106 -63.44 -48.10 49.95
N GLY F 107 -62.94 -47.96 48.74
CA GLY F 107 -62.78 -49.11 47.86
C GLY F 107 -61.62 -49.97 48.29
N CYS F 108 -61.85 -51.28 48.31
CA CYS F 108 -60.82 -52.25 48.71
C CYS F 108 -60.38 -53.13 47.56
N GLY F 109 -60.60 -52.69 46.32
CA GLY F 109 -60.03 -53.41 45.20
C GLY F 109 -60.83 -54.65 44.85
N SER F 110 -60.15 -55.61 44.22
CA SER F 110 -60.80 -56.81 43.73
C SER F 110 -60.16 -58.10 44.22
N VAL F 111 -59.17 -58.03 45.11
CA VAL F 111 -58.50 -59.21 45.66
C VAL F 111 -58.98 -59.40 47.10
N ALA F 112 -59.85 -60.39 47.32
CA ALA F 112 -60.40 -60.73 48.62
C ALA F 112 -59.44 -60.64 49.81
N ASP F 113 -58.16 -61.00 49.64
CA ASP F 113 -57.21 -61.04 50.76
C ASP F 113 -56.28 -59.83 50.68
N LEU F 114 -56.44 -58.88 51.62
CA LEU F 114 -55.67 -57.65 51.60
C LEU F 114 -54.32 -57.86 52.27
N SER F 115 -53.29 -57.33 51.64
CA SER F 115 -51.98 -57.29 52.27
C SER F 115 -51.92 -56.15 53.28
N GLU F 116 -50.85 -56.13 54.08
CA GLU F 116 -50.67 -54.99 54.97
C GLU F 116 -50.57 -53.69 54.18
N ALA F 117 -49.92 -53.72 53.00
CA ALA F 117 -49.79 -52.50 52.20
C ALA F 117 -51.13 -52.03 51.67
N ASP F 118 -51.97 -52.95 51.17
CA ASP F 118 -53.31 -52.59 50.74
C ASP F 118 -54.12 -52.02 51.89
N MET F 119 -54.05 -52.65 53.07
CA MET F 119 -54.82 -52.16 54.19
C MET F 119 -54.38 -50.78 54.59
N LYS F 120 -53.08 -50.48 54.47
CA LYS F 120 -52.61 -49.13 54.76
C LYS F 120 -53.22 -48.11 53.80
N ARG F 121 -53.36 -48.45 52.52
CA ARG F 121 -54.02 -47.53 51.58
C ARG F 121 -55.46 -47.28 51.99
N VAL F 122 -56.17 -48.32 52.44
CA VAL F 122 -57.54 -48.17 52.89
C VAL F 122 -57.61 -47.21 54.07
N VAL F 123 -56.73 -47.41 55.05
CA VAL F 123 -56.72 -46.58 56.26
C VAL F 123 -56.39 -45.13 55.90
N LEU F 124 -55.44 -44.91 54.99
CA LEU F 124 -55.07 -43.54 54.65
C LEU F 124 -56.25 -42.79 54.03
N SER F 125 -57.00 -43.45 53.15
CA SER F 125 -58.19 -42.81 52.59
C SER F 125 -59.21 -42.51 53.69
N LEU F 126 -59.37 -43.43 54.64
CA LEU F 126 -60.23 -43.18 55.79
C LEU F 126 -59.75 -41.97 56.60
N VAL F 127 -58.45 -41.87 56.86
CA VAL F 127 -57.91 -40.78 57.67
C VAL F 127 -58.05 -39.44 56.97
N THR F 128 -57.95 -39.42 55.63
CA THR F 128 -58.17 -38.18 54.91
C THR F 128 -59.57 -37.62 55.19
N MET F 129 -60.56 -38.51 55.32
CA MET F 129 -61.90 -38.04 55.64
C MET F 129 -61.99 -37.55 57.08
N LEU F 130 -61.29 -38.20 58.01
CA LEU F 130 -61.35 -37.78 59.41
C LEU F 130 -60.66 -36.45 59.61
N HIS F 131 -59.59 -36.16 58.85
CA HIS F 131 -58.86 -34.91 59.00
C HIS F 131 -59.60 -33.71 58.44
N ASP F 132 -60.65 -33.94 57.65
CA ASP F 132 -61.43 -32.86 57.08
C ASP F 132 -62.86 -32.90 57.60
N ASN F 133 -63.06 -33.44 58.79
CA ASN F 133 -64.42 -33.64 59.27
C ASN F 133 -64.53 -33.44 60.78
N LYS F 134 -65.45 -32.55 61.19
CA LYS F 134 -65.79 -32.33 62.59
C LYS F 134 -66.80 -33.39 62.98
N LEU F 135 -66.31 -34.59 63.21
CA LEU F 135 -67.15 -35.73 63.54
C LEU F 135 -67.04 -36.03 65.01
N SER F 136 -68.16 -36.43 65.59
CA SER F 136 -68.13 -36.96 66.94
C SER F 136 -67.92 -38.46 66.96
N LYS F 137 -68.33 -39.14 65.90
CA LYS F 137 -68.27 -40.59 65.86
C LYS F 137 -67.92 -41.06 64.45
N LEU F 138 -67.10 -42.09 64.38
CA LEU F 138 -66.88 -42.84 63.16
C LEU F 138 -67.42 -44.24 63.34
N THR F 139 -68.10 -44.75 62.31
CA THR F 139 -68.51 -46.15 62.26
C THR F 139 -67.91 -46.76 61.00
N VAL F 140 -67.25 -47.90 61.13
CA VAL F 140 -66.63 -48.59 60.00
C VAL F 140 -67.34 -49.93 59.81
N VAL F 141 -67.83 -50.18 58.61
CA VAL F 141 -68.55 -51.41 58.30
C VAL F 141 -67.67 -52.27 57.40
N PHE F 142 -67.28 -53.44 57.90
CA PHE F 142 -66.40 -54.34 57.16
C PHE F 142 -67.26 -55.22 56.26
N GLU F 143 -67.30 -54.91 54.96
CA GLU F 143 -67.88 -55.81 53.98
C GLU F 143 -66.79 -56.56 53.24
N ILE F 144 -65.65 -56.76 53.91
CA ILE F 144 -64.51 -57.53 53.45
C ILE F 144 -64.14 -58.48 54.58
N ASN F 145 -63.36 -59.50 54.24
CA ASN F 145 -62.95 -60.50 55.21
C ASN F 145 -61.53 -60.21 55.67
N VAL F 146 -61.34 -60.04 56.98
CA VAL F 146 -59.99 -59.84 57.53
C VAL F 146 -59.85 -60.75 58.74
N ASP F 147 -58.65 -61.30 58.94
CA ASP F 147 -58.43 -62.11 60.13
C ASP F 147 -58.11 -61.21 61.33
N LYS F 148 -57.95 -61.84 62.50
CA LYS F 148 -57.83 -61.06 63.72
C LYS F 148 -56.61 -60.16 63.71
N ASN F 149 -55.46 -60.68 63.25
CA ASN F 149 -54.25 -59.87 63.24
C ASN F 149 -54.36 -58.69 62.29
N LEU F 150 -55.01 -58.90 61.14
CA LEU F 150 -55.18 -57.81 60.19
C LEU F 150 -56.21 -56.82 60.68
N PHE F 151 -57.23 -57.30 61.40
CA PHE F 151 -58.15 -56.38 62.05
C PHE F 151 -57.41 -55.50 63.07
N ARG F 152 -56.55 -56.11 63.89
CA ARG F 152 -55.78 -55.31 64.84
C ARG F 152 -54.91 -54.29 64.11
N PHE F 153 -54.25 -54.71 63.03
CA PHE F 153 -53.40 -53.82 62.24
C PHE F 153 -54.19 -52.64 61.69
N PHE F 154 -55.45 -52.90 61.24
CA PHE F 154 -56.32 -51.81 60.81
C PHE F 154 -56.48 -50.77 61.92
N LEU F 155 -56.81 -51.21 63.13
CA LEU F 155 -57.02 -50.26 64.21
C LEU F 155 -55.71 -49.55 64.55
N GLU F 156 -54.61 -50.30 64.69
CA GLU F 156 -53.32 -49.70 65.01
C GLU F 156 -52.97 -48.63 63.99
N THR F 157 -53.14 -48.97 62.71
CA THR F 157 -52.76 -48.06 61.64
C THR F 157 -53.68 -46.85 61.63
N LEU F 158 -54.98 -47.10 61.82
CA LEU F 158 -55.92 -45.99 61.91
C LEU F 158 -55.50 -45.00 62.98
N PHE F 159 -55.28 -45.51 64.20
CA PHE F 159 -54.88 -44.65 65.33
C PHE F 159 -53.61 -43.89 65.02
N TYR F 160 -52.59 -44.61 64.55
CA TYR F 160 -51.29 -44.00 64.34
C TYR F 160 -51.34 -42.93 63.27
N GLU F 161 -52.00 -43.20 62.14
CA GLU F 161 -52.04 -42.21 61.06
C GLU F 161 -52.97 -41.04 61.44
N TYR F 162 -53.98 -41.30 62.24
CA TYR F 162 -54.91 -40.24 62.66
C TYR F 162 -54.25 -39.23 63.58
N MET F 163 -53.42 -39.71 64.49
CA MET F 163 -52.75 -38.87 65.46
C MET F 163 -51.78 -37.92 64.75
N THR F 164 -51.81 -36.63 65.12
CA THR F 164 -50.91 -35.65 64.53
C THR F 164 -49.99 -35.08 65.60
N ASP F 165 -48.69 -35.13 65.34
CA ASP F 165 -47.66 -34.75 66.30
C ASP F 165 -47.44 -33.24 66.22
N GLU F 166 -47.92 -32.50 67.22
CA GLU F 166 -47.85 -31.04 67.22
C GLU F 166 -46.89 -30.49 68.27
N ARG F 167 -45.96 -31.32 68.76
CA ARG F 167 -45.09 -30.88 69.85
C ARG F 167 -44.24 -29.69 69.48
N PHE F 168 -43.88 -29.52 68.22
CA PHE F 168 -42.93 -28.48 67.82
C PHE F 168 -43.60 -27.33 67.08
N LYS F 169 -44.92 -27.31 67.06
CA LYS F 169 -45.73 -26.21 66.56
C LYS F 169 -45.94 -25.21 67.67
N SER F 170 -45.97 -23.93 67.31
CA SER F 170 -46.26 -22.88 68.27
C SER F 170 -47.63 -22.24 68.01
N MET F 177 -61.01 -30.02 61.49
CA MET F 177 -61.49 -31.25 62.14
C MET F 177 -61.36 -31.20 63.67
N GLU F 178 -61.99 -32.20 64.30
CA GLU F 178 -62.00 -32.41 65.74
C GLU F 178 -61.91 -33.91 65.95
N TYR F 179 -61.13 -34.37 66.96
CA TYR F 179 -60.98 -35.81 67.10
C TYR F 179 -62.30 -36.46 67.50
N ILE F 180 -62.61 -37.58 66.86
CA ILE F 180 -63.78 -38.35 67.24
C ILE F 180 -63.64 -38.81 68.69
N LYS F 181 -64.78 -38.96 69.35
CA LYS F 181 -64.83 -39.49 70.70
C LYS F 181 -65.30 -40.94 70.74
N HIS F 182 -65.79 -41.47 69.61
CA HIS F 182 -66.37 -42.80 69.53
C HIS F 182 -66.02 -43.43 68.19
N LEU F 183 -65.71 -44.73 68.24
CA LEU F 183 -65.48 -45.53 67.05
C LEU F 183 -66.38 -46.76 67.14
N GLY F 184 -67.20 -46.95 66.11
CA GLY F 184 -68.01 -48.16 65.98
C GLY F 184 -67.44 -49.01 64.85
N VAL F 185 -67.46 -50.32 65.05
CA VAL F 185 -66.95 -51.27 64.07
C VAL F 185 -68.01 -52.34 63.88
N TYR F 186 -68.43 -52.55 62.64
CA TYR F 186 -69.32 -53.66 62.30
C TYR F 186 -68.53 -54.70 61.51
N ILE F 187 -68.54 -55.93 62.00
CA ILE F 187 -67.76 -57.02 61.41
C ILE F 187 -68.47 -58.34 61.71
N ASN F 188 -68.32 -59.30 60.79
CA ASN F 188 -68.81 -60.65 61.04
C ASN F 188 -68.04 -61.30 62.18
N ASN F 189 -68.76 -62.06 63.01
CA ASN F 189 -68.16 -62.76 64.16
C ASN F 189 -67.44 -61.78 65.09
N ALA F 190 -68.14 -60.68 65.40
CA ALA F 190 -67.53 -59.56 66.12
C ALA F 190 -66.94 -59.98 67.45
N ASP F 191 -67.54 -60.99 68.10
CA ASP F 191 -67.06 -61.40 69.42
C ASP F 191 -65.60 -61.83 69.38
N THR F 192 -65.18 -62.46 68.28
CA THR F 192 -63.80 -62.93 68.20
C THR F 192 -62.79 -61.80 67.99
N TYR F 193 -63.24 -60.63 67.56
CA TYR F 193 -62.35 -59.50 67.30
C TYR F 193 -62.22 -58.56 68.48
N LYS F 194 -63.08 -58.68 69.49
CA LYS F 194 -63.12 -57.70 70.58
C LYS F 194 -61.81 -57.63 71.35
N GLU F 195 -61.14 -58.76 71.54
CA GLU F 195 -59.89 -58.75 72.29
C GLU F 195 -58.77 -58.01 71.56
N GLU F 196 -58.92 -57.77 70.26
CA GLU F 196 -57.87 -57.05 69.54
C GLU F 196 -57.87 -55.55 69.81
N VAL F 197 -58.99 -55.00 70.32
CA VAL F 197 -59.15 -53.56 70.37
C VAL F 197 -58.12 -52.92 71.31
N GLU F 198 -58.07 -53.39 72.55
CA GLU F 198 -57.16 -52.72 73.49
C GLU F 198 -55.71 -53.12 73.24
N LYS F 199 -55.48 -54.29 72.65
CA LYS F 199 -54.14 -54.62 72.21
C LYS F 199 -53.68 -53.63 71.14
N ALA F 200 -54.56 -53.31 70.17
CA ALA F 200 -54.24 -52.32 69.14
C ALA F 200 -53.93 -50.95 69.73
N ARG F 201 -54.69 -50.55 70.76
CA ARG F 201 -54.44 -49.26 71.36
C ARG F 201 -53.06 -49.23 72.01
N VAL F 202 -52.63 -50.34 72.61
CA VAL F 202 -51.30 -50.41 73.19
C VAL F 202 -50.23 -50.38 72.09
N TYR F 203 -50.41 -51.20 71.05
CA TYR F 203 -49.44 -51.23 69.96
C TYR F 203 -49.35 -49.87 69.28
N TYR F 204 -50.49 -49.18 69.13
CA TYR F 204 -50.49 -47.83 68.59
C TYR F 204 -49.58 -46.92 69.39
N PHE F 205 -49.75 -46.88 70.72
CA PHE F 205 -48.95 -45.90 71.46
C PHE F 205 -47.48 -46.29 71.47
N GLY F 206 -47.18 -47.59 71.54
CA GLY F 206 -45.80 -48.01 71.44
C GLY F 206 -45.16 -47.53 70.15
N THR F 207 -45.90 -47.61 69.05
CA THR F 207 -45.40 -47.15 67.77
C THR F 207 -45.34 -45.63 67.74
N TYR F 208 -46.37 -44.96 68.28
CA TYR F 208 -46.39 -43.51 68.29
C TYR F 208 -45.32 -42.96 69.22
N TYR F 209 -45.09 -43.63 70.36
CA TYR F 209 -44.00 -43.25 71.26
C TYR F 209 -42.66 -43.33 70.54
N ALA F 210 -42.42 -44.44 69.84
CA ALA F 210 -41.19 -44.54 69.06
C ALA F 210 -41.09 -43.41 68.05
N SER F 211 -42.20 -43.13 67.36
CA SER F 211 -42.22 -42.06 66.37
C SER F 211 -41.88 -40.72 67.01
N GLN F 212 -42.37 -40.46 68.24
CA GLN F 212 -42.08 -39.20 68.90
C GLN F 212 -40.58 -39.01 69.16
N LEU F 213 -39.91 -40.10 69.57
CA LEU F 213 -38.46 -40.04 69.79
C LEU F 213 -37.71 -39.84 68.47
N ILE F 214 -38.11 -40.56 67.43
CA ILE F 214 -37.42 -40.46 66.15
C ILE F 214 -37.59 -39.06 65.56
N ALA F 215 -38.83 -38.56 65.55
CA ALA F 215 -39.10 -37.26 64.95
C ALA F 215 -38.52 -36.10 65.75
N ALA F 216 -38.36 -36.25 67.06
CA ALA F 216 -37.70 -35.23 67.85
C ALA F 216 -36.32 -34.94 67.26
N PRO F 217 -36.03 -33.70 66.92
CA PRO F 217 -34.73 -33.40 66.29
C PRO F 217 -33.57 -33.57 67.28
N SER F 218 -32.37 -33.64 66.71
CA SER F 218 -31.18 -33.96 67.51
C SER F 218 -30.79 -32.90 68.55
N ASN F 219 -31.24 -31.64 68.42
CA ASN F 219 -31.01 -30.71 69.52
C ASN F 219 -31.93 -31.02 70.70
N TYR F 220 -33.12 -31.57 70.44
CA TYR F 220 -33.99 -32.02 71.53
C TYR F 220 -33.60 -33.40 72.04
N CYS F 221 -33.39 -34.36 71.12
CA CYS F 221 -33.16 -35.77 71.41
C CYS F 221 -31.68 -36.05 71.20
N ASN F 222 -30.92 -36.03 72.28
CA ASN F 222 -29.47 -36.24 72.30
C ASN F 222 -29.22 -37.38 73.28
N PRO F 223 -27.98 -37.86 73.43
CA PRO F 223 -27.79 -39.02 74.31
C PRO F 223 -28.26 -38.81 75.74
N VAL F 224 -28.14 -37.60 76.29
CA VAL F 224 -28.58 -37.38 77.66
C VAL F 224 -30.11 -37.32 77.74
N SER F 225 -30.75 -36.52 76.89
CA SER F 225 -32.20 -36.41 77.00
C SER F 225 -32.91 -37.70 76.60
N LEU F 226 -32.32 -38.47 75.66
CA LEU F 226 -32.96 -39.72 75.27
C LEU F 226 -32.87 -40.76 76.39
N SER F 227 -31.71 -40.88 77.04
CA SER F 227 -31.64 -41.80 78.16
C SER F 227 -32.47 -41.29 79.34
N ASN F 228 -32.59 -39.97 79.50
CA ASN F 228 -33.51 -39.44 80.50
C ASN F 228 -34.94 -39.89 80.22
N ALA F 229 -35.35 -39.85 78.95
CA ALA F 229 -36.69 -40.28 78.56
C ALA F 229 -36.89 -41.76 78.85
N ALA F 230 -35.87 -42.59 78.60
CA ALA F 230 -36.02 -44.01 78.87
C ALA F 230 -36.21 -44.28 80.37
N VAL F 231 -35.50 -43.54 81.22
CA VAL F 231 -35.67 -43.67 82.67
C VAL F 231 -37.10 -43.30 83.05
N GLU F 232 -37.59 -42.18 82.52
CA GLU F 232 -38.97 -41.78 82.84
C GLU F 232 -39.95 -42.85 82.40
N LEU F 233 -39.74 -43.43 81.22
CA LEU F 233 -40.61 -44.50 80.77
C LEU F 233 -40.56 -45.71 81.71
N ALA F 234 -39.35 -46.11 82.10
CA ALA F 234 -39.22 -47.26 82.99
C ALA F 234 -39.92 -46.99 84.33
N GLN F 235 -39.80 -45.77 84.83
CA GLN F 235 -40.46 -45.43 86.08
C GLN F 235 -41.97 -45.53 85.96
N LYS F 236 -42.53 -45.08 84.84
CA LYS F 236 -43.99 -45.19 84.65
C LYS F 236 -44.45 -46.63 84.50
N LEU F 237 -43.60 -47.51 83.99
CA LEU F 237 -43.98 -48.89 83.76
C LEU F 237 -43.53 -49.81 84.88
N ASN F 238 -42.83 -49.29 85.89
CA ASN F 238 -42.28 -50.11 86.98
C ASN F 238 -41.28 -51.13 86.44
N LEU F 239 -40.53 -50.75 85.41
CA LEU F 239 -39.43 -51.56 84.93
C LEU F 239 -38.17 -51.18 85.70
N GLU F 240 -37.30 -52.17 85.91
CA GLU F 240 -35.96 -51.87 86.41
C GLU F 240 -35.15 -51.17 85.32
N TYR F 241 -34.29 -50.25 85.74
CA TYR F 241 -33.53 -49.47 84.79
C TYR F 241 -32.17 -49.12 85.36
N LYS F 242 -31.21 -48.97 84.45
CA LYS F 242 -29.92 -48.44 84.80
C LYS F 242 -29.32 -47.83 83.53
N ILE F 243 -28.74 -46.64 83.71
CA ILE F 243 -28.03 -45.92 82.67
C ILE F 243 -26.55 -45.95 83.01
N LEU F 244 -25.73 -46.49 82.12
CA LEU F 244 -24.29 -46.49 82.32
C LEU F 244 -23.69 -45.22 81.72
N GLY F 245 -22.91 -44.50 82.52
CA GLY F 245 -22.21 -43.32 82.05
C GLY F 245 -20.76 -43.64 81.67
N VAL F 246 -20.04 -42.58 81.28
CA VAL F 246 -18.72 -42.76 80.65
C VAL F 246 -17.74 -43.48 81.59
N LYS F 247 -17.74 -43.13 82.88
CA LYS F 247 -16.78 -43.81 83.78
C LYS F 247 -17.05 -45.31 83.84
N GLU F 248 -18.33 -45.70 83.89
CA GLU F 248 -18.64 -47.12 83.88
C GLU F 248 -18.27 -47.77 82.56
N LEU F 249 -18.57 -47.10 81.45
CA LEU F 249 -18.25 -47.65 80.14
C LEU F 249 -16.75 -47.81 79.96
N GLU F 250 -15.95 -46.89 80.53
CA GLU F 250 -14.51 -47.02 80.44
C GLU F 250 -14.02 -48.24 81.21
N GLU F 251 -14.57 -48.46 82.41
CA GLU F 251 -14.18 -49.64 83.19
C GLU F 251 -14.59 -50.92 82.48
N LEU F 252 -15.70 -50.89 81.76
CA LEU F 252 -16.09 -52.05 80.95
C LEU F 252 -15.33 -52.12 79.64
N LYS F 253 -14.44 -51.16 79.36
CA LYS F 253 -13.54 -51.20 78.20
C LYS F 253 -14.31 -51.17 76.86
N MET F 254 -15.41 -50.41 76.81
CA MET F 254 -16.25 -50.33 75.62
C MET F 254 -15.62 -49.32 74.66
N GLY F 255 -14.44 -49.68 74.14
CA GLY F 255 -13.68 -48.73 73.34
C GLY F 255 -14.25 -48.47 71.94
N ALA F 256 -14.98 -49.43 71.37
CA ALA F 256 -15.56 -49.17 70.06
C ALA F 256 -16.70 -48.15 70.18
N TYR F 257 -17.60 -48.38 71.14
CA TYR F 257 -18.70 -47.46 71.39
C TYR F 257 -18.19 -46.08 71.84
N LEU F 258 -17.23 -46.06 72.78
CA LEU F 258 -16.77 -44.76 73.27
C LEU F 258 -16.05 -43.96 72.17
N SER F 259 -15.34 -44.62 71.25
CA SER F 259 -14.66 -43.87 70.19
C SER F 259 -15.66 -43.11 69.33
N VAL F 260 -16.80 -43.73 69.00
CA VAL F 260 -17.80 -43.08 68.15
C VAL F 260 -18.27 -41.78 68.77
N GLY F 261 -18.45 -41.78 70.10
CA GLY F 261 -18.96 -40.63 70.82
C GLY F 261 -17.94 -39.58 71.20
N LYS F 262 -16.65 -39.79 70.90
CA LYS F 262 -15.61 -38.87 71.36
C LYS F 262 -15.85 -37.45 70.87
N GLY F 263 -16.31 -37.30 69.65
CA GLY F 263 -16.48 -35.98 69.09
C GLY F 263 -17.71 -35.22 69.54
N SER F 264 -18.55 -35.79 70.41
CA SER F 264 -19.81 -35.15 70.76
C SER F 264 -19.67 -34.32 72.04
N MET F 265 -20.44 -33.22 72.11
CA MET F 265 -20.55 -32.50 73.36
C MET F 265 -21.42 -33.25 74.37
N TYR F 266 -22.14 -34.29 73.95
CA TYR F 266 -23.01 -35.05 74.85
C TYR F 266 -22.33 -36.33 75.29
N PRO F 267 -22.21 -36.57 76.59
CA PRO F 267 -21.61 -37.84 77.04
C PRO F 267 -22.41 -39.05 76.58
N ASN F 268 -21.69 -40.12 76.23
CA ASN F 268 -22.33 -41.39 75.93
C ASN F 268 -23.19 -41.86 77.10
N LYS F 269 -24.33 -42.46 76.79
CA LYS F 269 -25.22 -43.06 77.79
C LYS F 269 -25.73 -44.39 77.28
N PHE F 270 -25.54 -45.47 78.05
CA PHE F 270 -25.98 -46.82 77.68
C PHE F 270 -27.26 -47.16 78.45
N ILE F 271 -28.35 -47.39 77.72
CA ILE F 271 -29.64 -47.67 78.34
C ILE F 271 -29.77 -49.17 78.57
N HIS F 272 -30.18 -49.55 79.79
CA HIS F 272 -30.49 -50.95 80.10
C HIS F 272 -31.77 -50.97 80.92
N LEU F 273 -32.90 -51.32 80.30
CA LEU F 273 -34.13 -51.58 81.03
C LEU F 273 -34.40 -53.07 81.07
N THR F 274 -35.11 -53.53 82.10
CA THR F 274 -35.41 -54.95 82.26
C THR F 274 -36.86 -55.17 82.66
N TYR F 275 -37.55 -56.04 81.93
CA TYR F 275 -38.85 -56.59 82.31
C TYR F 275 -38.71 -58.05 82.72
N LYS F 276 -39.36 -58.44 83.80
CA LYS F 276 -39.43 -59.87 84.11
C LYS F 276 -40.87 -60.25 84.38
N SER F 277 -41.33 -61.31 83.74
CA SER F 277 -42.69 -61.75 83.97
C SER F 277 -42.85 -62.24 85.41
N LYS F 278 -44.07 -62.13 85.91
CA LYS F 278 -44.35 -62.74 87.20
C LYS F 278 -44.24 -64.25 87.01
N GLY F 279 -43.76 -64.93 88.04
CA GLY F 279 -43.59 -66.36 87.96
C GLY F 279 -42.30 -66.77 87.29
N ASP F 280 -42.25 -68.05 86.93
CA ASP F 280 -41.03 -68.66 86.40
C ASP F 280 -40.68 -68.18 85.00
N VAL F 281 -39.41 -67.85 84.81
CA VAL F 281 -38.90 -67.42 83.51
C VAL F 281 -38.48 -68.62 82.67
N LYS F 282 -39.09 -68.75 81.51
CA LYS F 282 -38.72 -69.80 80.56
C LYS F 282 -37.81 -69.31 79.45
N LYS F 283 -37.79 -68.00 79.17
CA LYS F 283 -36.97 -67.48 78.10
C LYS F 283 -36.42 -66.11 78.48
N LYS F 284 -35.13 -65.90 78.20
CA LYS F 284 -34.48 -64.63 78.48
C LYS F 284 -34.04 -64.04 77.15
N ILE F 285 -34.39 -62.79 76.91
CA ILE F 285 -34.13 -62.16 75.62
C ILE F 285 -33.50 -60.80 75.86
N ALA F 286 -32.47 -60.47 75.08
CA ALA F 286 -31.92 -59.12 75.04
C ALA F 286 -32.26 -58.51 73.68
N LEU F 287 -32.89 -57.34 73.70
CA LEU F 287 -33.25 -56.55 72.53
C LEU F 287 -32.33 -55.34 72.48
N VAL F 288 -31.59 -55.19 71.38
CA VAL F 288 -30.54 -54.18 71.26
C VAL F 288 -30.91 -53.24 70.11
N GLY F 289 -31.01 -51.95 70.39
CA GLY F 289 -31.34 -50.96 69.37
C GLY F 289 -30.17 -50.01 69.16
N LYS F 290 -29.87 -49.77 67.89
CA LYS F 290 -28.89 -48.75 67.55
C LYS F 290 -29.41 -47.38 67.94
N GLY F 291 -28.59 -46.63 68.66
CA GLY F 291 -29.04 -45.35 69.19
C GLY F 291 -28.13 -44.18 68.86
N ILE F 292 -27.99 -43.85 67.59
CA ILE F 292 -27.17 -42.69 67.22
C ILE F 292 -28.12 -41.49 67.07
N THR F 293 -28.04 -40.52 67.98
CA THR F 293 -29.06 -39.46 68.00
C THR F 293 -28.87 -38.46 66.86
N PHE F 294 -27.65 -38.32 66.35
CA PHE F 294 -27.40 -37.66 65.08
C PHE F 294 -26.18 -38.29 64.44
N ASP F 295 -26.28 -38.61 63.15
CA ASP F 295 -25.14 -39.18 62.44
C ASP F 295 -24.68 -38.18 61.39
N SER F 296 -23.67 -37.37 61.74
CA SER F 296 -23.06 -36.51 60.73
C SER F 296 -22.17 -37.29 59.77
N GLY F 297 -21.83 -38.54 60.10
CA GLY F 297 -20.79 -39.27 59.41
C GLY F 297 -19.42 -39.17 60.04
N GLY F 298 -19.19 -38.18 60.91
CA GLY F 298 -17.85 -37.95 61.44
C GLY F 298 -16.95 -37.35 60.37
N TYR F 299 -15.64 -37.59 60.51
CA TYR F 299 -14.70 -37.04 59.53
C TYR F 299 -14.99 -37.56 58.13
N ASN F 300 -15.58 -38.76 58.02
CA ASN F 300 -16.20 -39.22 56.77
C ASN F 300 -17.59 -38.56 56.64
N LEU F 301 -17.58 -37.24 56.52
CA LEU F 301 -18.81 -36.46 56.62
C LEU F 301 -19.80 -36.83 55.51
N LYS F 302 -21.09 -36.83 55.83
CA LYS F 302 -22.14 -37.09 54.85
C LYS F 302 -22.27 -35.86 53.96
N ALA F 303 -21.39 -35.78 52.96
CA ALA F 303 -21.37 -34.65 52.02
C ALA F 303 -21.68 -35.05 50.58
N ALA F 304 -21.75 -36.34 50.29
CA ALA F 304 -22.01 -36.78 48.94
C ALA F 304 -23.47 -36.54 48.58
N PRO F 305 -23.77 -36.25 47.32
CA PRO F 305 -25.17 -36.13 46.89
C PRO F 305 -25.96 -37.37 47.27
N GLY F 306 -27.14 -37.15 47.85
CA GLY F 306 -27.98 -38.25 48.25
C GLY F 306 -27.66 -38.86 49.60
N SER F 307 -26.73 -38.29 50.36
CA SER F 307 -26.41 -38.91 51.65
C SER F 307 -27.36 -38.45 52.76
N MET F 308 -28.24 -37.47 52.50
CA MET F 308 -29.36 -37.13 53.41
C MET F 308 -28.94 -36.80 54.84
N ILE F 309 -27.90 -35.97 54.99
CA ILE F 309 -27.49 -35.59 56.35
C ILE F 309 -28.64 -34.93 57.10
N ASP F 310 -29.58 -34.28 56.39
CA ASP F 310 -30.65 -33.55 57.06
C ASP F 310 -31.66 -34.46 57.76
N LEU F 311 -31.65 -35.75 57.45
CA LEU F 311 -32.59 -36.68 58.04
C LEU F 311 -32.00 -37.48 59.20
N MET F 312 -30.72 -37.28 59.52
CA MET F 312 -30.05 -38.29 60.36
C MET F 312 -30.38 -38.22 61.83
N LYS F 313 -31.30 -37.34 62.25
CA LYS F 313 -31.93 -37.53 63.55
C LYS F 313 -32.58 -38.91 63.66
N PHE F 314 -32.89 -39.58 62.54
CA PHE F 314 -33.58 -40.86 62.64
C PHE F 314 -32.63 -42.04 62.89
N ASP F 315 -31.34 -41.79 63.09
CA ASP F 315 -30.39 -42.90 63.25
C ASP F 315 -30.48 -43.55 64.64
N MET F 316 -31.42 -43.12 65.48
CA MET F 316 -31.77 -43.81 66.72
C MET F 316 -33.13 -44.54 66.62
N SER F 317 -33.61 -44.81 65.40
CA SER F 317 -34.87 -45.52 65.22
C SER F 317 -34.83 -46.91 65.85
N GLY F 318 -33.66 -47.55 65.84
CA GLY F 318 -33.56 -48.87 66.46
C GLY F 318 -33.76 -48.82 67.97
N CYS F 319 -33.10 -47.85 68.63
CA CYS F 319 -33.36 -47.59 70.04
C CYS F 319 -34.84 -47.24 70.28
N ALA F 320 -35.43 -46.40 69.42
CA ALA F 320 -36.82 -46.02 69.60
C ALA F 320 -37.75 -47.23 69.52
N ALA F 321 -37.48 -48.13 68.57
CA ALA F 321 -38.29 -49.35 68.45
C ALA F 321 -38.15 -50.21 69.71
N VAL F 322 -36.94 -50.31 70.25
CA VAL F 322 -36.73 -51.10 71.46
C VAL F 322 -37.44 -50.48 72.65
N LEU F 323 -37.43 -49.16 72.77
CA LEU F 323 -38.16 -48.52 73.88
C LEU F 323 -39.69 -48.60 73.68
N GLY F 324 -40.18 -48.47 72.44
CA GLY F 324 -41.60 -48.66 72.21
C GLY F 324 -42.03 -50.07 72.55
N CYS F 325 -41.15 -51.04 72.27
CA CYS F 325 -41.42 -52.43 72.68
C CYS F 325 -41.49 -52.54 74.20
N ALA F 326 -40.59 -51.86 74.92
CA ALA F 326 -40.66 -51.88 76.38
C ALA F 326 -42.01 -51.35 76.86
N TYR F 327 -42.50 -50.29 76.23
CA TYR F 327 -43.83 -49.79 76.58
C TYR F 327 -44.88 -50.88 76.39
N CYS F 328 -44.87 -51.54 75.23
CA CYS F 328 -45.90 -52.55 74.97
C CYS F 328 -45.78 -53.73 75.92
N VAL F 329 -44.55 -54.21 76.15
CA VAL F 329 -44.33 -55.35 77.04
C VAL F 329 -44.64 -54.98 78.49
N GLY F 330 -44.19 -53.80 78.93
CA GLY F 330 -44.49 -53.36 80.28
C GLY F 330 -45.98 -53.16 80.55
N THR F 331 -46.76 -52.89 79.50
CA THR F 331 -48.20 -52.68 79.62
C THR F 331 -49.00 -53.98 79.53
N LEU F 332 -48.67 -54.85 78.59
CA LEU F 332 -49.40 -56.09 78.41
C LEU F 332 -48.95 -57.19 79.36
N LYS F 333 -47.74 -57.05 79.94
CA LYS F 333 -47.20 -57.97 80.92
C LYS F 333 -47.26 -59.44 80.50
N PRO F 334 -46.57 -59.82 79.44
CA PRO F 334 -46.53 -61.25 79.07
C PRO F 334 -45.90 -62.08 80.18
N GLU F 335 -46.22 -63.38 80.18
CA GLU F 335 -45.72 -64.33 81.15
C GLU F 335 -44.49 -65.08 80.62
N ASN F 336 -43.74 -65.67 81.55
CA ASN F 336 -42.67 -66.62 81.28
C ASN F 336 -41.46 -66.00 80.60
N VAL F 337 -41.29 -64.68 80.59
CA VAL F 337 -40.16 -64.12 79.87
C VAL F 337 -39.44 -63.09 80.72
N GLU F 338 -38.14 -62.94 80.47
CA GLU F 338 -37.34 -61.84 80.99
C GLU F 338 -36.68 -61.15 79.81
N ILE F 339 -36.88 -59.84 79.69
CA ILE F 339 -36.48 -59.07 78.52
C ILE F 339 -35.53 -57.96 78.96
N HIS F 340 -34.40 -57.85 78.29
CA HIS F 340 -33.49 -56.72 78.48
C HIS F 340 -33.58 -55.79 77.27
N PHE F 341 -33.80 -54.51 77.53
CA PHE F 341 -33.94 -53.49 76.49
C PHE F 341 -32.68 -52.63 76.53
N LEU F 342 -31.84 -52.73 75.50
CA LEU F 342 -30.50 -52.16 75.53
C LEU F 342 -30.29 -51.19 74.38
N SER F 343 -29.57 -50.10 74.64
CA SER F 343 -29.09 -49.26 73.55
C SER F 343 -27.86 -48.48 73.98
N ALA F 344 -26.80 -48.57 73.18
CA ALA F 344 -25.58 -47.77 73.36
C ALA F 344 -25.78 -46.44 72.63
N VAL F 345 -26.24 -45.41 73.38
CA VAL F 345 -26.65 -44.14 72.78
C VAL F 345 -25.47 -43.17 72.73
N CYS F 346 -25.29 -42.50 71.57
CA CYS F 346 -24.23 -41.51 71.39
C CYS F 346 -24.55 -40.72 70.14
N GLU F 347 -23.67 -39.77 69.82
CA GLU F 347 -23.81 -38.85 68.69
C GLU F 347 -22.50 -38.84 67.91
N ASN F 348 -22.57 -38.88 66.56
CA ASN F 348 -21.39 -39.01 65.70
C ASN F 348 -21.08 -37.65 65.05
N MET F 349 -20.07 -36.95 65.57
CA MET F 349 -19.84 -35.52 65.26
C MET F 349 -18.42 -35.24 64.80
N VAL F 350 -18.21 -34.04 64.29
CA VAL F 350 -16.91 -33.61 63.77
C VAL F 350 -16.34 -32.60 64.75
N SER F 351 -15.12 -32.83 65.19
CA SER F 351 -14.58 -32.08 66.32
C SER F 351 -13.07 -32.32 66.34
N LYS F 352 -12.34 -31.47 67.07
CA LYS F 352 -10.95 -31.83 67.34
C LYS F 352 -10.87 -33.14 68.12
N ASN F 353 -11.93 -33.49 68.85
CA ASN F 353 -11.90 -34.67 69.70
C ASN F 353 -12.42 -35.94 69.04
N SER F 354 -12.86 -35.89 67.77
CA SER F 354 -13.46 -37.09 67.18
C SER F 354 -12.43 -38.19 66.91
N TYR F 355 -12.92 -39.42 66.83
CA TYR F 355 -12.09 -40.47 66.27
C TYR F 355 -11.93 -40.23 64.77
N ARG F 356 -10.85 -40.78 64.21
CA ARG F 356 -10.39 -40.55 62.85
C ARG F 356 -10.50 -41.82 62.04
N PRO F 357 -10.76 -41.70 60.72
CA PRO F 357 -10.55 -42.83 59.82
C PRO F 357 -9.12 -43.31 59.98
N GLY F 358 -8.96 -44.63 60.09
CA GLY F 358 -7.65 -45.21 60.30
C GLY F 358 -7.34 -45.54 61.73
N ASP F 359 -8.03 -44.93 62.70
CA ASP F 359 -7.78 -45.24 64.12
C ASP F 359 -8.00 -46.72 64.39
N ILE F 360 -7.18 -47.29 65.28
CA ILE F 360 -7.39 -48.66 65.72
C ILE F 360 -7.86 -48.58 67.17
N ILE F 361 -9.04 -49.15 67.43
CA ILE F 361 -9.70 -49.05 68.73
C ILE F 361 -9.98 -50.46 69.22
N THR F 362 -10.19 -50.60 70.52
CA THR F 362 -10.31 -51.93 71.11
C THR F 362 -11.69 -52.13 71.72
N ALA F 363 -12.42 -53.14 71.23
CA ALA F 363 -13.74 -53.44 71.79
C ALA F 363 -13.60 -54.10 73.16
N SER F 364 -14.74 -54.21 73.84
CA SER F 364 -14.78 -54.69 75.20
C SER F 364 -14.50 -56.19 75.34
N ASN F 365 -14.48 -56.95 74.25
CA ASN F 365 -14.01 -58.33 74.31
C ASN F 365 -12.54 -58.45 73.92
N GLY F 366 -11.82 -57.33 73.82
CA GLY F 366 -10.41 -57.35 73.49
C GLY F 366 -10.07 -57.31 72.01
N LYS F 367 -11.04 -57.44 71.10
CA LYS F 367 -10.71 -57.39 69.67
C LYS F 367 -10.36 -55.96 69.26
N THR F 368 -9.23 -55.81 68.57
CA THR F 368 -8.84 -54.53 68.01
C THR F 368 -9.46 -54.38 66.63
N ILE F 369 -9.92 -53.16 66.34
CA ILE F 369 -10.68 -52.84 65.14
C ILE F 369 -10.00 -51.67 64.43
N GLU F 370 -9.72 -51.84 63.14
CA GLU F 370 -9.26 -50.74 62.29
C GLU F 370 -10.45 -50.01 61.67
N VAL F 371 -10.56 -48.71 61.95
CA VAL F 371 -11.67 -47.91 61.43
C VAL F 371 -11.38 -47.53 59.97
N GLY F 372 -12.22 -47.98 59.06
CA GLY F 372 -12.01 -47.63 57.67
C GLY F 372 -12.86 -46.45 57.25
N ASN F 373 -13.91 -46.15 58.02
CA ASN F 373 -14.86 -45.10 57.67
C ASN F 373 -15.62 -44.73 58.93
N THR F 374 -15.50 -43.48 59.40
CA THR F 374 -16.18 -43.08 60.63
C THR F 374 -17.70 -43.05 60.49
N ASP F 375 -18.23 -43.12 59.27
CA ASP F 375 -19.67 -43.17 59.05
C ASP F 375 -20.23 -44.59 59.11
N ALA F 376 -19.38 -45.60 59.28
CA ALA F 376 -19.88 -46.94 59.62
C ALA F 376 -19.86 -47.14 61.13
N GLU F 377 -20.45 -46.17 61.87
CA GLU F 377 -20.31 -46.08 63.32
C GLU F 377 -21.27 -46.99 64.04
N GLY F 378 -22.42 -47.31 63.42
CA GLY F 378 -23.43 -48.08 64.13
C GLY F 378 -22.91 -49.45 64.50
N ARG F 379 -22.20 -50.09 63.59
CA ARG F 379 -21.70 -51.43 63.87
C ARG F 379 -20.67 -51.40 64.99
N LEU F 380 -19.96 -50.28 65.14
CA LEU F 380 -19.02 -50.16 66.26
C LEU F 380 -19.76 -50.08 67.59
N THR F 381 -20.83 -49.28 67.67
CA THR F 381 -21.58 -49.19 68.90
C THR F 381 -22.28 -50.52 69.19
N LEU F 382 -22.79 -51.19 68.16
CA LEU F 382 -23.49 -52.46 68.36
C LEU F 382 -22.53 -53.57 68.82
N ALA F 383 -21.28 -53.54 68.36
CA ALA F 383 -20.31 -54.54 68.80
C ALA F 383 -20.19 -54.55 70.32
N ASP F 384 -20.00 -53.37 70.94
CA ASP F 384 -19.90 -53.35 72.39
C ASP F 384 -21.23 -53.65 73.08
N ALA F 385 -22.36 -53.24 72.48
CA ALA F 385 -23.66 -53.59 73.08
C ALA F 385 -23.91 -55.09 73.03
N LEU F 386 -23.45 -55.77 71.96
CA LEU F 386 -23.62 -57.21 71.82
C LEU F 386 -22.76 -57.97 72.82
N VAL F 387 -21.54 -57.52 73.04
CA VAL F 387 -20.70 -58.12 74.09
C VAL F 387 -21.38 -57.96 75.44
N TYR F 388 -21.89 -56.75 75.71
CA TYR F 388 -22.64 -56.53 76.95
C TYR F 388 -23.84 -57.46 77.02
N ALA F 389 -24.57 -57.61 75.91
CA ALA F 389 -25.79 -58.41 75.93
C ALA F 389 -25.50 -59.88 76.22
N GLU F 390 -24.44 -60.44 75.59
CA GLU F 390 -24.17 -61.86 75.78
C GLU F 390 -23.74 -62.17 77.21
N LYS F 391 -23.08 -61.22 77.88
CA LYS F 391 -22.69 -61.40 79.28
C LYS F 391 -23.89 -61.51 80.21
N LEU F 392 -25.06 -61.06 79.78
CA LEU F 392 -26.27 -61.21 80.59
C LEU F 392 -26.78 -62.66 80.62
N GLY F 393 -26.31 -63.54 79.73
CA GLY F 393 -26.73 -64.92 79.76
C GLY F 393 -28.16 -65.15 79.31
N VAL F 394 -28.50 -64.64 78.13
CA VAL F 394 -29.85 -64.73 77.62
C VAL F 394 -29.91 -65.87 76.62
N ASP F 395 -31.11 -66.28 76.26
CA ASP F 395 -31.29 -67.30 75.24
C ASP F 395 -31.20 -66.73 73.82
N TYR F 396 -31.73 -65.51 73.61
CA TYR F 396 -31.73 -64.86 72.30
C TYR F 396 -31.26 -63.42 72.44
N ILE F 397 -30.46 -62.97 71.47
CA ILE F 397 -30.12 -61.56 71.28
C ILE F 397 -30.68 -61.14 69.92
N VAL F 398 -31.50 -60.09 69.90
CA VAL F 398 -32.02 -59.53 68.65
C VAL F 398 -31.65 -58.06 68.65
N ASP F 399 -30.91 -57.63 67.62
CA ASP F 399 -30.64 -56.22 67.48
C ASP F 399 -31.44 -55.67 66.30
N ILE F 400 -31.73 -54.37 66.37
CA ILE F 400 -32.52 -53.69 65.36
C ILE F 400 -31.87 -52.32 65.13
N ALA F 401 -31.61 -51.98 63.86
CA ALA F 401 -30.69 -50.88 63.59
C ALA F 401 -30.90 -50.33 62.18
N THR F 402 -30.80 -49.00 62.04
CA THR F 402 -30.71 -48.35 60.74
C THR F 402 -29.25 -48.37 60.27
N LEU F 403 -28.79 -49.55 59.89
CA LEU F 403 -27.36 -49.75 59.77
C LEU F 403 -26.80 -49.41 58.38
N THR F 404 -27.41 -49.90 57.30
CA THR F 404 -26.76 -49.78 55.99
C THR F 404 -27.71 -49.22 54.94
N GLY F 405 -27.27 -48.16 54.25
CA GLY F 405 -28.07 -47.60 53.16
C GLY F 405 -28.31 -48.57 52.03
N ALA F 406 -27.48 -49.60 51.91
CA ALA F 406 -27.66 -50.62 50.89
C ALA F 406 -29.01 -51.31 51.02
N MET F 407 -29.67 -51.24 52.18
CA MET F 407 -30.98 -51.87 52.29
C MET F 407 -31.96 -51.24 51.29
N LEU F 408 -31.78 -49.97 50.96
CA LEU F 408 -32.69 -49.36 49.99
C LEU F 408 -32.55 -50.00 48.62
N TYR F 409 -31.40 -50.56 48.30
CA TYR F 409 -31.18 -51.17 47.00
C TYR F 409 -31.48 -52.65 46.99
N SER F 410 -31.64 -53.27 48.16
CA SER F 410 -31.94 -54.69 48.22
C SER F 410 -33.43 -54.94 48.45
N LEU F 411 -33.99 -54.43 49.54
CA LEU F 411 -35.39 -54.64 49.84
C LEU F 411 -36.25 -53.40 49.71
N GLY F 412 -35.65 -52.22 49.74
CA GLY F 412 -36.39 -50.99 49.52
C GLY F 412 -37.00 -50.43 50.79
N THR F 413 -38.09 -49.70 50.66
CA THR F 413 -38.65 -48.96 51.77
C THR F 413 -39.74 -49.72 52.52
N SER F 414 -40.13 -50.92 52.06
CA SER F 414 -41.27 -51.62 52.65
C SER F 414 -40.91 -52.82 53.53
N TYR F 415 -39.84 -53.55 53.22
CA TYR F 415 -39.46 -54.77 53.94
C TYR F 415 -38.12 -54.55 54.63
N ALA F 416 -38.04 -54.86 55.91
CA ALA F 416 -36.74 -54.88 56.58
C ALA F 416 -36.04 -56.21 56.30
N GLY F 417 -34.72 -56.23 56.49
CA GLY F 417 -33.94 -57.45 56.36
C GLY F 417 -33.54 -58.01 57.71
N VAL F 418 -33.61 -59.33 57.84
CA VAL F 418 -33.14 -60.01 59.04
C VAL F 418 -32.01 -60.97 58.66
N PHE F 419 -30.93 -60.93 59.43
CA PHE F 419 -29.76 -61.79 59.30
C PHE F 419 -29.53 -62.45 60.66
N GLY F 420 -28.88 -63.61 60.68
CA GLY F 420 -28.65 -64.20 61.99
C GLY F 420 -27.78 -65.43 61.92
N ASN F 421 -27.44 -65.95 63.10
CA ASN F 421 -26.57 -67.13 63.21
C ASN F 421 -27.38 -68.38 63.58
N ASN F 422 -28.71 -68.30 63.54
CA ASN F 422 -29.56 -69.35 64.10
C ASN F 422 -30.89 -69.40 63.37
N GLU F 423 -31.15 -70.53 62.67
CA GLU F 423 -32.37 -70.68 61.88
C GLU F 423 -33.63 -70.59 62.72
N GLU F 424 -33.61 -71.21 63.90
CA GLU F 424 -34.79 -71.22 64.76
C GLU F 424 -35.18 -69.80 65.18
N LEU F 425 -34.20 -69.00 65.58
CA LEU F 425 -34.50 -67.62 65.95
C LEU F 425 -34.98 -66.80 64.76
N ILE F 426 -34.33 -66.96 63.60
CA ILE F 426 -34.76 -66.25 62.39
C ILE F 426 -36.20 -66.57 62.06
N ASN F 427 -36.58 -67.85 62.12
CA ASN F 427 -37.95 -68.21 61.82
C ASN F 427 -38.93 -67.63 62.83
N LYS F 428 -38.52 -67.53 64.10
CA LYS F 428 -39.39 -66.86 65.07
C LYS F 428 -39.61 -65.39 64.69
N ILE F 429 -38.56 -64.72 64.18
CA ILE F 429 -38.71 -63.33 63.76
C ILE F 429 -39.63 -63.23 62.56
N LEU F 430 -39.48 -64.15 61.59
CA LEU F 430 -40.35 -64.14 60.43
C LEU F 430 -41.80 -64.40 60.82
N GLN F 431 -42.04 -65.30 61.79
CA GLN F 431 -43.40 -65.52 62.25
C GLN F 431 -43.96 -64.29 62.95
N SER F 432 -43.14 -63.56 63.71
CA SER F 432 -43.59 -62.30 64.31
C SER F 432 -43.87 -61.25 63.26
N SER F 433 -43.12 -61.27 62.16
CA SER F 433 -43.39 -60.36 61.05
C SER F 433 -44.76 -60.65 60.48
N LYS F 434 -45.14 -61.93 60.41
CA LYS F 434 -46.45 -62.30 59.89
C LYS F 434 -47.58 -61.81 60.80
N THR F 435 -47.45 -62.01 62.11
CA THR F 435 -48.57 -61.64 62.98
C THR F 435 -48.58 -60.15 63.34
N SER F 436 -47.44 -59.45 63.23
CA SER F 436 -47.44 -58.00 63.43
C SER F 436 -47.80 -57.23 62.17
N ASN F 437 -47.73 -57.86 61.01
CA ASN F 437 -47.90 -57.22 59.70
C ASN F 437 -46.85 -56.12 59.45
N GLU F 438 -45.68 -56.25 60.09
CA GLU F 438 -44.50 -55.46 59.73
C GLU F 438 -43.55 -56.35 58.93
N PRO F 439 -43.44 -56.19 57.61
CA PRO F 439 -42.77 -57.21 56.79
C PRO F 439 -41.25 -57.22 56.91
N VAL F 440 -40.70 -58.43 57.00
CA VAL F 440 -39.25 -58.63 57.06
C VAL F 440 -38.92 -59.80 56.15
N TRP F 441 -37.70 -59.76 55.59
CA TRP F 441 -37.24 -60.81 54.68
C TRP F 441 -35.89 -61.29 55.14
N TRP F 442 -35.71 -62.61 55.13
CA TRP F 442 -34.47 -63.20 55.58
C TRP F 442 -33.40 -63.09 54.48
N LEU F 443 -32.24 -62.53 54.82
CA LEU F 443 -31.08 -62.38 53.94
C LEU F 443 -29.91 -63.17 54.52
N PRO F 444 -28.98 -63.65 53.67
CA PRO F 444 -27.95 -64.55 54.16
C PRO F 444 -26.75 -63.82 54.74
N ILE F 445 -26.07 -64.49 55.68
CA ILE F 445 -24.74 -64.10 56.10
C ILE F 445 -23.78 -64.98 55.31
N ILE F 446 -23.10 -64.41 54.31
CA ILE F 446 -22.31 -65.19 53.35
C ILE F 446 -20.87 -65.25 53.85
N ASN F 447 -20.43 -66.42 54.31
CA ASN F 447 -19.13 -66.54 54.97
C ASN F 447 -17.97 -66.28 54.02
N GLU F 448 -18.16 -66.45 52.71
CA GLU F 448 -17.07 -66.19 51.76
C GLU F 448 -16.58 -64.74 51.84
N TYR F 449 -17.40 -63.81 52.29
CA TYR F 449 -16.96 -62.41 52.35
C TYR F 449 -16.16 -62.09 53.62
N ARG F 450 -16.12 -63.01 54.59
CA ARG F 450 -15.47 -62.70 55.87
C ARG F 450 -14.00 -62.32 55.70
N ALA F 451 -13.31 -62.93 54.72
CA ALA F 451 -11.88 -62.63 54.55
C ALA F 451 -11.64 -61.16 54.20
N THR F 452 -12.61 -60.47 53.64
CA THR F 452 -12.42 -59.06 53.31
C THR F 452 -12.42 -58.17 54.56
N LEU F 453 -12.73 -58.72 55.73
CA LEU F 453 -12.57 -57.98 56.98
C LEU F 453 -11.23 -58.26 57.64
N ASN F 454 -10.37 -59.06 57.03
CA ASN F 454 -9.06 -59.28 57.62
C ASN F 454 -8.27 -57.98 57.50
N SER F 455 -7.74 -57.50 58.60
CA SER F 455 -6.98 -56.26 58.66
C SER F 455 -5.48 -56.58 58.65
N LYS F 456 -4.70 -55.69 58.01
CA LYS F 456 -3.26 -55.89 58.04
C LYS F 456 -2.67 -55.70 59.43
N TYR F 457 -3.24 -54.79 60.23
CA TYR F 457 -2.68 -54.40 61.52
C TYR F 457 -3.51 -54.78 62.74
N ALA F 458 -4.84 -54.57 62.68
CA ALA F 458 -5.72 -54.87 63.80
C ALA F 458 -6.24 -56.30 63.67
N ASP F 459 -6.99 -56.74 64.69
CA ASP F 459 -7.64 -58.06 64.63
C ASP F 459 -8.67 -58.13 63.49
N ILE F 460 -9.37 -57.03 63.24
CA ILE F 460 -10.42 -57.06 62.21
C ILE F 460 -10.60 -55.66 61.66
N ASN F 461 -11.02 -55.60 60.38
CA ASN F 461 -11.47 -54.36 59.76
C ASN F 461 -12.92 -54.07 60.13
N GLN F 462 -13.23 -52.79 60.32
CA GLN F 462 -14.61 -52.34 60.47
C GLN F 462 -15.42 -52.53 59.18
N ILE F 463 -14.81 -52.21 58.01
CA ILE F 463 -15.50 -52.25 56.73
C ILE F 463 -14.69 -53.07 55.74
N SER F 464 -15.35 -53.45 54.64
CA SER F 464 -14.74 -54.33 53.67
C SER F 464 -13.78 -53.60 52.74
N SER F 465 -12.74 -54.33 52.33
CA SER F 465 -11.81 -53.83 51.33
C SER F 465 -12.37 -53.94 49.92
N SER F 466 -13.24 -54.92 49.65
CA SER F 466 -13.69 -55.18 48.27
C SER F 466 -15.21 -55.28 48.09
N VAL F 467 -15.93 -55.80 49.09
CA VAL F 467 -17.31 -56.26 48.91
C VAL F 467 -18.31 -55.10 49.01
N LYS F 468 -19.19 -54.98 48.00
CA LYS F 468 -20.21 -53.93 48.01
C LYS F 468 -21.50 -54.33 48.71
N ALA F 469 -21.66 -55.62 49.08
CA ALA F 469 -22.84 -56.09 49.81
C ALA F 469 -22.69 -55.71 51.28
N SER F 470 -22.83 -54.41 51.55
CA SER F 470 -22.44 -53.89 52.85
C SER F 470 -23.37 -54.35 53.96
N SER F 471 -24.66 -54.59 53.68
CA SER F 471 -25.54 -55.11 54.73
C SER F 471 -25.07 -56.49 55.19
N ILE F 472 -24.57 -57.30 54.26
CA ILE F 472 -24.04 -58.61 54.63
C ILE F 472 -22.70 -58.48 55.34
N VAL F 473 -21.83 -57.59 54.85
CA VAL F 473 -20.54 -57.39 55.50
C VAL F 473 -20.73 -56.89 56.94
N ALA F 474 -21.64 -55.94 57.13
CA ALA F 474 -21.92 -55.45 58.49
C ALA F 474 -22.39 -56.57 59.39
N SER F 475 -23.20 -57.50 58.86
CA SER F 475 -23.66 -58.64 59.65
C SER F 475 -22.51 -59.56 60.02
N LEU F 476 -21.56 -59.78 59.10
CA LEU F 476 -20.38 -60.58 59.40
C LEU F 476 -19.57 -59.95 60.52
N PHE F 477 -19.43 -58.62 60.49
CA PHE F 477 -18.70 -57.92 61.56
C PHE F 477 -19.39 -58.12 62.91
N LEU F 478 -20.71 -57.88 62.95
CA LEU F 478 -21.44 -58.03 64.21
C LEU F 478 -21.40 -59.46 64.74
N LYS F 479 -21.44 -60.44 63.83
CA LYS F 479 -21.40 -61.84 64.22
C LYS F 479 -20.15 -62.16 65.05
N GLU F 480 -19.06 -61.43 64.81
CA GLU F 480 -17.83 -61.64 65.56
C GLU F 480 -17.93 -61.25 67.03
N PHE F 481 -19.01 -60.58 67.43
CA PHE F 481 -19.14 -60.15 68.82
C PHE F 481 -20.20 -60.94 69.57
N VAL F 482 -20.67 -62.03 68.99
CA VAL F 482 -21.55 -62.99 69.63
C VAL F 482 -20.89 -64.36 69.52
N GLN F 483 -20.54 -64.95 70.65
CA GLN F 483 -19.74 -66.16 70.59
C GLN F 483 -20.58 -67.42 70.60
N ASN F 484 -21.59 -67.49 71.46
CA ASN F 484 -22.28 -68.77 71.64
C ASN F 484 -23.72 -68.54 72.02
N THR F 485 -24.37 -67.56 71.40
CA THR F 485 -25.77 -67.27 71.70
C THR F 485 -26.50 -67.09 70.39
N ALA F 486 -27.71 -67.63 70.30
CA ALA F 486 -28.55 -67.39 69.13
C ALA F 486 -28.81 -65.89 68.97
N TRP F 487 -28.56 -65.38 67.76
CA TRP F 487 -28.60 -63.95 67.53
C TRP F 487 -29.15 -63.62 66.15
N ALA F 488 -29.96 -62.57 66.08
CA ALA F 488 -30.49 -62.09 64.81
C ALA F 488 -30.37 -60.58 64.79
N HIS F 489 -30.32 -60.05 63.58
CA HIS F 489 -30.02 -58.64 63.34
C HIS F 489 -31.01 -58.14 62.30
N ILE F 490 -31.77 -57.12 62.65
CA ILE F 490 -32.82 -56.61 61.76
C ILE F 490 -32.36 -55.24 61.28
N ASP F 491 -32.07 -55.14 59.98
CA ASP F 491 -31.58 -53.89 59.40
C ASP F 491 -32.79 -53.09 58.88
N ILE F 492 -33.11 -51.99 59.55
CA ILE F 492 -34.30 -51.20 59.25
C ILE F 492 -33.95 -49.87 58.58
N ALA F 493 -32.75 -49.76 58.00
CA ALA F 493 -32.34 -48.50 57.39
C ALA F 493 -33.30 -48.09 56.26
N GLY F 494 -33.84 -49.04 55.50
CA GLY F 494 -34.72 -48.62 54.42
C GLY F 494 -36.15 -48.38 54.83
N VAL F 495 -36.59 -48.95 55.95
CA VAL F 495 -38.01 -48.95 56.31
C VAL F 495 -38.35 -47.98 57.44
N SER F 496 -37.38 -47.31 58.06
CA SER F 496 -37.76 -46.57 59.27
C SER F 496 -38.50 -45.28 58.97
N TRP F 497 -38.17 -44.61 57.88
CA TRP F 497 -38.70 -43.28 57.59
C TRP F 497 -39.70 -43.32 56.44
N ASN F 498 -40.87 -42.70 56.64
CA ASN F 498 -41.89 -42.61 55.59
C ASN F 498 -41.58 -41.36 54.77
N PHE F 499 -40.93 -41.54 53.61
CA PHE F 499 -40.49 -40.39 52.81
C PHE F 499 -41.66 -39.61 52.22
N LYS F 500 -42.71 -40.31 51.78
CA LYS F 500 -43.84 -39.61 51.20
C LYS F 500 -44.54 -38.75 52.23
N ALA F 501 -44.76 -39.29 53.43
CA ALA F 501 -45.48 -38.56 54.47
C ALA F 501 -44.57 -37.69 55.34
N ARG F 502 -43.26 -37.75 55.15
CA ARG F 502 -42.28 -36.96 55.89
C ARG F 502 -42.36 -37.19 57.41
N LYS F 503 -42.43 -38.46 57.82
CA LYS F 503 -42.58 -38.79 59.23
C LYS F 503 -42.03 -40.19 59.47
N PRO F 504 -41.77 -40.55 60.73
CA PRO F 504 -41.32 -41.92 61.01
C PRO F 504 -42.45 -42.91 60.85
N LYS F 505 -42.07 -44.18 60.73
CA LYS F 505 -43.04 -45.26 60.81
C LYS F 505 -43.13 -45.88 62.20
N GLY F 506 -42.14 -45.64 63.05
CA GLY F 506 -42.04 -46.41 64.28
C GLY F 506 -41.85 -47.89 64.00
N PHE F 507 -41.15 -48.22 62.91
CA PHE F 507 -41.04 -49.60 62.48
C PHE F 507 -40.35 -50.45 63.55
N GLY F 508 -40.92 -51.61 63.83
CA GLY F 508 -40.28 -52.60 64.67
C GLY F 508 -40.86 -52.75 66.06
N VAL F 509 -41.63 -51.75 66.54
CA VAL F 509 -42.22 -51.88 67.86
C VAL F 509 -43.12 -53.10 67.91
N ARG F 510 -44.01 -53.23 66.93
CA ARG F 510 -44.97 -54.32 66.94
C ARG F 510 -44.31 -55.66 66.58
N LEU F 511 -43.34 -55.62 65.65
CA LEU F 511 -42.55 -56.81 65.32
C LEU F 511 -41.90 -57.41 66.57
N LEU F 512 -41.18 -56.61 67.33
CA LEU F 512 -40.50 -57.13 68.52
C LEU F 512 -41.50 -57.55 69.60
N THR F 513 -42.59 -56.79 69.77
CA THR F 513 -43.55 -57.19 70.80
C THR F 513 -44.23 -58.51 70.45
N GLU F 514 -44.65 -58.70 69.20
CA GLU F 514 -45.17 -60.01 68.79
C GLU F 514 -44.11 -61.09 69.01
N PHE F 515 -42.84 -60.79 68.74
CA PHE F 515 -41.79 -61.79 68.99
C PHE F 515 -41.78 -62.22 70.46
N VAL F 516 -41.80 -61.24 71.37
CA VAL F 516 -41.84 -61.55 72.79
C VAL F 516 -43.13 -62.28 73.15
N LEU F 517 -44.26 -61.82 72.64
CA LEU F 517 -45.55 -62.41 73.02
C LEU F 517 -45.71 -63.81 72.45
N ASN F 518 -45.25 -64.05 71.23
CA ASN F 518 -45.47 -65.35 70.62
C ASN F 518 -44.58 -66.38 71.30
N ASP F 519 -43.44 -65.95 71.83
CA ASP F 519 -42.58 -66.84 72.60
C ASP F 519 -43.17 -67.14 73.97
N ALA F 520 -43.75 -66.12 74.61
CA ALA F 520 -44.40 -66.33 75.90
C ALA F 520 -45.55 -67.32 75.80
N LEU F 521 -46.24 -67.37 74.66
CA LEU F 521 -47.35 -68.31 74.48
C LEU F 521 -46.84 -69.70 74.09
N ALA G 1 11.68 2.46 -71.90
CA ALA G 1 12.82 3.33 -71.67
C ALA G 1 12.78 4.60 -72.54
N SER G 2 12.89 5.75 -71.89
CA SER G 2 12.87 7.05 -72.55
C SER G 2 14.29 7.59 -72.68
N GLU G 3 14.46 8.49 -73.65
CA GLU G 3 15.76 9.13 -73.82
C GLU G 3 15.93 10.23 -72.76
N VAL G 4 17.08 10.25 -72.12
CA VAL G 4 17.39 11.29 -71.14
C VAL G 4 17.82 12.55 -71.88
N PRO G 5 17.13 13.68 -71.69
CA PRO G 5 17.56 14.92 -72.33
C PRO G 5 18.87 15.42 -71.74
N GLN G 6 19.68 16.06 -72.58
CA GLN G 6 20.99 16.56 -72.15
C GLN G 6 21.07 18.05 -72.47
N VAL G 7 21.79 18.79 -71.63
CA VAL G 7 22.11 20.16 -72.02
C VAL G 7 23.37 20.20 -72.87
N VAL G 8 24.41 19.51 -72.44
CA VAL G 8 25.64 19.33 -73.20
C VAL G 8 25.88 17.84 -73.36
N SER G 9 26.71 17.49 -74.35
CA SER G 9 26.93 16.08 -74.67
C SER G 9 27.64 15.33 -73.55
N LEU G 10 28.26 16.04 -72.61
CA LEU G 10 28.91 15.41 -71.47
C LEU G 10 27.94 15.09 -70.35
N ASP G 11 26.66 15.48 -70.46
CA ASP G 11 25.70 15.13 -69.43
C ASP G 11 25.44 13.63 -69.48
N PRO G 12 25.45 12.94 -68.34
CA PRO G 12 25.21 11.50 -68.33
C PRO G 12 23.78 11.16 -68.69
N THR G 13 23.60 10.01 -69.32
CA THR G 13 22.28 9.56 -69.77
C THR G 13 21.79 8.31 -69.06
N SER G 14 22.48 7.87 -68.00
CA SER G 14 21.98 6.77 -67.19
C SER G 14 22.64 6.80 -65.82
N ILE G 15 22.01 6.12 -64.88
CA ILE G 15 22.61 5.89 -63.57
C ILE G 15 23.51 4.67 -63.65
N PRO G 16 24.81 4.78 -63.36
CA PRO G 16 25.62 3.55 -63.27
C PRO G 16 25.15 2.70 -62.08
N ILE G 17 24.93 1.41 -62.32
CA ILE G 17 24.43 0.53 -61.27
C ILE G 17 25.31 -0.70 -61.24
N GLU G 18 25.78 -1.06 -60.05
CA GLU G 18 26.53 -2.29 -59.87
C GLU G 18 25.58 -3.36 -59.31
N TYR G 19 25.32 -4.41 -60.09
CA TYR G 19 24.49 -5.50 -59.58
C TYR G 19 25.34 -6.62 -58.98
N ASN G 20 26.44 -6.96 -59.64
CA ASN G 20 27.29 -8.08 -59.22
C ASN G 20 28.40 -7.51 -58.34
N THR G 21 28.15 -7.43 -57.03
CA THR G 21 29.11 -6.77 -56.14
C THR G 21 30.09 -7.78 -55.56
N PRO G 22 31.23 -7.31 -55.05
CA PRO G 22 32.17 -8.26 -54.42
C PRO G 22 31.53 -9.04 -53.28
N ILE G 23 30.52 -8.48 -52.60
CA ILE G 23 29.83 -9.19 -51.54
C ILE G 23 29.19 -10.46 -52.08
N HIS G 24 28.68 -10.42 -53.32
CA HIS G 24 28.05 -11.59 -53.91
C HIS G 24 29.05 -12.70 -54.21
N ASP G 25 30.35 -12.40 -54.29
CA ASP G 25 31.32 -13.45 -54.53
C ASP G 25 31.75 -14.15 -53.25
N ILE G 26 31.32 -13.67 -52.09
CA ILE G 26 31.76 -14.23 -50.83
C ILE G 26 31.01 -15.53 -50.57
N LYS G 27 31.77 -16.61 -50.37
CA LYS G 27 31.21 -17.90 -49.98
C LYS G 27 31.07 -17.92 -48.46
N VAL G 28 29.83 -18.15 -47.97
CA VAL G 28 29.57 -18.14 -46.54
C VAL G 28 29.41 -19.57 -46.06
N GLN G 29 30.05 -19.90 -44.94
CA GLN G 29 29.95 -21.23 -44.36
C GLN G 29 29.59 -21.04 -42.89
N VAL G 30 28.58 -21.76 -42.41
CA VAL G 30 28.13 -21.66 -41.03
C VAL G 30 28.42 -22.98 -40.33
N TYR G 31 29.09 -22.90 -39.18
CA TYR G 31 29.43 -24.10 -38.41
C TYR G 31 28.88 -23.99 -37.00
N ASP G 32 28.55 -25.14 -36.42
CA ASP G 32 28.17 -25.17 -35.01
C ASP G 32 29.41 -25.10 -34.12
N ILE G 33 29.34 -24.25 -33.09
CA ILE G 33 30.47 -24.06 -32.19
C ILE G 33 30.77 -25.34 -31.41
N LYS G 34 29.78 -26.22 -31.24
CA LYS G 34 30.00 -27.43 -30.46
C LYS G 34 30.98 -28.38 -31.11
N GLY G 35 31.56 -28.05 -32.27
CA GLY G 35 32.45 -28.97 -32.93
C GLY G 35 33.87 -28.43 -32.88
N GLY G 36 34.00 -27.27 -32.26
CA GLY G 36 35.26 -26.58 -32.16
C GLY G 36 35.55 -25.74 -33.39
N CYS G 37 36.45 -24.77 -33.22
CA CYS G 37 36.79 -23.85 -34.28
C CYS G 37 38.13 -24.25 -34.86
N ASN G 38 38.18 -24.34 -36.19
CA ASN G 38 39.43 -24.48 -36.90
C ASN G 38 39.98 -23.09 -37.20
N VAL G 39 41.24 -22.87 -36.86
CA VAL G 39 41.87 -21.55 -36.98
C VAL G 39 43.00 -21.66 -37.98
N GLU G 40 42.80 -21.11 -39.17
CA GLU G 40 43.75 -21.22 -40.27
C GLU G 40 43.94 -19.87 -40.97
N GLU G 41 43.79 -19.85 -42.29
CA GLU G 41 44.13 -18.66 -43.05
C GLU G 41 43.12 -17.55 -42.76
N GLY G 42 43.53 -16.32 -43.09
CA GLY G 42 42.67 -15.17 -42.94
C GLY G 42 42.69 -14.62 -41.53
N LEU G 43 41.56 -14.10 -41.09
CA LEU G 43 41.42 -13.51 -39.77
C LEU G 43 40.26 -14.17 -39.05
N THR G 44 40.48 -14.60 -37.80
CA THR G 44 39.44 -15.22 -37.00
C THR G 44 39.14 -14.29 -35.82
N ILE G 45 37.89 -13.82 -35.72
CA ILE G 45 37.48 -12.82 -34.74
C ILE G 45 36.43 -13.43 -33.82
N PHE G 46 36.67 -13.36 -32.52
CA PHE G 46 35.69 -13.79 -31.52
C PHE G 46 34.87 -12.57 -31.06
N LEU G 47 33.54 -12.70 -31.08
CA LEU G 47 32.66 -11.68 -30.52
C LEU G 47 32.37 -12.06 -29.07
N VAL G 48 32.84 -11.25 -28.12
CA VAL G 48 32.87 -11.62 -26.71
C VAL G 48 32.26 -10.49 -25.88
N ASN G 49 31.47 -10.86 -24.87
CA ASN G 49 30.96 -9.90 -23.91
C ASN G 49 31.33 -10.34 -22.48
N ASN G 50 30.89 -9.57 -21.49
CA ASN G 50 31.04 -9.95 -20.09
C ASN G 50 29.84 -9.37 -19.34
N PRO G 51 28.73 -10.11 -19.29
CA PRO G 51 27.47 -9.55 -18.77
C PRO G 51 27.58 -9.07 -17.33
N GLY G 52 27.00 -7.91 -17.07
CA GLY G 52 27.00 -7.33 -15.75
C GLY G 52 28.32 -6.79 -15.27
N LYS G 53 29.43 -7.06 -15.96
CA LYS G 53 30.74 -6.55 -15.54
C LYS G 53 31.19 -5.56 -16.62
N GLU G 54 30.94 -4.28 -16.35
CA GLU G 54 31.28 -3.24 -17.29
C GLU G 54 32.79 -3.23 -17.50
N ASN G 55 33.20 -3.17 -18.76
CA ASN G 55 34.59 -3.30 -19.17
C ASN G 55 35.28 -4.51 -18.53
N GLY G 56 34.56 -5.63 -18.42
CA GLY G 56 35.10 -6.81 -17.80
C GLY G 56 36.12 -7.51 -18.68
N PRO G 57 36.80 -8.50 -18.14
CA PRO G 57 37.86 -9.14 -18.92
C PRO G 57 37.31 -10.01 -20.04
N VAL G 58 38.14 -10.19 -21.06
CA VAL G 58 37.87 -11.10 -22.16
C VAL G 58 38.11 -12.53 -21.70
N LYS G 59 37.16 -13.41 -21.98
CA LYS G 59 37.35 -14.84 -21.77
C LYS G 59 36.78 -15.57 -22.99
N ILE G 60 37.60 -16.41 -23.61
CA ILE G 60 37.18 -17.15 -24.80
C ILE G 60 36.66 -18.50 -24.35
N SER G 61 35.39 -18.77 -24.64
CA SER G 61 34.76 -20.00 -24.14
C SER G 61 34.79 -21.14 -25.14
N SER G 62 34.87 -20.85 -26.43
CA SER G 62 34.73 -21.89 -27.46
C SER G 62 35.91 -22.84 -27.46
N LYS G 63 35.63 -24.08 -27.79
CA LYS G 63 36.69 -25.02 -28.06
C LYS G 63 37.37 -24.62 -29.36
N VAL G 64 38.69 -24.63 -29.36
CA VAL G 64 39.49 -24.33 -30.54
C VAL G 64 40.30 -25.57 -30.87
N ASN G 65 40.23 -26.01 -32.12
CA ASN G 65 40.82 -27.28 -32.54
C ASN G 65 42.28 -27.10 -32.92
N ASP G 66 43.01 -26.42 -32.04
CA ASP G 66 44.43 -26.21 -32.21
C ASP G 66 45.05 -25.98 -30.84
N LYS G 67 46.09 -26.75 -30.51
CA LYS G 67 46.68 -26.66 -29.18
C LYS G 67 47.44 -25.33 -29.01
N GLN G 68 48.15 -24.88 -30.04
CA GLN G 68 48.86 -23.62 -29.94
C GLN G 68 47.88 -22.46 -29.81
N VAL G 69 46.83 -22.45 -30.62
CA VAL G 69 45.89 -21.34 -30.53
C VAL G 69 45.14 -21.37 -29.20
N SER G 70 44.79 -22.57 -28.71
CA SER G 70 44.11 -22.68 -27.41
C SER G 70 44.99 -22.13 -26.29
N GLU G 71 46.29 -22.40 -26.34
CA GLU G 71 47.20 -21.88 -25.33
C GLU G 71 47.25 -20.36 -25.36
N PHE G 72 47.34 -19.78 -26.56
CA PHE G 72 47.35 -18.33 -26.68
C PHE G 72 46.07 -17.73 -26.09
N LEU G 73 44.93 -18.37 -26.32
CA LEU G 73 43.63 -17.84 -25.93
C LEU G 73 43.21 -18.24 -24.50
N LYS G 74 44.12 -18.80 -23.71
CA LYS G 74 43.78 -19.17 -22.34
C LYS G 74 43.43 -17.95 -21.49
N ASP G 75 42.63 -18.17 -20.43
CA ASP G 75 42.10 -17.07 -19.63
C ASP G 75 43.19 -16.14 -19.09
N GLU G 76 44.32 -16.70 -18.68
CA GLU G 76 45.38 -15.85 -18.12
C GLU G 76 45.91 -14.86 -19.14
N ASN G 77 45.97 -15.25 -20.42
CA ASN G 77 46.46 -14.33 -21.44
C ASN G 77 45.41 -13.30 -21.86
N MET G 78 44.14 -13.68 -21.89
CA MET G 78 43.10 -12.76 -22.35
C MET G 78 42.57 -11.81 -21.28
N GLU G 79 42.77 -12.10 -19.99
CA GLU G 79 42.22 -11.24 -18.95
C GLU G 79 42.86 -9.85 -18.93
N LYS G 80 44.01 -9.67 -19.59
CA LYS G 80 44.55 -8.33 -19.71
C LYS G 80 43.75 -7.45 -20.68
N PHE G 81 42.82 -8.02 -21.44
CA PHE G 81 42.00 -7.29 -22.39
C PHE G 81 40.57 -7.23 -21.88
N ASN G 82 39.82 -6.23 -22.34
CA ASN G 82 38.46 -6.01 -21.86
C ASN G 82 37.44 -5.97 -23.00
N VAL G 83 36.16 -6.06 -22.63
CA VAL G 83 35.07 -6.27 -23.56
C VAL G 83 34.35 -4.98 -23.94
N LYS G 84 34.93 -3.83 -23.63
CA LYS G 84 34.26 -2.56 -23.92
C LYS G 84 33.74 -2.53 -25.34
N LEU G 85 32.47 -2.13 -25.49
CA LEU G 85 31.78 -2.22 -26.78
C LEU G 85 32.56 -1.53 -27.89
N GLY G 86 32.84 -2.28 -28.96
CA GLY G 86 33.55 -1.73 -30.09
C GLY G 86 35.06 -1.84 -30.03
N THR G 87 35.62 -2.15 -28.85
CA THR G 87 37.06 -2.33 -28.72
C THR G 87 37.50 -3.62 -29.40
N SER G 88 38.75 -3.63 -29.88
CA SER G 88 39.25 -4.79 -30.61
C SER G 88 40.76 -4.92 -30.46
N LYS G 89 41.26 -6.16 -30.61
CA LYS G 89 42.69 -6.44 -30.63
C LYS G 89 42.99 -7.49 -31.70
N HIS G 90 44.20 -7.40 -32.26
CA HIS G 90 44.72 -8.37 -33.23
C HIS G 90 45.78 -9.22 -32.55
N PHE G 91 45.80 -10.52 -32.90
CA PHE G 91 46.72 -11.51 -32.35
C PHE G 91 47.41 -12.22 -33.50
N TYR G 92 48.69 -12.58 -33.32
CA TYR G 92 49.45 -13.34 -34.31
C TYR G 92 50.18 -14.51 -33.65
N MET G 93 50.14 -15.68 -34.29
CA MET G 93 50.75 -16.87 -33.68
C MET G 93 50.91 -17.92 -34.77
N PHE G 94 51.65 -18.99 -34.44
CA PHE G 94 51.77 -20.16 -35.30
C PHE G 94 50.90 -21.28 -34.77
N ASN G 95 50.17 -21.95 -35.67
CA ASN G 95 49.27 -23.00 -35.23
C ASN G 95 50.01 -24.35 -35.17
N ASP G 96 49.24 -25.43 -34.93
CA ASP G 96 49.81 -26.77 -34.79
C ASP G 96 50.49 -27.26 -36.06
N ASN G 97 50.12 -26.74 -37.23
CA ASN G 97 50.77 -27.11 -38.47
C ASN G 97 51.90 -26.15 -38.87
N LYS G 98 52.35 -25.32 -37.93
CA LYS G 98 53.44 -24.37 -38.13
C LYS G 98 53.10 -23.32 -39.19
N ASN G 99 51.83 -22.99 -39.35
CA ASN G 99 51.43 -21.88 -40.20
C ASN G 99 51.05 -20.70 -39.33
N SER G 100 51.45 -19.51 -39.75
CA SER G 100 51.06 -18.31 -39.00
C SER G 100 49.58 -18.03 -39.20
N VAL G 101 48.89 -17.69 -38.12
CA VAL G 101 47.47 -17.32 -38.19
C VAL G 101 47.24 -15.99 -37.49
N ALA G 102 46.18 -15.30 -37.91
CA ALA G 102 45.76 -14.05 -37.29
C ALA G 102 44.41 -14.27 -36.63
N VAL G 103 44.31 -13.83 -35.38
CA VAL G 103 43.16 -14.03 -34.52
C VAL G 103 42.90 -12.70 -33.84
N GLY G 104 41.67 -12.49 -33.39
CA GLY G 104 41.40 -11.32 -32.60
C GLY G 104 40.03 -11.41 -31.97
N TYR G 105 39.58 -10.28 -31.43
CA TYR G 105 38.26 -10.22 -30.84
C TYR G 105 37.70 -8.81 -31.01
N VAL G 106 36.37 -8.72 -30.96
CA VAL G 106 35.67 -7.44 -30.86
C VAL G 106 34.82 -7.51 -29.59
N GLY G 107 34.95 -6.50 -28.74
CA GLY G 107 34.19 -6.45 -27.51
C GLY G 107 32.75 -6.07 -27.75
N CYS G 108 31.86 -6.80 -27.09
CA CYS G 108 30.43 -6.55 -27.22
C CYS G 108 29.80 -6.04 -25.94
N GLY G 109 30.60 -5.47 -25.03
CA GLY G 109 30.04 -4.75 -23.89
C GLY G 109 29.59 -5.69 -22.77
N SER G 110 28.64 -5.21 -21.97
CA SER G 110 28.22 -5.96 -20.79
C SER G 110 26.71 -6.21 -20.68
N VAL G 111 25.91 -5.89 -21.69
CA VAL G 111 24.48 -6.20 -21.69
C VAL G 111 24.25 -7.30 -22.70
N ALA G 112 23.97 -8.51 -22.21
CA ALA G 112 23.72 -9.71 -23.00
C ALA G 112 22.95 -9.50 -24.31
N ASP G 113 21.98 -8.58 -24.34
CA ASP G 113 21.16 -8.37 -25.53
C ASP G 113 21.54 -7.05 -26.20
N LEU G 114 22.11 -7.15 -27.40
CA LEU G 114 22.58 -5.98 -28.12
C LEU G 114 21.42 -5.32 -28.88
N SER G 115 21.33 -4.00 -28.81
CA SER G 115 20.39 -3.29 -29.67
C SER G 115 20.92 -3.23 -31.09
N GLU G 116 20.07 -2.82 -32.04
CA GLU G 116 20.58 -2.65 -33.40
C GLU G 116 21.72 -1.62 -33.43
N ALA G 117 21.63 -0.57 -32.60
CA ALA G 117 22.70 0.41 -32.56
C ALA G 117 23.99 -0.19 -32.01
N ASP G 118 23.90 -0.98 -30.95
CA ASP G 118 25.09 -1.64 -30.40
C ASP G 118 25.70 -2.58 -31.42
N MET G 119 24.86 -3.35 -32.11
CA MET G 119 25.35 -4.32 -33.08
C MET G 119 26.02 -3.62 -34.26
N LYS G 120 25.50 -2.46 -34.65
CA LYS G 120 26.13 -1.69 -35.72
C LYS G 120 27.53 -1.28 -35.28
N ARG G 121 27.69 -0.91 -34.01
CA ARG G 121 28.99 -0.55 -33.50
C ARG G 121 29.97 -1.72 -33.57
N VAL G 122 29.49 -2.92 -33.24
CA VAL G 122 30.33 -4.11 -33.34
C VAL G 122 30.77 -4.31 -34.78
N VAL G 123 29.83 -4.18 -35.73
CA VAL G 123 30.13 -4.41 -37.13
C VAL G 123 31.14 -3.39 -37.65
N LEU G 124 31.00 -2.13 -37.25
CA LEU G 124 31.94 -1.11 -37.71
C LEU G 124 33.36 -1.42 -37.23
N SER G 125 33.51 -1.92 -35.99
CA SER G 125 34.84 -2.33 -35.51
C SER G 125 35.38 -3.50 -36.33
N LEU G 126 34.52 -4.47 -36.65
CA LEU G 126 34.90 -5.57 -37.51
C LEU G 126 35.34 -5.07 -38.89
N VAL G 127 34.60 -4.11 -39.46
CA VAL G 127 34.95 -3.64 -40.79
C VAL G 127 36.30 -2.93 -40.76
N THR G 128 36.63 -2.23 -39.66
CA THR G 128 37.95 -1.63 -39.54
C THR G 128 39.07 -2.67 -39.61
N MET G 129 38.82 -3.87 -39.08
CA MET G 129 39.82 -4.94 -39.16
C MET G 129 39.93 -5.47 -40.58
N LEU G 130 38.85 -5.39 -41.37
CA LEU G 130 38.89 -5.83 -42.76
C LEU G 130 39.59 -4.81 -43.66
N HIS G 131 39.47 -3.53 -43.35
CA HIS G 131 40.07 -2.49 -44.18
C HIS G 131 41.58 -2.42 -43.94
N ASP G 132 42.32 -2.22 -45.02
CA ASP G 132 43.78 -2.08 -45.02
C ASP G 132 44.49 -3.34 -44.56
N ASN G 133 43.90 -4.49 -44.84
CA ASN G 133 44.52 -5.78 -44.55
C ASN G 133 44.07 -6.72 -45.66
N LYS G 134 45.00 -7.12 -46.53
CA LYS G 134 44.64 -8.01 -47.63
C LYS G 134 44.37 -9.40 -47.07
N LEU G 135 43.10 -9.70 -46.88
CA LEU G 135 42.65 -10.97 -46.32
C LEU G 135 41.88 -11.77 -47.35
N SER G 136 42.09 -13.08 -47.37
CA SER G 136 41.26 -13.92 -48.22
C SER G 136 40.03 -14.43 -47.50
N LYS G 137 40.06 -14.48 -46.18
CA LYS G 137 38.97 -15.06 -45.41
C LYS G 137 38.79 -14.32 -44.10
N LEU G 138 37.54 -14.16 -43.69
CA LEU G 138 37.20 -13.74 -42.35
C LEU G 138 36.40 -14.85 -41.67
N THR G 139 36.73 -15.15 -40.43
CA THR G 139 35.93 -16.07 -39.62
C THR G 139 35.45 -15.35 -38.36
N VAL G 140 34.16 -15.46 -38.08
CA VAL G 140 33.55 -14.79 -36.93
C VAL G 140 32.99 -15.85 -36.00
N VAL G 141 33.38 -15.78 -34.72
CA VAL G 141 32.92 -16.74 -33.72
C VAL G 141 31.98 -16.01 -32.75
N PHE G 142 30.71 -16.42 -32.72
CA PHE G 142 29.70 -15.79 -31.86
C PHE G 142 29.78 -16.39 -30.46
N GLU G 143 30.35 -15.65 -29.52
CA GLU G 143 30.26 -15.99 -28.10
C GLU G 143 29.26 -15.07 -27.39
N ILE G 144 28.26 -14.59 -28.14
CA ILE G 144 27.17 -13.79 -27.63
C ILE G 144 25.89 -14.41 -28.15
N ASN G 145 24.79 -14.05 -27.50
CA ASN G 145 23.49 -14.61 -27.83
C ASN G 145 22.78 -13.64 -28.75
N VAL G 146 22.36 -14.13 -29.92
CA VAL G 146 21.63 -13.33 -30.90
C VAL G 146 20.46 -14.15 -31.40
N ASP G 147 19.32 -13.51 -31.60
CA ASP G 147 18.24 -14.27 -32.19
C ASP G 147 18.43 -14.28 -33.70
N LYS G 148 17.52 -14.96 -34.39
CA LYS G 148 17.66 -15.16 -35.84
C LYS G 148 17.65 -13.84 -36.60
N ASN G 149 16.76 -12.91 -36.23
CA ASN G 149 16.70 -11.63 -36.92
C ASN G 149 17.95 -10.79 -36.67
N LEU G 150 18.51 -10.84 -35.45
CA LEU G 150 19.72 -10.05 -35.15
C LEU G 150 20.96 -10.65 -35.80
N PHE G 151 21.02 -11.98 -35.92
CA PHE G 151 22.07 -12.60 -36.71
C PHE G 151 21.96 -12.18 -38.17
N ARG G 152 20.74 -12.18 -38.74
CA ARG G 152 20.62 -11.70 -40.11
C ARG G 152 21.05 -10.25 -40.21
N PHE G 153 20.63 -9.43 -39.25
CA PHE G 153 21.00 -8.01 -39.23
C PHE G 153 22.51 -7.83 -39.16
N PHE G 154 23.20 -8.64 -38.35
CA PHE G 154 24.67 -8.61 -38.33
C PHE G 154 25.23 -8.81 -39.72
N LEU G 155 24.75 -9.85 -40.42
CA LEU G 155 25.28 -10.16 -41.75
C LEU G 155 24.99 -9.04 -42.74
N GLU G 156 23.74 -8.57 -42.75
CA GLU G 156 23.34 -7.49 -43.68
C GLU G 156 24.20 -6.27 -43.48
N THR G 157 24.42 -5.90 -42.21
CA THR G 157 25.15 -4.68 -41.88
C THR G 157 26.63 -4.83 -42.22
N LEU G 158 27.20 -5.99 -41.93
CA LEU G 158 28.58 -6.28 -42.34
C LEU G 158 28.73 -6.12 -43.85
N PHE G 159 27.84 -6.76 -44.62
CA PHE G 159 27.90 -6.67 -46.08
C PHE G 159 27.79 -5.22 -46.54
N TYR G 160 26.80 -4.48 -46.02
CA TYR G 160 26.55 -3.12 -46.47
C TYR G 160 27.70 -2.18 -46.10
N GLU G 161 28.19 -2.26 -44.87
CA GLU G 161 29.26 -1.35 -44.46
C GLU G 161 30.58 -1.70 -45.12
N TYR G 162 30.79 -2.98 -45.41
CA TYR G 162 32.02 -3.43 -46.06
C TYR G 162 32.10 -2.94 -47.50
N MET G 163 30.96 -2.92 -48.20
CA MET G 163 30.91 -2.48 -49.60
C MET G 163 31.29 -1.01 -49.74
N THR G 164 32.19 -0.70 -50.68
CA THR G 164 32.61 0.67 -50.96
C THR G 164 32.18 1.02 -52.39
N ASP G 165 31.42 2.10 -52.51
CA ASP G 165 30.83 2.52 -53.79
C ASP G 165 31.83 3.39 -54.54
N GLU G 166 32.41 2.85 -55.61
CA GLU G 166 33.41 3.59 -56.38
C GLU G 166 32.92 3.98 -57.77
N ARG G 167 31.59 4.01 -57.99
CA ARG G 167 31.05 4.26 -59.32
C ARG G 167 31.49 5.61 -59.86
N PHE G 168 31.71 6.59 -58.98
CA PHE G 168 32.03 7.94 -59.44
C PHE G 168 33.50 8.29 -59.24
N LYS G 169 34.32 7.31 -58.85
CA LYS G 169 35.76 7.50 -58.80
C LYS G 169 36.34 7.29 -60.18
N SER G 170 37.32 8.10 -60.53
CA SER G 170 38.01 7.91 -61.79
C SER G 170 39.51 7.82 -61.54
N THR G 171 40.13 8.94 -61.19
CA THR G 171 41.55 8.98 -60.87
C THR G 171 41.86 8.61 -59.42
N ASP G 172 40.85 8.42 -58.55
CA ASP G 172 41.09 8.28 -57.11
C ASP G 172 40.48 6.97 -56.56
N LYS G 173 40.45 5.91 -57.39
CA LYS G 173 40.10 4.60 -56.87
C LYS G 173 41.13 4.16 -55.84
N ASN G 174 40.68 3.35 -54.87
CA ASN G 174 41.53 2.85 -53.79
C ASN G 174 42.33 1.66 -54.30
N VAL G 175 43.63 1.84 -54.50
CA VAL G 175 44.44 0.81 -55.13
C VAL G 175 44.58 -0.45 -54.27
N ASN G 176 44.38 -0.35 -52.95
CA ASN G 176 44.57 -1.47 -52.05
C ASN G 176 43.27 -2.16 -51.65
N MET G 177 42.11 -1.72 -52.15
CA MET G 177 40.84 -2.35 -51.80
C MET G 177 40.76 -3.75 -52.37
N GLU G 178 40.60 -4.73 -51.49
CA GLU G 178 40.52 -6.13 -51.85
C GLU G 178 39.52 -6.74 -50.88
N TYR G 179 38.59 -7.53 -51.41
CA TYR G 179 37.56 -8.15 -50.59
C TYR G 179 37.89 -9.60 -50.26
N ILE G 180 37.51 -10.04 -49.06
CA ILE G 180 37.60 -11.46 -48.73
C ILE G 180 36.78 -12.24 -49.73
N LYS G 181 37.16 -13.50 -49.93
CA LYS G 181 36.39 -14.42 -50.77
C LYS G 181 35.57 -15.43 -49.97
N HIS G 182 35.81 -15.54 -48.67
CA HIS G 182 35.18 -16.54 -47.83
C HIS G 182 34.88 -15.91 -46.49
N LEU G 183 33.70 -16.22 -45.96
CA LEU G 183 33.32 -15.81 -44.62
C LEU G 183 32.83 -17.04 -43.87
N GLY G 184 33.46 -17.37 -42.77
CA GLY G 184 33.04 -18.47 -41.92
C GLY G 184 32.39 -17.90 -40.68
N VAL G 185 31.33 -18.56 -40.23
CA VAL G 185 30.60 -18.14 -39.03
C VAL G 185 30.47 -19.36 -38.13
N TYR G 186 30.87 -19.22 -36.87
CA TYR G 186 30.69 -20.26 -35.87
C TYR G 186 29.64 -19.79 -34.88
N ILE G 187 28.62 -20.61 -34.65
CA ILE G 187 27.55 -20.19 -33.76
C ILE G 187 26.88 -21.43 -33.18
N ASN G 188 26.37 -21.30 -31.95
CA ASN G 188 25.60 -22.37 -31.35
C ASN G 188 24.28 -22.55 -32.12
N ASN G 189 23.85 -23.81 -32.26
CA ASN G 189 22.61 -24.17 -32.98
C ASN G 189 22.65 -23.64 -34.42
N ALA G 190 23.77 -23.90 -35.10
CA ALA G 190 24.03 -23.32 -36.40
C ALA G 190 22.97 -23.66 -37.42
N ASP G 191 22.37 -24.85 -37.33
CA ASP G 191 21.40 -25.26 -38.33
C ASP G 191 20.21 -24.30 -38.36
N THR G 192 19.82 -23.77 -37.22
CA THR G 192 18.68 -22.86 -37.18
C THR G 192 19.01 -21.47 -37.74
N TYR G 193 20.29 -21.09 -37.82
CA TYR G 193 20.65 -19.77 -38.34
C TYR G 193 20.97 -19.77 -39.84
N LYS G 194 21.18 -20.96 -40.42
CA LYS G 194 21.65 -21.04 -41.80
C LYS G 194 20.68 -20.41 -42.81
N GLU G 195 19.38 -20.50 -42.55
CA GLU G 195 18.41 -19.93 -43.48
C GLU G 195 18.49 -18.41 -43.55
N GLU G 196 19.14 -17.77 -42.58
CA GLU G 196 19.26 -16.32 -42.61
C GLU G 196 20.32 -15.84 -43.58
N VAL G 197 21.23 -16.71 -44.00
CA VAL G 197 22.38 -16.26 -44.78
C VAL G 197 21.93 -15.70 -46.12
N GLU G 198 21.19 -16.49 -46.90
CA GLU G 198 20.86 -15.98 -48.23
C GLU G 198 19.82 -14.88 -48.14
N LYS G 199 18.98 -14.90 -47.09
CA LYS G 199 18.07 -13.79 -46.86
C LYS G 199 18.83 -12.50 -46.59
N ALA G 200 19.88 -12.57 -45.74
CA ALA G 200 20.73 -11.42 -45.46
C ALA G 200 21.39 -10.88 -46.73
N ARG G 201 21.86 -11.79 -47.59
CA ARG G 201 22.50 -11.37 -48.83
C ARG G 201 21.50 -10.64 -49.74
N VAL G 202 20.26 -11.12 -49.79
CA VAL G 202 19.21 -10.45 -50.56
C VAL G 202 18.90 -9.08 -49.95
N TYR G 203 18.72 -9.03 -48.63
CA TYR G 203 18.41 -7.77 -47.97
C TYR G 203 19.55 -6.76 -48.11
N TYR G 204 20.80 -7.24 -48.01
CA TYR G 204 21.96 -6.37 -48.23
C TYR G 204 21.88 -5.70 -49.59
N PHE G 205 21.62 -6.46 -50.66
CA PHE G 205 21.66 -5.83 -51.97
C PHE G 205 20.46 -4.91 -52.18
N GLY G 206 19.30 -5.27 -51.66
CA GLY G 206 18.17 -4.35 -51.75
C GLY G 206 18.50 -3.01 -51.13
N THR G 207 19.19 -3.03 -49.98
CA THR G 207 19.59 -1.81 -49.30
C THR G 207 20.72 -1.09 -50.04
N TYR G 208 21.72 -1.85 -50.51
CA TYR G 208 22.81 -1.26 -51.26
C TYR G 208 22.33 -0.72 -52.61
N TYR G 209 21.38 -1.42 -53.26
CA TYR G 209 20.79 -0.89 -54.48
C TYR G 209 20.09 0.46 -54.21
N ALA G 210 19.30 0.55 -53.16
CA ALA G 210 18.68 1.84 -52.82
C ALA G 210 19.73 2.91 -52.57
N SER G 211 20.78 2.54 -51.82
CA SER G 211 21.87 3.48 -51.55
C SER G 211 22.52 3.97 -52.84
N GLN G 212 22.69 3.07 -53.82
CA GLN G 212 23.31 3.46 -55.09
C GLN G 212 22.47 4.50 -55.81
N LEU G 213 21.14 4.35 -55.79
CA LEU G 213 20.26 5.33 -56.41
C LEU G 213 20.30 6.65 -55.65
N ILE G 214 20.30 6.58 -54.32
CA ILE G 214 20.30 7.80 -53.52
C ILE G 214 21.61 8.56 -53.71
N ALA G 215 22.75 7.86 -53.59
CA ALA G 215 24.04 8.55 -53.69
C ALA G 215 24.29 9.08 -55.11
N ALA G 216 23.71 8.45 -56.12
CA ALA G 216 23.89 8.96 -57.48
C ALA G 216 23.38 10.41 -57.55
N PRO G 217 24.20 11.37 -57.97
CA PRO G 217 23.77 12.78 -57.96
C PRO G 217 22.69 13.05 -58.98
N SER G 218 22.08 14.23 -58.84
CA SER G 218 20.89 14.58 -59.61
C SER G 218 21.13 14.75 -61.10
N ASN G 219 22.38 14.99 -61.52
CA ASN G 219 22.65 15.00 -62.96
C ASN G 219 22.66 13.58 -63.52
N TYR G 220 23.07 12.61 -62.71
CA TYR G 220 23.00 11.21 -63.14
C TYR G 220 21.60 10.64 -62.95
N CYS G 221 21.03 10.86 -61.77
CA CYS G 221 19.76 10.28 -61.35
C CYS G 221 18.71 11.39 -61.45
N ASN G 222 17.99 11.42 -62.54
CA ASN G 222 16.94 12.40 -62.80
C ASN G 222 15.66 11.61 -63.08
N PRO G 223 14.50 12.26 -63.27
CA PRO G 223 13.27 11.47 -63.41
C PRO G 223 13.31 10.50 -64.56
N VAL G 224 14.01 10.83 -65.66
CA VAL G 224 14.04 9.89 -66.77
C VAL G 224 14.97 8.72 -66.46
N SER G 225 16.19 9.02 -66.01
CA SER G 225 17.15 7.95 -65.76
C SER G 225 16.74 7.09 -64.58
N LEU G 226 16.05 7.68 -63.58
CA LEU G 226 15.60 6.88 -62.45
C LEU G 226 14.45 5.94 -62.85
N SER G 227 13.52 6.41 -63.66
CA SER G 227 12.49 5.50 -64.13
C SER G 227 13.06 4.47 -65.11
N ASN G 228 14.07 4.85 -65.91
CA ASN G 228 14.72 3.85 -66.75
C ASN G 228 15.34 2.76 -65.90
N ALA G 229 15.98 3.14 -64.78
CA ALA G 229 16.57 2.13 -63.91
C ALA G 229 15.51 1.19 -63.35
N ALA G 230 14.33 1.74 -63.03
CA ALA G 230 13.25 0.91 -62.52
C ALA G 230 12.79 -0.09 -63.57
N VAL G 231 12.73 0.33 -64.85
CA VAL G 231 12.36 -0.60 -65.91
C VAL G 231 13.36 -1.73 -66.00
N GLU G 232 14.66 -1.37 -65.95
CA GLU G 232 15.70 -2.38 -66.03
C GLU G 232 15.62 -3.35 -64.85
N LEU G 233 15.36 -2.84 -63.65
CA LEU G 233 15.19 -3.73 -62.51
C LEU G 233 14.02 -4.68 -62.73
N ALA G 234 12.89 -4.14 -63.20
CA ALA G 234 11.71 -4.97 -63.42
C ALA G 234 11.97 -6.05 -64.46
N GLN G 235 12.69 -5.69 -65.53
CA GLN G 235 13.01 -6.66 -66.57
C GLN G 235 13.87 -7.79 -66.03
N LYS G 236 14.81 -7.47 -65.14
CA LYS G 236 15.66 -8.50 -64.55
C LYS G 236 14.93 -9.41 -63.58
N LEU G 237 13.93 -8.90 -62.87
CA LEU G 237 13.21 -9.70 -61.90
C LEU G 237 11.89 -10.27 -62.44
N ASN G 238 11.54 -9.98 -63.69
CA ASN G 238 10.26 -10.44 -64.25
C ASN G 238 9.06 -9.85 -63.53
N LEU G 239 9.18 -8.57 -63.14
CA LEU G 239 8.05 -7.80 -62.63
C LEU G 239 7.33 -7.14 -63.79
N GLU G 240 6.02 -6.96 -63.66
CA GLU G 240 5.30 -6.11 -64.60
C GLU G 240 5.68 -4.67 -64.36
N TYR G 241 5.66 -3.87 -65.42
CA TYR G 241 6.01 -2.47 -65.22
C TYR G 241 5.22 -1.60 -66.20
N LYS G 242 5.02 -0.38 -65.76
CA LYS G 242 4.34 0.66 -66.49
C LYS G 242 5.00 1.96 -66.04
N ILE G 243 5.51 2.77 -66.97
CA ILE G 243 6.01 4.11 -66.66
C ILE G 243 5.02 5.09 -67.27
N LEU G 244 4.39 5.91 -66.44
CA LEU G 244 3.43 6.87 -66.97
C LEU G 244 4.14 8.17 -67.34
N GLY G 245 3.94 8.63 -68.59
CA GLY G 245 4.50 9.88 -69.04
C GLY G 245 3.49 11.03 -68.96
N VAL G 246 3.93 12.22 -69.39
CA VAL G 246 3.16 13.44 -69.15
C VAL G 246 1.77 13.34 -69.80
N LYS G 247 1.70 12.82 -71.02
CA LYS G 247 0.42 12.76 -71.71
C LYS G 247 -0.59 11.94 -70.93
N GLU G 248 -0.19 10.75 -70.44
CA GLU G 248 -1.09 9.96 -69.63
C GLU G 248 -1.34 10.59 -68.26
N LEU G 249 -0.34 11.26 -67.69
CA LEU G 249 -0.56 11.94 -66.41
C LEU G 249 -1.57 13.09 -66.56
N GLU G 250 -1.53 13.80 -67.69
CA GLU G 250 -2.51 14.86 -67.93
C GLU G 250 -3.92 14.28 -68.06
N GLU G 251 -4.03 13.15 -68.76
CA GLU G 251 -5.33 12.49 -68.93
C GLU G 251 -5.89 12.06 -67.58
N LEU G 252 -5.03 11.62 -66.67
CA LEU G 252 -5.43 11.27 -65.32
C LEU G 252 -5.58 12.49 -64.42
N LYS G 253 -5.35 13.69 -64.94
CA LYS G 253 -5.61 14.92 -64.19
C LYS G 253 -4.72 15.03 -62.94
N MET G 254 -3.46 14.59 -63.04
CA MET G 254 -2.57 14.62 -61.89
C MET G 254 -1.92 16.02 -61.75
N GLY G 255 -2.78 17.01 -61.48
CA GLY G 255 -2.32 18.39 -61.51
C GLY G 255 -1.40 18.78 -60.36
N ALA G 256 -1.53 18.12 -59.22
CA ALA G 256 -0.63 18.45 -58.14
C ALA G 256 0.79 17.95 -58.46
N TYR G 257 0.90 16.68 -58.87
CA TYR G 257 2.20 16.10 -59.24
C TYR G 257 2.80 16.82 -60.44
N LEU G 258 1.99 17.10 -61.47
CA LEU G 258 2.52 17.74 -62.66
C LEU G 258 3.01 19.16 -62.37
N SER G 259 2.35 19.87 -61.44
CA SER G 259 2.76 21.24 -61.15
C SER G 259 4.17 21.28 -60.60
N VAL G 260 4.50 20.35 -59.71
CA VAL G 260 5.82 20.33 -59.10
C VAL G 260 6.90 20.21 -60.18
N GLY G 261 6.64 19.42 -61.21
CA GLY G 261 7.60 19.17 -62.26
C GLY G 261 7.67 20.17 -63.38
N LYS G 262 6.79 21.19 -63.37
CA LYS G 262 6.70 22.11 -64.50
C LYS G 262 8.04 22.79 -64.75
N GLY G 263 8.76 23.14 -63.70
CA GLY G 263 10.00 23.87 -63.88
C GLY G 263 11.21 23.04 -64.29
N SER G 264 11.06 21.73 -64.51
CA SER G 264 12.22 20.88 -64.77
C SER G 264 12.42 20.66 -66.26
N MET G 265 13.69 20.48 -66.67
CA MET G 265 13.93 20.08 -68.05
C MET G 265 13.62 18.59 -68.25
N TYR G 266 13.43 17.82 -67.17
CA TYR G 266 13.15 16.40 -67.29
C TYR G 266 11.65 16.15 -67.15
N PRO G 267 11.01 15.51 -68.13
CA PRO G 267 9.57 15.22 -67.98
C PRO G 267 9.32 14.32 -66.79
N ASN G 268 8.21 14.57 -66.10
CA ASN G 268 7.76 13.69 -65.04
C ASN G 268 7.61 12.26 -65.57
N LYS G 269 7.96 11.29 -64.72
CA LYS G 269 7.75 9.88 -65.01
C LYS G 269 7.20 9.21 -63.75
N PHE G 270 6.07 8.55 -63.88
CA PHE G 270 5.44 7.86 -62.77
C PHE G 270 5.73 6.36 -62.90
N ILE G 271 6.41 5.81 -61.91
CA ILE G 271 6.82 4.41 -61.91
C ILE G 271 5.71 3.58 -61.30
N HIS G 272 5.33 2.51 -61.99
CA HIS G 272 4.39 1.52 -61.43
C HIS G 272 4.95 0.14 -61.75
N LEU G 273 5.56 -0.52 -60.76
CA LEU G 273 5.96 -1.92 -60.90
C LEU G 273 4.97 -2.80 -60.14
N THR G 274 4.77 -4.03 -60.62
CA THR G 274 3.85 -4.94 -59.95
C THR G 274 4.46 -6.33 -59.81
N TYR G 275 4.45 -6.85 -58.59
CA TYR G 275 4.73 -8.25 -58.31
C TYR G 275 3.42 -8.96 -58.03
N LYS G 276 3.20 -10.08 -58.71
CA LYS G 276 2.02 -10.89 -58.45
C LYS G 276 2.46 -12.31 -58.15
N SER G 277 1.94 -12.88 -57.06
CA SER G 277 2.24 -14.28 -56.75
C SER G 277 1.50 -15.18 -57.74
N LYS G 278 2.05 -16.39 -57.95
CA LYS G 278 1.42 -17.33 -58.89
C LYS G 278 0.11 -17.93 -58.37
N GLY G 279 -0.05 -18.04 -57.05
CA GLY G 279 -1.24 -18.65 -56.48
C GLY G 279 -2.36 -17.65 -56.28
N ASP G 280 -3.32 -18.04 -55.45
CA ASP G 280 -4.47 -17.17 -55.18
C ASP G 280 -4.02 -15.94 -54.40
N VAL G 281 -4.46 -14.76 -54.83
CA VAL G 281 -4.05 -13.52 -54.18
C VAL G 281 -4.92 -13.31 -52.94
N LYS G 282 -4.28 -13.27 -51.77
CA LYS G 282 -4.98 -13.04 -50.52
C LYS G 282 -4.78 -11.63 -49.95
N LYS G 283 -3.78 -10.90 -50.42
CA LYS G 283 -3.53 -9.55 -49.94
C LYS G 283 -2.98 -8.71 -51.09
N LYS G 284 -3.48 -7.48 -51.22
CA LYS G 284 -2.99 -6.53 -52.22
C LYS G 284 -2.43 -5.30 -51.50
N ILE G 285 -1.24 -4.89 -51.88
CA ILE G 285 -0.50 -3.86 -51.17
C ILE G 285 0.04 -2.86 -52.17
N ALA G 286 -0.08 -1.55 -51.87
CA ALA G 286 0.60 -0.51 -52.64
C ALA G 286 1.66 0.13 -51.76
N LEU G 287 2.90 0.14 -52.25
CA LEU G 287 4.02 0.83 -51.60
C LEU G 287 4.35 2.06 -52.43
N VAL G 288 4.32 3.25 -51.79
CA VAL G 288 4.45 4.54 -52.46
C VAL G 288 5.68 5.26 -51.91
N GLY G 289 6.62 5.60 -52.77
CA GLY G 289 7.84 6.29 -52.37
C GLY G 289 7.94 7.69 -52.96
N LYS G 290 8.32 8.63 -52.13
CA LYS G 290 8.54 9.98 -52.65
C LYS G 290 9.77 9.98 -53.53
N GLY G 291 9.63 10.51 -54.75
CA GLY G 291 10.68 10.46 -55.74
C GLY G 291 11.08 11.81 -56.32
N ILE G 292 11.59 12.72 -55.49
CA ILE G 292 12.07 14.01 -55.95
C ILE G 292 13.58 13.88 -56.16
N THR G 293 14.03 13.89 -57.43
CA THR G 293 15.41 13.56 -57.72
C THR G 293 16.35 14.71 -57.38
N PHE G 294 15.84 15.95 -57.38
CA PHE G 294 16.53 17.07 -56.77
C PHE G 294 15.48 18.06 -56.29
N ASP G 295 15.64 18.54 -55.08
CA ASP G 295 14.72 19.51 -54.52
C ASP G 295 15.47 20.82 -54.31
N SER G 296 15.37 21.73 -55.27
CA SER G 296 15.91 23.08 -55.03
C SER G 296 15.05 23.90 -54.09
N GLY G 297 13.82 23.46 -53.83
CA GLY G 297 12.82 24.26 -53.18
C GLY G 297 11.88 24.99 -54.13
N GLY G 298 12.28 25.14 -55.39
CA GLY G 298 11.51 25.96 -56.34
C GLY G 298 11.67 27.43 -56.02
N TYR G 299 10.63 28.22 -56.36
CA TYR G 299 10.69 29.65 -56.09
C TYR G 299 10.85 29.94 -54.60
N ASN G 300 10.37 29.05 -53.72
CA ASN G 300 10.76 29.07 -52.31
C ASN G 300 12.13 28.37 -52.17
N LEU G 301 13.15 28.97 -52.78
CA LEU G 301 14.46 28.34 -52.92
C LEU G 301 15.09 28.02 -51.56
N LYS G 302 15.78 26.88 -51.47
CA LYS G 302 16.52 26.56 -50.25
C LYS G 302 17.78 27.44 -50.15
N ALA G 303 17.58 28.65 -49.65
CA ALA G 303 18.66 29.63 -49.46
C ALA G 303 18.89 29.95 -48.00
N ALA G 304 18.08 29.42 -47.09
CA ALA G 304 18.26 29.70 -45.68
C ALA G 304 19.46 28.93 -45.12
N PRO G 305 20.17 29.49 -44.14
CA PRO G 305 21.26 28.73 -43.49
C PRO G 305 20.75 27.40 -42.96
N GLY G 306 21.46 26.32 -43.27
CA GLY G 306 21.06 25.02 -42.79
C GLY G 306 20.02 24.30 -43.63
N SER G 307 19.64 24.84 -44.78
CA SER G 307 18.63 24.16 -45.57
C SER G 307 19.24 23.05 -46.44
N MET G 308 20.58 22.92 -46.47
CA MET G 308 21.27 21.74 -47.04
C MET G 308 20.87 21.44 -48.49
N ILE G 309 20.80 22.50 -49.31
CA ILE G 309 20.44 22.26 -50.71
C ILE G 309 21.43 21.31 -51.38
N ASP G 310 22.68 21.27 -50.91
CA ASP G 310 23.67 20.43 -51.57
C ASP G 310 23.44 18.94 -51.35
N LEU G 311 22.59 18.57 -50.41
CA LEU G 311 22.30 17.18 -50.12
C LEU G 311 21.03 16.70 -50.79
N MET G 312 20.32 17.57 -51.54
CA MET G 312 18.93 17.27 -51.90
C MET G 312 18.77 16.26 -53.04
N LYS G 313 19.88 15.70 -53.56
CA LYS G 313 19.74 14.46 -54.31
C LYS G 313 19.10 13.36 -53.48
N PHE G 314 19.11 13.45 -52.14
CA PHE G 314 18.51 12.34 -51.40
C PHE G 314 17.01 12.44 -51.30
N ASP G 315 16.38 13.40 -51.96
CA ASP G 315 14.92 13.54 -51.81
C ASP G 315 14.15 12.48 -52.59
N MET G 316 14.84 11.53 -53.22
CA MET G 316 14.19 10.35 -53.79
C MET G 316 14.49 9.09 -52.98
N SER G 317 14.88 9.26 -51.70
CA SER G 317 15.19 8.12 -50.84
C SER G 317 13.98 7.21 -50.63
N GLY G 318 12.78 7.78 -50.60
CA GLY G 318 11.60 6.95 -50.46
C GLY G 318 11.35 6.08 -51.68
N CYS G 319 11.44 6.68 -52.87
CA CYS G 319 11.39 5.89 -54.09
C CYS G 319 12.47 4.80 -54.06
N ALA G 320 13.67 5.16 -53.61
CA ALA G 320 14.76 4.18 -53.59
C ALA G 320 14.42 2.99 -52.69
N ALA G 321 13.86 3.26 -51.51
CA ALA G 321 13.50 2.18 -50.61
C ALA G 321 12.45 1.27 -51.23
N VAL G 322 11.47 1.86 -51.92
CA VAL G 322 10.44 1.07 -52.57
C VAL G 322 11.04 0.20 -53.70
N LEU G 323 12.00 0.75 -54.46
CA LEU G 323 12.62 -0.04 -55.51
C LEU G 323 13.53 -1.12 -54.93
N GLY G 324 14.22 -0.82 -53.82
CA GLY G 324 14.99 -1.86 -53.15
C GLY G 324 14.12 -2.96 -52.60
N CYS G 325 12.94 -2.60 -52.07
CA CYS G 325 11.98 -3.60 -51.65
C CYS G 325 11.52 -4.44 -52.85
N ALA G 326 11.32 -3.81 -54.00
CA ALA G 326 10.95 -4.57 -55.19
C ALA G 326 12.02 -5.59 -55.56
N TYR G 327 13.30 -5.22 -55.41
CA TYR G 327 14.35 -6.20 -55.63
C TYR G 327 14.19 -7.39 -54.67
N CYS G 328 14.00 -7.10 -53.37
CA CYS G 328 13.93 -8.19 -52.40
C CYS G 328 12.70 -9.08 -52.64
N VAL G 329 11.55 -8.46 -52.91
CA VAL G 329 10.31 -9.20 -53.12
C VAL G 329 10.38 -10.01 -54.39
N GLY G 330 10.87 -9.41 -55.48
CA GLY G 330 11.00 -10.12 -56.73
C GLY G 330 11.98 -11.27 -56.67
N THR G 331 12.94 -11.21 -55.74
CA THR G 331 13.95 -12.24 -55.56
C THR G 331 13.47 -13.37 -54.65
N LEU G 332 12.84 -13.02 -53.55
CA LEU G 332 12.40 -14.01 -52.58
C LEU G 332 11.06 -14.62 -52.93
N LYS G 333 10.28 -13.95 -53.77
CA LYS G 333 9.01 -14.41 -54.33
C LYS G 333 8.02 -14.91 -53.28
N PRO G 334 7.51 -14.03 -52.41
CA PRO G 334 6.46 -14.47 -51.46
C PRO G 334 5.17 -14.89 -52.16
N GLU G 335 4.41 -15.77 -51.51
CA GLU G 335 3.18 -16.25 -52.10
C GLU G 335 1.96 -15.49 -51.58
N ASN G 336 0.88 -15.59 -52.35
CA ASN G 336 -0.45 -15.10 -51.99
C ASN G 336 -0.54 -13.59 -51.86
N VAL G 337 0.38 -12.83 -52.47
CA VAL G 337 0.36 -11.37 -52.34
C VAL G 337 0.50 -10.77 -53.73
N GLU G 338 -0.03 -9.56 -53.86
CA GLU G 338 0.18 -8.72 -55.03
C GLU G 338 0.67 -7.38 -54.54
N ILE G 339 1.85 -6.95 -55.00
CA ILE G 339 2.47 -5.74 -54.49
C ILE G 339 2.64 -4.78 -55.67
N HIS G 340 2.16 -3.55 -55.47
CA HIS G 340 2.39 -2.47 -56.41
C HIS G 340 3.46 -1.54 -55.84
N PHE G 341 4.49 -1.24 -56.63
CA PHE G 341 5.58 -0.35 -56.24
C PHE G 341 5.44 0.93 -57.07
N LEU G 342 5.11 2.05 -56.41
CA LEU G 342 4.73 3.28 -57.10
C LEU G 342 5.65 4.44 -56.71
N SER G 343 5.97 5.29 -57.67
CA SER G 343 6.64 6.55 -57.33
C SER G 343 6.35 7.60 -58.38
N ALA G 344 5.87 8.75 -57.93
CA ALA G 344 5.63 9.90 -58.81
C ALA G 344 6.93 10.69 -58.86
N VAL G 345 7.75 10.41 -59.87
CA VAL G 345 9.12 10.94 -59.93
C VAL G 345 9.12 12.26 -60.70
N CYS G 346 9.82 13.26 -60.16
CA CYS G 346 9.95 14.56 -60.81
C CYS G 346 11.07 15.31 -60.12
N GLU G 347 11.33 16.51 -60.61
CA GLU G 347 12.41 17.36 -60.10
C GLU G 347 11.86 18.76 -59.84
N ASN G 348 12.23 19.35 -58.68
CA ASN G 348 11.66 20.64 -58.23
C ASN G 348 12.67 21.77 -58.46
N MET G 349 12.46 22.57 -59.50
CA MET G 349 13.48 23.47 -60.06
C MET G 349 12.93 24.88 -60.19
N VAL G 350 13.82 25.81 -60.53
CA VAL G 350 13.49 27.22 -60.74
C VAL G 350 13.64 27.55 -62.21
N SER G 351 12.59 28.14 -62.78
CA SER G 351 12.46 28.28 -64.24
C SER G 351 11.37 29.29 -64.51
N LYS G 352 11.36 29.82 -65.74
CA LYS G 352 10.18 30.55 -66.20
C LYS G 352 8.93 29.67 -66.16
N ASN G 353 9.10 28.35 -66.25
CA ASN G 353 7.98 27.42 -66.35
C ASN G 353 7.53 26.86 -65.00
N SER G 354 8.17 27.24 -63.89
CA SER G 354 7.82 26.65 -62.60
C SER G 354 6.44 27.06 -62.10
N TYR G 355 5.87 26.22 -61.24
CA TYR G 355 4.70 26.64 -60.49
C TYR G 355 5.17 27.64 -59.43
N ARG G 356 4.24 28.48 -59.01
CA ARG G 356 4.52 29.62 -58.14
C ARG G 356 3.88 29.44 -56.78
N PRO G 357 4.48 29.99 -55.72
CA PRO G 357 3.76 30.13 -54.44
C PRO G 357 2.47 30.91 -54.69
N GLY G 358 1.35 30.43 -54.14
CA GLY G 358 0.06 31.04 -54.39
C GLY G 358 -0.76 30.37 -55.50
N ASP G 359 -0.12 29.59 -56.38
CA ASP G 359 -0.87 28.93 -57.43
C ASP G 359 -1.96 28.04 -56.83
N ILE G 360 -3.10 27.93 -57.51
CA ILE G 360 -4.12 26.98 -57.11
C ILE G 360 -4.15 25.89 -58.17
N ILE G 361 -3.94 24.66 -57.73
CA ILE G 361 -3.79 23.53 -58.63
C ILE G 361 -4.82 22.46 -58.24
N THR G 362 -5.15 21.58 -59.20
CA THR G 362 -6.22 20.60 -58.99
C THR G 362 -5.65 19.18 -59.03
N ALA G 363 -5.82 18.47 -57.93
CA ALA G 363 -5.34 17.11 -57.81
C ALA G 363 -6.26 16.17 -58.58
N SER G 364 -5.81 14.92 -58.78
CA SER G 364 -6.56 13.97 -59.60
C SER G 364 -7.88 13.53 -58.97
N ASN G 365 -8.12 13.78 -57.68
CA ASN G 365 -9.44 13.51 -57.10
C ASN G 365 -10.34 14.73 -57.09
N GLY G 366 -9.97 15.78 -57.83
CA GLY G 366 -10.77 16.98 -57.96
C GLY G 366 -10.54 18.03 -56.89
N LYS G 367 -9.79 17.72 -55.83
CA LYS G 367 -9.56 18.70 -54.77
C LYS G 367 -8.62 19.80 -55.25
N THR G 368 -9.03 21.06 -55.08
CA THR G 368 -8.17 22.19 -55.42
C THR G 368 -7.29 22.52 -54.22
N ILE G 369 -6.04 22.86 -54.51
CA ILE G 369 -5.02 23.06 -53.49
C ILE G 369 -4.38 24.44 -53.69
N GLU G 370 -4.30 25.23 -52.63
CA GLU G 370 -3.54 26.48 -52.67
C GLU G 370 -2.10 26.20 -52.23
N VAL G 371 -1.14 26.46 -53.12
CA VAL G 371 0.28 26.27 -52.80
C VAL G 371 0.74 27.43 -51.93
N GLY G 372 1.16 27.13 -50.70
CA GLY G 372 1.68 28.16 -49.82
C GLY G 372 3.20 28.24 -49.85
N ASN G 373 3.87 27.19 -50.33
CA ASN G 373 5.33 27.11 -50.34
C ASN G 373 5.75 26.04 -51.34
N THR G 374 6.51 26.42 -52.38
CA THR G 374 6.84 25.44 -53.43
C THR G 374 7.81 24.36 -52.96
N ASP G 375 8.42 24.56 -51.80
CA ASP G 375 9.35 23.60 -51.19
C ASP G 375 8.63 22.57 -50.35
N ALA G 376 7.32 22.66 -50.21
CA ALA G 376 6.51 21.57 -49.64
C ALA G 376 5.96 20.70 -50.76
N GLU G 377 6.86 20.31 -51.66
CA GLU G 377 6.45 19.71 -52.91
C GLU G 377 6.17 18.22 -52.78
N GLY G 378 6.80 17.56 -51.79
CA GLY G 378 6.64 16.13 -51.66
C GLY G 378 5.18 15.75 -51.42
N ARG G 379 4.50 16.48 -50.53
CA ARG G 379 3.11 16.14 -50.24
C ARG G 379 2.21 16.34 -51.45
N LEU G 380 2.56 17.25 -52.36
CA LEU G 380 1.78 17.41 -53.60
C LEU G 380 1.94 16.19 -54.53
N THR G 381 3.17 15.71 -54.71
CA THR G 381 3.36 14.54 -55.57
C THR G 381 2.73 13.30 -54.93
N LEU G 382 2.83 13.17 -53.61
CA LEU G 382 2.25 12.02 -52.93
C LEU G 382 0.72 12.05 -52.97
N ALA G 383 0.13 13.23 -52.95
CA ALA G 383 -1.33 13.33 -53.06
C ALA G 383 -1.85 12.61 -54.30
N ASP G 384 -1.25 12.90 -55.47
CA ASP G 384 -1.69 12.24 -56.69
C ASP G 384 -1.31 10.77 -56.72
N ALA G 385 -0.17 10.43 -56.12
CA ALA G 385 0.25 9.02 -56.07
C ALA G 385 -0.68 8.21 -55.19
N LEU G 386 -1.17 8.80 -54.09
CA LEU G 386 -2.12 8.11 -53.20
C LEU G 386 -3.48 7.92 -53.85
N VAL G 387 -3.94 8.91 -54.62
CA VAL G 387 -5.19 8.75 -55.37
C VAL G 387 -5.05 7.61 -56.37
N TYR G 388 -3.92 7.58 -57.08
CA TYR G 388 -3.65 6.50 -58.02
C TYR G 388 -3.64 5.16 -57.31
N ALA G 389 -2.99 5.10 -56.14
CA ALA G 389 -2.87 3.85 -55.42
C ALA G 389 -4.24 3.34 -54.96
N GLU G 390 -5.07 4.22 -54.41
CA GLU G 390 -6.38 3.74 -53.94
C GLU G 390 -7.23 3.24 -55.10
N LYS G 391 -7.09 3.82 -56.29
CA LYS G 391 -7.82 3.30 -57.44
C LYS G 391 -7.39 1.88 -57.82
N LEU G 392 -6.23 1.42 -57.37
CA LEU G 392 -5.84 0.05 -57.66
C LEU G 392 -6.64 -0.97 -56.88
N GLY G 393 -7.33 -0.55 -55.82
CA GLY G 393 -8.14 -1.46 -55.02
C GLY G 393 -7.35 -2.41 -54.14
N VAL G 394 -6.48 -1.85 -53.31
CA VAL G 394 -5.58 -2.63 -52.48
C VAL G 394 -6.12 -2.69 -51.06
N ASP G 395 -5.54 -3.58 -50.25
CA ASP G 395 -5.91 -3.68 -48.84
C ASP G 395 -5.15 -2.66 -47.99
N TYR G 396 -3.88 -2.39 -48.32
CA TYR G 396 -3.04 -1.46 -47.58
C TYR G 396 -2.30 -0.55 -48.54
N ILE G 397 -2.22 0.74 -48.18
CA ILE G 397 -1.32 1.67 -48.83
C ILE G 397 -0.31 2.14 -47.79
N VAL G 398 0.98 1.99 -48.10
CA VAL G 398 2.06 2.48 -47.25
C VAL G 398 2.94 3.41 -48.07
N ASP G 399 3.11 4.65 -47.62
CA ASP G 399 4.05 5.52 -48.31
C ASP G 399 5.27 5.76 -47.44
N ILE G 400 6.39 6.06 -48.10
CA ILE G 400 7.64 6.30 -47.40
C ILE G 400 8.31 7.47 -48.11
N ALA G 401 8.75 8.46 -47.34
CA ALA G 401 9.11 9.74 -47.93
C ALA G 401 10.05 10.51 -47.00
N THR G 402 11.04 11.16 -47.61
CA THR G 402 11.85 12.17 -46.92
C THR G 402 11.06 13.48 -46.91
N LEU G 403 10.04 13.51 -46.05
CA LEU G 403 9.01 14.53 -46.23
C LEU G 403 9.31 15.82 -45.46
N THR G 404 9.61 15.77 -44.17
CA THR G 404 9.72 16.99 -43.36
C THR G 404 11.01 17.00 -42.56
N GLY G 405 11.74 18.12 -42.64
CA GLY G 405 12.93 18.34 -41.82
C GLY G 405 12.67 18.37 -40.32
N ALA G 406 11.42 18.65 -39.92
CA ALA G 406 11.03 18.61 -38.51
C ALA G 406 11.27 17.25 -37.88
N MET G 407 11.36 16.18 -38.70
CA MET G 407 11.67 14.86 -38.17
C MET G 407 12.99 14.89 -37.41
N LEU G 408 13.93 15.73 -37.85
CA LEU G 408 15.22 15.81 -37.17
C LEU G 408 15.06 16.37 -35.77
N TYR G 409 13.99 17.14 -35.53
CA TYR G 409 13.72 17.74 -34.23
C TYR G 409 12.79 16.89 -33.36
N SER G 410 12.13 15.90 -33.94
CA SER G 410 11.24 15.04 -33.19
C SER G 410 11.89 13.71 -32.82
N LEU G 411 12.36 12.95 -33.81
CA LEU G 411 12.96 11.65 -33.55
C LEU G 411 14.44 11.59 -33.85
N GLY G 412 14.95 12.53 -34.65
CA GLY G 412 16.38 12.58 -34.90
C GLY G 412 16.81 11.70 -36.06
N THR G 413 18.05 11.25 -36.00
CA THR G 413 18.62 10.54 -37.12
C THR G 413 18.53 9.03 -37.01
N SER G 414 17.97 8.48 -35.92
CA SER G 414 17.95 7.04 -35.70
CA SER G 414 17.95 7.03 -35.70
C SER G 414 16.59 6.39 -35.94
N TYR G 415 15.50 7.03 -35.55
CA TYR G 415 14.16 6.45 -35.68
C TYR G 415 13.36 7.20 -36.72
N ALA G 416 12.72 6.48 -37.64
CA ALA G 416 11.74 7.07 -38.53
C ALA G 416 10.39 7.18 -37.81
N GLY G 417 9.52 8.05 -38.31
CA GLY G 417 8.18 8.21 -37.76
C GLY G 417 7.15 7.55 -38.67
N VAL G 418 6.17 6.89 -38.05
CA VAL G 418 5.03 6.35 -38.79
C VAL G 418 3.76 7.01 -38.27
N PHE G 419 2.91 7.42 -39.22
CA PHE G 419 1.60 8.01 -38.99
C PHE G 419 0.61 7.19 -39.79
N GLY G 420 -0.66 7.19 -39.39
CA GLY G 420 -1.60 6.46 -40.23
C GLY G 420 -3.05 6.62 -39.80
N ASN G 421 -3.94 6.07 -40.63
CA ASN G 421 -5.37 6.15 -40.37
C ASN G 421 -5.93 4.84 -39.85
N ASN G 422 -5.07 3.87 -39.50
CA ASN G 422 -5.51 2.51 -39.19
C ASN G 422 -4.54 1.88 -38.21
N GLU G 423 -5.02 1.62 -37.00
CA GLU G 423 -4.16 1.12 -35.93
C GLU G 423 -3.62 -0.28 -36.25
N GLU G 424 -4.44 -1.14 -36.84
CA GLU G 424 -3.95 -2.47 -37.18
C GLU G 424 -2.79 -2.38 -38.15
N LEU G 425 -2.90 -1.51 -39.17
CA LEU G 425 -1.81 -1.37 -40.13
C LEU G 425 -0.57 -0.78 -39.49
N ILE G 426 -0.73 0.23 -38.62
CA ILE G 426 0.41 0.82 -37.91
C ILE G 426 1.14 -0.24 -37.09
N ASN G 427 0.40 -1.08 -36.39
CA ASN G 427 1.01 -2.12 -35.59
C ASN G 427 1.78 -3.12 -36.46
N LYS G 428 1.28 -3.41 -37.67
CA LYS G 428 2.02 -4.28 -38.57
C LYS G 428 3.35 -3.65 -38.97
N ILE G 429 3.34 -2.33 -39.21
CA ILE G 429 4.59 -1.64 -39.52
C ILE G 429 5.53 -1.64 -38.35
N LEU G 430 5.01 -1.42 -37.13
CA LEU G 430 5.86 -1.45 -35.94
C LEU G 430 6.46 -2.85 -35.75
N GLN G 431 5.67 -3.89 -36.04
CA GLN G 431 6.20 -5.24 -35.94
C GLN G 431 7.28 -5.49 -37.00
N SER G 432 7.07 -4.99 -38.23
CA SER G 432 8.12 -5.11 -39.25
C SER G 432 9.36 -4.34 -38.85
N SER G 433 9.20 -3.21 -38.16
CA SER G 433 10.35 -2.49 -37.64
C SER G 433 11.16 -3.35 -36.67
N LYS G 434 10.45 -4.12 -35.83
CA LYS G 434 11.10 -5.01 -34.87
C LYS G 434 11.89 -6.13 -35.58
N THR G 435 11.30 -6.76 -36.58
CA THR G 435 11.98 -7.90 -37.18
C THR G 435 13.01 -7.49 -38.24
N SER G 436 12.90 -6.28 -38.80
CA SER G 436 13.92 -5.75 -39.70
C SER G 436 15.08 -5.06 -38.98
N ASN G 437 14.89 -4.71 -37.71
CA ASN G 437 15.83 -3.91 -36.92
C ASN G 437 16.08 -2.53 -37.55
N GLU G 438 15.09 -2.00 -38.27
CA GLU G 438 15.08 -0.61 -38.68
C GLU G 438 14.07 0.14 -37.81
N PRO G 439 14.50 0.97 -36.88
CA PRO G 439 13.58 1.47 -35.85
C PRO G 439 12.62 2.52 -36.38
N VAL G 440 11.35 2.38 -35.99
CA VAL G 440 10.32 3.37 -36.31
C VAL G 440 9.49 3.60 -35.05
N TRP G 441 8.95 4.81 -34.92
CA TRP G 441 8.13 5.20 -33.78
C TRP G 441 6.80 5.80 -34.27
N TRP G 442 5.72 5.41 -33.59
CA TRP G 442 4.36 5.86 -33.94
C TRP G 442 4.13 7.29 -33.45
N LEU G 443 3.74 8.18 -34.36
CA LEU G 443 3.44 9.57 -34.07
C LEU G 443 1.98 9.88 -34.43
N PRO G 444 1.34 10.81 -33.75
CA PRO G 444 -0.11 11.00 -33.92
C PRO G 444 -0.47 11.87 -35.12
N ILE G 445 -1.65 11.62 -35.69
CA ILE G 445 -2.24 12.58 -36.62
C ILE G 445 -3.24 13.37 -35.78
N ILE G 446 -2.89 14.62 -35.45
CA ILE G 446 -3.65 15.42 -34.50
C ILE G 446 -4.72 16.22 -35.26
N ASN G 447 -5.98 15.80 -35.12
CA ASN G 447 -7.04 16.35 -35.95
C ASN G 447 -7.35 17.81 -35.65
N GLU G 448 -6.99 18.29 -34.46
CA GLU G 448 -7.18 19.69 -34.12
C GLU G 448 -6.46 20.63 -35.09
N TYR G 449 -5.38 20.17 -35.72
CA TYR G 449 -4.65 21.03 -36.64
C TYR G 449 -5.27 21.09 -38.03
N ARG G 450 -6.25 20.22 -38.32
CA ARG G 450 -6.80 20.16 -39.68
C ARG G 450 -7.39 21.49 -40.12
N ALA G 451 -7.98 22.24 -39.19
CA ALA G 451 -8.59 23.51 -39.56
C ALA G 451 -7.55 24.50 -40.08
N THR G 452 -6.27 24.37 -39.68
CA THR G 452 -5.27 25.30 -40.19
C THR G 452 -4.94 25.06 -41.66
N LEU G 453 -5.46 23.99 -42.26
CA LEU G 453 -5.34 23.78 -43.70
C LEU G 453 -6.55 24.30 -44.48
N ASN G 454 -7.50 24.96 -43.82
CA ASN G 454 -8.65 25.55 -44.53
C ASN G 454 -8.19 26.74 -45.38
N SER G 455 -8.51 26.71 -46.66
CA SER G 455 -8.10 27.78 -47.57
C SER G 455 -9.29 28.69 -47.82
N LYS G 456 -9.02 30.00 -47.95
CA LYS G 456 -10.08 30.95 -48.28
C LYS G 456 -10.64 30.73 -49.67
N TYR G 457 -9.81 30.28 -50.61
CA TYR G 457 -10.21 30.17 -52.01
C TYR G 457 -10.24 28.75 -52.55
N ALA G 458 -9.24 27.93 -52.26
CA ALA G 458 -9.22 26.55 -52.73
C ALA G 458 -9.90 25.66 -51.70
N ASP G 459 -10.10 24.38 -52.07
CA ASP G 459 -10.64 23.41 -51.12
C ASP G 459 -9.70 23.23 -49.92
N ILE G 460 -8.40 23.34 -50.12
CA ILE G 460 -7.46 23.08 -49.03
C ILE G 460 -6.15 23.82 -49.28
N ASN G 461 -5.48 24.18 -48.20
CA ASN G 461 -4.10 24.66 -48.22
C ASN G 461 -3.11 23.49 -48.24
N GLN G 462 -2.01 23.70 -48.96
CA GLN G 462 -0.88 22.75 -48.92
C GLN G 462 -0.19 22.76 -47.55
N ILE G 463 -0.03 23.95 -46.95
CA ILE G 463 0.73 24.08 -45.71
C ILE G 463 -0.13 24.78 -44.67
N SER G 464 0.28 24.64 -43.41
CA SER G 464 -0.50 25.21 -42.33
C SER G 464 -0.28 26.71 -42.21
N SER G 465 -1.32 27.41 -41.76
CA SER G 465 -1.19 28.83 -41.49
C SER G 465 -0.49 29.10 -40.16
N SER G 466 -0.61 28.21 -39.19
CA SER G 466 -0.13 28.50 -37.84
C SER G 466 0.74 27.40 -37.21
N VAL G 467 0.52 26.15 -37.56
CA VAL G 467 1.09 25.03 -36.80
C VAL G 467 2.50 24.72 -37.29
N LYS G 468 3.46 24.67 -36.36
CA LYS G 468 4.84 24.35 -36.70
C LYS G 468 5.14 22.85 -36.70
N ALA G 469 4.20 22.02 -36.24
CA ALA G 469 4.40 20.55 -36.28
C ALA G 469 4.20 20.04 -37.71
N SER G 470 5.21 20.32 -38.54
CA SER G 470 5.01 20.15 -39.97
C SER G 470 4.85 18.69 -40.37
N SER G 471 5.47 17.75 -39.64
CA SER G 471 5.31 16.34 -39.97
C SER G 471 3.87 15.89 -39.76
N ILE G 472 3.22 16.41 -38.72
CA ILE G 472 1.82 16.09 -38.47
C ILE G 472 0.91 16.77 -39.48
N VAL G 473 1.17 18.05 -39.77
CA VAL G 473 0.34 18.74 -40.75
C VAL G 473 0.46 18.06 -42.12
N ALA G 474 1.69 17.67 -42.51
CA ALA G 474 1.87 16.98 -43.78
C ALA G 474 1.05 15.69 -43.80
N SER G 475 1.03 14.96 -42.68
CA SER G 475 0.24 13.74 -42.59
C SER G 475 -1.25 14.04 -42.71
N LEU G 476 -1.72 15.13 -42.10
CA LEU G 476 -3.12 15.52 -42.24
C LEU G 476 -3.46 15.79 -43.70
N PHE G 477 -2.54 16.47 -44.42
CA PHE G 477 -2.77 16.77 -45.83
C PHE G 477 -2.88 15.48 -46.64
N LEU G 478 -1.92 14.55 -46.46
CA LEU G 478 -1.96 13.30 -47.20
C LEU G 478 -3.24 12.51 -46.91
N LYS G 479 -3.71 12.55 -45.65
CA LYS G 479 -4.90 11.80 -45.28
C LYS G 479 -6.12 12.21 -46.11
N GLU G 480 -6.17 13.46 -46.58
CA GLU G 480 -7.29 13.89 -47.41
C GLU G 480 -7.31 13.21 -48.76
N PHE G 481 -6.27 12.46 -49.13
CA PHE G 481 -6.22 11.84 -50.44
C PHE G 481 -6.36 10.33 -50.37
N VAL G 482 -6.76 9.79 -49.22
CA VAL G 482 -7.10 8.38 -49.05
C VAL G 482 -8.49 8.32 -48.42
N GLN G 483 -9.46 7.78 -49.15
CA GLN G 483 -10.83 7.86 -48.68
C GLN G 483 -11.26 6.66 -47.84
N ASN G 484 -10.90 5.44 -48.22
CA ASN G 484 -11.49 4.29 -47.57
C ASN G 484 -10.55 3.09 -47.59
N THR G 485 -9.26 3.34 -47.43
CA THR G 485 -8.26 2.28 -47.45
C THR G 485 -7.34 2.49 -46.26
N ALA G 486 -6.97 1.38 -45.62
CA ALA G 486 -6.01 1.45 -44.53
C ALA G 486 -4.70 2.02 -45.07
N TRP G 487 -4.17 3.05 -44.41
CA TRP G 487 -3.04 3.78 -44.96
C TRP G 487 -2.09 4.17 -43.84
N ALA G 488 -0.77 4.06 -44.10
CA ALA G 488 0.26 4.53 -43.19
C ALA G 488 1.35 5.26 -43.96
N HIS G 489 2.02 6.15 -43.26
CA HIS G 489 2.95 7.09 -43.88
C HIS G 489 4.21 7.11 -43.04
N ILE G 490 5.35 6.81 -43.65
CA ILE G 490 6.63 6.68 -42.93
C ILE G 490 7.52 7.84 -43.37
N ASP G 491 7.82 8.75 -42.45
CA ASP G 491 8.63 9.93 -42.76
C ASP G 491 10.08 9.60 -42.40
N ILE G 492 10.91 9.47 -43.43
CA ILE G 492 12.30 9.08 -43.26
C ILE G 492 13.23 10.26 -43.51
N ALA G 493 12.71 11.49 -43.45
CA ALA G 493 13.56 12.64 -43.71
C ALA G 493 14.75 12.70 -42.75
N GLY G 494 14.58 12.23 -41.52
CA GLY G 494 15.66 12.27 -40.56
C GLY G 494 16.62 11.11 -40.61
N VAL G 495 16.20 9.95 -41.14
CA VAL G 495 16.99 8.72 -41.06
C VAL G 495 17.62 8.33 -42.38
N SER G 496 17.40 9.05 -43.48
CA SER G 496 17.87 8.50 -44.74
C SER G 496 19.36 8.65 -44.95
N TRP G 497 19.95 9.73 -44.46
CA TRP G 497 21.34 10.07 -44.75
C TRP G 497 22.20 9.84 -43.51
N ASN G 498 23.33 9.16 -43.69
CA ASN G 498 24.29 8.95 -42.61
C ASN G 498 25.26 10.12 -42.64
N PHE G 499 25.03 11.12 -41.78
CA PHE G 499 25.83 12.34 -41.81
C PHE G 499 27.28 12.08 -41.40
N LYS G 500 27.51 11.18 -40.45
CA LYS G 500 28.86 10.88 -39.99
C LYS G 500 29.67 10.22 -41.10
N ALA G 501 29.09 9.24 -41.77
CA ALA G 501 29.80 8.50 -42.82
C ALA G 501 29.64 9.11 -44.21
N ARG G 502 28.80 10.15 -44.34
CA ARG G 502 28.58 10.88 -45.59
C ARG G 502 28.08 9.97 -46.72
N LYS G 503 27.08 9.17 -46.41
CA LYS G 503 26.55 8.20 -47.36
C LYS G 503 25.10 7.89 -47.00
N PRO G 504 24.33 7.30 -47.91
CA PRO G 504 22.96 6.92 -47.57
C PRO G 504 22.94 5.73 -46.62
N LYS G 505 21.78 5.56 -45.98
CA LYS G 505 21.51 4.36 -45.21
C LYS G 505 20.74 3.29 -45.98
N GLY G 506 20.10 3.64 -47.08
CA GLY G 506 19.14 2.72 -47.69
C GLY G 506 17.98 2.38 -46.78
N PHE G 507 17.59 3.32 -45.91
CA PHE G 507 16.59 3.05 -44.89
C PHE G 507 15.25 2.72 -45.51
N GLY G 508 14.60 1.69 -44.97
CA GLY G 508 13.24 1.33 -45.35
C GLY G 508 13.13 0.09 -46.20
N VAL G 509 14.20 -0.30 -46.90
CA VAL G 509 14.12 -1.47 -47.77
C VAL G 509 13.75 -2.71 -46.95
N ARG G 510 14.45 -2.93 -45.85
CA ARG G 510 14.24 -4.15 -45.07
C ARG G 510 12.93 -4.06 -44.29
N LEU G 511 12.62 -2.87 -43.78
CA LEU G 511 11.34 -2.63 -43.11
C LEU G 511 10.18 -3.00 -44.01
N LEU G 512 10.16 -2.45 -45.23
CA LEU G 512 9.04 -2.71 -46.12
C LEU G 512 9.01 -4.17 -46.55
N THR G 513 10.18 -4.78 -46.78
CA THR G 513 10.20 -6.19 -47.20
C THR G 513 9.68 -7.11 -46.11
N GLU G 514 10.12 -6.90 -44.85
CA GLU G 514 9.57 -7.68 -43.74
C GLU G 514 8.06 -7.50 -43.64
N PHE G 515 7.57 -6.28 -43.90
CA PHE G 515 6.12 -6.03 -43.90
C PHE G 515 5.40 -6.92 -44.91
N VAL G 516 5.92 -6.98 -46.15
CA VAL G 516 5.31 -7.81 -47.18
C VAL G 516 5.42 -9.29 -46.82
N LEU G 517 6.61 -9.71 -46.35
CA LEU G 517 6.85 -11.13 -46.13
C LEU G 517 6.02 -11.66 -44.98
N ASN G 518 5.91 -10.89 -43.90
CA ASN G 518 5.23 -11.38 -42.71
C ASN G 518 3.73 -11.23 -42.81
N ASP G 519 3.24 -10.53 -43.83
CA ASP G 519 1.82 -10.54 -44.14
C ASP G 519 1.45 -11.74 -45.01
N ALA G 520 2.34 -12.17 -45.91
CA ALA G 520 2.18 -13.46 -46.58
C ALA G 520 2.31 -14.55 -45.52
N LEU G 521 1.31 -14.65 -44.65
CA LEU G 521 1.32 -15.54 -43.50
C LEU G 521 -0.09 -15.69 -42.96
N ALA H 1 -7.86 39.33 -78.02
CA ALA H 1 -7.60 38.03 -77.40
C ALA H 1 -6.30 37.37 -77.92
N SER H 2 -5.45 36.95 -77.00
CA SER H 2 -4.25 36.21 -77.34
C SER H 2 -4.30 34.84 -76.67
N GLU H 3 -3.58 33.87 -77.24
CA GLU H 3 -3.56 32.54 -76.66
C GLU H 3 -2.65 32.53 -75.44
N VAL H 4 -3.13 31.97 -74.34
CA VAL H 4 -2.35 31.85 -73.11
C VAL H 4 -1.43 30.65 -73.25
N PRO H 5 -0.11 30.82 -73.16
CA PRO H 5 0.79 29.66 -73.20
C PRO H 5 0.63 28.78 -71.96
N GLN H 6 0.84 27.49 -72.15
CA GLN H 6 0.72 26.48 -71.09
C GLN H 6 1.99 25.65 -71.01
N VAL H 7 2.35 25.20 -69.81
CA VAL H 7 3.43 24.21 -69.68
C VAL H 7 2.88 22.79 -69.83
N VAL H 8 1.80 22.50 -69.11
CA VAL H 8 1.07 21.24 -69.23
C VAL H 8 -0.37 21.58 -69.59
N SER H 9 -1.07 20.58 -70.12
CA SER H 9 -2.43 20.82 -70.61
C SER H 9 -3.39 21.19 -69.48
N LEU H 10 -3.01 20.94 -68.22
CA LEU H 10 -3.82 21.31 -67.08
C LEU H 10 -3.68 22.78 -66.66
N ASP H 11 -2.74 23.52 -67.23
CA ASP H 11 -2.58 24.92 -66.86
C ASP H 11 -3.79 25.72 -67.34
N PRO H 12 -4.35 26.60 -66.51
CA PRO H 12 -5.53 27.37 -66.94
C PRO H 12 -5.20 28.36 -68.05
N THR H 13 -6.19 28.62 -68.91
CA THR H 13 -6.03 29.55 -70.02
C THR H 13 -6.96 30.76 -69.94
N SER H 14 -7.65 30.95 -68.82
CA SER H 14 -8.46 32.15 -68.63
C SER H 14 -8.66 32.35 -67.13
N ILE H 15 -8.96 33.58 -66.75
CA ILE H 15 -9.36 33.89 -65.38
C ILE H 15 -10.86 33.65 -65.26
N PRO H 16 -11.32 32.80 -64.34
CA PRO H 16 -12.77 32.72 -64.11
C PRO H 16 -13.26 34.04 -63.51
N ILE H 17 -14.33 34.59 -64.08
CA ILE H 17 -14.87 35.85 -63.62
C ILE H 17 -16.38 35.70 -63.49
N GLU H 18 -16.92 36.07 -62.34
CA GLU H 18 -18.37 36.10 -62.11
C GLU H 18 -18.84 37.53 -62.31
N TYR H 19 -19.68 37.75 -63.32
CA TYR H 19 -20.22 39.08 -63.58
C TYR H 19 -21.57 39.28 -62.88
N ASN H 20 -22.51 38.35 -63.07
CA ASN H 20 -23.76 38.42 -62.33
C ASN H 20 -23.61 37.68 -61.01
N THR H 21 -23.48 38.42 -59.94
CA THR H 21 -23.30 37.84 -58.63
C THR H 21 -24.63 37.74 -57.89
N PRO H 22 -24.71 36.93 -56.84
CA PRO H 22 -25.95 36.89 -56.05
C PRO H 22 -26.34 38.26 -55.51
N ILE H 23 -25.38 39.16 -55.27
CA ILE H 23 -25.70 40.52 -54.82
C ILE H 23 -26.58 41.22 -55.84
N HIS H 24 -26.32 40.96 -57.12
CA HIS H 24 -27.10 41.60 -58.16
C HIS H 24 -28.54 41.10 -58.17
N ASP H 25 -28.83 39.94 -57.59
CA ASP H 25 -30.20 39.45 -57.58
C ASP H 25 -31.00 39.99 -56.39
N ILE H 26 -30.39 40.74 -55.49
CA ILE H 26 -31.11 41.28 -54.35
C ILE H 26 -31.90 42.49 -54.83
N LYS H 27 -33.23 42.44 -54.66
CA LYS H 27 -34.08 43.59 -54.97
C LYS H 27 -34.06 44.54 -53.78
N VAL H 28 -33.64 45.78 -54.02
CA VAL H 28 -33.43 46.75 -52.95
C VAL H 28 -34.57 47.76 -53.01
N GLN H 29 -35.15 48.04 -51.85
CA GLN H 29 -36.27 48.96 -51.72
C GLN H 29 -35.96 49.91 -50.57
N VAL H 30 -36.12 51.22 -50.79
CA VAL H 30 -35.88 52.23 -49.76
C VAL H 30 -37.20 52.92 -49.44
N TYR H 31 -37.56 52.96 -48.16
CA TYR H 31 -38.80 53.56 -47.66
C TYR H 31 -38.50 54.64 -46.64
N ASP H 32 -39.39 55.62 -46.56
CA ASP H 32 -39.21 56.67 -45.57
C ASP H 32 -39.63 56.20 -44.18
N ILE H 33 -38.78 56.51 -43.20
CA ILE H 33 -39.00 56.08 -41.82
C ILE H 33 -40.21 56.78 -41.18
N LYS H 34 -40.60 57.97 -41.68
CA LYS H 34 -41.72 58.69 -41.10
C LYS H 34 -43.03 57.92 -41.27
N GLY H 35 -43.09 57.01 -42.25
CA GLY H 35 -44.29 56.23 -42.46
C GLY H 35 -44.41 55.00 -41.59
N GLY H 36 -43.42 54.75 -40.74
CA GLY H 36 -43.39 53.57 -39.90
C GLY H 36 -42.84 52.34 -40.61
N CYS H 37 -42.38 51.39 -39.82
CA CYS H 37 -41.73 50.18 -40.35
C CYS H 37 -42.69 49.01 -40.29
N ASN H 38 -42.84 48.31 -41.40
CA ASN H 38 -43.58 47.04 -41.44
C ASN H 38 -42.61 45.89 -41.19
N VAL H 39 -43.00 44.97 -40.30
CA VAL H 39 -42.19 43.85 -39.87
C VAL H 39 -42.90 42.53 -40.17
N GLU H 40 -42.85 42.09 -41.43
CA GLU H 40 -43.60 40.92 -41.88
C GLU H 40 -42.78 39.65 -42.07
N GLU H 41 -41.62 39.72 -42.72
CA GLU H 41 -40.84 38.53 -43.06
C GLU H 41 -39.35 38.77 -42.79
N GLY H 42 -38.61 37.66 -42.65
CA GLY H 42 -37.16 37.75 -42.67
C GLY H 42 -36.57 38.30 -41.39
N LEU H 43 -35.49 39.07 -41.54
CA LEU H 43 -34.77 39.68 -40.42
C LEU H 43 -34.86 41.20 -40.53
N THR H 44 -35.24 41.87 -39.45
CA THR H 44 -35.30 43.33 -39.41
C THR H 44 -34.33 43.83 -38.36
N ILE H 45 -33.38 44.65 -38.78
CA ILE H 45 -32.27 45.10 -37.94
C ILE H 45 -32.33 46.61 -37.78
N PHE H 46 -32.30 47.08 -36.53
CA PHE H 46 -32.23 48.50 -36.26
C PHE H 46 -30.77 48.89 -36.03
N LEU H 47 -30.33 49.94 -36.71
CA LEU H 47 -29.01 50.52 -36.48
C LEU H 47 -29.20 51.59 -35.41
N VAL H 48 -28.63 51.38 -34.22
CA VAL H 48 -29.00 52.17 -33.05
C VAL H 48 -27.76 52.70 -32.36
N ASN H 49 -27.80 53.97 -31.97
CA ASN H 49 -26.76 54.57 -31.16
C ASN H 49 -27.37 55.18 -29.90
N ASN H 50 -26.53 55.81 -29.11
CA ASN H 50 -26.94 56.59 -27.95
C ASN H 50 -26.00 57.78 -27.96
N PRO H 51 -26.41 58.87 -28.62
CA PRO H 51 -25.44 59.87 -29.11
C PRO H 51 -24.55 60.51 -28.05
N GLY H 52 -24.78 60.27 -26.77
CA GLY H 52 -23.91 60.85 -25.78
C GLY H 52 -23.86 60.03 -24.50
N LYS H 53 -23.78 58.71 -24.63
CA LYS H 53 -23.77 57.84 -23.46
C LYS H 53 -23.00 56.58 -23.84
N GLU H 54 -21.76 56.48 -23.37
CA GLU H 54 -20.94 55.31 -23.68
C GLU H 54 -21.60 54.05 -23.16
N ASN H 55 -21.62 53.01 -24.01
CA ASN H 55 -22.39 51.78 -23.79
C ASN H 55 -23.76 52.01 -23.14
N GLY H 56 -24.45 53.06 -23.56
CA GLY H 56 -25.77 53.39 -23.06
C GLY H 56 -26.84 52.44 -23.58
N PRO H 57 -28.07 52.59 -23.08
CA PRO H 57 -29.12 51.63 -23.41
C PRO H 57 -29.61 51.73 -24.85
N VAL H 58 -30.15 50.62 -25.33
CA VAL H 58 -30.82 50.58 -26.62
C VAL H 58 -32.21 51.19 -26.47
N LYS H 59 -32.53 52.16 -27.33
CA LYS H 59 -33.84 52.78 -27.42
C LYS H 59 -34.24 52.92 -28.87
N ILE H 60 -35.42 52.38 -29.22
CA ILE H 60 -35.88 52.38 -30.60
C ILE H 60 -36.74 53.62 -30.83
N SER H 61 -36.39 54.40 -31.86
CA SER H 61 -37.11 55.65 -32.12
C SER H 61 -38.25 55.49 -33.12
N SER H 62 -38.10 54.58 -34.08
CA SER H 62 -39.02 54.49 -35.20
C SER H 62 -40.37 53.97 -34.78
N LYS H 63 -41.40 54.44 -35.49
CA LYS H 63 -42.70 53.80 -35.37
C LYS H 63 -42.65 52.46 -36.08
N VAL H 64 -43.22 51.44 -35.45
CA VAL H 64 -43.32 50.10 -36.02
C VAL H 64 -44.80 49.81 -36.19
N ASN H 65 -45.20 49.44 -37.41
CA ASN H 65 -46.62 49.31 -37.72
C ASN H 65 -47.13 47.92 -37.36
N ASP H 66 -46.78 47.50 -36.16
CA ASP H 66 -47.21 46.22 -35.61
C ASP H 66 -47.28 46.35 -34.10
N LYS H 67 -48.44 46.03 -33.53
CA LYS H 67 -48.60 46.21 -32.09
C LYS H 67 -47.75 45.22 -31.31
N GLN H 68 -47.66 43.98 -31.79
CA GLN H 68 -46.87 42.97 -31.10
C GLN H 68 -45.38 43.32 -31.11
N VAL H 69 -44.85 43.69 -32.27
CA VAL H 69 -43.42 44.03 -32.33
C VAL H 69 -43.15 45.30 -31.54
N SER H 70 -44.09 46.27 -31.60
CA SER H 70 -43.91 47.49 -30.81
C SER H 70 -43.84 47.20 -29.32
N GLU H 71 -44.65 46.24 -28.85
CA GLU H 71 -44.60 45.90 -27.42
C GLU H 71 -43.25 45.29 -27.06
N PHE H 72 -42.73 44.39 -27.91
CA PHE H 72 -41.41 43.81 -27.68
C PHE H 72 -40.33 44.88 -27.58
N LEU H 73 -40.39 45.89 -28.45
CA LEU H 73 -39.32 46.88 -28.57
C LEU H 73 -39.44 48.02 -27.57
N LYS H 74 -40.33 47.92 -26.60
CA LYS H 74 -40.50 48.97 -25.59
C LYS H 74 -39.21 49.19 -24.82
N ASP H 75 -39.05 50.43 -24.31
CA ASP H 75 -37.82 50.82 -23.62
C ASP H 75 -37.48 49.85 -22.50
N GLU H 76 -38.51 49.37 -21.80
CA GLU H 76 -38.27 48.49 -20.65
C GLU H 76 -37.58 47.20 -21.06
N ASN H 77 -37.99 46.62 -22.20
CA ASN H 77 -37.41 45.36 -22.63
C ASN H 77 -36.05 45.52 -23.30
N MET H 78 -35.75 46.71 -23.83
CA MET H 78 -34.49 46.96 -24.53
C MET H 78 -33.40 47.47 -23.60
N GLU H 79 -33.76 47.89 -22.39
CA GLU H 79 -32.79 48.54 -21.51
C GLU H 79 -31.69 47.60 -21.02
N LYS H 80 -31.90 46.29 -21.09
CA LYS H 80 -30.80 45.38 -20.75
C LYS H 80 -29.73 45.34 -21.83
N PHE H 81 -30.00 45.93 -23.00
CA PHE H 81 -29.07 45.88 -24.12
C PHE H 81 -28.43 47.24 -24.32
N ASN H 82 -27.20 47.23 -24.82
CA ASN H 82 -26.42 48.45 -24.97
C ASN H 82 -25.95 48.60 -26.41
N VAL H 83 -25.47 49.81 -26.71
CA VAL H 83 -25.21 50.24 -28.08
C VAL H 83 -23.74 50.09 -28.44
N LYS H 84 -22.94 49.36 -27.65
CA LYS H 84 -21.52 49.26 -27.91
C LYS H 84 -21.28 48.90 -29.37
N LEU H 85 -20.39 49.65 -30.02
CA LEU H 85 -20.16 49.52 -31.45
C LEU H 85 -19.82 48.07 -31.81
N GLY H 86 -20.61 47.49 -32.73
CA GLY H 86 -20.40 46.13 -33.18
C GLY H 86 -21.20 45.07 -32.44
N THR H 87 -21.78 45.38 -31.29
CA THR H 87 -22.64 44.41 -30.61
C THR H 87 -23.94 44.23 -31.39
N SER H 88 -24.52 43.04 -31.27
CA SER H 88 -25.76 42.71 -31.97
C SER H 88 -26.58 41.76 -31.11
N LYS H 89 -27.90 41.78 -31.32
CA LYS H 89 -28.82 40.85 -30.67
C LYS H 89 -29.89 40.42 -31.65
N HIS H 90 -30.41 39.21 -31.44
CA HIS H 90 -31.51 38.65 -32.21
C HIS H 90 -32.73 38.50 -31.31
N PHE H 91 -33.90 38.78 -31.88
CA PHE H 91 -35.18 38.65 -31.18
C PHE H 91 -36.11 37.81 -32.04
N TYR H 92 -36.91 36.97 -31.41
CA TYR H 92 -37.95 36.18 -32.08
C TYR H 92 -39.32 36.52 -31.51
N MET H 93 -40.33 36.64 -32.38
CA MET H 93 -41.70 36.97 -31.92
C MET H 93 -42.71 36.70 -33.02
N PHE H 94 -43.98 36.73 -32.64
CA PHE H 94 -45.09 36.62 -33.56
C PHE H 94 -45.72 37.99 -33.78
N ASN H 95 -46.00 38.34 -35.03
CA ASN H 95 -46.55 39.66 -35.31
C ASN H 95 -48.08 39.63 -35.26
N ASP H 96 -48.71 40.75 -35.66
CA ASP H 96 -50.17 40.87 -35.62
C ASP H 96 -50.86 39.90 -36.57
N ASN H 97 -50.17 39.44 -37.61
CA ASN H 97 -50.73 38.43 -38.50
C ASN H 97 -50.39 37.03 -38.04
N LYS H 98 -49.92 36.89 -36.79
CA LYS H 98 -49.57 35.61 -36.18
C LYS H 98 -48.48 34.88 -36.96
N ASN H 99 -47.62 35.64 -37.63
CA ASN H 99 -46.46 35.08 -38.31
C ASN H 99 -45.21 35.34 -37.48
N SER H 100 -44.32 34.35 -37.46
CA SER H 100 -43.06 34.50 -36.74
C SER H 100 -42.16 35.47 -37.51
N VAL H 101 -41.57 36.42 -36.81
CA VAL H 101 -40.65 37.37 -37.42
C VAL H 101 -39.38 37.41 -36.57
N ALA H 102 -38.28 37.81 -37.20
CA ALA H 102 -37.02 37.99 -36.51
C ALA H 102 -36.60 39.46 -36.55
N VAL H 103 -36.18 39.99 -35.40
CA VAL H 103 -35.85 41.40 -35.23
C VAL H 103 -34.58 41.46 -34.41
N GLY H 104 -33.81 42.52 -34.58
CA GLY H 104 -32.64 42.71 -33.75
C GLY H 104 -32.03 44.08 -33.94
N TYR H 105 -30.81 44.24 -33.45
CA TYR H 105 -30.14 45.52 -33.59
C TYR H 105 -28.64 45.31 -33.70
N VAL H 106 -27.97 46.32 -34.24
CA VAL H 106 -26.52 46.43 -34.21
C VAL H 106 -26.18 47.76 -33.57
N GLY H 107 -25.33 47.72 -32.55
CA GLY H 107 -24.94 48.95 -31.86
C GLY H 107 -23.97 49.76 -32.69
N CYS H 108 -24.24 51.07 -32.80
CA CYS H 108 -23.40 52.01 -33.54
C CYS H 108 -22.71 52.99 -32.62
N GLY H 109 -22.59 52.66 -31.34
CA GLY H 109 -21.77 53.45 -30.46
C GLY H 109 -22.44 54.72 -29.98
N SER H 110 -21.60 55.70 -29.63
CA SER H 110 -22.09 56.91 -28.98
C SER H 110 -21.45 58.21 -29.52
N VAL H 111 -20.97 58.21 -30.78
CA VAL H 111 -20.32 59.38 -31.36
C VAL H 111 -21.15 60.11 -32.41
N ALA H 112 -22.30 59.57 -32.82
CA ALA H 112 -23.18 60.19 -33.82
C ALA H 112 -22.60 60.29 -35.23
N ASP H 113 -21.30 60.56 -35.37
CA ASP H 113 -20.65 60.62 -36.68
C ASP H 113 -19.72 59.42 -36.79
N LEU H 114 -20.07 58.45 -37.65
CA LEU H 114 -19.25 57.24 -37.78
C LEU H 114 -18.15 57.41 -38.82
N SER H 115 -16.95 56.97 -38.46
CA SER H 115 -15.88 56.91 -39.44
C SER H 115 -16.07 55.70 -40.37
N GLU H 116 -15.29 55.68 -41.46
CA GLU H 116 -15.33 54.54 -42.35
C GLU H 116 -15.01 53.25 -41.62
N ALA H 117 -14.05 53.29 -40.69
CA ALA H 117 -13.70 52.09 -39.93
C ALA H 117 -14.84 51.65 -39.00
N ASP H 118 -15.51 52.61 -38.34
CA ASP H 118 -16.65 52.27 -37.48
C ASP H 118 -17.79 51.66 -38.27
N MET H 119 -18.12 52.23 -39.42
CA MET H 119 -19.21 51.71 -40.22
C MET H 119 -18.89 50.31 -40.74
N LYS H 120 -17.62 50.03 -41.03
CA LYS H 120 -17.24 48.68 -41.44
C LYS H 120 -17.50 47.69 -40.31
N ARG H 121 -17.19 48.08 -39.05
CA ARG H 121 -17.50 47.19 -37.94
C ARG H 121 -18.99 46.93 -37.84
N VAL H 122 -19.81 47.96 -38.09
CA VAL H 122 -21.26 47.77 -38.10
C VAL H 122 -21.67 46.76 -39.18
N VAL H 123 -21.13 46.93 -40.39
CA VAL H 123 -21.50 46.04 -41.49
C VAL H 123 -21.07 44.61 -41.19
N LEU H 124 -19.86 44.43 -40.63
CA LEU H 124 -19.39 43.07 -40.33
C LEU H 124 -20.31 42.37 -39.34
N SER H 125 -20.81 43.09 -38.32
CA SER H 125 -21.77 42.47 -37.41
C SER H 125 -23.05 42.10 -38.13
N LEU H 126 -23.52 42.96 -39.02
CA LEU H 126 -24.71 42.64 -39.81
C LEU H 126 -24.46 41.39 -40.68
N VAL H 127 -23.30 41.30 -41.31
CA VAL H 127 -23.02 40.16 -42.17
C VAL H 127 -22.97 38.88 -41.35
N THR H 128 -22.49 38.96 -40.10
CA THR H 128 -22.52 37.79 -39.22
C THR H 128 -23.95 37.29 -39.00
N MET H 129 -24.91 38.20 -38.94
CA MET H 129 -26.30 37.80 -38.78
C MET H 129 -26.84 37.18 -40.08
N LEU H 130 -26.32 37.58 -41.24
CA LEU H 130 -26.76 37.00 -42.50
C LEU H 130 -26.17 35.61 -42.72
N HIS H 131 -24.96 35.35 -42.24
CA HIS H 131 -24.35 34.04 -42.41
C HIS H 131 -24.98 33.03 -41.46
N ASP H 132 -25.05 31.77 -41.92
CA ASP H 132 -25.59 30.66 -41.12
C ASP H 132 -27.04 30.89 -40.72
N ASN H 133 -27.76 31.64 -41.54
CA ASN H 133 -29.19 31.82 -41.35
C ASN H 133 -29.83 31.95 -42.73
N LYS H 134 -30.70 31.01 -43.06
CA LYS H 134 -31.35 30.95 -44.36
C LYS H 134 -32.52 31.92 -44.37
N LEU H 135 -32.23 33.17 -44.71
CA LEU H 135 -33.20 34.24 -44.77
C LEU H 135 -33.48 34.65 -46.21
N SER H 136 -34.75 34.93 -46.51
CA SER H 136 -35.12 35.45 -47.82
C SER H 136 -35.07 36.97 -47.86
N LYS H 137 -35.12 37.64 -46.71
CA LYS H 137 -35.17 39.09 -46.73
C LYS H 137 -34.46 39.67 -45.51
N LEU H 138 -33.74 40.76 -45.72
CA LEU H 138 -33.21 41.59 -44.64
C LEU H 138 -33.80 42.98 -44.74
N THR H 139 -34.18 43.54 -43.60
CA THR H 139 -34.60 44.94 -43.54
C THR H 139 -33.71 45.68 -42.57
N VAL H 140 -33.19 46.83 -42.98
CA VAL H 140 -32.33 47.65 -42.15
C VAL H 140 -33.02 48.99 -41.88
N VAL H 141 -33.12 49.36 -40.60
CA VAL H 141 -33.76 50.60 -40.16
C VAL H 141 -32.69 51.53 -39.61
N PHE H 142 -32.49 52.67 -40.27
CA PHE H 142 -31.47 53.63 -39.89
C PHE H 142 -32.01 54.54 -38.80
N GLU H 143 -31.62 54.28 -37.55
CA GLU H 143 -31.84 55.18 -36.44
C GLU H 143 -30.58 55.94 -36.06
N ILE H 144 -29.70 56.16 -37.03
CA ILE H 144 -28.46 56.92 -36.88
C ILE H 144 -28.41 57.91 -38.03
N ASN H 145 -27.54 58.92 -37.90
CA ASN H 145 -27.46 59.97 -38.91
C ASN H 145 -26.28 59.68 -39.83
N VAL H 146 -26.57 59.55 -41.12
CA VAL H 146 -25.54 59.29 -42.12
C VAL H 146 -25.77 60.21 -43.31
N ASP H 147 -24.69 60.72 -43.89
CA ASP H 147 -24.81 61.51 -45.10
C ASP H 147 -24.90 60.57 -46.31
N LYS H 148 -25.10 61.15 -47.50
CA LYS H 148 -25.35 60.33 -48.68
C LYS H 148 -24.17 59.43 -49.01
N ASN H 149 -22.93 59.95 -48.94
CA ASN H 149 -21.78 59.10 -49.26
C ASN H 149 -21.62 57.96 -48.27
N LEU H 150 -21.90 58.22 -46.99
CA LEU H 150 -21.73 57.16 -45.99
C LEU H 150 -22.82 56.10 -46.10
N PHE H 151 -24.02 56.51 -46.51
CA PHE H 151 -25.08 55.54 -46.83
C PHE H 151 -24.66 54.65 -47.98
N ARG H 152 -24.11 55.25 -49.05
CA ARG H 152 -23.58 54.46 -50.15
C ARG H 152 -22.47 53.54 -49.68
N PHE H 153 -21.60 54.05 -48.80
CA PHE H 153 -20.52 53.24 -48.25
C PHE H 153 -21.04 52.04 -47.47
N PHE H 154 -22.10 52.24 -46.68
CA PHE H 154 -22.73 51.12 -45.97
C PHE H 154 -23.18 50.05 -46.96
N LEU H 155 -23.89 50.45 -48.02
CA LEU H 155 -24.40 49.47 -48.98
C LEU H 155 -23.28 48.77 -49.72
N GLU H 156 -22.29 49.54 -50.21
CA GLU H 156 -21.11 48.98 -50.89
C GLU H 156 -20.41 47.94 -50.04
N THR H 157 -20.18 48.29 -48.77
CA THR H 157 -19.45 47.42 -47.87
C THR H 157 -20.25 46.18 -47.50
N LEU H 158 -21.55 46.36 -47.27
CA LEU H 158 -22.44 45.22 -47.05
C LEU H 158 -22.36 44.25 -48.22
N PHE H 159 -22.54 44.77 -49.44
CA PHE H 159 -22.49 43.94 -50.63
C PHE H 159 -21.14 43.22 -50.75
N TYR H 160 -20.04 43.96 -50.60
CA TYR H 160 -18.71 43.38 -50.79
C TYR H 160 -18.43 42.31 -49.74
N GLU H 161 -18.74 42.60 -48.48
CA GLU H 161 -18.45 41.64 -47.41
C GLU H 161 -19.38 40.44 -47.45
N TYR H 162 -20.62 40.63 -47.92
CA TYR H 162 -21.57 39.54 -48.01
C TYR H 162 -21.18 38.54 -49.10
N MET H 163 -20.65 39.04 -50.22
CA MET H 163 -20.31 38.19 -51.36
C MET H 163 -19.13 37.27 -51.02
N THR H 164 -19.29 35.98 -51.33
CA THR H 164 -18.24 34.99 -51.09
C THR H 164 -17.73 34.43 -52.41
N ASP H 165 -16.40 34.47 -52.58
CA ASP H 165 -15.72 34.10 -53.81
C ASP H 165 -15.50 32.59 -53.80
N GLU H 166 -16.25 31.85 -54.61
CA GLU H 166 -16.16 30.40 -54.65
C GLU H 166 -15.60 29.89 -55.96
N ARG H 167 -14.96 30.75 -56.75
CA ARG H 167 -14.51 30.37 -58.09
C ARG H 167 -13.52 29.20 -58.04
N PHE H 168 -12.74 29.07 -56.97
CA PHE H 168 -11.68 28.07 -56.90
C PHE H 168 -11.99 26.92 -55.96
N LYS H 169 -13.22 26.87 -55.43
CA LYS H 169 -13.69 25.72 -54.68
C LYS H 169 -14.20 24.67 -55.63
N SER H 170 -13.93 23.40 -55.33
CA SER H 170 -14.51 22.33 -56.12
C SER H 170 -15.25 21.35 -55.22
N THR H 171 -14.52 20.62 -54.38
CA THR H 171 -15.12 19.67 -53.43
C THR H 171 -15.52 20.31 -52.10
N ASP H 172 -15.24 21.60 -51.89
CA ASP H 172 -15.47 22.25 -50.59
C ASP H 172 -16.34 23.50 -50.73
N LYS H 173 -17.29 23.50 -51.67
CA LYS H 173 -18.27 24.59 -51.72
C LYS H 173 -19.17 24.55 -50.49
N ASN H 174 -19.36 25.70 -49.85
CA ASN H 174 -20.28 25.81 -48.72
C ASN H 174 -21.67 25.38 -49.16
N VAL H 175 -22.17 24.28 -48.59
CA VAL H 175 -23.48 23.75 -48.97
C VAL H 175 -24.64 24.54 -48.37
N ASN H 176 -24.42 25.29 -47.28
CA ASN H 176 -25.48 26.00 -46.58
C ASN H 176 -25.53 27.49 -46.91
N MET H 177 -24.95 27.91 -48.03
CA MET H 177 -24.84 29.32 -48.34
C MET H 177 -26.01 29.73 -49.22
N GLU H 178 -26.90 30.55 -48.66
CA GLU H 178 -28.05 31.09 -49.39
C GLU H 178 -28.10 32.59 -49.19
N TYR H 179 -28.25 33.34 -50.28
CA TYR H 179 -28.33 34.79 -50.23
C TYR H 179 -29.76 35.27 -50.07
N ILE H 180 -29.95 36.38 -49.32
CA ILE H 180 -31.25 37.02 -49.30
C ILE H 180 -31.61 37.43 -50.73
N LYS H 181 -32.91 37.48 -51.00
CA LYS H 181 -33.40 37.95 -52.30
C LYS H 181 -33.98 39.35 -52.24
N HIS H 182 -34.13 39.94 -51.04
CA HIS H 182 -34.73 41.25 -50.84
C HIS H 182 -33.98 42.01 -49.74
N LEU H 183 -33.73 43.29 -49.99
CA LEU H 183 -33.18 44.20 -48.99
C LEU H 183 -34.10 45.41 -48.90
N GLY H 184 -34.67 45.65 -47.73
CA GLY H 184 -35.46 46.84 -47.47
C GLY H 184 -34.68 47.75 -46.55
N VAL H 185 -34.76 49.05 -46.81
CA VAL H 185 -34.05 50.04 -46.00
C VAL H 185 -35.04 51.14 -45.62
N TYR H 186 -35.11 51.44 -44.32
CA TYR H 186 -35.92 52.54 -43.79
C TYR H 186 -34.98 53.63 -43.33
N ILE H 187 -35.17 54.84 -43.86
CA ILE H 187 -34.28 55.96 -43.57
C ILE H 187 -35.06 57.25 -43.72
N ASN H 188 -34.64 58.26 -42.94
CA ASN H 188 -35.18 59.60 -43.06
C ASN H 188 -34.80 60.23 -44.40
N ASN H 189 -35.73 60.99 -44.97
CA ASN H 189 -35.47 61.69 -46.23
C ASN H 189 -35.06 60.70 -47.32
N ALA H 190 -35.83 59.61 -47.43
CA ALA H 190 -35.45 58.49 -48.29
C ALA H 190 -35.24 58.91 -49.73
N ASP H 191 -35.97 59.92 -50.20
CA ASP H 191 -35.91 60.32 -51.59
C ASP H 191 -34.51 60.75 -52.01
N THR H 192 -33.75 61.39 -51.10
CA THR H 192 -32.39 61.78 -51.46
C THR H 192 -31.42 60.61 -51.44
N TYR H 193 -31.74 59.53 -50.72
CA TYR H 193 -30.85 58.39 -50.63
C TYR H 193 -31.10 57.33 -51.70
N LYS H 194 -32.26 57.39 -52.37
CA LYS H 194 -32.60 56.35 -53.32
C LYS H 194 -31.61 56.30 -54.47
N GLU H 195 -31.06 57.45 -54.87
CA GLU H 195 -30.10 57.49 -55.97
C GLU H 195 -28.78 56.81 -55.64
N GLU H 196 -28.47 56.62 -54.35
CA GLU H 196 -27.24 55.97 -53.93
C GLU H 196 -27.28 54.47 -54.11
N VAL H 197 -28.47 53.88 -54.25
CA VAL H 197 -28.56 52.42 -54.25
C VAL H 197 -27.84 51.86 -55.47
N GLU H 198 -28.22 52.31 -56.67
CA GLU H 198 -27.61 51.72 -57.85
C GLU H 198 -26.18 52.21 -58.05
N LYS H 199 -25.84 53.40 -57.54
CA LYS H 199 -24.43 53.79 -57.47
C LYS H 199 -23.63 52.85 -56.58
N ALA H 200 -24.17 52.51 -55.41
CA ALA H 200 -23.51 51.53 -54.55
C ALA H 200 -23.35 50.20 -55.25
N ARG H 201 -24.36 49.80 -56.02
CA ARG H 201 -24.30 48.53 -56.73
C ARG H 201 -23.19 48.52 -57.77
N VAL H 202 -23.00 49.64 -58.46
CA VAL H 202 -21.93 49.73 -59.44
C VAL H 202 -20.57 49.72 -58.74
N TYR H 203 -20.43 50.52 -57.68
CA TYR H 203 -19.17 50.57 -56.94
C TYR H 203 -18.86 49.23 -56.32
N TYR H 204 -19.86 48.56 -55.75
CA TYR H 204 -19.61 47.22 -55.21
C TYR H 204 -19.00 46.32 -56.28
N PHE H 205 -19.59 46.30 -57.48
CA PHE H 205 -19.05 45.36 -58.45
C PHE H 205 -17.68 45.78 -58.96
N GLY H 206 -17.44 47.09 -59.15
CA GLY H 206 -16.10 47.51 -59.54
C GLY H 206 -15.05 47.06 -58.54
N THR H 207 -15.38 47.15 -57.25
CA THR H 207 -14.47 46.71 -56.20
C THR H 207 -14.35 45.18 -56.17
N TYR H 208 -15.49 44.48 -56.33
CA TYR H 208 -15.47 43.01 -56.28
C TYR H 208 -14.79 42.41 -57.50
N TYR H 209 -14.97 43.05 -58.66
CA TYR H 209 -14.25 42.68 -59.88
C TYR H 209 -12.74 42.84 -59.70
N ALA H 210 -12.32 43.97 -59.13
CA ALA H 210 -10.90 44.12 -58.81
C ALA H 210 -10.44 43.00 -57.89
N SER H 211 -11.24 42.70 -56.88
CA SER H 211 -10.94 41.61 -55.94
C SER H 211 -10.80 40.26 -56.65
N GLN H 212 -11.69 39.98 -57.63
CA GLN H 212 -11.60 38.72 -58.34
C GLN H 212 -10.30 38.60 -59.12
N LEU H 213 -9.86 39.69 -59.76
CA LEU H 213 -8.59 39.63 -60.48
C LEU H 213 -7.42 39.45 -59.52
N ILE H 214 -7.43 40.16 -58.40
CA ILE H 214 -6.34 40.10 -57.44
C ILE H 214 -6.26 38.71 -56.83
N ALA H 215 -7.39 38.19 -56.34
CA ALA H 215 -7.40 36.87 -55.68
C ALA H 215 -7.08 35.74 -56.64
N ALA H 216 -7.37 35.90 -57.92
CA ALA H 216 -6.99 34.88 -58.89
C ALA H 216 -5.48 34.65 -58.83
N PRO H 217 -5.02 33.42 -58.59
CA PRO H 217 -3.58 33.16 -58.50
C PRO H 217 -2.88 33.37 -59.84
N SER H 218 -1.55 33.46 -59.75
CA SER H 218 -0.74 33.85 -60.89
C SER H 218 -0.73 32.82 -62.00
N ASN H 219 -1.05 31.55 -61.73
CA ASN H 219 -1.21 30.59 -62.82
C ASN H 219 -2.52 30.82 -63.56
N TYR H 220 -3.56 31.32 -62.88
CA TYR H 220 -4.78 31.70 -63.61
C TYR H 220 -4.63 33.08 -64.23
N CYS H 221 -4.12 34.04 -63.44
CA CYS H 221 -4.01 35.46 -63.81
C CYS H 221 -2.55 35.76 -64.15
N ASN H 222 -2.23 35.72 -65.44
CA ASN H 222 -0.91 35.98 -65.99
C ASN H 222 -1.06 37.12 -66.98
N PRO H 223 0.03 37.65 -67.55
CA PRO H 223 -0.13 38.82 -68.43
C PRO H 223 -1.05 38.58 -69.62
N VAL H 224 -1.12 37.36 -70.15
CA VAL H 224 -1.98 37.17 -71.31
C VAL H 224 -3.44 37.10 -70.87
N SER H 225 -3.73 36.32 -69.82
CA SER H 225 -5.13 36.15 -69.40
C SER H 225 -5.68 37.43 -68.78
N LEU H 226 -4.84 38.21 -68.12
CA LEU H 226 -5.32 39.46 -67.54
C LEU H 226 -5.67 40.47 -68.62
N SER H 227 -4.81 40.58 -69.64
CA SER H 227 -5.15 41.49 -70.73
C SER H 227 -6.32 40.97 -71.54
N ASN H 228 -6.47 39.64 -71.67
CA ASN H 228 -7.67 39.10 -72.30
C ASN H 228 -8.92 39.49 -71.52
N ALA H 229 -8.85 39.42 -70.19
CA ALA H 229 -10.01 39.81 -69.39
C ALA H 229 -10.34 41.29 -69.58
N ALA H 230 -9.31 42.13 -69.70
CA ALA H 230 -9.54 43.56 -69.93
C ALA H 230 -10.23 43.79 -71.27
N VAL H 231 -9.84 43.04 -72.30
CA VAL H 231 -10.52 43.18 -73.59
C VAL H 231 -11.99 42.84 -73.45
N GLU H 232 -12.27 41.73 -72.76
CA GLU H 232 -13.65 41.28 -72.57
C GLU H 232 -14.46 42.33 -71.81
N LEU H 233 -13.87 42.92 -70.76
CA LEU H 233 -14.54 44.00 -70.04
C LEU H 233 -14.83 45.18 -70.95
N ALA H 234 -13.82 45.59 -71.74
CA ALA H 234 -14.01 46.72 -72.63
C ALA H 234 -15.14 46.45 -73.61
N GLN H 235 -15.23 45.22 -74.10
CA GLN H 235 -16.27 44.86 -75.06
C GLN H 235 -17.65 44.96 -74.44
N LYS H 236 -17.81 44.49 -73.20
CA LYS H 236 -19.11 44.57 -72.55
C LYS H 236 -19.51 46.00 -72.25
N LEU H 237 -18.54 46.88 -72.01
CA LEU H 237 -18.80 48.26 -71.65
C LEU H 237 -18.78 49.19 -72.85
N ASN H 238 -18.48 48.65 -74.04
CA ASN H 238 -18.35 49.46 -75.26
C ASN H 238 -17.23 50.51 -75.14
N LEU H 239 -16.14 50.19 -74.45
CA LEU H 239 -14.94 51.04 -74.43
C LEU H 239 -14.05 50.72 -75.64
N GLU H 240 -13.34 51.73 -76.13
CA GLU H 240 -12.27 51.44 -77.08
C GLU H 240 -11.14 50.73 -76.35
N TYR H 241 -10.45 49.85 -77.06
CA TYR H 241 -9.40 49.08 -76.41
C TYR H 241 -8.29 48.77 -77.40
N LYS H 242 -7.09 48.64 -76.86
CA LYS H 242 -5.90 48.27 -77.61
C LYS H 242 -5.01 47.51 -76.64
N ILE H 243 -4.51 46.34 -77.05
CA ILE H 243 -3.50 45.59 -76.30
C ILE H 243 -2.22 45.60 -77.13
N LEU H 244 -1.16 46.20 -76.58
CA LEU H 244 0.11 46.25 -77.28
C LEU H 244 0.92 45.03 -76.90
N GLY H 245 1.41 44.30 -77.90
CA GLY H 245 2.26 43.16 -77.68
C GLY H 245 3.74 43.50 -77.83
N VAL H 246 4.56 42.46 -77.71
CA VAL H 246 6.01 42.66 -77.64
C VAL H 246 6.52 43.42 -78.87
N LYS H 247 6.00 43.09 -80.05
CA LYS H 247 6.51 43.73 -81.25
C LYS H 247 6.28 45.24 -81.25
N GLU H 248 5.08 45.66 -80.84
CA GLU H 248 4.80 47.08 -80.74
C GLU H 248 5.55 47.71 -79.57
N LEU H 249 5.71 46.98 -78.47
CA LEU H 249 6.44 47.52 -77.33
C LEU H 249 7.90 47.75 -77.69
N GLU H 250 8.47 46.86 -78.52
CA GLU H 250 9.83 47.07 -79.00
C GLU H 250 9.92 48.32 -79.88
N GLU H 251 8.93 48.52 -80.77
CA GLU H 251 8.96 49.68 -81.64
C GLU H 251 8.82 50.97 -80.85
N LEU H 252 8.07 50.95 -79.76
CA LEU H 252 7.96 52.09 -78.87
C LEU H 252 9.16 52.23 -77.93
N LYS H 253 10.12 51.31 -77.98
CA LYS H 253 11.38 51.41 -77.22
C LYS H 253 11.14 51.35 -75.71
N MET H 254 10.19 50.52 -75.28
CA MET H 254 9.82 50.38 -73.88
C MET H 254 10.77 49.38 -73.20
N GLY H 255 12.05 49.79 -73.13
CA GLY H 255 13.09 48.87 -72.68
C GLY H 255 13.08 48.58 -71.19
N ALA H 256 12.57 49.51 -70.37
CA ALA H 256 12.51 49.22 -68.94
C ALA H 256 11.43 48.19 -68.64
N TYR H 257 10.24 48.40 -69.18
CA TYR H 257 9.12 47.46 -69.01
C TYR H 257 9.44 46.11 -69.63
N LEU H 258 9.99 46.11 -70.86
CA LEU H 258 10.28 44.83 -71.50
C LEU H 258 11.36 44.06 -70.73
N SER H 259 12.35 44.74 -70.14
CA SER H 259 13.38 44.01 -69.40
C SER H 259 12.79 43.23 -68.22
N VAL H 260 11.86 43.86 -67.49
CA VAL H 260 11.27 43.19 -66.34
C VAL H 260 10.62 41.87 -66.77
N GLY H 261 9.98 41.85 -67.94
CA GLY H 261 9.27 40.66 -68.37
C GLY H 261 10.11 39.61 -69.09
N LYS H 262 11.40 39.87 -69.30
CA LYS H 262 12.23 38.98 -70.12
C LYS H 262 12.22 37.55 -69.58
N GLY H 263 12.25 37.39 -68.26
CA GLY H 263 12.34 36.07 -67.68
C GLY H 263 11.05 35.27 -67.61
N SER H 264 9.94 35.79 -68.12
CA SER H 264 8.66 35.13 -67.99
C SER H 264 8.34 34.31 -69.24
N MET H 265 7.60 33.21 -69.03
CA MET H 265 7.04 32.49 -70.17
C MET H 265 5.86 33.22 -70.79
N TYR H 266 5.30 34.25 -70.14
CA TYR H 266 4.15 34.98 -70.66
C TYR H 266 4.62 36.27 -71.32
N PRO H 267 4.31 36.49 -72.59
CA PRO H 267 4.72 37.76 -73.23
C PRO H 267 4.09 38.96 -72.52
N ASN H 268 4.86 40.04 -72.44
CA ASN H 268 4.32 41.31 -71.94
C ASN H 268 3.10 41.73 -72.77
N LYS H 269 2.09 42.27 -72.08
CA LYS H 269 0.89 42.82 -72.73
C LYS H 269 0.55 44.16 -72.08
N PHE H 270 0.47 45.21 -72.89
CA PHE H 270 0.20 46.55 -72.40
C PHE H 270 -1.27 46.89 -72.66
N ILE H 271 -2.02 47.11 -71.59
CA ILE H 271 -3.46 47.37 -71.68
C ILE H 271 -3.70 48.86 -71.89
N HIS H 272 -4.52 49.22 -72.88
CA HIS H 272 -4.94 50.61 -73.05
C HIS H 272 -6.43 50.62 -73.40
N LEU H 273 -7.28 50.93 -72.43
CA LEU H 273 -8.70 51.15 -72.65
C LEU H 273 -9.00 52.64 -72.62
N THR H 274 -10.05 53.05 -73.32
CA THR H 274 -10.43 54.46 -73.30
C THR H 274 -11.94 54.62 -73.18
N TYR H 275 -12.37 55.47 -72.25
CA TYR H 275 -13.74 55.94 -72.20
C TYR H 275 -13.76 57.39 -72.71
N LYS H 276 -14.67 57.72 -73.63
CA LYS H 276 -14.83 59.11 -74.07
C LYS H 276 -16.30 59.52 -74.00
N SER H 277 -16.56 60.68 -73.39
CA SER H 277 -17.92 61.21 -73.32
C SER H 277 -18.39 61.61 -74.71
N LYS H 278 -19.72 61.58 -74.89
CA LYS H 278 -20.34 61.89 -76.18
C LYS H 278 -20.23 63.36 -76.58
N GLY H 279 -20.18 64.26 -75.60
CA GLY H 279 -20.16 65.69 -75.85
C GLY H 279 -18.77 66.29 -75.95
N ASP H 280 -18.67 67.55 -75.52
CA ASP H 280 -17.40 68.25 -75.46
C ASP H 280 -16.51 67.63 -74.37
N VAL H 281 -15.25 67.34 -74.70
CA VAL H 281 -14.31 66.81 -73.72
C VAL H 281 -13.57 67.97 -73.05
N LYS H 282 -13.79 68.13 -71.75
CA LYS H 282 -13.16 69.22 -71.00
C LYS H 282 -11.95 68.78 -70.19
N LYS H 283 -11.81 67.48 -69.90
CA LYS H 283 -10.67 66.99 -69.11
C LYS H 283 -10.24 65.63 -69.64
N LYS H 284 -8.94 65.46 -69.79
CA LYS H 284 -8.36 64.20 -70.27
C LYS H 284 -7.48 63.67 -69.15
N ILE H 285 -7.70 62.41 -68.78
CA ILE H 285 -7.07 61.80 -67.62
C ILE H 285 -6.50 60.45 -68.03
N ALA H 286 -5.28 60.15 -67.59
CA ALA H 286 -4.72 58.82 -67.73
C ALA H 286 -4.60 58.18 -66.34
N LEU H 287 -5.17 57.00 -66.18
CA LEU H 287 -5.05 56.21 -64.95
C LEU H 287 -4.12 55.03 -65.25
N VAL H 288 -3.04 54.91 -64.48
CA VAL H 288 -1.98 53.93 -64.73
C VAL H 288 -1.92 52.98 -63.55
N GLY H 289 -2.07 51.68 -63.80
CA GLY H 289 -2.02 50.68 -62.73
C GLY H 289 -0.81 49.78 -62.88
N LYS H 290 -0.10 49.55 -61.77
CA LYS H 290 0.99 48.57 -61.79
C LYS H 290 0.41 47.18 -61.98
N GLY H 291 0.94 46.43 -62.97
CA GLY H 291 0.38 45.14 -63.30
C GLY H 291 1.38 43.99 -63.33
N ILE H 292 1.98 43.68 -62.18
CA ILE H 292 2.88 42.53 -62.05
C ILE H 292 2.05 41.35 -61.57
N THR H 293 1.84 40.36 -62.45
CA THR H 293 0.89 39.29 -62.10
C THR H 293 1.47 38.31 -61.10
N PHE H 294 2.80 38.20 -61.04
CA PHE H 294 3.53 37.54 -59.96
C PHE H 294 4.87 38.22 -59.84
N ASP H 295 5.29 38.56 -58.62
CA ASP H 295 6.59 39.17 -58.37
C ASP H 295 7.42 38.20 -57.54
N SER H 296 8.28 37.40 -58.21
CA SER H 296 9.22 36.56 -57.47
C SER H 296 10.36 37.35 -56.89
N GLY H 297 10.54 38.60 -57.33
CA GLY H 297 11.76 39.35 -57.09
C GLY H 297 12.79 39.28 -58.21
N GLY H 298 12.70 38.26 -59.08
CA GLY H 298 13.76 38.03 -60.07
C GLY H 298 15.00 37.50 -59.38
N TYR H 299 16.17 37.76 -59.98
CA TYR H 299 17.41 37.26 -59.39
C TYR H 299 17.64 37.80 -57.99
N ASN H 300 17.07 38.97 -57.69
CA ASN H 300 16.92 39.42 -56.30
C ASN H 300 15.71 38.75 -55.65
N LEU H 301 15.80 37.42 -55.54
CA LEU H 301 14.65 36.60 -55.18
C LEU H 301 14.14 36.99 -53.80
N LYS H 302 12.81 36.95 -53.64
CA LYS H 302 12.16 37.21 -52.34
C LYS H 302 12.36 35.98 -51.45
N ALA H 303 13.53 35.89 -50.85
CA ALA H 303 13.88 34.76 -50.01
C ALA H 303 14.15 35.16 -48.56
N ALA H 304 14.14 36.45 -48.25
CA ALA H 304 14.37 36.88 -46.88
C ALA H 304 13.14 36.60 -46.02
N PRO H 305 13.33 36.34 -44.73
CA PRO H 305 12.18 36.22 -43.82
C PRO H 305 11.27 37.44 -43.91
N GLY H 306 9.97 37.19 -44.04
CA GLY H 306 9.02 38.27 -44.12
C GLY H 306 8.81 38.87 -45.48
N SER H 307 9.38 38.29 -46.54
CA SER H 307 9.21 38.90 -47.86
C SER H 307 7.91 38.49 -48.55
N MET H 308 7.16 37.54 -47.98
CA MET H 308 5.77 37.25 -48.40
C MET H 308 5.66 36.89 -49.89
N ILE H 309 6.58 36.06 -50.38
CA ILE H 309 6.53 35.68 -51.79
C ILE H 309 5.22 34.95 -52.11
N ASP H 310 4.63 34.26 -51.14
CA ASP H 310 3.40 33.53 -51.42
C ASP H 310 2.19 34.45 -51.65
N LEU H 311 2.30 35.73 -51.33
CA LEU H 311 1.19 36.65 -51.55
C LEU H 311 1.32 37.43 -52.85
N MET H 312 2.40 37.22 -53.59
CA MET H 312 2.72 38.20 -54.63
C MET H 312 1.85 38.12 -55.88
N LYS H 313 0.85 37.24 -55.92
CA LYS H 313 -0.21 37.43 -56.92
C LYS H 313 -0.89 38.79 -56.78
N PHE H 314 -0.78 39.41 -55.62
CA PHE H 314 -1.47 40.67 -55.46
C PHE H 314 -0.71 41.84 -56.07
N ASP H 315 0.44 41.59 -56.73
CA ASP H 315 1.23 42.71 -57.23
C ASP H 315 0.65 43.34 -58.48
N MET H 316 -0.53 42.88 -58.92
CA MET H 316 -1.27 43.57 -59.96
C MET H 316 -2.50 44.26 -59.39
N SER H 317 -2.53 44.52 -58.08
CA SER H 317 -3.68 45.21 -57.48
C SER H 317 -3.93 46.58 -58.10
N GLY H 318 -2.86 47.29 -58.49
CA GLY H 318 -3.06 48.60 -59.12
C GLY H 318 -3.75 48.48 -60.46
N CYS H 319 -3.29 47.53 -61.29
CA CYS H 319 -4.00 47.24 -62.52
C CYS H 319 -5.46 46.88 -62.25
N ALA H 320 -5.70 46.08 -61.20
CA ALA H 320 -7.07 45.69 -60.88
C ALA H 320 -7.94 46.89 -60.51
N ALA H 321 -7.38 47.85 -59.75
CA ALA H 321 -8.13 49.05 -59.39
C ALA H 321 -8.47 49.88 -60.62
N VAL H 322 -7.52 49.99 -61.57
CA VAL H 322 -7.77 50.76 -62.77
C VAL H 322 -8.85 50.10 -63.62
N LEU H 323 -8.82 48.77 -63.71
CA LEU H 323 -9.84 48.07 -64.49
C LEU H 323 -11.21 48.11 -63.80
N GLY H 324 -11.24 48.01 -62.46
CA GLY H 324 -12.50 48.19 -61.74
C GLY H 324 -13.05 49.60 -61.89
N CYS H 325 -12.16 50.60 -61.91
CA CYS H 325 -12.59 51.96 -62.22
C CYS H 325 -13.16 52.03 -63.63
N ALA H 326 -12.56 51.33 -64.59
CA ALA H 326 -13.10 51.35 -65.94
C ALA H 326 -14.53 50.82 -65.97
N TYR H 327 -14.80 49.78 -65.17
CA TYR H 327 -16.17 49.28 -65.08
C TYR H 327 -17.10 50.37 -64.56
N CYS H 328 -16.72 51.03 -63.46
CA CYS H 328 -17.62 52.04 -62.88
C CYS H 328 -17.82 53.22 -63.81
N VAL H 329 -16.74 53.72 -64.43
CA VAL H 329 -16.84 54.86 -65.34
C VAL H 329 -17.61 54.47 -66.59
N GLY H 330 -17.33 53.28 -67.13
CA GLY H 330 -18.06 52.81 -68.30
C GLY H 330 -19.52 52.56 -68.03
N THR H 331 -19.88 52.26 -66.78
CA THR H 331 -21.28 52.03 -66.45
C THR H 331 -22.01 53.33 -66.15
N LEU H 332 -21.38 54.21 -65.39
CA LEU H 332 -22.01 55.44 -64.99
C LEU H 332 -21.92 56.51 -66.07
N LYS H 333 -21.00 56.36 -67.03
CA LYS H 333 -20.91 57.22 -68.20
C LYS H 333 -20.88 58.71 -67.88
N PRO H 334 -19.86 59.19 -67.17
CA PRO H 334 -19.77 60.63 -66.88
C PRO H 334 -19.59 61.44 -68.16
N GLU H 335 -19.99 62.70 -68.07
CA GLU H 335 -19.89 63.60 -69.22
C GLU H 335 -18.60 64.40 -69.14
N ASN H 336 -18.21 64.97 -70.29
CA ASN H 336 -17.14 65.96 -70.40
C ASN H 336 -15.74 65.39 -70.16
N VAL H 337 -15.54 64.07 -70.22
CA VAL H 337 -14.21 63.53 -69.92
C VAL H 337 -13.77 62.50 -70.95
N GLU H 338 -12.46 62.35 -71.07
CA GLU H 338 -11.85 61.24 -71.78
C GLU H 338 -10.86 60.59 -70.82
N ILE H 339 -11.03 59.28 -70.55
CA ILE H 339 -10.21 58.58 -69.56
C ILE H 339 -9.50 57.44 -70.27
N HIS H 340 -8.19 57.36 -70.07
CA HIS H 340 -7.38 56.24 -70.56
C HIS H 340 -6.98 55.37 -69.37
N PHE H 341 -7.26 54.08 -69.48
CA PHE H 341 -6.98 53.11 -68.44
C PHE H 341 -5.80 52.26 -68.91
N LEU H 342 -4.65 52.39 -68.26
CA LEU H 342 -3.39 51.86 -68.74
C LEU H 342 -2.76 50.91 -67.73
N SER H 343 -2.17 49.81 -68.22
CA SER H 343 -1.33 48.98 -67.36
C SER H 343 -0.30 48.25 -68.20
N ALA H 344 0.97 48.38 -67.81
CA ALA H 344 2.06 47.61 -68.42
C ALA H 344 2.12 46.29 -67.66
N VAL H 345 1.45 45.26 -68.20
CA VAL H 345 1.31 43.99 -67.49
C VAL H 345 2.47 43.07 -67.84
N CYS H 346 3.05 42.45 -66.81
CA CYS H 346 4.12 41.47 -67.01
C CYS H 346 4.29 40.68 -65.71
N GLU H 347 5.23 39.73 -65.76
CA GLU H 347 5.51 38.80 -64.67
C GLU H 347 7.02 38.80 -64.42
N ASN H 348 7.44 38.84 -63.14
CA ASN H 348 8.86 39.01 -62.72
C ASN H 348 9.40 37.67 -62.25
N MET H 349 10.21 37.00 -63.08
CA MET H 349 10.57 35.61 -62.84
C MET H 349 12.08 35.38 -62.94
N VAL H 350 12.51 34.17 -62.58
CA VAL H 350 13.91 33.75 -62.61
C VAL H 350 14.11 32.72 -63.71
N SER H 351 15.06 32.99 -64.59
CA SER H 351 15.19 32.26 -65.85
C SER H 351 16.57 32.54 -66.41
N LYS H 352 17.01 31.69 -67.34
CA LYS H 352 18.20 32.05 -68.09
C LYS H 352 17.97 33.35 -68.87
N ASN H 353 16.71 33.69 -69.15
CA ASN H 353 16.38 34.86 -69.96
C ASN H 353 16.13 36.13 -69.13
N SER H 354 16.19 36.07 -67.80
CA SER H 354 15.80 37.22 -67.00
C SER H 354 16.81 38.38 -67.11
N TYR H 355 16.32 39.58 -66.83
CA TYR H 355 17.27 40.67 -66.62
C TYR H 355 17.99 40.44 -65.30
N ARG H 356 19.20 41.03 -65.20
CA ARG H 356 20.10 40.81 -64.06
C ARG H 356 20.29 42.10 -63.27
N PRO H 357 20.52 41.99 -61.95
CA PRO H 357 21.02 43.14 -61.19
C PRO H 357 22.28 43.66 -61.86
N GLY H 358 22.36 44.98 -62.03
CA GLY H 358 23.49 45.60 -62.69
C GLY H 358 23.25 45.95 -64.16
N ASP H 359 22.24 45.35 -64.79
CA ASP H 359 21.97 45.64 -66.18
C ASP H 359 21.64 47.13 -66.36
N ILE H 360 22.03 47.68 -67.50
CA ILE H 360 21.65 49.04 -67.86
C ILE H 360 20.65 48.92 -69.01
N ILE H 361 19.46 49.47 -68.79
CA ILE H 361 18.36 49.32 -69.72
C ILE H 361 17.90 50.71 -70.12
N THR H 362 17.25 50.80 -71.27
CA THR H 362 16.92 52.12 -71.83
C THR H 362 15.41 52.24 -71.91
N ALA H 363 14.88 53.24 -71.21
CA ALA H 363 13.45 53.51 -71.18
C ALA H 363 13.00 54.19 -72.48
N SER H 364 11.68 54.25 -72.67
CA SER H 364 11.14 54.78 -73.92
C SER H 364 11.34 56.29 -74.09
N ASN H 365 11.76 57.04 -73.04
CA ASN H 365 12.15 58.43 -73.22
C ASN H 365 13.66 58.60 -73.38
N GLY H 366 14.39 57.51 -73.64
CA GLY H 366 15.82 57.62 -73.86
C GLY H 366 16.69 57.55 -72.61
N LYS H 367 16.10 57.63 -71.41
CA LYS H 367 16.89 57.59 -70.19
C LYS H 367 17.41 56.17 -69.95
N THR H 368 18.72 56.06 -69.71
CA THR H 368 19.33 54.78 -69.38
C THR H 368 19.26 54.60 -67.87
N ILE H 369 18.96 53.38 -67.45
CA ILE H 369 18.72 53.09 -66.05
C ILE H 369 19.62 51.94 -65.63
N GLU H 370 20.37 52.14 -64.56
CA GLU H 370 21.15 51.06 -63.98
C GLU H 370 20.28 50.32 -62.96
N VAL H 371 20.06 49.04 -63.19
CA VAL H 371 19.24 48.23 -62.31
C VAL H 371 20.05 47.84 -61.09
N GLY H 372 19.62 48.31 -59.92
CA GLY H 372 20.32 47.93 -58.72
C GLY H 372 19.70 46.74 -58.01
N ASN H 373 18.44 46.45 -58.32
CA ASN H 373 17.75 45.37 -57.62
C ASN H 373 16.58 44.94 -58.49
N THR H 374 16.57 43.68 -58.95
CA THR H 374 15.51 43.26 -59.85
C THR H 374 14.14 43.21 -59.19
N ASP H 375 14.09 43.28 -57.86
CA ASP H 375 12.83 43.29 -57.13
C ASP H 375 12.25 44.70 -56.97
N ALA H 376 12.95 45.72 -57.44
CA ALA H 376 12.30 47.02 -57.60
C ALA H 376 11.75 47.15 -59.02
N GLU H 377 10.98 46.14 -59.45
CA GLU H 377 10.61 46.05 -60.85
C GLU H 377 9.43 46.95 -61.20
N GLY H 378 8.57 47.27 -60.24
CA GLY H 378 7.38 48.03 -60.54
C GLY H 378 7.66 49.43 -61.07
N ARG H 379 8.62 50.13 -60.45
CA ARG H 379 8.93 51.48 -60.93
C ARG H 379 9.48 51.44 -62.36
N LEU H 380 10.11 50.34 -62.76
CA LEU H 380 10.56 50.22 -64.14
C LEU H 380 9.39 50.11 -65.10
N THR H 381 8.41 49.26 -64.78
CA THR H 381 7.27 49.15 -65.69
C THR H 381 6.49 50.45 -65.70
N LEU H 382 6.37 51.10 -64.55
CA LEU H 382 5.64 52.36 -64.47
C LEU H 382 6.37 53.47 -65.21
N ALA H 383 7.72 53.45 -65.24
CA ALA H 383 8.46 54.46 -65.99
C ALA H 383 7.99 54.51 -67.45
N ASP H 384 7.96 53.34 -68.11
CA ASP H 384 7.53 53.31 -69.51
C ASP H 384 6.03 53.57 -69.65
N ALA H 385 5.22 53.13 -68.67
CA ALA H 385 3.79 53.44 -68.74
C ALA H 385 3.56 54.93 -68.58
N LEU H 386 4.34 55.60 -67.74
CA LEU H 386 4.18 57.04 -67.56
C LEU H 386 4.59 57.81 -68.82
N VAL H 387 5.67 57.39 -69.48
CA VAL H 387 6.07 58.01 -70.74
C VAL H 387 4.96 57.88 -71.78
N TYR H 388 4.38 56.67 -71.88
CA TYR H 388 3.26 56.41 -72.79
C TYR H 388 2.07 57.34 -72.47
N ALA H 389 1.74 57.45 -71.18
CA ALA H 389 0.60 58.29 -70.78
C ALA H 389 0.83 59.74 -71.12
N GLU H 390 2.04 60.27 -70.87
CA GLU H 390 2.23 61.68 -71.15
C GLU H 390 2.14 61.96 -72.65
N LYS H 391 2.50 61.01 -73.49
CA LYS H 391 2.33 61.18 -74.94
C LYS H 391 0.87 61.28 -75.37
N LEU H 392 -0.07 60.81 -74.54
CA LEU H 392 -1.48 60.95 -74.89
C LEU H 392 -1.97 62.37 -74.80
N GLY H 393 -1.20 63.27 -74.18
CA GLY H 393 -1.60 64.67 -74.07
C GLY H 393 -2.74 64.87 -73.11
N VAL H 394 -2.58 64.40 -71.88
CA VAL H 394 -3.64 64.44 -70.91
C VAL H 394 -3.43 65.61 -69.97
N ASP H 395 -4.47 65.93 -69.19
CA ASP H 395 -4.40 66.96 -68.16
C ASP H 395 -3.84 66.42 -66.84
N TYR H 396 -4.22 65.19 -66.48
CA TYR H 396 -3.76 64.56 -65.24
C TYR H 396 -3.31 63.14 -65.54
N ILE H 397 -2.20 62.73 -64.92
CA ILE H 397 -1.79 61.32 -64.87
C ILE H 397 -1.82 60.91 -63.40
N VAL H 398 -2.56 59.85 -63.09
CA VAL H 398 -2.58 59.27 -61.75
C VAL H 398 -2.20 57.81 -61.88
N ASP H 399 -1.14 57.40 -61.19
CA ASP H 399 -0.81 55.99 -61.14
C ASP H 399 -1.11 55.44 -59.75
N ILE H 400 -1.41 54.15 -59.71
CA ILE H 400 -1.74 53.45 -58.48
C ILE H 400 -1.03 52.09 -58.52
N ALA H 401 -0.35 51.74 -57.43
CA ALA H 401 0.65 50.67 -57.48
C ALA H 401 0.89 50.11 -56.11
N THR H 402 1.05 48.77 -56.02
CA THR H 402 1.60 48.13 -54.82
C THR H 402 3.13 48.23 -54.85
N LEU H 403 3.62 49.43 -54.57
CA LEU H 403 5.01 49.68 -54.96
C LEU H 403 6.01 49.32 -53.87
N THR H 404 5.82 49.79 -52.63
CA THR H 404 6.86 49.66 -51.61
C THR H 404 6.32 49.09 -50.32
N GLY H 405 6.98 48.04 -49.80
CA GLY H 405 6.64 47.49 -48.51
C GLY H 405 6.80 48.46 -47.37
N ALA H 406 7.64 49.48 -47.55
CA ALA H 406 7.81 50.52 -46.53
C ALA H 406 6.50 51.20 -46.16
N MET H 407 5.48 51.13 -47.02
CA MET H 407 4.17 51.69 -46.70
C MET H 407 3.62 51.08 -45.41
N LEU H 408 3.93 49.81 -45.15
CA LEU H 408 3.46 49.15 -43.94
C LEU H 408 4.01 49.80 -42.69
N TYR H 409 5.18 50.42 -42.80
CA TYR H 409 5.85 51.05 -41.67
C TYR H 409 5.55 52.54 -41.57
N SER H 410 4.97 53.14 -42.59
CA SER H 410 4.66 54.55 -42.59
C SER H 410 3.20 54.83 -42.27
N LEU H 411 2.29 54.29 -43.07
CA LEU H 411 0.88 54.49 -42.84
C LEU H 411 0.16 53.22 -42.41
N GLY H 412 0.73 52.05 -42.68
CA GLY H 412 0.15 50.79 -42.24
C GLY H 412 -0.89 50.25 -43.21
N THR H 413 -1.86 49.49 -42.70
CA THR H 413 -2.79 48.76 -43.56
C THR H 413 -4.09 49.52 -43.83
N SER H 414 -4.29 50.71 -43.25
CA SER H 414 -5.55 51.41 -43.40
C SER H 414 -5.53 52.57 -44.39
N TYR H 415 -4.46 53.36 -44.43
CA TYR H 415 -4.40 54.54 -45.28
C TYR H 415 -3.38 54.32 -46.38
N ALA H 416 -3.74 54.61 -47.62
CA ALA H 416 -2.76 54.63 -48.68
C ALA H 416 -2.02 55.97 -48.69
N GLY H 417 -0.87 56.00 -49.35
CA GLY H 417 -0.09 57.22 -49.49
C GLY H 417 -0.23 57.78 -50.91
N VAL H 418 -0.33 59.09 -51.02
CA VAL H 418 -0.31 59.78 -52.31
C VAL H 418 0.86 60.75 -52.35
N PHE H 419 1.57 60.74 -53.48
CA PHE H 419 2.68 61.63 -53.77
C PHE H 419 2.36 62.29 -55.09
N GLY H 420 2.92 63.48 -55.33
CA GLY H 420 2.65 64.04 -56.64
C GLY H 420 3.47 65.29 -56.89
N ASN H 421 3.36 65.80 -58.12
CA ASN H 421 4.08 66.99 -58.50
C ASN H 421 3.21 68.24 -58.58
N ASN H 422 1.97 68.19 -58.08
CA ASN H 422 0.99 69.24 -58.34
C ASN H 422 -0.02 69.31 -57.18
N GLU H 423 -0.04 70.42 -56.45
CA GLU H 423 -0.89 70.51 -55.25
C GLU H 423 -2.37 70.41 -55.59
N GLU H 424 -2.81 71.03 -56.69
CA GLU H 424 -4.21 70.99 -57.08
C GLU H 424 -4.67 69.56 -57.32
N LEU H 425 -3.86 68.77 -58.03
CA LEU H 425 -4.22 67.37 -58.29
C LEU H 425 -4.21 66.56 -57.00
N ILE H 426 -3.20 66.76 -56.14
CA ILE H 426 -3.17 66.06 -54.85
C ILE H 426 -4.44 66.35 -54.05
N ASN H 427 -4.85 67.61 -54.01
CA ASN H 427 -6.05 67.98 -53.25
C ASN H 427 -7.31 67.35 -53.84
N LYS H 428 -7.39 67.23 -55.17
CA LYS H 428 -8.53 66.51 -55.75
C LYS H 428 -8.54 65.05 -55.32
N ILE H 429 -7.37 64.41 -55.29
CA ILE H 429 -7.31 63.04 -54.82
C ILE H 429 -7.70 62.96 -53.35
N LEU H 430 -7.24 63.92 -52.54
CA LEU H 430 -7.64 63.89 -51.13
C LEU H 430 -9.15 64.08 -50.98
N GLN H 431 -9.76 64.93 -51.81
CA GLN H 431 -11.20 65.09 -51.78
C GLN H 431 -11.92 63.82 -52.25
N SER H 432 -11.38 63.14 -53.27
CA SER H 432 -11.95 61.86 -53.70
C SER H 432 -11.81 60.81 -52.62
N SER H 433 -10.73 60.89 -51.84
CA SER H 433 -10.59 59.99 -50.69
C SER H 433 -11.74 60.22 -49.71
N LYS H 434 -12.12 61.48 -49.49
CA LYS H 434 -13.18 61.82 -48.54
C LYS H 434 -14.53 61.25 -48.98
N THR H 435 -14.89 61.47 -50.25
CA THR H 435 -16.21 61.06 -50.73
C THR H 435 -16.29 59.57 -51.11
N SER H 436 -15.16 58.90 -51.41
CA SER H 436 -15.16 57.45 -51.60
C SER H 436 -15.03 56.69 -50.30
N ASN H 437 -14.59 57.36 -49.24
CA ASN H 437 -14.30 56.75 -47.95
C ASN H 437 -13.22 55.69 -48.04
N GLU H 438 -12.32 55.84 -49.01
CA GLU H 438 -11.09 55.06 -49.05
C GLU H 438 -9.96 55.98 -48.59
N PRO H 439 -9.42 55.81 -47.38
CA PRO H 439 -8.54 56.85 -46.81
C PRO H 439 -7.16 56.90 -47.46
N VAL H 440 -6.70 58.12 -47.70
CA VAL H 440 -5.40 58.41 -48.29
C VAL H 440 -4.73 59.53 -47.49
N TRP H 441 -3.39 59.48 -47.40
CA TRP H 441 -2.63 60.52 -46.72
C TRP H 441 -1.55 61.04 -47.65
N TRP H 442 -1.40 62.37 -47.70
CA TRP H 442 -0.41 63.02 -48.55
C TRP H 442 0.98 62.87 -47.92
N LEU H 443 1.92 62.29 -48.68
CA LEU H 443 3.30 62.15 -48.26
C LEU H 443 4.22 62.93 -49.21
N PRO H 444 5.36 63.41 -48.73
CA PRO H 444 6.18 64.34 -49.53
C PRO H 444 7.14 63.65 -50.48
N ILE H 445 7.43 64.33 -51.58
CA ILE H 445 8.55 63.96 -52.45
C ILE H 445 9.75 64.80 -52.03
N ILE H 446 10.70 64.19 -51.33
CA ILE H 446 11.79 64.94 -50.69
C ILE H 446 12.96 65.01 -51.68
N ASN H 447 13.15 66.18 -52.27
CA ASN H 447 14.11 66.31 -53.37
C ASN H 447 15.55 66.12 -52.93
N GLU H 448 15.84 66.32 -51.65
CA GLU H 448 17.19 66.04 -51.14
C GLU H 448 17.63 64.61 -51.41
N TYR H 449 16.70 63.67 -51.53
CA TYR H 449 17.15 62.30 -51.79
C TYR H 449 17.46 62.04 -53.26
N ARG H 450 17.14 62.97 -54.16
CA ARG H 450 17.33 62.71 -55.59
C ARG H 450 18.79 62.41 -55.95
N ALA H 451 19.74 63.06 -55.26
CA ALA H 451 21.15 62.81 -55.57
C ALA H 451 21.55 61.36 -55.30
N THR H 452 20.84 60.63 -54.44
CA THR H 452 21.16 59.22 -54.21
C THR H 452 20.76 58.31 -55.37
N LEU H 453 20.03 58.82 -56.37
CA LEU H 453 19.78 58.05 -57.59
C LEU H 453 20.80 58.35 -58.69
N ASN H 454 21.81 59.17 -58.42
CA ASN H 454 22.82 59.44 -59.43
C ASN H 454 23.65 58.18 -59.69
N SER H 455 23.77 57.81 -60.96
CA SER H 455 24.51 56.62 -61.37
C SER H 455 25.86 57.02 -61.97
N LYS H 456 26.88 56.23 -61.70
CA LYS H 456 28.21 56.47 -62.28
C LYS H 456 28.22 56.22 -63.78
N TYR H 457 27.44 55.26 -64.28
CA TYR H 457 27.51 54.87 -65.68
C TYR H 457 26.25 55.19 -66.45
N ALA H 458 25.06 54.93 -65.88
CA ALA H 458 23.80 55.21 -66.54
C ALA H 458 23.34 56.64 -66.23
N ASP H 459 22.24 57.04 -66.89
CA ASP H 459 21.62 58.33 -66.59
C ASP H 459 21.09 58.37 -65.16
N ILE H 460 20.56 57.27 -64.66
CA ILE H 460 19.94 57.26 -63.33
C ILE H 460 20.00 55.86 -62.76
N ASN H 461 20.10 55.78 -61.44
CA ASN H 461 19.96 54.51 -60.74
C ASN H 461 18.48 54.23 -60.52
N GLN H 462 18.14 52.95 -60.60
CA GLN H 462 16.81 52.49 -60.27
C GLN H 462 16.51 52.65 -58.78
N ILE H 463 17.49 52.38 -57.89
CA ILE H 463 17.27 52.41 -56.44
C ILE H 463 18.31 53.29 -55.76
N SER H 464 18.00 53.66 -54.52
CA SER H 464 18.90 54.56 -53.80
C SER H 464 20.07 53.80 -53.20
N SER H 465 21.21 54.47 -53.15
CA SER H 465 22.37 53.88 -52.52
C SER H 465 22.32 53.97 -51.00
N SER H 466 21.66 55.00 -50.44
CA SER H 466 21.77 55.27 -49.01
C SER H 466 20.44 55.43 -48.29
N VAL H 467 19.39 55.87 -49.00
CA VAL H 467 18.13 56.27 -48.38
C VAL H 467 17.22 55.05 -48.20
N LYS H 468 16.72 54.85 -46.97
CA LYS H 468 15.77 53.78 -46.65
C LYS H 468 14.31 54.16 -46.83
N ALA H 469 14.00 55.43 -47.08
CA ALA H 469 12.63 55.88 -47.32
C ALA H 469 12.23 55.54 -48.75
N SER H 470 11.91 54.24 -48.95
CA SER H 470 11.74 53.67 -50.28
C SER H 470 10.53 54.22 -51.03
N SER H 471 9.44 54.52 -50.30
CA SER H 471 8.25 55.05 -50.97
C SER H 471 8.54 56.41 -51.57
N ILE H 472 9.35 57.21 -50.88
CA ILE H 472 9.72 58.53 -51.38
C ILE H 472 10.71 58.40 -52.52
N VAL H 473 11.72 57.52 -52.38
CA VAL H 473 12.71 57.35 -53.45
C VAL H 473 12.03 56.85 -54.72
N ALA H 474 11.13 55.86 -54.59
CA ALA H 474 10.42 55.38 -55.77
C ALA H 474 9.67 56.51 -56.47
N SER H 475 9.05 57.42 -55.67
CA SER H 475 8.32 58.54 -56.26
C SER H 475 9.27 59.46 -57.00
N LEU H 476 10.46 59.70 -56.42
CA LEU H 476 11.47 60.50 -57.09
C LEU H 476 11.87 59.89 -58.41
N PHE H 477 12.03 58.56 -58.45
CA PHE H 477 12.34 57.88 -59.70
C PHE H 477 11.22 58.06 -60.72
N LEU H 478 9.98 57.82 -60.30
CA LEU H 478 8.85 57.97 -61.24
C LEU H 478 8.74 59.38 -61.80
N LYS H 479 9.00 60.38 -60.95
CA LYS H 479 8.89 61.78 -61.38
C LYS H 479 9.78 62.10 -62.58
N GLU H 480 10.90 61.38 -62.73
CA GLU H 480 11.81 61.55 -63.87
C GLU H 480 11.16 61.13 -65.18
N PHE H 481 10.00 60.50 -65.15
CA PHE H 481 9.36 60.03 -66.36
C PHE H 481 8.08 60.79 -66.68
N VAL H 482 7.88 61.91 -66.00
CA VAL H 482 6.81 62.87 -66.28
C VAL H 482 7.45 64.24 -66.46
N GLN H 483 7.34 64.81 -67.65
CA GLN H 483 8.09 66.03 -67.90
C GLN H 483 7.30 67.30 -67.59
N ASN H 484 6.04 67.39 -67.98
CA ASN H 484 5.35 68.67 -67.85
C ASN H 484 3.84 68.48 -67.73
N THR H 485 3.42 67.47 -66.98
CA THR H 485 2.01 67.14 -66.78
C THR H 485 1.77 66.93 -65.29
N ALA H 486 0.63 67.41 -64.80
CA ALA H 486 0.25 67.17 -63.41
C ALA H 486 0.14 65.67 -63.15
N TRP H 487 0.81 65.20 -62.10
CA TRP H 487 0.92 63.76 -61.87
C TRP H 487 0.87 63.45 -60.39
N ALA H 488 0.17 62.37 -60.05
CA ALA H 488 0.15 61.89 -58.69
C ALA H 488 0.26 60.38 -58.68
N HIS H 489 0.79 59.86 -57.56
CA HIS H 489 1.18 58.47 -57.43
C HIS H 489 0.62 57.97 -56.12
N ILE H 490 -0.16 56.91 -56.18
CA ILE H 490 -0.84 56.35 -55.02
C ILE H 490 -0.21 54.99 -54.72
N ASP H 491 0.49 54.90 -53.59
CA ASP H 491 1.14 53.66 -53.18
C ASP H 491 0.19 52.87 -52.30
N ILE H 492 -0.31 51.74 -52.79
CA ILE H 492 -1.32 50.94 -52.11
C ILE H 492 -0.75 49.63 -51.58
N ALA H 493 0.58 49.55 -51.46
CA ALA H 493 1.22 48.30 -51.04
C ALA H 493 0.69 47.82 -49.68
N GLY H 494 0.42 48.74 -48.76
CA GLY H 494 -0.02 48.38 -47.42
C GLY H 494 -1.52 48.16 -47.30
N VAL H 495 -2.31 48.73 -48.20
CA VAL H 495 -3.76 48.72 -48.03
C VAL H 495 -4.45 47.75 -48.97
N SER H 496 -3.73 47.08 -49.86
CA SER H 496 -4.42 46.29 -50.87
C SER H 496 -4.97 44.97 -50.35
N TRP H 497 -4.28 44.35 -49.40
CA TRP H 497 -4.63 43.01 -48.92
C TRP H 497 -5.16 43.07 -47.49
N ASN H 498 -6.28 42.41 -47.25
CA ASN H 498 -6.87 42.32 -45.90
C ASN H 498 -6.28 41.09 -45.22
N PHE H 499 -5.27 41.29 -44.38
CA PHE H 499 -4.60 40.14 -43.77
C PHE H 499 -5.50 39.41 -42.79
N LYS H 500 -6.37 40.13 -42.08
CA LYS H 500 -7.25 39.46 -41.12
C LYS H 500 -8.23 38.54 -41.84
N ALA H 501 -8.87 39.02 -42.90
CA ALA H 501 -9.84 38.21 -43.62
C ALA H 501 -9.22 37.38 -44.75
N ARG H 502 -7.92 37.53 -45.01
CA ARG H 502 -7.21 36.74 -46.02
C ARG H 502 -7.80 36.91 -47.42
N LYS H 503 -8.06 38.15 -47.82
CA LYS H 503 -8.69 38.42 -49.10
C LYS H 503 -8.32 39.84 -49.52
N PRO H 504 -8.52 40.19 -50.79
CA PRO H 504 -8.23 41.57 -51.22
C PRO H 504 -9.26 42.55 -50.69
N LYS H 505 -8.90 43.82 -50.74
CA LYS H 505 -9.85 44.90 -50.48
C LYS H 505 -10.42 45.51 -51.75
N GLY H 506 -9.79 45.27 -52.90
CA GLY H 506 -10.16 46.04 -54.09
C GLY H 506 -9.92 47.52 -53.93
N PHE H 507 -8.90 47.89 -53.14
CA PHE H 507 -8.68 49.29 -52.79
C PHE H 507 -8.39 50.13 -54.02
N GLY H 508 -9.04 51.28 -54.11
CA GLY H 508 -8.74 52.25 -55.15
C GLY H 508 -9.78 52.38 -56.24
N VAL H 509 -10.63 51.36 -56.43
CA VAL H 509 -11.68 51.45 -57.44
C VAL H 509 -12.56 52.65 -57.17
N ARG H 510 -13.06 52.76 -55.94
CA ARG H 510 -14.00 53.82 -55.61
C ARG H 510 -13.28 55.17 -55.53
N LEU H 511 -12.06 55.19 -54.98
CA LEU H 511 -11.28 56.42 -54.97
C LEU H 511 -11.14 57.00 -56.37
N LEU H 512 -10.68 56.18 -57.33
CA LEU H 512 -10.41 56.67 -58.68
C LEU H 512 -11.69 57.06 -59.40
N THR H 513 -12.77 56.32 -59.17
CA THR H 513 -14.04 56.66 -59.80
C THR H 513 -14.57 57.99 -59.26
N GLU H 514 -14.52 58.19 -57.93
CA GLU H 514 -14.92 59.50 -57.39
C GLU H 514 -14.07 60.61 -57.98
N PHE H 515 -12.78 60.34 -58.19
CA PHE H 515 -11.90 61.32 -58.83
C PHE H 515 -12.40 61.71 -60.21
N VAL H 516 -12.72 60.70 -61.04
CA VAL H 516 -13.21 60.96 -62.40
C VAL H 516 -14.56 61.69 -62.36
N LEU H 517 -15.49 61.22 -61.51
CA LEU H 517 -16.84 61.78 -61.53
C LEU H 517 -16.84 63.21 -61.02
N ASN H 518 -15.99 63.52 -60.05
CA ASN H 518 -16.02 64.84 -59.44
C ASN H 518 -15.33 65.87 -60.34
N ASP H 519 -14.45 65.41 -61.23
CA ASP H 519 -13.91 66.26 -62.28
C ASP H 519 -14.82 66.38 -63.48
N ALA H 520 -15.70 65.39 -63.69
CA ALA H 520 -16.69 65.45 -64.76
C ALA H 520 -17.83 66.43 -64.47
N LEU H 521 -18.11 66.74 -63.20
CA LEU H 521 -19.12 67.73 -62.86
C LEU H 521 -18.45 69.06 -62.53
N HIS H 524 -22.88 74.14 -58.90
CA HIS H 524 -21.83 74.23 -59.92
C HIS H 524 -20.44 74.36 -59.30
N ALA I 1 32.65 37.19 -83.90
CA ALA I 1 32.48 36.21 -84.95
C ALA I 1 31.24 35.31 -84.74
N SER I 2 30.52 35.45 -83.62
CA SER I 2 29.27 34.72 -83.43
C SER I 2 28.16 35.70 -83.08
N GLU I 3 26.91 35.32 -83.42
CA GLU I 3 25.74 36.17 -83.17
C GLU I 3 25.38 36.13 -81.69
N VAL I 4 25.15 37.29 -81.11
CA VAL I 4 24.74 37.37 -79.72
C VAL I 4 23.24 37.09 -79.65
N PRO I 5 22.80 36.09 -78.91
CA PRO I 5 21.35 35.86 -78.79
C PRO I 5 20.67 36.99 -78.01
N GLN I 6 19.43 37.26 -78.38
CA GLN I 6 18.64 38.29 -77.73
C GLN I 6 17.32 37.69 -77.25
N VAL I 7 16.83 38.21 -76.13
CA VAL I 7 15.46 37.90 -75.69
C VAL I 7 14.47 38.83 -76.36
N VAL I 8 14.74 40.13 -76.33
CA VAL I 8 13.94 41.11 -77.05
C VAL I 8 14.87 41.88 -77.98
N SER I 9 14.27 42.53 -78.97
CA SER I 9 15.06 43.25 -79.97
C SER I 9 15.84 44.41 -79.37
N LEU I 10 15.47 44.88 -78.18
CA LEU I 10 16.21 45.96 -77.53
C LEU I 10 17.47 45.47 -76.80
N ASP I 11 17.69 44.17 -76.70
CA ASP I 11 18.89 43.67 -76.03
C ASP I 11 20.14 43.98 -76.85
N PRO I 12 21.21 44.46 -76.22
CA PRO I 12 22.42 44.82 -76.97
C PRO I 12 23.12 43.61 -77.56
N THR I 13 23.79 43.81 -78.70
CA THR I 13 24.48 42.71 -79.35
C THR I 13 25.99 42.94 -79.42
N SER I 14 26.51 43.97 -78.76
CA SER I 14 27.95 44.14 -78.67
C SER I 14 28.26 44.99 -77.46
N ILE I 15 29.51 44.89 -77.01
CA ILE I 15 30.00 45.80 -75.97
C ILE I 15 30.45 47.10 -76.63
N PRO I 16 29.90 48.25 -76.26
CA PRO I 16 30.47 49.50 -76.80
C PRO I 16 31.88 49.68 -76.26
N ILE I 17 32.82 49.97 -77.15
CA ILE I 17 34.22 50.11 -76.75
C ILE I 17 34.78 51.37 -77.39
N GLU I 18 35.43 52.20 -76.58
CA GLU I 18 36.11 53.37 -77.11
C GLU I 18 37.61 53.09 -77.16
N TYR I 19 38.18 53.12 -78.37
CA TYR I 19 39.62 52.97 -78.58
C TYR I 19 40.35 54.30 -78.68
N ASN I 20 39.80 55.23 -79.46
CA ASN I 20 40.40 56.56 -79.64
C ASN I 20 39.85 57.48 -78.57
N THR I 21 40.46 57.44 -77.38
CA THR I 21 39.94 58.23 -76.26
C THR I 21 40.51 59.64 -76.29
N PRO I 22 39.87 60.57 -75.57
CA PRO I 22 40.43 61.93 -75.49
C PRO I 22 41.84 61.96 -74.94
N ILE I 23 42.21 61.00 -74.09
CA ILE I 23 43.59 60.94 -73.59
C ILE I 23 44.57 60.79 -74.76
N HIS I 24 44.17 60.05 -75.80
CA HIS I 24 45.08 59.83 -76.92
C HIS I 24 45.31 61.09 -77.73
N ASP I 25 44.45 62.08 -77.61
CA ASP I 25 44.61 63.34 -78.32
C ASP I 25 45.48 64.33 -77.57
N ILE I 26 45.96 63.99 -76.38
CA ILE I 26 46.78 64.91 -75.60
C ILE I 26 48.21 64.86 -76.13
N LYS I 27 48.73 66.00 -76.57
CA LYS I 27 50.13 66.09 -76.98
C LYS I 27 51.00 66.29 -75.74
N VAL I 28 51.92 65.37 -75.49
CA VAL I 28 52.72 65.40 -74.27
C VAL I 28 54.14 65.80 -74.64
N GLN I 29 54.69 66.75 -73.88
CA GLN I 29 56.04 67.24 -74.06
C GLN I 29 56.72 67.25 -72.72
N VAL I 30 57.97 66.77 -72.68
CA VAL I 30 58.77 66.72 -71.47
C VAL I 30 59.95 67.64 -71.67
N TYR I 31 60.19 68.53 -70.70
CA TYR I 31 61.29 69.48 -70.75
C TYR I 31 62.15 69.31 -69.50
N ASP I 32 63.44 69.60 -69.62
CA ASP I 32 64.33 69.57 -68.47
C ASP I 32 64.10 70.82 -67.62
N ILE I 33 63.99 70.61 -66.31
CA ILE I 33 63.70 71.70 -65.39
C ILE I 33 64.84 72.70 -65.27
N LYS I 34 66.08 72.29 -65.55
CA LYS I 34 67.19 73.22 -65.43
C LYS I 34 67.11 74.37 -66.42
N GLY I 35 66.25 74.28 -67.42
CA GLY I 35 66.13 75.38 -68.35
C GLY I 35 65.11 76.40 -67.93
N GLY I 36 64.45 76.19 -66.78
CA GLY I 36 63.40 77.05 -66.30
C GLY I 36 62.07 76.74 -66.96
N CYS I 37 60.98 77.14 -66.30
CA CYS I 37 59.63 76.84 -66.76
C CYS I 37 58.99 78.04 -67.42
N ASN I 38 58.43 77.80 -68.60
CA ASN I 38 57.66 78.86 -69.28
C ASN I 38 56.20 78.72 -68.87
N VAL I 39 55.60 79.78 -68.38
CA VAL I 39 54.16 79.78 -67.98
C VAL I 39 53.45 80.71 -68.95
N GLU I 40 52.80 80.16 -69.97
CA GLU I 40 52.23 81.04 -71.03
C GLU I 40 50.72 80.90 -71.14
N GLU I 41 50.18 79.79 -70.65
CA GLU I 41 48.73 79.56 -70.83
C GLU I 41 48.26 78.39 -69.98
N GLY I 42 46.95 78.30 -69.83
CA GLY I 42 46.40 77.10 -69.15
C GLY I 42 46.70 77.11 -67.66
N LEU I 43 46.92 75.92 -67.11
CA LEU I 43 47.21 75.73 -65.69
C LEU I 43 48.59 75.11 -65.55
N THR I 44 49.41 75.68 -64.68
CA THR I 44 50.72 75.12 -64.37
C THR I 44 50.74 74.75 -62.89
N ILE I 45 51.00 73.47 -62.60
CA ILE I 45 50.95 72.94 -61.24
C ILE I 45 52.34 72.46 -60.84
N PHE I 46 52.80 72.91 -59.69
CA PHE I 46 54.05 72.49 -59.10
C PHE I 46 53.78 71.37 -58.11
N LEU I 47 54.51 70.25 -58.24
CA LEU I 47 54.46 69.18 -57.25
C LEU I 47 55.57 69.44 -56.21
N VAL I 48 55.17 69.75 -54.98
CA VAL I 48 56.09 70.29 -53.99
C VAL I 48 55.95 69.51 -52.69
N ASN I 49 57.08 69.20 -52.06
CA ASN I 49 57.09 68.59 -50.74
C ASN I 49 57.99 69.43 -49.83
N ASN I 50 58.13 68.98 -48.58
CA ASN I 50 59.05 69.61 -47.64
C ASN I 50 59.57 68.51 -46.72
N PRO I 51 60.69 67.89 -47.08
CA PRO I 51 61.15 66.71 -46.34
C PRO I 51 61.47 67.05 -44.88
N GLY I 52 61.06 66.13 -44.01
CA GLY I 52 61.26 66.24 -42.57
C GLY I 52 60.41 67.26 -41.85
N LYS I 53 59.65 68.10 -42.55
CA LYS I 53 58.81 69.10 -41.90
C LYS I 53 57.34 68.78 -42.20
N GLU I 54 56.67 68.16 -41.22
CA GLU I 54 55.27 67.82 -41.37
C GLU I 54 54.42 69.08 -41.53
N ASN I 55 53.48 69.04 -42.47
CA ASN I 55 52.74 70.23 -42.90
C ASN I 55 53.63 71.46 -43.03
N GLY I 56 54.85 71.30 -43.57
CA GLY I 56 55.75 72.42 -43.72
C GLY I 56 55.34 73.36 -44.84
N PRO I 57 56.04 74.49 -44.98
CA PRO I 57 55.64 75.51 -45.97
C PRO I 57 55.96 75.13 -47.40
N VAL I 58 55.21 75.75 -48.30
CA VAL I 58 55.46 75.62 -49.73
C VAL I 58 56.64 76.51 -50.10
N LYS I 59 57.63 75.95 -50.78
CA LYS I 59 58.72 76.74 -51.33
C LYS I 59 59.00 76.24 -52.73
N ILE I 60 58.95 77.13 -53.71
CA ILE I 60 59.14 76.76 -55.11
C ILE I 60 60.62 76.89 -55.44
N SER I 61 61.21 75.80 -55.89
CA SER I 61 62.64 75.74 -56.15
C SER I 61 62.98 76.01 -57.60
N SER I 62 62.07 75.73 -58.53
CA SER I 62 62.39 75.80 -59.95
C SER I 62 62.61 77.24 -60.39
N LYS I 63 63.46 77.41 -61.38
CA LYS I 63 63.53 78.69 -62.06
C LYS I 63 62.28 78.85 -62.91
N VAL I 64 61.67 80.02 -62.88
CA VAL I 64 60.50 80.31 -63.69
C VAL I 64 60.88 81.45 -64.60
N ASN I 65 60.69 81.27 -65.90
CA ASN I 65 61.15 82.23 -66.89
C ASN I 65 60.10 83.31 -67.13
N ASP I 66 59.57 83.85 -66.03
CA ASP I 66 58.61 84.94 -66.12
C ASP I 66 58.73 85.76 -64.85
N LYS I 67 58.90 87.07 -65.01
CA LYS I 67 59.14 87.92 -63.85
C LYS I 67 57.89 88.06 -62.99
N GLN I 68 56.72 88.18 -63.64
CA GLN I 68 55.49 88.34 -62.90
C GLN I 68 55.18 87.09 -62.08
N VAL I 69 55.27 85.91 -62.71
CA VAL I 69 54.98 84.67 -62.00
C VAL I 69 56.06 84.39 -60.95
N SER I 70 57.32 84.68 -61.26
CA SER I 70 58.38 84.49 -60.27
C SER I 70 58.11 85.31 -59.01
N GLU I 71 57.64 86.55 -59.19
CA GLU I 71 57.33 87.38 -58.04
C GLU I 71 56.20 86.79 -57.22
N PHE I 72 55.15 86.30 -57.89
CA PHE I 72 54.02 85.71 -57.17
C PHE I 72 54.45 84.54 -56.32
N LEU I 73 55.36 83.71 -56.82
CA LEU I 73 55.75 82.47 -56.16
C LEU I 73 56.88 82.65 -55.14
N LYS I 74 57.21 83.90 -54.79
CA LYS I 74 58.26 84.14 -53.80
C LYS I 74 57.87 83.49 -52.48
N ASP I 75 58.88 83.10 -51.71
CA ASP I 75 58.64 82.36 -50.48
C ASP I 75 57.67 83.12 -49.58
N GLU I 76 57.80 84.45 -49.58
CA GLU I 76 56.97 85.27 -48.70
C GLU I 76 55.48 85.12 -49.04
N ASN I 77 55.13 85.05 -50.32
CA ASN I 77 53.72 84.88 -50.69
CA ASN I 77 53.73 84.89 -50.69
C ASN I 77 53.24 83.44 -50.52
N MET I 78 54.16 82.48 -50.46
CA MET I 78 53.79 81.07 -50.39
C MET I 78 53.70 80.54 -48.96
N GLU I 79 54.21 81.29 -47.96
CA GLU I 79 54.32 80.76 -46.60
C GLU I 79 52.98 80.48 -45.93
N LYS I 80 51.89 81.08 -46.39
CA LYS I 80 50.61 80.68 -45.81
C LYS I 80 50.14 79.30 -46.27
N PHE I 81 50.80 78.69 -47.25
CA PHE I 81 50.36 77.38 -47.74
C PHE I 81 51.33 76.29 -47.30
N ASN I 82 50.79 75.09 -47.12
CA ASN I 82 51.61 73.96 -46.65
C ASN I 82 51.49 72.77 -47.60
N VAL I 83 52.36 71.78 -47.38
CA VAL I 83 52.57 70.68 -48.32
C VAL I 83 51.79 69.43 -47.93
N LYS I 84 50.82 69.54 -47.03
CA LYS I 84 50.10 68.35 -46.60
C LYS I 84 49.64 67.55 -47.81
N LEU I 85 49.94 66.26 -47.79
CA LEU I 85 49.72 65.41 -48.95
C LEU I 85 48.30 65.53 -49.45
N GLY I 86 48.16 65.87 -50.73
CA GLY I 86 46.86 65.98 -51.36
C GLY I 86 46.25 67.36 -51.34
N THR I 87 46.75 68.28 -50.54
CA THR I 87 46.20 69.63 -50.57
C THR I 87 46.63 70.33 -51.84
N SER I 88 45.83 71.30 -52.27
CA SER I 88 46.12 71.99 -53.52
C SER I 88 45.61 73.43 -53.41
N LYS I 89 46.20 74.31 -54.21
CA LYS I 89 45.78 75.71 -54.30
C LYS I 89 45.88 76.18 -55.73
N HIS I 90 45.02 77.16 -56.09
CA HIS I 90 45.00 77.80 -57.40
C HIS I 90 45.39 79.25 -57.25
N PHE I 91 46.16 79.77 -58.21
CA PHE I 91 46.62 81.15 -58.28
C PHE I 91 46.25 81.72 -59.63
N TYR I 92 45.92 83.00 -59.66
CA TYR I 92 45.61 83.71 -60.90
C TYR I 92 46.49 84.94 -61.02
N MET I 93 47.01 85.20 -62.22
CA MET I 93 47.93 86.30 -62.40
C MET I 93 48.18 86.55 -63.89
N PHE I 94 48.76 87.70 -64.17
CA PHE I 94 49.18 88.06 -65.52
C PHE I 94 50.70 87.87 -65.64
N ASN I 95 51.14 87.25 -66.73
CA ASN I 95 52.56 87.00 -66.94
C ASN I 95 53.20 88.20 -67.66
N ASP I 96 54.47 88.05 -68.04
CA ASP I 96 55.21 89.15 -68.66
C ASP I 96 54.63 89.57 -70.00
N ASN I 97 53.89 88.69 -70.68
CA ASN I 97 53.27 89.04 -71.94
C ASN I 97 51.89 89.64 -71.75
N LYS I 98 51.55 90.02 -70.51
CA LYS I 98 50.25 90.63 -70.16
C LYS I 98 49.09 89.68 -70.45
N ASN I 99 49.34 88.36 -70.40
CA ASN I 99 48.29 87.35 -70.51
C ASN I 99 47.99 86.74 -69.15
N SER I 100 46.71 86.48 -68.89
CA SER I 100 46.32 85.87 -67.63
C SER I 100 46.68 84.38 -67.64
N VAL I 101 47.27 83.90 -66.54
CA VAL I 101 47.60 82.50 -66.41
C VAL I 101 47.11 81.99 -65.06
N ALA I 102 46.93 80.67 -64.98
CA ALA I 102 46.60 80.01 -63.74
C ALA I 102 47.76 79.10 -63.33
N VAL I 103 48.11 79.17 -62.05
CA VAL I 103 49.24 78.47 -61.45
C VAL I 103 48.80 77.90 -60.13
N GLY I 104 49.40 76.79 -59.73
CA GLY I 104 49.09 76.24 -58.43
C GLY I 104 50.07 75.17 -58.03
N TYR I 105 49.71 74.44 -56.97
CA TYR I 105 50.58 73.37 -56.50
C TYR I 105 49.71 72.28 -55.92
N VAL I 106 50.29 71.09 -55.83
CA VAL I 106 49.72 69.98 -55.07
C VAL I 106 50.76 69.56 -54.05
N GLY I 107 50.35 69.48 -52.79
CA GLY I 107 51.29 69.08 -51.74
C GLY I 107 51.57 67.59 -51.81
N CYS I 108 52.85 67.24 -51.70
CA CYS I 108 53.29 65.86 -51.73
C CYS I 108 53.86 65.44 -50.37
N GLY I 109 53.52 66.16 -49.31
CA GLY I 109 53.86 65.71 -47.97
C GLY I 109 55.29 65.99 -47.56
N SER I 110 55.76 65.20 -46.59
CA SER I 110 57.08 65.40 -45.99
C SER I 110 57.96 64.16 -46.04
N VAL I 111 57.52 63.09 -46.72
CA VAL I 111 58.28 61.86 -46.84
C VAL I 111 58.82 61.80 -48.27
N ALA I 112 60.12 62.09 -48.42
CA ALA I 112 60.83 62.09 -49.69
C ALA I 112 60.41 60.99 -50.67
N ASP I 113 60.05 59.81 -50.17
CA ASP I 113 59.69 58.67 -51.01
C ASP I 113 58.18 58.44 -50.94
N LEU I 114 57.48 58.69 -52.05
CA LEU I 114 56.03 58.52 -52.12
C LEU I 114 55.69 57.08 -52.46
N SER I 115 54.73 56.50 -51.74
CA SER I 115 54.18 55.21 -52.09
C SER I 115 53.22 55.32 -53.29
N GLU I 116 52.84 54.16 -53.84
CA GLU I 116 51.82 54.17 -54.88
C GLU I 116 50.53 54.80 -54.37
N ALA I 117 50.18 54.53 -53.11
CA ALA I 117 48.97 55.11 -52.55
C ALA I 117 49.11 56.62 -52.44
N ASP I 118 50.27 57.11 -51.99
CA ASP I 118 50.52 58.54 -51.90
C ASP I 118 50.45 59.20 -53.26
N MET I 119 51.09 58.59 -54.27
CA MET I 119 51.12 59.19 -55.60
C MET I 119 49.71 59.26 -56.18
N LYS I 120 48.88 58.25 -55.89
CA LYS I 120 47.49 58.28 -56.34
C LYS I 120 46.73 59.44 -55.69
N ARG I 121 47.01 59.70 -54.40
CA ARG I 121 46.37 60.85 -53.75
C ARG I 121 46.78 62.15 -54.42
N VAL I 122 48.06 62.27 -54.77
CA VAL I 122 48.53 63.45 -55.48
C VAL I 122 47.79 63.59 -56.81
N VAL I 123 47.69 62.49 -57.57
CA VAL I 123 47.04 62.54 -58.87
C VAL I 123 45.56 62.89 -58.74
N LEU I 124 44.88 62.30 -57.74
CA LEU I 124 43.46 62.63 -57.57
C LEU I 124 43.27 64.12 -57.29
N SER I 125 44.15 64.73 -56.48
CA SER I 125 44.02 66.17 -56.25
C SER I 125 44.24 66.94 -57.54
N LEU I 126 45.23 66.53 -58.33
CA LEU I 126 45.46 67.15 -59.63
C LEU I 126 44.23 67.03 -60.53
N VAL I 127 43.58 65.86 -60.54
CA VAL I 127 42.42 65.70 -61.39
C VAL I 127 41.26 66.59 -60.92
N THR I 128 41.11 66.82 -59.60
CA THR I 128 40.07 67.75 -59.16
C THR I 128 40.30 69.15 -59.73
N MET I 129 41.57 69.51 -59.96
CA MET I 129 41.89 70.80 -60.56
C MET I 129 41.52 70.84 -62.04
N LEU I 130 41.58 69.69 -62.73
CA LEU I 130 41.21 69.64 -64.14
C LEU I 130 39.70 69.62 -64.35
N HIS I 131 38.95 68.99 -63.44
CA HIS I 131 37.51 68.90 -63.56
C HIS I 131 36.84 70.24 -63.24
N ASP I 132 35.73 70.51 -63.92
CA ASP I 132 34.94 71.72 -63.70
C ASP I 132 35.74 72.98 -64.00
N ASN I 133 36.68 72.88 -64.94
CA ASN I 133 37.49 74.01 -65.37
C ASN I 133 37.86 73.76 -66.82
N LYS I 134 37.50 74.68 -67.71
CA LYS I 134 37.68 74.50 -69.14
C LYS I 134 39.08 74.96 -69.53
N LEU I 135 40.02 74.01 -69.51
CA LEU I 135 41.44 74.24 -69.80
C LEU I 135 41.87 73.57 -71.10
N SER I 136 42.72 74.26 -71.86
CA SER I 136 43.32 73.63 -73.04
C SER I 136 44.69 73.00 -72.73
N LYS I 137 45.33 73.38 -71.64
CA LYS I 137 46.68 72.92 -71.38
C LYS I 137 46.91 72.74 -69.89
N LEU I 138 47.60 71.66 -69.54
CA LEU I 138 48.13 71.44 -68.20
C LEU I 138 49.65 71.32 -68.29
N THR I 139 50.35 71.96 -67.37
CA THR I 139 51.80 71.82 -67.23
C THR I 139 52.09 71.37 -65.80
N VAL I 140 52.87 70.31 -65.63
CA VAL I 140 53.21 69.80 -64.32
C VAL I 140 54.71 69.95 -64.11
N VAL I 141 55.10 70.58 -63.00
CA VAL I 141 56.50 70.81 -62.66
C VAL I 141 56.85 69.93 -61.45
N PHE I 142 57.76 68.97 -61.67
CA PHE I 142 58.15 68.02 -60.64
C PHE I 142 59.24 68.65 -59.78
N GLU I 143 58.88 69.07 -58.57
CA GLU I 143 59.88 69.43 -57.56
C GLU I 143 60.02 68.35 -56.50
N ILE I 144 59.76 67.10 -56.89
CA ILE I 144 59.90 65.93 -56.04
C ILE I 144 60.73 64.93 -56.82
N ASN I 145 61.27 63.93 -56.12
CA ASN I 145 62.13 62.92 -56.74
C ASN I 145 61.28 61.69 -57.01
N VAL I 146 61.25 61.24 -58.27
CA VAL I 146 60.51 60.05 -58.66
C VAL I 146 61.41 59.21 -59.56
N ASP I 147 61.35 57.88 -59.43
CA ASP I 147 62.09 57.07 -60.38
C ASP I 147 61.27 56.88 -61.66
N LYS I 148 61.85 56.19 -62.64
CA LYS I 148 61.19 56.07 -63.94
C LYS I 148 59.84 55.34 -63.84
N ASN I 149 59.78 54.25 -63.05
CA ASN I 149 58.52 53.52 -62.89
C ASN I 149 57.47 54.38 -62.21
N LEU I 150 57.88 55.20 -61.22
CA LEU I 150 56.91 56.04 -60.52
C LEU I 150 56.47 57.23 -61.37
N PHE I 151 57.37 57.76 -62.21
CA PHE I 151 56.95 58.76 -63.17
C PHE I 151 55.94 58.17 -64.14
N ARG I 152 56.19 56.95 -64.63
CA ARG I 152 55.22 56.30 -65.50
C ARG I 152 53.90 56.10 -64.77
N PHE I 153 53.98 55.67 -63.51
CA PHE I 153 52.76 55.47 -62.71
C PHE I 153 51.99 56.76 -62.57
N PHE I 154 52.69 57.88 -62.35
CA PHE I 154 52.02 59.17 -62.27
C PHE I 154 51.20 59.43 -63.54
N LEU I 155 51.82 59.25 -64.71
CA LEU I 155 51.13 59.52 -65.98
C LEU I 155 49.99 58.53 -66.22
N GLU I 156 50.26 57.23 -66.04
CA GLU I 156 49.24 56.20 -66.23
C GLU I 156 48.01 56.51 -65.39
N THR I 157 48.26 56.87 -64.13
CA THR I 157 47.20 57.15 -63.16
C THR I 157 46.47 58.45 -63.49
N LEU I 158 47.22 59.48 -63.86
CA LEU I 158 46.60 60.71 -64.32
C LEU I 158 45.69 60.44 -65.51
N PHE I 159 46.20 59.70 -66.52
CA PHE I 159 45.39 59.41 -67.71
C PHE I 159 44.12 58.65 -67.33
N TYR I 160 44.25 57.61 -66.51
CA TYR I 160 43.12 56.76 -66.16
C TYR I 160 42.07 57.51 -65.34
N GLU I 161 42.51 58.28 -64.33
CA GLU I 161 41.55 58.95 -63.47
C GLU I 161 40.86 60.10 -64.20
N TYR I 162 41.58 60.73 -65.12
CA TYR I 162 41.03 61.85 -65.87
C TYR I 162 39.94 61.40 -66.83
N MET I 163 40.11 60.23 -67.43
CA MET I 163 39.16 59.71 -68.40
C MET I 163 37.82 59.42 -67.72
N THR I 164 36.73 59.89 -68.34
CA THR I 164 35.39 59.65 -67.79
C THR I 164 34.62 58.78 -68.78
N ASP I 165 34.10 57.65 -68.31
CA ASP I 165 33.44 56.65 -69.15
C ASP I 165 31.96 57.03 -69.31
N GLU I 166 31.59 57.52 -70.48
CA GLU I 166 30.22 57.97 -70.73
C GLU I 166 29.49 57.09 -71.73
N ARG I 167 29.96 55.86 -71.94
CA ARG I 167 29.37 54.99 -72.94
C ARG I 167 27.89 54.70 -72.67
N PHE I 168 27.47 54.70 -71.41
CA PHE I 168 26.10 54.33 -71.10
C PHE I 168 25.27 55.53 -70.71
N LYS I 169 25.80 56.74 -70.84
CA LYS I 169 25.03 57.95 -70.64
C LYS I 169 24.30 58.27 -71.93
N SER I 170 23.04 58.70 -71.79
CA SER I 170 22.24 59.12 -72.94
C SER I 170 21.71 60.53 -72.73
N THR I 171 20.79 60.73 -71.79
CA THR I 171 20.28 62.06 -71.49
C THR I 171 21.10 62.80 -70.44
N ASP I 172 22.10 62.16 -69.82
CA ASP I 172 22.83 62.75 -68.69
C ASP I 172 24.34 62.85 -68.97
N LYS I 173 24.75 62.99 -70.22
CA LYS I 173 26.15 63.29 -70.47
C LYS I 173 26.52 64.62 -69.84
N ASN I 174 27.77 64.71 -69.38
CA ASN I 174 28.29 65.96 -68.81
C ASN I 174 28.53 66.97 -69.92
N VAL I 175 27.71 68.03 -69.95
CA VAL I 175 27.80 68.99 -71.03
C VAL I 175 29.05 69.84 -70.92
N ASN I 176 29.65 69.93 -69.74
CA ASN I 176 30.81 70.79 -69.52
C ASN I 176 32.13 70.08 -69.68
N MET I 177 32.13 68.76 -69.87
CA MET I 177 33.40 68.04 -69.91
C MET I 177 34.19 68.42 -71.15
N GLU I 178 35.39 68.95 -70.93
CA GLU I 178 36.34 69.27 -72.00
C GLU I 178 37.70 68.81 -71.53
N TYR I 179 38.42 68.08 -72.38
CA TYR I 179 39.75 67.59 -72.07
C TYR I 179 40.82 68.54 -72.54
N ILE I 180 41.91 68.65 -71.76
CA ILE I 180 43.07 69.38 -72.24
C ILE I 180 43.58 68.72 -73.53
N LYS I 181 44.19 69.52 -74.39
CA LYS I 181 44.79 69.03 -75.62
C LYS I 181 46.31 68.94 -75.54
N HIS I 182 46.90 69.48 -74.48
CA HIS I 182 48.35 69.56 -74.34
C HIS I 182 48.73 69.34 -72.89
N LEU I 183 49.76 68.51 -72.68
CA LEU I 183 50.34 68.29 -71.36
C LEU I 183 51.85 68.55 -71.43
N GLY I 184 52.34 69.48 -70.64
CA GLY I 184 53.77 69.75 -70.51
C GLY I 184 54.26 69.24 -69.17
N VAL I 185 55.47 68.68 -69.15
CA VAL I 185 56.09 68.14 -67.94
C VAL I 185 57.51 68.70 -67.83
N TYR I 186 57.83 69.30 -66.71
CA TYR I 186 59.18 69.74 -66.40
C TYR I 186 59.74 68.84 -65.31
N ILE I 187 60.89 68.24 -65.57
CA ILE I 187 61.50 67.29 -64.63
C ILE I 187 63.01 67.27 -64.84
N ASN I 188 63.73 66.95 -63.78
CA ASN I 188 65.17 66.76 -63.90
C ASN I 188 65.50 65.52 -64.72
N ASN I 189 66.57 65.62 -65.52
CA ASN I 189 67.03 64.53 -66.37
C ASN I 189 65.90 64.06 -67.29
N ALA I 190 65.28 65.04 -67.97
CA ALA I 190 64.07 64.77 -68.73
C ALA I 190 64.29 63.70 -69.79
N ASP I 191 65.50 63.62 -70.36
CA ASP I 191 65.73 62.68 -71.45
C ASP I 191 65.51 61.23 -71.01
N THR I 192 65.85 60.91 -69.77
CA THR I 192 65.65 59.52 -69.34
C THR I 192 64.20 59.20 -69.07
N TYR I 193 63.36 60.22 -68.88
CA TYR I 193 61.96 60.00 -68.60
C TYR I 193 61.11 59.99 -69.84
N LYS I 194 61.64 60.50 -70.96
CA LYS I 194 60.83 60.70 -72.16
C LYS I 194 60.27 59.38 -72.69
N GLU I 195 61.05 58.30 -72.60
CA GLU I 195 60.56 57.01 -73.09
C GLU I 195 59.41 56.46 -72.25
N GLU I 196 59.22 56.95 -71.01
CA GLU I 196 58.10 56.46 -70.20
C GLU I 196 56.77 57.01 -70.67
N VAL I 197 56.76 58.09 -71.44
CA VAL I 197 55.50 58.75 -71.79
C VAL I 197 54.62 57.82 -72.61
N GLU I 198 55.13 57.30 -73.73
CA GLU I 198 54.25 56.47 -74.56
C GLU I 198 54.04 55.07 -73.96
N LYS I 199 54.97 54.59 -73.13
CA LYS I 199 54.67 53.40 -72.36
C LYS I 199 53.50 53.64 -71.41
N ALA I 200 53.50 54.80 -70.72
CA ALA I 200 52.38 55.16 -69.84
C ALA I 200 51.07 55.22 -70.63
N ARG I 201 51.12 55.79 -71.84
CA ARG I 201 49.91 55.87 -72.63
C ARG I 201 49.40 54.49 -73.00
N VAL I 202 50.30 53.56 -73.30
CA VAL I 202 49.88 52.19 -73.63
C VAL I 202 49.30 51.49 -72.40
N TYR I 203 50.00 51.58 -71.27
CA TYR I 203 49.52 50.96 -70.04
C TYR I 203 48.19 51.56 -69.61
N TYR I 204 48.03 52.87 -69.78
CA TYR I 204 46.75 53.51 -69.50
C TYR I 204 45.63 52.85 -70.29
N PHE I 205 45.83 52.69 -71.60
CA PHE I 205 44.73 52.16 -72.38
C PHE I 205 44.49 50.67 -72.09
N GLY I 206 45.54 49.88 -71.85
CA GLY I 206 45.31 48.51 -71.45
C GLY I 206 44.43 48.45 -70.21
N THR I 207 44.71 49.33 -69.24
CA THR I 207 43.96 49.38 -67.99
C THR I 207 42.56 49.94 -68.22
N TYR I 208 42.45 51.01 -69.02
CA TYR I 208 41.15 51.58 -69.30
C TYR I 208 40.31 50.63 -70.16
N TYR I 209 40.93 49.92 -71.09
CA TYR I 209 40.22 48.90 -71.85
C TYR I 209 39.64 47.83 -70.93
N ALA I 210 40.46 47.32 -70.02
CA ALA I 210 39.97 46.35 -69.04
C ALA I 210 38.79 46.91 -68.27
N SER I 211 38.91 48.17 -67.83
CA SER I 211 37.85 48.86 -67.08
C SER I 211 36.57 48.95 -67.90
N GLN I 212 36.67 49.23 -69.19
CA GLN I 212 35.49 49.32 -70.04
C GLN I 212 34.77 47.97 -70.11
N LEU I 213 35.52 46.89 -70.22
CA LEU I 213 34.88 45.57 -70.24
C LEU I 213 34.24 45.24 -68.90
N ILE I 214 34.92 45.54 -67.80
CA ILE I 214 34.39 45.22 -66.48
C ILE I 214 33.12 46.02 -66.22
N ALA I 215 33.19 47.34 -66.43
CA ALA I 215 32.07 48.21 -66.14
C ALA I 215 30.87 47.95 -67.04
N ALA I 216 31.09 47.45 -68.26
CA ALA I 216 29.97 47.10 -69.12
C ALA I 216 29.08 46.08 -68.41
N PRO I 217 27.78 46.34 -68.26
CA PRO I 217 26.90 45.41 -67.54
C PRO I 217 26.72 44.09 -68.28
N SER I 218 26.20 43.10 -67.55
CA SER I 218 26.09 41.75 -68.05
C SER I 218 25.09 41.58 -69.20
N ASN I 219 24.17 42.51 -69.40
CA ASN I 219 23.38 42.42 -70.62
C ASN I 219 24.19 42.85 -71.85
N TYR I 220 25.13 43.79 -71.69
CA TYR I 220 26.02 44.17 -72.77
C TYR I 220 27.19 43.19 -72.92
N CYS I 221 27.83 42.87 -71.80
CA CYS I 221 29.05 42.08 -71.79
C CYS I 221 28.67 40.69 -71.33
N ASN I 222 28.47 39.79 -72.28
CA ASN I 222 28.08 38.40 -72.08
C ASN I 222 29.12 37.51 -72.75
N PRO I 223 29.05 36.18 -72.60
CA PRO I 223 30.14 35.36 -73.15
C PRO I 223 30.33 35.52 -74.63
N VAL I 224 29.26 35.76 -75.40
CA VAL I 224 29.42 35.92 -76.84
C VAL I 224 30.00 37.29 -77.16
N SER I 225 29.44 38.37 -76.58
CA SER I 225 29.94 39.71 -76.92
C SER I 225 31.38 39.94 -76.40
N LEU I 226 31.75 39.32 -75.27
CA LEU I 226 33.12 39.49 -74.77
C LEU I 226 34.12 38.73 -75.64
N SER I 227 33.78 37.51 -76.05
CA SER I 227 34.69 36.81 -76.96
C SER I 227 34.72 37.49 -78.33
N ASN I 228 33.60 38.08 -78.78
CA ASN I 228 33.64 38.89 -79.99
C ASN I 228 34.57 40.08 -79.84
N ALA I 229 34.52 40.74 -78.68
CA ALA I 229 35.39 41.88 -78.46
C ALA I 229 36.86 41.46 -78.50
N ALA I 230 37.16 40.29 -77.94
CA ALA I 230 38.53 39.79 -77.94
C ALA I 230 39.02 39.50 -79.35
N VAL I 231 38.13 38.98 -80.21
CA VAL I 231 38.50 38.74 -81.61
C VAL I 231 38.86 40.05 -82.29
N GLU I 232 38.02 41.06 -82.10
CA GLU I 232 38.26 42.38 -82.69
C GLU I 232 39.57 42.98 -82.21
N LEU I 233 39.87 42.84 -80.92
CA LEU I 233 41.15 43.29 -80.39
C LEU I 233 42.30 42.55 -81.05
N ALA I 234 42.20 41.22 -81.16
CA ALA I 234 43.27 40.45 -81.79
C ALA I 234 43.50 40.89 -83.23
N GLN I 235 42.42 41.14 -83.97
CA GLN I 235 42.54 41.60 -85.35
C GLN I 235 43.23 42.94 -85.44
N LYS I 236 42.91 43.85 -84.54
CA LYS I 236 43.56 45.16 -84.56
C LYS I 236 45.04 45.07 -84.22
N LEU I 237 45.43 44.09 -83.40
CA LEU I 237 46.82 43.94 -82.98
C LEU I 237 47.58 42.93 -83.81
N ASN I 238 46.92 42.27 -84.76
CA ASN I 238 47.54 41.21 -85.55
C ASN I 238 48.01 40.06 -84.68
N LEU I 239 47.25 39.75 -83.64
CA LEU I 239 47.48 38.55 -82.84
C LEU I 239 46.76 37.36 -83.48
N GLU I 240 47.34 36.18 -83.34
CA GLU I 240 46.60 34.97 -83.67
C GLU I 240 45.47 34.78 -82.66
N TYR I 241 44.35 34.22 -83.11
CA TYR I 241 43.22 34.05 -82.19
C TYR I 241 42.42 32.82 -82.58
N LYS I 242 41.77 32.25 -81.59
CA LYS I 242 40.87 31.12 -81.72
C LYS I 242 39.82 31.27 -80.64
N ILE I 243 38.54 31.18 -81.00
CA ILE I 243 37.45 31.13 -80.01
C ILE I 243 36.90 29.71 -80.06
N LEU I 244 36.97 29.00 -78.95
CA LEU I 244 36.44 27.65 -78.91
C LEU I 244 34.98 27.68 -78.49
N GLY I 245 34.11 27.07 -79.30
CA GLY I 245 32.70 26.95 -79.00
C GLY I 245 32.36 25.64 -78.32
N VAL I 246 31.06 25.48 -78.05
CA VAL I 246 30.59 24.38 -77.21
C VAL I 246 30.98 23.03 -77.81
N LYS I 247 30.82 22.85 -79.12
CA LYS I 247 31.14 21.54 -79.68
C LYS I 247 32.63 21.22 -79.55
N GLU I 248 33.51 22.19 -79.78
CA GLU I 248 34.92 21.95 -79.52
C GLU I 248 35.18 21.71 -78.04
N LEU I 249 34.47 22.44 -77.18
CA LEU I 249 34.65 22.26 -75.74
C LEU I 249 34.18 20.88 -75.29
N GLU I 250 33.12 20.36 -75.91
CA GLU I 250 32.67 19.00 -75.62
C GLU I 250 33.71 17.97 -76.06
N GLU I 251 34.32 18.15 -77.25
CA GLU I 251 35.34 17.22 -77.72
C GLU I 251 36.57 17.24 -76.82
N LEU I 252 36.91 18.38 -76.24
CA LEU I 252 37.99 18.49 -75.26
C LEU I 252 37.57 18.03 -73.86
N LYS I 253 36.30 17.64 -73.69
CA LYS I 253 35.80 17.08 -72.43
C LYS I 253 35.93 18.07 -71.27
N MET I 254 35.69 19.35 -71.53
CA MET I 254 35.78 20.31 -70.42
C MET I 254 34.46 20.36 -69.66
N GLY I 255 34.21 19.27 -68.91
CA GLY I 255 32.93 19.14 -68.22
C GLY I 255 32.74 20.05 -67.03
N ALA I 256 33.83 20.51 -66.41
CA ALA I 256 33.67 21.44 -65.29
C ALA I 256 33.24 22.82 -65.78
N TYR I 257 33.95 23.35 -66.77
CA TYR I 257 33.60 24.64 -67.37
C TYR I 257 32.22 24.58 -68.02
N LEU I 258 31.93 23.52 -68.78
CA LEU I 258 30.64 23.47 -69.47
C LEU I 258 29.46 23.41 -68.49
N SER I 259 29.65 22.74 -67.35
CA SER I 259 28.58 22.62 -66.37
C SER I 259 28.19 23.98 -65.80
N VAL I 260 29.17 24.83 -65.51
CA VAL I 260 28.87 26.17 -64.96
C VAL I 260 27.97 26.95 -65.93
N GLY I 261 28.23 26.84 -67.23
CA GLY I 261 27.48 27.60 -68.21
C GLY I 261 26.17 27.00 -68.68
N LYS I 262 25.82 25.79 -68.20
CA LYS I 262 24.64 25.09 -68.71
C LYS I 262 23.37 25.93 -68.56
N GLY I 263 23.24 26.64 -67.45
CA GLY I 263 22.02 27.38 -67.24
C GLY I 263 21.93 28.71 -67.95
N SER I 264 22.90 29.10 -68.76
CA SER I 264 22.87 30.42 -69.37
C SER I 264 22.29 30.34 -70.78
N MET I 265 21.63 31.43 -71.21
CA MET I 265 21.17 31.56 -72.59
C MET I 265 22.30 31.87 -73.54
N TYR I 266 23.48 32.20 -73.04
CA TYR I 266 24.65 32.47 -73.88
C TYR I 266 25.55 31.25 -73.93
N PRO I 267 25.91 30.75 -75.11
CA PRO I 267 26.83 29.61 -75.21
C PRO I 267 28.20 29.97 -74.64
N ASN I 268 28.85 28.99 -73.98
CA ASN I 268 30.24 29.15 -73.53
C ASN I 268 31.14 29.53 -74.70
N LYS I 269 32.10 30.41 -74.46
CA LYS I 269 33.13 30.76 -75.45
C LYS I 269 34.48 30.80 -74.76
N PHE I 270 35.45 30.03 -75.26
CA PHE I 270 36.80 29.96 -74.71
C PHE I 270 37.70 30.82 -75.58
N ILE I 271 38.29 31.87 -74.99
CA ILE I 271 39.15 32.81 -75.71
C ILE I 271 40.58 32.29 -75.67
N HIS I 272 41.23 32.24 -76.84
CA HIS I 272 42.65 31.88 -76.93
C HIS I 272 43.34 32.82 -77.92
N LEU I 273 44.02 33.83 -77.40
CA LEU I 273 44.85 34.69 -78.22
C LEU I 273 46.32 34.33 -78.01
N THR I 274 47.14 34.57 -79.03
CA THR I 274 48.56 34.26 -78.91
C THR I 274 49.38 35.40 -79.47
N TYR I 275 50.37 35.87 -78.71
CA TYR I 275 51.39 36.77 -79.23
C TYR I 275 52.67 35.95 -79.40
N LYS I 276 53.33 36.09 -80.54
CA LYS I 276 54.61 35.44 -80.77
C LYS I 276 55.65 36.42 -81.24
N SER I 277 56.79 36.46 -80.55
CA SER I 277 57.88 37.33 -80.98
C SER I 277 58.49 36.77 -82.27
N LYS I 278 59.01 37.65 -83.11
CA LYS I 278 59.82 37.21 -84.22
C LYS I 278 61.20 36.80 -83.70
N GLY I 279 61.72 35.69 -84.18
CA GLY I 279 62.98 35.20 -83.70
C GLY I 279 62.83 34.01 -82.76
N ASP I 280 63.89 33.77 -81.99
CA ASP I 280 63.90 32.64 -81.06
C ASP I 280 62.96 32.91 -79.89
N VAL I 281 62.08 31.95 -79.60
CA VAL I 281 61.22 32.01 -78.42
C VAL I 281 61.96 31.32 -77.27
N LYS I 282 62.27 32.07 -76.22
CA LYS I 282 62.98 31.54 -75.07
C LYS I 282 62.06 31.22 -73.90
N LYS I 283 60.88 31.83 -73.83
CA LYS I 283 59.96 31.59 -72.74
C LYS I 283 58.55 31.56 -73.30
N LYS I 284 57.78 30.55 -72.88
CA LYS I 284 56.38 30.41 -73.28
C LYS I 284 55.55 30.57 -72.01
N ILE I 285 54.53 31.44 -72.10
CA ILE I 285 53.73 31.83 -70.93
C ILE I 285 52.25 31.73 -71.28
N ALA I 286 51.47 31.15 -70.38
CA ALA I 286 50.01 31.14 -70.48
C ALA I 286 49.46 32.03 -69.37
N LEU I 287 48.66 33.04 -69.74
CA LEU I 287 47.95 33.89 -68.80
C LEU I 287 46.47 33.55 -68.88
N VAL I 288 45.90 33.16 -67.74
CA VAL I 288 44.54 32.62 -67.66
C VAL I 288 43.71 33.59 -66.81
N GLY I 289 42.62 34.11 -67.37
CA GLY I 289 41.76 35.03 -66.64
C GLY I 289 40.39 34.43 -66.39
N LYS I 290 39.90 34.56 -65.16
CA LYS I 290 38.53 34.12 -64.88
C LYS I 290 37.53 35.02 -65.62
N GLY I 291 36.61 34.39 -66.37
CA GLY I 291 35.69 35.14 -67.22
C GLY I 291 34.22 34.80 -66.99
N ILE I 292 33.71 35.07 -65.79
CA ILE I 292 32.29 34.86 -65.49
C ILE I 292 31.62 36.21 -65.72
N THR I 293 30.81 36.32 -66.79
CA THR I 293 30.29 37.63 -67.15
C THR I 293 29.18 38.11 -66.24
N PHE I 294 28.46 37.18 -65.59
CA PHE I 294 27.60 37.49 -64.46
C PHE I 294 27.58 36.27 -63.57
N ASP I 295 27.73 36.49 -62.27
CA ASP I 295 27.70 35.40 -61.29
C ASP I 295 26.49 35.59 -60.39
N SER I 296 25.38 34.92 -60.71
CA SER I 296 24.21 34.93 -59.83
C SER I 296 24.42 34.06 -58.61
N GLY I 297 25.47 33.23 -58.62
CA GLY I 297 25.63 32.17 -57.66
C GLY I 297 25.04 30.85 -58.11
N GLY I 298 24.13 30.87 -59.11
CA GLY I 298 23.43 29.63 -59.48
C GLY I 298 22.38 29.25 -58.42
N TYR I 299 22.08 27.95 -58.35
CA TYR I 299 21.08 27.49 -57.39
C TYR I 299 21.47 27.83 -55.95
N ASN I 300 22.78 27.92 -55.67
CA ASN I 300 23.25 28.60 -54.45
C ASN I 300 23.24 30.11 -54.66
N LEU I 301 22.04 30.65 -54.86
CA LEU I 301 21.86 32.03 -55.28
C LEU I 301 22.45 33.00 -54.27
N LYS I 302 23.04 34.08 -54.77
CA LYS I 302 23.59 35.14 -53.92
C LYS I 302 22.42 35.92 -53.33
N ALA I 303 21.85 35.35 -52.28
CA ALA I 303 20.73 35.95 -51.58
C ALA I 303 21.05 36.38 -50.16
N ALA I 304 22.23 36.05 -49.65
CA ALA I 304 22.56 36.44 -48.29
C ALA I 304 22.86 37.93 -48.19
N PRO I 305 22.56 38.57 -47.06
CA PRO I 305 22.95 39.98 -46.87
C PRO I 305 24.44 40.13 -47.11
N GLY I 306 24.81 41.14 -47.91
CA GLY I 306 26.22 41.36 -48.19
C GLY I 306 26.82 40.54 -49.33
N SER I 307 26.01 39.81 -50.08
CA SER I 307 26.59 39.00 -51.15
C SER I 307 26.78 39.79 -52.45
N MET I 308 26.26 41.02 -52.53
CA MET I 308 26.57 41.98 -53.60
C MET I 308 26.24 41.43 -54.98
N ILE I 309 25.09 40.79 -55.13
CA ILE I 309 24.76 40.26 -56.46
C ILE I 309 24.74 41.37 -57.50
N ASP I 310 24.44 42.61 -57.09
CA ASP I 310 24.30 43.73 -58.01
C ASP I 310 25.63 44.16 -58.64
N LEU I 311 26.75 43.73 -58.08
CA LEU I 311 28.08 44.05 -58.58
C LEU I 311 28.70 42.93 -59.42
N MET I 312 28.02 41.78 -59.59
CA MET I 312 28.71 40.58 -60.07
C MET I 312 28.99 40.58 -61.56
N LYS I 313 28.64 41.65 -62.28
CA LYS I 313 29.20 41.88 -63.60
C LYS I 313 30.72 41.96 -63.58
N PHE I 314 31.34 42.23 -62.43
CA PHE I 314 32.78 42.36 -62.39
C PHE I 314 33.50 41.00 -62.25
N ASP I 315 32.78 39.88 -62.30
CA ASP I 315 33.40 38.56 -62.14
C ASP I 315 34.17 38.10 -63.37
N MET I 316 34.25 38.93 -64.41
CA MET I 316 35.15 38.69 -65.54
C MET I 316 36.35 39.64 -65.52
N SER I 317 36.65 40.22 -64.34
CA SER I 317 37.78 41.14 -64.21
C SER I 317 39.11 40.47 -64.56
N GLY I 318 39.23 39.18 -64.27
CA GLY I 318 40.48 38.49 -64.59
C GLY I 318 40.69 38.37 -66.08
N CYS I 319 39.63 37.94 -66.81
CA CYS I 319 39.66 37.95 -68.27
C CYS I 319 39.99 39.34 -68.79
N ALA I 320 39.37 40.38 -68.21
CA ALA I 320 39.61 41.75 -68.68
C ALA I 320 41.08 42.14 -68.49
N ALA I 321 41.67 41.79 -67.34
CA ALA I 321 43.09 42.08 -67.14
C ALA I 321 43.96 41.35 -68.17
N VAL I 322 43.60 40.10 -68.49
CA VAL I 322 44.38 39.34 -69.48
C VAL I 322 44.24 39.95 -70.87
N LEU I 323 43.04 40.41 -71.23
CA LEU I 323 42.85 41.06 -72.52
C LEU I 323 43.53 42.43 -72.56
N GLY I 324 43.51 43.18 -71.46
CA GLY I 324 44.26 44.43 -71.41
C GLY I 324 45.76 44.19 -71.52
N CYS I 325 46.24 43.11 -70.91
CA CYS I 325 47.63 42.74 -71.11
C CYS I 325 47.90 42.38 -72.58
N ALA I 326 46.98 41.66 -73.21
CA ALA I 326 47.16 41.35 -74.62
C ALA I 326 47.30 42.63 -75.46
N TYR I 327 46.51 43.67 -75.12
CA TYR I 327 46.69 44.95 -75.82
C TYR I 327 48.11 45.49 -75.62
N CYS I 328 48.56 45.53 -74.37
CA CYS I 328 49.88 46.12 -74.08
C CYS I 328 51.01 45.32 -74.73
N VAL I 329 50.98 44.00 -74.59
CA VAL I 329 52.04 43.16 -75.16
C VAL I 329 52.00 43.24 -76.69
N GLY I 330 50.80 43.14 -77.28
CA GLY I 330 50.66 43.24 -78.72
C GLY I 330 51.05 44.60 -79.26
N THR I 331 50.96 45.64 -78.42
CA THR I 331 51.37 46.97 -78.84
C THR I 331 52.86 47.15 -78.67
N LEU I 332 53.42 46.69 -77.56
CA LEU I 332 54.84 46.90 -77.26
C LEU I 332 55.79 45.90 -77.93
N LYS I 333 55.30 44.76 -78.41
CA LYS I 333 56.07 43.74 -79.12
C LYS I 333 57.43 43.36 -78.51
N PRO I 334 57.41 42.78 -77.31
CA PRO I 334 58.64 42.26 -76.69
C PRO I 334 59.18 41.11 -77.50
N GLU I 335 60.49 40.90 -77.39
CA GLU I 335 61.21 39.85 -78.09
C GLU I 335 61.31 38.62 -77.20
N ASN I 336 61.61 37.48 -77.82
CA ASN I 336 61.97 36.24 -77.14
C ASN I 336 60.83 35.57 -76.37
N VAL I 337 59.58 35.91 -76.62
CA VAL I 337 58.49 35.30 -75.85
C VAL I 337 57.35 34.85 -76.75
N GLU I 338 56.62 33.85 -76.26
CA GLU I 338 55.32 33.47 -76.82
C GLU I 338 54.32 33.49 -75.66
N ILE I 339 53.24 34.26 -75.81
CA ILE I 339 52.29 34.48 -74.72
C ILE I 339 50.92 34.03 -75.20
N HIS I 340 50.27 33.16 -74.42
CA HIS I 340 48.91 32.73 -74.69
C HIS I 340 47.96 33.42 -73.70
N PHE I 341 46.91 34.06 -74.22
CA PHE I 341 45.94 34.78 -73.42
C PHE I 341 44.64 33.98 -73.45
N LEU I 342 44.26 33.42 -72.30
CA LEU I 342 43.19 32.44 -72.21
C LEU I 342 42.11 32.89 -71.24
N SER I 343 40.85 32.62 -71.59
CA SER I 343 39.77 32.77 -70.63
C SER I 343 38.62 31.84 -70.99
N ALA I 344 38.20 31.03 -70.02
CA ALA I 344 37.01 30.18 -70.19
C ALA I 344 35.79 31.02 -69.82
N VAL I 345 35.14 31.65 -70.84
CA VAL I 345 34.09 32.64 -70.57
C VAL I 345 32.73 31.96 -70.50
N CYS I 346 31.93 32.33 -69.50
CA CYS I 346 30.58 31.79 -69.35
C CYS I 346 29.83 32.64 -68.34
N GLU I 347 28.56 32.31 -68.11
CA GLU I 347 27.67 33.03 -67.21
C GLU I 347 26.99 32.03 -66.28
N ASN I 348 26.92 32.35 -64.96
CA ASN I 348 26.41 31.42 -63.92
C ASN I 348 24.99 31.83 -63.50
N MET I 349 23.98 31.10 -63.99
CA MET I 349 22.56 31.49 -63.94
C MET I 349 21.67 30.40 -63.35
N VAL I 350 20.40 30.77 -63.11
CA VAL I 350 19.39 29.86 -62.56
C VAL I 350 18.37 29.55 -63.64
N SER I 351 18.14 28.26 -63.87
CA SER I 351 17.39 27.79 -65.02
C SER I 351 17.01 26.34 -64.77
N LYS I 352 16.06 25.83 -65.57
CA LYS I 352 15.81 24.39 -65.58
C LYS I 352 17.07 23.65 -66.03
N ASN I 353 17.95 24.33 -66.78
CA ASN I 353 19.12 23.70 -67.38
C ASN I 353 20.39 23.81 -66.53
N SER I 354 20.35 24.48 -65.37
CA SER I 354 21.58 24.72 -64.60
C SER I 354 22.11 23.44 -63.97
N TYR I 355 23.42 23.43 -63.73
CA TYR I 355 23.97 22.39 -62.87
C TYR I 355 23.49 22.64 -61.44
N ARG I 356 23.47 21.56 -60.65
CA ARG I 356 22.90 21.54 -59.32
C ARG I 356 23.99 21.33 -58.28
N PRO I 357 23.79 21.89 -57.06
CA PRO I 357 24.57 21.46 -55.90
C PRO I 357 24.48 19.95 -55.78
N GLY I 358 25.61 19.29 -55.57
CA GLY I 358 25.63 17.85 -55.47
C GLY I 358 25.99 17.11 -56.75
N ASP I 359 25.85 17.74 -57.93
CA ASP I 359 26.24 17.09 -59.19
C ASP I 359 27.71 16.66 -59.16
N ILE I 360 28.00 15.54 -59.82
CA ILE I 360 29.38 15.11 -60.00
C ILE I 360 29.70 15.28 -61.47
N ILE I 361 30.75 16.05 -61.75
CA ILE I 361 31.11 16.42 -63.10
C ILE I 361 32.55 16.02 -63.35
N THR I 362 32.91 15.87 -64.62
CA THR I 362 34.23 15.36 -64.99
C THR I 362 35.02 16.42 -65.73
N ALA I 363 36.19 16.79 -65.18
CA ALA I 363 37.07 17.77 -65.80
C ALA I 363 37.85 17.14 -66.95
N SER I 364 38.50 17.98 -67.74
CA SER I 364 39.16 17.51 -68.94
C SER I 364 40.41 16.67 -68.66
N ASN I 365 40.92 16.63 -67.42
CA ASN I 365 42.01 15.73 -67.08
C ASN I 365 41.50 14.42 -66.46
N GLY I 366 40.19 14.17 -66.54
CA GLY I 366 39.60 12.95 -66.02
C GLY I 366 39.19 12.98 -64.56
N LYS I 367 39.54 14.03 -63.81
CA LYS I 367 39.17 14.07 -62.41
C LYS I 367 37.68 14.35 -62.24
N THR I 368 37.00 13.52 -61.44
CA THR I 368 35.60 13.75 -61.12
C THR I 368 35.51 14.67 -59.90
N ILE I 369 34.55 15.60 -59.94
CA ILE I 369 34.43 16.65 -58.95
C ILE I 369 33.00 16.64 -58.40
N GLU I 370 32.87 16.62 -57.09
CA GLU I 370 31.57 16.75 -56.46
C GLU I 370 31.34 18.24 -56.18
N VAL I 371 30.29 18.79 -56.80
CA VAL I 371 29.96 20.21 -56.63
C VAL I 371 29.26 20.39 -55.28
N GLY I 372 29.89 21.14 -54.39
CA GLY I 372 29.31 21.39 -53.09
C GLY I 372 28.53 22.68 -53.00
N ASN I 373 28.79 23.59 -53.94
CA ASN I 373 28.18 24.91 -53.95
C ASN I 373 28.32 25.48 -55.35
N THR I 374 27.18 25.76 -56.01
CA THR I 374 27.25 26.23 -57.39
C THR I 374 27.86 27.62 -57.51
N ASP I 375 27.97 28.35 -56.41
CA ASP I 375 28.56 29.68 -56.37
C ASP I 375 30.08 29.64 -56.24
N ALA I 376 30.68 28.46 -56.11
CA ALA I 376 32.14 28.31 -56.25
C ALA I 376 32.47 27.90 -57.67
N GLU I 377 31.89 28.63 -58.64
CA GLU I 377 31.95 28.25 -60.05
C GLU I 377 33.27 28.63 -60.70
N GLY I 378 33.93 29.68 -60.19
CA GLY I 378 35.14 30.15 -60.81
C GLY I 378 36.24 29.10 -60.86
N ARG I 379 36.44 28.36 -59.76
CA ARG I 379 37.50 27.34 -59.74
C ARG I 379 37.21 26.19 -60.69
N LEU I 380 35.93 25.93 -60.96
CA LEU I 380 35.56 24.91 -61.93
C LEU I 380 35.96 25.33 -63.34
N THR I 381 35.67 26.58 -63.71
CA THR I 381 36.05 27.03 -65.05
C THR I 381 37.57 27.11 -65.18
N LEU I 382 38.24 27.56 -64.11
CA LEU I 382 39.71 27.63 -64.12
C LEU I 382 40.35 26.24 -64.17
N ALA I 383 39.74 25.23 -63.51
CA ALA I 383 40.29 23.88 -63.59
C ALA I 383 40.46 23.42 -65.05
N ASP I 384 39.43 23.59 -65.88
CA ASP I 384 39.57 23.20 -67.27
C ASP I 384 40.49 24.16 -68.03
N ALA I 385 40.50 25.46 -67.69
CA ALA I 385 41.40 26.38 -68.38
C ALA I 385 42.84 26.05 -68.06
N LEU I 386 43.10 25.63 -66.83
CA LEU I 386 44.47 25.26 -66.44
C LEU I 386 44.90 23.99 -67.14
N VAL I 387 44.01 23.00 -67.28
CA VAL I 387 44.35 21.79 -68.03
C VAL I 387 44.68 22.15 -69.48
N TYR I 388 43.87 23.02 -70.09
CA TYR I 388 44.16 23.50 -71.44
C TYR I 388 45.51 24.20 -71.51
N ALA I 389 45.82 25.04 -70.51
CA ALA I 389 47.08 25.78 -70.54
C ALA I 389 48.28 24.85 -70.46
N GLU I 390 48.25 23.86 -69.56
CA GLU I 390 49.41 22.99 -69.43
C GLU I 390 49.62 22.15 -70.70
N LYS I 391 48.55 21.83 -71.43
CA LYS I 391 48.72 21.11 -72.69
C LYS I 391 49.45 21.94 -73.73
N LEU I 392 49.52 23.27 -73.56
CA LEU I 392 50.27 24.08 -74.51
C LEU I 392 51.78 23.93 -74.36
N GLY I 393 52.26 23.33 -73.26
CA GLY I 393 53.69 23.16 -73.07
C GLY I 393 54.40 24.46 -72.78
N VAL I 394 53.94 25.20 -71.78
CA VAL I 394 54.49 26.51 -71.49
C VAL I 394 55.45 26.39 -70.32
N ASP I 395 56.26 27.42 -70.11
CA ASP I 395 57.17 27.47 -68.96
C ASP I 395 56.46 27.96 -67.70
N TYR I 396 55.51 28.90 -67.84
CA TYR I 396 54.79 29.44 -66.70
C TYR I 396 53.30 29.53 -67.02
N ILE I 397 52.47 29.18 -66.03
CA ILE I 397 51.04 29.45 -66.08
C ILE I 397 50.74 30.42 -64.95
N VAL I 398 50.12 31.55 -65.28
CA VAL I 398 49.68 32.50 -64.28
C VAL I 398 48.19 32.71 -64.50
N ASP I 399 47.38 32.47 -63.47
CA ASP I 399 45.96 32.80 -63.57
C ASP I 399 45.65 33.99 -62.66
N ILE I 400 44.61 34.75 -63.03
CA ILE I 400 44.22 35.93 -62.28
C ILE I 400 42.69 35.92 -62.24
N ALA I 401 42.12 36.12 -61.04
CA ALA I 401 40.71 35.79 -60.87
C ALA I 401 40.11 36.50 -59.67
N THR I 402 38.85 36.97 -59.82
CA THR I 402 38.04 37.45 -58.70
C THR I 402 37.42 36.22 -58.01
N LEU I 403 38.27 35.50 -57.28
CA LEU I 403 37.88 34.15 -56.88
C LEU I 403 37.16 34.11 -55.54
N THR I 404 37.71 34.69 -54.48
CA THR I 404 37.14 34.47 -53.15
C THR I 404 36.91 35.78 -52.41
N GLY I 405 35.69 35.94 -51.88
CA GLY I 405 35.40 37.10 -51.06
C GLY I 405 36.24 37.17 -49.81
N ALA I 406 36.80 36.04 -49.37
CA ALA I 406 37.67 36.03 -48.20
C ALA I 406 38.86 36.96 -48.36
N MET I 407 39.22 37.29 -49.60
CA MET I 407 40.30 38.24 -49.82
C MET I 407 40.02 39.58 -49.11
N LEU I 408 38.75 39.98 -48.99
CA LEU I 408 38.43 41.22 -48.30
C LEU I 408 38.78 41.15 -46.81
N TYR I 409 38.81 39.96 -46.22
CA TYR I 409 39.13 39.78 -44.81
C TYR I 409 40.60 39.49 -44.54
N SER I 410 41.35 39.15 -45.59
CA SER I 410 42.74 38.82 -45.46
C SER I 410 43.62 40.02 -45.84
N LEU I 411 43.45 40.54 -47.06
CA LEU I 411 44.27 41.67 -47.50
C LEU I 411 43.46 42.95 -47.74
N GLY I 412 42.15 42.85 -47.93
CA GLY I 412 41.33 44.03 -48.12
C GLY I 412 41.27 44.49 -49.57
N THR I 413 41.09 45.79 -49.78
CA THR I 413 40.86 46.34 -51.10
C THR I 413 42.13 46.88 -51.79
N SER I 414 43.30 46.85 -51.14
CA SER I 414 44.50 47.44 -51.74
C SER I 414 45.49 46.43 -52.31
N TYR I 415 45.72 45.30 -51.67
CA TYR I 415 46.74 44.33 -52.11
C TYR I 415 46.05 43.09 -52.66
N ALA I 416 46.50 42.63 -53.84
CA ALA I 416 46.05 41.31 -54.29
C ALA I 416 46.89 40.22 -53.59
N GLY I 417 46.36 39.01 -53.57
CA GLY I 417 47.08 37.86 -53.01
C GLY I 417 47.60 37.00 -54.16
N VAL I 418 48.82 36.48 -54.01
CA VAL I 418 49.37 35.53 -54.98
C VAL I 418 49.70 34.23 -54.25
N PHE I 419 49.31 33.12 -54.88
CA PHE I 419 49.58 31.76 -54.40
C PHE I 419 50.30 31.01 -55.51
N GLY I 420 51.09 29.99 -55.18
CA GLY I 420 51.70 29.28 -56.28
C GLY I 420 52.49 28.07 -55.83
N ASN I 421 52.96 27.30 -56.82
CA ASN I 421 53.72 26.08 -56.56
C ASN I 421 55.21 26.22 -56.85
N ASN I 422 55.73 27.45 -57.03
CA ASN I 422 57.11 27.66 -57.48
C ASN I 422 57.66 29.00 -57.00
N GLU I 423 58.69 28.99 -56.16
CA GLU I 423 59.23 30.23 -55.58
C GLU I 423 59.72 31.19 -56.67
N GLU I 424 60.41 30.65 -57.67
CA GLU I 424 60.97 31.50 -58.72
C GLU I 424 59.86 32.30 -59.39
N LEU I 425 58.75 31.62 -59.73
CA LEU I 425 57.64 32.31 -60.37
C LEU I 425 56.99 33.32 -59.43
N ILE I 426 56.76 32.95 -58.18
CA ILE I 426 56.18 33.87 -57.21
C ILE I 426 57.05 35.12 -57.09
N ASN I 427 58.37 34.95 -57.01
CA ASN I 427 59.25 36.10 -56.89
C ASN I 427 59.18 36.99 -58.12
N LYS I 428 59.04 36.41 -59.31
CA LYS I 428 58.91 37.24 -60.49
C LYS I 428 57.63 38.07 -60.44
N ILE I 429 56.55 37.46 -59.94
CA ILE I 429 55.30 38.20 -59.81
C ILE I 429 55.43 39.32 -58.79
N LEU I 430 56.10 39.05 -57.66
CA LEU I 430 56.32 40.11 -56.68
C LEU I 430 57.17 41.24 -57.26
N GLN I 431 58.19 40.89 -58.06
CA GLN I 431 59.02 41.90 -58.70
C GLN I 431 58.20 42.72 -59.70
N SER I 432 57.35 42.07 -60.48
CA SER I 432 56.46 42.80 -61.39
C SER I 432 55.48 43.67 -60.61
N SER I 433 55.07 43.23 -59.42
CA SER I 433 54.22 44.07 -58.57
C SER I 433 54.94 45.36 -58.20
N LYS I 434 56.24 45.25 -57.89
CA LYS I 434 57.01 46.43 -57.53
C LYS I 434 57.14 47.40 -58.70
N THR I 435 57.44 46.88 -59.89
CA THR I 435 57.68 47.79 -61.01
C THR I 435 56.40 48.27 -61.70
N SER I 436 55.27 47.54 -61.56
CA SER I 436 53.98 48.03 -62.05
C SER I 436 53.26 48.94 -61.06
N ASN I 437 53.68 48.89 -59.79
CA ASN I 437 53.03 49.56 -58.67
C ASN I 437 51.59 49.09 -58.45
N GLU I 438 51.31 47.84 -58.81
CA GLU I 438 50.07 47.17 -58.40
C GLU I 438 50.39 46.17 -57.29
N PRO I 439 50.00 46.45 -56.05
CA PRO I 439 50.52 45.70 -54.90
C PRO I 439 49.95 44.29 -54.79
N VAL I 440 50.84 43.36 -54.49
CA VAL I 440 50.52 41.94 -54.30
C VAL I 440 51.25 41.44 -53.06
N TRP I 441 50.64 40.50 -52.35
CA TRP I 441 51.25 39.89 -51.17
C TRP I 441 51.19 38.37 -51.30
N TRP I 442 52.29 37.71 -50.97
CA TRP I 442 52.38 36.26 -51.08
C TRP I 442 51.63 35.58 -49.94
N LEU I 443 50.70 34.69 -50.29
CA LEU I 443 49.92 33.92 -49.30
C LEU I 443 50.17 32.42 -49.50
N PRO I 444 50.08 31.61 -48.44
CA PRO I 444 50.51 30.21 -48.53
C PRO I 444 49.44 29.28 -49.07
N ILE I 445 49.89 28.21 -49.69
CA ILE I 445 49.05 27.05 -50.00
C ILE I 445 49.32 26.04 -48.89
N ILE I 446 48.38 25.90 -47.97
CA ILE I 446 48.59 25.11 -46.74
C ILE I 446 48.10 23.69 -47.02
N ASN I 447 49.05 22.76 -47.14
CA ASN I 447 48.72 21.40 -47.59
C ASN I 447 47.91 20.63 -46.56
N GLU I 448 47.99 20.99 -45.28
CA GLU I 448 47.16 20.33 -44.28
C GLU I 448 45.66 20.45 -44.60
N TYR I 449 45.22 21.47 -45.36
CA TYR I 449 43.78 21.54 -45.65
C TYR I 449 43.36 20.64 -46.81
N ARG I 450 44.31 20.07 -47.56
CA ARG I 450 43.94 19.31 -48.76
C ARG I 450 43.00 18.16 -48.42
N ALA I 451 43.18 17.53 -47.25
CA ALA I 451 42.33 16.40 -46.87
C ALA I 451 40.86 16.79 -46.76
N THR I 452 40.57 18.07 -46.47
CA THR I 452 39.17 18.46 -46.38
C THR I 452 38.49 18.55 -47.74
N LEU I 453 39.21 18.41 -48.84
CA LEU I 453 38.61 18.29 -50.17
C LEU I 453 38.38 16.84 -50.57
N ASN I 454 38.63 15.89 -49.69
CA ASN I 454 38.40 14.49 -50.03
C ASN I 454 36.91 14.23 -50.14
N SER I 455 36.47 13.65 -51.25
CA SER I 455 35.06 13.37 -51.48
C SER I 455 34.77 11.89 -51.25
N LYS I 456 33.58 11.61 -50.73
CA LYS I 456 33.16 10.23 -50.51
C LYS I 456 32.96 9.47 -51.82
N TYR I 457 32.49 10.17 -52.85
CA TYR I 457 32.08 9.52 -54.09
C TYR I 457 32.92 9.93 -55.30
N ALA I 458 33.22 11.20 -55.46
CA ALA I 458 34.02 11.71 -56.56
C ALA I 458 35.51 11.68 -56.20
N ASP I 459 36.35 11.98 -57.18
CA ASP I 459 37.78 12.06 -56.92
C ASP I 459 38.09 13.18 -55.95
N ILE I 460 37.36 14.29 -56.02
CA ILE I 460 37.66 15.45 -55.20
C ILE I 460 36.40 16.27 -55.00
N ASN I 461 36.31 16.96 -53.86
CA ASN I 461 35.30 18.00 -53.61
C ASN I 461 35.75 19.32 -54.21
N GLN I 462 34.77 20.07 -54.70
CA GLN I 462 34.97 21.44 -55.13
C GLN I 462 35.30 22.36 -53.95
N ILE I 463 34.63 22.17 -52.80
CA ILE I 463 34.79 23.05 -51.66
C ILE I 463 35.11 22.23 -50.42
N SER I 464 35.60 22.93 -49.41
CA SER I 464 35.98 22.25 -48.18
C SER I 464 34.78 21.96 -47.31
N SER I 465 34.85 20.84 -46.59
CA SER I 465 33.83 20.51 -45.61
C SER I 465 33.98 21.29 -44.31
N SER I 466 35.20 21.71 -43.94
CA SER I 466 35.44 22.29 -42.63
C SER I 466 36.20 23.63 -42.62
N VAL I 467 37.06 23.88 -43.61
CA VAL I 467 37.99 25.01 -43.58
C VAL I 467 37.33 26.29 -44.14
N LYS I 468 37.39 27.39 -43.37
CA LYS I 468 36.85 28.66 -43.85
C LYS I 468 37.86 29.52 -44.62
N ALA I 469 39.13 29.14 -44.65
CA ALA I 469 40.13 29.94 -45.37
C ALA I 469 39.99 29.65 -46.87
N SER I 470 38.94 30.25 -47.47
CA SER I 470 38.51 29.81 -48.80
C SER I 470 39.52 30.13 -49.88
N SER I 471 40.27 31.23 -49.75
CA SER I 471 41.25 31.56 -50.77
C SER I 471 42.34 30.51 -50.85
N ILE I 472 42.71 29.95 -49.71
CA ILE I 472 43.71 28.90 -49.68
C ILE I 472 43.12 27.59 -50.21
N VAL I 473 41.90 27.26 -49.78
CA VAL I 473 41.26 26.04 -50.27
C VAL I 473 41.09 26.11 -51.79
N ALA I 474 40.66 27.27 -52.31
CA ALA I 474 40.51 27.39 -53.76
C ALA I 474 41.83 27.14 -54.50
N SER I 475 42.94 27.63 -53.93
CA SER I 475 44.25 27.38 -54.53
C SER I 475 44.63 25.91 -54.48
N LEU I 476 44.30 25.22 -53.39
CA LEU I 476 44.57 23.78 -53.30
C LEU I 476 43.83 23.02 -54.38
N PHE I 477 42.57 23.40 -54.62
CA PHE I 477 41.79 22.79 -55.68
C PHE I 477 42.43 23.03 -57.05
N LEU I 478 42.80 24.27 -57.35
CA LEU I 478 43.39 24.59 -58.65
C LEU I 478 44.70 23.84 -58.87
N LYS I 479 45.50 23.70 -57.81
CA LYS I 479 46.76 22.99 -57.91
C LYS I 479 46.56 21.58 -58.45
N GLU I 480 45.40 20.98 -58.20
CA GLU I 480 45.10 19.64 -58.70
C GLU I 480 44.96 19.59 -60.22
N PHE I 481 44.92 20.73 -60.89
CA PHE I 481 44.79 20.75 -62.35
C PHE I 481 46.05 21.25 -63.04
N VAL I 482 47.17 21.34 -62.31
CA VAL I 482 48.48 21.64 -62.87
C VAL I 482 49.40 20.52 -62.41
N GLN I 483 49.89 19.71 -63.35
CA GLN I 483 50.63 18.54 -62.89
C GLN I 483 52.13 18.80 -62.72
N ASN I 484 52.76 19.51 -63.65
CA ASN I 484 54.21 19.60 -63.65
C ASN I 484 54.72 20.86 -64.34
N THR I 485 54.06 21.99 -64.08
CA THR I 485 54.43 23.26 -64.68
C THR I 485 54.41 24.31 -63.58
N ALA I 486 55.38 25.22 -63.61
CA ALA I 486 55.38 26.32 -62.64
C ALA I 486 54.11 27.13 -62.79
N TRP I 487 53.41 27.34 -61.69
CA TRP I 487 52.09 27.96 -61.76
C TRP I 487 51.90 28.90 -60.60
N ALA I 488 51.27 30.03 -60.88
CA ALA I 488 50.88 30.98 -59.84
C ALA I 488 49.46 31.48 -60.09
N HIS I 489 48.80 31.88 -59.01
CA HIS I 489 47.38 32.19 -58.98
C HIS I 489 47.20 33.51 -58.25
N ILE I 490 46.63 34.52 -58.91
CA ILE I 490 46.49 35.85 -58.33
C ILE I 490 45.01 36.10 -58.06
N ASP I 491 44.65 36.18 -56.79
CA ASP I 491 43.25 36.40 -56.40
C ASP I 491 43.03 37.91 -56.25
N ILE I 492 42.25 38.49 -57.17
CA ILE I 492 41.98 39.93 -57.21
C ILE I 492 40.55 40.25 -56.78
N ALA I 493 39.88 39.31 -56.10
CA ALA I 493 38.52 39.57 -55.68
C ALA I 493 38.42 40.83 -54.84
N GLY I 494 39.42 41.14 -54.03
CA GLY I 494 39.28 42.30 -53.18
C GLY I 494 39.68 43.61 -53.82
N VAL I 495 40.52 43.57 -54.86
CA VAL I 495 41.14 44.77 -55.41
C VAL I 495 40.55 45.19 -56.73
N SER I 496 39.61 44.44 -57.29
CA SER I 496 39.21 44.73 -58.66
C SER I 496 38.35 45.97 -58.73
N TRP I 497 37.51 46.18 -57.74
CA TRP I 497 36.48 47.20 -57.80
C TRP I 497 36.82 48.32 -56.82
N ASN I 498 36.78 49.55 -57.30
CA ASN I 498 37.00 50.71 -56.45
C ASN I 498 35.65 51.12 -55.86
N PHE I 499 35.40 50.70 -54.64
CA PHE I 499 34.10 50.98 -54.03
C PHE I 499 33.89 52.46 -53.78
N LYS I 500 34.95 53.21 -53.43
CA LYS I 500 34.78 54.64 -53.18
C LYS I 500 34.36 55.37 -54.46
N ALA I 501 35.02 55.07 -55.57
CA ALA I 501 34.75 55.76 -56.82
C ALA I 501 33.65 55.09 -57.65
N ARG I 502 33.20 53.89 -57.26
CA ARG I 502 32.12 53.16 -57.93
C ARG I 502 32.47 52.83 -59.38
N LYS I 503 33.69 52.29 -59.55
CA LYS I 503 34.21 51.99 -60.89
C LYS I 503 35.29 50.92 -60.77
N PRO I 504 35.65 50.27 -61.88
CA PRO I 504 36.73 49.27 -61.83
C PRO I 504 38.08 49.95 -61.67
N LYS I 505 39.06 49.14 -61.23
CA LYS I 505 40.45 49.60 -61.24
C LYS I 505 41.21 49.15 -62.48
N GLY I 506 40.67 48.18 -63.23
CA GLY I 506 41.48 47.52 -64.24
C GLY I 506 42.69 46.83 -63.65
N PHE I 507 42.56 46.32 -62.42
CA PHE I 507 43.72 45.79 -61.73
C PHE I 507 44.32 44.60 -62.47
N GLY I 508 45.65 44.59 -62.59
CA GLY I 508 46.39 43.45 -63.08
C GLY I 508 46.94 43.60 -64.48
N VAL I 509 46.40 44.52 -65.29
CA VAL I 509 46.93 44.71 -66.63
C VAL I 509 48.42 45.05 -66.56
N ARG I 510 48.77 46.02 -65.72
CA ARG I 510 50.16 46.48 -65.70
C ARG I 510 51.07 45.46 -65.03
N LEU I 511 50.58 44.82 -63.96
CA LEU I 511 51.31 43.73 -63.31
C LEU I 511 51.65 42.64 -64.31
N LEU I 512 50.66 42.17 -65.08
CA LEU I 512 50.93 41.08 -66.00
C LEU I 512 51.84 41.53 -67.13
N THR I 513 51.68 42.76 -67.62
CA THR I 513 52.54 43.22 -68.70
C THR I 513 53.99 43.36 -68.22
N GLU I 514 54.19 43.94 -67.04
CA GLU I 514 55.53 44.03 -66.48
C GLU I 514 56.14 42.64 -66.31
N PHE I 515 55.32 41.66 -65.90
CA PHE I 515 55.79 40.28 -65.78
C PHE I 515 56.31 39.76 -67.12
N VAL I 516 55.52 39.95 -68.19
CA VAL I 516 55.92 39.50 -69.53
C VAL I 516 57.16 40.24 -70.01
N LEU I 517 57.18 41.58 -69.86
CA LEU I 517 58.30 42.37 -70.37
C LEU I 517 59.58 42.05 -69.62
N ASN I 518 59.48 41.83 -68.30
CA ASN I 518 60.67 41.63 -67.49
C ASN I 518 61.27 40.27 -67.78
N ASP I 519 60.41 39.29 -68.12
CA ASP I 519 60.90 37.96 -68.47
C ASP I 519 61.45 37.91 -69.90
N ALA I 520 60.97 38.81 -70.79
CA ALA I 520 61.48 38.88 -72.16
C ALA I 520 62.87 39.49 -72.24
N LEU I 521 63.25 40.31 -71.25
CA LEU I 521 64.59 40.89 -71.21
C LEU I 521 65.46 40.00 -70.34
N HIS I 522 66.68 39.70 -70.81
CA HIS I 522 67.64 39.00 -69.97
C HIS I 522 68.04 39.88 -68.80
N HIS I 523 68.24 39.26 -67.62
CA HIS I 523 68.58 40.02 -66.41
C HIS I 523 69.84 40.87 -66.57
N HIS I 524 70.70 40.58 -67.55
CA HIS I 524 71.81 41.48 -67.88
C HIS I 524 71.36 42.73 -68.61
N HIS I 525 70.18 42.68 -69.24
CA HIS I 525 69.68 43.69 -70.17
C HIS I 525 70.61 43.83 -71.39
N ALA J 1 49.01 36.63 -3.57
CA ALA J 1 47.70 36.16 -4.00
C ALA J 1 46.57 37.04 -3.45
N SER J 2 45.48 37.13 -4.19
CA SER J 2 44.26 37.81 -3.77
C SER J 2 43.12 36.81 -3.68
N GLU J 3 42.11 37.16 -2.90
CA GLU J 3 40.96 36.29 -2.71
C GLU J 3 40.05 36.33 -3.93
N VAL J 4 39.63 35.17 -4.41
CA VAL J 4 38.71 35.09 -5.55
C VAL J 4 37.29 35.34 -5.05
N PRO J 5 36.59 36.35 -5.56
CA PRO J 5 35.20 36.55 -5.14
C PRO J 5 34.31 35.43 -5.64
N GLN J 6 33.28 35.13 -4.87
CA GLN J 6 32.32 34.07 -5.17
C GLN J 6 30.91 34.64 -5.14
N VAL J 7 30.03 34.07 -5.97
CA VAL J 7 28.60 34.34 -5.84
C VAL J 7 27.94 33.38 -4.86
N VAL J 8 28.21 32.08 -5.01
CA VAL J 8 27.76 31.06 -4.08
C VAL J 8 28.98 30.35 -3.55
N SER J 9 28.81 29.66 -2.41
CA SER J 9 29.93 28.98 -1.80
C SER J 9 30.46 27.85 -2.65
N LEU J 10 29.70 27.40 -3.64
CA LEU J 10 30.15 26.33 -4.53
C LEU J 10 31.04 26.83 -5.66
N ASP J 11 31.19 28.15 -5.83
CA ASP J 11 32.06 28.68 -6.89
C ASP J 11 33.52 28.36 -6.57
N PRO J 12 34.29 27.87 -7.54
CA PRO J 12 35.70 27.53 -7.27
C PRO J 12 36.54 28.77 -7.05
N THR J 13 37.60 28.60 -6.24
CA THR J 13 38.49 29.71 -5.89
C THR J 13 39.92 29.49 -6.35
N SER J 14 40.18 28.47 -7.17
CA SER J 14 41.48 28.33 -7.78
C SER J 14 41.34 27.47 -9.03
N ILE J 15 42.33 27.60 -9.91
CA ILE J 15 42.47 26.76 -11.09
C ILE J 15 43.22 25.51 -10.64
N PRO J 16 42.66 24.31 -10.78
CA PRO J 16 43.45 23.10 -10.52
C PRO J 16 44.55 22.98 -11.58
N ILE J 17 45.77 22.67 -11.13
CA ILE J 17 46.92 22.54 -12.04
C ILE J 17 47.66 21.25 -11.71
N GLU J 18 47.94 20.44 -12.72
CA GLU J 18 48.81 19.28 -12.56
C GLU J 18 50.20 19.67 -13.05
N TYR J 19 51.18 19.61 -12.15
CA TYR J 19 52.58 19.83 -12.49
C TYR J 19 53.29 18.51 -12.76
N ASN J 20 53.13 17.53 -11.86
CA ASN J 20 53.69 16.19 -12.02
C ASN J 20 52.74 15.37 -12.88
N THR J 21 53.13 15.09 -14.12
CA THR J 21 52.29 14.31 -15.01
C THR J 21 52.93 12.96 -15.28
N PRO J 22 52.16 11.98 -15.72
CA PRO J 22 52.78 10.67 -16.05
C PRO J 22 53.85 10.79 -17.11
N ILE J 23 53.77 11.79 -18.00
CA ILE J 23 54.82 11.97 -18.99
C ILE J 23 56.18 12.18 -18.31
N HIS J 24 56.19 12.87 -17.17
CA HIS J 24 57.48 13.15 -16.55
C HIS J 24 58.16 11.91 -16.00
N ASP J 25 57.41 10.82 -15.81
CA ASP J 25 57.98 9.56 -15.31
C ASP J 25 58.52 8.65 -16.39
N ILE J 26 58.38 9.00 -17.66
CA ILE J 26 58.80 8.10 -18.74
C ILE J 26 60.31 8.18 -18.92
N LYS J 27 60.98 7.04 -18.80
CA LYS J 27 62.41 6.98 -19.08
C LYS J 27 62.62 6.79 -20.59
N VAL J 28 63.36 7.70 -21.21
CA VAL J 28 63.52 7.75 -22.66
C VAL J 28 64.96 7.34 -22.99
N GLN J 29 65.10 6.44 -23.96
CA GLN J 29 66.42 6.01 -24.44
C GLN J 29 66.45 6.10 -25.95
N VAL J 30 67.53 6.63 -26.51
CA VAL J 30 67.68 6.74 -27.95
C VAL J 30 68.83 5.86 -28.40
N TYR J 31 68.57 5.01 -29.39
CA TYR J 31 69.53 4.06 -29.91
C TYR J 31 69.72 4.29 -31.40
N ASP J 32 70.92 3.99 -31.90
CA ASP J 32 71.15 4.13 -33.31
C ASP J 32 70.52 2.97 -34.08
N ILE J 33 69.82 3.30 -35.16
CA ILE J 33 69.14 2.27 -35.94
C ILE J 33 70.12 1.33 -36.65
N LYS J 34 71.35 1.78 -36.92
CA LYS J 34 72.26 0.93 -37.68
C LYS J 34 72.66 -0.34 -36.95
N GLY J 35 72.24 -0.55 -35.71
CA GLY J 35 72.68 -1.68 -34.95
C GLY J 35 71.61 -2.74 -34.79
N GLY J 36 70.48 -2.55 -35.43
CA GLY J 36 69.41 -3.51 -35.25
C GLY J 36 68.57 -3.20 -34.02
N CYS J 37 67.38 -3.78 -33.98
CA CYS J 37 66.38 -3.43 -32.97
C CYS J 37 66.18 -4.51 -31.92
N ASN J 38 66.20 -4.10 -30.66
CA ASN J 38 65.84 -4.99 -29.57
C ASN J 38 64.32 -4.88 -29.31
N VAL J 39 63.61 -5.98 -29.51
CA VAL J 39 62.14 -5.95 -29.44
C VAL J 39 61.61 -6.91 -28.37
N GLU J 40 62.46 -7.36 -27.45
CA GLU J 40 62.03 -8.38 -26.50
C GLU J 40 60.89 -7.91 -25.59
N GLU J 41 60.74 -6.60 -25.38
CA GLU J 41 59.75 -6.14 -24.43
C GLU J 41 58.84 -5.04 -24.98
N GLY J 42 57.58 -5.08 -24.56
CA GLY J 42 56.61 -4.02 -24.80
C GLY J 42 56.02 -3.96 -26.21
N LEU J 43 55.64 -2.74 -26.61
CA LEU J 43 55.02 -2.48 -27.89
C LEU J 43 56.06 -1.84 -28.81
N THR J 44 56.24 -2.40 -30.00
CA THR J 44 57.21 -1.88 -30.95
C THR J 44 56.49 -1.41 -32.20
N ILE J 45 56.69 -0.14 -32.55
CA ILE J 45 56.04 0.45 -33.70
C ILE J 45 57.10 0.98 -34.65
N PHE J 46 57.02 0.54 -35.90
CA PHE J 46 57.89 1.00 -36.98
C PHE J 46 57.20 2.13 -37.75
N LEU J 47 57.92 3.23 -37.97
CA LEU J 47 57.46 4.31 -38.84
C LEU J 47 57.99 4.04 -40.24
N VAL J 48 57.09 3.80 -41.19
CA VAL J 48 57.44 3.22 -42.49
C VAL J 48 56.81 4.02 -43.62
N ASN J 49 57.58 4.27 -44.68
CA ASN J 49 57.00 4.87 -45.87
C ASN J 49 57.27 3.98 -47.08
N ASN J 50 56.79 4.41 -48.25
CA ASN J 50 57.09 3.74 -49.51
C ASN J 50 57.14 4.80 -50.59
N PRO J 51 58.29 5.45 -50.78
CA PRO J 51 58.39 6.46 -51.83
C PRO J 51 58.29 5.76 -53.18
N GLY J 52 57.79 6.46 -54.18
CA GLY J 52 57.71 5.75 -55.44
C GLY J 52 56.63 4.68 -55.53
N LYS J 53 55.63 4.73 -54.66
CA LYS J 53 54.46 3.86 -54.74
C LYS J 53 53.43 4.40 -53.78
N GLU J 54 52.49 5.20 -54.28
CA GLU J 54 51.48 5.82 -53.42
C GLU J 54 50.62 4.73 -52.79
N ASN J 55 50.36 4.90 -51.49
CA ASN J 55 49.72 3.88 -50.66
C ASN J 55 50.26 2.48 -50.92
N GLY J 56 51.57 2.36 -51.15
CA GLY J 56 52.20 1.09 -51.42
C GLY J 56 52.36 0.24 -50.17
N PRO J 57 52.91 -0.95 -50.36
CA PRO J 57 53.01 -1.91 -49.25
C PRO J 57 54.04 -1.51 -48.22
N VAL J 58 53.81 -2.01 -47.01
CA VAL J 58 54.75 -1.90 -45.89
C VAL J 58 55.88 -2.91 -46.06
N LYS J 59 57.11 -2.45 -45.91
CA LYS J 59 58.26 -3.33 -45.87
C LYS J 59 59.17 -2.84 -44.75
N ILE J 60 59.51 -3.74 -43.81
CA ILE J 60 60.35 -3.42 -42.66
C ILE J 60 61.78 -3.88 -42.93
N SER J 61 62.75 -2.97 -42.82
CA SER J 61 64.13 -3.32 -43.14
C SER J 61 64.99 -3.72 -41.94
N SER J 62 64.65 -3.26 -40.73
CA SER J 62 65.55 -3.43 -39.59
C SER J 62 65.67 -4.89 -39.19
N LYS J 63 66.87 -5.30 -38.80
CA LYS J 63 67.02 -6.59 -38.14
C LYS J 63 66.53 -6.47 -36.70
N VAL J 64 65.78 -7.47 -36.25
CA VAL J 64 65.27 -7.52 -34.87
C VAL J 64 65.79 -8.79 -34.21
N ASN J 65 66.08 -8.70 -32.91
CA ASN J 65 66.70 -9.83 -32.21
C ASN J 65 65.68 -10.78 -31.58
N ASP J 66 64.61 -11.12 -32.28
CA ASP J 66 63.64 -12.08 -31.77
C ASP J 66 63.11 -12.85 -32.96
N LYS J 67 63.14 -14.18 -32.88
CA LYS J 67 62.79 -15.00 -34.03
C LYS J 67 61.29 -14.94 -34.33
N GLN J 68 60.45 -14.88 -33.29
CA GLN J 68 59.01 -14.80 -33.55
C GLN J 68 58.69 -13.47 -34.24
N VAL J 69 59.24 -12.37 -33.72
CA VAL J 69 58.97 -11.07 -34.30
C VAL J 69 59.58 -10.97 -35.70
N SER J 70 60.77 -11.55 -35.91
CA SER J 70 61.33 -11.50 -37.27
C SER J 70 60.38 -12.13 -38.28
N GLU J 71 59.73 -13.22 -37.89
CA GLU J 71 58.79 -13.87 -38.79
C GLU J 71 57.57 -13.00 -39.06
N PHE J 72 57.02 -12.37 -38.03
CA PHE J 72 55.90 -11.46 -38.22
C PHE J 72 56.26 -10.37 -39.22
N LEU J 73 57.50 -9.89 -39.17
CA LEU J 73 57.94 -8.75 -39.97
C LEU J 73 58.44 -9.12 -41.37
N LYS J 74 58.28 -10.39 -41.77
CA LYS J 74 58.71 -10.79 -43.12
C LYS J 74 57.92 -10.05 -44.18
N ASP J 75 58.54 -9.87 -45.35
CA ASP J 75 57.93 -9.09 -46.42
C ASP J 75 56.56 -9.63 -46.81
N GLU J 76 56.41 -10.96 -46.88
CA GLU J 76 55.14 -11.56 -47.31
C GLU J 76 54.00 -11.23 -46.34
N ASN J 77 54.30 -11.10 -45.06
CA ASN J 77 53.24 -10.70 -44.14
C ASN J 77 52.99 -9.20 -44.19
N MET J 78 54.05 -8.39 -44.24
CA MET J 78 53.90 -6.96 -44.04
C MET J 78 53.26 -6.31 -45.25
N GLU J 79 53.38 -6.94 -46.44
CA GLU J 79 52.83 -6.40 -47.68
C GLU J 79 51.31 -6.46 -47.71
N LYS J 80 50.70 -7.17 -46.76
CA LYS J 80 49.24 -7.13 -46.62
C LYS J 80 48.75 -5.77 -46.14
N PHE J 81 49.65 -4.94 -45.63
CA PHE J 81 49.37 -3.60 -45.10
C PHE J 81 49.99 -2.52 -46.00
N ASN J 82 49.44 -1.31 -45.92
CA ASN J 82 49.92 -0.23 -46.78
C ASN J 82 50.32 1.00 -45.96
N VAL J 83 51.05 1.91 -46.61
CA VAL J 83 51.72 3.02 -45.91
C VAL J 83 50.92 4.31 -45.93
N LYS J 84 49.64 4.26 -46.33
CA LYS J 84 48.85 5.50 -46.41
C LYS J 84 48.99 6.26 -45.10
N LEU J 85 49.29 7.55 -45.20
CA LEU J 85 49.67 8.32 -44.02
C LEU J 85 48.66 8.19 -42.89
N GLY J 86 49.14 7.76 -41.72
CA GLY J 86 48.29 7.60 -40.57
C GLY J 86 47.68 6.21 -40.41
N THR J 87 47.73 5.37 -41.44
CA THR J 87 47.19 4.03 -41.32
C THR J 87 48.08 3.22 -40.37
N SER J 88 47.47 2.36 -39.54
CA SER J 88 48.27 1.56 -38.65
C SER J 88 47.64 0.20 -38.40
N LYS J 89 48.49 -0.77 -38.06
CA LYS J 89 48.09 -2.07 -37.54
C LYS J 89 49.09 -2.45 -36.46
N HIS J 90 48.61 -3.10 -35.40
CA HIS J 90 49.50 -3.70 -34.42
C HIS J 90 48.92 -5.03 -33.95
N PHE J 91 49.81 -5.98 -33.65
CA PHE J 91 49.43 -7.34 -33.27
C PHE J 91 50.13 -7.76 -31.99
N TYR J 92 49.42 -8.51 -31.15
CA TYR J 92 50.01 -9.10 -29.96
C TYR J 92 50.49 -10.50 -30.30
N MET J 93 51.63 -10.88 -29.74
CA MET J 93 52.25 -12.16 -30.03
C MET J 93 53.19 -12.47 -28.88
N PHE J 94 53.66 -13.70 -28.84
CA PHE J 94 54.61 -14.13 -27.83
C PHE J 94 56.01 -14.13 -28.44
N ASN J 95 56.97 -13.62 -27.69
CA ASN J 95 58.33 -13.54 -28.20
C ASN J 95 59.03 -14.87 -27.95
N ASP J 96 60.34 -14.92 -28.20
CA ASP J 96 61.07 -16.17 -28.08
C ASP J 96 61.05 -16.74 -26.67
N ASN J 97 60.88 -15.88 -25.67
CA ASN J 97 60.80 -16.31 -24.27
C ASN J 97 59.37 -16.48 -23.77
N LYS J 98 58.39 -16.53 -24.67
CA LYS J 98 56.98 -16.71 -24.32
C LYS J 98 56.43 -15.56 -23.46
N ASN J 99 56.98 -14.37 -23.64
CA ASN J 99 56.42 -13.15 -23.05
C ASN J 99 55.59 -12.41 -24.09
N SER J 100 54.50 -11.82 -23.64
CA SER J 100 53.64 -11.10 -24.56
C SER J 100 54.25 -9.76 -24.97
N VAL J 101 54.33 -9.52 -26.28
CA VAL J 101 54.80 -8.28 -26.89
C VAL J 101 53.78 -7.90 -27.95
N ALA J 102 53.75 -6.62 -28.33
CA ALA J 102 52.94 -6.17 -29.46
C ALA J 102 53.82 -5.46 -30.48
N VAL J 103 53.55 -5.70 -31.77
CA VAL J 103 54.35 -5.17 -32.86
C VAL J 103 53.42 -4.59 -33.93
N GLY J 104 53.84 -3.47 -34.51
CA GLY J 104 53.03 -2.87 -35.54
C GLY J 104 53.76 -1.76 -36.25
N TYR J 105 53.01 -0.95 -36.97
CA TYR J 105 53.59 0.11 -37.76
C TYR J 105 52.59 1.27 -37.89
N VAL J 106 53.10 2.45 -38.21
CA VAL J 106 52.27 3.56 -38.65
C VAL J 106 52.76 4.00 -40.02
N GLY J 107 51.83 4.13 -40.97
CA GLY J 107 52.21 4.55 -42.30
C GLY J 107 52.54 6.04 -42.34
N CYS J 108 53.65 6.36 -43.03
CA CYS J 108 54.10 7.73 -43.18
C CYS J 108 54.06 8.19 -44.64
N GLY J 109 53.29 7.49 -45.48
CA GLY J 109 53.03 7.94 -46.84
C GLY J 109 54.14 7.60 -47.83
N SER J 110 54.20 8.40 -48.88
CA SER J 110 55.10 8.16 -49.99
C SER J 110 56.00 9.35 -50.27
N VAL J 111 55.97 10.36 -49.42
CA VAL J 111 56.78 11.57 -49.58
C VAL J 111 57.84 11.56 -48.49
N ALA J 112 59.09 11.23 -48.84
CA ALA J 112 60.20 11.17 -47.90
C ALA J 112 60.23 12.25 -46.83
N ASP J 113 59.85 13.48 -47.18
CA ASP J 113 59.99 14.60 -46.26
C ASP J 113 58.63 14.95 -45.66
N LEU J 114 58.47 14.71 -44.36
CA LEU J 114 57.23 14.98 -43.65
C LEU J 114 57.16 16.41 -43.11
N SER J 115 56.01 17.05 -43.31
CA SER J 115 55.71 18.33 -42.68
C SER J 115 55.31 18.10 -41.23
N GLU J 116 55.20 19.21 -40.47
CA GLU J 116 54.71 19.09 -39.09
C GLU J 116 53.31 18.51 -39.09
N ALA J 117 52.47 18.89 -40.07
CA ALA J 117 51.12 18.36 -40.14
C ALA J 117 51.13 16.86 -40.40
N ASP J 118 52.00 16.39 -41.30
CA ASP J 118 52.12 14.95 -41.51
C ASP J 118 52.53 14.25 -40.23
N MET J 119 53.53 14.81 -39.51
CA MET J 119 54.02 14.16 -38.29
C MET J 119 52.95 14.13 -37.20
N LYS J 120 52.11 15.16 -37.12
CA LYS J 120 51.02 15.14 -36.17
C LYS J 120 50.06 13.99 -36.46
N ARG J 121 49.77 13.72 -37.74
CA ARG J 121 48.91 12.59 -38.09
C ARG J 121 49.57 11.26 -37.68
N VAL J 122 50.88 11.13 -37.89
CA VAL J 122 51.59 9.94 -37.45
C VAL J 122 51.45 9.78 -35.94
N VAL J 123 51.68 10.86 -35.20
CA VAL J 123 51.62 10.80 -33.75
C VAL J 123 50.22 10.43 -33.28
N LEU J 124 49.17 10.98 -33.93
CA LEU J 124 47.81 10.69 -33.51
C LEU J 124 47.52 9.21 -33.64
N SER J 125 47.99 8.59 -34.72
CA SER J 125 47.82 7.16 -34.92
C SER J 125 48.53 6.37 -33.82
N LEU J 126 49.74 6.79 -33.46
CA LEU J 126 50.48 6.16 -32.37
C LEU J 126 49.74 6.30 -31.04
N VAL J 127 49.19 7.49 -30.77
CA VAL J 127 48.50 7.77 -29.52
C VAL J 127 47.22 6.95 -29.40
N THR J 128 46.52 6.73 -30.52
CA THR J 128 45.34 5.88 -30.49
C THR J 128 45.68 4.48 -30.00
N MET J 129 46.85 3.97 -30.40
CA MET J 129 47.29 2.65 -29.95
C MET J 129 47.66 2.70 -28.48
N LEU J 130 48.27 3.80 -28.05
CA LEU J 130 48.71 3.93 -26.66
C LEU J 130 47.53 4.06 -25.71
N HIS J 131 46.42 4.65 -26.15
CA HIS J 131 45.26 4.80 -25.29
C HIS J 131 44.50 3.49 -25.14
N ASP J 132 44.95 2.43 -25.80
CA ASP J 132 44.40 1.10 -25.60
C ASP J 132 45.50 0.11 -25.19
N ASN J 133 46.63 0.63 -24.69
CA ASN J 133 47.83 -0.16 -24.41
C ASN J 133 48.11 -0.24 -22.91
N LYS J 134 48.52 -1.42 -22.46
CA LYS J 134 48.94 -1.60 -21.09
C LYS J 134 50.37 -2.12 -20.97
N LEU J 135 51.10 -2.28 -22.07
CA LEU J 135 52.49 -2.69 -21.98
C LEU J 135 53.28 -1.50 -21.46
N SER J 136 54.29 -1.78 -20.63
CA SER J 136 55.01 -0.74 -19.90
C SER J 136 56.04 0.00 -20.75
N LYS J 137 56.34 -0.49 -21.95
CA LYS J 137 57.35 0.13 -22.79
C LYS J 137 56.81 0.26 -24.21
N LEU J 138 57.09 1.40 -24.81
CA LEU J 138 56.90 1.64 -26.23
C LEU J 138 58.27 1.87 -26.85
N THR J 139 58.48 1.25 -28.01
CA THR J 139 59.67 1.48 -28.82
C THR J 139 59.21 1.96 -30.19
N VAL J 140 59.80 3.05 -30.66
CA VAL J 140 59.48 3.61 -31.96
C VAL J 140 60.73 3.53 -32.85
N VAL J 141 60.60 2.89 -34.01
CA VAL J 141 61.72 2.65 -34.91
C VAL J 141 61.53 3.55 -36.12
N PHE J 142 62.43 4.52 -36.30
CA PHE J 142 62.31 5.48 -37.39
C PHE J 142 62.94 4.88 -38.63
N GLU J 143 62.13 4.30 -39.52
CA GLU J 143 62.61 3.93 -40.84
C GLU J 143 62.23 5.00 -41.85
N ILE J 144 62.19 6.24 -41.37
CA ILE J 144 61.96 7.44 -42.14
C ILE J 144 63.04 8.44 -41.73
N ASN J 145 63.22 9.47 -42.53
CA ASN J 145 64.23 10.49 -42.29
C ASN J 145 63.61 11.77 -41.75
N VAL J 146 63.99 12.18 -40.52
CA VAL J 146 63.51 13.41 -39.90
C VAL J 146 64.72 14.18 -39.36
N ASP J 147 64.67 15.51 -39.42
CA ASP J 147 65.75 16.31 -38.86
C ASP J 147 65.59 16.48 -37.34
N LYS J 148 66.58 17.14 -36.73
CA LYS J 148 66.63 17.25 -35.27
C LYS J 148 65.41 17.96 -34.70
N ASN J 149 64.98 19.09 -35.32
CA ASN J 149 63.81 19.80 -34.81
C ASN J 149 62.54 19.01 -34.99
N LEU J 150 62.41 18.27 -36.10
CA LEU J 150 61.18 17.51 -36.30
C LEU J 150 61.13 16.30 -35.37
N PHE J 151 62.28 15.69 -35.08
CA PHE J 151 62.30 14.65 -34.07
C PHE J 151 61.87 15.20 -32.71
N ARG J 152 62.37 16.37 -32.33
CA ARG J 152 61.90 16.98 -31.08
C ARG J 152 60.40 17.27 -31.15
N PHE J 153 59.93 17.76 -32.30
CA PHE J 153 58.49 18.00 -32.47
C PHE J 153 57.70 16.70 -32.31
N PHE J 154 58.22 15.59 -32.86
CA PHE J 154 57.58 14.29 -32.68
C PHE J 154 57.43 13.95 -31.19
N LEU J 155 58.51 14.12 -30.40
CA LEU J 155 58.43 13.80 -28.98
C LEU J 155 57.46 14.72 -28.25
N GLU J 156 57.56 16.03 -28.49
CA GLU J 156 56.66 17.00 -27.86
C GLU J 156 55.21 16.67 -28.19
N THR J 157 54.93 16.36 -29.45
CA THR J 157 53.55 16.11 -29.85
C THR J 157 53.06 14.80 -29.27
N LEU J 158 53.91 13.77 -29.28
CA LEU J 158 53.56 12.49 -28.64
C LEU J 158 53.18 12.71 -27.18
N PHE J 159 54.04 13.40 -26.42
CA PHE J 159 53.79 13.67 -25.00
C PHE J 159 52.49 14.44 -24.80
N TYR J 160 52.31 15.51 -25.57
CA TYR J 160 51.14 16.37 -25.36
C TYR J 160 49.85 15.65 -25.70
N GLU J 161 49.84 14.93 -26.82
CA GLU J 161 48.63 14.24 -27.26
C GLU J 161 48.32 13.01 -26.41
N TYR J 162 49.36 12.36 -25.88
CA TYR J 162 49.17 11.18 -25.04
C TYR J 162 48.53 11.55 -23.70
N MET J 163 48.95 12.68 -23.13
CA MET J 163 48.44 13.17 -21.84
C MET J 163 46.96 13.52 -21.93
N THR J 164 46.16 13.04 -20.97
CA THR J 164 44.74 13.34 -20.92
C THR J 164 44.42 14.16 -19.68
N ASP J 165 43.71 15.27 -19.89
CA ASP J 165 43.39 16.24 -18.84
C ASP J 165 42.11 15.79 -18.14
N GLU J 166 42.24 15.27 -16.91
CA GLU J 166 41.10 14.76 -16.16
C GLU J 166 40.78 15.61 -14.94
N ARG J 167 41.25 16.84 -14.89
CA ARG J 167 41.05 17.67 -13.69
C ARG J 167 39.57 17.86 -13.38
N PHE J 168 38.69 17.85 -14.37
CA PHE J 168 37.29 18.20 -14.13
C PHE J 168 36.38 16.98 -14.18
N LYS J 169 36.95 15.79 -14.28
CA LYS J 169 36.21 14.54 -14.18
C LYS J 169 36.08 14.15 -12.72
N SER J 170 34.93 13.57 -12.36
CA SER J 170 34.81 13.09 -10.99
C SER J 170 35.20 11.63 -10.88
N THR J 171 34.80 10.80 -11.85
CA THR J 171 35.35 9.46 -11.95
C THR J 171 36.83 9.54 -12.33
N ASP J 172 37.50 8.39 -12.36
CA ASP J 172 38.92 8.43 -12.66
C ASP J 172 39.43 7.09 -13.13
N LYS J 173 40.73 7.08 -13.45
CA LYS J 173 41.43 5.88 -13.85
C LYS J 173 40.88 5.21 -15.09
N ASN J 174 41.53 5.43 -16.24
CA ASN J 174 41.14 4.73 -17.46
C ASN J 174 41.45 3.24 -17.30
N VAL J 175 40.40 2.42 -17.44
CA VAL J 175 40.55 0.97 -17.36
C VAL J 175 41.03 0.34 -18.67
N ASN J 176 41.23 1.14 -19.72
CA ASN J 176 41.67 0.60 -21.00
C ASN J 176 43.17 0.78 -21.26
N MET J 177 43.89 1.48 -20.40
CA MET J 177 45.30 1.74 -20.65
C MET J 177 46.02 2.00 -19.34
N GLU J 178 47.34 2.01 -19.43
CA GLU J 178 48.25 2.46 -18.39
C GLU J 178 49.32 3.27 -19.09
N TYR J 179 49.79 4.37 -18.47
CA TYR J 179 50.87 5.11 -19.10
C TYR J 179 52.14 4.27 -19.11
N ILE J 180 52.85 4.30 -20.24
CA ILE J 180 54.15 3.62 -20.31
C ILE J 180 55.14 4.20 -19.31
N LYS J 181 56.09 3.38 -18.89
CA LYS J 181 57.18 3.86 -18.05
C LYS J 181 58.47 4.04 -18.81
N HIS J 182 58.53 3.56 -20.06
CA HIS J 182 59.75 3.54 -20.86
C HIS J 182 59.43 3.83 -22.31
N LEU J 183 60.26 4.67 -22.91
CA LEU J 183 60.16 4.98 -24.33
C LEU J 183 61.52 4.71 -24.95
N GLY J 184 61.56 3.82 -25.93
CA GLY J 184 62.77 3.57 -26.71
C GLY J 184 62.58 4.15 -28.11
N VAL J 185 63.66 4.72 -28.65
CA VAL J 185 63.64 5.29 -30.00
C VAL J 185 64.87 4.76 -30.75
N TYR J 186 64.66 4.19 -31.93
CA TYR J 186 65.72 3.80 -32.85
C TYR J 186 65.69 4.76 -34.03
N ILE J 187 66.81 5.43 -34.27
CA ILE J 187 66.88 6.46 -35.29
C ILE J 187 68.32 6.56 -35.77
N ASN J 188 68.50 6.93 -37.03
CA ASN J 188 69.86 7.16 -37.53
C ASN J 188 70.48 8.37 -36.85
N ASN J 189 71.79 8.29 -36.57
CA ASN J 189 72.53 9.35 -35.86
C ASN J 189 71.96 9.66 -34.48
N ALA J 190 71.68 8.59 -33.72
CA ALA J 190 71.01 8.74 -32.44
C ALA J 190 71.76 9.67 -31.49
N ASP J 191 73.10 9.68 -31.58
CA ASP J 191 73.88 10.49 -30.63
C ASP J 191 73.52 11.98 -30.75
N THR J 192 73.26 12.45 -31.95
CA THR J 192 72.93 13.85 -32.19
C THR J 192 71.49 14.21 -31.80
N TYR J 193 70.60 13.22 -31.69
CA TYR J 193 69.21 13.47 -31.34
C TYR J 193 68.97 13.41 -29.85
N LYS J 194 69.93 12.89 -29.08
CA LYS J 194 69.73 12.67 -27.65
C LYS J 194 69.50 13.99 -26.91
N GLU J 195 70.16 15.06 -27.33
CA GLU J 195 69.98 16.34 -26.64
C GLU J 195 68.59 16.93 -26.83
N GLU J 196 67.81 16.45 -27.80
CA GLU J 196 66.46 16.93 -27.98
C GLU J 196 65.48 16.38 -26.97
N VAL J 197 65.78 15.27 -26.30
CA VAL J 197 64.77 14.60 -25.48
C VAL J 197 64.33 15.47 -24.31
N GLU J 198 65.29 15.96 -23.50
CA GLU J 198 64.85 16.72 -22.34
C GLU J 198 64.35 18.11 -22.72
N LYS J 199 64.81 18.65 -23.84
CA LYS J 199 64.18 19.86 -24.37
C LYS J 199 62.73 19.59 -24.76
N ALA J 200 62.47 18.46 -25.42
CA ALA J 200 61.10 18.09 -25.74
C ALA J 200 60.24 17.97 -24.49
N ARG J 201 60.79 17.40 -23.41
CA ARG J 201 60.01 17.23 -22.19
C ARG J 201 59.66 18.58 -21.56
N VAL J 202 60.58 19.55 -21.64
CA VAL J 202 60.29 20.90 -21.15
C VAL J 202 59.24 21.57 -22.04
N TYR J 203 59.41 21.49 -23.35
CA TYR J 203 58.47 22.13 -24.27
C TYR J 203 57.08 21.53 -24.13
N TYR J 204 57.02 20.21 -23.93
CA TYR J 204 55.76 19.54 -23.67
C TYR J 204 55.05 20.14 -22.48
N PHE J 205 55.76 20.31 -21.37
CA PHE J 205 55.02 20.75 -20.18
C PHE J 205 54.63 22.22 -20.31
N GLY J 206 55.47 23.05 -20.91
CA GLY J 206 55.05 24.43 -21.18
C GLY J 206 53.77 24.48 -22.01
N THR J 207 53.68 23.64 -23.04
CA THR J 207 52.49 23.60 -23.88
C THR J 207 51.31 23.01 -23.13
N TYR J 208 51.55 21.94 -22.38
CA TYR J 208 50.46 21.33 -21.63
C TYR J 208 50.00 22.24 -20.50
N TYR J 209 50.93 22.94 -19.86
CA TYR J 209 50.53 23.91 -18.84
C TYR J 209 49.64 25.00 -19.46
N ALA J 210 50.04 25.53 -20.61
CA ALA J 210 49.20 26.52 -21.30
C ALA J 210 47.81 25.94 -21.59
N SER J 211 47.77 24.68 -22.06
CA SER J 211 46.50 24.02 -22.33
C SER J 211 45.65 23.92 -21.07
N GLN J 212 46.27 23.62 -19.94
CA GLN J 212 45.50 23.52 -18.70
C GLN J 212 44.82 24.84 -18.35
N LEU J 213 45.53 25.96 -18.53
CA LEU J 213 44.92 27.26 -18.28
C LEU J 213 43.79 27.56 -19.28
N ILE J 214 44.00 27.24 -20.57
CA ILE J 214 42.98 27.56 -21.58
C ILE J 214 41.72 26.73 -21.33
N ALA J 215 41.90 25.41 -21.13
CA ALA J 215 40.77 24.52 -20.98
C ALA J 215 40.00 24.77 -19.68
N ALA J 216 40.68 25.28 -18.65
CA ALA J 216 40.00 25.60 -17.41
C ALA J 216 38.85 26.57 -17.70
N PRO J 217 37.61 26.25 -17.35
CA PRO J 217 36.49 27.13 -17.67
C PRO J 217 36.58 28.45 -16.93
N SER J 218 35.79 29.42 -17.41
CA SER J 218 35.87 30.78 -16.89
C SER J 218 35.39 30.92 -15.45
N ASN J 219 34.58 30.00 -14.92
CA ASN J 219 34.33 30.07 -13.46
C ASN J 219 35.56 29.60 -12.67
N TYR J 220 36.36 28.70 -13.23
CA TYR J 220 37.60 28.31 -12.55
C TYR J 220 38.71 29.33 -12.80
N CYS J 221 38.87 29.74 -14.05
CA CYS J 221 39.97 30.58 -14.50
C CYS J 221 39.41 31.99 -14.76
N ASN J 222 39.55 32.85 -13.79
CA ASN J 222 39.06 34.23 -13.86
C ASN J 222 40.28 35.12 -13.62
N PRO J 223 40.17 36.44 -13.71
CA PRO J 223 41.38 37.27 -13.60
C PRO J 223 42.12 37.11 -12.30
N VAL J 224 41.43 36.85 -11.20
CA VAL J 224 42.11 36.67 -9.92
C VAL J 224 42.76 35.29 -9.83
N SER J 225 42.03 34.23 -10.19
CA SER J 225 42.61 32.90 -10.08
C SER J 225 43.71 32.69 -11.12
N LEU J 226 43.61 33.32 -12.29
CA LEU J 226 44.67 33.19 -13.29
C LEU J 226 45.93 33.93 -12.83
N SER J 227 45.77 35.12 -12.26
CA SER J 227 46.96 35.83 -11.76
C SER J 227 47.55 35.12 -10.54
N ASN J 228 46.70 34.52 -9.70
CA ASN J 228 47.21 33.70 -8.59
C ASN J 228 48.04 32.52 -9.11
N ALA J 229 47.58 31.86 -10.17
CA ALA J 229 48.33 30.76 -10.76
C ALA J 229 49.67 31.23 -11.30
N ALA J 230 49.72 32.43 -11.89
CA ALA J 230 50.97 32.97 -12.43
C ALA J 230 51.99 33.21 -11.32
N VAL J 231 51.55 33.74 -10.18
CA VAL J 231 52.42 33.92 -9.02
C VAL J 231 53.00 32.60 -8.55
N GLU J 232 52.16 31.57 -8.45
CA GLU J 232 52.61 30.24 -8.03
C GLU J 232 53.66 29.70 -9.00
N LEU J 233 53.44 29.88 -10.30
CA LEU J 233 54.43 29.47 -11.28
C LEU J 233 55.73 30.20 -11.08
N ALA J 234 55.65 31.52 -10.88
CA ALA J 234 56.85 32.32 -10.66
C ALA J 234 57.58 31.88 -9.41
N GLN J 235 56.84 31.57 -8.34
CA GLN J 235 57.49 31.13 -7.11
C GLN J 235 58.23 29.82 -7.32
N LYS J 236 57.62 28.88 -8.05
CA LYS J 236 58.25 27.59 -8.30
C LYS J 236 59.49 27.72 -9.18
N LEU J 237 59.54 28.74 -10.03
CA LEU J 237 60.66 28.92 -10.93
C LEU J 237 61.67 29.95 -10.45
N ASN J 238 61.41 30.62 -9.33
CA ASN J 238 62.27 31.69 -8.82
C ASN J 238 62.35 32.87 -9.80
N LEU J 239 61.24 33.15 -10.48
CA LEU J 239 61.11 34.37 -11.27
C LEU J 239 60.62 35.51 -10.38
N GLU J 240 61.03 36.73 -10.73
CA GLU J 240 60.44 37.91 -10.10
C GLU J 240 59.01 38.03 -10.58
N TYR J 241 58.14 38.55 -9.71
CA TYR J 241 56.74 38.68 -10.06
C TYR J 241 56.12 39.89 -9.37
N LYS J 242 55.14 40.47 -10.05
CA LYS J 242 54.34 41.57 -9.55
C LYS J 242 52.96 41.46 -10.20
N ILE J 243 51.90 41.52 -9.41
CA ILE J 243 50.54 41.62 -9.93
C ILE J 243 50.03 43.02 -9.61
N LEU J 244 49.66 43.77 -10.65
CA LEU J 244 49.11 45.11 -10.44
C LEU J 244 47.60 45.01 -10.29
N GLY J 245 47.06 45.60 -9.22
CA GLY J 245 45.64 45.66 -8.98
C GLY J 245 45.04 47.00 -9.43
N VAL J 246 43.72 47.13 -9.20
CA VAL J 246 42.95 48.24 -9.78
C VAL J 246 43.52 49.59 -9.34
N LYS J 247 43.86 49.72 -8.05
CA LYS J 247 44.34 51.01 -7.58
C LYS J 247 45.64 51.40 -8.28
N GLU J 248 46.55 50.45 -8.47
CA GLU J 248 47.77 50.73 -9.22
C GLU J 248 47.47 50.96 -10.70
N LEU J 249 46.52 50.22 -11.26
CA LEU J 249 46.15 50.43 -12.66
C LEU J 249 45.51 51.81 -12.88
N GLU J 250 44.74 52.28 -11.89
CA GLU J 250 44.20 53.65 -11.99
C GLU J 250 45.30 54.71 -11.95
N GLU J 251 46.31 54.56 -11.07
CA GLU J 251 47.39 55.54 -11.03
C GLU J 251 48.21 55.54 -12.31
N LEU J 252 48.39 54.39 -12.95
CA LEU J 252 49.06 54.29 -14.24
C LEU J 252 48.16 54.71 -15.39
N LYS J 253 46.90 55.07 -15.11
CA LYS J 253 46.00 55.66 -16.10
C LYS J 253 45.64 54.68 -17.20
N MET J 254 45.53 53.38 -16.90
CA MET J 254 45.23 52.42 -17.97
C MET J 254 43.72 52.34 -18.23
N GLY J 255 43.18 53.42 -18.79
CA GLY J 255 41.74 53.54 -18.96
C GLY J 255 41.16 52.63 -20.04
N ALA J 256 41.96 52.21 -21.03
CA ALA J 256 41.42 51.28 -22.03
C ALA J 256 41.23 49.89 -21.42
N TYR J 257 42.27 49.38 -20.77
CA TYR J 257 42.20 48.09 -20.08
C TYR J 257 41.15 48.10 -18.97
N LEU J 258 41.12 49.14 -18.15
CA LEU J 258 40.17 49.16 -17.05
C LEU J 258 38.73 49.21 -17.54
N SER J 259 38.49 49.90 -18.67
CA SER J 259 37.11 49.99 -19.17
C SER J 259 36.56 48.63 -19.53
N VAL J 260 37.38 47.78 -20.16
CA VAL J 260 36.92 46.45 -20.57
C VAL J 260 36.45 45.65 -19.37
N GLY J 261 37.16 45.76 -18.25
CA GLY J 261 36.82 44.98 -17.07
C GLY J 261 35.74 45.58 -16.17
N LYS J 262 35.23 46.78 -16.49
CA LYS J 262 34.28 47.46 -15.60
C LYS J 262 33.08 46.58 -15.28
N GLY J 263 32.59 45.82 -16.26
CA GLY J 263 31.41 45.02 -16.06
C GLY J 263 31.58 43.71 -15.36
N SER J 264 32.79 43.36 -14.91
CA SER J 264 33.05 42.05 -14.34
C SER J 264 33.01 42.09 -12.81
N MET J 265 32.60 40.97 -12.21
CA MET J 265 32.71 40.81 -10.77
C MET J 265 34.14 40.55 -10.32
N TYR J 266 35.06 40.28 -11.25
CA TYR J 266 36.45 40.00 -10.90
C TYR J 266 37.28 41.23 -11.17
N PRO J 267 38.03 41.73 -10.18
CA PRO J 267 38.89 42.89 -10.40
C PRO J 267 39.95 42.57 -11.46
N ASN J 268 40.27 43.56 -12.29
CA ASN J 268 41.37 43.41 -13.24
C ASN J 268 42.66 43.07 -12.49
N LYS J 269 43.49 42.22 -13.11
CA LYS J 269 44.82 41.90 -12.56
C LYS J 269 45.85 41.89 -13.68
N PHE J 270 46.91 42.69 -13.54
CA PHE J 270 47.94 42.78 -14.56
C PHE J 270 49.12 41.94 -14.11
N ILE J 271 49.46 40.91 -14.89
CA ILE J 271 50.56 39.98 -14.57
C ILE J 271 51.86 40.53 -15.12
N HIS J 272 52.90 40.58 -14.29
CA HIS J 272 54.25 40.94 -14.74
C HIS J 272 55.25 40.01 -14.07
N LEU J 273 55.74 39.00 -14.81
CA LEU J 273 56.83 38.14 -14.36
C LEU J 273 58.10 38.55 -15.08
N THR J 274 59.25 38.31 -14.43
CA THR J 274 60.53 38.67 -15.03
C THR J 274 61.55 37.56 -14.84
N TYR J 275 62.17 37.15 -15.94
CA TYR J 275 63.34 36.29 -15.93
C TYR J 275 64.55 37.17 -16.20
N LYS J 276 65.57 37.06 -15.35
CA LYS J 276 66.83 37.77 -15.59
C LYS J 276 67.97 36.76 -15.55
N SER J 277 68.85 36.81 -16.55
CA SER J 277 70.00 35.91 -16.59
C SER J 277 70.98 36.28 -15.49
N LYS J 278 71.77 35.29 -15.06
CA LYS J 278 72.77 35.58 -14.03
C LYS J 278 73.90 36.44 -14.57
N GLY J 279 74.23 36.34 -15.85
CA GLY J 279 75.29 37.12 -16.45
C GLY J 279 74.82 38.48 -16.94
N ASP J 280 75.64 39.08 -17.79
CA ASP J 280 75.31 40.41 -18.31
C ASP J 280 74.07 40.32 -19.20
N VAL J 281 73.14 41.26 -19.02
CA VAL J 281 71.95 41.27 -19.86
C VAL J 281 72.30 41.98 -21.16
N LYS J 282 72.26 41.25 -22.27
CA LYS J 282 72.57 41.82 -23.57
C LYS J 282 71.32 42.14 -24.39
N LYS J 283 70.18 41.54 -24.08
CA LYS J 283 68.95 41.80 -24.80
C LYS J 283 67.79 41.75 -23.83
N LYS J 284 66.85 42.70 -23.98
CA LYS J 284 65.66 42.78 -23.15
C LYS J 284 64.43 42.60 -24.04
N ILE J 285 63.53 41.72 -23.62
CA ILE J 285 62.36 41.35 -24.42
C ILE J 285 61.13 41.44 -23.54
N ALA J 286 60.05 41.99 -24.08
CA ALA J 286 58.75 41.92 -23.42
C ALA J 286 57.84 41.02 -24.25
N LEU J 287 57.27 40.00 -23.61
CA LEU J 287 56.27 39.13 -24.24
C LEU J 287 54.91 39.46 -23.64
N VAL J 288 53.93 39.82 -24.50
CA VAL J 288 52.63 40.35 -24.08
C VAL J 288 51.54 39.40 -24.58
N GLY J 289 50.75 38.87 -23.67
CA GLY J 289 49.69 37.92 -24.03
C GLY J 289 48.32 38.50 -23.77
N LYS J 290 47.41 38.34 -24.71
CA LYS J 290 46.02 38.78 -24.49
C LYS J 290 45.38 37.86 -23.46
N GLY J 291 44.78 38.48 -22.42
CA GLY J 291 44.29 37.70 -21.31
C GLY J 291 42.84 37.96 -20.93
N ILE J 292 41.92 37.67 -21.83
CA ILE J 292 40.49 37.79 -21.55
C ILE J 292 39.99 36.42 -21.10
N THR J 293 39.67 36.28 -19.80
CA THR J 293 39.33 34.96 -19.28
C THR J 293 37.94 34.51 -19.70
N PHE J 294 37.04 35.44 -20.01
CA PHE J 294 35.81 35.15 -20.74
C PHE J 294 35.43 36.37 -21.57
N ASP J 295 35.13 36.15 -22.84
CA ASP J 295 34.69 37.22 -23.72
C ASP J 295 33.22 36.97 -24.09
N SER J 296 32.28 37.62 -23.40
CA SER J 296 30.88 37.58 -23.81
C SER J 296 30.59 38.49 -25.00
N GLY J 297 31.52 39.37 -25.35
CA GLY J 297 31.27 40.46 -26.27
C GLY J 297 30.90 41.77 -25.59
N GLY J 298 30.46 41.72 -24.33
CA GLY J 298 29.92 42.91 -23.70
C GLY J 298 28.56 43.24 -24.31
N TYR J 299 28.22 44.53 -24.29
CA TYR J 299 26.92 44.95 -24.83
C TYR J 299 26.80 44.61 -26.31
N ASN J 300 27.91 44.56 -27.04
CA ASN J 300 27.94 43.91 -28.36
C ASN J 300 28.04 42.40 -28.19
N LEU J 301 26.99 41.83 -27.58
CA LEU J 301 27.00 40.44 -27.14
C LEU J 301 27.23 39.49 -28.30
N LYS J 302 27.99 38.42 -28.05
CA LYS J 302 28.19 37.38 -29.06
C LYS J 302 26.91 36.55 -29.18
N ALA J 303 25.94 37.09 -29.92
CA ALA J 303 24.68 36.41 -30.16
C ALA J 303 24.47 36.03 -31.62
N ALA J 304 25.35 36.44 -32.52
CA ALA J 304 25.14 36.12 -33.93
C ALA J 304 25.44 34.63 -34.18
N PRO J 305 24.77 34.03 -35.17
CA PRO J 305 25.12 32.65 -35.55
C PRO J 305 26.62 32.50 -35.80
N GLY J 306 27.20 31.46 -35.22
CA GLY J 306 28.62 31.23 -35.43
C GLY J 306 29.57 32.03 -34.55
N SER J 307 29.08 32.80 -33.58
CA SER J 307 30.02 33.60 -32.80
C SER J 307 30.64 32.82 -31.64
N MET J 308 30.16 31.61 -31.35
CA MET J 308 30.79 30.62 -30.44
C MET J 308 31.09 31.14 -29.04
N ILE J 309 30.10 31.79 -28.45
CA ILE J 309 30.26 32.33 -27.12
C ILE J 309 30.64 31.22 -26.14
N ASP J 310 30.21 29.98 -26.41
CA ASP J 310 30.50 28.88 -25.49
C ASP J 310 31.98 28.49 -25.47
N LEU J 311 32.77 28.94 -26.42
CA LEU J 311 34.19 28.63 -26.44
C LEU J 311 35.05 29.74 -25.86
N MET J 312 34.46 30.88 -25.44
CA MET J 312 35.26 32.06 -25.17
C MET J 312 36.05 32.02 -23.88
N LYS J 313 36.02 30.90 -23.16
CA LYS J 313 37.08 30.70 -22.18
C LYS J 313 38.47 30.71 -22.83
N PHE J 314 38.58 30.46 -24.15
CA PHE J 314 39.91 30.41 -24.77
C PHE J 314 40.46 31.78 -25.12
N ASP J 315 39.80 32.88 -24.76
CA ASP J 315 40.29 34.20 -25.14
C ASP J 315 41.47 34.67 -24.29
N MET J 316 41.98 33.84 -23.36
CA MET J 316 43.24 34.14 -22.68
C MET J 316 44.36 33.19 -23.15
N SER J 317 44.18 32.60 -24.34
CA SER J 317 45.20 31.70 -24.90
C SER J 317 46.54 32.41 -25.09
N GLY J 318 46.52 33.72 -25.39
CA GLY J 318 47.76 34.46 -25.53
C GLY J 318 48.49 34.60 -24.21
N CYS J 319 47.76 34.96 -23.15
CA CYS J 319 48.31 34.92 -21.81
C CYS J 319 48.85 33.54 -21.47
N ALA J 320 48.10 32.49 -21.81
CA ALA J 320 48.56 31.13 -21.49
C ALA J 320 49.88 30.80 -22.18
N ALA J 321 50.00 31.19 -23.46
CA ALA J 321 51.23 30.96 -24.21
C ALA J 321 52.42 31.68 -23.58
N VAL J 322 52.22 32.92 -23.12
CA VAL J 322 53.29 33.66 -22.46
C VAL J 322 53.68 33.01 -21.13
N LEU J 323 52.69 32.49 -20.39
CA LEU J 323 53.03 31.82 -19.13
C LEU J 323 53.70 30.47 -19.39
N GLY J 324 53.26 29.74 -20.40
CA GLY J 324 53.96 28.52 -20.76
C GLY J 324 55.38 28.80 -21.19
N CYS J 325 55.59 29.90 -21.91
CA CYS J 325 56.94 30.31 -22.26
C CYS J 325 57.76 30.62 -21.01
N ALA J 326 57.13 31.27 -20.03
CA ALA J 326 57.83 31.53 -18.77
C ALA J 326 58.29 30.24 -18.13
N TYR J 327 57.46 29.19 -18.17
CA TYR J 327 57.90 27.91 -17.61
C TYR J 327 59.16 27.41 -18.34
N CYS J 328 59.13 27.40 -19.68
CA CYS J 328 60.26 26.87 -20.44
C CYS J 328 61.53 27.69 -20.21
N VAL J 329 61.39 29.01 -20.21
CA VAL J 329 62.53 29.90 -20.04
C VAL J 329 63.10 29.78 -18.62
N GLY J 330 62.22 29.75 -17.62
CA GLY J 330 62.66 29.60 -16.24
C GLY J 330 63.34 28.27 -15.97
N THR J 331 63.03 27.25 -16.77
CA THR J 331 63.60 25.92 -16.66
C THR J 331 64.91 25.79 -17.42
N LEU J 332 64.94 26.29 -18.65
CA LEU J 332 66.13 26.14 -19.49
C LEU J 332 67.18 27.21 -19.23
N LYS J 333 66.79 28.33 -18.62
CA LYS J 333 67.66 29.40 -18.15
C LYS J 333 68.60 29.94 -19.23
N PRO J 334 68.10 30.58 -20.28
CA PRO J 334 69.00 31.18 -21.28
C PRO J 334 69.88 32.25 -20.65
N GLU J 335 71.04 32.48 -21.26
CA GLU J 335 72.01 33.45 -20.76
C GLU J 335 71.85 34.79 -21.48
N ASN J 336 72.31 35.84 -20.83
CA ASN J 336 72.45 37.17 -21.43
C ASN J 336 71.13 37.83 -21.81
N VAL J 337 70.00 37.39 -21.26
CA VAL J 337 68.71 37.95 -21.67
C VAL J 337 67.90 38.32 -20.43
N GLU J 338 67.03 39.33 -20.59
CA GLU J 338 66.04 39.66 -19.57
C GLU J 338 64.69 39.69 -20.27
N ILE J 339 63.75 38.90 -19.76
CA ILE J 339 62.45 38.68 -20.41
C ILE J 339 61.36 39.08 -19.43
N HIS J 340 60.44 39.92 -19.90
CA HIS J 340 59.25 40.30 -19.14
C HIS J 340 58.05 39.57 -19.73
N PHE J 341 57.29 38.90 -18.87
CA PHE J 341 56.09 38.17 -19.25
C PHE J 341 54.90 38.97 -18.73
N LEU J 342 54.12 39.54 -19.65
CA LEU J 342 53.10 40.53 -19.31
C LEU J 342 51.73 40.06 -19.78
N SER J 343 50.69 40.30 -18.97
CA SER J 343 49.32 40.12 -19.46
C SER J 343 48.36 41.00 -18.67
N ALA J 344 47.59 41.82 -19.37
CA ALA J 344 46.51 42.59 -18.75
C ALA J 344 45.26 41.72 -18.73
N VAL J 345 45.03 41.00 -17.60
CA VAL J 345 43.98 40.02 -17.49
C VAL J 345 42.68 40.69 -17.03
N CYS J 346 41.57 40.34 -17.66
CA CYS J 346 40.26 40.86 -17.25
C CYS J 346 39.18 39.99 -17.88
N GLU J 347 37.93 40.33 -17.59
CA GLU J 347 36.78 39.59 -18.10
C GLU J 347 35.79 40.57 -18.73
N ASN J 348 35.25 40.24 -19.94
CA ASN J 348 34.41 41.17 -20.74
C ASN J 348 32.94 40.75 -20.57
N MET J 349 32.17 41.49 -19.77
CA MET J 349 30.87 41.03 -19.30
C MET J 349 29.79 42.06 -19.52
N VAL J 350 28.53 41.67 -19.30
CA VAL J 350 27.37 42.54 -19.49
C VAL J 350 26.80 42.86 -18.11
N SER J 351 26.64 44.15 -17.83
CA SER J 351 26.35 44.60 -16.48
C SER J 351 25.84 46.03 -16.54
N LYS J 352 25.21 46.47 -15.45
CA LYS J 352 24.95 47.90 -15.28
C LYS J 352 26.25 48.68 -15.30
N ASN J 353 27.36 48.04 -14.93
CA ASN J 353 28.64 48.69 -14.78
C ASN J 353 29.53 48.61 -16.01
N SER J 354 29.11 47.92 -17.07
CA SER J 354 30.01 47.71 -18.21
C SER J 354 30.25 48.99 -19.01
N TYR J 355 31.37 49.02 -19.72
CA TYR J 355 31.52 50.07 -20.71
C TYR J 355 30.54 49.84 -21.86
N ARG J 356 30.24 50.94 -22.60
CA ARG J 356 29.22 50.92 -23.64
C ARG J 356 29.83 51.14 -25.02
N PRO J 357 29.20 50.59 -26.07
CA PRO J 357 29.50 51.04 -27.43
C PRO J 357 29.34 52.55 -27.49
N GLY J 358 30.31 53.21 -28.11
CA GLY J 358 30.30 54.65 -28.19
C GLY J 358 31.08 55.37 -27.10
N ASP J 359 31.39 54.71 -25.98
CA ASP J 359 32.16 55.36 -24.92
C ASP J 359 33.50 55.85 -25.46
N ILE J 360 33.98 56.98 -24.97
CA ILE J 360 35.32 57.46 -25.31
C ILE J 360 36.17 57.31 -24.06
N ILE J 361 37.25 56.52 -24.17
CA ILE J 361 38.09 56.16 -23.05
C ILE J 361 39.51 56.63 -23.34
N THR J 362 40.30 56.78 -22.29
CA THR J 362 41.63 57.35 -22.40
C THR J 362 42.68 56.33 -22.02
N ALA J 363 43.57 56.00 -22.96
CA ALA J 363 44.66 55.06 -22.69
C ALA J 363 45.75 55.73 -21.85
N SER J 364 46.66 54.89 -21.33
CA SER J 364 47.72 55.37 -20.45
C SER J 364 48.75 56.22 -21.17
N ASN J 365 48.76 56.27 -22.50
CA ASN J 365 49.63 57.23 -23.18
C ASN J 365 48.89 58.52 -23.53
N GLY J 366 47.69 58.71 -22.98
CA GLY J 366 46.92 59.91 -23.20
C GLY J 366 46.02 59.88 -24.41
N LYS J 367 46.11 58.86 -25.26
CA LYS J 367 45.29 58.83 -26.46
C LYS J 367 43.85 58.51 -26.10
N THR J 368 42.92 59.31 -26.61
CA THR J 368 41.51 58.98 -26.42
C THR J 368 41.04 58.08 -27.56
N ILE J 369 40.21 57.10 -27.20
CA ILE J 369 39.76 56.06 -28.11
C ILE J 369 38.24 56.05 -28.11
N GLU J 370 37.64 56.11 -29.31
CA GLU J 370 36.19 55.93 -29.44
C GLU J 370 35.87 54.44 -29.63
N VAL J 371 35.11 53.87 -28.69
CA VAL J 371 34.76 52.46 -28.74
C VAL J 371 33.65 52.29 -29.77
N GLY J 372 33.91 51.51 -30.83
CA GLY J 372 32.88 51.24 -31.81
C GLY J 372 32.19 49.93 -31.57
N ASN J 373 32.81 49.04 -30.80
CA ASN J 373 32.24 47.70 -30.58
C ASN J 373 32.91 47.11 -29.36
N THR J 374 32.12 46.81 -28.31
CA THR J 374 32.70 46.33 -27.05
C THR J 374 33.32 44.94 -27.18
N ASP J 375 33.04 44.23 -28.28
CA ASP J 375 33.60 42.91 -28.52
C ASP J 375 34.97 42.97 -29.19
N ALA J 376 35.44 44.17 -29.55
CA ALA J 376 36.84 44.39 -29.96
C ALA J 376 37.68 44.81 -28.76
N GLU J 377 37.54 44.04 -27.69
CA GLU J 377 38.09 44.44 -26.40
C GLU J 377 39.57 44.10 -26.28
N GLY J 378 40.02 43.07 -26.99
CA GLY J 378 41.41 42.64 -26.82
C GLY J 378 42.38 43.74 -27.18
N ARG J 379 42.13 44.46 -28.28
CA ARG J 379 43.07 45.51 -28.67
C ARG J 379 43.09 46.65 -27.66
N LEU J 380 41.99 46.86 -26.92
CA LEU J 380 42.00 47.86 -25.85
C LEU J 380 42.89 47.42 -24.71
N THR J 381 42.81 46.15 -24.28
CA THR J 381 43.68 45.74 -23.19
C THR J 381 45.13 45.73 -23.64
N LEU J 382 45.38 45.31 -24.89
CA LEU J 382 46.74 45.28 -25.41
C LEU J 382 47.32 46.68 -25.55
N ALA J 383 46.49 47.68 -25.90
CA ALA J 383 46.99 49.05 -26.04
C ALA J 383 47.71 49.50 -24.77
N ASP J 384 47.05 49.32 -23.61
CA ASP J 384 47.68 49.72 -22.36
C ASP J 384 48.83 48.78 -22.00
N ALA J 385 48.72 47.49 -22.34
CA ALA J 385 49.82 46.58 -22.04
C ALA J 385 51.06 46.94 -22.87
N LEU J 386 50.86 47.40 -24.11
CA LEU J 386 51.96 47.79 -24.96
C LEU J 386 52.63 49.07 -24.46
N VAL J 387 51.83 50.02 -23.97
CA VAL J 387 52.41 51.22 -23.37
C VAL J 387 53.26 50.83 -22.14
N TYR J 388 52.72 49.93 -21.30
CA TYR J 388 53.48 49.46 -20.14
C TYR J 388 54.79 48.79 -20.57
N ALA J 389 54.73 47.94 -21.59
CA ALA J 389 55.91 47.21 -22.05
C ALA J 389 56.98 48.16 -22.59
N GLU J 390 56.58 49.14 -23.39
CA GLU J 390 57.60 50.01 -23.97
C GLU J 390 58.29 50.85 -22.91
N LYS J 391 57.57 51.20 -21.83
CA LYS J 391 58.18 51.94 -20.73
C LYS J 391 59.26 51.11 -20.03
N LEU J 392 59.26 49.78 -20.19
CA LEU J 392 60.31 48.97 -19.59
C LEU J 392 61.65 49.15 -20.30
N GLY J 393 61.68 49.76 -21.48
CA GLY J 393 62.92 49.98 -22.22
C GLY J 393 63.52 48.71 -22.81
N VAL J 394 62.74 47.96 -23.58
CA VAL J 394 63.19 46.69 -24.08
C VAL J 394 63.65 46.84 -25.53
N ASP J 395 64.35 45.82 -26.03
CA ASP J 395 64.76 45.80 -27.43
C ASP J 395 63.65 45.29 -28.33
N TYR J 396 62.84 44.33 -27.84
CA TYR J 396 61.75 43.75 -28.62
C TYR J 396 60.49 43.64 -27.78
N ILE J 397 59.37 43.96 -28.41
CA ILE J 397 58.06 43.66 -27.86
C ILE J 397 57.37 42.70 -28.83
N VAL J 398 56.96 41.55 -28.34
CA VAL J 398 56.19 40.59 -29.12
C VAL J 398 54.90 40.34 -28.36
N ASP J 399 53.77 40.63 -29.00
CA ASP J 399 52.49 40.28 -28.39
C ASP J 399 51.88 39.11 -29.14
N ILE J 400 51.06 38.34 -28.43
CA ILE J 400 50.38 37.17 -28.96
C ILE J 400 48.96 37.17 -28.42
N ALA J 401 47.97 36.99 -29.31
CA ALA J 401 46.59 37.27 -28.93
C ALA J 401 45.61 36.57 -29.87
N THR J 402 44.52 36.05 -29.30
CA THR J 402 43.37 35.57 -30.07
C THR J 402 42.52 36.79 -30.47
N LEU J 403 43.03 37.55 -31.44
CA LEU J 403 42.49 38.89 -31.62
C LEU J 403 41.33 38.93 -32.63
N THR J 404 41.45 38.35 -33.83
CA THR J 404 40.45 38.63 -34.85
C THR J 404 39.91 37.35 -35.49
N GLY J 405 38.58 37.22 -35.54
CA GLY J 405 38.00 36.08 -36.21
C GLY J 405 38.31 36.00 -37.70
N ALA J 406 38.67 37.13 -38.31
CA ALA J 406 39.08 37.14 -39.71
C ALA J 406 40.27 36.21 -40.00
N MET J 407 41.07 35.88 -38.99
CA MET J 407 42.17 34.92 -39.20
C MET J 407 41.66 33.59 -39.75
N LEU J 408 40.44 33.19 -39.39
CA LEU J 408 39.91 31.95 -39.95
C LEU J 408 39.65 32.03 -41.44
N TYR J 409 39.41 33.23 -41.96
CA TYR J 409 39.16 33.39 -43.38
C TYR J 409 40.42 33.72 -44.17
N SER J 410 41.52 34.10 -43.50
CA SER J 410 42.76 34.41 -44.20
C SER J 410 43.73 33.22 -44.17
N LEU J 411 44.13 32.78 -42.98
CA LEU J 411 45.07 31.67 -42.88
C LEU J 411 44.44 30.39 -42.35
N GLY J 412 43.30 30.47 -41.65
CA GLY J 412 42.60 29.28 -41.21
C GLY J 412 43.07 28.78 -39.86
N THR J 413 42.97 27.49 -39.60
CA THR J 413 43.22 26.93 -38.28
C THR J 413 44.63 26.39 -38.10
N SER J 414 45.48 26.43 -39.14
CA SER J 414 46.82 25.84 -39.03
C SER J 414 47.93 26.86 -38.84
N TYR J 415 47.88 28.02 -39.49
CA TYR J 415 48.98 28.98 -39.46
C TYR J 415 48.52 30.24 -38.74
N ALA J 416 49.33 30.72 -37.80
CA ALA J 416 49.07 32.03 -37.22
C ALA J 416 49.61 33.12 -38.15
N GLY J 417 49.12 34.34 -37.96
CA GLY J 417 49.62 35.50 -38.71
C GLY J 417 50.54 36.35 -37.85
N VAL J 418 51.60 36.86 -38.44
CA VAL J 418 52.47 37.80 -37.73
C VAL J 418 52.49 39.11 -38.51
N PHE J 419 52.33 40.22 -37.78
CA PHE J 419 52.41 41.58 -38.28
C PHE J 419 53.44 42.31 -37.43
N GLY J 420 54.06 43.35 -37.97
CA GLY J 420 55.01 44.07 -37.13
C GLY J 420 55.53 45.29 -37.84
N ASN J 421 56.31 46.08 -37.09
CA ASN J 421 56.87 47.33 -37.56
C ASN J 421 58.35 47.25 -37.89
N ASN J 422 58.93 46.04 -37.91
CA ASN J 422 60.38 45.88 -38.01
C ASN J 422 60.66 44.55 -38.71
N GLU J 423 61.24 44.62 -39.90
CA GLU J 423 61.46 43.41 -40.72
C GLU J 423 62.42 42.43 -40.04
N GLU J 424 63.44 42.94 -39.36
CA GLU J 424 64.36 42.05 -38.65
C GLU J 424 63.63 41.24 -37.59
N LEU J 425 62.77 41.88 -36.80
CA LEU J 425 62.05 41.13 -35.77
C LEU J 425 61.09 40.11 -36.39
N ILE J 426 60.36 40.49 -37.45
CA ILE J 426 59.49 39.54 -38.14
C ILE J 426 60.28 38.33 -38.63
N ASN J 427 61.47 38.56 -39.20
CA ASN J 427 62.27 37.43 -39.70
C ASN J 427 62.71 36.50 -38.57
N LYS J 428 63.05 37.05 -37.40
CA LYS J 428 63.38 36.20 -36.26
C LYS J 428 62.19 35.38 -35.81
N ILE J 429 60.99 35.97 -35.83
CA ILE J 429 59.79 35.19 -35.50
C ILE J 429 59.57 34.09 -36.53
N LEU J 430 59.76 34.40 -37.82
CA LEU J 430 59.58 33.36 -38.84
C LEU J 430 60.61 32.24 -38.66
N GLN J 431 61.84 32.59 -38.30
CA GLN J 431 62.84 31.55 -38.03
C GLN J 431 62.43 30.72 -36.82
N SER J 432 61.91 31.38 -35.76
CA SER J 432 61.43 30.63 -34.59
C SER J 432 60.25 29.73 -34.93
N SER J 433 59.39 30.17 -35.84
CA SER J 433 58.29 29.32 -36.31
C SER J 433 58.86 28.08 -37.00
N LYS J 434 59.93 28.27 -37.77
CA LYS J 434 60.53 27.16 -38.49
C LYS J 434 61.14 26.14 -37.53
N THR J 435 61.87 26.59 -36.52
CA THR J 435 62.50 25.62 -35.62
C THR J 435 61.57 25.13 -34.51
N SER J 436 60.52 25.86 -34.18
CA SER J 436 59.53 25.32 -33.24
C SER J 436 58.51 24.42 -33.93
N ASN J 437 58.42 24.48 -35.26
CA ASN J 437 57.39 23.80 -36.04
C ASN J 437 55.97 24.25 -35.65
N GLU J 438 55.84 25.48 -35.17
CA GLU J 438 54.54 26.13 -35.04
C GLU J 438 54.38 27.15 -36.17
N PRO J 439 53.57 26.86 -37.19
CA PRO J 439 53.66 27.66 -38.43
C PRO J 439 53.04 29.04 -38.28
N VAL J 440 53.72 30.04 -38.84
CA VAL J 440 53.22 31.41 -38.86
C VAL J 440 53.51 31.99 -40.25
N TRP J 441 52.70 32.93 -40.67
CA TRP J 441 52.87 33.58 -41.97
C TRP J 441 52.85 35.09 -41.77
N TRP J 442 53.78 35.77 -42.42
CA TRP J 442 53.87 37.22 -42.32
C TRP J 442 52.75 37.87 -43.14
N LEU J 443 51.97 38.74 -42.50
CA LEU J 443 50.90 39.49 -43.15
C LEU J 443 51.20 40.99 -43.05
N PRO J 444 50.75 41.81 -44.00
CA PRO J 444 51.17 43.21 -44.04
C PRO J 444 50.35 44.14 -43.15
N ILE J 445 51.02 45.19 -42.68
CA ILE J 445 50.34 46.33 -42.08
C ILE J 445 50.23 47.38 -43.18
N ILE J 446 49.03 47.51 -43.72
CA ILE J 446 48.80 48.31 -44.93
C ILE J 446 48.41 49.71 -44.48
N ASN J 447 49.31 50.68 -44.68
CA ASN J 447 49.10 52.01 -44.14
C ASN J 447 47.95 52.76 -44.79
N GLU J 448 47.57 52.40 -46.02
CA GLU J 448 46.42 53.06 -46.64
C GLU J 448 45.15 52.90 -45.82
N TYR J 449 45.06 51.85 -44.98
CA TYR J 449 43.84 51.68 -44.20
C TYR J 449 43.81 52.51 -42.94
N ARG J 450 44.94 53.14 -42.55
CA ARG J 450 45.02 53.84 -41.27
C ARG J 450 43.98 54.95 -41.16
N ALA J 451 43.67 55.64 -42.27
CA ALA J 451 42.70 56.74 -42.22
C ALA J 451 41.32 56.27 -41.76
N THR J 452 41.01 54.98 -41.90
CA THR J 452 39.70 54.50 -41.48
C THR J 452 39.55 54.48 -39.95
N LEU J 453 40.65 54.66 -39.20
CA LEU J 453 40.61 54.78 -37.75
C LEU J 453 40.54 56.22 -37.27
N ASN J 454 40.48 57.20 -38.17
CA ASN J 454 40.33 58.58 -37.76
C ASN J 454 38.92 58.76 -37.20
N SER J 455 38.83 59.22 -35.97
CA SER J 455 37.58 59.39 -35.27
C SER J 455 37.14 60.84 -35.37
N LYS J 456 35.81 61.05 -35.44
CA LYS J 456 35.32 62.42 -35.49
C LYS J 456 35.57 63.15 -34.17
N TYR J 457 35.52 62.44 -33.04
CA TYR J 457 35.60 63.07 -31.74
C TYR J 457 36.84 62.68 -30.95
N ALA J 458 37.23 61.41 -30.97
CA ALA J 458 38.41 60.98 -30.22
C ALA J 458 39.67 61.09 -31.08
N ASP J 459 40.82 60.81 -30.45
CA ASP J 459 42.08 60.79 -31.19
C ASP J 459 42.05 59.69 -32.24
N ILE J 460 41.44 58.56 -31.92
CA ILE J 460 41.43 57.42 -32.83
C ILE J 460 40.17 56.60 -32.57
N ASN J 461 39.72 55.90 -33.61
CA ASN J 461 38.68 54.87 -33.48
C ASN J 461 39.29 53.54 -33.05
N GLN J 462 38.55 52.80 -32.24
CA GLN J 462 38.90 51.43 -31.91
C GLN J 462 38.80 50.51 -33.13
N ILE J 463 37.74 50.70 -33.94
CA ILE J 463 37.46 49.82 -35.08
C ILE J 463 37.19 50.65 -36.32
N SER J 464 37.30 49.98 -37.47
CA SER J 464 36.98 50.60 -38.75
C SER J 464 35.47 50.51 -38.98
N SER J 465 34.91 51.53 -39.64
CA SER J 465 33.52 51.40 -40.06
C SER J 465 33.41 50.64 -41.39
N SER J 466 34.45 50.70 -42.24
CA SER J 466 34.36 50.27 -43.62
C SER J 466 35.32 49.15 -44.02
N VAL J 467 36.51 49.07 -43.45
CA VAL J 467 37.52 48.13 -43.92
C VAL J 467 37.23 46.77 -43.30
N LYS J 468 37.06 45.75 -44.14
CA LYS J 468 36.78 44.42 -43.63
C LYS J 468 38.03 43.63 -43.27
N ALA J 469 39.23 44.11 -43.62
CA ALA J 469 40.47 43.40 -43.30
C ALA J 469 40.83 43.67 -41.84
N SER J 470 40.07 43.03 -40.94
CA SER J 470 40.09 43.41 -39.52
C SER J 470 41.41 43.08 -38.85
N SER J 471 42.09 42.00 -39.27
CA SER J 471 43.37 41.66 -38.64
C SER J 471 44.40 42.74 -38.93
N ILE J 472 44.35 43.32 -40.14
CA ILE J 472 45.25 44.40 -40.49
C ILE J 472 44.87 45.67 -39.74
N VAL J 473 43.57 46.00 -39.69
CA VAL J 473 43.14 47.21 -38.99
C VAL J 473 43.49 47.12 -37.52
N ALA J 474 43.29 45.96 -36.91
CA ALA J 474 43.65 45.76 -35.51
C ALA J 474 45.14 45.99 -35.29
N SER J 475 45.98 45.53 -36.25
CA SER J 475 47.42 45.75 -36.15
C SER J 475 47.75 47.24 -36.26
N LEU J 476 47.07 47.95 -37.15
CA LEU J 476 47.26 49.41 -37.26
C LEU J 476 46.90 50.11 -35.96
N PHE J 477 45.82 49.67 -35.31
CA PHE J 477 45.44 50.23 -34.02
C PHE J 477 46.53 49.96 -32.97
N LEU J 478 46.96 48.71 -32.86
CA LEU J 478 47.98 48.38 -31.86
C LEU J 478 49.27 49.16 -32.11
N LYS J 479 49.63 49.35 -33.38
CA LYS J 479 50.85 50.08 -33.72
C LYS J 479 50.87 51.49 -33.14
N GLU J 480 49.69 52.11 -32.95
CA GLU J 480 49.65 53.46 -32.38
C GLU J 480 50.11 53.52 -30.94
N PHE J 481 50.33 52.37 -30.30
CA PHE J 481 50.73 52.33 -28.89
C PHE J 481 52.15 51.84 -28.72
N VAL J 482 52.92 51.77 -29.80
CA VAL J 482 54.35 51.47 -29.77
C VAL J 482 55.03 52.61 -30.53
N GLN J 483 55.84 53.39 -29.82
CA GLN J 483 56.36 54.60 -30.44
C GLN J 483 57.72 54.39 -31.11
N ASN J 484 58.63 53.66 -30.48
CA ASN J 484 59.99 53.64 -31.02
C ASN J 484 60.71 52.36 -30.63
N THR J 485 60.01 51.24 -30.67
CA THR J 485 60.57 49.94 -30.30
C THR J 485 60.15 48.92 -31.34
N ALA J 486 61.08 48.03 -31.71
CA ALA J 486 60.75 46.94 -32.61
C ALA J 486 59.65 46.08 -32.01
N TRP J 487 58.61 45.84 -32.79
CA TRP J 487 57.41 45.21 -32.26
C TRP J 487 56.79 44.27 -33.31
N ALA J 488 56.32 43.12 -32.84
CA ALA J 488 55.59 42.19 -33.69
C ALA J 488 54.38 41.70 -32.90
N HIS J 489 53.36 41.32 -33.64
CA HIS J 489 52.06 40.97 -33.12
C HIS J 489 51.63 39.67 -33.79
N ILE J 490 51.36 38.64 -32.99
CA ILE J 490 51.02 37.31 -33.47
C ILE J 490 49.54 37.08 -33.19
N ASP J 491 48.72 37.01 -34.22
CA ASP J 491 47.28 36.81 -34.07
C ASP J 491 46.99 35.33 -34.17
N ILE J 492 46.65 34.70 -33.04
CA ILE J 492 46.46 33.25 -32.96
C ILE J 492 44.97 32.90 -32.85
N ALA J 493 44.09 33.82 -33.25
CA ALA J 493 42.66 33.57 -33.14
C ALA J 493 42.22 32.31 -33.88
N GLY J 494 42.86 32.01 -35.00
CA GLY J 494 42.43 30.85 -35.75
C GLY J 494 43.03 29.55 -35.31
N VAL J 495 44.19 29.61 -34.66
CA VAL J 495 44.98 28.41 -34.42
C VAL J 495 44.98 27.96 -32.97
N SER J 496 44.28 28.68 -32.06
CA SER J 496 44.45 28.36 -30.65
C SER J 496 43.70 27.10 -30.24
N TRP J 497 42.54 26.87 -30.82
CA TRP J 497 41.64 25.80 -30.40
C TRP J 497 41.60 24.70 -31.45
N ASN J 498 41.76 23.44 -31.01
CA ASN J 498 41.64 22.29 -31.90
C ASN J 498 40.17 21.87 -31.93
N PHE J 499 39.45 22.29 -32.97
CA PHE J 499 38.00 22.07 -33.04
C PHE J 499 37.67 20.59 -33.19
N LYS J 500 38.45 19.86 -33.97
CA LYS J 500 38.18 18.44 -34.17
C LYS J 500 38.32 17.66 -32.86
N ALA J 501 39.39 17.93 -32.10
CA ALA J 501 39.68 17.23 -30.85
C ALA J 501 39.04 17.87 -29.61
N ARG J 502 38.42 19.03 -29.77
CA ARG J 502 37.71 19.75 -28.70
C ARG J 502 38.63 20.09 -27.53
N LYS J 503 39.81 20.62 -27.83
CA LYS J 503 40.78 20.92 -26.79
C LYS J 503 41.71 22.01 -27.29
N PRO J 504 42.46 22.67 -26.39
CA PRO J 504 43.44 23.67 -26.84
C PRO J 504 44.61 23.00 -27.54
N LYS J 505 45.34 23.84 -28.29
CA LYS J 505 46.62 23.44 -28.87
C LYS J 505 47.81 23.87 -28.02
N GLY J 506 47.64 24.78 -27.08
CA GLY J 506 48.79 25.41 -26.45
C GLY J 506 49.68 26.15 -27.43
N PHE J 507 49.09 26.71 -28.49
CA PHE J 507 49.87 27.31 -29.57
C PHE J 507 50.69 28.49 -29.07
N GLY J 508 51.97 28.50 -29.44
CA GLY J 508 52.82 29.65 -29.24
C GLY J 508 53.85 29.50 -28.14
N VAL J 509 53.65 28.57 -27.20
CA VAL J 509 54.67 28.37 -26.16
C VAL J 509 56.02 28.09 -26.80
N ARG J 510 56.05 27.13 -27.72
CA ARG J 510 57.32 26.71 -28.30
C ARG J 510 57.87 27.76 -29.26
N LEU J 511 57.00 28.43 -30.01
CA LEU J 511 57.40 29.54 -30.87
C LEU J 511 58.11 30.63 -30.07
N LEU J 512 57.49 31.08 -28.98
CA LEU J 512 58.08 32.16 -28.19
C LEU J 512 59.37 31.71 -27.52
N THR J 513 59.42 30.48 -27.03
CA THR J 513 60.63 30.01 -26.39
C THR J 513 61.80 29.90 -27.36
N GLU J 514 61.55 29.35 -28.56
CA GLU J 514 62.60 29.32 -29.57
C GLU J 514 63.08 30.73 -29.90
N PHE J 515 62.15 31.68 -29.93
CA PHE J 515 62.55 33.07 -30.18
C PHE J 515 63.52 33.58 -29.10
N VAL J 516 63.19 33.39 -27.82
CA VAL J 516 64.10 33.86 -26.78
C VAL J 516 65.40 33.06 -26.78
N LEU J 517 65.30 31.73 -26.96
CA LEU J 517 66.49 30.89 -26.84
C LEU J 517 67.50 31.15 -27.95
N ASN J 518 67.03 31.34 -29.17
CA ASN J 518 67.94 31.38 -30.32
C ASN J 518 68.42 32.78 -30.72
N ASP J 519 68.21 33.81 -29.89
CA ASP J 519 68.92 35.09 -30.12
C ASP J 519 70.45 34.93 -29.98
N ALA K 1 20.84 64.67 -6.80
CA ALA K 1 21.43 65.09 -8.06
C ALA K 1 22.94 65.07 -7.88
N SER K 2 23.62 66.13 -8.33
CA SER K 2 25.04 66.29 -8.05
C SER K 2 25.94 65.08 -8.33
N GLU K 3 26.22 64.17 -7.37
CA GLU K 3 27.43 63.35 -7.50
C GLU K 3 27.28 62.22 -8.51
N VAL K 4 28.16 62.18 -9.51
CA VAL K 4 28.14 61.15 -10.53
C VAL K 4 28.83 59.88 -10.05
N PRO K 5 28.14 58.74 -10.00
CA PRO K 5 28.79 57.51 -9.55
C PRO K 5 29.81 57.05 -10.57
N GLN K 6 30.87 56.41 -10.07
CA GLN K 6 31.96 55.88 -10.89
C GLN K 6 32.18 54.41 -10.61
N VAL K 7 32.56 53.66 -11.64
CA VAL K 7 33.03 52.29 -11.43
C VAL K 7 34.52 52.27 -11.11
N VAL K 8 35.31 52.99 -11.90
CA VAL K 8 36.74 53.16 -11.67
C VAL K 8 37.00 54.65 -11.57
N SER K 9 38.15 54.99 -10.97
CA SER K 9 38.44 56.39 -10.72
C SER K 9 38.65 57.18 -12.01
N LEU K 10 38.89 56.50 -13.13
CA LEU K 10 39.07 57.19 -14.41
C LEU K 10 37.75 57.54 -15.10
N ASP K 11 36.62 57.12 -14.57
CA ASP K 11 35.33 57.44 -15.18
C ASP K 11 35.03 58.91 -15.04
N PRO K 12 34.61 59.59 -16.11
CA PRO K 12 34.35 61.04 -16.02
C PRO K 12 33.13 61.35 -15.17
N THR K 13 33.15 62.52 -14.52
CA THR K 13 32.05 62.89 -13.65
C THR K 13 31.32 64.14 -14.11
N SER K 14 31.58 64.61 -15.33
CA SER K 14 30.80 65.73 -15.88
C SER K 14 30.94 65.70 -17.39
N ILE K 15 30.01 66.36 -18.06
CA ILE K 15 30.08 66.58 -19.49
C ILE K 15 30.93 67.82 -19.74
N PRO K 16 32.02 67.75 -20.49
CA PRO K 16 32.70 68.98 -20.90
C PRO K 16 31.79 69.79 -21.83
N ILE K 17 31.67 71.09 -21.56
CA ILE K 17 30.82 71.98 -22.35
C ILE K 17 31.61 73.23 -22.72
N GLU K 18 31.59 73.59 -24.00
CA GLU K 18 32.16 74.84 -24.48
C GLU K 18 31.03 75.86 -24.67
N TYR K 19 31.09 76.96 -23.92
CA TYR K 19 30.14 78.06 -24.03
C TYR K 19 30.65 79.18 -24.93
N ASN K 20 31.87 79.61 -24.71
CA ASN K 20 32.52 80.64 -25.52
C ASN K 20 33.23 79.94 -26.68
N THR K 21 32.68 80.05 -27.86
CA THR K 21 33.26 79.40 -29.03
C THR K 21 33.86 80.46 -29.95
N PRO K 22 34.79 80.07 -30.83
CA PRO K 22 35.36 81.04 -31.78
C PRO K 22 34.32 81.69 -32.67
N ILE K 23 33.17 81.03 -32.91
CA ILE K 23 32.12 81.66 -33.70
C ILE K 23 31.69 82.96 -33.03
N HIS K 24 31.70 82.98 -31.69
CA HIS K 24 31.28 84.18 -30.96
C HIS K 24 32.24 85.36 -31.14
N ASP K 25 33.47 85.11 -31.57
CA ASP K 25 34.41 86.20 -31.80
C ASP K 25 34.36 86.75 -33.23
N ILE K 26 33.53 86.20 -34.12
CA ILE K 26 33.47 86.68 -35.50
C ILE K 26 32.61 87.96 -35.55
N LYS K 27 33.20 89.05 -36.03
CA LYS K 27 32.48 90.30 -36.24
C LYS K 27 31.80 90.25 -37.61
N VAL K 28 30.48 90.43 -37.64
CA VAL K 28 29.70 90.32 -38.87
C VAL K 28 29.23 91.70 -39.29
N GLN K 29 29.40 92.01 -40.57
CA GLN K 29 28.94 93.24 -41.19
C GLN K 29 28.12 92.87 -42.41
N VAL K 30 26.97 93.52 -42.60
CA VAL K 30 26.12 93.30 -43.77
C VAL K 30 26.09 94.59 -44.58
N TYR K 31 26.38 94.49 -45.88
CA TYR K 31 26.44 95.62 -46.80
C TYR K 31 25.49 95.42 -47.96
N ASP K 32 24.98 96.53 -48.51
CA ASP K 32 24.15 96.46 -49.71
C ASP K 32 25.04 96.30 -50.95
N ILE K 33 24.58 95.47 -51.90
CA ILE K 33 25.38 95.26 -53.11
C ILE K 33 25.45 96.54 -53.94
N LYS K 34 24.45 97.41 -53.81
CA LYS K 34 24.45 98.67 -54.53
C LYS K 34 25.59 99.53 -54.03
N GLY K 35 26.36 100.09 -54.95
CA GLY K 35 27.57 100.82 -54.63
C GLY K 35 28.83 100.00 -54.84
N GLY K 36 28.69 98.73 -55.17
CA GLY K 36 29.80 97.84 -55.44
C GLY K 36 30.40 97.17 -54.21
N CYS K 37 31.11 96.08 -54.49
CA CYS K 37 31.72 95.23 -53.46
C CYS K 37 33.20 95.56 -53.42
N ASN K 38 33.73 95.78 -52.22
CA ASN K 38 35.16 95.96 -52.02
C ASN K 38 35.83 94.60 -51.76
N VAL K 39 36.96 94.35 -52.43
CA VAL K 39 37.70 93.10 -52.31
C VAL K 39 39.10 93.47 -51.83
N GLU K 40 39.27 93.53 -50.52
CA GLU K 40 40.50 94.02 -49.89
C GLU K 40 41.36 92.94 -49.27
N GLU K 41 40.76 91.93 -48.63
CA GLU K 41 41.51 90.93 -47.90
C GLU K 41 40.75 89.61 -47.80
N GLY K 42 41.47 88.55 -47.45
CA GLY K 42 40.78 87.31 -47.10
C GLY K 42 40.22 86.60 -48.32
N LEU K 43 39.07 85.96 -48.12
CA LEU K 43 38.39 85.18 -49.15
C LEU K 43 37.05 85.84 -49.47
N THR K 44 36.78 86.05 -50.76
CA THR K 44 35.50 86.60 -51.20
C THR K 44 34.83 85.56 -52.11
N ILE K 45 33.61 85.13 -51.76
CA ILE K 45 32.90 84.08 -52.47
C ILE K 45 31.56 84.64 -52.96
N PHE K 46 31.31 84.49 -54.26
CA PHE K 46 30.04 84.86 -54.87
C PHE K 46 29.15 83.63 -54.92
N LEU K 47 27.91 83.76 -54.46
CA LEU K 47 26.91 82.70 -54.57
C LEU K 47 26.12 82.94 -55.85
N VAL K 48 26.25 82.02 -56.82
CA VAL K 48 25.82 82.27 -58.18
C VAL K 48 24.97 81.10 -58.67
N ASN K 49 23.89 81.42 -59.39
CA ASN K 49 23.10 80.39 -60.05
C ASN K 49 23.02 80.70 -61.54
N ASN K 50 22.33 79.83 -62.28
CA ASN K 50 22.06 80.07 -63.70
C ASN K 50 20.68 79.49 -63.99
N PRO K 51 19.62 80.27 -63.83
CA PRO K 51 18.27 79.72 -63.93
C PRO K 51 17.99 79.12 -65.30
N GLY K 52 17.38 77.95 -65.28
CA GLY K 52 17.12 77.21 -66.52
C GLY K 52 18.29 76.48 -67.16
N LYS K 53 19.44 77.15 -67.34
CA LYS K 53 20.61 76.50 -67.94
C LYS K 53 21.21 75.57 -66.89
N GLU K 54 20.84 74.28 -66.98
CA GLU K 54 21.34 73.30 -66.03
C GLU K 54 22.86 73.14 -66.18
N ASN K 55 23.57 73.15 -65.05
CA ASN K 55 25.03 73.20 -65.03
C ASN K 55 25.60 74.27 -65.97
N GLY K 56 24.90 75.41 -66.05
CA GLY K 56 25.32 76.47 -66.91
C GLY K 56 26.54 77.20 -66.36
N PRO K 57 27.03 78.16 -67.16
CA PRO K 57 28.26 78.87 -66.78
C PRO K 57 28.02 79.85 -65.65
N VAL K 58 29.09 80.14 -64.94
CA VAL K 58 29.12 81.16 -63.92
C VAL K 58 29.21 82.53 -64.59
N LYS K 59 28.35 83.46 -64.18
CA LYS K 59 28.40 84.84 -64.64
C LYS K 59 28.18 85.73 -63.43
N ILE K 60 29.10 86.65 -63.18
CA ILE K 60 29.05 87.51 -61.99
C ILE K 60 28.37 88.82 -62.34
N SER K 61 27.35 89.15 -61.56
CA SER K 61 26.55 90.35 -61.83
C SER K 61 27.01 91.58 -61.06
N SER K 62 27.57 91.42 -59.86
CA SER K 62 27.89 92.57 -59.02
C SER K 62 29.11 93.32 -59.54
N LYS K 63 29.07 94.65 -59.43
CA LYS K 63 30.26 95.47 -59.62
C LYS K 63 31.21 95.26 -58.44
N VAL K 64 32.50 95.13 -58.74
CA VAL K 64 33.53 94.97 -57.72
C VAL K 64 34.50 96.15 -57.82
N ASN K 65 34.76 96.81 -56.69
CA ASN K 65 35.52 98.06 -56.74
C ASN K 65 37.04 97.82 -56.72
N ASP K 66 37.51 96.87 -57.54
CA ASP K 66 38.94 96.56 -57.65
C ASP K 66 39.16 96.16 -59.09
N LYS K 67 40.09 96.83 -59.77
CA LYS K 67 40.28 96.57 -61.20
C LYS K 67 40.88 95.19 -61.47
N GLN K 68 41.83 94.75 -60.63
CA GLN K 68 42.44 93.43 -60.84
C GLN K 68 41.42 92.32 -60.66
N VAL K 69 40.65 92.38 -59.57
CA VAL K 69 39.64 91.35 -59.31
C VAL K 69 38.54 91.40 -60.36
N SER K 70 38.16 92.61 -60.79
CA SER K 70 37.14 92.74 -61.85
C SER K 70 37.58 92.02 -63.12
N GLU K 71 38.87 92.09 -63.43
CA GLU K 71 39.39 91.36 -64.58
C GLU K 71 39.23 89.85 -64.39
N PHE K 72 39.52 89.35 -63.19
CA PHE K 72 39.31 87.93 -62.92
C PHE K 72 37.84 87.54 -63.11
N LEU K 73 36.93 88.39 -62.69
CA LEU K 73 35.51 88.05 -62.71
C LEU K 73 34.83 88.37 -64.05
N LYS K 74 35.60 88.73 -65.08
CA LYS K 74 34.98 88.97 -66.38
C LYS K 74 34.32 87.70 -66.90
N ASP K 75 33.28 87.87 -67.72
CA ASP K 75 32.49 86.74 -68.21
C ASP K 75 33.35 85.69 -68.93
N GLU K 76 34.32 86.13 -69.74
CA GLU K 76 35.14 85.15 -70.48
C GLU K 76 35.93 84.25 -69.55
N ASN K 77 36.32 84.72 -68.36
CA ASN K 77 37.01 83.85 -67.44
C ASN K 77 36.04 83.00 -66.63
N MET K 78 34.94 83.57 -66.19
CA MET K 78 34.09 82.85 -65.26
C MET K 78 33.27 81.76 -65.94
N GLU K 79 33.07 81.86 -67.25
CA GLU K 79 32.31 80.86 -67.99
C GLU K 79 33.07 79.53 -68.10
N LYS K 80 34.37 79.52 -67.73
CA LYS K 80 35.08 78.25 -67.64
C LYS K 80 34.59 77.40 -66.47
N PHE K 81 33.83 78.00 -65.55
CA PHE K 81 33.27 77.36 -64.36
C PHE K 81 31.76 77.27 -64.51
N ASN K 82 31.14 76.29 -63.83
CA ASN K 82 29.70 76.06 -63.93
C ASN K 82 29.06 76.07 -62.54
N VAL K 83 27.72 76.18 -62.52
CA VAL K 83 26.95 76.47 -61.30
C VAL K 83 26.35 75.23 -60.67
N LYS K 84 26.73 74.02 -61.10
CA LYS K 84 26.19 72.81 -60.50
C LYS K 84 26.26 72.93 -58.98
N LEU K 85 25.14 72.63 -58.31
CA LEU K 85 24.98 72.91 -56.89
C LEU K 85 26.14 72.36 -56.06
N GLY K 86 26.79 73.24 -55.31
CA GLY K 86 27.89 72.83 -54.46
C GLY K 86 29.24 72.86 -55.11
N THR K 87 29.32 72.99 -56.44
CA THR K 87 30.62 73.10 -57.09
C THR K 87 31.27 74.42 -56.72
N SER K 88 32.59 74.42 -56.53
CA SER K 88 33.26 75.66 -56.15
C SER K 88 34.64 75.74 -56.77
N LYS K 89 35.09 76.98 -56.99
CA LYS K 89 36.48 77.25 -57.31
C LYS K 89 36.89 78.52 -56.59
N HIS K 90 38.14 78.59 -56.16
CA HIS K 90 38.66 79.86 -55.64
C HIS K 90 40.14 79.98 -55.98
N PHE K 91 40.57 81.20 -56.28
CA PHE K 91 41.92 81.51 -56.72
C PHE K 91 42.50 82.60 -55.83
N TYR K 92 43.82 82.53 -55.61
CA TYR K 92 44.57 83.59 -54.94
C TYR K 92 45.16 84.49 -56.01
N MET K 93 45.16 85.79 -55.77
CA MET K 93 45.65 86.78 -56.73
C MET K 93 45.98 88.05 -55.96
N PHE K 94 46.67 88.97 -56.63
CA PHE K 94 46.98 90.27 -56.07
C PHE K 94 45.93 91.26 -56.53
N ASN K 95 45.39 92.03 -55.61
CA ASN K 95 44.38 93.04 -55.91
C ASN K 95 45.11 94.32 -56.29
N ASP K 96 44.36 95.43 -56.40
CA ASP K 96 44.94 96.70 -56.87
C ASP K 96 46.00 97.24 -55.91
N ASN K 97 45.94 96.88 -54.64
CA ASN K 97 46.95 97.32 -53.68
C ASN K 97 48.07 96.32 -53.50
N LYS K 98 48.16 95.30 -54.37
CA LYS K 98 49.17 94.25 -54.27
C LYS K 98 49.06 93.48 -52.97
N ASN K 99 47.84 93.36 -52.45
CA ASN K 99 47.57 92.49 -51.33
C ASN K 99 47.00 91.16 -51.86
N SER K 100 47.47 90.06 -51.29
CA SER K 100 46.97 88.77 -51.74
C SER K 100 45.55 88.57 -51.22
N VAL K 101 44.62 88.29 -52.13
CA VAL K 101 43.23 88.02 -51.80
C VAL K 101 42.86 86.74 -52.51
N ALA K 102 41.85 86.06 -51.98
CA ALA K 102 41.32 84.87 -52.64
C ALA K 102 39.89 85.17 -53.07
N VAL K 103 39.55 84.80 -54.30
CA VAL K 103 38.25 85.11 -54.87
C VAL K 103 37.70 83.84 -55.52
N GLY K 104 36.40 83.61 -55.36
CA GLY K 104 35.83 82.42 -55.93
C GLY K 104 34.31 82.44 -55.88
N TYR K 105 33.72 81.27 -56.08
CA TYR K 105 32.27 81.17 -56.14
C TYR K 105 31.83 79.80 -55.62
N VAL K 106 30.55 79.71 -55.25
CA VAL K 106 29.90 78.42 -55.01
C VAL K 106 28.68 78.35 -55.92
N GLY K 107 28.56 77.26 -56.67
CA GLY K 107 27.43 77.13 -57.57
C GLY K 107 26.16 76.85 -56.80
N CYS K 108 25.08 77.55 -57.18
CA CYS K 108 23.79 77.39 -56.53
C CYS K 108 22.75 76.79 -57.49
N GLY K 109 23.20 76.15 -58.56
CA GLY K 109 22.29 75.40 -59.41
C GLY K 109 21.50 76.29 -60.35
N SER K 110 20.35 75.77 -60.76
CA SER K 110 19.51 76.40 -61.78
C SER K 110 18.09 76.69 -61.31
N VAL K 111 17.81 76.51 -60.03
CA VAL K 111 16.48 76.73 -59.46
C VAL K 111 16.52 77.99 -58.59
N ALA K 112 15.89 79.07 -59.06
CA ALA K 112 15.81 80.36 -58.38
C ALA K 112 15.61 80.33 -56.86
N ASP K 113 14.78 79.41 -56.36
CA ASP K 113 14.47 79.35 -54.93
C ASP K 113 15.17 78.15 -54.32
N LEU K 114 16.11 78.39 -53.41
CA LEU K 114 16.86 77.30 -52.82
C LEU K 114 16.08 76.70 -51.65
N SER K 115 16.04 75.38 -51.58
CA SER K 115 15.49 74.73 -50.40
C SER K 115 16.51 74.76 -49.26
N GLU K 116 16.08 74.42 -48.04
CA GLU K 116 17.04 74.32 -46.95
C GLU K 116 18.12 73.29 -47.25
N ALA K 117 17.77 72.18 -47.90
CA ALA K 117 18.77 71.18 -48.23
C ALA K 117 19.78 71.74 -49.23
N ASP K 118 19.32 72.50 -50.22
CA ASP K 118 20.24 73.11 -51.18
C ASP K 118 21.17 74.09 -50.47
N MET K 119 20.61 74.93 -49.59
CA MET K 119 21.45 75.89 -48.90
C MET K 119 22.45 75.20 -47.98
N LYS K 120 22.08 74.06 -47.40
CA LYS K 120 23.06 73.30 -46.63
C LYS K 120 24.20 72.86 -47.53
N ARG K 121 23.89 72.40 -48.74
CA ARG K 121 24.96 71.97 -49.66
C ARG K 121 25.86 73.14 -50.01
N VAL K 122 25.28 74.32 -50.24
CA VAL K 122 26.07 75.51 -50.52
C VAL K 122 26.98 75.81 -49.35
N VAL K 123 26.46 75.75 -48.13
CA VAL K 123 27.25 76.08 -46.95
C VAL K 123 28.38 75.09 -46.78
N LEU K 124 28.11 73.80 -46.98
CA LEU K 124 29.19 72.81 -46.82
C LEU K 124 30.34 73.10 -47.76
N SER K 125 30.04 73.51 -48.99
CA SER K 125 31.11 73.84 -49.91
C SER K 125 31.89 75.06 -49.44
N LEU K 126 31.20 76.07 -48.90
CA LEU K 126 31.88 77.21 -48.30
C LEU K 126 32.77 76.79 -47.13
N VAL K 127 32.26 75.92 -46.25
CA VAL K 127 33.02 75.52 -45.06
C VAL K 127 34.26 74.71 -45.44
N THR K 128 34.19 73.92 -46.52
CA THR K 128 35.37 73.21 -46.99
C THR K 128 36.49 74.18 -47.35
N MET K 129 36.14 75.33 -47.96
CA MET K 129 37.19 76.30 -48.25
C MET K 129 37.70 76.95 -46.99
N LEU K 130 36.84 77.15 -45.99
CA LEU K 130 37.29 77.80 -44.77
C LEU K 130 38.21 76.89 -44.00
N HIS K 131 37.96 75.58 -44.04
CA HIS K 131 38.79 74.64 -43.30
C HIS K 131 40.13 74.41 -43.96
N ASP K 132 40.26 74.73 -45.24
CA ASP K 132 41.50 74.52 -45.99
C ASP K 132 42.29 75.80 -46.25
N ASN K 133 41.87 76.96 -45.73
CA ASN K 133 42.61 78.19 -45.96
C ASN K 133 42.78 78.93 -44.63
N LYS K 134 44.00 79.38 -44.35
CA LYS K 134 44.24 80.30 -43.25
C LYS K 134 43.74 81.68 -43.67
N LEU K 135 42.64 82.11 -43.08
CA LEU K 135 42.00 83.35 -43.49
C LEU K 135 41.61 84.18 -42.28
N SER K 136 41.81 85.49 -42.39
CA SER K 136 41.31 86.35 -41.32
C SER K 136 39.88 86.80 -41.58
N LYS K 137 39.42 86.75 -42.84
CA LYS K 137 38.11 87.27 -43.20
C LYS K 137 37.50 86.47 -44.34
N LEU K 138 36.20 86.25 -44.26
CA LEU K 138 35.41 85.75 -45.38
C LEU K 138 34.37 86.81 -45.76
N THR K 139 34.18 87.01 -47.06
CA THR K 139 33.10 87.87 -47.56
C THR K 139 32.25 87.03 -48.48
N VAL K 140 30.93 87.06 -48.28
CA VAL K 140 30.00 86.30 -49.11
C VAL K 140 29.10 87.31 -49.83
N VAL K 141 29.04 87.17 -51.16
CA VAL K 141 28.24 88.05 -52.00
C VAL K 141 27.05 87.25 -52.53
N PHE K 142 25.84 87.63 -52.13
CA PHE K 142 24.62 86.91 -52.54
C PHE K 142 24.17 87.39 -53.92
N GLU K 143 24.38 86.58 -54.97
CA GLU K 143 23.72 86.88 -56.24
C GLU K 143 22.55 85.91 -56.49
N ILE K 144 21.93 85.46 -55.40
CA ILE K 144 20.76 84.61 -55.40
C ILE K 144 19.73 85.26 -54.47
N ASN K 145 18.50 84.82 -54.57
CA ASN K 145 17.40 85.40 -53.78
C ASN K 145 17.13 84.53 -52.57
N VAL K 146 17.20 85.12 -51.38
CA VAL K 146 16.88 84.43 -50.14
C VAL K 146 15.97 85.34 -49.32
N ASP K 147 14.99 84.77 -48.66
CA ASP K 147 14.21 85.63 -47.78
C ASP K 147 14.92 85.74 -46.43
N LYS K 148 14.33 86.52 -45.51
CA LYS K 148 14.99 86.79 -44.23
C LYS K 148 15.23 85.51 -43.43
N ASN K 149 14.26 84.60 -43.39
CA ASN K 149 14.46 83.36 -42.64
C ASN K 149 15.54 82.50 -43.28
N LEU K 150 15.61 82.46 -44.61
CA LEU K 150 16.62 81.62 -45.25
C LEU K 150 18.00 82.22 -45.09
N PHE K 151 18.09 83.55 -45.09
CA PHE K 151 19.37 84.20 -44.80
C PHE K 151 19.84 83.89 -43.39
N ARG K 152 18.94 83.94 -42.42
CA ARG K 152 19.32 83.56 -41.06
C ARG K 152 19.77 82.11 -41.01
N PHE K 153 19.05 81.23 -41.71
CA PHE K 153 19.42 79.82 -41.77
C PHE K 153 20.79 79.64 -42.40
N PHE K 154 21.11 80.40 -43.45
CA PHE K 154 22.46 80.37 -44.01
C PHE K 154 23.51 80.66 -42.92
N LEU K 155 23.32 81.73 -42.15
CA LEU K 155 24.30 82.09 -41.12
C LEU K 155 24.39 81.02 -40.04
N GLU K 156 23.23 80.56 -39.54
CA GLU K 156 23.19 79.51 -38.52
C GLU K 156 23.94 78.28 -38.97
N THR K 157 23.69 77.86 -40.21
CA THR K 157 24.30 76.64 -40.74
C THR K 157 25.79 76.85 -40.95
N LEU K 158 26.17 78.02 -41.47
CA LEU K 158 27.58 78.34 -41.62
C LEU K 158 28.31 78.24 -40.28
N PHE K 159 27.78 78.94 -39.26
CA PHE K 159 28.37 78.91 -37.93
C PHE K 159 28.48 77.48 -37.41
N TYR K 160 27.38 76.72 -37.51
CA TYR K 160 27.32 75.38 -36.94
C TYR K 160 28.28 74.44 -37.63
N GLU K 161 28.30 74.46 -38.97
CA GLU K 161 29.16 73.53 -39.69
C GLU K 161 30.64 73.91 -39.58
N TYR K 162 30.93 75.21 -39.44
CA TYR K 162 32.30 75.70 -39.34
C TYR K 162 32.92 75.32 -38.00
N MET K 163 32.13 75.37 -36.94
CA MET K 163 32.59 75.00 -35.60
C MET K 163 32.99 73.53 -35.51
N THR K 164 34.15 73.26 -34.91
CA THR K 164 34.62 71.88 -34.78
C THR K 164 34.72 71.52 -33.31
N ASP K 165 34.08 70.41 -32.92
CA ASP K 165 34.00 69.98 -31.53
C ASP K 165 35.24 69.13 -31.20
N GLU K 166 36.15 69.70 -30.41
CA GLU K 166 37.41 69.07 -30.07
C GLU K 166 37.52 68.68 -28.59
N ARG K 167 36.38 68.60 -27.88
CA ARG K 167 36.41 68.32 -26.46
C ARG K 167 37.04 66.97 -26.13
N PHE K 168 36.95 65.99 -27.02
CA PHE K 168 37.43 64.66 -26.68
C PHE K 168 38.74 64.34 -27.37
N LYS K 169 39.34 65.32 -28.04
CA LYS K 169 40.68 65.15 -28.62
C LYS K 169 41.72 65.44 -27.56
N SER K 170 42.80 64.63 -27.56
CA SER K 170 43.95 64.79 -26.66
C SER K 170 45.27 64.80 -27.42
N THR K 171 45.77 63.59 -27.73
CA THR K 171 47.04 63.37 -28.47
C THR K 171 46.81 62.66 -29.79
N GLU K 178 42.88 78.13 -36.50
CA GLU K 178 42.67 79.57 -36.68
C GLU K 178 41.38 79.90 -37.48
N TYR K 179 40.39 80.42 -36.77
CA TYR K 179 39.09 80.80 -37.32
C TYR K 179 39.13 82.23 -37.86
N ILE K 180 38.30 82.53 -38.85
CA ILE K 180 38.16 83.91 -39.29
C ILE K 180 37.73 84.78 -38.12
N LYS K 181 38.10 86.05 -38.19
CA LYS K 181 37.68 87.03 -37.21
C LYS K 181 36.62 87.98 -37.75
N HIS K 182 36.35 87.96 -39.04
CA HIS K 182 35.42 88.87 -39.69
C HIS K 182 34.64 88.14 -40.77
N LEU K 183 33.34 88.43 -40.82
CA LEU K 183 32.46 87.94 -41.88
C LEU K 183 31.76 89.15 -42.47
N GLY K 184 31.94 89.35 -43.77
CA GLY K 184 31.25 90.40 -44.51
C GLY K 184 30.20 89.75 -45.40
N VAL K 185 29.04 90.40 -45.54
CA VAL K 185 27.97 89.89 -46.38
C VAL K 185 27.48 91.04 -47.26
N TYR K 186 27.49 90.84 -48.57
CA TYR K 186 26.89 91.78 -49.50
C TYR K 186 25.61 91.15 -50.01
N ILE K 187 24.50 91.89 -49.90
CA ILE K 187 23.20 91.39 -50.32
C ILE K 187 22.33 92.57 -50.70
N ASN K 188 21.47 92.39 -51.70
CA ASN K 188 20.55 93.45 -52.04
C ASN K 188 19.57 93.66 -50.91
N ASN K 189 19.24 94.95 -50.63
CA ASN K 189 18.33 95.29 -49.54
C ASN K 189 18.89 94.89 -48.17
N ALA K 190 20.18 95.20 -47.94
CA ALA K 190 20.90 94.69 -46.76
C ALA K 190 20.25 95.09 -45.45
N ASP K 191 19.64 96.28 -45.39
CA ASP K 191 19.11 96.76 -44.12
C ASP K 191 18.07 95.81 -43.51
N THR K 192 17.29 95.11 -44.35
CA THR K 192 16.29 94.22 -43.76
C THR K 192 16.90 92.94 -43.18
N TYR K 193 18.11 92.58 -43.57
CA TYR K 193 18.69 91.33 -43.08
C TYR K 193 19.53 91.49 -41.83
N LYS K 194 19.87 92.73 -41.44
CA LYS K 194 20.82 92.94 -40.35
C LYS K 194 20.31 92.39 -39.02
N GLU K 195 19.00 92.48 -38.77
CA GLU K 195 18.49 91.98 -37.50
C GLU K 195 18.58 90.46 -37.42
N GLU K 196 18.78 89.76 -38.54
CA GLU K 196 18.92 88.30 -38.49
C GLU K 196 20.27 87.85 -37.96
N VAL K 197 21.27 88.74 -37.94
CA VAL K 197 22.63 88.31 -37.65
C VAL K 197 22.72 87.78 -36.22
N GLU K 198 22.33 88.60 -35.24
CA GLU K 198 22.54 88.14 -33.87
C GLU K 198 21.51 87.09 -33.46
N LYS K 199 20.35 87.06 -34.10
CA LYS K 199 19.44 85.95 -33.89
C LYS K 199 20.08 84.65 -34.35
N ALA K 200 20.73 84.68 -35.53
CA ALA K 200 21.43 83.51 -36.04
C ALA K 200 22.50 83.04 -35.07
N ARG K 201 23.22 83.98 -34.45
CA ARG K 201 24.28 83.61 -33.50
C ARG K 201 23.69 82.90 -32.29
N VAL K 202 22.53 83.34 -31.82
CA VAL K 202 21.85 82.68 -30.70
C VAL K 202 21.35 81.30 -31.12
N TYR K 203 20.70 81.21 -32.29
CA TYR K 203 20.21 79.93 -32.77
C TYR K 203 21.37 78.95 -33.01
N TYR K 204 22.48 79.44 -33.56
CA TYR K 204 23.67 78.62 -33.70
C TYR K 204 24.08 78.01 -32.36
N PHE K 205 24.16 78.82 -31.31
CA PHE K 205 24.71 78.21 -30.09
C PHE K 205 23.72 77.25 -29.45
N GLY K 206 22.43 77.54 -29.51
CA GLY K 206 21.46 76.56 -29.03
C GLY K 206 21.59 75.23 -29.76
N THR K 207 21.81 75.29 -31.08
CA THR K 207 21.99 74.08 -31.87
C THR K 207 23.31 73.41 -31.56
N TYR K 208 24.38 74.21 -31.42
CA TYR K 208 25.69 73.65 -31.10
C TYR K 208 25.73 73.08 -29.68
N TYR K 209 25.05 73.73 -28.73
CA TYR K 209 24.96 73.20 -27.36
C TYR K 209 24.23 71.84 -27.36
N ALA K 210 23.12 71.74 -28.07
CA ALA K 210 22.43 70.46 -28.17
C ALA K 210 23.36 69.40 -28.78
N SER K 211 24.09 69.78 -29.83
CA SER K 211 25.04 68.88 -30.47
C SER K 211 26.10 68.38 -29.48
N GLN K 212 26.60 69.29 -28.63
CA GLN K 212 27.60 68.89 -27.64
C GLN K 212 27.05 67.86 -26.70
N LEU K 213 25.79 68.00 -26.26
CA LEU K 213 25.23 66.99 -25.37
C LEU K 213 25.05 65.66 -26.07
N ILE K 214 24.58 65.69 -27.31
CA ILE K 214 24.33 64.46 -28.05
C ILE K 214 25.65 63.74 -28.31
N ALA K 215 26.63 64.47 -28.83
CA ALA K 215 27.90 63.85 -29.21
C ALA K 215 28.67 63.35 -28.00
N ALA K 216 28.48 63.95 -26.83
CA ALA K 216 29.12 63.44 -25.62
C ALA K 216 28.73 61.99 -25.39
N PRO K 217 29.69 61.07 -25.28
CA PRO K 217 29.35 59.65 -25.12
C PRO K 217 28.69 59.38 -23.78
N SER K 218 28.07 58.20 -23.69
CA SER K 218 27.24 57.84 -22.54
C SER K 218 28.04 57.66 -21.26
N ASN K 219 29.35 57.44 -21.33
CA ASN K 219 30.11 57.46 -20.09
C ASN K 219 30.28 58.90 -19.57
N TYR K 220 30.34 59.89 -20.47
CA TYR K 220 30.41 61.28 -20.03
C TYR K 220 29.01 61.81 -19.72
N CYS K 221 28.07 61.54 -20.60
CA CYS K 221 26.70 62.08 -20.53
C CYS K 221 25.77 60.98 -20.06
N ASN K 222 25.49 60.96 -18.76
CA ASN K 222 24.63 59.97 -18.12
C ASN K 222 23.50 60.74 -17.42
N PRO K 223 22.51 60.06 -16.85
CA PRO K 223 21.39 60.80 -16.26
C PRO K 223 21.81 61.82 -15.20
N VAL K 224 22.87 61.53 -14.43
CA VAL K 224 23.31 62.45 -13.39
C VAL K 224 24.06 63.64 -13.99
N SER K 225 24.99 63.38 -14.91
CA SER K 225 25.78 64.46 -15.48
C SER K 225 24.97 65.33 -16.43
N LEU K 226 23.98 64.75 -17.11
CA LEU K 226 23.13 65.52 -18.01
C LEU K 226 22.21 66.45 -17.21
N SER K 227 21.65 65.96 -16.10
CA SER K 227 20.83 66.85 -15.29
C SER K 227 21.69 67.90 -14.59
N ASN K 228 22.92 67.56 -14.20
CA ASN K 228 23.82 68.58 -13.66
C ASN K 228 24.09 69.66 -14.69
N ALA K 229 24.27 69.27 -15.94
CA ALA K 229 24.51 70.24 -17.00
C ALA K 229 23.29 71.16 -17.18
N ALA K 230 22.08 70.59 -17.08
CA ALA K 230 20.88 71.41 -17.20
C ALA K 230 20.77 72.42 -16.06
N VAL K 231 21.14 72.04 -14.85
CA VAL K 231 21.15 73.00 -13.74
C VAL K 231 22.12 74.12 -14.03
N GLU K 232 23.32 73.78 -14.50
CA GLU K 232 24.30 74.80 -14.81
C GLU K 232 23.80 75.77 -15.88
N LEU K 233 23.16 75.23 -16.93
CA LEU K 233 22.58 76.10 -17.96
C LEU K 233 21.53 77.02 -17.35
N ALA K 234 20.63 76.45 -16.54
CA ALA K 234 19.57 77.23 -15.92
C ALA K 234 20.15 78.33 -15.05
N GLN K 235 21.23 78.03 -14.32
CA GLN K 235 21.86 79.04 -13.48
C GLN K 235 22.43 80.17 -14.32
N LYS K 236 23.06 79.84 -15.44
CA LYS K 236 23.63 80.87 -16.30
C LYS K 236 22.55 81.74 -16.93
N LEU K 237 21.36 81.19 -17.16
CA LEU K 237 20.29 81.93 -17.83
C LEU K 237 19.27 82.50 -16.86
N ASN K 238 19.43 82.23 -15.56
CA ASN K 238 18.47 82.68 -14.55
C ASN K 238 17.08 82.07 -14.76
N LEU K 239 17.05 80.82 -15.21
CA LEU K 239 15.82 80.03 -15.25
C LEU K 239 15.62 79.35 -13.91
N GLU K 240 14.36 79.16 -13.52
CA GLU K 240 14.07 78.31 -12.38
C GLU K 240 14.37 76.88 -12.77
N TYR K 241 14.79 76.09 -11.78
CA TYR K 241 15.10 74.71 -12.07
C TYR K 241 14.81 73.84 -10.84
N LYS K 242 14.45 72.58 -11.12
CA LYS K 242 14.28 71.56 -10.10
C LYS K 242 14.61 70.23 -10.76
N ILE K 243 15.45 69.43 -10.11
CA ILE K 243 15.77 68.08 -10.57
C ILE K 243 15.10 67.10 -9.62
N LEU K 244 14.21 66.26 -10.14
CA LEU K 244 13.54 65.25 -9.32
C LEU K 244 14.34 63.95 -9.30
N GLY K 245 14.63 63.46 -8.09
CA GLY K 245 15.33 62.19 -7.91
C GLY K 245 14.36 61.06 -7.60
N VAL K 246 14.95 59.87 -7.36
CA VAL K 246 14.19 58.62 -7.28
C VAL K 246 13.13 58.69 -6.18
N LYS K 247 13.47 59.22 -5.01
CA LYS K 247 12.51 59.28 -3.91
C LYS K 247 11.29 60.10 -4.32
N GLU K 248 11.53 61.27 -4.91
CA GLU K 248 10.43 62.10 -5.39
C GLU K 248 9.64 61.42 -6.51
N LEU K 249 10.34 60.72 -7.43
CA LEU K 249 9.66 60.05 -8.53
C LEU K 249 8.80 58.89 -8.03
N GLU K 250 9.27 58.19 -6.99
CA GLU K 250 8.45 57.13 -6.40
C GLU K 250 7.19 57.72 -5.74
N GLU K 251 7.35 58.83 -5.02
CA GLU K 251 6.17 59.45 -4.41
C GLU K 251 5.17 59.91 -5.46
N LEU K 252 5.65 60.32 -6.64
CA LEU K 252 4.79 60.66 -7.77
C LEU K 252 4.32 59.45 -8.57
N LYS K 253 4.76 58.26 -8.18
CA LYS K 253 4.31 56.99 -8.76
C LYS K 253 4.63 56.87 -10.26
N MET K 254 5.79 57.40 -10.67
CA MET K 254 6.20 57.28 -12.09
C MET K 254 6.82 55.90 -12.34
N GLY K 255 5.94 54.89 -12.31
CA GLY K 255 6.39 53.51 -12.41
C GLY K 255 6.86 53.12 -13.81
N ALA K 256 6.35 53.78 -14.84
CA ALA K 256 6.82 53.46 -16.18
C ALA K 256 8.24 53.98 -16.40
N TYR K 257 8.46 55.25 -16.10
CA TYR K 257 9.79 55.85 -16.21
C TYR K 257 10.79 55.17 -15.29
N LEU K 258 10.40 54.90 -14.03
CA LEU K 258 11.33 54.28 -13.10
C LEU K 258 11.71 52.85 -13.52
N SER K 259 10.78 52.12 -14.15
CA SER K 259 11.09 50.75 -14.57
C SER K 259 12.18 50.73 -15.63
N VAL K 260 12.14 51.65 -16.59
CA VAL K 260 13.16 51.71 -17.64
C VAL K 260 14.54 51.86 -17.05
N GLY K 261 14.67 52.67 -16.02
CA GLY K 261 15.95 52.95 -15.41
C GLY K 261 16.41 51.97 -14.37
N LYS K 262 15.63 50.94 -14.07
CA LYS K 262 15.97 50.03 -12.97
C LYS K 262 17.33 49.37 -13.15
N GLY K 263 17.66 49.01 -14.38
CA GLY K 263 18.90 48.31 -14.66
C GLY K 263 20.15 49.16 -14.75
N SER K 264 20.08 50.47 -14.48
CA SER K 264 21.21 51.36 -14.64
C SER K 264 21.91 51.59 -13.30
N MET K 265 23.24 51.81 -13.36
CA MET K 265 23.98 52.28 -12.19
C MET K 265 23.76 53.76 -11.92
N TYR K 266 23.16 54.50 -12.86
CA TYR K 266 22.89 55.92 -12.67
C TYR K 266 21.45 56.10 -12.24
N PRO K 267 21.19 56.74 -11.10
CA PRO K 267 19.80 57.01 -10.70
C PRO K 267 19.08 57.90 -11.71
N ASN K 268 17.79 57.63 -11.93
CA ASN K 268 16.95 58.49 -12.76
C ASN K 268 16.95 59.92 -12.23
N LYS K 269 16.94 60.89 -13.15
CA LYS K 269 16.88 62.31 -12.81
C LYS K 269 15.88 62.94 -13.76
N PHE K 270 14.86 63.60 -13.20
CA PHE K 270 13.84 64.27 -14.00
C PHE K 270 14.15 65.76 -14.00
N ILE K 271 14.40 66.32 -15.19
CA ILE K 271 14.77 67.73 -15.35
C ILE K 271 13.49 68.56 -15.53
N HIS K 272 13.38 69.66 -14.77
CA HIS K 272 12.28 70.62 -14.93
C HIS K 272 12.88 72.02 -14.81
N LEU K 273 13.08 72.69 -15.95
CA LEU K 273 13.46 74.10 -15.98
C LEU K 273 12.24 74.92 -16.37
N THR K 274 12.19 76.18 -15.92
CA THR K 274 11.06 77.05 -16.25
C THR K 274 11.53 78.43 -16.65
N TYR K 275 11.04 78.91 -17.78
CA TYR K 275 11.16 80.30 -18.18
C TYR K 275 9.81 80.99 -17.92
N LYS K 276 9.83 82.13 -17.26
CA LYS K 276 8.61 82.92 -17.11
C LYS K 276 8.89 84.37 -17.51
N SER K 277 8.05 84.90 -18.39
CA SER K 277 8.18 86.28 -18.86
C SER K 277 7.94 87.25 -17.71
N LYS K 278 8.50 88.46 -17.85
CA LYS K 278 8.34 89.48 -16.82
C LYS K 278 6.92 90.01 -16.75
N GLY K 279 6.21 90.07 -17.87
CA GLY K 279 4.87 90.59 -17.89
C GLY K 279 3.84 89.53 -17.58
N ASP K 280 2.59 89.81 -17.93
CA ASP K 280 1.51 88.87 -17.69
C ASP K 280 1.72 87.63 -18.55
N VAL K 281 1.54 86.46 -17.96
CA VAL K 281 1.66 85.21 -18.72
C VAL K 281 0.36 84.97 -19.47
N LYS K 282 0.43 84.98 -20.81
CA LYS K 282 -0.77 84.75 -21.61
C LYS K 282 -0.83 83.34 -22.20
N LYS K 283 0.30 82.62 -22.26
CA LYS K 283 0.33 81.27 -22.82
C LYS K 283 1.32 80.45 -22.00
N LYS K 284 0.95 79.23 -21.66
CA LYS K 284 1.79 78.32 -20.90
C LYS K 284 2.10 77.11 -21.79
N ILE K 285 3.38 76.74 -21.88
CA ILE K 285 3.82 75.68 -22.79
C ILE K 285 4.73 74.72 -22.05
N ALA K 286 4.52 73.41 -22.25
CA ALA K 286 5.47 72.40 -21.78
C ALA K 286 6.13 71.76 -22.99
N LEU K 287 7.47 71.78 -22.99
CA LEU K 287 8.29 71.11 -23.99
C LEU K 287 8.95 69.89 -23.32
N VAL K 288 8.68 68.71 -23.88
CA VAL K 288 9.09 67.45 -23.28
C VAL K 288 10.07 66.76 -24.25
N GLY K 289 11.27 66.47 -23.78
CA GLY K 289 12.27 65.82 -24.62
C GLY K 289 12.63 64.43 -24.10
N LYS K 290 12.70 63.46 -25.02
CA LYS K 290 13.15 62.12 -24.66
C LYS K 290 14.62 62.13 -24.26
N GLY K 291 14.93 61.57 -23.08
CA GLY K 291 16.27 61.68 -22.54
C GLY K 291 16.88 60.36 -22.11
N ILE K 292 17.08 59.45 -23.06
CA ILE K 292 17.72 58.18 -22.77
C ILE K 292 19.19 58.36 -23.12
N THR K 293 20.06 58.37 -22.10
CA THR K 293 21.45 58.73 -22.33
C THR K 293 22.25 57.60 -22.98
N PHE K 294 21.82 56.37 -22.80
CA PHE K 294 22.26 55.26 -23.63
C PHE K 294 21.11 54.27 -23.70
N ASP K 295 20.80 53.78 -24.89
CA ASP K 295 19.73 52.80 -25.08
C ASP K 295 20.37 51.50 -25.60
N SER K 296 20.66 50.56 -24.70
CA SER K 296 21.11 49.24 -25.14
C SER K 296 19.98 48.39 -25.69
N GLY K 297 18.72 48.80 -25.48
CA GLY K 297 17.58 47.96 -25.73
C GLY K 297 17.09 47.19 -24.51
N GLY K 298 17.92 47.06 -23.48
CA GLY K 298 17.58 46.22 -22.34
C GLY K 298 17.65 44.75 -22.70
N TYR K 299 16.84 43.95 -22.00
CA TYR K 299 16.85 42.52 -22.28
C TYR K 299 16.47 42.22 -23.73
N ASN K 300 15.65 43.06 -24.37
CA ASN K 300 15.51 43.05 -25.83
C ASN K 300 16.70 43.79 -26.46
N LEU K 301 17.87 43.20 -26.27
CA LEU K 301 19.14 43.84 -26.61
C LEU K 301 19.23 44.18 -28.09
N LYS K 302 19.86 45.31 -28.41
CA LYS K 302 20.11 45.74 -29.78
C LYS K 302 21.25 44.89 -30.34
N ALA K 303 20.90 43.68 -30.75
CA ALA K 303 21.82 42.73 -31.32
C ALA K 303 21.52 42.38 -32.77
N ALA K 304 20.38 42.84 -33.34
CA ALA K 304 20.07 42.51 -34.72
C ALA K 304 20.92 43.33 -35.68
N PRO K 305 21.25 42.77 -36.85
CA PRO K 305 21.95 43.54 -37.88
C PRO K 305 21.23 44.85 -38.18
N GLY K 306 21.98 45.94 -38.20
CA GLY K 306 21.41 47.24 -38.46
C GLY K 306 20.79 47.95 -37.26
N SER K 307 20.92 47.41 -36.05
CA SER K 307 20.30 48.10 -34.92
C SER K 307 21.18 49.19 -34.33
N MET K 308 22.44 49.33 -34.77
CA MET K 308 23.32 50.48 -34.48
C MET K 308 23.45 50.80 -32.99
N ILE K 309 23.72 49.77 -32.19
CA ILE K 309 23.88 50.02 -30.76
C ILE K 309 24.99 51.05 -30.50
N ASP K 310 25.99 51.14 -31.38
CA ASP K 310 27.12 52.04 -31.15
C ASP K 310 26.76 53.53 -31.28
N LEU K 311 25.58 53.85 -31.79
CA LEU K 311 25.18 55.27 -31.95
C LEU K 311 24.16 55.66 -30.88
N MET K 312 23.87 54.79 -29.94
CA MET K 312 22.74 55.00 -29.06
C MET K 312 23.00 56.01 -27.94
N LYS K 313 24.18 56.62 -27.87
CA LYS K 313 24.30 57.86 -27.10
C LYS K 313 23.34 58.95 -27.63
N PHE K 314 22.87 58.85 -28.88
CA PHE K 314 22.04 59.93 -29.39
C PHE K 314 20.58 59.83 -28.96
N ASP K 315 20.22 58.86 -28.13
CA ASP K 315 18.82 58.69 -27.74
C ASP K 315 18.33 59.73 -26.71
N MET K 316 19.16 60.70 -26.34
CA MET K 316 18.72 61.85 -25.54
C MET K 316 18.69 63.12 -26.38
N SER K 317 18.65 62.97 -27.71
CA SER K 317 18.60 64.11 -28.64
C SER K 317 17.36 64.97 -28.40
N GLY K 318 16.25 64.37 -27.99
CA GLY K 318 15.05 65.16 -27.71
C GLY K 318 15.25 66.06 -26.51
N CYS K 319 15.79 65.49 -25.42
CA CYS K 319 16.20 66.30 -24.28
C CYS K 319 17.18 67.40 -24.70
N ALA K 320 18.17 67.05 -25.53
CA ALA K 320 19.16 68.06 -25.93
C ALA K 320 18.49 69.21 -26.68
N ALA K 321 17.54 68.88 -27.57
CA ALA K 321 16.83 69.90 -28.32
C ALA K 321 16.05 70.81 -27.37
N VAL K 322 15.43 70.23 -26.35
CA VAL K 322 14.67 71.03 -25.39
C VAL K 322 15.60 71.93 -24.59
N LEU K 323 16.78 71.44 -24.23
CA LEU K 323 17.72 72.27 -23.50
C LEU K 323 18.34 73.34 -24.40
N GLY K 324 18.61 73.01 -25.67
CA GLY K 324 19.05 74.06 -26.58
C GLY K 324 17.98 75.12 -26.78
N CYS K 325 16.72 74.70 -26.81
CA CYS K 325 15.63 75.67 -26.86
C CYS K 325 15.61 76.56 -25.62
N ALA K 326 15.85 75.98 -24.44
CA ALA K 326 15.91 76.78 -23.22
C ALA K 326 17.01 77.84 -23.32
N TYR K 327 18.17 77.49 -23.90
CA TYR K 327 19.21 78.52 -24.12
C TYR K 327 18.68 79.67 -24.97
N CYS K 328 18.05 79.36 -26.11
CA CYS K 328 17.57 80.41 -27.00
C CYS K 328 16.48 81.25 -26.34
N VAL K 329 15.55 80.59 -25.66
CA VAL K 329 14.45 81.28 -24.98
C VAL K 329 14.96 82.14 -23.83
N GLY K 330 15.84 81.58 -23.00
CA GLY K 330 16.40 82.34 -21.90
C GLY K 330 17.24 83.51 -22.35
N THR K 331 17.78 83.44 -23.57
CA THR K 331 18.59 84.53 -24.11
C THR K 331 17.74 85.59 -24.78
N LEU K 332 16.76 85.18 -25.58
CA LEU K 332 15.94 86.12 -26.33
C LEU K 332 14.76 86.67 -25.54
N LYS K 333 14.38 86.00 -24.44
CA LYS K 333 13.35 86.44 -23.50
C LYS K 333 12.03 86.84 -24.18
N PRO K 334 11.30 85.90 -24.76
CA PRO K 334 9.97 86.23 -25.34
C PRO K 334 9.02 86.72 -24.25
N GLU K 335 8.05 87.54 -24.66
CA GLU K 335 7.13 88.11 -23.67
C GLU K 335 5.85 87.28 -23.53
N ASN K 336 5.22 87.41 -22.37
CA ASN K 336 3.86 86.92 -22.11
C ASN K 336 3.74 85.40 -22.14
N VAL K 337 4.83 84.66 -21.94
CA VAL K 337 4.77 83.20 -21.99
C VAL K 337 5.48 82.63 -20.77
N GLU K 338 5.05 81.44 -20.38
CA GLU K 338 5.74 80.63 -19.39
C GLU K 338 6.03 79.27 -20.02
N ILE K 339 7.29 78.87 -20.04
CA ILE K 339 7.71 77.64 -20.74
C ILE K 339 8.36 76.71 -19.75
N HIS K 340 7.89 75.45 -19.73
CA HIS K 340 8.47 74.39 -18.91
C HIS K 340 9.28 73.47 -19.80
N PHE K 341 10.53 73.23 -19.43
CA PHE K 341 11.45 72.38 -20.19
C PHE K 341 11.65 71.11 -19.38
N LEU K 342 11.15 69.98 -19.90
CA LEU K 342 11.05 68.74 -19.14
C LEU K 342 11.77 67.60 -19.84
N SER K 343 12.45 66.75 -19.06
CA SER K 343 12.94 65.49 -19.61
C SER K 343 13.08 64.45 -18.50
N ALA K 344 12.49 63.28 -18.73
CA ALA K 344 12.61 62.13 -17.82
C ALA K 344 13.86 61.36 -18.24
N VAL K 345 15.00 61.70 -17.60
CA VAL K 345 16.29 61.21 -18.05
C VAL K 345 16.63 59.89 -17.35
N CYS K 346 17.10 58.91 -18.12
CA CYS K 346 17.51 57.62 -17.56
C CYS K 346 18.35 56.89 -18.61
N GLU K 347 18.78 55.68 -18.27
CA GLU K 347 19.62 54.83 -19.12
C GLU K 347 19.02 53.42 -19.19
N ASN K 348 18.96 52.82 -20.39
CA ASN K 348 18.29 51.53 -20.61
C ASN K 348 19.35 50.43 -20.73
N MET K 349 19.53 49.65 -19.67
CA MET K 349 20.70 48.78 -19.54
C MET K 349 20.29 47.34 -19.19
N VAL K 350 21.27 46.42 -19.25
CA VAL K 350 21.05 45.01 -18.96
C VAL K 350 21.71 44.67 -17.63
N SER K 351 20.95 44.04 -16.72
CA SER K 351 21.37 43.92 -15.33
C SER K 351 20.52 42.87 -14.65
N LYS K 352 20.98 42.35 -13.51
CA LYS K 352 20.04 41.58 -12.70
C LYS K 352 18.84 42.42 -12.28
N ASN K 353 19.01 43.75 -12.23
CA ASN K 353 17.99 44.67 -11.73
C ASN K 353 17.09 45.24 -12.81
N SER K 354 17.30 44.91 -14.09
CA SER K 354 16.51 45.55 -15.15
C SER K 354 15.07 45.06 -15.14
N TYR K 355 14.18 45.89 -15.70
CA TYR K 355 12.85 45.39 -16.00
C TYR K 355 12.93 44.38 -17.15
N ARG K 356 11.90 43.56 -17.16
CA ARG K 356 11.90 42.46 -18.11
C ARG K 356 10.78 42.54 -19.14
N PRO K 357 10.96 41.98 -20.36
CA PRO K 357 9.85 41.79 -21.29
C PRO K 357 8.75 41.03 -20.57
N GLY K 358 7.52 41.50 -20.71
CA GLY K 358 6.38 40.90 -20.05
C GLY K 358 5.99 41.56 -18.74
N ASP K 359 6.89 42.34 -18.12
CA ASP K 359 6.56 42.97 -16.85
C ASP K 359 5.31 43.85 -17.01
N ILE K 360 4.48 43.91 -15.97
CA ILE K 360 3.36 44.85 -15.98
C ILE K 360 3.69 45.93 -14.97
N ILE K 361 3.73 47.18 -15.43
CA ILE K 361 4.15 48.32 -14.63
C ILE K 361 3.03 49.36 -14.63
N THR K 362 3.05 50.25 -13.64
CA THR K 362 1.96 51.19 -13.44
C THR K 362 2.44 52.62 -13.59
N ALA K 363 1.84 53.35 -14.54
CA ALA K 363 2.19 54.74 -14.74
C ALA K 363 1.58 55.62 -13.66
N SER K 364 2.04 56.87 -13.61
CA SER K 364 1.64 57.81 -12.57
C SER K 364 0.18 58.23 -12.68
N ASN K 365 -0.50 57.95 -13.80
CA ASN K 365 -1.93 58.17 -13.88
C ASN K 365 -2.73 56.90 -13.55
N GLY K 366 -2.09 55.88 -13.02
CA GLY K 366 -2.77 54.66 -12.64
C GLY K 366 -2.89 53.62 -13.72
N LYS K 367 -2.52 53.92 -14.97
CA LYS K 367 -2.68 52.95 -16.05
C LYS K 367 -1.64 51.85 -15.91
N THR K 368 -2.09 50.59 -15.98
CA THR K 368 -1.15 49.50 -16.01
C THR K 368 -0.77 49.21 -17.45
N ILE K 369 0.51 48.91 -17.66
CA ILE K 369 1.09 48.76 -18.98
C ILE K 369 1.79 47.41 -19.03
N GLU K 370 1.48 46.61 -20.05
CA GLU K 370 2.20 45.37 -20.28
C GLU K 370 3.39 45.64 -21.20
N VAL K 371 4.59 45.39 -20.72
CA VAL K 371 5.80 45.63 -21.51
C VAL K 371 5.96 44.51 -22.52
N GLY K 372 5.91 44.83 -23.82
CA GLY K 372 6.11 43.80 -24.83
C GLY K 372 7.56 43.77 -25.33
N ASN K 373 8.30 44.86 -25.15
CA ASN K 373 9.66 44.94 -25.67
C ASN K 373 10.39 46.01 -24.91
N THR K 374 11.48 45.65 -24.21
CA THR K 374 12.16 46.63 -23.37
C THR K 374 12.89 47.70 -24.18
N ASP K 375 13.01 47.52 -25.50
CA ASP K 375 13.63 48.50 -26.38
C ASP K 375 12.62 49.54 -26.87
N ALA K 376 11.35 49.40 -26.50
CA ALA K 376 10.38 50.48 -26.69
C ALA K 376 10.27 51.33 -25.42
N GLU K 377 11.45 51.73 -24.91
CA GLU K 377 11.51 52.35 -23.58
C GLU K 377 11.14 53.82 -23.63
N GLY K 378 11.33 54.46 -24.77
CA GLY K 378 11.10 55.90 -24.84
C GLY K 378 9.66 56.27 -24.56
N ARG K 379 8.71 55.51 -25.11
CA ARG K 379 7.31 55.83 -24.88
C ARG K 379 6.91 55.65 -23.41
N LEU K 380 7.56 54.73 -22.69
CA LEU K 380 7.30 54.56 -21.26
C LEU K 380 7.77 55.76 -20.46
N THR K 381 8.96 56.28 -20.76
CA THR K 381 9.42 57.45 -20.02
C THR K 381 8.56 58.66 -20.38
N LEU K 382 8.16 58.76 -21.66
CA LEU K 382 7.33 59.88 -22.10
C LEU K 382 5.92 59.82 -21.49
N ALA K 383 5.40 58.61 -21.25
CA ALA K 383 4.08 58.48 -20.62
C ALA K 383 4.05 59.22 -19.29
N ASP K 384 5.02 58.96 -18.41
CA ASP K 384 5.06 59.64 -17.12
C ASP K 384 5.44 61.10 -17.28
N ALA K 385 6.29 61.43 -18.25
CA ALA K 385 6.60 62.84 -18.45
C ALA K 385 5.37 63.63 -18.91
N LEU K 386 4.51 63.02 -19.76
CA LEU K 386 3.32 63.71 -20.25
C LEU K 386 2.28 63.92 -19.15
N VAL K 387 2.12 62.93 -18.28
CA VAL K 387 1.26 63.07 -17.10
C VAL K 387 1.77 64.20 -16.21
N TYR K 388 3.07 64.26 -16.00
CA TYR K 388 3.68 65.35 -15.25
C TYR K 388 3.39 66.69 -15.91
N ALA K 389 3.52 66.75 -17.23
CA ALA K 389 3.33 68.00 -17.96
C ALA K 389 1.87 68.46 -17.86
N GLU K 390 0.92 67.55 -18.03
CA GLU K 390 -0.47 67.98 -18.01
C GLU K 390 -0.88 68.47 -16.64
N LYS K 391 -0.29 67.92 -15.56
CA LYS K 391 -0.59 68.45 -14.23
C LYS K 391 -0.13 69.88 -14.04
N LEU K 392 0.77 70.38 -14.90
CA LEU K 392 1.20 71.77 -14.82
C LEU K 392 0.13 72.75 -15.28
N GLY K 393 -0.89 72.27 -15.99
CA GLY K 393 -1.95 73.15 -16.45
C GLY K 393 -1.51 74.10 -17.54
N VAL K 394 -0.95 73.56 -18.62
CA VAL K 394 -0.43 74.37 -19.70
C VAL K 394 -1.44 74.39 -20.84
N ASP K 395 -1.23 75.30 -21.78
CA ASP K 395 -2.05 75.37 -22.97
C ASP K 395 -1.62 74.38 -24.04
N TYR K 396 -0.32 74.16 -24.19
CA TYR K 396 0.23 73.27 -25.22
C TYR K 396 1.28 72.39 -24.58
N ILE K 397 1.30 71.12 -24.97
CA ILE K 397 2.40 70.20 -24.69
C ILE K 397 2.99 69.75 -26.02
N VAL K 398 4.29 69.91 -26.20
CA VAL K 398 4.97 69.42 -27.40
C VAL K 398 6.10 68.52 -26.93
N ASP K 399 6.10 67.26 -27.37
CA ASP K 399 7.23 66.39 -27.06
C ASP K 399 8.06 66.14 -28.32
N ILE K 400 9.33 65.87 -28.10
CA ILE K 400 10.27 65.65 -29.20
C ILE K 400 11.17 64.50 -28.77
N ALA K 401 11.33 63.52 -29.66
CA ALA K 401 11.86 62.24 -29.23
C ALA K 401 12.40 61.46 -30.42
N THR K 402 13.55 60.82 -30.22
CA THR K 402 14.09 59.83 -31.16
C THR K 402 13.39 58.49 -30.89
N LEU K 403 12.13 58.43 -31.30
CA LEU K 403 11.26 57.37 -30.77
C LEU K 403 11.24 56.09 -31.62
N THR K 404 11.03 56.18 -32.94
CA THR K 404 10.79 54.96 -33.72
C THR K 404 11.71 54.86 -34.93
N GLY K 405 12.38 53.72 -35.06
CA GLY K 405 13.19 53.49 -36.24
C GLY K 405 12.38 53.47 -37.53
N ALA K 406 11.07 53.22 -37.46
CA ALA K 406 10.24 53.25 -38.66
C ALA K 406 10.28 54.62 -39.34
N MET K 407 10.63 55.69 -38.61
CA MET K 407 10.75 57.00 -39.24
C MET K 407 11.72 56.95 -40.42
N LEU K 408 12.76 56.11 -40.35
CA LEU K 408 13.67 56.03 -41.49
C LEU K 408 13.00 55.45 -42.73
N TYR K 409 11.94 54.66 -42.56
CA TYR K 409 11.26 54.05 -43.70
C TYR K 409 10.11 54.91 -44.20
N SER K 410 9.67 55.90 -43.42
CA SER K 410 8.55 56.74 -43.82
C SER K 410 9.04 58.07 -44.39
N LEU K 411 9.79 58.84 -43.60
CA LEU K 411 10.27 60.16 -44.06
C LEU K 411 11.77 60.20 -44.30
N GLY K 412 12.52 59.26 -43.76
CA GLY K 412 13.94 59.20 -44.06
C GLY K 412 14.73 60.07 -43.12
N THR K 413 15.87 60.58 -43.57
CA THR K 413 16.81 61.30 -42.73
C THR K 413 16.67 62.82 -42.80
N SER K 414 15.78 63.36 -43.65
CA SER K 414 15.66 64.81 -43.82
C SER K 414 14.47 65.45 -43.09
N TYR K 415 13.29 64.82 -43.11
CA TYR K 415 12.06 65.39 -42.54
C TYR K 415 11.67 64.64 -41.28
N ALA K 416 11.39 65.36 -40.20
CA ALA K 416 10.84 64.75 -39.00
C ALA K 416 9.32 64.59 -39.16
N GLY K 417 8.74 63.72 -38.34
CA GLY K 417 7.30 63.51 -38.35
C GLY K 417 6.64 64.19 -37.16
N VAL K 418 5.48 64.79 -37.39
CA VAL K 418 4.71 65.36 -36.29
C VAL K 418 3.33 64.71 -36.26
N PHE K 419 2.91 64.29 -35.06
CA PHE K 419 1.61 63.71 -34.78
C PHE K 419 0.97 64.54 -33.67
N GLY K 420 -0.36 64.55 -33.61
CA GLY K 420 -0.96 65.30 -32.51
C GLY K 420 -2.45 65.09 -32.41
N ASN K 421 -3.02 65.64 -31.34
CA ASN K 421 -4.46 65.55 -31.08
C ASN K 421 -5.19 66.87 -31.37
N ASN K 422 -4.52 67.85 -31.98
CA ASN K 422 -5.08 69.19 -32.12
C ASN K 422 -4.54 69.81 -33.40
N GLU K 423 -5.43 70.05 -34.37
CA GLU K 423 -4.97 70.53 -35.67
C GLU K 423 -4.36 71.92 -35.57
N GLU K 424 -4.92 72.79 -34.74
CA GLU K 424 -4.40 74.14 -34.63
C GLU K 424 -2.95 74.12 -34.18
N LEU K 425 -2.66 73.31 -33.16
CA LEU K 425 -1.28 73.18 -32.67
C LEU K 425 -0.37 72.56 -33.73
N ILE K 426 -0.83 71.51 -34.41
CA ILE K 426 -0.04 70.93 -35.50
C ILE K 426 0.30 72.00 -36.54
N ASN K 427 -0.67 72.85 -36.92
CA ASN K 427 -0.38 73.88 -37.92
C ASN K 427 0.65 74.89 -37.39
N LYS K 428 0.64 75.17 -36.08
CA LYS K 428 1.67 76.02 -35.51
C LYS K 428 3.05 75.37 -35.62
N ILE K 429 3.13 74.05 -35.40
CA ILE K 429 4.42 73.37 -35.54
C ILE K 429 4.88 73.44 -36.99
N LEU K 430 3.97 73.20 -37.94
CA LEU K 430 4.34 73.25 -39.34
C LEU K 430 4.78 74.65 -39.73
N GLN K 431 4.13 75.67 -39.19
CA GLN K 431 4.57 77.05 -39.45
C GLN K 431 5.96 77.30 -38.88
N SER K 432 6.22 76.79 -37.67
CA SER K 432 7.55 76.92 -37.08
C SER K 432 8.59 76.16 -37.90
N SER K 433 8.20 75.05 -38.51
CA SER K 433 9.09 74.33 -39.41
C SER K 433 9.46 75.19 -40.61
N LYS K 434 8.48 75.93 -41.13
CA LYS K 434 8.70 76.81 -42.27
C LYS K 434 9.69 77.92 -41.94
N THR K 435 9.51 78.58 -40.79
CA THR K 435 10.37 79.73 -40.48
C THR K 435 11.71 79.34 -39.87
N SER K 436 11.81 78.18 -39.26
CA SER K 436 13.10 77.70 -38.78
C SER K 436 13.88 76.97 -39.87
N ASN K 437 13.20 76.56 -40.96
CA ASN K 437 13.81 75.74 -42.03
C ASN K 437 14.33 74.40 -41.51
N GLU K 438 13.71 73.89 -40.44
CA GLU K 438 13.89 72.53 -39.97
C GLU K 438 12.66 71.73 -40.41
N PRO K 439 12.78 70.89 -41.44
CA PRO K 439 11.57 70.36 -42.09
C PRO K 439 10.87 69.27 -41.31
N VAL K 440 9.55 69.40 -41.26
CA VAL K 440 8.65 68.48 -40.56
C VAL K 440 7.48 68.20 -41.49
N TRP K 441 6.90 67.00 -41.36
CA TRP K 441 5.71 66.60 -42.13
C TRP K 441 4.67 66.02 -41.20
N TRP K 442 3.42 66.38 -41.42
CA TRP K 442 2.31 65.91 -40.59
C TRP K 442 1.93 64.48 -40.97
N LEU K 443 1.92 63.58 -39.99
CA LEU K 443 1.54 62.18 -40.14
C LEU K 443 0.34 61.87 -39.25
N PRO K 444 -0.54 60.93 -39.66
CA PRO K 444 -1.82 60.75 -38.96
C PRO K 444 -1.73 59.84 -37.76
N ILE K 445 -2.58 60.11 -36.78
CA ILE K 445 -2.83 59.20 -35.67
C ILE K 445 -4.10 58.44 -36.06
N ILE K 446 -3.94 57.20 -36.51
CA ILE K 446 -5.01 56.43 -37.13
C ILE K 446 -5.67 55.59 -36.05
N ASN K 447 -6.90 55.97 -35.68
CA ASN K 447 -7.54 55.37 -34.51
C ASN K 447 -7.89 53.90 -34.73
N GLU K 448 -8.02 53.46 -35.99
CA GLU K 448 -8.29 52.05 -36.24
C GLU K 448 -7.22 51.13 -35.65
N TYR K 449 -6.00 51.62 -35.44
CA TYR K 449 -4.96 50.77 -34.89
C TYR K 449 -5.02 50.69 -33.37
N ARG K 450 -5.85 51.52 -32.71
CA ARG K 450 -5.83 51.58 -31.25
C ARG K 450 -6.13 50.22 -30.62
N ALA K 451 -7.02 49.44 -31.22
CA ALA K 451 -7.38 48.15 -30.63
C ALA K 451 -6.20 47.20 -30.50
N THR K 452 -5.13 47.36 -31.30
CA THR K 452 -3.99 46.46 -31.17
C THR K 452 -3.18 46.73 -29.91
N LEU K 453 -3.46 47.81 -29.19
CA LEU K 453 -2.86 48.03 -27.89
C LEU K 453 -3.73 47.53 -26.73
N ASN K 454 -4.86 46.89 -27.03
CA ASN K 454 -5.68 46.29 -25.97
C ASN K 454 -4.93 45.09 -25.42
N SER K 455 -4.71 45.08 -24.12
CA SER K 455 -3.93 44.03 -23.47
C SER K 455 -4.86 43.02 -22.81
N LYS K 456 -4.45 41.76 -22.83
CA LYS K 456 -5.23 40.71 -22.18
C LYS K 456 -5.23 40.88 -20.66
N TYR K 457 -4.13 41.38 -20.08
CA TYR K 457 -4.00 41.45 -18.63
C TYR K 457 -3.93 42.86 -18.08
N ALA K 458 -3.18 43.75 -18.73
CA ALA K 458 -3.02 45.12 -18.28
C ALA K 458 -4.06 46.03 -18.91
N ASP K 459 -4.06 47.30 -18.49
CA ASP K 459 -4.95 48.27 -19.11
C ASP K 459 -4.60 48.48 -20.57
N ILE K 460 -3.31 48.45 -20.92
CA ILE K 460 -2.88 48.75 -22.27
C ILE K 460 -1.56 48.04 -22.54
N ASN K 461 -1.34 47.68 -23.79
CA ASN K 461 -0.03 47.21 -24.23
C ASN K 461 0.88 48.38 -24.55
N GLN K 462 2.17 48.22 -24.26
CA GLN K 462 3.19 49.17 -24.69
C GLN K 462 3.35 49.15 -26.22
N ILE K 463 3.31 47.96 -26.84
CA ILE K 463 3.55 47.82 -28.26
C ILE K 463 2.44 47.00 -28.90
N SER K 464 2.32 47.14 -30.22
CA SER K 464 1.39 46.34 -30.99
C SER K 464 2.07 45.03 -31.38
N SER K 465 1.31 43.95 -31.41
CA SER K 465 1.83 42.74 -32.05
C SER K 465 1.56 42.75 -33.55
N SER K 466 0.44 43.37 -33.95
CA SER K 466 -0.11 43.30 -35.30
C SER K 466 0.41 44.38 -36.24
N VAL K 467 0.39 45.64 -35.81
CA VAL K 467 0.61 46.77 -36.72
C VAL K 467 2.09 47.07 -36.83
N LYS K 468 2.60 47.12 -38.07
CA LYS K 468 4.00 47.49 -38.31
C LYS K 468 4.22 49.00 -38.39
N ALA K 469 3.16 49.81 -38.43
CA ALA K 469 3.25 51.26 -38.46
C ALA K 469 3.56 51.78 -37.06
N SER K 470 4.82 51.57 -36.67
CA SER K 470 5.27 51.76 -35.30
C SER K 470 5.24 53.22 -34.86
N SER K 471 5.50 54.16 -35.78
CA SER K 471 5.47 55.58 -35.41
C SER K 471 4.05 56.00 -35.07
N ILE K 472 3.08 55.46 -35.79
CA ILE K 472 1.67 55.75 -35.50
C ILE K 472 1.24 55.05 -34.20
N VAL K 473 1.62 53.77 -34.03
CA VAL K 473 1.23 53.06 -32.81
C VAL K 473 1.82 53.72 -31.57
N ALA K 474 3.09 54.14 -31.63
CA ALA K 474 3.68 54.86 -30.50
C ALA K 474 2.88 56.12 -30.19
N SER K 475 2.41 56.81 -31.23
CA SER K 475 1.64 58.02 -31.01
C SER K 475 0.31 57.72 -30.31
N LEU K 476 -0.35 56.63 -30.71
CA LEU K 476 -1.59 56.22 -30.04
C LEU K 476 -1.33 55.93 -28.57
N PHE K 477 -0.21 55.28 -28.28
CA PHE K 477 0.14 55.00 -26.88
C PHE K 477 0.33 56.30 -26.10
N LEU K 478 1.13 57.23 -26.63
CA LEU K 478 1.38 58.48 -25.92
C LEU K 478 0.07 59.25 -25.70
N LYS K 479 -0.83 59.21 -26.69
CA LYS K 479 -2.09 59.94 -26.59
C LYS K 479 -2.90 59.51 -25.38
N GLU K 480 -2.72 58.26 -24.93
CA GLU K 480 -3.41 57.77 -23.74
C GLU K 480 -2.97 58.48 -22.45
N PHE K 481 -1.89 59.26 -22.49
CA PHE K 481 -1.40 59.93 -21.28
C PHE K 481 -1.58 61.43 -21.35
N VAL K 482 -2.38 61.93 -22.29
CA VAL K 482 -2.80 63.32 -22.38
C VAL K 482 -4.33 63.32 -22.44
N GLN K 483 -4.99 63.85 -21.41
CA GLN K 483 -6.45 63.73 -21.34
C GLN K 483 -7.21 64.88 -21.97
N ASN K 484 -6.78 66.12 -21.76
CA ASN K 484 -7.59 67.24 -22.21
C ASN K 484 -6.75 68.47 -22.50
N THR K 485 -5.59 68.27 -23.15
CA THR K 485 -4.69 69.35 -23.49
C THR K 485 -4.22 69.18 -24.94
N ALA K 486 -4.10 70.29 -25.66
CA ALA K 486 -3.53 70.25 -27.00
C ALA K 486 -2.08 69.75 -26.93
N TRP K 487 -1.78 68.74 -27.74
CA TRP K 487 -0.52 68.02 -27.66
C TRP K 487 -0.06 67.61 -29.06
N ALA K 488 1.24 67.74 -29.29
CA ALA K 488 1.88 67.29 -30.51
C ALA K 488 3.16 66.56 -30.11
N HIS K 489 3.57 65.65 -30.99
CA HIS K 489 4.66 64.70 -30.77
C HIS K 489 5.50 64.75 -32.03
N ILE K 490 6.79 65.07 -31.88
CA ILE K 490 7.71 65.18 -33.03
C ILE K 490 8.70 64.03 -32.93
N ASP K 491 8.61 63.09 -33.87
CA ASP K 491 9.49 61.92 -33.89
C ASP K 491 10.71 62.26 -34.73
N ILE K 492 11.86 62.40 -34.08
CA ILE K 492 13.08 62.84 -34.74
C ILE K 492 14.08 61.70 -34.89
N ALA K 493 13.63 60.44 -34.76
CA ALA K 493 14.53 59.30 -34.82
C ALA K 493 15.32 59.27 -36.12
N GLY K 494 14.72 59.68 -37.23
CA GLY K 494 15.41 59.61 -38.50
C GLY K 494 16.31 60.79 -38.80
N VAL K 495 16.03 61.95 -38.20
CA VAL K 495 16.71 63.18 -38.58
C VAL K 495 17.75 63.63 -37.57
N SER K 496 17.90 62.95 -36.44
CA SER K 496 18.74 63.53 -35.40
C SER K 496 20.23 63.46 -35.69
N TRP K 497 20.69 62.38 -36.33
CA TRP K 497 22.12 62.12 -36.50
C TRP K 497 22.49 62.29 -37.97
N ASN K 498 23.59 63.00 -38.25
CA ASN K 498 24.09 63.20 -39.61
C ASN K 498 25.04 62.04 -39.91
N PHE K 499 24.53 61.03 -40.61
CA PHE K 499 25.33 59.82 -40.82
C PHE K 499 26.51 60.09 -41.73
N LYS K 500 26.32 60.95 -42.73
CA LYS K 500 27.41 61.22 -43.66
C LYS K 500 28.55 61.92 -42.96
N ALA K 501 28.24 62.94 -42.15
CA ALA K 501 29.23 63.76 -41.47
C ALA K 501 29.64 63.19 -40.11
N ARG K 502 29.01 62.10 -39.67
CA ARG K 502 29.33 61.42 -38.42
C ARG K 502 29.19 62.35 -37.20
N LYS K 503 28.09 63.10 -37.14
CA LYS K 503 27.89 64.07 -36.07
C LYS K 503 26.41 64.36 -35.92
N PRO K 504 25.99 64.96 -34.80
CA PRO K 504 24.58 65.32 -34.63
C PRO K 504 24.17 66.48 -35.53
N LYS K 505 22.85 66.63 -35.70
CA LYS K 505 22.33 67.84 -36.32
C LYS K 505 21.88 68.89 -35.30
N GLY K 506 21.65 68.51 -34.04
CA GLY K 506 20.98 69.42 -33.12
C GLY K 506 19.58 69.76 -33.58
N PHE K 507 18.92 68.81 -34.22
CA PHE K 507 17.62 69.06 -34.82
C PHE K 507 16.59 69.38 -33.75
N GLY K 508 15.81 70.43 -34.00
CA GLY K 508 14.66 70.77 -33.19
C GLY K 508 14.83 71.99 -32.33
N VAL K 509 16.07 72.41 -32.05
CA VAL K 509 16.28 73.61 -31.25
C VAL K 509 15.59 74.80 -31.91
N ARG K 510 15.87 75.00 -33.19
CA ARG K 510 15.35 76.18 -33.86
C ARG K 510 13.86 76.03 -34.12
N LEU K 511 13.42 74.82 -34.45
CA LEU K 511 12.00 74.54 -34.59
C LEU K 511 11.22 74.96 -33.33
N LEU K 512 11.67 74.49 -32.16
CA LEU K 512 10.94 74.75 -30.93
C LEU K 512 11.01 76.23 -30.53
N THR K 513 12.17 76.86 -30.72
CA THR K 513 12.28 78.27 -30.39
C THR K 513 11.37 79.13 -31.27
N GLU K 514 11.35 78.86 -32.58
CA GLU K 514 10.43 79.60 -33.45
C GLU K 514 8.98 79.41 -33.01
N PHE K 515 8.62 78.20 -32.59
CA PHE K 515 7.28 77.93 -32.07
C PHE K 515 6.97 78.80 -30.85
N VAL K 516 7.91 78.87 -29.91
CA VAL K 516 7.73 79.67 -28.70
C VAL K 516 7.64 81.16 -29.03
N LEU K 517 8.55 81.65 -29.88
CA LEU K 517 8.61 83.09 -30.15
C LEU K 517 7.42 83.58 -30.98
N ASN K 518 6.99 82.80 -31.96
CA ASN K 518 6.00 83.26 -32.92
C ASN K 518 4.59 82.72 -32.73
N ASP K 519 4.43 81.51 -32.16
CA ASP K 519 3.12 80.86 -32.10
C ASP K 519 2.27 81.29 -30.90
N ALA K 520 2.57 82.46 -30.34
CA ALA K 520 1.58 83.28 -29.64
C ALA K 520 1.43 84.55 -30.47
N LEU K 521 0.23 84.76 -31.04
CA LEU K 521 0.01 85.85 -31.98
C LEU K 521 0.30 87.21 -31.36
N HIS K 522 1.41 87.82 -31.78
CA HIS K 522 1.79 89.16 -31.36
C HIS K 522 1.41 90.14 -32.47
N HIS K 523 0.59 91.13 -32.13
CA HIS K 523 0.17 92.14 -33.10
C HIS K 523 1.34 93.07 -33.44
N SER L 2 9.51 34.89 3.17
CA SER L 2 10.71 35.71 2.95
C SER L 2 10.35 37.05 2.33
N GLU L 3 11.18 38.07 2.55
CA GLU L 3 10.91 39.39 1.98
C GLU L 3 11.34 39.41 0.52
N VAL L 4 10.48 39.94 -0.35
CA VAL L 4 10.79 40.08 -1.77
C VAL L 4 11.68 41.30 -1.97
N PRO L 5 12.89 41.16 -2.51
CA PRO L 5 13.72 42.34 -2.76
C PRO L 5 13.13 43.23 -3.85
N GLN L 6 13.36 44.53 -3.72
CA GLN L 6 12.89 45.54 -4.66
C GLN L 6 14.04 46.41 -5.15
N VAL L 7 13.95 46.86 -6.40
CA VAL L 7 14.85 47.88 -6.90
C VAL L 7 14.33 49.27 -6.60
N VAL L 8 13.04 49.51 -6.87
CA VAL L 8 12.38 50.76 -6.53
C VAL L 8 11.18 50.42 -5.66
N SER L 9 10.70 51.41 -4.91
CA SER L 9 9.62 51.15 -3.96
C SER L 9 8.33 50.73 -4.66
N LEU L 10 8.19 51.00 -5.96
CA LEU L 10 7.00 50.61 -6.70
C LEU L 10 7.03 49.16 -7.16
N ASP L 11 8.12 48.43 -6.96
CA ASP L 11 8.15 47.02 -7.38
C ASP L 11 7.22 46.18 -6.50
N PRO L 12 6.41 45.31 -7.08
CA PRO L 12 5.49 44.47 -6.30
C PRO L 12 6.22 43.47 -5.42
N THR L 13 5.60 43.15 -4.27
CA THR L 13 6.18 42.24 -3.30
C THR L 13 5.33 40.98 -3.10
N SER L 14 4.31 40.79 -3.91
CA SER L 14 3.58 39.53 -3.86
C SER L 14 2.81 39.38 -5.16
N ILE L 15 2.42 38.14 -5.44
CA ILE L 15 1.55 37.81 -6.55
C ILE L 15 0.11 38.00 -6.08
N PRO L 16 -0.69 38.84 -6.72
CA PRO L 16 -2.12 38.87 -6.38
C PRO L 16 -2.75 37.56 -6.80
N ILE L 17 -3.55 36.96 -5.92
CA ILE L 17 -4.23 35.69 -6.19
C ILE L 17 -5.70 35.82 -5.83
N GLU L 18 -6.58 35.41 -6.73
CA GLU L 18 -8.00 35.33 -6.39
C GLU L 18 -8.33 33.88 -6.08
N TYR L 19 -8.78 33.65 -4.84
CA TYR L 19 -9.22 32.31 -4.44
C TYR L 19 -10.72 32.12 -4.62
N ASN L 20 -11.51 33.07 -4.12
CA ASN L 20 -12.96 33.05 -4.27
C ASN L 20 -13.32 33.70 -5.59
N THR L 21 -13.71 32.92 -6.56
CA THR L 21 -14.06 33.46 -7.87
C THR L 21 -15.57 33.40 -8.12
N PRO L 22 -16.08 34.19 -9.07
CA PRO L 22 -17.51 34.10 -9.39
C PRO L 22 -17.96 32.70 -9.79
N ILE L 23 -17.07 31.88 -10.36
CA ILE L 23 -17.44 30.51 -10.70
C ILE L 23 -17.92 29.77 -9.46
N HIS L 24 -17.33 30.07 -8.30
CA HIS L 24 -17.68 29.38 -7.08
C HIS L 24 -19.08 29.69 -6.58
N ASP L 25 -19.69 30.78 -7.05
CA ASP L 25 -21.04 31.14 -6.64
C ASP L 25 -22.12 30.52 -7.51
N ILE L 26 -21.76 29.82 -8.58
CA ILE L 26 -22.75 29.23 -9.46
C ILE L 26 -23.33 27.97 -8.84
N LYS L 27 -24.65 27.94 -8.66
CA LYS L 27 -25.33 26.74 -8.22
C LYS L 27 -25.62 25.89 -9.45
N VAL L 28 -25.17 24.63 -9.43
CA VAL L 28 -25.29 23.70 -10.55
C VAL L 28 -26.32 22.63 -10.21
N GLN L 29 -27.25 22.38 -11.14
CA GLN L 29 -28.24 21.32 -10.99
C GLN L 29 -28.28 20.50 -12.27
N VAL L 30 -28.30 19.18 -12.14
CA VAL L 30 -28.35 18.26 -13.27
C VAL L 30 -29.68 17.53 -13.27
N TYR L 31 -30.37 17.56 -14.42
CA TYR L 31 -31.69 16.97 -14.57
C TYR L 31 -31.70 15.94 -15.69
N ASP L 32 -32.58 14.94 -15.55
CA ASP L 32 -32.72 13.95 -16.60
C ASP L 32 -33.50 14.55 -17.76
N ILE L 33 -33.01 14.31 -18.97
CA ILE L 33 -33.61 14.89 -20.16
C ILE L 33 -34.97 14.26 -20.47
N LYS L 34 -35.24 13.03 -20.00
CA LYS L 34 -36.49 12.36 -20.33
C LYS L 34 -37.70 13.12 -19.80
N GLY L 35 -37.55 13.84 -18.69
CA GLY L 35 -38.66 14.56 -18.10
C GLY L 35 -39.03 15.87 -18.75
N GLY L 36 -38.32 16.28 -19.79
CA GLY L 36 -38.58 17.54 -20.45
C GLY L 36 -37.86 18.71 -19.78
N CYS L 37 -37.68 19.77 -20.55
CA CYS L 37 -36.91 20.91 -20.09
C CYS L 37 -37.84 22.04 -19.73
N ASN L 38 -37.59 22.64 -18.57
CA ASN L 38 -38.33 23.86 -18.15
C ASN L 38 -37.50 25.03 -18.66
N VAL L 39 -38.05 25.83 -19.57
CA VAL L 39 -37.27 26.93 -20.21
C VAL L 39 -37.86 28.27 -19.77
N GLU L 40 -38.27 28.35 -18.51
CA GLU L 40 -38.98 29.56 -18.01
C GLU L 40 -38.05 30.73 -17.67
N GLU L 41 -36.77 30.48 -17.44
CA GLU L 41 -35.87 31.57 -17.01
C GLU L 41 -34.51 31.54 -17.72
N GLY L 42 -33.94 32.72 -18.00
CA GLY L 42 -32.55 32.82 -18.43
C GLY L 42 -32.30 32.40 -19.88
N LEU L 43 -31.11 31.85 -20.10
CA LEU L 43 -30.62 31.43 -21.40
C LEU L 43 -30.55 29.91 -21.46
N THR L 44 -31.17 29.33 -22.50
CA THR L 44 -31.20 27.88 -22.70
C THR L 44 -30.53 27.54 -24.03
N ILE L 45 -29.52 26.69 -23.98
CA ILE L 45 -28.72 26.32 -25.14
C ILE L 45 -28.78 24.82 -25.35
N PHE L 46 -29.15 24.39 -26.56
CA PHE L 46 -29.15 22.98 -26.95
C PHE L 46 -27.87 22.61 -27.69
N LEU L 47 -27.21 21.55 -27.25
CA LEU L 47 -26.04 21.00 -27.94
C LEU L 47 -26.53 19.95 -28.92
N VAL L 48 -26.37 20.22 -30.21
CA VAL L 48 -27.06 19.47 -31.26
C VAL L 48 -26.05 19.05 -32.33
N ASN L 49 -26.15 17.81 -32.79
CA ASN L 49 -25.38 17.36 -33.94
C ASN L 49 -26.33 16.88 -35.03
N ASN L 50 -25.76 16.42 -36.14
CA ASN L 50 -26.54 15.80 -37.22
C ASN L 50 -25.65 14.74 -37.86
N PRO L 51 -25.65 13.51 -37.31
CA PRO L 51 -24.75 12.48 -37.85
C PRO L 51 -25.04 12.10 -39.29
N GLY L 52 -26.28 12.25 -39.75
CA GLY L 52 -26.65 11.87 -41.10
C GLY L 52 -26.41 12.90 -42.18
N LYS L 53 -26.00 14.12 -41.83
CA LYS L 53 -25.77 15.16 -42.83
C LYS L 53 -24.65 16.09 -42.35
N GLU L 54 -23.52 16.07 -43.06
CA GLU L 54 -22.44 16.98 -42.71
C GLU L 54 -22.94 18.41 -42.86
N ASN L 55 -22.64 19.24 -41.86
CA ASN L 55 -23.23 20.57 -41.69
C ASN L 55 -24.72 20.62 -42.04
N GLY L 56 -25.45 19.55 -41.67
CA GLY L 56 -26.87 19.48 -41.90
C GLY L 56 -27.65 20.37 -40.94
N PRO L 57 -28.97 20.38 -41.09
CA PRO L 57 -29.80 21.31 -40.31
C PRO L 57 -29.95 20.91 -38.85
N VAL L 58 -30.25 21.92 -38.02
CA VAL L 58 -30.56 21.73 -36.61
C VAL L 58 -31.97 21.18 -36.46
N LYS L 59 -32.11 20.09 -35.69
CA LYS L 59 -33.42 19.56 -35.30
C LYS L 59 -33.36 19.23 -33.82
N ILE L 60 -34.29 19.79 -33.05
CA ILE L 60 -34.31 19.65 -31.58
C ILE L 60 -35.27 18.52 -31.19
N SER L 61 -34.77 17.56 -30.43
CA SER L 61 -35.59 16.42 -30.01
C SER L 61 -36.22 16.58 -28.63
N SER L 62 -35.64 17.36 -27.72
CA SER L 62 -36.20 17.41 -26.37
C SER L 62 -37.53 18.17 -26.37
N LYS L 63 -38.47 17.68 -25.57
CA LYS L 63 -39.69 18.43 -25.29
C LYS L 63 -39.41 19.54 -24.30
N VAL L 64 -39.97 20.72 -24.56
CA VAL L 64 -39.85 21.86 -23.66
C VAL L 64 -41.25 22.22 -23.17
N ASN L 65 -41.34 22.51 -21.87
CA ASN L 65 -42.61 22.73 -21.18
C ASN L 65 -43.04 24.20 -21.28
N ASP L 66 -42.96 24.76 -22.49
CA ASP L 66 -43.36 26.14 -22.78
C ASP L 66 -43.85 26.20 -24.22
N LYS L 67 -45.06 26.73 -24.42
CA LYS L 67 -45.66 26.71 -25.74
C LYS L 67 -44.92 27.64 -26.71
N GLN L 68 -44.50 28.82 -26.24
CA GLN L 68 -43.81 29.75 -27.15
C GLN L 68 -42.46 29.18 -27.60
N VAL L 69 -41.67 28.66 -26.67
CA VAL L 69 -40.37 28.12 -27.05
C VAL L 69 -40.52 26.88 -27.91
N SER L 70 -41.54 26.05 -27.63
CA SER L 70 -41.78 24.87 -28.46
C SER L 70 -42.00 25.26 -29.92
N GLU L 71 -42.73 26.35 -30.16
CA GLU L 71 -42.93 26.81 -31.53
C GLU L 71 -41.63 27.30 -32.15
N PHE L 72 -40.85 28.05 -31.38
CA PHE L 72 -39.54 28.50 -31.87
C PHE L 72 -38.70 27.31 -32.29
N LEU L 73 -38.76 26.23 -31.51
CA LEU L 73 -37.92 25.05 -31.71
C LEU L 73 -38.52 24.05 -32.69
N LYS L 74 -39.58 24.42 -33.40
CA LYS L 74 -40.15 23.52 -34.41
C LYS L 74 -39.14 23.27 -35.52
N ASP L 75 -39.22 22.09 -36.13
CA ASP L 75 -38.26 21.70 -37.16
C ASP L 75 -38.19 22.71 -38.30
N GLU L 76 -39.35 23.27 -38.69
CA GLU L 76 -39.38 24.19 -39.82
C GLU L 76 -38.57 25.47 -39.54
N ASN L 77 -38.53 25.92 -38.29
CA ASN L 77 -37.74 27.10 -38.01
C ASN L 77 -36.27 26.76 -37.80
N MET L 78 -35.98 25.66 -37.08
CA MET L 78 -34.59 25.32 -36.76
C MET L 78 -33.81 24.88 -37.99
N GLU L 79 -34.49 24.44 -39.05
CA GLU L 79 -33.77 23.98 -40.25
C GLU L 79 -33.05 25.12 -40.95
N LYS L 80 -33.37 26.37 -40.61
CA LYS L 80 -32.64 27.52 -41.15
C LYS L 80 -31.22 27.60 -40.61
N PHE L 81 -30.91 26.84 -39.57
CA PHE L 81 -29.60 26.80 -38.93
C PHE L 81 -28.94 25.42 -39.14
N ASN L 82 -27.61 25.39 -39.08
CA ASN L 82 -26.88 24.14 -39.33
C ASN L 82 -25.96 23.84 -38.15
N VAL L 83 -25.49 22.59 -38.09
CA VAL L 83 -24.81 22.06 -36.91
C VAL L 83 -23.30 22.09 -37.05
N LYS L 84 -22.77 22.79 -38.04
CA LYS L 84 -21.33 22.76 -38.25
C LYS L 84 -20.63 23.20 -36.95
N LEU L 85 -19.64 22.43 -36.54
CA LEU L 85 -19.06 22.53 -35.20
C LEU L 85 -18.70 23.96 -34.82
N GLY L 86 -19.24 24.40 -33.68
CA GLY L 86 -18.97 25.73 -33.17
C GLY L 86 -19.94 26.81 -33.62
N THR L 87 -20.77 26.54 -34.62
CA THR L 87 -21.77 27.52 -35.03
C THR L 87 -22.83 27.64 -33.96
N SER L 88 -23.34 28.86 -33.78
CA SER L 88 -24.36 29.06 -32.77
C SER L 88 -25.28 30.20 -33.19
N LYS L 89 -26.51 30.11 -32.69
CA LYS L 89 -27.49 31.18 -32.79
C LYS L 89 -28.26 31.21 -31.47
N HIS L 90 -28.70 32.40 -31.06
CA HIS L 90 -29.63 32.49 -29.94
C HIS L 90 -30.46 33.75 -30.09
N PHE L 91 -31.71 33.64 -29.69
CA PHE L 91 -32.73 34.67 -29.83
C PHE L 91 -33.39 34.93 -28.49
N TYR L 92 -33.74 36.20 -28.26
CA TYR L 92 -34.52 36.56 -27.09
C TYR L 92 -35.99 36.57 -27.49
N MET L 93 -36.83 36.10 -26.58
CA MET L 93 -38.25 35.94 -26.88
C MET L 93 -39.01 35.90 -25.56
N PHE L 94 -40.34 36.04 -25.64
CA PHE L 94 -41.17 35.96 -24.45
C PHE L 94 -41.77 34.56 -24.32
N ASN L 95 -41.73 34.05 -23.09
CA ASN L 95 -42.20 32.72 -22.77
C ASN L 95 -43.70 32.77 -22.50
N ASP L 96 -44.25 31.67 -22.00
CA ASP L 96 -45.69 31.59 -21.80
C ASP L 96 -46.20 32.61 -20.79
N ASN L 97 -45.36 33.02 -19.85
CA ASN L 97 -45.71 34.00 -18.83
C ASN L 97 -45.27 35.42 -19.18
N LYS L 98 -44.96 35.69 -20.45
CA LYS L 98 -44.57 37.02 -20.92
C LYS L 98 -43.30 37.53 -20.25
N ASN L 99 -42.42 36.61 -19.86
CA ASN L 99 -41.11 36.93 -19.34
C ASN L 99 -40.05 36.69 -20.42
N SER L 100 -39.03 37.54 -20.43
CA SER L 100 -37.98 37.41 -21.43
C SER L 100 -37.08 36.19 -21.15
N VAL L 101 -36.90 35.36 -22.17
CA VAL L 101 -35.96 34.25 -22.15
C VAL L 101 -35.15 34.27 -23.44
N ALA L 102 -33.95 33.69 -23.40
CA ALA L 102 -33.13 33.52 -24.58
C ALA L 102 -32.92 32.03 -24.84
N VAL L 103 -33.04 31.64 -26.10
CA VAL L 103 -32.96 30.24 -26.50
C VAL L 103 -32.09 30.14 -27.74
N GLY L 104 -31.25 29.10 -27.79
CA GLY L 104 -30.38 28.92 -28.92
C GLY L 104 -29.72 27.56 -28.90
N TYR L 105 -28.70 27.42 -29.73
CA TYR L 105 -28.03 26.13 -29.88
C TYR L 105 -26.56 26.36 -30.21
N VAL L 106 -25.75 25.34 -29.94
CA VAL L 106 -24.37 25.26 -30.44
C VAL L 106 -24.27 24.00 -31.29
N GLY L 107 -23.79 24.14 -32.52
CA GLY L 107 -23.64 22.99 -33.39
C GLY L 107 -22.47 22.12 -32.95
N CYS L 108 -22.69 20.80 -32.92
CA CYS L 108 -21.65 19.84 -32.53
C CYS L 108 -21.21 18.95 -33.69
N GLY L 109 -21.45 19.36 -34.94
CA GLY L 109 -20.89 18.65 -36.08
C GLY L 109 -21.66 17.39 -36.41
N SER L 110 -20.97 16.46 -37.09
CA SER L 110 -21.61 15.24 -37.60
C SER L 110 -20.97 13.94 -37.13
N VAL L 111 -19.99 13.97 -36.24
CA VAL L 111 -19.40 12.73 -35.69
C VAL L 111 -19.88 12.59 -34.26
N ALA L 112 -20.47 11.42 -33.95
CA ALA L 112 -21.11 11.18 -32.66
C ALA L 112 -20.18 11.35 -31.46
N ASP L 113 -18.90 10.99 -31.59
CA ASP L 113 -17.99 11.04 -30.46
C ASP L 113 -17.05 12.24 -30.63
N LEU L 114 -17.21 13.24 -29.76
CA LEU L 114 -16.36 14.42 -29.81
C LEU L 114 -15.07 14.20 -29.03
N SER L 115 -13.97 14.67 -29.61
CA SER L 115 -12.69 14.75 -28.94
C SER L 115 -12.69 15.92 -27.95
N GLU L 116 -11.64 15.98 -27.12
CA GLU L 116 -11.48 17.15 -26.25
C GLU L 116 -11.40 18.43 -27.08
N ALA L 117 -10.74 18.38 -28.24
CA ALA L 117 -10.61 19.57 -29.08
C ALA L 117 -11.97 20.05 -29.59
N ASP L 118 -12.82 19.11 -30.03
CA ASP L 118 -14.16 19.47 -30.46
C ASP L 118 -14.96 20.06 -29.32
N MET L 119 -14.87 19.44 -28.13
CA MET L 119 -15.65 19.94 -27.01
C MET L 119 -15.20 21.33 -26.60
N LYS L 120 -13.89 21.62 -26.70
CA LYS L 120 -13.42 22.98 -26.46
C LYS L 120 -14.04 23.96 -27.45
N ARG L 121 -14.15 23.57 -28.72
CA ARG L 121 -14.78 24.46 -29.69
C ARG L 121 -16.22 24.75 -29.29
N VAL L 122 -16.94 23.72 -28.82
CA VAL L 122 -18.33 23.92 -28.37
C VAL L 122 -18.38 24.88 -27.20
N VAL L 123 -17.51 24.69 -26.21
CA VAL L 123 -17.49 25.52 -25.02
C VAL L 123 -17.18 26.97 -25.38
N LEU L 124 -16.24 27.19 -26.30
CA LEU L 124 -15.90 28.56 -26.67
C LEU L 124 -17.08 29.32 -27.26
N SER L 125 -17.89 28.67 -28.11
CA SER L 125 -19.08 29.35 -28.63
C SER L 125 -20.08 29.64 -27.51
N LEU L 126 -20.24 28.69 -26.59
CA LEU L 126 -21.10 28.93 -25.44
C LEU L 126 -20.60 30.11 -24.63
N VAL L 127 -19.28 30.18 -24.40
CA VAL L 127 -18.72 31.26 -23.59
C VAL L 127 -18.85 32.61 -24.30
N THR L 128 -18.77 32.62 -25.63
CA THR L 128 -18.95 33.88 -26.37
C THR L 128 -20.32 34.47 -26.09
N MET L 129 -21.35 33.62 -25.99
CA MET L 129 -22.69 34.10 -25.67
C MET L 129 -22.81 34.53 -24.21
N LEU L 130 -22.10 33.84 -23.31
CA LEU L 130 -22.16 34.23 -21.91
C LEU L 130 -21.46 35.55 -21.66
N HIS L 131 -20.41 35.85 -22.43
CA HIS L 131 -19.67 37.09 -22.24
C HIS L 131 -20.43 38.29 -22.79
N ASP L 132 -21.45 38.06 -23.62
CA ASP L 132 -22.27 39.14 -24.15
C ASP L 132 -23.70 39.11 -23.60
N ASN L 133 -23.93 38.43 -22.48
CA ASN L 133 -25.27 38.24 -21.97
C ASN L 133 -25.35 38.53 -20.47
N LYS L 134 -26.39 39.26 -20.06
CA LYS L 134 -26.73 39.26 -18.64
C LYS L 134 -27.47 37.97 -18.33
N LEU L 135 -28.61 38.07 -17.67
CA LEU L 135 -29.40 36.92 -17.22
C LEU L 135 -28.63 36.13 -16.15
N SER L 136 -29.35 35.66 -15.16
CA SER L 136 -28.78 34.98 -14.02
C SER L 136 -28.61 33.49 -14.22
N LYS L 137 -29.16 32.91 -15.28
CA LYS L 137 -29.13 31.46 -15.40
C LYS L 137 -28.82 31.02 -16.81
N LEU L 138 -27.98 29.98 -16.90
CA LEU L 138 -27.74 29.25 -18.13
C LEU L 138 -28.25 27.83 -17.94
N THR L 139 -28.94 27.34 -18.95
CA THR L 139 -29.35 25.94 -19.02
C THR L 139 -28.78 25.34 -20.29
N VAL L 140 -28.10 24.20 -20.16
CA VAL L 140 -27.50 23.49 -21.28
C VAL L 140 -28.19 22.14 -21.42
N VAL L 141 -28.70 21.85 -22.62
CA VAL L 141 -29.39 20.60 -22.91
C VAL L 141 -28.52 19.75 -23.82
N PHE L 142 -28.08 18.59 -23.33
CA PHE L 142 -27.20 17.69 -24.10
C PHE L 142 -28.06 16.80 -24.99
N GLU L 143 -28.13 17.13 -26.28
CA GLU L 143 -28.74 16.26 -27.28
C GLU L 143 -27.66 15.51 -28.04
N ILE L 144 -26.54 15.28 -27.37
CA ILE L 144 -25.41 14.52 -27.86
C ILE L 144 -25.01 13.59 -26.74
N ASN L 145 -24.24 12.56 -27.07
CA ASN L 145 -23.79 11.57 -26.09
C ASN L 145 -22.35 11.90 -25.68
N VAL L 146 -22.14 12.06 -24.38
CA VAL L 146 -20.80 12.31 -23.83
C VAL L 146 -20.60 11.38 -22.64
N ASP L 147 -19.38 10.86 -22.48
CA ASP L 147 -19.15 10.03 -21.32
C ASP L 147 -18.88 10.90 -20.10
N LYS L 148 -18.76 10.25 -18.94
CA LYS L 148 -18.68 10.99 -17.68
C LYS L 148 -17.46 11.90 -17.64
N ASN L 149 -16.29 11.41 -18.09
CA ASN L 149 -15.09 12.24 -18.05
C ASN L 149 -15.24 13.44 -18.99
N LEU L 150 -15.87 13.24 -20.15
CA LEU L 150 -16.05 14.34 -21.09
C LEU L 150 -17.08 15.32 -20.58
N PHE L 151 -18.08 14.84 -19.84
CA PHE L 151 -18.99 15.76 -19.16
C PHE L 151 -18.23 16.61 -18.15
N ARG L 152 -17.35 15.99 -17.35
CA ARG L 152 -16.55 16.78 -16.42
C ARG L 152 -15.66 17.77 -17.17
N PHE L 153 -15.06 17.31 -18.27
CA PHE L 153 -14.23 18.19 -19.09
C PHE L 153 -15.05 19.37 -19.62
N PHE L 154 -16.31 19.13 -20.02
CA PHE L 154 -17.18 20.22 -20.44
C PHE L 154 -17.31 21.27 -19.34
N LEU L 155 -17.62 20.84 -18.12
CA LEU L 155 -17.82 21.79 -17.03
C LEU L 155 -16.54 22.54 -16.70
N GLU L 156 -15.42 21.81 -16.58
CA GLU L 156 -14.12 22.41 -16.30
C GLU L 156 -13.77 23.48 -17.32
N THR L 157 -13.95 23.14 -18.60
CA THR L 157 -13.58 24.06 -19.67
C THR L 157 -14.48 25.27 -19.67
N LEU L 158 -15.79 25.05 -19.47
CA LEU L 158 -16.72 26.16 -19.33
C LEU L 158 -16.30 27.09 -18.20
N PHE L 159 -16.07 26.53 -17.00
CA PHE L 159 -15.68 27.37 -15.88
C PHE L 159 -14.39 28.15 -16.19
N TYR L 160 -13.37 27.46 -16.69
CA TYR L 160 -12.08 28.09 -16.91
C TYR L 160 -12.17 29.17 -17.98
N GLU L 161 -12.84 28.88 -19.09
CA GLU L 161 -12.92 29.85 -20.17
C GLU L 161 -13.85 31.01 -19.83
N TYR L 162 -14.86 30.76 -18.99
CA TYR L 162 -15.79 31.82 -18.60
C TYR L 162 -15.11 32.84 -17.70
N MET L 163 -14.28 32.36 -16.78
CA MET L 163 -13.60 33.21 -15.82
C MET L 163 -12.62 34.14 -16.54
N THR L 164 -12.62 35.44 -16.16
CA THR L 164 -11.72 36.43 -16.73
C THR L 164 -10.80 36.99 -15.66
N ASP L 165 -9.49 36.94 -15.91
CA ASP L 165 -8.47 37.33 -14.95
C ASP L 165 -8.26 38.84 -15.05
N GLU L 166 -8.73 39.58 -14.04
CA GLU L 166 -8.64 41.04 -14.05
C GLU L 166 -7.71 41.61 -12.98
N ARG L 167 -6.80 40.78 -12.44
CA ARG L 167 -5.93 41.22 -11.34
C ARG L 167 -5.04 42.40 -11.73
N PHE L 168 -4.70 42.55 -13.01
CA PHE L 168 -3.75 43.58 -13.41
C PHE L 168 -4.42 44.74 -14.13
N LYS L 169 -5.75 44.76 -14.18
CA LYS L 169 -6.54 45.86 -14.72
C LYS L 169 -6.79 46.92 -13.66
N SER L 170 -6.93 48.18 -14.09
CA SER L 170 -7.29 49.31 -13.21
C SER L 170 -8.75 49.74 -13.37
N MET L 177 -21.97 42.03 -19.71
CA MET L 177 -22.45 40.81 -19.05
C MET L 177 -22.32 40.85 -17.52
N GLU L 178 -22.93 39.86 -16.87
CA GLU L 178 -22.87 39.62 -15.43
C GLU L 178 -22.76 38.13 -15.24
N TYR L 179 -21.96 37.66 -14.28
CA TYR L 179 -21.79 36.22 -14.13
C TYR L 179 -23.12 35.59 -13.71
N ILE L 180 -23.46 34.47 -14.36
CA ILE L 180 -24.64 33.70 -13.98
C ILE L 180 -24.50 33.22 -12.53
N LYS L 181 -25.62 33.05 -11.86
CA LYS L 181 -25.65 32.50 -10.53
C LYS L 181 -26.15 31.06 -10.50
N HIS L 182 -26.69 30.58 -11.62
CA HIS L 182 -27.29 29.25 -11.72
C HIS L 182 -26.92 28.62 -13.06
N LEU L 183 -26.56 27.34 -13.02
CA LEU L 183 -26.30 26.53 -14.21
C LEU L 183 -27.19 25.30 -14.12
N GLY L 184 -28.04 25.11 -15.12
CA GLY L 184 -28.84 23.91 -15.24
C GLY L 184 -28.32 23.07 -16.39
N VAL L 185 -28.32 21.74 -16.19
CA VAL L 185 -27.85 20.82 -17.20
C VAL L 185 -28.90 19.73 -17.36
N TYR L 186 -29.35 19.52 -18.60
CA TYR L 186 -30.21 18.38 -18.95
C TYR L 186 -29.40 17.37 -19.74
N ILE L 187 -29.42 16.12 -19.26
CA ILE L 187 -28.65 15.05 -19.89
C ILE L 187 -29.34 13.73 -19.59
N ASN L 188 -29.23 12.79 -20.53
CA ASN L 188 -29.75 11.45 -20.31
C ASN L 188 -28.98 10.78 -19.18
N ASN L 189 -29.70 10.05 -18.34
CA ASN L 189 -29.10 9.35 -17.22
C ASN L 189 -28.39 10.31 -16.27
N ALA L 190 -29.09 11.39 -15.91
CA ALA L 190 -28.48 12.48 -15.15
C ALA L 190 -27.83 12.00 -13.86
N ASP L 191 -28.37 10.95 -13.23
CA ASP L 191 -27.86 10.51 -11.93
C ASP L 191 -26.40 10.07 -12.00
N THR L 192 -25.97 9.49 -13.13
CA THR L 192 -24.58 9.06 -13.23
C THR L 192 -23.61 10.23 -13.38
N TYR L 193 -24.09 11.42 -13.75
CA TYR L 193 -23.22 12.56 -13.99
C TYR L 193 -23.07 13.51 -12.80
N LYS L 194 -23.94 13.43 -11.78
CA LYS L 194 -23.95 14.45 -10.73
C LYS L 194 -22.65 14.51 -9.95
N GLU L 195 -21.97 13.37 -9.74
CA GLU L 195 -20.74 13.37 -8.98
C GLU L 195 -19.61 14.09 -9.69
N GLU L 196 -19.72 14.31 -10.99
CA GLU L 196 -18.68 15.03 -11.73
C GLU L 196 -18.73 16.53 -11.48
N VAL L 197 -19.84 17.06 -10.95
CA VAL L 197 -20.01 18.51 -10.89
C VAL L 197 -18.99 19.14 -9.94
N GLU L 198 -18.91 18.65 -8.71
CA GLU L 198 -17.99 19.27 -7.76
C GLU L 198 -16.54 18.91 -8.05
N LYS L 199 -16.30 17.76 -8.65
CA LYS L 199 -14.94 17.45 -9.10
C LYS L 199 -14.51 18.44 -10.17
N ALA L 200 -15.40 18.74 -11.12
CA ALA L 200 -15.11 19.72 -12.16
C ALA L 200 -14.81 21.09 -11.57
N ARG L 201 -15.53 21.48 -10.53
CA ARG L 201 -15.27 22.78 -9.91
C ARG L 201 -13.90 22.81 -9.27
N VAL L 202 -13.49 21.69 -8.65
CA VAL L 202 -12.16 21.65 -8.05
C VAL L 202 -11.09 21.67 -9.14
N TYR L 203 -11.26 20.83 -10.17
CA TYR L 203 -10.30 20.79 -11.27
C TYR L 203 -10.20 22.13 -11.96
N TYR L 204 -11.33 22.82 -12.09
CA TYR L 204 -11.33 24.18 -12.63
C TYR L 204 -10.42 25.09 -11.82
N PHE L 205 -10.57 25.10 -10.49
CA PHE L 205 -9.79 26.09 -9.76
C PHE L 205 -8.31 25.72 -9.73
N GLY L 206 -7.99 24.43 -9.65
CA GLY L 206 -6.58 24.05 -9.73
C GLY L 206 -5.96 24.52 -11.04
N THR L 207 -6.71 24.41 -12.13
CA THR L 207 -6.24 24.86 -13.43
C THR L 207 -6.17 26.38 -13.49
N TYR L 208 -7.19 27.06 -12.94
CA TYR L 208 -7.20 28.52 -12.94
C TYR L 208 -6.15 29.11 -12.00
N TYR L 209 -5.92 28.44 -10.86
CA TYR L 209 -4.84 28.84 -9.97
C TYR L 209 -3.48 28.75 -10.68
N ALA L 210 -3.24 27.64 -11.38
CA ALA L 210 -2.02 27.52 -12.17
C ALA L 210 -1.91 28.66 -13.18
N SER L 211 -3.01 28.92 -13.89
CA SER L 211 -3.05 30.00 -14.86
C SER L 211 -2.74 31.36 -14.23
N GLN L 212 -3.22 31.59 -13.00
CA GLN L 212 -2.94 32.85 -12.33
C GLN L 212 -1.45 33.03 -12.09
N LEU L 213 -0.76 31.97 -11.66
CA LEU L 213 0.68 32.05 -11.44
C LEU L 213 1.44 32.26 -12.75
N ILE L 214 1.04 31.56 -13.80
CA ILE L 214 1.74 31.68 -15.07
C ILE L 214 1.55 33.07 -15.64
N ALA L 215 0.29 33.54 -15.68
CA ALA L 215 0.00 34.84 -16.27
C ALA L 215 0.62 35.97 -15.47
N ALA L 216 0.83 35.76 -14.18
CA ALA L 216 1.50 36.77 -13.37
C ALA L 216 2.87 37.09 -13.96
N PRO L 217 3.16 38.34 -14.28
CA PRO L 217 4.45 38.67 -14.89
C PRO L 217 5.61 38.46 -13.91
N SER L 218 6.80 38.41 -14.49
CA SER L 218 7.99 38.07 -13.72
C SER L 218 8.38 39.12 -12.69
N ASN L 219 7.93 40.37 -12.82
CA ASN L 219 8.17 41.31 -11.72
C ASN L 219 7.28 41.02 -10.52
N TYR L 220 6.09 40.48 -10.75
CA TYR L 220 5.19 40.05 -9.67
C TYR L 220 5.54 38.66 -9.17
N CYS L 221 5.72 37.73 -10.08
CA CYS L 221 5.97 36.31 -9.80
C CYS L 221 7.45 36.05 -10.03
N ASN L 222 8.23 36.08 -8.96
CA ASN L 222 9.68 35.87 -8.93
C ASN L 222 9.94 34.73 -7.95
N PRO L 223 11.19 34.27 -7.78
CA PRO L 223 11.40 33.09 -6.92
C PRO L 223 10.91 33.26 -5.49
N VAL L 224 11.01 34.47 -4.93
CA VAL L 224 10.56 34.67 -3.55
C VAL L 224 9.04 34.71 -3.46
N SER L 225 8.39 35.49 -4.35
CA SER L 225 6.94 35.65 -4.26
C SER L 225 6.19 34.37 -4.65
N LEU L 226 6.78 33.57 -5.54
CA LEU L 226 6.14 32.31 -5.92
C LEU L 226 6.25 31.29 -4.80
N SER L 227 7.42 31.20 -4.14
CA SER L 227 7.52 30.28 -3.02
C SER L 227 6.71 30.77 -1.83
N ASN L 228 6.57 32.09 -1.64
CA ASN L 228 5.65 32.61 -0.62
C ASN L 228 4.21 32.20 -0.91
N ALA L 229 3.79 32.31 -2.17
CA ALA L 229 2.45 31.88 -2.54
C ALA L 229 2.26 30.39 -2.33
N ALA L 230 3.30 29.58 -2.58
CA ALA L 230 3.19 28.14 -2.35
C ALA L 230 2.99 27.86 -0.86
N VAL L 231 3.69 28.59 0.00
CA VAL L 231 3.50 28.43 1.44
C VAL L 231 2.07 28.75 1.82
N GLU L 232 1.56 29.87 1.33
CA GLU L 232 0.19 30.28 1.63
C GLU L 232 -0.82 29.24 1.18
N LEU L 233 -0.63 28.64 0.00
CA LEU L 233 -1.48 27.56 -0.46
C LEU L 233 -1.42 26.34 0.47
N ALA L 234 -0.21 25.97 0.86
CA ALA L 234 -0.03 24.82 1.74
C ALA L 234 -0.75 25.05 3.07
N GLN L 235 -0.66 26.26 3.61
CA GLN L 235 -1.33 26.59 4.86
C GLN L 235 -2.86 26.52 4.72
N LYS L 236 -3.39 26.98 3.60
CA LYS L 236 -4.83 26.89 3.40
C LYS L 236 -5.30 25.45 3.26
N LEU L 237 -4.43 24.58 2.75
CA LEU L 237 -4.79 23.20 2.48
C LEU L 237 -4.33 22.23 3.54
N ASN L 238 -3.61 22.69 4.57
CA ASN L 238 -3.07 21.82 5.62
C ASN L 238 -2.07 20.80 5.06
N LEU L 239 -1.32 21.22 4.06
CA LEU L 239 -0.17 20.44 3.60
C LEU L 239 1.06 20.84 4.41
N GLU L 240 1.95 19.88 4.61
CA GLU L 240 3.26 20.23 5.14
C GLU L 240 4.03 21.03 4.09
N TYR L 241 4.87 21.94 4.56
CA TYR L 241 5.62 22.77 3.63
C TYR L 241 7.01 23.05 4.19
N LYS L 242 7.94 23.21 3.27
CA LYS L 242 9.32 23.56 3.57
C LYS L 242 9.88 24.30 2.37
N ILE L 243 10.47 25.46 2.59
CA ILE L 243 11.16 26.21 1.53
C ILE L 243 12.66 26.20 1.84
N LEU L 244 13.46 25.67 0.92
CA LEU L 244 14.91 25.63 1.06
C LEU L 244 15.51 26.91 0.47
N GLY L 245 16.31 27.63 1.27
CA GLY L 245 17.02 28.81 0.82
C GLY L 245 18.45 28.50 0.41
N VAL L 246 19.16 29.54 -0.01
CA VAL L 246 20.47 29.35 -0.65
C VAL L 246 21.43 28.62 0.28
N LYS L 247 21.42 28.95 1.58
CA LYS L 247 22.37 28.31 2.49
C LYS L 247 22.13 26.80 2.56
N GLU L 248 20.86 26.38 2.65
CA GLU L 248 20.61 24.94 2.65
C GLU L 248 20.95 24.33 1.30
N LEU L 249 20.67 25.06 0.22
CA LEU L 249 20.97 24.56 -1.12
C LEU L 249 22.46 24.38 -1.29
N GLU L 250 23.24 25.28 -0.72
CA GLU L 250 24.68 25.15 -0.78
C GLU L 250 25.16 23.89 -0.06
N GLU L 251 24.64 23.58 1.12
CA GLU L 251 25.26 22.34 1.61
C GLU L 251 24.59 21.08 1.12
N LEU L 252 23.45 21.18 0.44
CA LEU L 252 23.06 19.99 -0.29
C LEU L 252 23.83 19.89 -1.60
N LYS L 253 24.71 20.87 -1.88
CA LYS L 253 25.61 20.88 -3.03
C LYS L 253 24.85 20.91 -4.35
N MET L 254 23.76 21.67 -4.39
CA MET L 254 22.91 21.78 -5.57
C MET L 254 23.52 22.82 -6.54
N GLY L 255 24.70 22.47 -7.08
CA GLY L 255 25.44 23.43 -7.88
C GLY L 255 24.89 23.69 -9.28
N ALA L 256 24.18 22.72 -9.85
CA ALA L 256 23.60 22.98 -11.17
C ALA L 256 22.45 23.98 -11.06
N TYR L 257 21.54 23.72 -10.13
CA TYR L 257 20.43 24.65 -9.87
C TYR L 257 20.94 26.02 -9.40
N LEU L 258 21.88 26.04 -8.45
CA LEU L 258 22.37 27.34 -7.94
C LEU L 258 23.11 28.14 -9.01
N SER L 259 23.82 27.47 -9.93
CA SER L 259 24.53 28.21 -10.98
C SER L 259 23.57 29.00 -11.86
N VAL L 260 22.41 28.41 -12.19
CA VAL L 260 21.42 29.07 -13.04
C VAL L 260 20.94 30.37 -12.41
N GLY L 261 20.77 30.37 -11.08
CA GLY L 261 20.26 31.55 -10.43
C GLY L 261 21.29 32.59 -10.06
N LYS L 262 22.58 32.35 -10.31
CA LYS L 262 23.62 33.27 -9.83
C LYS L 262 23.38 34.68 -10.32
N GLY L 263 22.90 34.82 -11.55
CA GLY L 263 22.75 36.16 -12.08
C GLY L 263 21.51 36.90 -11.68
N SER L 264 20.65 36.33 -10.83
CA SER L 264 19.37 36.94 -10.50
C SER L 264 19.47 37.73 -9.21
N MET L 265 18.69 38.81 -9.11
CA MET L 265 18.60 39.54 -7.85
C MET L 265 17.72 38.81 -6.83
N TYR L 266 16.99 37.78 -7.24
CA TYR L 266 16.12 37.02 -6.35
C TYR L 266 16.82 35.73 -5.92
N PRO L 267 16.98 35.47 -4.62
CA PRO L 267 17.61 34.21 -4.21
C PRO L 267 16.79 33.00 -4.63
N ASN L 268 17.50 31.92 -4.99
CA ASN L 268 16.84 30.66 -5.31
C ASN L 268 15.99 30.21 -4.13
N LYS L 269 14.84 29.62 -4.43
CA LYS L 269 13.98 29.05 -3.41
C LYS L 269 13.47 27.70 -3.90
N PHE L 270 13.70 26.65 -3.12
CA PHE L 270 13.28 25.30 -3.49
C PHE L 270 12.00 24.96 -2.71
N ILE L 271 10.90 24.73 -3.44
CA ILE L 271 9.60 24.46 -2.84
C ILE L 271 9.46 22.96 -2.60
N HIS L 272 9.06 22.58 -1.38
CA HIS L 272 8.75 21.19 -1.08
C HIS L 272 7.46 21.14 -0.26
N LEU L 273 6.35 20.80 -0.90
CA LEU L 273 5.12 20.54 -0.16
C LEU L 273 4.88 19.04 -0.09
N THR L 274 4.20 18.61 0.96
CA THR L 274 3.94 17.19 1.15
C THR L 274 2.48 16.99 1.55
N TYR L 275 1.81 16.12 0.83
CA TYR L 275 0.49 15.67 1.22
C TYR L 275 0.64 14.27 1.79
N LYS L 276 0.15 14.07 2.99
CA LYS L 276 0.12 12.76 3.61
C LYS L 276 -1.36 12.37 3.67
N SER L 277 -1.69 11.21 3.13
CA SER L 277 -3.08 10.78 3.08
C SER L 277 -3.37 9.75 4.16
N LYS L 278 -4.65 9.65 4.49
CA LYS L 278 -5.11 8.74 5.52
C LYS L 278 -4.93 7.28 5.11
N GLY L 279 -4.71 6.46 6.12
CA GLY L 279 -4.51 5.04 5.98
C GLY L 279 -3.12 4.69 5.51
N ASP L 280 -2.94 3.40 5.24
CA ASP L 280 -1.63 2.89 4.87
C ASP L 280 -1.24 3.40 3.49
N VAL L 281 -0.01 3.88 3.37
CA VAL L 281 0.48 4.42 2.12
C VAL L 281 0.83 3.25 1.22
N LYS L 282 0.14 3.15 0.09
CA LYS L 282 0.43 2.13 -0.90
C LYS L 282 1.27 2.66 -2.03
N LYS L 283 1.35 3.99 -2.19
CA LYS L 283 2.18 4.60 -3.23
C LYS L 283 2.73 5.94 -2.76
N LYS L 284 4.03 6.17 -3.01
CA LYS L 284 4.69 7.44 -2.70
C LYS L 284 5.14 8.06 -4.03
N ILE L 285 4.81 9.33 -4.23
CA ILE L 285 5.02 9.99 -5.51
C ILE L 285 5.68 11.34 -5.29
N ALA L 286 6.67 11.66 -6.12
CA ALA L 286 7.27 12.99 -6.18
C ALA L 286 6.90 13.62 -7.51
N LEU L 287 6.26 14.80 -7.46
CA LEU L 287 5.94 15.56 -8.66
C LEU L 287 6.87 16.77 -8.69
N VAL L 288 7.63 16.90 -9.78
CA VAL L 288 8.66 17.92 -9.92
C VAL L 288 8.28 18.85 -11.06
N GLY L 289 8.18 20.14 -10.78
CA GLY L 289 7.83 21.13 -11.81
C GLY L 289 8.98 22.08 -12.06
N LYS L 290 9.26 22.36 -13.34
CA LYS L 290 10.28 23.36 -13.65
C LYS L 290 9.76 24.74 -13.25
N GLY L 291 10.58 25.48 -12.50
CA GLY L 291 10.12 26.75 -11.98
C GLY L 291 11.04 27.91 -12.32
N ILE L 292 11.19 28.23 -13.59
CA ILE L 292 11.99 29.36 -14.02
C ILE L 292 11.04 30.55 -14.17
N THR L 293 11.12 31.53 -13.26
CA THR L 293 10.11 32.59 -13.25
C THR L 293 10.30 33.61 -14.37
N PHE L 294 11.54 33.77 -14.87
CA PHE L 294 11.79 34.45 -16.14
C PHE L 294 13.04 33.84 -16.74
N ASP L 295 12.97 33.50 -18.02
CA ASP L 295 14.09 32.90 -18.74
C ASP L 295 14.51 33.89 -19.83
N SER L 296 15.52 34.69 -19.53
CA SER L 296 16.11 35.57 -20.53
C SER L 296 17.00 34.81 -21.50
N GLY L 297 17.36 33.58 -21.18
CA GLY L 297 18.40 32.86 -21.86
C GLY L 297 19.75 32.94 -21.18
N GLY L 298 19.95 33.92 -20.30
CA GLY L 298 21.28 34.14 -19.77
C GLY L 298 22.20 34.73 -20.83
N TYR L 299 23.51 34.48 -20.70
CA TYR L 299 24.45 35.03 -21.68
C TYR L 299 24.18 34.53 -23.10
N ASN L 300 23.62 33.31 -23.24
CA ASN L 300 22.99 32.87 -24.50
C ASN L 300 21.59 33.50 -24.60
N LEU L 301 21.60 34.82 -24.74
CA LEU L 301 20.37 35.61 -24.63
C LEU L 301 19.36 35.23 -25.71
N LYS L 302 18.07 35.30 -25.36
CA LYS L 302 17.02 35.04 -26.34
C LYS L 302 16.90 36.25 -27.25
N ALA L 303 17.80 36.34 -28.24
CA ALA L 303 17.80 37.45 -29.17
C ALA L 303 17.53 37.03 -30.60
N ALA L 304 17.50 35.73 -30.89
CA ALA L 304 17.25 35.29 -32.25
C ALA L 304 15.79 35.51 -32.61
N PRO L 305 15.49 35.75 -33.90
CA PRO L 305 14.09 35.86 -34.33
C PRO L 305 13.27 34.66 -33.86
N GLY L 306 12.11 34.93 -33.27
CA GLY L 306 11.23 33.87 -32.86
C GLY L 306 11.53 33.24 -31.51
N SER L 307 12.47 33.79 -30.75
CA SER L 307 12.77 33.17 -29.45
C SER L 307 11.80 33.62 -28.35
N MET L 308 10.93 34.59 -28.63
CA MET L 308 9.79 34.91 -27.76
C MET L 308 10.17 35.26 -26.33
N ILE L 309 11.21 36.07 -26.18
CA ILE L 309 11.63 36.45 -24.83
C ILE L 309 10.50 37.12 -24.08
N ASP L 310 9.59 37.82 -24.78
CA ASP L 310 8.53 38.55 -24.08
C ASP L 310 7.51 37.62 -23.43
N LEU L 311 7.53 36.34 -23.78
CA LEU L 311 6.62 35.38 -23.18
C LEU L 311 7.23 34.58 -22.05
N MET L 312 8.50 34.79 -21.72
CA MET L 312 9.22 33.80 -20.91
C MET L 312 8.85 33.85 -19.43
N LYS L 313 7.88 34.68 -19.01
CA LYS L 313 7.25 34.47 -17.70
C LYS L 313 6.60 33.11 -17.58
N PHE L 314 6.29 32.44 -18.69
CA PHE L 314 5.60 31.16 -18.60
C PHE L 314 6.54 30.00 -18.34
N ASP L 315 7.84 30.26 -18.15
CA ASP L 315 8.77 29.17 -17.96
C ASP L 315 8.69 28.55 -16.56
N MET L 316 7.74 28.96 -15.71
CA MET L 316 7.45 28.27 -14.46
C MET L 316 6.11 27.53 -14.56
N SER L 317 5.63 27.28 -15.77
CA SER L 317 4.35 26.58 -15.96
C SER L 317 4.36 25.19 -15.36
N GLY L 318 5.51 24.52 -15.35
CA GLY L 318 5.57 23.20 -14.74
C GLY L 318 5.36 23.26 -13.24
N CYS L 319 6.05 24.20 -12.59
CA CYS L 319 5.80 24.47 -11.18
C CYS L 319 4.32 24.82 -10.95
N ALA L 320 3.74 25.65 -11.82
CA ALA L 320 2.33 26.03 -11.63
C ALA L 320 1.41 24.81 -11.69
N ALA L 321 1.67 23.89 -12.63
CA ALA L 321 0.86 22.67 -12.72
C ALA L 321 1.01 21.81 -11.46
N VAL L 322 2.22 21.73 -10.91
CA VAL L 322 2.43 20.94 -9.70
C VAL L 322 1.69 21.58 -8.52
N LEU L 323 1.69 22.91 -8.43
CA LEU L 323 0.96 23.57 -7.34
C LEU L 323 -0.55 23.49 -7.52
N GLY L 324 -1.05 23.63 -8.76
CA GLY L 324 -2.48 23.44 -8.99
C GLY L 324 -2.91 22.03 -8.67
N CYS L 325 -2.06 21.05 -8.97
CA CYS L 325 -2.33 19.67 -8.58
C CYS L 325 -2.40 19.55 -7.06
N ALA L 326 -1.51 20.23 -6.35
CA ALA L 326 -1.56 20.23 -4.89
C ALA L 326 -2.89 20.77 -4.38
N TYR L 327 -3.43 21.82 -5.01
CA TYR L 327 -4.76 22.30 -4.63
C TYR L 327 -5.79 21.20 -4.82
N CYS L 328 -5.78 20.56 -5.98
CA CYS L 328 -6.77 19.53 -6.26
C CYS L 328 -6.62 18.35 -5.31
N VAL L 329 -5.38 17.90 -5.09
CA VAL L 329 -5.13 16.76 -4.21
C VAL L 329 -5.47 17.11 -2.77
N GLY L 330 -5.06 18.30 -2.32
CA GLY L 330 -5.38 18.71 -0.96
C GLY L 330 -6.87 18.88 -0.70
N THR L 331 -7.64 19.16 -1.75
CA THR L 331 -9.09 19.36 -1.64
C THR L 331 -9.88 18.06 -1.74
N LEU L 332 -9.52 17.17 -2.69
CA LEU L 332 -10.25 15.93 -2.88
C LEU L 332 -9.79 14.84 -1.92
N LYS L 333 -8.61 15.01 -1.34
CA LYS L 333 -8.09 14.14 -0.28
C LYS L 333 -8.11 12.66 -0.63
N PRO L 334 -7.41 12.22 -1.67
CA PRO L 334 -7.32 10.79 -1.94
C PRO L 334 -6.57 10.08 -0.82
N GLU L 335 -6.87 8.79 -0.67
CA GLU L 335 -6.28 7.94 0.36
C GLU L 335 -5.18 7.05 -0.21
N ASN L 336 -4.35 6.54 0.72
CA ASN L 336 -3.32 5.55 0.45
C ASN L 336 -2.19 6.08 -0.45
N VAL L 337 -2.02 7.40 -0.56
CA VAL L 337 -0.94 7.94 -1.37
C VAL L 337 -0.22 9.00 -0.54
N GLU L 338 1.07 9.13 -0.79
CA GLU L 338 1.87 10.21 -0.23
C GLU L 338 2.52 10.91 -1.40
N ILE L 339 2.30 12.22 -1.50
CA ILE L 339 2.76 13.01 -2.65
C ILE L 339 3.64 14.14 -2.17
N HIS L 340 4.79 14.27 -2.82
CA HIS L 340 5.69 15.40 -2.63
C HIS L 340 5.60 16.33 -3.84
N PHE L 341 5.37 17.62 -3.59
CA PHE L 341 5.26 18.61 -4.65
C PHE L 341 6.51 19.47 -4.62
N LEU L 342 7.35 19.36 -5.67
CA LEU L 342 8.70 19.93 -5.66
C LEU L 342 8.90 20.89 -6.82
N SER L 343 9.62 22.00 -6.56
CA SER L 343 10.09 22.84 -7.64
C SER L 343 11.36 23.60 -7.25
N ALA L 344 12.41 23.50 -8.09
CA ALA L 344 13.64 24.28 -7.89
C ALA L 344 13.44 25.63 -8.57
N VAL L 345 12.98 26.62 -7.82
CA VAL L 345 12.56 27.90 -8.41
C VAL L 345 13.75 28.86 -8.48
N CYS L 346 13.91 29.53 -9.62
CA CYS L 346 14.97 30.52 -9.80
C CYS L 346 14.66 31.34 -11.04
N GLU L 347 15.53 32.32 -11.34
CA GLU L 347 15.37 33.24 -12.48
C GLU L 347 16.67 33.27 -13.28
N ASN L 348 16.60 33.21 -14.63
CA ASN L 348 17.80 33.09 -15.51
C ASN L 348 18.09 34.45 -16.14
N MET L 349 19.11 35.17 -15.65
CA MET L 349 19.31 36.58 -15.96
C MET L 349 20.74 36.86 -16.44
N VAL L 350 20.95 38.09 -16.93
CA VAL L 350 22.26 38.53 -17.41
C VAL L 350 22.83 39.55 -16.43
N SER L 351 24.05 39.30 -15.98
CA SER L 351 24.61 40.04 -14.86
C SER L 351 26.12 39.80 -14.85
N LYS L 352 26.86 40.66 -14.13
CA LYS L 352 28.24 40.32 -13.87
C LYS L 352 28.33 39.02 -13.09
N ASN L 353 27.27 38.64 -12.37
CA ASN L 353 27.30 37.46 -11.50
C ASN L 353 26.79 36.19 -12.16
N SER L 354 26.34 36.23 -13.42
CA SER L 354 25.73 35.05 -14.03
C SER L 354 26.76 33.94 -14.29
N TYR L 355 26.24 32.71 -14.38
CA TYR L 355 27.07 31.65 -14.93
C TYR L 355 27.26 31.86 -16.44
N ARG L 356 28.34 31.28 -16.96
CA ARG L 356 28.78 31.55 -18.34
C ARG L 356 28.66 30.30 -19.20
N PRO L 357 28.42 30.46 -20.51
CA PRO L 357 28.63 29.34 -21.42
C PRO L 357 30.06 28.84 -21.24
N GLY L 358 30.22 27.53 -21.11
CA GLY L 358 31.51 26.90 -20.89
C GLY L 358 31.82 26.58 -19.44
N ASP L 359 31.12 27.20 -18.48
CA ASP L 359 31.40 26.88 -17.07
C ASP L 359 31.21 25.39 -16.82
N ILE L 360 31.99 24.85 -15.91
CA ILE L 360 31.80 23.46 -15.48
C ILE L 360 31.30 23.49 -14.05
N ILE L 361 30.13 22.91 -13.82
CA ILE L 361 29.45 23.01 -12.54
C ILE L 361 29.22 21.59 -12.02
N THR L 362 29.00 21.47 -10.73
CA THR L 362 28.89 20.16 -10.09
C THR L 362 27.50 19.95 -9.51
N ALA L 363 26.80 18.91 -9.97
CA ALA L 363 25.48 18.62 -9.43
C ALA L 363 25.58 18.01 -8.03
N SER L 364 24.43 17.93 -7.34
CA SER L 364 24.40 17.43 -5.97
C SER L 364 24.72 15.95 -5.86
N ASN L 365 24.71 15.20 -6.96
CA ASN L 365 25.15 13.81 -6.93
C ASN L 365 26.62 13.66 -7.33
N GLY L 366 27.37 14.76 -7.39
CA GLY L 366 28.78 14.73 -7.70
C GLY L 366 29.13 14.80 -9.18
N LYS L 367 28.15 14.71 -10.08
CA LYS L 367 28.48 14.73 -11.52
C LYS L 367 28.85 16.14 -11.95
N THR L 368 29.98 16.28 -12.67
CA THR L 368 30.35 17.57 -13.22
C THR L 368 29.70 17.72 -14.61
N ILE L 369 29.25 18.92 -14.90
CA ILE L 369 28.47 19.24 -16.09
C ILE L 369 29.14 20.41 -16.82
N GLU L 370 29.43 20.23 -18.11
CA GLU L 370 29.91 21.33 -18.94
C GLU L 370 28.73 22.05 -19.59
N VAL L 371 28.59 23.33 -19.29
CA VAL L 371 27.49 24.16 -19.82
C VAL L 371 27.82 24.54 -21.25
N GLY L 372 26.99 24.10 -22.18
CA GLY L 372 27.19 24.46 -23.57
C GLY L 372 26.33 25.65 -23.97
N ASN L 373 25.28 25.93 -23.18
CA ASN L 373 24.33 26.99 -23.54
C ASN L 373 23.57 27.40 -22.28
N THR L 374 23.69 28.66 -21.85
CA THR L 374 23.04 29.05 -20.61
C THR L 374 21.51 29.07 -20.72
N ASP L 375 20.97 28.99 -21.94
CA ASP L 375 19.52 28.96 -22.17
C ASP L 375 18.97 27.54 -22.10
N ALA L 376 19.82 26.54 -21.91
CA ALA L 376 19.33 25.21 -21.58
C ALA L 376 19.33 25.03 -20.06
N GLU L 377 18.74 26.01 -19.36
CA GLU L 377 18.88 26.08 -17.90
C GLU L 377 17.93 25.13 -17.19
N GLY L 378 16.78 24.81 -17.81
CA GLY L 378 15.78 24.01 -17.15
C GLY L 378 16.28 22.63 -16.74
N ARG L 379 17.02 21.97 -17.63
CA ARG L 379 17.51 20.64 -17.32
C ARG L 379 18.51 20.66 -16.18
N LEU L 380 19.22 21.79 -16.01
CA LEU L 380 20.16 21.92 -14.90
C LEU L 380 19.42 22.00 -13.57
N THR L 381 18.35 22.82 -13.51
CA THR L 381 17.59 22.89 -12.26
C THR L 381 16.89 21.57 -11.96
N LEU L 382 16.37 20.90 -12.99
CA LEU L 382 15.69 19.61 -12.80
C LEU L 382 16.67 18.51 -12.38
N ALA L 383 17.91 18.53 -12.86
CA ALA L 383 18.88 17.52 -12.42
C ALA L 383 19.00 17.50 -10.90
N ASP L 384 19.18 18.68 -10.29
CA ASP L 384 19.31 18.76 -8.85
C ASP L 384 17.97 18.46 -8.16
N ALA L 385 16.84 18.86 -8.77
CA ALA L 385 15.55 18.52 -8.21
C ALA L 385 15.31 17.01 -8.24
N LEU L 386 15.79 16.32 -9.29
CA LEU L 386 15.59 14.88 -9.39
C LEU L 386 16.43 14.12 -8.38
N VAL L 387 17.67 14.55 -8.14
CA VAL L 387 18.49 13.95 -7.10
C VAL L 387 17.81 14.11 -5.73
N TYR L 388 17.30 15.29 -5.46
CA TYR L 388 16.55 15.54 -4.23
C TYR L 388 15.35 14.62 -4.14
N ALA L 389 14.60 14.49 -5.24
CA ALA L 389 13.39 13.66 -5.26
C ALA L 389 13.71 12.19 -5.03
N GLU L 390 14.77 11.68 -5.67
CA GLU L 390 15.05 10.25 -5.50
C GLU L 390 15.48 9.93 -4.08
N LYS L 391 16.16 10.86 -3.40
CA LYS L 391 16.48 10.65 -1.99
C LYS L 391 15.24 10.55 -1.10
N LEU L 392 14.07 10.99 -1.55
CA LEU L 392 12.87 10.83 -0.73
C LEU L 392 12.38 9.39 -0.68
N GLY L 393 12.87 8.51 -1.54
CA GLY L 393 12.46 7.13 -1.52
C GLY L 393 11.03 6.93 -1.98
N VAL L 394 10.70 7.42 -3.17
CA VAL L 394 9.34 7.33 -3.70
C VAL L 394 9.28 6.18 -4.69
N ASP L 395 8.06 5.80 -5.07
CA ASP L 395 7.86 4.80 -6.09
C ASP L 395 7.94 5.38 -7.49
N TYR L 396 7.44 6.61 -7.65
CA TYR L 396 7.39 7.28 -8.93
C TYR L 396 7.90 8.71 -8.80
N ILE L 397 8.73 9.14 -9.74
CA ILE L 397 9.06 10.56 -9.92
C ILE L 397 8.50 10.98 -11.28
N VAL L 398 7.68 12.02 -11.28
CA VAL L 398 7.17 12.57 -12.53
C VAL L 398 7.53 14.04 -12.56
N ASP L 399 8.25 14.47 -13.59
CA ASP L 399 8.55 15.88 -13.73
C ASP L 399 7.76 16.43 -14.92
N ILE L 400 7.46 17.72 -14.85
CA ILE L 400 6.71 18.39 -15.89
C ILE L 400 7.36 19.76 -16.10
N ALA L 401 7.61 20.12 -17.36
CA ALA L 401 8.53 21.23 -17.65
C ALA L 401 8.31 21.79 -19.05
N THR L 402 8.38 23.12 -19.17
CA THR L 402 8.47 23.79 -20.47
C THR L 402 9.93 23.75 -20.93
N LEU L 403 10.36 22.56 -21.34
CA LEU L 403 11.80 22.33 -21.47
C LEU L 403 12.34 22.64 -22.88
N THR L 404 11.71 22.15 -23.94
CA THR L 404 12.35 22.27 -25.26
C THR L 404 11.41 22.86 -26.30
N GLY L 405 11.89 23.91 -26.97
CA GLY L 405 11.12 24.49 -28.07
C GLY L 405 10.89 23.52 -29.21
N ALA L 406 11.72 22.48 -29.31
CA ALA L 406 11.52 21.46 -30.34
C ALA L 406 10.16 20.78 -30.23
N MET L 407 9.52 20.81 -29.06
CA MET L 407 8.20 20.22 -28.94
C MET L 407 7.22 20.86 -29.94
N LEU L 408 7.41 22.15 -30.26
CA LEU L 408 6.54 22.80 -31.23
C LEU L 408 6.65 22.15 -32.61
N TYR L 409 7.81 21.57 -32.92
CA TYR L 409 7.99 20.95 -34.23
C TYR L 409 7.68 19.47 -34.22
N SER L 410 7.56 18.84 -33.05
CA SER L 410 7.24 17.41 -33.01
C SER L 410 5.75 17.17 -32.77
N LEU L 411 5.21 17.66 -31.65
CA LEU L 411 3.81 17.43 -31.36
C LEU L 411 2.97 18.68 -31.51
N GLY L 412 3.58 19.86 -31.48
CA GLY L 412 2.85 21.09 -31.69
C GLY L 412 2.27 21.63 -30.39
N THR L 413 1.17 22.36 -30.51
CA THR L 413 0.56 23.07 -29.41
C THR L 413 -0.55 22.31 -28.69
N SER L 414 -0.99 21.16 -29.22
CA SER L 414 -2.11 20.46 -28.57
C SER L 414 -1.69 19.30 -27.66
N TYR L 415 -0.68 18.52 -28.04
CA TYR L 415 -0.30 17.30 -27.31
C TYR L 415 1.04 17.52 -26.61
N ALA L 416 1.12 17.18 -25.33
CA ALA L 416 2.43 17.17 -24.67
C ALA L 416 3.17 15.86 -24.97
N GLY L 417 4.48 15.86 -24.76
CA GLY L 417 5.28 14.65 -24.90
C GLY L 417 5.66 14.09 -23.54
N VAL L 418 5.61 12.77 -23.41
CA VAL L 418 6.11 12.11 -22.21
C VAL L 418 7.22 11.14 -22.60
N PHE L 419 8.31 11.18 -21.85
CA PHE L 419 9.48 10.30 -21.96
C PHE L 419 9.71 9.66 -20.60
N GLY L 420 10.37 8.51 -20.57
CA GLY L 420 10.61 7.93 -19.26
C GLY L 420 11.47 6.69 -19.33
N ASN L 421 11.80 6.18 -18.15
CA ASN L 421 12.64 4.98 -18.02
C ASN L 421 11.83 3.74 -17.63
N ASN L 422 10.50 3.80 -17.65
CA ASN L 422 9.69 2.72 -17.07
C ASN L 422 8.36 2.68 -17.82
N GLU L 423 8.10 1.57 -18.52
CA GLU L 423 6.91 1.50 -19.37
C GLU L 423 5.62 1.53 -18.56
N GLU L 424 5.61 0.87 -17.40
CA GLU L 424 4.39 0.84 -16.59
C GLU L 424 3.99 2.24 -16.15
N LEU L 425 4.96 3.06 -15.72
CA LEU L 425 4.64 4.43 -15.32
C LEU L 425 4.21 5.26 -16.52
N ILE L 426 4.89 5.11 -17.66
CA ILE L 426 4.48 5.83 -18.85
C ILE L 426 3.02 5.53 -19.17
N ASN L 427 2.63 4.25 -19.11
CA ASN L 427 1.26 3.87 -19.41
C ASN L 427 0.28 4.44 -18.41
N LYS L 428 0.67 4.54 -17.13
CA LYS L 428 -0.19 5.21 -16.16
C LYS L 428 -0.42 6.67 -16.54
N ILE L 429 0.63 7.35 -17.04
CA ILE L 429 0.48 8.73 -17.49
C ILE L 429 -0.44 8.80 -18.70
N LEU L 430 -0.30 7.85 -19.64
CA LEU L 430 -1.16 7.86 -20.82
C LEU L 430 -2.62 7.65 -20.42
N GLN L 431 -2.88 6.77 -19.44
CA GLN L 431 -4.24 6.58 -18.97
C GLN L 431 -4.79 7.84 -18.30
N SER L 432 -3.96 8.54 -17.53
CA SER L 432 -4.38 9.80 -16.91
C SER L 432 -4.65 10.86 -17.96
N SER L 433 -3.90 10.84 -19.05
CA SER L 433 -4.19 11.73 -20.17
C SER L 433 -5.57 11.43 -20.74
N LYS L 434 -5.93 10.14 -20.81
CA LYS L 434 -7.24 9.78 -21.34
C LYS L 434 -8.35 10.29 -20.42
N THR L 435 -8.24 10.08 -19.11
CA THR L 435 -9.35 10.45 -18.24
C THR L 435 -9.36 11.95 -17.88
N SER L 436 -8.22 12.65 -17.97
CA SER L 436 -8.18 14.09 -17.77
C SER L 436 -8.54 14.85 -19.04
N ASN L 437 -8.50 14.20 -20.19
CA ASN L 437 -8.68 14.83 -21.50
C ASN L 437 -7.65 15.95 -21.75
N GLU L 438 -6.47 15.84 -21.12
CA GLU L 438 -5.29 16.62 -21.48
C GLU L 438 -4.36 15.73 -22.29
N PRO L 439 -4.23 15.92 -23.61
CA PRO L 439 -3.57 14.90 -24.46
C PRO L 439 -2.05 14.87 -24.29
N VAL L 440 -1.53 13.65 -24.24
CA VAL L 440 -0.11 13.36 -24.12
C VAL L 440 0.24 12.25 -25.11
N TRP L 441 1.47 12.27 -25.64
CA TRP L 441 1.96 11.23 -26.55
C TRP L 441 3.34 10.79 -26.09
N TRP L 442 3.53 9.48 -26.07
CA TRP L 442 4.78 8.87 -25.62
C TRP L 442 5.86 9.00 -26.70
N LEU L 443 6.98 9.59 -26.34
CA LEU L 443 8.11 9.74 -27.24
C LEU L 443 9.29 8.97 -26.66
N PRO L 444 10.20 8.49 -27.51
CA PRO L 444 11.25 7.59 -27.02
C PRO L 444 12.47 8.31 -26.46
N ILE L 445 13.14 7.63 -25.53
CA ILE L 445 14.49 8.00 -25.09
C ILE L 445 15.46 7.12 -25.87
N ILE L 446 16.12 7.68 -26.89
CA ILE L 446 16.92 6.89 -27.83
C ILE L 446 18.36 6.87 -27.35
N ASN L 447 18.80 5.71 -26.86
CA ASN L 447 20.10 5.63 -26.17
C ASN L 447 21.28 5.85 -27.11
N GLU L 448 21.10 5.62 -28.42
CA GLU L 448 22.17 5.88 -29.37
C GLU L 448 22.64 7.34 -29.32
N TYR L 449 21.79 8.28 -28.89
CA TYR L 449 22.21 9.68 -28.85
C TYR L 449 22.99 10.02 -27.59
N ARG L 450 23.03 9.12 -26.60
CA ARG L 450 23.71 9.41 -25.34
C ARG L 450 25.18 9.78 -25.55
N ALA L 451 25.86 9.17 -26.53
CA ALA L 451 27.27 9.46 -26.70
C ALA L 451 27.52 10.93 -27.02
N THR L 452 26.55 11.64 -27.58
CA THR L 452 26.78 13.04 -27.90
C THR L 452 26.80 13.93 -26.67
N LEU L 453 26.47 13.40 -25.49
CA LEU L 453 26.61 14.13 -24.24
C LEU L 453 27.95 13.85 -23.55
N ASN L 454 28.83 13.07 -24.17
CA ASN L 454 30.13 12.83 -23.58
C ASN L 454 30.95 14.12 -23.69
N SER L 455 31.48 14.57 -22.57
CA SER L 455 32.23 15.82 -22.50
C SER L 455 33.72 15.50 -22.49
N LYS L 456 34.51 16.36 -23.15
CA LYS L 456 35.96 16.17 -23.14
C LYS L 456 36.54 16.40 -21.75
N TYR L 457 35.94 17.31 -20.97
CA TYR L 457 36.51 17.71 -19.69
C TYR L 457 35.66 17.36 -18.48
N ALA L 458 34.35 17.54 -18.55
CA ALA L 458 33.47 17.24 -17.42
C ALA L 458 32.97 15.83 -17.52
N ASP L 459 32.23 15.38 -16.50
CA ASP L 459 31.58 14.07 -16.57
C ASP L 459 30.56 13.99 -17.69
N ILE L 460 29.85 15.08 -17.99
CA ILE L 460 28.79 15.05 -18.98
C ILE L 460 28.60 16.46 -19.53
N ASN L 461 28.16 16.54 -20.79
CA ASN L 461 27.70 17.76 -21.42
C ASN L 461 26.24 18.02 -21.10
N GLN L 462 25.91 19.30 -20.95
CA GLN L 462 24.54 19.74 -20.82
C GLN L 462 23.75 19.57 -22.10
N ILE L 463 24.36 19.88 -23.27
CA ILE L 463 23.67 19.84 -24.55
C ILE L 463 24.47 18.98 -25.52
N SER L 464 23.82 18.56 -26.60
CA SER L 464 24.45 17.67 -27.56
C SER L 464 25.40 18.41 -28.50
N SER L 465 26.44 17.68 -28.94
CA SER L 465 27.37 18.22 -29.91
C SER L 465 26.78 18.24 -31.32
N SER L 466 25.94 17.25 -31.66
CA SER L 466 25.47 17.07 -33.04
C SER L 466 23.95 16.89 -33.21
N VAL L 467 23.26 16.34 -32.21
CA VAL L 467 21.88 15.87 -32.39
C VAL L 467 20.88 17.02 -32.20
N LYS L 468 20.01 17.21 -33.20
CA LYS L 468 19.01 18.26 -33.15
C LYS L 468 17.71 17.84 -32.46
N ALA L 469 17.55 16.56 -32.13
CA ALA L 469 16.37 16.08 -31.42
C ALA L 469 16.50 16.43 -29.94
N SER L 470 16.30 17.71 -29.65
CA SER L 470 16.63 18.27 -28.35
C SER L 470 15.72 17.74 -27.25
N SER L 471 14.46 17.43 -27.55
CA SER L 471 13.60 16.89 -26.51
C SER L 471 14.09 15.53 -26.05
N ILE L 472 14.62 14.72 -26.97
CA ILE L 472 15.16 13.41 -26.58
C ILE L 472 16.48 13.58 -25.84
N VAL L 473 17.37 14.46 -26.32
CA VAL L 473 18.65 14.68 -25.65
C VAL L 473 18.46 15.20 -24.23
N ALA L 474 17.53 16.14 -24.05
CA ALA L 474 17.23 16.65 -22.72
C ALA L 474 16.76 15.52 -21.81
N SER L 475 15.94 14.60 -22.33
CA SER L 475 15.51 13.45 -21.53
C SER L 475 16.67 12.54 -21.19
N LEU L 476 17.59 12.32 -22.15
CA LEU L 476 18.80 11.54 -21.85
C LEU L 476 19.63 12.19 -20.74
N PHE L 477 19.75 13.52 -20.76
CA PHE L 477 20.46 14.22 -19.69
C PHE L 477 19.75 14.03 -18.35
N LEU L 478 18.42 14.25 -18.32
CA LEU L 478 17.68 14.10 -17.07
C LEU L 478 17.80 12.67 -16.53
N LYS L 479 17.78 11.69 -17.44
CA LYS L 479 17.83 10.29 -17.04
C LYS L 479 19.09 9.97 -16.25
N GLU L 480 20.18 10.70 -16.48
CA GLU L 480 21.41 10.48 -15.73
C GLU L 480 21.27 10.85 -14.26
N PHE L 481 20.18 11.49 -13.85
CA PHE L 481 20.05 11.92 -12.45
C PHE L 481 18.98 11.12 -11.70
N VAL L 482 18.51 10.04 -12.28
CA VAL L 482 17.63 9.08 -11.61
C VAL L 482 18.28 7.71 -11.74
N GLN L 483 18.63 7.11 -10.63
CA GLN L 483 19.40 5.87 -10.67
C GLN L 483 18.54 4.62 -10.61
N ASN L 484 17.52 4.59 -9.77
CA ASN L 484 16.84 3.33 -9.52
C ASN L 484 15.38 3.56 -9.15
N THR L 485 14.74 4.54 -9.78
CA THR L 485 13.34 4.84 -9.49
C THR L 485 12.64 5.03 -10.81
N ALA L 486 11.42 4.51 -10.90
CA ALA L 486 10.58 4.74 -12.07
C ALA L 486 10.31 6.22 -12.23
N TRP L 487 10.57 6.75 -13.44
CA TRP L 487 10.53 8.18 -13.67
C TRP L 487 9.96 8.48 -15.05
N ALA L 488 9.15 9.53 -15.13
CA ALA L 488 8.64 10.01 -16.40
C ALA L 488 8.78 11.52 -16.45
N HIS L 489 8.87 12.05 -17.65
CA HIS L 489 9.17 13.45 -17.88
C HIS L 489 8.21 13.95 -18.94
N ILE L 490 7.43 14.99 -18.60
CA ILE L 490 6.39 15.52 -19.48
C ILE L 490 6.87 16.88 -19.97
N ASP L 491 7.15 17.00 -21.26
CA ASP L 491 7.62 18.25 -21.83
C ASP L 491 6.40 19.00 -22.35
N ILE L 492 6.07 20.12 -21.70
CA ILE L 492 4.89 20.92 -22.00
C ILE L 492 5.26 22.24 -22.66
N ALA L 493 6.47 22.34 -23.24
CA ALA L 493 6.86 23.62 -23.84
C ALA L 493 5.88 24.04 -24.93
N GLY L 494 5.30 23.10 -25.67
CA GLY L 494 4.42 23.49 -26.75
C GLY L 494 2.98 23.74 -26.37
N VAL L 495 2.53 23.18 -25.25
CA VAL L 495 1.11 23.16 -24.91
C VAL L 495 0.75 24.14 -23.80
N SER L 496 1.72 24.82 -23.21
CA SER L 496 1.45 25.57 -22.00
C SER L 496 0.70 26.86 -22.27
N TRP L 497 1.00 27.53 -23.37
CA TRP L 497 0.49 28.85 -23.67
C TRP L 497 -0.48 28.77 -24.83
N ASN L 498 -1.66 29.38 -24.65
CA ASN L 498 -2.69 29.47 -25.71
C ASN L 498 -2.39 30.72 -26.53
N PHE L 499 -1.69 30.55 -27.67
CA PHE L 499 -1.25 31.73 -28.41
C PHE L 499 -2.42 32.52 -28.98
N LYS L 500 -3.48 31.84 -29.43
CA LYS L 500 -4.61 32.53 -30.00
C LYS L 500 -5.34 33.37 -28.95
N ALA L 501 -5.56 32.82 -27.75
CA ALA L 501 -6.33 33.53 -26.74
C ALA L 501 -5.46 34.42 -25.86
N ARG L 502 -4.14 34.33 -26.04
CA ARG L 502 -3.14 35.13 -25.33
C ARG L 502 -3.22 34.92 -23.82
N LYS L 503 -3.26 33.65 -23.40
CA LYS L 503 -3.39 33.32 -21.98
C LYS L 503 -2.84 31.91 -21.74
N PRO L 504 -2.57 31.56 -20.48
CA PRO L 504 -2.12 30.18 -20.20
C PRO L 504 -3.25 29.18 -20.38
N LYS L 505 -2.85 27.92 -20.51
CA LYS L 505 -3.81 26.84 -20.46
C LYS L 505 -3.94 26.20 -19.08
N GLY L 506 -2.98 26.44 -18.20
CA GLY L 506 -2.89 25.66 -16.97
C GLY L 506 -2.69 24.19 -17.22
N PHE L 507 -1.99 23.83 -18.30
CA PHE L 507 -1.87 22.44 -18.72
C PHE L 507 -1.14 21.60 -17.66
N GLY L 508 -1.69 20.43 -17.39
CA GLY L 508 -1.06 19.45 -16.55
C GLY L 508 -1.69 19.28 -15.18
N VAL L 509 -2.45 20.27 -14.71
CA VAL L 509 -3.07 20.14 -13.38
C VAL L 509 -3.97 18.91 -13.34
N ARG L 510 -4.87 18.80 -14.32
CA ARG L 510 -5.83 17.72 -14.30
C ARG L 510 -5.17 16.38 -14.64
N LEU L 511 -4.18 16.40 -15.55
CA LEU L 511 -3.40 15.22 -15.86
C LEU L 511 -2.75 14.61 -14.61
N LEU L 512 -2.02 15.43 -13.85
CA LEU L 512 -1.32 14.94 -12.66
C LEU L 512 -2.31 14.52 -11.56
N THR L 513 -3.42 15.26 -11.42
CA THR L 513 -4.41 14.88 -10.41
C THR L 513 -5.06 13.54 -10.76
N GLU L 514 -5.45 13.35 -12.02
CA GLU L 514 -5.97 12.05 -12.41
C GLU L 514 -4.94 10.96 -12.17
N PHE L 515 -3.66 11.24 -12.42
CA PHE L 515 -2.61 10.25 -12.17
C PHE L 515 -2.59 9.85 -10.70
N VAL L 516 -2.63 10.84 -9.78
CA VAL L 516 -2.63 10.56 -8.35
C VAL L 516 -3.89 9.81 -7.95
N LEU L 517 -5.04 10.24 -8.45
CA LEU L 517 -6.33 9.64 -8.06
C LEU L 517 -6.50 8.23 -8.63
N ASN L 518 -6.06 7.99 -9.87
CA ASN L 518 -6.30 6.71 -10.53
C ASN L 518 -5.40 5.60 -10.01
N ASP L 519 -4.48 5.90 -9.10
CA ASP L 519 -3.56 4.89 -8.60
C ASP L 519 -4.26 3.97 -7.61
#